data_7TF6
#
_entry.id   7TF6
#
_cell.length_a   1.00
_cell.length_b   1.00
_cell.length_c   1.00
_cell.angle_alpha   90.00
_cell.angle_beta   90.00
_cell.angle_gamma   90.00
#
_symmetry.space_group_name_H-M   'P 1'
#
loop_
_entity.id
_entity.type
_entity.pdbx_description
1 polymer 'Glutamine synthetase'
2 polymer 'Peptide from Glutamine synthetase repressor'
3 non-polymer 'MAGNESIUM ION'
4 non-polymer GLUTAMINE
#
loop_
_entity_poly.entity_id
_entity_poly.type
_entity_poly.pdbx_seq_one_letter_code
_entity_poly.pdbx_strand_id
1 'polypeptide(L)'
;GSHMPKRTFTKEDIRKFAEEENVRYLRLQFTDILGTIKNVEVPVSQLEKVLDNEMMFDGSSIEGFVRIEESDMYLHPDLD
TWVIFPWTAGQGKVARLICDVYKTDGTPFEGDPRANLKRVLKEMEDLGFTDFNLGPEPEFFLFKLDEKGEPTLELNDDGG
YFDLAPTDLGENCRRDIVLELEDMGFDIEASHHEVAPGQHEIDFKYADAVTACDNIQTFKLVVKTIARKHNLHATFMPKP
LFGVNGSGMHFNVSLFKGKENAFFDPNTEMGLTETAYQFTAGVLKNARGFTAVCNPLVNSYKRLVPGYEAPCYIAWSGKN
RSPLIRVPSSRGLSTRIEVRSVDPAANPYMALAAILEAGLDGIKNKLKVPEPVNQNIYEMNREEREAVGIQDLPSTLYTA
LKAMRENEVIKKALGNHIYNQFINSKSIEWDYYRTQVSEWERDQYMKQY
;
A,B,C,F,G,H,L,N,O,R,S,T
2 'polypeptide(L)' PINRGDLSRFI D,E,I,J,K,M,P,Q,U,V,W,X
#
# COMPACT_ATOMS: atom_id res chain seq x y z
N THR A 8 36.85 17.28 49.74
CA THR A 8 36.64 16.37 50.87
C THR A 8 35.30 16.64 51.55
N PHE A 9 34.63 15.57 51.98
CA PHE A 9 33.35 15.67 52.64
C PHE A 9 33.32 14.74 53.84
N THR A 10 32.45 15.07 54.79
CA THR A 10 32.23 14.24 55.97
C THR A 10 30.73 13.94 56.06
N LYS A 11 30.36 13.18 57.10
CA LYS A 11 28.96 12.79 57.26
C LYS A 11 28.07 14.01 57.46
N GLU A 12 28.54 14.99 58.24
CA GLU A 12 27.74 16.19 58.47
C GLU A 12 27.53 16.97 57.17
N ASP A 13 28.57 17.04 56.33
CA ASP A 13 28.42 17.69 55.03
C ASP A 13 27.37 16.98 54.17
N ILE A 14 27.38 15.65 54.17
CA ILE A 14 26.41 14.89 53.39
C ILE A 14 25.00 15.15 53.90
N ARG A 15 24.82 15.13 55.22
CA ARG A 15 23.50 15.40 55.78
C ARG A 15 23.03 16.80 55.43
N LYS A 16 23.92 17.79 55.52
CA LYS A 16 23.56 19.15 55.17
C LYS A 16 23.18 19.26 53.70
N PHE A 17 23.94 18.61 52.81
CA PHE A 17 23.62 18.64 51.39
C PHE A 17 22.27 18.00 51.11
N ALA A 18 21.99 16.87 51.79
CA ALA A 18 20.69 16.23 51.61
C ALA A 18 19.56 17.12 52.11
N GLU A 19 19.76 17.82 53.22
CA GLU A 19 18.72 18.67 53.78
C GLU A 19 18.46 19.92 52.95
N GLU A 20 19.50 20.64 52.53
CA GLU A 20 19.29 21.88 51.80
C GLU A 20 18.85 21.64 50.37
N GLU A 21 19.42 20.64 49.70
CA GLU A 21 19.12 20.39 48.30
C GLU A 21 17.89 19.53 48.08
N ASN A 22 17.26 19.04 49.15
CA ASN A 22 16.08 18.19 49.07
C ASN A 22 16.35 16.95 48.22
N VAL A 23 17.41 16.24 48.57
CA VAL A 23 17.73 14.98 47.91
C VAL A 23 16.72 13.93 48.37
N ARG A 24 16.10 13.26 47.40
CA ARG A 24 15.11 12.23 47.69
C ARG A 24 15.49 10.85 47.19
N TYR A 25 16.63 10.73 46.52
CA TYR A 25 17.03 9.45 45.94
C TYR A 25 18.55 9.36 45.98
N LEU A 26 19.07 8.19 46.35
CA LEU A 26 20.51 7.96 46.43
C LEU A 26 20.89 6.78 45.54
N ARG A 27 21.99 6.95 44.80
CA ARG A 27 22.53 5.89 43.95
C ARG A 27 23.89 5.50 44.50
N LEU A 28 23.98 4.30 45.06
CA LEU A 28 25.25 3.74 45.51
C LEU A 28 25.89 3.07 44.28
N GLN A 29 26.89 3.72 43.72
CA GLN A 29 27.44 3.36 42.42
C GLN A 29 28.76 2.61 42.56
N PHE A 30 28.92 1.57 41.76
CA PHE A 30 30.15 0.79 41.71
C PHE A 30 30.30 0.25 40.30
N THR A 31 31.34 -0.56 40.08
CA THR A 31 31.60 -1.12 38.77
C THR A 31 31.98 -2.59 38.90
N ASP A 32 31.79 -3.33 37.81
CA ASP A 32 32.17 -4.72 37.72
C ASP A 32 33.45 -4.84 36.89
N ILE A 33 33.88 -6.09 36.67
CA ILE A 33 35.10 -6.33 35.91
C ILE A 33 34.95 -5.99 34.44
N LEU A 34 33.73 -5.83 33.95
CA LEU A 34 33.50 -5.45 32.56
C LEU A 34 33.37 -3.95 32.37
N GLY A 35 33.48 -3.16 33.44
CA GLY A 35 33.37 -1.73 33.34
C GLY A 35 31.95 -1.19 33.36
N THR A 36 30.94 -2.06 33.45
CA THR A 36 29.57 -1.60 33.50
C THR A 36 29.29 -0.85 34.79
N ILE A 37 28.58 0.27 34.69
CA ILE A 37 28.22 1.06 35.85
C ILE A 37 27.04 0.41 36.53
N LYS A 38 27.26 -0.17 37.71
CA LYS A 38 26.21 -0.78 38.50
C LYS A 38 25.84 0.15 39.65
N ASN A 39 24.62 0.02 40.14
CA ASN A 39 24.20 0.87 41.24
C ASN A 39 23.09 0.21 42.04
N VAL A 40 22.98 0.60 43.30
CA VAL A 40 21.88 0.24 44.17
C VAL A 40 21.10 1.52 44.49
N GLU A 41 19.81 1.50 44.25
CA GLU A 41 18.97 2.66 44.50
C GLU A 41 18.40 2.61 45.91
N VAL A 42 18.38 3.75 46.58
CA VAL A 42 17.94 3.80 47.96
C VAL A 42 17.15 5.09 48.20
N PRO A 43 16.11 5.06 49.03
CA PRO A 43 15.45 6.32 49.43
C PRO A 43 16.31 7.06 50.45
N VAL A 44 16.13 8.39 50.47
CA VAL A 44 16.95 9.22 51.33
C VAL A 44 16.74 8.90 52.80
N SER A 45 15.61 8.29 53.16
CA SER A 45 15.38 7.87 54.54
C SER A 45 16.34 6.79 54.99
N GLN A 46 17.06 6.15 54.06
CA GLN A 46 18.08 5.17 54.39
C GLN A 46 19.47 5.79 54.50
N LEU A 47 19.56 7.12 54.41
CA LEU A 47 20.84 7.80 54.33
C LEU A 47 21.78 7.39 55.46
N GLU A 48 21.26 7.38 56.70
CA GLU A 48 22.09 7.01 57.84
C GLU A 48 22.65 5.60 57.66
N LYS A 49 21.80 4.65 57.26
CA LYS A 49 22.28 3.30 57.02
C LYS A 49 23.32 3.26 55.92
N VAL A 50 23.22 4.16 54.95
CA VAL A 50 24.26 4.27 53.92
C VAL A 50 25.58 4.73 54.56
N LEU A 51 25.51 5.71 55.46
CA LEU A 51 26.72 6.26 56.04
C LEU A 51 27.36 5.33 57.06
N ASP A 52 26.64 4.33 57.54
CA ASP A 52 27.17 3.37 58.51
C ASP A 52 27.81 2.16 57.84
N ASN A 53 27.92 2.17 56.51
CA ASN A 53 28.50 1.04 55.75
C ASN A 53 27.74 -0.26 56.04
N GLU A 54 26.42 -0.18 56.09
CA GLU A 54 25.58 -1.33 56.42
C GLU A 54 24.69 -1.77 55.26
N MET A 55 24.81 -1.14 54.09
CA MET A 55 24.02 -1.53 52.94
C MET A 55 24.56 -2.84 52.36
N MET A 56 23.67 -3.80 52.17
CA MET A 56 24.03 -5.13 51.69
C MET A 56 23.47 -5.36 50.29
N PHE A 57 24.22 -6.11 49.49
CA PHE A 57 23.80 -6.44 48.15
C PHE A 57 24.45 -7.77 47.75
N ASP A 58 24.15 -8.22 46.54
CA ASP A 58 24.59 -9.53 46.07
C ASP A 58 26.11 -9.64 46.07
N GLY A 59 26.79 -8.68 45.45
CA GLY A 59 28.23 -8.72 45.40
C GLY A 59 28.76 -9.59 44.29
N SER A 60 28.04 -10.66 43.95
CA SER A 60 28.44 -11.52 42.85
C SER A 60 28.19 -10.85 41.49
N SER A 61 27.39 -9.78 41.47
CA SER A 61 27.20 -9.03 40.23
C SER A 61 28.50 -8.45 39.70
N ILE A 62 29.49 -8.25 40.58
CA ILE A 62 30.81 -7.80 40.14
C ILE A 62 31.40 -8.77 39.13
N GLU A 63 31.07 -10.05 39.23
CA GLU A 63 31.59 -11.03 38.28
C GLU A 63 31.02 -10.87 36.89
N GLY A 64 29.96 -10.08 36.72
CA GLY A 64 29.39 -9.92 35.39
C GLY A 64 28.48 -11.07 35.05
N PHE A 65 28.66 -11.63 33.85
CA PHE A 65 27.79 -12.70 33.36
C PHE A 65 28.32 -14.08 33.70
N VAL A 66 29.41 -14.19 34.45
CA VAL A 66 29.95 -15.48 34.86
C VAL A 66 29.68 -15.74 36.34
N ARG A 67 28.76 -14.99 36.95
CA ARG A 67 28.40 -15.24 38.33
C ARG A 67 27.59 -16.52 38.46
N ILE A 68 27.77 -17.21 39.58
CA ILE A 68 27.11 -18.49 39.80
C ILE A 68 26.22 -18.42 41.03
N GLU A 69 26.81 -18.15 42.19
CA GLU A 69 26.09 -18.18 43.46
C GLU A 69 25.95 -16.77 44.01
N GLU A 70 24.78 -16.49 44.57
CA GLU A 70 24.54 -15.20 45.21
C GLU A 70 25.30 -15.13 46.54
N SER A 71 26.01 -14.03 46.74
CA SER A 71 26.73 -13.77 47.98
C SER A 71 26.07 -12.60 48.71
N ASP A 72 26.68 -12.20 49.83
CA ASP A 72 26.25 -11.03 50.58
C ASP A 72 27.46 -10.17 50.82
N MET A 73 27.41 -8.92 50.37
CA MET A 73 28.54 -8.01 50.49
C MET A 73 28.04 -6.63 50.88
N TYR A 74 28.92 -5.86 51.52
CA TYR A 74 28.59 -4.55 52.05
C TYR A 74 29.14 -3.46 51.14
N LEU A 75 28.43 -2.33 51.11
CA LEU A 75 28.86 -1.15 50.36
C LEU A 75 29.39 -0.10 51.33
N HIS A 76 30.63 0.34 51.09
CA HIS A 76 31.23 1.41 51.89
C HIS A 76 31.38 2.64 51.00
N PRO A 77 30.56 3.67 51.16
CA PRO A 77 30.66 4.84 50.27
C PRO A 77 31.92 5.63 50.53
N ASP A 78 32.39 6.30 49.48
CA ASP A 78 33.49 7.25 49.56
C ASP A 78 32.87 8.64 49.53
N LEU A 79 32.96 9.36 50.65
CA LEU A 79 32.25 10.62 50.79
C LEU A 79 32.78 11.71 49.87
N ASP A 80 34.03 11.58 49.41
CA ASP A 80 34.59 12.57 48.50
C ASP A 80 33.99 12.50 47.11
N THR A 81 33.31 11.40 46.76
CA THR A 81 32.70 11.24 45.45
C THR A 81 31.28 11.76 45.40
N TRP A 82 30.80 12.38 46.47
CA TRP A 82 29.43 12.88 46.52
C TRP A 82 29.20 13.93 45.43
N VAL A 83 28.09 13.79 44.72
CA VAL A 83 27.69 14.75 43.69
C VAL A 83 26.19 14.60 43.48
N ILE A 84 25.53 15.72 43.18
CA ILE A 84 24.09 15.75 42.95
C ILE A 84 23.84 16.00 41.47
N PHE A 85 23.05 15.13 40.87
CA PHE A 85 22.74 15.26 39.45
C PHE A 85 21.80 16.44 39.21
N PRO A 86 21.94 17.14 38.08
CA PRO A 86 21.13 18.34 37.83
C PRO A 86 19.74 18.03 37.32
N TRP A 87 19.32 16.77 37.41
CA TRP A 87 18.00 16.36 36.95
C TRP A 87 17.12 15.90 38.10
N GLY A 92 11.92 16.24 43.59
CA GLY A 92 13.15 15.96 44.31
C GLY A 92 14.35 15.80 43.39
N LYS A 93 15.52 15.58 43.99
CA LYS A 93 16.77 15.43 43.25
C LYS A 93 17.37 14.06 43.51
N VAL A 94 18.33 13.70 42.68
CA VAL A 94 19.04 12.42 42.78
C VAL A 94 20.51 12.72 43.04
N ALA A 95 21.07 12.07 44.05
CA ALA A 95 22.49 12.15 44.37
C ALA A 95 23.11 10.77 44.28
N ARG A 96 24.43 10.73 44.15
CA ARG A 96 25.13 9.46 44.02
C ARG A 96 26.36 9.46 44.92
N LEU A 97 26.74 8.25 45.33
CA LEU A 97 27.98 8.02 46.05
C LEU A 97 28.65 6.78 45.48
N ILE A 98 29.93 6.89 45.16
CA ILE A 98 30.70 5.76 44.66
C ILE A 98 31.18 4.94 45.85
N CYS A 99 30.86 3.66 45.86
CA CYS A 99 31.10 2.81 47.02
C CYS A 99 32.09 1.70 46.67
N ASP A 100 32.94 1.37 47.63
CA ASP A 100 33.78 0.19 47.55
C ASP A 100 33.02 -1.01 48.11
N VAL A 101 33.41 -2.19 47.66
CA VAL A 101 32.73 -3.43 48.02
C VAL A 101 33.55 -4.15 49.08
N TYR A 102 32.91 -4.52 50.18
CA TYR A 102 33.57 -5.21 51.28
C TYR A 102 32.90 -6.55 51.52
N LYS A 103 33.69 -7.53 51.95
CA LYS A 103 33.15 -8.83 52.31
C LYS A 103 32.51 -8.78 53.69
N THR A 104 31.95 -9.90 54.12
CA THR A 104 31.31 -9.97 55.43
C THR A 104 32.32 -9.99 56.57
N ASP A 105 33.61 -10.14 56.27
CA ASP A 105 34.65 -10.16 57.29
C ASP A 105 35.33 -8.81 57.48
N GLY A 106 34.79 -7.77 56.86
CA GLY A 106 35.33 -6.43 57.01
C GLY A 106 36.48 -6.08 56.09
N THR A 107 36.91 -7.01 55.23
CA THR A 107 38.00 -6.71 54.31
C THR A 107 37.46 -6.44 52.91
N PRO A 108 38.15 -5.58 52.15
CA PRO A 108 37.66 -5.26 50.80
C PRO A 108 37.65 -6.49 49.90
N PHE A 109 36.66 -6.55 49.02
CA PHE A 109 36.53 -7.66 48.10
C PHE A 109 37.66 -7.63 47.08
N GLU A 110 38.32 -8.78 46.89
CA GLU A 110 39.45 -8.85 45.98
C GLU A 110 39.04 -8.78 44.51
N GLY A 111 37.76 -8.95 44.20
CA GLY A 111 37.27 -8.85 42.85
C GLY A 111 36.82 -7.47 42.42
N ASP A 112 37.00 -6.46 43.26
CA ASP A 112 36.56 -5.10 42.95
C ASP A 112 37.68 -4.36 42.24
N PRO A 113 37.47 -3.89 41.00
CA PRO A 113 38.56 -3.19 40.29
C PRO A 113 39.06 -1.94 41.00
N ARG A 114 38.17 -1.20 41.66
CA ARG A 114 38.59 0.01 42.36
C ARG A 114 39.54 -0.31 43.50
N ALA A 115 39.20 -1.33 44.30
CA ALA A 115 40.08 -1.76 45.37
C ALA A 115 41.41 -2.28 44.83
N ASN A 116 41.37 -2.98 43.69
CA ASN A 116 42.61 -3.45 43.08
C ASN A 116 43.50 -2.30 42.65
N LEU A 117 42.91 -1.26 42.06
CA LEU A 117 43.70 -0.09 41.69
C LEU A 117 44.26 0.61 42.91
N LYS A 118 43.47 0.69 43.99
CA LYS A 118 43.98 1.30 45.22
C LYS A 118 45.15 0.49 45.78
N ARG A 119 45.06 -0.83 45.74
CA ARG A 119 46.16 -1.68 46.20
C ARG A 119 47.41 -1.47 45.35
N VAL A 120 47.23 -1.39 44.03
CA VAL A 120 48.37 -1.16 43.13
C VAL A 120 49.03 0.19 43.43
N LEU A 121 48.22 1.23 43.65
CA LEU A 121 48.77 2.54 43.99
C LEU A 121 49.50 2.50 45.33
N LYS A 122 48.94 1.79 46.31
CA LYS A 122 49.59 1.69 47.61
C LYS A 122 50.94 0.99 47.50
N GLU A 123 51.01 -0.08 46.70
CA GLU A 123 52.28 -0.75 46.50
C GLU A 123 53.25 0.08 45.66
N MET A 124 52.73 0.96 44.79
CA MET A 124 53.60 1.90 44.08
C MET A 124 54.21 2.90 45.05
N GLU A 125 53.44 3.34 46.05
CA GLU A 125 53.92 4.32 47.00
C GLU A 125 55.16 3.86 47.77
N ASP A 126 55.41 2.56 47.84
CA ASP A 126 56.61 2.05 48.48
C ASP A 126 57.87 2.29 47.65
N LEU A 127 57.72 2.65 46.38
CA LEU A 127 58.86 2.94 45.52
C LEU A 127 59.29 4.40 45.56
N GLY A 128 58.63 5.22 46.38
CA GLY A 128 58.96 6.62 46.52
C GLY A 128 58.03 7.57 45.79
N PHE A 129 57.23 7.07 44.86
CA PHE A 129 56.29 7.90 44.13
C PHE A 129 55.01 8.11 44.94
N THR A 130 54.45 9.31 44.84
CA THR A 130 53.27 9.67 45.62
C THR A 130 51.99 9.75 44.81
N ASP A 131 52.05 10.18 43.55
CA ASP A 131 50.84 10.36 42.76
C ASP A 131 51.05 9.81 41.35
N PHE A 132 49.95 9.35 40.77
CA PHE A 132 49.90 8.87 39.40
C PHE A 132 48.71 9.54 38.74
N ASN A 133 48.97 10.58 37.94
CA ASN A 133 47.92 11.39 37.35
C ASN A 133 47.57 10.91 35.95
N LEU A 134 46.27 10.90 35.66
CA LEU A 134 45.74 10.43 34.39
C LEU A 134 44.85 11.50 33.79
N GLY A 135 45.08 11.80 32.51
CA GLY A 135 44.17 12.56 31.70
C GLY A 135 43.69 11.73 30.53
N PRO A 136 42.41 11.39 30.51
CA PRO A 136 41.87 10.58 29.42
C PRO A 136 41.37 11.43 28.26
N GLU A 137 41.32 10.80 27.09
CA GLU A 137 40.78 11.44 25.88
C GLU A 137 39.71 10.54 25.28
N PRO A 138 38.54 10.45 25.92
CA PRO A 138 37.50 9.53 25.44
C PRO A 138 36.78 10.10 24.23
N GLU A 139 36.62 9.27 23.19
CA GLU A 139 35.87 9.62 22.01
C GLU A 139 34.62 8.73 21.93
N PHE A 140 33.52 9.32 21.46
CA PHE A 140 32.27 8.59 21.39
C PHE A 140 31.54 8.95 20.09
N PHE A 141 30.57 8.13 19.75
CA PHE A 141 29.74 8.35 18.57
C PHE A 141 28.31 8.67 18.99
N LEU A 142 27.66 9.54 18.20
CA LEU A 142 26.27 9.89 18.40
C LEU A 142 25.48 9.44 17.18
N PHE A 143 24.48 8.58 17.40
CA PHE A 143 23.64 8.06 16.34
C PHE A 143 22.21 8.56 16.52
N LYS A 144 21.49 8.62 15.41
CA LYS A 144 20.09 9.04 15.44
C LYS A 144 19.19 7.88 15.85
N LEU A 145 18.13 8.21 16.59
CA LEU A 145 17.11 7.25 16.98
C LEU A 145 15.98 7.24 15.97
N ASP A 146 15.32 6.09 15.84
CA ASP A 146 14.19 5.97 14.94
C ASP A 146 12.89 6.27 15.68
N GLU A 147 11.75 6.02 15.02
CA GLU A 147 10.46 6.31 15.64
C GLU A 147 10.22 5.41 16.86
N LYS A 148 10.61 4.15 16.77
CA LYS A 148 10.42 3.21 17.88
C LYS A 148 11.39 3.46 19.04
N GLY A 149 12.36 4.34 18.87
CA GLY A 149 13.32 4.63 19.92
C GLY A 149 14.58 3.82 19.90
N GLU A 150 14.82 3.04 18.85
CA GLU A 150 16.03 2.25 18.74
C GLU A 150 17.11 3.03 17.99
N PRO A 151 18.38 2.79 18.30
CA PRO A 151 19.46 3.47 17.56
C PRO A 151 19.54 2.97 16.12
N THR A 152 19.77 3.92 15.21
CA THR A 152 20.02 3.61 13.81
C THR A 152 21.51 3.75 13.52
N LEU A 153 21.88 3.64 12.25
CA LEU A 153 23.26 3.80 11.82
C LEU A 153 23.52 5.17 11.20
N GLU A 154 22.56 6.08 11.32
CA GLU A 154 22.74 7.44 10.82
C GLU A 154 23.37 8.32 11.90
N LEU A 155 24.35 9.11 11.51
CA LEU A 155 25.07 9.96 12.45
C LEU A 155 24.30 11.25 12.71
N ASN A 156 24.63 11.90 13.83
CA ASN A 156 23.95 13.13 14.21
C ASN A 156 24.38 14.31 13.35
N ASP A 157 25.58 14.30 12.79
CA ASP A 157 26.06 15.38 11.94
C ASP A 157 26.94 14.78 10.85
N ASP A 158 27.63 15.65 10.11
CA ASP A 158 28.48 15.21 9.01
C ASP A 158 29.80 15.99 9.01
N GLY A 159 30.28 16.37 10.18
CA GLY A 159 31.49 17.16 10.28
C GLY A 159 32.76 16.32 10.24
N GLY A 160 33.88 17.04 10.28
CA GLY A 160 35.18 16.40 10.23
C GLY A 160 36.06 16.76 11.42
N TYR A 161 37.37 16.62 11.25
CA TYR A 161 38.31 16.85 12.33
C TYR A 161 38.30 18.32 12.75
N PHE A 162 37.97 18.57 14.02
CA PHE A 162 37.95 19.92 14.59
C PHE A 162 36.96 20.84 13.88
N ASP A 163 35.95 20.26 13.23
CA ASP A 163 34.97 21.06 12.53
C ASP A 163 34.02 21.75 13.52
N LEU A 164 33.48 22.89 13.08
CA LEU A 164 32.38 23.53 13.78
C LEU A 164 31.05 23.03 13.19
N ALA A 165 30.90 21.71 13.22
CA ALA A 165 29.77 21.06 12.55
C ALA A 165 28.46 21.30 13.28
N PRO A 166 28.32 20.97 14.56
CA PRO A 166 27.04 21.25 15.24
C PRO A 166 26.94 22.73 15.56
N THR A 167 26.02 23.41 14.88
CA THR A 167 25.84 24.84 15.07
C THR A 167 25.18 25.11 16.41
N ASP A 168 25.20 26.36 16.85
CA ASP A 168 24.68 26.71 18.16
C ASP A 168 23.16 26.54 18.23
N LEU A 169 22.47 26.84 17.14
CA LEU A 169 21.04 26.59 17.07
C LEU A 169 20.78 25.15 16.69
N GLY A 170 19.94 24.47 17.46
CA GLY A 170 19.66 23.06 17.22
C GLY A 170 19.95 22.20 18.43
N GLU A 171 20.49 21.00 18.22
CA GLU A 171 20.75 20.10 19.33
C GLU A 171 22.06 20.43 20.05
N ASN A 172 23.18 20.36 19.33
CA ASN A 172 24.51 20.58 19.91
C ASN A 172 24.69 19.80 21.22
N CYS A 173 24.61 18.46 21.11
CA CYS A 173 24.70 17.62 22.31
C CYS A 173 26.03 17.79 23.01
N ARG A 174 27.11 17.98 22.25
CA ARG A 174 28.44 18.10 22.87
C ARG A 174 28.53 19.30 23.80
N ARG A 175 28.00 20.45 23.36
CA ARG A 175 28.04 21.64 24.19
C ARG A 175 27.23 21.45 25.47
N ASP A 176 26.04 20.84 25.35
CA ASP A 176 25.22 20.60 26.53
C ASP A 176 25.92 19.64 27.50
N ILE A 177 26.58 18.61 26.96
CA ILE A 177 27.32 17.67 27.81
C ILE A 177 28.42 18.41 28.56
N VAL A 178 29.18 19.26 27.85
CA VAL A 178 30.27 19.99 28.48
C VAL A 178 29.74 20.91 29.58
N LEU A 179 28.66 21.64 29.29
CA LEU A 179 28.11 22.57 30.27
C LEU A 179 27.56 21.83 31.48
N GLU A 180 26.87 20.71 31.27
CA GLU A 180 26.33 19.94 32.39
C GLU A 180 27.44 19.35 33.24
N LEU A 181 28.52 18.87 32.61
CA LEU A 181 29.66 18.39 33.38
C LEU A 181 30.30 19.51 34.17
N GLU A 182 30.40 20.70 33.58
CA GLU A 182 30.95 21.85 34.31
C GLU A 182 30.08 22.20 35.51
N ASP A 183 28.75 22.13 35.34
CA ASP A 183 27.86 22.42 36.46
C ASP A 183 27.99 21.39 37.58
N MET A 184 28.31 20.15 37.24
CA MET A 184 28.45 19.09 38.24
C MET A 184 29.76 19.16 39.00
N GLY A 185 30.69 20.01 38.60
CA GLY A 185 31.96 20.14 39.25
C GLY A 185 33.12 19.46 38.57
N PHE A 186 33.03 19.20 37.27
CA PHE A 186 34.12 18.58 36.54
C PHE A 186 35.09 19.64 36.02
N ASP A 187 36.25 19.19 35.57
CA ASP A 187 37.30 20.06 35.04
C ASP A 187 37.52 19.68 33.57
N ILE A 188 36.90 20.41 32.67
CA ILE A 188 37.00 20.16 31.24
C ILE A 188 38.09 21.04 30.66
N GLU A 189 39.00 20.44 29.89
CA GLU A 189 40.07 21.17 29.22
C GLU A 189 39.60 21.76 27.90
N ALA A 190 39.14 20.91 26.98
CA ALA A 190 38.63 21.35 25.69
C ALA A 190 37.83 20.22 25.07
N SER A 191 37.02 20.58 24.07
CA SER A 191 36.24 19.61 23.32
C SER A 191 36.27 19.99 21.85
N HIS A 192 36.10 18.99 20.99
CA HIS A 192 36.17 19.21 19.55
C HIS A 192 35.47 18.08 18.83
N HIS A 193 35.14 18.32 17.57
CA HIS A 193 34.63 17.27 16.71
C HIS A 193 35.76 16.35 16.27
N GLU A 194 35.47 15.06 16.18
CA GLU A 194 36.48 14.08 15.85
C GLU A 194 36.53 13.86 14.33
N VAL A 195 37.41 12.96 13.89
CA VAL A 195 37.65 12.78 12.46
C VAL A 195 36.40 12.24 11.77
N ALA A 196 35.82 11.17 12.32
CA ALA A 196 34.67 10.55 11.69
C ALA A 196 33.42 11.40 11.90
N PRO A 197 32.48 11.37 10.96
CA PRO A 197 31.22 12.08 11.16
C PRO A 197 30.47 11.52 12.36
N GLY A 198 29.87 12.42 13.13
CA GLY A 198 29.15 12.01 14.32
C GLY A 198 30.02 11.59 15.48
N GLN A 199 31.33 11.78 15.40
CA GLN A 199 32.25 11.40 16.45
C GLN A 199 32.72 12.63 17.20
N HIS A 200 32.77 12.53 18.53
CA HIS A 200 33.06 13.68 19.37
C HIS A 200 34.06 13.26 20.45
N GLU A 201 34.81 14.26 20.94
CA GLU A 201 35.81 14.05 21.98
C GLU A 201 35.73 15.17 22.99
N ILE A 202 35.75 14.82 24.28
CA ILE A 202 35.82 15.77 25.37
C ILE A 202 37.00 15.42 26.25
N ASP A 203 37.86 16.40 26.50
CA ASP A 203 39.10 16.17 27.23
C ASP A 203 39.00 16.71 28.65
N PHE A 204 39.55 15.97 29.60
CA PHE A 204 39.59 16.36 31.00
C PHE A 204 40.97 16.82 31.40
N LYS A 205 41.03 17.70 32.39
CA LYS A 205 42.29 18.01 33.04
C LYS A 205 42.74 16.82 33.88
N TYR A 206 44.05 16.72 34.07
CA TYR A 206 44.61 15.58 34.77
C TYR A 206 44.15 15.54 36.22
N ALA A 207 43.95 14.33 36.72
CA ALA A 207 43.56 14.11 38.10
C ALA A 207 44.22 12.83 38.59
N ASP A 208 44.14 12.59 39.90
CA ASP A 208 44.71 11.37 40.45
C ASP A 208 43.96 10.14 39.91
N ALA A 209 44.62 8.99 40.02
CA ALA A 209 44.21 7.79 39.30
C ALA A 209 42.76 7.40 39.62
N VAL A 210 42.45 7.26 40.92
CA VAL A 210 41.11 6.84 41.31
C VAL A 210 40.08 7.89 40.90
N THR A 211 40.39 9.16 41.13
CA THR A 211 39.49 10.22 40.73
C THR A 211 39.32 10.26 39.21
N ALA A 212 40.39 10.01 38.47
CA ALA A 212 40.29 9.99 37.00
C ALA A 212 39.38 8.87 36.52
N CYS A 213 39.51 7.67 37.10
CA CYS A 213 38.65 6.57 36.68
C CYS A 213 37.19 6.82 37.07
N ASP A 214 36.96 7.37 38.27
CA ASP A 214 35.61 7.74 38.66
C ASP A 214 35.02 8.78 37.73
N ASN A 215 35.83 9.75 37.32
CA ASN A 215 35.38 10.76 36.37
C ASN A 215 35.05 10.15 35.03
N ILE A 216 35.83 9.16 34.59
CA ILE A 216 35.53 8.48 33.33
C ILE A 216 34.18 7.78 33.40
N GLN A 217 33.92 7.06 34.50
CA GLN A 217 32.64 6.39 34.66
C GLN A 217 31.49 7.38 34.68
N THR A 218 31.63 8.45 35.46
CA THR A 218 30.59 9.47 35.54
C THR A 218 30.38 10.16 34.19
N PHE A 219 31.46 10.39 33.45
CA PHE A 219 31.35 10.99 32.12
C PHE A 219 30.58 10.10 31.17
N LYS A 220 30.85 8.79 31.20
CA LYS A 220 30.09 7.87 30.35
C LYS A 220 28.61 7.92 30.70
N LEU A 221 28.29 7.89 32.00
CA LEU A 221 26.90 7.94 32.43
C LEU A 221 26.23 9.23 31.98
N VAL A 222 26.90 10.37 32.17
CA VAL A 222 26.32 11.66 31.85
C VAL A 222 26.13 11.80 30.34
N VAL A 223 27.10 11.34 29.55
CA VAL A 223 26.98 11.41 28.10
C VAL A 223 25.80 10.57 27.62
N LYS A 224 25.68 9.35 28.16
CA LYS A 224 24.57 8.49 27.73
C LYS A 224 23.21 9.06 28.14
N THR A 225 23.15 9.75 29.28
CA THR A 225 21.89 10.38 29.68
C THR A 225 21.55 11.57 28.78
N ILE A 226 22.51 12.46 28.55
CA ILE A 226 22.24 13.68 27.81
C ILE A 226 21.94 13.38 26.35
N ALA A 227 22.63 12.38 25.77
CA ALA A 227 22.31 11.98 24.40
C ALA A 227 20.88 11.50 24.29
N ARG A 228 20.41 10.75 25.28
CA ARG A 228 19.01 10.33 25.30
C ARG A 228 18.08 11.52 25.45
N LYS A 229 18.51 12.56 26.18
CA LYS A 229 17.71 13.78 26.24
C LYS A 229 17.51 14.42 24.87
N HIS A 230 18.52 14.35 24.00
CA HIS A 230 18.48 14.99 22.69
C HIS A 230 17.99 14.06 21.59
N ASN A 231 17.28 12.99 21.95
CA ASN A 231 16.78 12.01 20.98
C ASN A 231 17.91 11.39 20.17
N LEU A 232 19.04 11.14 20.84
CA LEU A 232 20.21 10.54 20.22
C LEU A 232 20.64 9.34 21.04
N HIS A 233 21.57 8.56 20.50
CA HIS A 233 22.16 7.42 21.19
C HIS A 233 23.67 7.59 21.19
N ALA A 234 24.25 7.62 22.38
CA ALA A 234 25.70 7.74 22.52
C ALA A 234 26.30 6.35 22.73
N THR A 235 27.33 6.04 21.95
CA THR A 235 28.01 4.77 22.06
C THR A 235 29.51 4.97 22.17
N PHE A 236 30.13 4.20 23.07
CA PHE A 236 31.57 4.13 23.21
C PHE A 236 32.13 2.88 22.57
N MET A 237 31.42 2.31 21.59
CA MET A 237 31.89 1.14 20.88
C MET A 237 33.19 1.46 20.16
N PRO A 238 34.23 0.63 20.27
CA PRO A 238 35.52 0.97 19.65
C PRO A 238 35.44 1.18 18.14
N LYS A 239 34.64 0.38 17.43
CA LYS A 239 34.54 0.47 15.98
C LYS A 239 33.10 0.16 15.57
N PRO A 240 32.19 1.14 15.70
CA PRO A 240 30.80 0.88 15.31
C PRO A 240 30.60 0.82 13.81
N LEU A 241 31.42 1.50 13.03
CA LEU A 241 31.25 1.58 11.58
C LEU A 241 32.54 1.18 10.88
N PHE A 242 32.41 0.37 9.83
CA PHE A 242 33.55 -0.02 9.02
C PHE A 242 33.92 1.11 8.06
N GLY A 243 35.22 1.29 7.84
CA GLY A 243 35.70 2.26 6.89
C GLY A 243 35.90 3.67 7.41
N VAL A 244 35.55 3.93 8.68
CA VAL A 244 35.76 5.24 9.29
C VAL A 244 36.58 5.04 10.56
N ASN A 245 37.00 6.16 11.14
CA ASN A 245 37.81 6.12 12.34
C ASN A 245 37.05 5.50 13.49
N GLY A 246 37.77 4.75 14.33
CA GLY A 246 37.23 4.25 15.56
C GLY A 246 37.38 5.25 16.71
N SER A 247 36.92 4.84 17.88
CA SER A 247 36.99 5.65 19.08
C SER A 247 38.07 5.11 20.01
N GLY A 248 38.94 6.01 20.46
CA GLY A 248 39.98 5.67 21.42
C GLY A 248 39.79 6.42 22.72
N MET A 249 40.54 5.98 23.73
CA MET A 249 40.53 6.59 25.06
C MET A 249 41.98 6.76 25.52
N HIS A 250 42.77 7.45 24.71
CA HIS A 250 44.18 7.68 25.01
C HIS A 250 44.38 8.16 26.44
N PHE A 251 45.36 7.57 27.12
CA PHE A 251 45.66 7.83 28.51
C PHE A 251 46.96 8.62 28.59
N ASN A 252 46.91 9.87 29.04
CA ASN A 252 48.10 10.64 29.32
C ASN A 252 48.43 10.48 30.81
N VAL A 253 49.51 9.78 31.12
CA VAL A 253 49.83 9.46 32.50
C VAL A 253 51.12 10.18 32.89
N SER A 254 51.22 10.50 34.18
CA SER A 254 52.41 11.15 34.71
C SER A 254 52.64 10.70 36.14
N LEU A 255 53.90 10.52 36.50
CA LEU A 255 54.29 10.11 37.84
C LEU A 255 54.79 11.31 38.63
N PHE A 256 54.48 11.32 39.93
CA PHE A 256 54.87 12.41 40.80
C PHE A 256 55.37 11.84 42.11
N LYS A 257 56.54 12.30 42.56
CA LYS A 257 57.00 12.02 43.93
C LYS A 257 57.20 13.36 44.64
N GLY A 258 56.11 13.95 45.07
CA GLY A 258 56.12 15.09 45.96
C GLY A 258 56.23 16.40 45.20
N LYS A 259 55.09 17.06 44.97
CA LYS A 259 55.05 18.37 44.32
C LYS A 259 56.02 18.51 43.16
N GLU A 260 56.24 17.45 42.40
CA GLU A 260 57.30 17.44 41.39
C GLU A 260 57.08 16.29 40.43
N ASN A 261 57.07 16.59 39.13
CA ASN A 261 56.92 15.57 38.10
C ASN A 261 58.20 14.76 37.98
N ALA A 262 58.07 13.45 38.13
CA ALA A 262 59.23 12.55 38.04
C ALA A 262 59.70 12.33 36.61
N PHE A 263 58.95 12.79 35.62
CA PHE A 263 59.34 12.61 34.22
C PHE A 263 60.09 13.82 33.65
N PHE A 264 60.05 14.97 34.33
CA PHE A 264 60.62 16.20 33.79
C PHE A 264 62.10 16.31 34.15
N ASP A 265 62.94 16.48 33.13
CA ASP A 265 64.37 16.73 33.31
C ASP A 265 64.66 18.17 32.93
N PRO A 266 64.92 19.06 33.90
CA PRO A 266 65.10 20.48 33.57
C PRO A 266 66.43 20.80 32.92
N ASN A 267 67.37 19.86 32.85
CA ASN A 267 68.69 20.11 32.28
C ASN A 267 68.83 19.59 30.86
N THR A 268 68.34 18.39 30.58
CA THR A 268 68.45 17.82 29.24
C THR A 268 67.59 18.59 28.25
N GLU A 269 68.10 18.71 27.02
CA GLU A 269 67.35 19.41 25.98
C GLU A 269 66.03 18.72 25.68
N MET A 270 66.04 17.38 25.60
CA MET A 270 64.80 16.65 25.40
C MET A 270 63.85 16.82 26.57
N GLY A 271 64.39 16.91 27.79
CA GLY A 271 63.58 17.16 28.95
C GLY A 271 62.91 15.94 29.55
N LEU A 272 63.47 14.76 29.34
CA LEU A 272 62.92 13.53 29.89
C LEU A 272 63.96 12.86 30.78
N THR A 273 63.53 12.47 31.98
CA THR A 273 64.41 11.78 32.91
C THR A 273 64.58 10.32 32.53
N GLU A 274 65.56 9.67 33.15
CA GLU A 274 65.73 8.24 32.96
C GLU A 274 64.53 7.46 33.48
N THR A 275 63.84 8.01 34.48
CA THR A 275 62.64 7.37 35.00
C THR A 275 61.56 7.28 33.92
N ALA A 276 61.37 8.35 33.15
CA ALA A 276 60.38 8.33 32.07
C ALA A 276 60.75 7.30 31.00
N TYR A 277 62.04 7.22 30.65
CA TYR A 277 62.49 6.24 29.67
C TYR A 277 62.27 4.82 30.17
N GLN A 278 62.56 4.57 31.44
CA GLN A 278 62.30 3.25 32.01
C GLN A 278 60.81 2.94 32.01
N PHE A 279 59.97 3.93 32.32
CA PHE A 279 58.53 3.72 32.33
C PHE A 279 58.02 3.35 30.95
N THR A 280 58.44 4.09 29.92
CA THR A 280 57.96 3.79 28.58
C THR A 280 58.54 2.47 28.08
N ALA A 281 59.78 2.14 28.46
CA ALA A 281 60.33 0.84 28.12
C ALA A 281 59.52 -0.29 28.74
N GLY A 282 59.12 -0.14 30.00
CA GLY A 282 58.31 -1.15 30.64
C GLY A 282 56.93 -1.27 30.04
N VAL A 283 56.32 -0.15 29.64
CA VAL A 283 55.03 -0.21 28.98
C VAL A 283 55.15 -0.91 27.62
N LEU A 284 56.22 -0.62 26.88
CA LEU A 284 56.42 -1.26 25.58
C LEU A 284 56.70 -2.76 25.75
N LYS A 285 57.41 -3.13 26.82
CA LYS A 285 57.78 -4.53 27.01
C LYS A 285 56.54 -5.40 27.24
N ASN A 286 55.58 -4.91 28.02
CA ASN A 286 54.40 -5.69 28.39
C ASN A 286 53.15 -5.26 27.63
N ALA A 287 53.32 -4.60 26.47
CA ALA A 287 52.16 -4.12 25.72
C ALA A 287 51.27 -5.26 25.28
N ARG A 288 51.86 -6.37 24.81
CA ARG A 288 51.06 -7.53 24.44
C ARG A 288 50.35 -8.14 25.64
N GLY A 289 50.93 -8.00 26.84
CA GLY A 289 50.34 -8.61 28.01
C GLY A 289 49.00 -7.99 28.39
N PHE A 290 48.90 -6.66 28.37
CA PHE A 290 47.70 -5.97 28.82
C PHE A 290 46.81 -5.51 27.66
N THR A 291 47.07 -5.97 26.44
CA THR A 291 46.25 -5.58 25.31
C THR A 291 44.81 -6.06 25.49
N ALA A 292 44.63 -7.28 26.01
CA ALA A 292 43.29 -7.80 26.22
C ALA A 292 42.50 -6.96 27.22
N VAL A 293 43.14 -6.51 28.30
CA VAL A 293 42.45 -5.70 29.29
C VAL A 293 42.12 -4.32 28.72
N CYS A 294 43.06 -3.71 28.01
CA CYS A 294 42.83 -2.38 27.43
C CYS A 294 41.93 -2.44 26.19
N ASN A 295 41.80 -3.59 25.56
CA ASN A 295 40.92 -3.78 24.40
C ASN A 295 40.10 -5.04 24.67
N PRO A 296 39.07 -4.94 25.51
CA PRO A 296 38.39 -6.15 26.00
C PRO A 296 37.30 -6.71 25.10
N LEU A 297 36.82 -5.96 24.11
CA LEU A 297 35.74 -6.43 23.25
C LEU A 297 36.31 -7.12 22.00
N VAL A 298 35.47 -7.95 21.39
CA VAL A 298 35.80 -8.50 20.08
C VAL A 298 35.90 -7.37 19.05
N ASN A 299 34.98 -6.41 19.13
CA ASN A 299 34.98 -5.28 18.20
C ASN A 299 36.21 -4.40 18.36
N SER A 300 36.86 -4.42 19.53
CA SER A 300 38.01 -3.55 19.76
C SER A 300 39.09 -3.78 18.73
N TYR A 301 39.33 -5.03 18.36
CA TYR A 301 40.38 -5.37 17.43
C TYR A 301 40.01 -5.10 15.98
N LYS A 302 38.76 -4.69 15.73
CA LYS A 302 38.41 -4.09 14.45
C LYS A 302 38.83 -2.64 14.37
N ARG A 303 39.13 -2.00 15.50
CA ARG A 303 39.72 -0.67 15.49
C ARG A 303 41.23 -0.73 15.25
N LEU A 304 41.89 -1.76 15.77
CA LEU A 304 43.34 -1.91 15.64
C LEU A 304 43.70 -2.42 14.24
N VAL A 305 43.35 -1.61 13.24
CA VAL A 305 43.69 -1.89 11.86
C VAL A 305 44.39 -0.64 11.29
N PRO A 306 45.30 -0.79 10.35
CA PRO A 306 46.07 0.37 9.88
C PRO A 306 45.21 1.36 9.11
N GLY A 307 45.61 2.62 9.16
CA GLY A 307 44.99 3.68 8.39
C GLY A 307 44.04 4.57 9.15
N TYR A 308 43.76 4.29 10.42
CA TYR A 308 42.80 5.09 11.18
C TYR A 308 43.42 5.63 12.47
N GLU A 309 44.74 5.80 12.49
CA GLU A 309 45.53 6.36 13.57
C GLU A 309 45.58 5.49 14.81
N ALA A 310 44.88 4.37 14.84
CA ALA A 310 45.00 3.47 15.99
C ALA A 310 46.32 2.72 15.92
N PRO A 311 46.97 2.49 17.05
CA PRO A 311 48.25 1.76 17.03
C PRO A 311 48.05 0.32 16.61
N CYS A 312 48.99 -0.19 15.83
CA CYS A 312 48.98 -1.57 15.39
C CYS A 312 50.23 -2.35 15.77
N TYR A 313 51.32 -1.68 16.09
CA TYR A 313 52.54 -2.34 16.54
C TYR A 313 53.10 -1.59 17.74
N ILE A 314 54.07 -2.22 18.40
CA ILE A 314 54.59 -1.75 19.67
C ILE A 314 55.78 -0.85 19.38
N ALA A 315 55.58 0.45 19.48
CA ALA A 315 56.64 1.43 19.26
C ALA A 315 56.26 2.74 19.93
N TRP A 316 57.25 3.59 20.14
CA TRP A 316 57.04 4.91 20.72
C TRP A 316 57.70 5.97 19.85
N SER A 317 57.13 7.16 19.86
CA SER A 317 57.63 8.26 19.04
C SER A 317 57.13 9.58 19.62
N GLY A 318 57.76 10.66 19.19
CA GLY A 318 57.30 11.99 19.54
C GLY A 318 56.48 12.60 18.43
N LYS A 319 56.63 12.06 17.21
CA LYS A 319 55.88 12.56 16.05
C LYS A 319 55.71 11.40 15.08
N ASN A 320 54.53 10.79 15.10
CA ASN A 320 54.22 9.68 14.20
C ASN A 320 52.71 9.60 14.04
N ARG A 321 52.27 8.94 12.97
CA ARG A 321 50.84 8.85 12.70
C ARG A 321 50.11 8.02 13.74
N SER A 322 50.61 6.81 14.02
CA SER A 322 49.96 5.91 14.97
C SER A 322 51.01 5.18 15.81
N PRO A 323 51.67 5.90 16.73
CA PRO A 323 52.55 5.23 17.68
C PRO A 323 51.76 4.70 18.87
N LEU A 324 52.25 3.59 19.42
CA LEU A 324 51.64 3.05 20.62
C LEU A 324 51.80 4.02 21.79
N ILE A 325 52.97 4.61 21.93
CA ILE A 325 53.25 5.60 22.97
C ILE A 325 53.68 6.89 22.30
N ARG A 326 53.02 7.99 22.66
CA ARG A 326 53.38 9.31 22.18
C ARG A 326 53.81 10.17 23.36
N VAL A 327 54.87 10.96 23.17
CA VAL A 327 55.35 11.89 24.18
C VAL A 327 54.98 13.30 23.72
N PRO A 328 54.01 13.94 24.35
CA PRO A 328 53.64 15.30 23.95
C PRO A 328 54.77 16.29 24.20
N SER A 329 54.77 17.37 23.42
CA SER A 329 55.82 18.37 23.49
C SER A 329 55.79 19.18 24.77
N SER A 330 54.71 19.08 25.57
CA SER A 330 54.65 19.82 26.82
C SER A 330 55.71 19.32 27.79
N ARG A 331 56.22 20.24 28.60
CA ARG A 331 57.27 19.96 29.57
C ARG A 331 56.90 20.62 30.89
N GLY A 332 57.85 20.64 31.82
CA GLY A 332 57.57 21.21 33.12
C GLY A 332 56.78 20.24 33.98
N LEU A 333 55.74 20.75 34.63
CA LEU A 333 54.89 19.90 35.44
C LEU A 333 53.85 19.14 34.63
N SER A 334 53.76 19.40 33.33
CA SER A 334 52.75 18.78 32.48
C SER A 334 53.33 17.71 31.55
N THR A 335 54.60 17.35 31.73
CA THR A 335 55.18 16.28 30.91
C THR A 335 54.51 14.96 31.25
N ARG A 336 54.19 14.18 30.22
CA ARG A 336 53.42 12.97 30.41
C ARG A 336 53.71 12.00 29.27
N ILE A 337 53.24 10.77 29.43
CA ILE A 337 53.38 9.72 28.43
C ILE A 337 51.99 9.27 28.03
N GLU A 338 51.73 9.23 26.73
CA GLU A 338 50.39 8.93 26.20
C GLU A 338 50.36 7.52 25.65
N VAL A 339 49.58 6.66 26.28
CA VAL A 339 49.30 5.32 25.77
C VAL A 339 48.02 5.40 24.94
N ARG A 340 48.11 5.04 23.66
CA ARG A 340 47.03 5.26 22.71
C ARG A 340 46.26 4.01 22.35
N SER A 341 46.58 2.86 22.95
CA SER A 341 45.88 1.63 22.61
C SER A 341 44.57 1.45 23.35
N VAL A 342 44.33 2.24 24.41
CA VAL A 342 43.12 2.08 25.20
C VAL A 342 41.92 2.58 24.43
N ASP A 343 40.83 1.83 24.49
CA ASP A 343 39.56 2.20 23.88
C ASP A 343 38.52 2.48 24.97
N PRO A 344 37.48 3.25 24.66
CA PRO A 344 36.53 3.65 25.72
C PRO A 344 35.74 2.50 26.32
N ALA A 345 35.77 1.31 25.73
CA ALA A 345 35.06 0.16 26.28
C ALA A 345 35.82 -0.51 27.42
N ALA A 346 37.09 -0.19 27.61
CA ALA A 346 37.88 -0.83 28.65
C ALA A 346 37.49 -0.33 30.04
N ASN A 347 37.68 -1.18 31.02
CA ASN A 347 37.48 -0.78 32.41
C ASN A 347 38.60 0.18 32.80
N PRO A 348 38.29 1.40 33.23
CA PRO A 348 39.37 2.36 33.53
C PRO A 348 40.29 1.90 34.66
N TYR A 349 39.72 1.31 35.71
CA TYR A 349 40.55 0.89 36.85
C TYR A 349 41.53 -0.19 36.42
N MET A 350 41.05 -1.22 35.72
CA MET A 350 41.92 -2.32 35.34
C MET A 350 42.98 -1.89 34.34
N ALA A 351 42.59 -1.08 33.35
CA ALA A 351 43.55 -0.61 32.36
C ALA A 351 44.61 0.28 33.00
N LEU A 352 44.21 1.18 33.90
CA LEU A 352 45.16 2.03 34.59
C LEU A 352 46.09 1.21 35.46
N ALA A 353 45.56 0.21 36.17
CA ALA A 353 46.40 -0.65 37.00
C ALA A 353 47.41 -1.41 36.15
N ALA A 354 46.98 -1.94 35.01
CA ALA A 354 47.89 -2.67 34.14
C ALA A 354 49.00 -1.75 33.60
N ILE A 355 48.63 -0.55 33.16
CA ILE A 355 49.63 0.37 32.63
C ILE A 355 50.62 0.78 33.72
N LEU A 356 50.11 1.09 34.92
CA LEU A 356 51.00 1.47 36.01
C LEU A 356 51.93 0.33 36.39
N GLU A 357 51.41 -0.90 36.43
CA GLU A 357 52.25 -2.05 36.77
C GLU A 357 53.33 -2.27 35.72
N ALA A 358 52.98 -2.13 34.43
CA ALA A 358 54.00 -2.28 33.39
C ALA A 358 55.07 -1.19 33.51
N GLY A 359 54.65 0.05 33.77
CA GLY A 359 55.63 1.11 33.93
C GLY A 359 56.54 0.88 35.13
N LEU A 360 55.97 0.45 36.26
CA LEU A 360 56.79 0.16 37.43
C LEU A 360 57.72 -1.02 37.20
N ASP A 361 57.26 -2.03 36.46
CA ASP A 361 58.13 -3.15 36.13
C ASP A 361 59.31 -2.70 35.29
N GLY A 362 59.06 -1.79 34.34
CA GLY A 362 60.17 -1.21 33.61
C GLY A 362 61.09 -0.38 34.48
N ILE A 363 60.51 0.34 35.45
CA ILE A 363 61.31 1.23 36.30
C ILE A 363 62.25 0.43 37.18
N LYS A 364 61.73 -0.59 37.87
CA LYS A 364 62.55 -1.32 38.83
C LYS A 364 63.44 -2.37 38.19
N ASN A 365 63.31 -2.60 36.88
CA ASN A 365 64.23 -3.46 36.15
C ASN A 365 65.25 -2.66 35.36
N LYS A 366 65.14 -1.33 35.35
CA LYS A 366 66.07 -0.45 34.63
C LYS A 366 66.20 -0.86 33.16
N LEU A 367 65.05 -1.11 32.54
CA LEU A 367 65.02 -1.48 31.14
C LEU A 367 65.47 -0.32 30.26
N LYS A 368 66.04 -0.66 29.10
CA LYS A 368 66.51 0.33 28.13
C LYS A 368 65.44 0.51 27.06
N VAL A 369 64.96 1.74 26.91
CA VAL A 369 63.91 2.03 25.93
C VAL A 369 64.48 1.87 24.53
N PRO A 370 63.77 1.24 23.59
CA PRO A 370 64.26 1.15 22.22
C PRO A 370 64.22 2.49 21.52
N GLU A 371 64.81 2.51 20.33
CA GLU A 371 64.89 3.74 19.56
C GLU A 371 63.49 4.18 19.13
N PRO A 372 63.18 5.48 19.21
CA PRO A 372 61.89 5.95 18.73
C PRO A 372 61.77 5.81 17.22
N VAL A 373 60.54 5.61 16.76
CA VAL A 373 60.29 5.45 15.33
C VAL A 373 60.04 6.81 14.70
N ASN A 374 60.40 6.91 13.42
CA ASN A 374 60.22 8.15 12.67
C ASN A 374 59.52 7.87 11.34
N GLN A 375 59.52 8.87 10.45
CA GLN A 375 58.71 8.79 9.24
C GLN A 375 59.08 7.63 8.34
N ASN A 376 60.31 7.12 8.41
CA ASN A 376 60.71 6.03 7.52
C ASN A 376 60.41 4.65 8.12
N ILE A 377 59.18 4.49 8.59
CA ILE A 377 58.68 3.19 9.05
C ILE A 377 57.38 2.91 8.31
N TYR A 378 56.85 3.94 7.66
CA TYR A 378 55.64 3.76 6.86
C TYR A 378 55.88 2.81 5.69
N GLU A 379 57.11 2.73 5.20
CA GLU A 379 57.50 1.79 4.17
C GLU A 379 58.27 0.65 4.83
N MET A 380 57.53 -0.32 5.37
CA MET A 380 58.12 -1.48 6.02
C MET A 380 57.05 -2.55 6.16
N ASN A 381 57.34 -3.76 5.71
CA ASN A 381 56.45 -4.89 5.94
C ASN A 381 56.61 -5.38 7.38
N ARG A 382 55.78 -6.36 7.75
CA ARG A 382 55.86 -6.92 9.10
C ARG A 382 57.17 -7.65 9.33
N GLU A 383 57.72 -8.27 8.28
CA GLU A 383 58.98 -9.00 8.44
C GLU A 383 60.12 -8.06 8.77
N GLU A 384 60.25 -6.96 8.01
CA GLU A 384 61.29 -5.97 8.31
C GLU A 384 61.06 -5.29 9.64
N ARG A 385 59.80 -5.04 9.99
CA ARG A 385 59.47 -4.42 11.28
C ARG A 385 59.91 -5.33 12.43
N GLU A 386 59.67 -6.63 12.31
CA GLU A 386 60.12 -7.57 13.34
C GLU A 386 61.63 -7.71 13.35
N ALA A 387 62.27 -7.64 12.17
CA ALA A 387 63.73 -7.70 12.11
C ALA A 387 64.34 -6.52 12.85
N VAL A 388 63.77 -5.32 12.68
CA VAL A 388 64.21 -4.16 13.45
C VAL A 388 63.95 -4.32 14.94
N GLY A 389 62.87 -5.01 15.30
CA GLY A 389 62.52 -5.20 16.69
C GLY A 389 61.17 -4.64 17.11
N ILE A 390 60.31 -4.32 16.15
CA ILE A 390 59.00 -3.76 16.44
C ILE A 390 58.00 -4.90 16.44
N GLN A 391 57.49 -5.26 17.61
CA GLN A 391 56.49 -6.30 17.72
C GLN A 391 55.10 -5.77 17.39
N ASP A 392 54.23 -6.67 16.97
CA ASP A 392 52.85 -6.33 16.60
C ASP A 392 51.90 -6.61 17.76
N LEU A 393 50.90 -5.76 17.90
CA LEU A 393 49.84 -6.01 18.87
C LEU A 393 48.99 -7.19 18.41
N PRO A 394 48.38 -7.93 19.34
CA PRO A 394 47.49 -9.02 18.95
C PRO A 394 46.35 -8.50 18.09
N SER A 395 45.99 -9.29 17.07
CA SER A 395 45.00 -8.88 16.09
C SER A 395 43.59 -9.34 16.42
N THR A 396 43.43 -10.32 17.30
CA THR A 396 42.13 -10.82 17.70
C THR A 396 42.07 -10.96 19.21
N LEU A 397 40.85 -11.00 19.74
CA LEU A 397 40.67 -11.21 21.17
C LEU A 397 41.19 -12.58 21.60
N TYR A 398 41.09 -13.59 20.72
CA TYR A 398 41.60 -14.91 21.03
C TYR A 398 43.12 -14.88 21.23
N THR A 399 43.84 -14.31 20.26
CA THR A 399 45.28 -14.19 20.41
C THR A 399 45.67 -13.21 21.51
N ALA A 400 44.85 -12.21 21.78
CA ALA A 400 45.13 -11.31 22.90
C ALA A 400 45.03 -12.05 24.23
N LEU A 401 44.03 -12.91 24.39
CA LEU A 401 43.94 -13.73 25.59
C LEU A 401 45.10 -14.70 25.68
N LYS A 402 45.51 -15.26 24.53
CA LYS A 402 46.68 -16.14 24.50
C LYS A 402 47.92 -15.42 25.01
N ALA A 403 48.13 -14.18 24.55
CA ALA A 403 49.25 -13.39 25.01
C ALA A 403 49.13 -13.01 26.49
N MET A 404 47.92 -12.68 26.93
CA MET A 404 47.69 -12.32 28.33
C MET A 404 47.97 -13.48 29.27
N ARG A 405 47.67 -14.71 28.83
CA ARG A 405 47.93 -15.87 29.66
C ARG A 405 49.43 -16.15 29.83
N GLU A 406 50.29 -15.51 29.05
CA GLU A 406 51.72 -15.73 29.12
C GLU A 406 52.48 -14.58 29.77
N ASN A 407 51.78 -13.58 30.30
CA ASN A 407 52.41 -12.41 30.92
C ASN A 407 52.16 -12.44 32.42
N GLU A 408 53.22 -12.25 33.20
CA GLU A 408 53.11 -12.25 34.65
C GLU A 408 52.77 -10.88 35.20
N VAL A 409 53.18 -9.82 34.51
CA VAL A 409 52.94 -8.47 34.99
C VAL A 409 51.45 -8.16 35.03
N ILE A 410 50.71 -8.58 34.00
CA ILE A 410 49.27 -8.33 33.99
C ILE A 410 48.57 -9.09 35.11
N LYS A 411 49.00 -10.32 35.38
CA LYS A 411 48.43 -11.09 36.48
C LYS A 411 48.72 -10.41 37.81
N LYS A 412 49.94 -9.92 38.01
CA LYS A 412 50.27 -9.21 39.23
C LYS A 412 49.44 -7.94 39.37
N ALA A 413 49.24 -7.22 38.27
CA ALA A 413 48.44 -6.00 38.30
C ALA A 413 46.98 -6.28 38.67
N LEU A 414 46.41 -7.33 38.09
CA LEU A 414 44.98 -7.58 38.26
C LEU A 414 44.64 -8.34 39.53
N GLY A 415 45.56 -9.15 40.07
CA GLY A 415 45.19 -10.02 41.17
C GLY A 415 44.62 -11.31 40.63
N ASN A 416 44.75 -12.40 41.38
CA ASN A 416 44.36 -13.72 40.86
C ASN A 416 42.88 -13.77 40.54
N HIS A 417 42.04 -13.25 41.44
CA HIS A 417 40.59 -13.34 41.24
C HIS A 417 40.16 -12.61 39.98
N ILE A 418 40.56 -11.34 39.84
CA ILE A 418 40.18 -10.55 38.68
C ILE A 418 40.76 -11.15 37.41
N TYR A 419 42.03 -11.59 37.47
CA TYR A 419 42.68 -12.19 36.31
C TYR A 419 41.90 -13.40 35.81
N ASN A 420 41.58 -14.33 36.72
CA ASN A 420 40.87 -15.55 36.32
C ASN A 420 39.46 -15.23 35.82
N GLN A 421 38.74 -14.35 36.51
CA GLN A 421 37.38 -14.03 36.09
C GLN A 421 37.37 -13.36 34.73
N PHE A 422 38.30 -12.43 34.49
CA PHE A 422 38.39 -11.77 33.19
C PHE A 422 38.70 -12.77 32.08
N ILE A 423 39.65 -13.67 32.35
CA ILE A 423 40.01 -14.65 31.32
C ILE A 423 38.82 -15.55 31.00
N ASN A 424 38.10 -16.02 32.03
CA ASN A 424 36.95 -16.87 31.80
C ASN A 424 35.87 -16.13 31.01
N SER A 425 35.57 -14.89 31.41
CA SER A 425 34.53 -14.13 30.73
C SER A 425 34.89 -13.90 29.26
N LYS A 426 36.13 -13.51 28.99
CA LYS A 426 36.51 -13.22 27.62
C LYS A 426 36.61 -14.48 26.78
N SER A 427 37.03 -15.60 27.38
CA SER A 427 37.03 -16.85 26.64
C SER A 427 35.62 -17.27 26.26
N ILE A 428 34.66 -17.12 27.18
CA ILE A 428 33.27 -17.44 26.87
C ILE A 428 32.74 -16.53 25.77
N GLU A 429 33.05 -15.23 25.86
CA GLU A 429 32.60 -14.29 24.85
C GLU A 429 33.15 -14.63 23.47
N TRP A 430 34.45 -14.93 23.39
CA TRP A 430 35.05 -15.31 22.12
C TRP A 430 34.47 -16.61 21.60
N ASP A 431 34.21 -17.57 22.49
CA ASP A 431 33.63 -18.84 22.07
C ASP A 431 32.26 -18.63 21.46
N TYR A 432 31.45 -17.75 22.05
CA TYR A 432 30.15 -17.45 21.46
C TYR A 432 30.29 -16.70 20.14
N TYR A 433 31.28 -15.80 20.03
CA TYR A 433 31.44 -15.03 18.81
C TYR A 433 31.91 -15.91 17.64
N ARG A 434 32.81 -16.85 17.91
CA ARG A 434 33.47 -17.58 16.83
C ARG A 434 32.55 -18.53 16.08
N THR A 435 31.45 -18.95 16.69
CA THR A 435 30.54 -19.89 16.05
C THR A 435 29.51 -19.23 15.16
N GLN A 436 29.44 -17.90 15.16
CA GLN A 436 28.47 -17.19 14.34
C GLN A 436 28.91 -17.18 12.87
N VAL A 437 27.93 -17.25 11.98
CA VAL A 437 28.18 -17.14 10.55
C VAL A 437 27.88 -15.71 10.13
N SER A 438 28.90 -14.99 9.69
CA SER A 438 28.75 -13.58 9.39
C SER A 438 28.19 -13.38 7.97
N GLU A 439 27.61 -12.20 7.75
CA GLU A 439 27.10 -11.86 6.42
C GLU A 439 28.23 -11.73 5.40
N TRP A 440 29.43 -11.41 5.85
CA TRP A 440 30.57 -11.36 4.94
C TRP A 440 30.85 -12.71 4.33
N GLU A 441 30.76 -13.78 5.14
CA GLU A 441 30.95 -15.13 4.63
C GLU A 441 29.86 -15.50 3.63
N ARG A 442 28.62 -15.12 3.92
CA ARG A 442 27.52 -15.43 3.01
C ARG A 442 27.61 -14.65 1.72
N ASP A 443 28.23 -13.46 1.75
CA ASP A 443 28.44 -12.72 0.51
C ASP A 443 29.60 -13.27 -0.30
N GLN A 444 30.73 -13.56 0.35
CA GLN A 444 31.89 -14.07 -0.36
C GLN A 444 31.65 -15.49 -0.86
N TYR A 445 31.10 -16.35 -0.01
CA TYR A 445 30.80 -17.72 -0.36
C TYR A 445 29.30 -17.86 -0.62
N MET A 446 28.82 -19.10 -0.72
CA MET A 446 27.45 -19.51 -0.97
C MET A 446 27.06 -19.32 -2.44
N LYS A 447 27.90 -18.68 -3.25
CA LYS A 447 27.69 -18.64 -4.69
C LYS A 447 28.96 -19.06 -5.40
N GLN A 448 30.11 -18.72 -4.81
CA GLN A 448 31.39 -19.16 -5.35
C GLN A 448 31.72 -20.59 -4.96
N TYR A 449 31.04 -21.13 -3.95
CA TYR A 449 31.29 -22.50 -3.51
C TYR A 449 29.97 -23.24 -3.33
N THR B 8 -1.59 3.29 64.10
CA THR B 8 -2.92 3.02 64.62
C THR B 8 -3.86 4.21 64.39
N PHE B 9 -5.10 3.92 64.03
CA PHE B 9 -6.09 4.95 63.76
C PHE B 9 -7.41 4.56 64.41
N THR B 10 -8.22 5.57 64.71
CA THR B 10 -9.56 5.38 65.24
C THR B 10 -10.56 6.08 64.31
N LYS B 11 -11.84 5.99 64.66
CA LYS B 11 -12.88 6.59 63.84
C LYS B 11 -12.70 8.10 63.72
N GLU B 12 -12.37 8.76 64.83
CA GLU B 12 -12.17 10.21 64.80
C GLU B 12 -11.00 10.59 63.90
N ASP B 13 -9.92 9.80 63.92
CA ASP B 13 -8.80 10.05 63.03
C ASP B 13 -9.21 9.92 61.57
N ILE B 14 -10.01 8.91 61.25
CA ILE B 14 -10.47 8.74 59.86
C ILE B 14 -11.36 9.90 59.44
N ARG B 15 -12.27 10.34 60.31
CA ARG B 15 -13.12 11.48 59.98
C ARG B 15 -12.29 12.74 59.78
N LYS B 16 -11.30 12.97 60.64
CA LYS B 16 -10.43 14.14 60.48
C LYS B 16 -9.64 14.07 59.18
N PHE B 17 -9.12 12.89 58.84
CA PHE B 17 -8.38 12.75 57.58
C PHE B 17 -9.28 13.01 56.39
N ALA B 18 -10.51 12.49 56.42
CA ALA B 18 -11.45 12.74 55.33
C ALA B 18 -11.78 14.22 55.21
N GLU B 19 -11.96 14.90 56.33
CA GLU B 19 -12.30 16.32 56.31
C GLU B 19 -11.16 17.21 55.83
N GLU B 20 -9.95 17.01 56.35
CA GLU B 20 -8.83 17.87 56.00
C GLU B 20 -8.33 17.63 54.58
N GLU B 21 -8.27 16.37 54.16
CA GLU B 21 -7.71 16.02 52.86
C GLU B 21 -8.72 16.07 51.73
N ASN B 22 -9.99 16.35 52.03
CA ASN B 22 -11.05 16.42 51.03
C ASN B 22 -11.15 15.10 50.26
N VAL B 23 -11.26 14.00 51.00
CA VAL B 23 -11.46 12.70 50.38
C VAL B 23 -12.88 12.62 49.85
N ARG B 24 -13.02 12.27 48.56
CA ARG B 24 -14.32 12.17 47.92
C ARG B 24 -14.66 10.75 47.50
N TYR B 25 -13.73 9.81 47.63
CA TYR B 25 -13.94 8.45 47.15
C TYR B 25 -13.28 7.48 48.11
N LEU B 26 -13.95 6.37 48.41
CA LEU B 26 -13.43 5.34 49.30
C LEU B 26 -13.40 4.01 48.59
N ARG B 27 -12.31 3.28 48.76
CA ARG B 27 -12.14 1.94 48.22
C ARG B 27 -12.04 0.96 49.37
N LEU B 28 -13.04 0.11 49.53
CA LEU B 28 -13.01 -0.97 50.51
C LEU B 28 -12.34 -2.15 49.82
N GLN B 29 -11.10 -2.43 50.19
CA GLN B 29 -10.24 -3.36 49.46
C GLN B 29 -10.15 -4.69 50.20
N PHE B 30 -10.24 -5.78 49.45
CA PHE B 30 -10.07 -7.12 49.97
C PHE B 30 -9.46 -7.99 48.88
N THR B 31 -9.33 -9.28 49.14
CA THR B 31 -8.71 -10.20 48.21
C THR B 31 -9.48 -11.51 48.17
N ASP B 32 -9.37 -12.22 47.06
CA ASP B 32 -9.96 -13.53 46.88
C ASP B 32 -8.88 -14.60 47.01
N ILE B 33 -9.27 -15.86 46.81
CA ILE B 33 -8.34 -16.96 46.93
C ILE B 33 -7.30 -16.97 45.82
N LEU B 34 -7.53 -16.24 44.73
CA LEU B 34 -6.56 -16.16 43.64
C LEU B 34 -5.59 -15.00 43.78
N GLY B 35 -5.69 -14.22 44.86
CA GLY B 35 -4.82 -13.09 45.08
C GLY B 35 -5.21 -11.83 44.35
N THR B 36 -6.31 -11.85 43.59
CA THR B 36 -6.74 -10.66 42.88
C THR B 36 -7.23 -9.60 43.88
N ILE B 37 -6.86 -8.35 43.62
CA ILE B 37 -7.26 -7.24 44.48
C ILE B 37 -8.67 -6.83 44.09
N LYS B 38 -9.64 -7.11 44.96
CA LYS B 38 -11.01 -6.73 44.75
C LYS B 38 -11.33 -5.52 45.62
N ASN B 39 -12.35 -4.76 45.22
CA ASN B 39 -12.71 -3.58 45.99
C ASN B 39 -14.16 -3.22 45.73
N VAL B 40 -14.74 -2.54 46.71
CA VAL B 40 -16.06 -1.91 46.60
C VAL B 40 -15.86 -0.40 46.68
N GLU B 41 -16.38 0.32 45.69
CA GLU B 41 -16.24 1.76 45.65
C GLU B 41 -17.42 2.43 46.33
N VAL B 42 -17.15 3.49 47.06
CA VAL B 42 -18.18 4.16 47.84
C VAL B 42 -17.94 5.66 47.84
N PRO B 43 -18.98 6.49 47.83
CA PRO B 43 -18.79 7.92 48.03
C PRO B 43 -18.55 8.23 49.49
N VAL B 44 -17.82 9.33 49.74
CA VAL B 44 -17.42 9.67 51.10
C VAL B 44 -18.63 9.92 52.00
N SER B 45 -19.78 10.25 51.40
CA SER B 45 -21.00 10.43 52.19
C SER B 45 -21.46 9.14 52.87
N GLN B 46 -20.95 7.99 52.44
CA GLN B 46 -21.23 6.71 53.08
C GLN B 46 -20.23 6.38 54.17
N LEU B 47 -19.31 7.30 54.48
CA LEU B 47 -18.21 6.99 55.39
C LEU B 47 -18.70 6.42 56.71
N GLU B 48 -19.71 7.06 57.30
CA GLU B 48 -20.24 6.57 58.58
C GLU B 48 -20.70 5.13 58.46
N LYS B 49 -21.46 4.81 57.41
CA LYS B 49 -21.91 3.43 57.21
C LYS B 49 -20.73 2.50 57.02
N VAL B 50 -19.64 2.99 56.43
CA VAL B 50 -18.43 2.18 56.33
C VAL B 50 -17.86 1.90 57.71
N LEU B 51 -17.85 2.90 58.59
CA LEU B 51 -17.25 2.73 59.91
C LEU B 51 -18.12 1.91 60.85
N ASP B 52 -19.38 1.68 60.51
CA ASP B 52 -20.28 0.89 61.34
C ASP B 52 -20.29 -0.58 60.95
N ASN B 53 -19.41 -1.00 60.02
CA ASN B 53 -19.34 -2.38 59.54
C ASN B 53 -20.68 -2.83 58.97
N GLU B 54 -21.34 -1.93 58.23
CA GLU B 54 -22.67 -2.20 57.69
C GLU B 54 -22.67 -2.25 56.16
N MET B 55 -21.52 -2.11 55.52
CA MET B 55 -21.46 -2.20 54.06
C MET B 55 -21.59 -3.65 53.63
N MET B 56 -22.48 -3.90 52.67
CA MET B 56 -22.84 -5.24 52.24
C MET B 56 -22.43 -5.46 50.79
N PHE B 57 -22.06 -6.70 50.47
CA PHE B 57 -21.64 -7.05 49.13
C PHE B 57 -21.85 -8.54 48.92
N ASP B 58 -21.54 -9.00 47.71
CA ASP B 58 -21.83 -10.38 47.32
C ASP B 58 -21.09 -11.38 48.20
N GLY B 59 -19.77 -11.22 48.33
CA GLY B 59 -19.02 -12.13 49.16
C GLY B 59 -18.62 -13.42 48.46
N SER B 60 -19.44 -13.87 47.51
CA SER B 60 -19.07 -15.09 46.73
C SER B 60 -17.97 -14.75 45.72
N SER B 61 -17.71 -13.46 45.48
CA SER B 61 -16.58 -13.10 44.62
C SER B 61 -15.26 -13.59 45.19
N ILE B 62 -15.19 -13.82 46.50
CA ILE B 62 -13.98 -14.39 47.11
C ILE B 62 -13.66 -15.75 46.49
N GLU B 63 -14.68 -16.48 46.03
CA GLU B 63 -14.46 -17.77 45.42
C GLU B 63 -13.79 -17.68 44.06
N GLY B 64 -13.69 -16.48 43.48
CA GLY B 64 -13.05 -16.37 42.18
C GLY B 64 -14.00 -16.75 41.07
N PHE B 65 -13.54 -17.59 40.15
CA PHE B 65 -14.33 -17.99 39.00
C PHE B 65 -15.12 -19.27 39.22
N VAL B 66 -15.11 -19.83 40.42
CA VAL B 66 -15.89 -21.01 40.73
C VAL B 66 -17.10 -20.67 41.61
N ARG B 67 -17.43 -19.39 41.71
CA ARG B 67 -18.62 -18.99 42.45
C ARG B 67 -19.88 -19.45 41.72
N ILE B 68 -20.90 -19.80 42.49
CA ILE B 68 -22.14 -20.32 41.92
C ILE B 68 -23.30 -19.42 42.28
N GLU B 69 -23.58 -19.26 43.56
CA GLU B 69 -24.73 -18.52 44.04
C GLU B 69 -24.29 -17.23 44.71
N GLU B 70 -25.07 -16.17 44.48
CA GLU B 70 -24.80 -14.89 45.12
C GLU B 70 -25.12 -14.97 46.60
N SER B 71 -24.17 -14.53 47.43
CA SER B 71 -24.33 -14.52 48.88
C SER B 71 -24.44 -13.08 49.36
N ASP B 72 -24.53 -12.92 50.68
CA ASP B 72 -24.62 -11.61 51.31
C ASP B 72 -23.64 -11.57 52.46
N MET B 73 -22.66 -10.67 52.39
CA MET B 73 -21.65 -10.58 53.43
C MET B 73 -21.33 -9.11 53.72
N TYR B 74 -20.80 -8.88 54.92
CA TYR B 74 -20.49 -7.54 55.40
C TYR B 74 -18.98 -7.30 55.34
N LEU B 75 -18.62 -6.03 55.17
CA LEU B 75 -17.22 -5.61 55.16
C LEU B 75 -16.91 -4.89 56.46
N HIS B 76 -15.91 -5.38 57.20
CA HIS B 76 -15.44 -4.75 58.41
C HIS B 76 -14.07 -4.14 58.13
N PRO B 77 -13.94 -2.82 58.01
CA PRO B 77 -12.64 -2.24 57.69
C PRO B 77 -11.67 -2.32 58.86
N ASP B 78 -10.38 -2.37 58.53
CA ASP B 78 -9.30 -2.29 59.51
C ASP B 78 -8.74 -0.88 59.43
N LEU B 79 -8.92 -0.11 60.50
CA LEU B 79 -8.59 1.31 60.47
C LEU B 79 -7.09 1.56 60.38
N ASP B 80 -6.26 0.60 60.76
CA ASP B 80 -4.82 0.77 60.69
C ASP B 80 -4.28 0.75 59.27
N THR B 81 -5.08 0.27 58.30
CA THR B 81 -4.67 0.18 56.91
C THR B 81 -5.03 1.43 56.12
N TRP B 82 -5.54 2.47 56.78
CA TRP B 82 -5.95 3.68 56.08
C TRP B 82 -4.75 4.33 55.39
N VAL B 83 -4.95 4.71 54.13
CA VAL B 83 -3.93 5.43 53.36
C VAL B 83 -4.63 6.14 52.22
N ILE B 84 -4.10 7.29 51.83
CA ILE B 84 -4.68 8.12 50.78
C ILE B 84 -3.76 8.09 49.58
N PHE B 85 -4.33 7.76 48.42
CA PHE B 85 -3.55 7.68 47.19
C PHE B 85 -3.20 9.09 46.70
N PRO B 86 -2.02 9.26 46.10
CA PRO B 86 -1.60 10.60 45.66
C PRO B 86 -2.14 10.97 44.29
N TRP B 87 -3.10 10.20 43.78
CA TRP B 87 -3.70 10.47 42.47
C TRP B 87 -5.15 10.91 42.61
N GLY B 92 -10.87 15.94 43.77
CA GLY B 92 -10.76 15.33 45.08
C GLY B 92 -9.70 14.24 45.14
N LYS B 93 -9.69 13.49 46.24
CA LYS B 93 -8.72 12.44 46.46
C LYS B 93 -9.44 11.11 46.69
N VAL B 94 -8.68 10.03 46.58
CA VAL B 94 -9.18 8.67 46.78
C VAL B 94 -8.43 8.05 47.94
N ALA B 95 -9.17 7.48 48.88
CA ALA B 95 -8.59 6.77 50.02
C ALA B 95 -9.04 5.32 49.98
N ARG B 96 -8.31 4.47 50.71
CA ARG B 96 -8.62 3.04 50.73
C ARG B 96 -8.63 2.55 52.16
N LEU B 97 -9.37 1.47 52.38
CA LEU B 97 -9.37 0.74 53.64
C LEU B 97 -9.44 -0.75 53.32
N ILE B 98 -8.58 -1.53 53.93
CA ILE B 98 -8.57 -2.98 53.76
C ILE B 98 -9.57 -3.58 54.74
N CYS B 99 -10.50 -4.38 54.23
CA CYS B 99 -11.61 -4.87 55.04
C CYS B 99 -11.59 -6.39 55.11
N ASP B 100 -12.01 -6.91 56.25
CA ASP B 100 -12.27 -8.33 56.40
C ASP B 100 -13.72 -8.63 56.07
N VAL B 101 -13.98 -9.86 55.64
CA VAL B 101 -15.30 -10.28 55.21
C VAL B 101 -15.96 -11.05 56.34
N TYR B 102 -17.17 -10.64 56.71
CA TYR B 102 -17.93 -11.27 57.79
C TYR B 102 -19.24 -11.81 57.23
N LYS B 103 -19.68 -12.94 57.78
CA LYS B 103 -20.96 -13.50 57.39
C LYS B 103 -22.10 -12.73 58.07
N THR B 104 -23.34 -13.10 57.72
CA THR B 104 -24.49 -12.44 58.30
C THR B 104 -24.70 -12.76 59.77
N ASP B 105 -23.97 -13.75 60.30
CA ASP B 105 -24.09 -14.15 61.70
C ASP B 105 -23.03 -13.49 62.59
N GLY B 106 -22.29 -12.52 62.05
CA GLY B 106 -21.30 -11.81 62.82
C GLY B 106 -19.96 -12.48 62.94
N THR B 107 -19.77 -13.64 62.32
CA THR B 107 -18.48 -14.32 62.39
C THR B 107 -17.71 -14.15 61.09
N PRO B 108 -16.38 -14.12 61.15
CA PRO B 108 -15.58 -13.94 59.93
C PRO B 108 -15.79 -15.10 58.95
N PHE B 109 -15.80 -14.76 57.66
CA PHE B 109 -15.97 -15.77 56.63
C PHE B 109 -14.75 -16.68 56.58
N GLU B 110 -15.00 -17.99 56.57
CA GLU B 110 -13.89 -18.95 56.58
C GLU B 110 -13.16 -19.02 55.25
N GLY B 111 -13.72 -18.48 54.18
CA GLY B 111 -13.08 -18.45 52.88
C GLY B 111 -12.23 -17.24 52.62
N ASP B 112 -12.06 -16.34 53.59
CA ASP B 112 -11.26 -15.14 53.40
C ASP B 112 -9.81 -15.43 53.75
N PRO B 113 -8.86 -15.26 52.82
CA PRO B 113 -7.46 -15.59 53.12
C PRO B 113 -6.87 -14.78 54.27
N ARG B 114 -7.27 -13.51 54.40
CA ARG B 114 -6.73 -12.68 55.48
C ARG B 114 -7.17 -13.21 56.85
N ALA B 115 -8.43 -13.58 56.98
CA ALA B 115 -8.91 -14.17 58.23
C ALA B 115 -8.23 -15.50 58.50
N ASN B 116 -7.96 -16.29 57.46
CA ASN B 116 -7.25 -17.55 57.64
C ASN B 116 -5.84 -17.31 58.17
N LEU B 117 -5.14 -16.32 57.60
CA LEU B 117 -3.80 -16.00 58.09
C LEU B 117 -3.85 -15.51 59.53
N LYS B 118 -4.85 -14.71 59.87
CA LYS B 118 -5.00 -14.24 61.25
C LYS B 118 -5.23 -15.41 62.20
N ARG B 119 -6.06 -16.38 61.79
CA ARG B 119 -6.29 -17.57 62.61
C ARG B 119 -5.02 -18.37 62.79
N VAL B 120 -4.24 -18.53 61.71
CA VAL B 120 -2.99 -19.27 61.81
C VAL B 120 -2.02 -18.56 62.75
N LEU B 121 -1.93 -17.24 62.67
CA LEU B 121 -1.09 -16.49 63.59
C LEU B 121 -1.57 -16.63 65.03
N LYS B 122 -2.88 -16.60 65.24
CA LYS B 122 -3.43 -16.75 66.59
C LYS B 122 -3.08 -18.11 67.18
N GLU B 123 -3.20 -19.18 66.39
CA GLU B 123 -2.82 -20.50 66.88
C GLU B 123 -1.31 -20.66 67.00
N MET B 124 -0.53 -19.89 66.25
CA MET B 124 0.92 -19.87 66.46
C MET B 124 1.25 -19.24 67.80
N GLU B 125 0.51 -18.20 68.18
CA GLU B 125 0.76 -17.51 69.45
C GLU B 125 0.63 -18.42 70.67
N ASP B 126 -0.07 -19.55 70.54
CA ASP B 126 -0.17 -20.50 71.64
C ASP B 126 1.11 -21.30 71.85
N LEU B 127 2.05 -21.25 70.91
CA LEU B 127 3.31 -21.95 71.03
C LEU B 127 4.39 -21.10 71.70
N GLY B 128 4.05 -19.89 72.13
CA GLY B 128 5.00 -19.01 72.78
C GLY B 128 5.54 -17.90 71.90
N PHE B 129 5.42 -18.02 70.59
CA PHE B 129 5.90 -17.00 69.68
C PHE B 129 4.88 -15.88 69.55
N THR B 130 5.38 -14.65 69.41
CA THR B 130 4.53 -13.48 69.36
C THR B 130 4.41 -12.86 67.97
N ASP B 131 5.49 -12.87 67.18
CA ASP B 131 5.47 -12.20 65.88
C ASP B 131 6.10 -13.10 64.83
N PHE B 132 5.61 -12.94 63.60
CA PHE B 132 6.14 -13.63 62.43
C PHE B 132 6.39 -12.55 61.38
N ASN B 133 7.65 -12.11 61.25
CA ASN B 133 7.99 -11.01 60.37
C ASN B 133 8.37 -11.51 59.00
N LEU B 134 7.89 -10.80 57.98
CA LEU B 134 8.11 -11.17 56.58
C LEU B 134 8.67 -9.99 55.81
N GLY B 135 9.73 -10.25 55.04
CA GLY B 135 10.23 -9.32 54.06
C GLY B 135 10.23 -9.96 52.69
N PRO B 136 9.41 -9.45 51.79
CA PRO B 136 9.32 -10.03 50.44
C PRO B 136 10.30 -9.36 49.48
N GLU B 137 10.60 -10.08 48.40
CA GLU B 137 11.45 -9.58 47.32
C GLU B 137 10.71 -9.76 46.00
N PRO B 138 9.68 -8.96 45.75
CA PRO B 138 8.88 -9.13 44.52
C PRO B 138 9.62 -8.57 43.30
N GLU B 139 9.68 -9.36 42.24
CA GLU B 139 10.25 -8.95 40.97
C GLU B 139 9.15 -8.89 39.92
N PHE B 140 9.25 -7.91 39.02
CA PHE B 140 8.23 -7.71 38.01
C PHE B 140 8.89 -7.33 36.70
N PHE B 141 8.11 -7.41 35.62
CA PHE B 141 8.56 -7.04 34.29
C PHE B 141 7.79 -5.83 33.79
N LEU B 142 8.48 -4.98 33.02
CA LEU B 142 7.88 -3.82 32.39
C LEU B 142 7.95 -4.00 30.87
N PHE B 143 6.80 -3.99 30.21
CA PHE B 143 6.71 -4.12 28.77
C PHE B 143 6.18 -2.84 28.16
N LYS B 144 6.51 -2.63 26.89
CA LYS B 144 6.05 -1.47 26.16
C LYS B 144 4.63 -1.68 25.63
N LEU B 145 3.86 -0.60 25.59
CA LEU B 145 2.52 -0.61 25.02
C LEU B 145 2.57 -0.17 23.57
N ASP B 146 1.61 -0.66 22.79
CA ASP B 146 1.53 -0.29 21.37
C ASP B 146 0.59 0.91 21.21
N GLU B 147 0.28 1.25 19.96
CA GLU B 147 -0.59 2.40 19.70
C GLU B 147 -2.00 2.17 20.24
N LYS B 148 -2.51 0.95 20.11
CA LYS B 148 -3.84 0.61 20.61
C LYS B 148 -3.89 0.51 22.13
N GLY B 149 -2.75 0.54 22.81
CA GLY B 149 -2.71 0.44 24.25
C GLY B 149 -2.56 -0.95 24.80
N GLU B 150 -2.35 -1.95 23.95
CA GLU B 150 -2.16 -3.31 24.43
C GLU B 150 -0.68 -3.55 24.74
N PRO B 151 -0.38 -4.44 25.69
CA PRO B 151 1.02 -4.75 25.98
C PRO B 151 1.66 -5.53 24.85
N THR B 152 2.90 -5.18 24.54
CA THR B 152 3.71 -5.89 23.56
C THR B 152 4.72 -6.75 24.29
N LEU B 153 5.64 -7.38 23.54
CA LEU B 153 6.67 -8.23 24.11
C LEU B 153 8.03 -7.53 24.15
N GLU B 154 8.08 -6.23 23.86
CA GLU B 154 9.33 -5.47 23.95
C GLU B 154 9.49 -4.91 25.35
N LEU B 155 10.70 -5.04 25.89
CA LEU B 155 10.98 -4.59 27.25
C LEU B 155 11.22 -3.08 27.28
N ASN B 156 11.10 -2.51 28.48
CA ASN B 156 11.27 -1.08 28.65
C ASN B 156 12.73 -0.65 28.57
N ASP B 157 13.67 -1.54 28.88
CA ASP B 157 15.08 -1.21 28.82
C ASP B 157 15.84 -2.46 28.39
N ASP B 158 17.18 -2.40 28.49
CA ASP B 158 18.03 -3.51 28.08
C ASP B 158 19.14 -3.76 29.09
N GLY B 159 18.91 -3.41 30.35
CA GLY B 159 19.93 -3.55 31.38
C GLY B 159 20.04 -4.96 31.91
N GLY B 160 21.03 -5.14 32.78
CA GLY B 160 21.28 -6.43 33.40
C GLY B 160 21.22 -6.39 34.92
N TYR B 161 21.89 -7.34 35.56
CA TYR B 161 21.85 -7.44 37.02
C TYR B 161 22.49 -6.22 37.66
N PHE B 162 21.71 -5.49 38.45
CA PHE B 162 22.17 -4.31 39.19
C PHE B 162 22.66 -3.21 38.26
N ASP B 163 22.21 -3.23 37.01
CA ASP B 163 22.61 -2.20 36.05
C ASP B 163 21.91 -0.88 36.36
N LEU B 164 22.52 0.20 35.89
CA LEU B 164 21.91 1.52 35.93
C LEU B 164 21.30 1.85 34.57
N ALA B 165 20.34 1.00 34.17
CA ALA B 165 19.80 1.06 32.80
C ALA B 165 18.86 2.25 32.60
N PRO B 166 17.75 2.38 33.36
CA PRO B 166 16.90 3.56 33.16
C PRO B 166 17.48 4.75 33.91
N THR B 167 18.44 5.44 33.28
CA THR B 167 19.41 6.22 34.03
C THR B 167 18.78 7.32 34.87
N ASP B 168 18.32 8.40 34.25
CA ASP B 168 17.61 9.43 35.01
C ASP B 168 16.51 10.11 34.23
N LEU B 169 16.50 9.95 32.91
CA LEU B 169 15.80 10.87 32.02
C LEU B 169 14.83 10.14 31.11
N GLY B 170 13.55 10.26 31.39
CA GLY B 170 12.49 10.02 30.43
C GLY B 170 11.38 9.09 30.86
N GLU B 171 11.70 7.95 31.48
CA GLU B 171 10.67 7.17 32.16
C GLU B 171 11.02 6.90 33.62
N ASN B 172 12.14 6.25 33.90
CA ASN B 172 12.57 5.84 35.23
C ASN B 172 11.39 5.41 36.10
N CYS B 173 10.65 4.41 35.59
CA CYS B 173 9.43 3.98 36.27
C CYS B 173 9.73 3.42 37.65
N ARG B 174 10.85 2.71 37.81
CA ARG B 174 11.19 2.14 39.11
C ARG B 174 11.42 3.23 40.15
N ARG B 175 12.12 4.30 39.77
CA ARG B 175 12.36 5.40 40.70
C ARG B 175 11.05 6.07 41.11
N ASP B 176 10.15 6.29 40.15
CA ASP B 176 8.87 6.89 40.47
C ASP B 176 8.04 6.00 41.39
N ILE B 177 8.08 4.68 41.14
CA ILE B 177 7.36 3.75 42.02
C ILE B 177 7.92 3.82 43.43
N VAL B 178 9.24 3.83 43.57
CA VAL B 178 9.85 3.88 44.90
C VAL B 178 9.48 5.18 45.61
N LEU B 179 9.54 6.31 44.90
CA LEU B 179 9.24 7.59 45.52
C LEU B 179 7.77 7.68 45.91
N GLU B 180 6.87 7.18 45.06
CA GLU B 180 5.45 7.22 45.39
C GLU B 180 5.13 6.32 46.57
N LEU B 181 5.77 5.15 46.64
CA LEU B 181 5.59 4.28 47.80
C LEU B 181 6.09 4.95 49.07
N GLU B 182 7.24 5.63 48.99
CA GLU B 182 7.75 6.35 50.14
C GLU B 182 6.81 7.46 50.58
N ASP B 183 6.21 8.16 49.62
CA ASP B 183 5.25 9.21 49.95
C ASP B 183 4.01 8.64 50.64
N MET B 184 3.56 7.45 50.23
CA MET B 184 2.39 6.81 50.83
C MET B 184 2.65 6.28 52.23
N GLY B 185 3.89 6.24 52.67
CA GLY B 185 4.23 5.74 53.99
C GLY B 185 4.80 4.34 54.03
N PHE B 186 5.43 3.88 52.96
CA PHE B 186 6.03 2.56 52.94
C PHE B 186 7.48 2.63 53.43
N ASP B 187 8.04 1.45 53.71
CA ASP B 187 9.41 1.31 54.18
C ASP B 187 10.18 0.52 53.13
N ILE B 188 10.87 1.24 52.24
CA ILE B 188 11.64 0.62 51.17
C ILE B 188 13.08 0.46 51.63
N GLU B 189 13.62 -0.74 51.46
CA GLU B 189 15.02 -1.00 51.80
C GLU B 189 15.95 -0.61 50.66
N ALA B 190 15.76 -1.18 49.48
CA ALA B 190 16.57 -0.87 48.31
C ALA B 190 15.86 -1.40 47.07
N SER B 191 16.28 -0.90 45.91
CA SER B 191 15.77 -1.35 44.64
C SER B 191 16.91 -1.45 43.64
N HIS B 192 16.77 -2.34 42.66
CA HIS B 192 17.81 -2.55 41.67
C HIS B 192 17.22 -3.18 40.43
N HIS B 193 17.95 -3.07 39.33
CA HIS B 193 17.58 -3.76 38.10
C HIS B 193 17.88 -5.25 38.24
N GLU B 194 16.99 -6.08 37.71
CA GLU B 194 17.10 -7.52 37.84
C GLU B 194 17.92 -8.09 36.68
N VAL B 195 18.10 -9.41 36.69
CA VAL B 195 18.99 -10.06 35.72
C VAL B 195 18.45 -9.89 34.30
N ALA B 196 17.18 -10.22 34.10
CA ALA B 196 16.62 -10.15 32.76
C ALA B 196 16.38 -8.70 32.35
N PRO B 197 16.47 -8.41 31.05
CA PRO B 197 16.14 -7.06 30.58
C PRO B 197 14.70 -6.71 30.90
N GLY B 198 14.47 -5.48 31.31
CA GLY B 198 13.14 -5.02 31.66
C GLY B 198 12.59 -5.59 32.95
N GLN B 199 13.41 -6.25 33.75
CA GLN B 199 12.98 -6.83 35.01
C GLN B 199 13.51 -6.00 36.17
N HIS B 200 12.65 -5.76 37.16
CA HIS B 200 12.96 -4.87 38.27
C HIS B 200 12.55 -5.51 39.58
N GLU B 201 13.22 -5.10 40.64
CA GLU B 201 12.95 -5.59 41.99
C GLU B 201 12.98 -4.43 42.97
N ILE B 202 12.00 -4.40 43.87
CA ILE B 202 11.95 -3.43 44.95
C ILE B 202 11.78 -4.21 46.25
N ASP B 203 12.62 -3.92 47.24
CA ASP B 203 12.65 -4.66 48.49
C ASP B 203 12.05 -3.83 49.62
N PHE B 204 11.28 -4.49 50.47
CA PHE B 204 10.67 -3.84 51.63
C PHE B 204 11.41 -4.23 52.90
N LYS B 205 11.37 -3.32 53.87
CA LYS B 205 11.82 -3.67 55.22
C LYS B 205 10.81 -4.61 55.85
N TYR B 206 11.30 -5.43 56.78
CA TYR B 206 10.46 -6.47 57.37
C TYR B 206 9.30 -5.86 58.15
N ALA B 207 8.18 -6.58 58.16
CA ALA B 207 6.99 -6.16 58.88
C ALA B 207 6.24 -7.41 59.31
N ASP B 208 5.25 -7.22 60.18
CA ASP B 208 4.45 -8.36 60.64
C ASP B 208 3.67 -8.96 59.47
N ALA B 209 3.22 -10.20 59.67
CA ALA B 209 2.72 -11.01 58.56
C ALA B 209 1.56 -10.34 57.83
N VAL B 210 0.53 -9.93 58.57
CA VAL B 210 -0.64 -9.33 57.94
C VAL B 210 -0.27 -8.03 57.26
N THR B 211 0.52 -7.19 57.93
CA THR B 211 0.95 -5.94 57.33
C THR B 211 1.82 -6.19 56.10
N ALA B 212 2.67 -7.22 56.15
CA ALA B 212 3.51 -7.53 55.00
C ALA B 212 2.67 -7.95 53.79
N CYS B 213 1.65 -8.79 54.00
CA CYS B 213 0.80 -9.20 52.88
C CYS B 213 -0.01 -8.03 52.34
N ASP B 214 -0.53 -7.18 53.23
CA ASP B 214 -1.22 -5.99 52.79
C ASP B 214 -0.30 -5.08 51.98
N ASN B 215 0.95 -4.94 52.41
CA ASN B 215 1.92 -4.14 51.68
C ASN B 215 2.21 -4.75 50.32
N ILE B 216 2.26 -6.07 50.23
CA ILE B 216 2.48 -6.72 48.94
C ILE B 216 1.33 -6.41 47.99
N GLN B 217 0.09 -6.51 48.48
CA GLN B 217 -1.07 -6.21 47.62
C GLN B 217 -1.05 -4.75 47.17
N THR B 218 -0.80 -3.84 48.11
CA THR B 218 -0.75 -2.42 47.77
C THR B 218 0.39 -2.12 46.81
N PHE B 219 1.53 -2.79 46.98
CA PHE B 219 2.65 -2.61 46.06
C PHE B 219 2.31 -3.06 44.66
N LYS B 220 1.63 -4.20 44.53
CA LYS B 220 1.21 -4.64 43.20
C LYS B 220 0.28 -3.62 42.56
N LEU B 221 -0.70 -3.12 43.33
CA LEU B 221 -1.62 -2.12 42.80
C LEU B 221 -0.89 -0.86 42.36
N VAL B 222 0.02 -0.37 43.20
CA VAL B 222 0.73 0.87 42.92
C VAL B 222 1.64 0.71 41.71
N VAL B 223 2.33 -0.42 41.60
CA VAL B 223 3.20 -0.67 40.45
C VAL B 223 2.38 -0.71 39.18
N LYS B 224 1.26 -1.42 39.19
CA LYS B 224 0.43 -1.49 37.99
C LYS B 224 -0.13 -0.14 37.60
N THR B 225 -0.47 0.70 38.58
CA THR B 225 -0.95 2.05 38.26
C THR B 225 0.15 2.91 37.66
N ILE B 226 1.32 2.95 38.32
CA ILE B 226 2.38 3.85 37.88
C ILE B 226 2.95 3.42 36.53
N ALA B 227 3.04 2.11 36.27
CA ALA B 227 3.49 1.66 34.97
C ALA B 227 2.56 2.13 33.87
N ARG B 228 1.25 2.08 34.13
CA ARG B 228 0.29 2.62 33.16
C ARG B 228 0.46 4.13 33.00
N LYS B 229 0.82 4.83 34.08
CA LYS B 229 1.08 6.26 33.97
C LYS B 229 2.23 6.55 33.00
N HIS B 230 3.23 5.67 32.93
CA HIS B 230 4.39 5.87 32.10
C HIS B 230 4.28 5.17 30.74
N ASN B 231 3.06 4.88 30.29
CA ASN B 231 2.83 4.20 29.02
C ASN B 231 3.54 2.85 28.97
N LEU B 232 3.54 2.14 30.10
CA LEU B 232 4.12 0.81 30.20
C LEU B 232 3.10 -0.15 30.80
N HIS B 233 3.44 -1.43 30.75
CA HIS B 233 2.61 -2.48 31.35
C HIS B 233 3.46 -3.27 32.31
N ALA B 234 3.05 -3.30 33.57
CA ALA B 234 3.76 -4.07 34.60
C ALA B 234 3.09 -5.41 34.78
N THR B 235 3.88 -6.48 34.75
CA THR B 235 3.37 -7.82 34.93
C THR B 235 4.18 -8.55 36.00
N PHE B 236 3.45 -9.26 36.86
CA PHE B 236 4.05 -10.17 37.83
C PHE B 236 3.97 -11.62 37.38
N MET B 237 3.91 -11.84 36.08
CA MET B 237 3.87 -13.19 35.54
C MET B 237 5.17 -13.92 35.91
N PRO B 238 5.08 -15.15 36.41
CA PRO B 238 6.31 -15.85 36.84
C PRO B 238 7.33 -16.03 35.72
N LYS B 239 6.88 -16.32 34.49
CA LYS B 239 7.78 -16.56 33.37
C LYS B 239 7.12 -16.02 32.10
N PRO B 240 7.16 -14.69 31.89
CA PRO B 240 6.54 -14.13 30.68
C PRO B 240 7.32 -14.44 29.41
N LEU B 241 8.64 -14.63 29.50
CA LEU B 241 9.47 -14.84 28.33
C LEU B 241 10.31 -16.09 28.50
N PHE B 242 10.39 -16.89 27.44
CA PHE B 242 11.23 -18.07 27.44
C PHE B 242 12.68 -17.69 27.22
N GLY B 243 13.58 -18.40 27.90
CA GLY B 243 15.00 -18.20 27.73
C GLY B 243 15.64 -17.13 28.59
N VAL B 244 14.85 -16.41 29.38
CA VAL B 244 15.38 -15.40 30.29
C VAL B 244 14.90 -15.74 31.70
N ASN B 245 15.44 -14.99 32.67
CA ASN B 245 15.08 -15.22 34.06
C ASN B 245 13.61 -14.93 34.31
N GLY B 246 13.01 -15.72 35.20
CA GLY B 246 11.67 -15.47 35.66
C GLY B 246 11.65 -14.52 36.85
N SER B 247 10.44 -14.24 37.33
CA SER B 247 10.24 -13.35 38.46
C SER B 247 9.88 -14.17 39.69
N GLY B 248 10.58 -13.91 40.79
CA GLY B 248 10.30 -14.55 42.06
C GLY B 248 9.86 -13.55 43.11
N MET B 249 9.36 -14.10 44.22
CA MET B 249 8.90 -13.33 45.36
C MET B 249 9.45 -13.93 46.65
N HIS B 250 10.77 -14.11 46.70
CA HIS B 250 11.44 -14.70 47.86
C HIS B 250 10.92 -14.09 49.16
N PHE B 251 10.65 -14.97 50.12
CA PHE B 251 10.08 -14.60 51.43
C PHE B 251 11.16 -14.79 52.49
N ASN B 252 11.61 -13.70 53.10
CA ASN B 252 12.50 -13.77 54.25
C ASN B 252 11.64 -13.71 55.52
N VAL B 253 11.58 -14.80 56.25
CA VAL B 253 10.70 -14.90 57.41
C VAL B 253 11.55 -15.04 58.67
N SER B 254 11.01 -14.52 59.77
CA SER B 254 11.68 -14.61 61.07
C SER B 254 10.65 -14.72 62.17
N LEU B 255 10.94 -15.57 63.15
CA LEU B 255 10.06 -15.77 64.29
C LEU B 255 10.56 -14.96 65.48
N PHE B 256 9.62 -14.43 66.26
CA PHE B 256 9.94 -13.62 67.43
C PHE B 256 9.05 -14.02 68.58
N LYS B 257 9.63 -14.28 69.75
CA LYS B 257 8.86 -14.43 70.97
C LYS B 257 9.35 -13.39 71.97
N GLY B 258 8.91 -12.16 71.78
CA GLY B 258 9.08 -11.09 72.74
C GLY B 258 10.39 -10.36 72.54
N LYS B 259 10.37 -9.23 71.83
CA LYS B 259 11.53 -8.37 71.64
C LYS B 259 12.82 -9.15 71.39
N GLU B 260 12.75 -10.29 70.69
CA GLU B 260 13.90 -11.17 70.57
C GLU B 260 13.68 -12.15 69.43
N ASN B 261 14.66 -12.26 68.55
CA ASN B 261 14.58 -13.19 67.43
C ASN B 261 14.81 -14.61 67.93
N ALA B 262 13.84 -15.49 67.68
CA ALA B 262 13.95 -16.88 68.10
C ALA B 262 14.90 -17.70 67.24
N PHE B 263 15.35 -17.17 66.10
CA PHE B 263 16.28 -17.87 65.23
C PHE B 263 17.74 -17.57 65.54
N PHE B 264 18.01 -16.63 66.44
CA PHE B 264 19.36 -16.16 66.69
C PHE B 264 19.97 -16.90 67.88
N ASP B 265 21.17 -17.44 67.68
CA ASP B 265 21.95 -18.09 68.74
C ASP B 265 23.20 -17.27 68.98
N PRO B 266 23.27 -16.50 70.07
CA PRO B 266 24.43 -15.62 70.29
C PRO B 266 25.70 -16.33 70.70
N ASN B 267 25.64 -17.64 70.97
CA ASN B 267 26.82 -18.38 71.42
C ASN B 267 27.46 -19.20 70.31
N THR B 268 26.66 -19.93 69.54
CA THR B 268 27.18 -20.72 68.44
C THR B 268 27.74 -19.81 67.35
N GLU B 269 28.89 -20.21 66.79
CA GLU B 269 29.52 -19.39 65.77
C GLU B 269 28.70 -19.35 64.48
N MET B 270 27.86 -20.37 64.25
CA MET B 270 26.94 -20.31 63.13
C MET B 270 25.82 -19.30 63.40
N GLY B 271 25.43 -19.15 64.66
CA GLY B 271 24.43 -18.18 65.03
C GLY B 271 23.00 -18.59 64.74
N LEU B 272 22.73 -19.89 64.67
CA LEU B 272 21.38 -20.39 64.40
C LEU B 272 20.90 -21.23 65.57
N THR B 273 19.72 -20.91 66.07
CA THR B 273 19.09 -21.65 67.16
C THR B 273 18.54 -22.97 66.62
N GLU B 274 18.42 -23.95 67.52
CA GLU B 274 17.77 -25.21 67.16
C GLU B 274 16.36 -24.98 66.66
N THR B 275 15.69 -23.93 67.14
CA THR B 275 14.37 -23.59 66.63
C THR B 275 14.42 -23.27 65.14
N ALA B 276 15.44 -22.53 64.70
CA ALA B 276 15.59 -22.24 63.28
C ALA B 276 15.81 -23.51 62.47
N TYR B 277 16.62 -24.43 62.99
CA TYR B 277 16.84 -25.69 62.28
C TYR B 277 15.56 -26.51 62.18
N GLN B 278 14.78 -26.55 63.26
CA GLN B 278 13.50 -27.25 63.21
C GLN B 278 12.55 -26.59 62.21
N PHE B 279 12.55 -25.26 62.17
CA PHE B 279 11.68 -24.54 61.24
C PHE B 279 12.04 -24.86 59.79
N THR B 280 13.34 -24.80 59.46
CA THR B 280 13.73 -25.09 58.08
C THR B 280 13.52 -26.55 57.74
N ALA B 281 13.71 -27.46 58.72
CA ALA B 281 13.40 -28.86 58.48
C ALA B 281 11.93 -29.07 58.17
N GLY B 282 11.05 -28.39 58.91
CA GLY B 282 9.63 -28.49 58.63
C GLY B 282 9.24 -27.90 57.29
N VAL B 283 9.87 -26.80 56.90
CA VAL B 283 9.59 -26.22 55.59
C VAL B 283 10.05 -27.15 54.49
N LEU B 284 11.24 -27.76 54.65
CA LEU B 284 11.73 -28.69 53.65
C LEU B 284 10.86 -29.94 53.57
N LYS B 285 10.34 -30.40 54.72
CA LYS B 285 9.54 -31.62 54.73
C LYS B 285 8.27 -31.47 53.92
N ASN B 286 7.60 -30.32 54.04
CA ASN B 286 6.31 -30.10 53.40
C ASN B 286 6.42 -29.21 52.17
N ALA B 287 7.60 -29.10 51.57
CA ALA B 287 7.78 -28.23 50.42
C ALA B 287 6.90 -28.65 49.25
N ARG B 288 6.82 -29.97 48.99
CA ARG B 288 5.95 -30.45 47.93
C ARG B 288 4.48 -30.20 48.25
N GLY B 289 4.13 -30.13 49.54
CA GLY B 289 2.74 -29.93 49.91
C GLY B 289 2.21 -28.57 49.51
N PHE B 290 2.98 -27.50 49.76
CA PHE B 290 2.52 -26.14 49.51
C PHE B 290 3.05 -25.55 48.21
N THR B 291 3.65 -26.37 47.34
CA THR B 291 4.16 -25.86 46.08
C THR B 291 3.03 -25.30 45.22
N ALA B 292 1.88 -25.97 45.21
CA ALA B 292 0.75 -25.48 44.43
C ALA B 292 0.27 -24.11 44.90
N VAL B 293 0.24 -23.89 46.21
CA VAL B 293 -0.20 -22.59 46.72
C VAL B 293 0.83 -21.51 46.41
N CYS B 294 2.12 -21.80 46.61
CA CYS B 294 3.16 -20.83 46.33
C CYS B 294 3.40 -20.63 44.84
N ASN B 295 3.02 -21.59 44.01
CA ASN B 295 3.15 -21.51 42.55
C ASN B 295 1.80 -21.89 41.95
N PRO B 296 0.82 -20.98 41.98
CA PRO B 296 -0.55 -21.34 41.63
C PRO B 296 -0.88 -21.32 40.13
N LEU B 297 -0.03 -20.76 39.29
CA LEU B 297 -0.32 -20.67 37.87
C LEU B 297 0.32 -21.83 37.11
N VAL B 298 -0.23 -22.09 35.91
CA VAL B 298 0.41 -23.04 35.00
C VAL B 298 1.77 -22.51 34.59
N ASN B 299 1.87 -21.21 34.30
CA ASN B 299 3.13 -20.59 33.91
C ASN B 299 4.17 -20.65 35.00
N SER B 300 3.76 -20.76 36.27
CA SER B 300 4.71 -20.76 37.37
C SER B 300 5.75 -21.85 37.22
N TYR B 301 5.33 -23.03 36.78
CA TYR B 301 6.22 -24.16 36.65
C TYR B 301 7.09 -24.07 35.39
N LYS B 302 6.86 -23.09 34.54
CA LYS B 302 7.83 -22.74 33.52
C LYS B 302 8.99 -21.93 34.08
N ARG B 303 8.81 -21.31 35.25
CA ARG B 303 9.93 -20.68 35.94
C ARG B 303 10.78 -21.71 36.68
N LEU B 304 10.16 -22.76 37.21
CA LEU B 304 10.86 -23.79 37.96
C LEU B 304 11.60 -24.75 37.01
N VAL B 305 12.54 -24.18 36.27
CA VAL B 305 13.40 -24.93 35.37
C VAL B 305 14.85 -24.58 35.70
N PRO B 306 15.80 -25.50 35.53
CA PRO B 306 17.17 -25.22 35.93
C PRO B 306 17.84 -24.15 35.08
N GLY B 307 18.77 -23.44 35.68
CA GLY B 307 19.60 -22.46 34.99
C GLY B 307 19.21 -21.02 35.18
N TYR B 308 18.11 -20.73 35.88
CA TYR B 308 17.64 -19.36 36.03
C TYR B 308 17.47 -18.99 37.51
N GLU B 309 18.21 -19.67 38.39
CA GLU B 309 18.27 -19.43 39.83
C GLU B 309 16.99 -19.81 40.56
N ALA B 310 15.95 -20.22 39.86
CA ALA B 310 14.75 -20.67 40.56
C ALA B 310 14.99 -22.06 41.14
N PRO B 311 14.50 -22.33 42.36
CA PRO B 311 14.72 -23.65 42.95
C PRO B 311 13.97 -24.73 42.19
N CYS B 312 14.65 -25.87 42.01
CA CYS B 312 14.05 -27.02 41.33
C CYS B 312 13.98 -28.27 42.19
N TYR B 313 14.76 -28.35 43.28
CA TYR B 313 14.69 -29.46 44.20
C TYR B 313 14.69 -28.94 45.62
N ILE B 314 14.40 -29.82 46.56
CA ILE B 314 14.17 -29.45 47.95
C ILE B 314 15.49 -29.58 48.69
N ALA B 315 16.13 -28.45 48.96
CA ALA B 315 17.38 -28.42 49.71
C ALA B 315 17.57 -27.03 50.29
N TRP B 316 18.46 -26.95 51.27
CA TRP B 316 18.80 -25.68 51.91
C TRP B 316 20.31 -25.51 51.93
N SER B 317 20.75 -24.25 51.88
CA SER B 317 22.17 -23.95 51.85
C SER B 317 22.37 -22.51 52.28
N GLY B 318 23.62 -22.18 52.63
CA GLY B 318 23.99 -20.82 52.93
C GLY B 318 24.63 -20.14 51.75
N LYS B 319 25.08 -20.92 50.76
CA LYS B 319 25.71 -20.39 49.57
C LYS B 319 25.52 -21.42 48.44
N ASN B 320 24.55 -21.15 47.57
CA ASN B 320 24.27 -22.02 46.44
C ASN B 320 23.57 -21.20 45.36
N ARG B 321 23.59 -21.70 44.14
CA ARG B 321 23.00 -20.97 43.03
C ARG B 321 21.48 -20.88 43.17
N SER B 322 20.82 -22.02 43.38
CA SER B 322 19.36 -22.08 43.48
C SER B 322 18.93 -23.03 44.59
N PRO B 323 19.15 -22.65 45.84
CA PRO B 323 18.60 -23.45 46.94
C PRO B 323 17.15 -23.08 47.21
N LEU B 324 16.38 -24.08 47.67
CA LEU B 324 15.00 -23.81 48.06
C LEU B 324 14.96 -22.88 49.27
N ILE B 325 15.82 -23.12 50.24
CA ILE B 325 15.93 -22.28 51.43
C ILE B 325 17.35 -21.74 51.51
N ARG B 326 17.47 -20.42 51.64
CA ARG B 326 18.75 -19.76 51.82
C ARG B 326 18.77 -19.08 53.19
N VAL B 327 19.90 -19.18 53.87
CA VAL B 327 20.11 -18.53 55.16
C VAL B 327 21.07 -17.36 54.94
N PRO B 328 20.59 -16.11 54.97
CA PRO B 328 21.49 -14.97 54.77
C PRO B 328 22.51 -14.86 55.89
N SER B 329 23.63 -14.22 55.57
CA SER B 329 24.73 -14.08 56.51
C SER B 329 24.41 -13.13 57.66
N SER B 330 23.33 -12.36 57.57
CA SER B 330 22.98 -11.45 58.64
C SER B 330 22.60 -12.22 59.90
N ARG B 331 22.93 -11.64 61.06
CA ARG B 331 22.67 -12.27 62.35
C ARG B 331 22.09 -11.21 63.27
N GLY B 332 22.01 -11.55 64.56
CA GLY B 332 21.43 -10.62 65.51
C GLY B 332 19.91 -10.65 65.46
N LEU B 333 19.31 -9.47 65.41
CA LEU B 333 17.86 -9.37 65.29
C LEU B 333 17.36 -9.51 63.86
N SER B 334 18.26 -9.59 62.89
CA SER B 334 17.89 -9.66 61.48
C SER B 334 18.08 -11.06 60.89
N THR B 335 18.38 -12.07 61.70
CA THR B 335 18.52 -13.41 61.19
C THR B 335 17.17 -13.92 60.70
N ARG B 336 17.17 -14.56 59.53
CA ARG B 336 15.93 -14.95 58.89
C ARG B 336 16.18 -16.14 57.98
N ILE B 337 15.09 -16.76 57.53
CA ILE B 337 15.13 -17.89 56.62
C ILE B 337 14.41 -17.47 55.34
N GLU B 338 15.06 -17.67 54.19
CA GLU B 338 14.54 -17.22 52.92
C GLU B 338 14.01 -18.40 52.13
N VAL B 339 12.71 -18.42 51.88
CA VAL B 339 12.08 -19.39 50.99
C VAL B 339 12.01 -18.75 49.60
N ARG B 340 12.62 -19.41 48.62
CA ARG B 340 12.81 -18.83 47.30
C ARG B 340 11.87 -19.39 46.24
N SER B 341 10.98 -20.32 46.61
CA SER B 341 10.08 -20.90 45.62
C SER B 341 8.85 -20.04 45.35
N VAL B 342 8.57 -19.06 46.19
CA VAL B 342 7.38 -18.24 46.02
C VAL B 342 7.55 -17.32 44.82
N ASP B 343 6.50 -17.20 44.02
CA ASP B 343 6.46 -16.31 42.88
C ASP B 343 5.46 -15.18 43.13
N PRO B 344 5.59 -14.05 42.41
CA PRO B 344 4.72 -12.90 42.70
C PRO B 344 3.25 -13.15 42.41
N ALA B 345 2.90 -14.20 41.67
CA ALA B 345 1.50 -14.49 41.38
C ALA B 345 0.79 -15.19 42.52
N ALA B 346 1.52 -15.68 43.52
CA ALA B 346 0.91 -16.37 44.64
C ALA B 346 0.16 -15.39 45.54
N ASN B 347 -0.90 -15.89 46.17
CA ASN B 347 -1.61 -15.10 47.17
C ASN B 347 -0.73 -14.97 48.41
N PRO B 348 -0.38 -13.74 48.83
CA PRO B 348 0.55 -13.61 49.96
C PRO B 348 0.04 -14.22 51.25
N TYR B 349 -1.26 -14.06 51.54
CA TYR B 349 -1.81 -14.60 52.78
C TYR B 349 -1.73 -16.12 52.81
N MET B 350 -2.18 -16.77 51.74
CA MET B 350 -2.18 -18.23 51.71
C MET B 350 -0.77 -18.80 51.73
N ALA B 351 0.14 -18.21 50.95
CA ALA B 351 1.52 -18.69 50.93
C ALA B 351 2.19 -18.51 52.27
N LEU B 352 2.00 -17.35 52.90
CA LEU B 352 2.59 -17.12 54.22
C LEU B 352 2.01 -18.06 55.26
N ALA B 353 0.70 -18.31 55.21
CA ALA B 353 0.09 -19.26 56.14
C ALA B 353 0.65 -20.66 55.95
N ALA B 354 0.81 -21.08 54.69
CA ALA B 354 1.35 -22.41 54.43
C ALA B 354 2.78 -22.53 54.94
N ILE B 355 3.60 -21.52 54.68
CA ILE B 355 5.00 -21.56 55.13
C ILE B 355 5.06 -21.58 56.66
N LEU B 356 4.26 -20.74 57.31
CA LEU B 356 4.27 -20.71 58.77
C LEU B 356 3.79 -22.03 59.35
N GLU B 357 2.77 -22.64 58.75
CA GLU B 357 2.28 -23.92 59.25
C GLU B 357 3.32 -25.02 59.08
N ALA B 358 4.02 -25.04 57.94
CA ALA B 358 5.08 -26.02 57.75
C ALA B 358 6.20 -25.84 58.76
N GLY B 359 6.60 -24.58 59.00
CA GLY B 359 7.62 -24.32 59.99
C GLY B 359 7.21 -24.75 61.39
N LEU B 360 5.97 -24.44 61.77
CA LEU B 360 5.49 -24.85 63.09
C LEU B 360 5.38 -26.37 63.20
N ASP B 361 4.97 -27.04 62.12
CA ASP B 361 4.94 -28.50 62.12
C ASP B 361 6.33 -29.08 62.34
N GLY B 362 7.33 -28.48 61.70
CA GLY B 362 8.70 -28.90 61.97
C GLY B 362 9.13 -28.61 63.40
N ILE B 363 8.68 -27.48 63.95
CA ILE B 363 9.10 -27.08 65.29
C ILE B 363 8.53 -28.03 66.34
N LYS B 364 7.23 -28.32 66.28
CA LYS B 364 6.62 -29.12 67.32
C LYS B 364 6.81 -30.62 67.12
N ASN B 365 7.42 -31.04 66.02
CA ASN B 365 7.81 -32.42 65.82
C ASN B 365 9.30 -32.65 66.05
N LYS B 366 10.06 -31.58 66.30
CA LYS B 366 11.50 -31.66 66.55
C LYS B 366 12.22 -32.42 65.43
N LEU B 367 11.87 -32.07 64.20
CA LEU B 367 12.50 -32.69 63.05
C LEU B 367 13.98 -32.30 62.95
N LYS B 368 14.77 -33.19 62.37
CA LYS B 368 16.21 -32.98 62.19
C LYS B 368 16.44 -32.46 60.77
N VAL B 369 17.04 -31.29 60.66
CA VAL B 369 17.27 -30.69 59.34
C VAL B 369 18.31 -31.50 58.59
N PRO B 370 18.13 -31.77 57.30
CA PRO B 370 19.15 -32.51 56.54
C PRO B 370 20.39 -31.65 56.33
N GLU B 371 21.43 -32.31 55.84
CA GLU B 371 22.70 -31.63 55.62
C GLU B 371 22.55 -30.56 54.54
N PRO B 372 23.12 -29.38 54.73
CA PRO B 372 23.08 -28.35 53.69
C PRO B 372 23.85 -28.78 52.46
N VAL B 373 23.39 -28.31 51.31
CA VAL B 373 24.05 -28.63 50.05
C VAL B 373 25.10 -27.58 49.73
N ASN B 374 26.10 -28.00 48.95
CA ASN B 374 27.16 -27.08 48.53
C ASN B 374 27.54 -27.35 47.08
N GLN B 375 28.71 -26.87 46.65
CA GLN B 375 29.05 -26.82 45.24
C GLN B 375 29.05 -28.20 44.57
N ASN B 376 29.22 -29.28 45.30
CA ASN B 376 29.28 -30.60 44.66
C ASN B 376 27.89 -31.22 44.53
N ILE B 377 26.95 -30.45 44.00
CA ILE B 377 25.61 -30.94 43.70
C ILE B 377 25.29 -30.51 42.28
N TYR B 378 26.09 -29.59 41.74
CA TYR B 378 25.90 -29.16 40.37
C TYR B 378 26.14 -30.28 39.38
N GLU B 379 27.01 -31.24 39.74
CA GLU B 379 27.23 -32.44 38.94
C GLU B 379 26.56 -33.60 39.67
N MET B 380 25.26 -33.76 39.42
CA MET B 380 24.46 -34.81 40.05
C MET B 380 23.17 -34.95 39.27
N ASN B 381 22.89 -36.17 38.79
CA ASN B 381 21.62 -36.44 38.13
C ASN B 381 20.52 -36.56 39.18
N ARG B 382 19.28 -36.72 38.69
CA ARG B 382 18.15 -36.85 39.61
C ARG B 382 18.21 -38.15 40.41
N GLU B 383 18.75 -39.21 39.82
CA GLU B 383 18.85 -40.48 40.54
C GLU B 383 19.78 -40.36 41.74
N GLU B 384 20.97 -39.81 41.54
CA GLU B 384 21.90 -39.61 42.65
C GLU B 384 21.35 -38.61 43.66
N ARG B 385 20.68 -37.57 43.18
CA ARG B 385 20.09 -36.58 44.07
C ARG B 385 19.05 -37.22 44.99
N GLU B 386 18.21 -38.09 44.42
CA GLU B 386 17.22 -38.80 45.24
C GLU B 386 17.88 -39.83 46.15
N ALA B 387 18.98 -40.44 45.70
CA ALA B 387 19.71 -41.38 46.55
C ALA B 387 20.26 -40.68 47.79
N VAL B 388 20.80 -39.47 47.62
CA VAL B 388 21.23 -38.66 48.75
C VAL B 388 20.07 -38.23 49.62
N GLY B 389 18.88 -38.09 49.05
CA GLY B 389 17.71 -37.66 49.79
C GLY B 389 17.14 -36.32 49.39
N ILE B 390 17.56 -35.78 48.24
CA ILE B 390 17.08 -34.48 47.78
C ILE B 390 15.89 -34.73 46.85
N GLN B 391 14.70 -34.38 47.33
CA GLN B 391 13.50 -34.53 46.53
C GLN B 391 13.35 -33.37 45.56
N ASP B 392 12.62 -33.62 44.47
CA ASP B 392 12.36 -32.63 43.45
C ASP B 392 11.00 -31.97 43.67
N LEU B 393 10.93 -30.69 43.38
CA LEU B 393 9.65 -29.98 43.40
C LEU B 393 8.78 -30.48 42.25
N PRO B 394 7.45 -30.43 42.40
CA PRO B 394 6.58 -30.81 41.30
C PRO B 394 6.83 -29.96 40.07
N SER B 395 6.82 -30.61 38.91
CA SER B 395 7.18 -29.97 37.66
C SER B 395 6.00 -29.37 36.91
N THR B 396 4.77 -29.77 37.24
CA THR B 396 3.58 -29.25 36.60
C THR B 396 2.53 -28.94 37.67
N LEU B 397 1.56 -28.09 37.29
CA LEU B 397 0.47 -27.77 38.20
C LEU B 397 -0.37 -29.01 38.50
N TYR B 398 -0.50 -29.92 37.54
CA TYR B 398 -1.24 -31.15 37.76
C TYR B 398 -0.59 -32.00 38.86
N THR B 399 0.72 -32.26 38.72
CA THR B 399 1.42 -33.02 39.74
C THR B 399 1.54 -32.25 41.05
N ALA B 400 1.59 -30.91 41.00
CA ALA B 400 1.58 -30.13 42.22
C ALA B 400 0.27 -30.28 42.98
N LEU B 401 -0.86 -30.27 42.26
CA LEU B 401 -2.15 -30.53 42.90
C LEU B 401 -2.20 -31.96 43.44
N LYS B 402 -1.64 -32.91 42.71
CA LYS B 402 -1.57 -34.28 43.19
C LYS B 402 -0.82 -34.36 44.51
N ALA B 403 0.32 -33.66 44.60
CA ALA B 403 1.10 -33.65 45.83
C ALA B 403 0.37 -32.92 46.96
N MET B 404 -0.32 -31.81 46.63
CA MET B 404 -1.06 -31.06 47.63
C MET B 404 -2.20 -31.88 48.21
N ARG B 405 -2.86 -32.70 47.40
CA ARG B 405 -3.93 -33.55 47.88
C ARG B 405 -3.44 -34.62 48.85
N GLU B 406 -2.14 -34.86 48.94
CA GLU B 406 -1.57 -35.87 49.82
C GLU B 406 -0.89 -35.29 51.05
N ASN B 407 -1.00 -33.98 51.28
CA ASN B 407 -0.36 -33.33 52.41
C ASN B 407 -1.42 -32.81 53.37
N GLU B 408 -1.24 -33.11 54.66
CA GLU B 408 -2.20 -32.67 55.67
C GLU B 408 -1.86 -31.28 56.21
N VAL B 409 -0.57 -30.91 56.20
CA VAL B 409 -0.16 -29.62 56.74
C VAL B 409 -0.76 -28.48 55.92
N ILE B 410 -0.77 -28.61 54.60
CA ILE B 410 -1.32 -27.55 53.76
C ILE B 410 -2.82 -27.41 53.98
N LYS B 411 -3.52 -28.55 54.15
CA LYS B 411 -4.94 -28.50 54.44
C LYS B 411 -5.21 -27.81 55.78
N LYS B 412 -4.41 -28.13 56.80
CA LYS B 412 -4.56 -27.48 58.09
C LYS B 412 -4.29 -25.99 57.99
N ALA B 413 -3.28 -25.61 57.21
CA ALA B 413 -2.95 -24.20 57.05
C ALA B 413 -4.07 -23.44 56.35
N LEU B 414 -4.65 -24.02 55.30
CA LEU B 414 -5.62 -23.30 54.50
C LEU B 414 -7.04 -23.34 55.05
N GLY B 415 -7.40 -24.37 55.82
CA GLY B 415 -8.79 -24.53 56.20
C GLY B 415 -9.53 -25.30 55.12
N ASN B 416 -10.59 -26.01 55.49
CA ASN B 416 -11.26 -26.90 54.56
C ASN B 416 -11.85 -26.13 53.38
N HIS B 417 -12.50 -25.00 53.67
CA HIS B 417 -13.16 -24.24 52.61
C HIS B 417 -12.16 -23.74 51.57
N ILE B 418 -11.10 -23.06 52.03
CA ILE B 418 -10.12 -22.52 51.10
C ILE B 418 -9.40 -23.64 50.37
N TYR B 419 -9.08 -24.73 51.08
CA TYR B 419 -8.43 -25.87 50.46
C TYR B 419 -9.26 -26.43 49.32
N ASN B 420 -10.55 -26.68 49.57
CA ASN B 420 -11.41 -27.25 48.55
C ASN B 420 -11.60 -26.31 47.37
N GLN B 421 -11.86 -25.03 47.63
CA GLN B 421 -12.07 -24.10 46.51
C GLN B 421 -10.80 -23.92 45.69
N PHE B 422 -9.64 -23.85 46.34
CA PHE B 422 -8.39 -23.73 45.61
C PHE B 422 -8.16 -24.96 44.73
N ILE B 423 -8.40 -26.15 45.28
CA ILE B 423 -8.20 -27.37 44.49
C ILE B 423 -9.13 -27.39 43.30
N ASN B 424 -10.40 -27.04 43.50
CA ASN B 424 -11.36 -27.04 42.40
C ASN B 424 -10.96 -26.04 41.33
N SER B 425 -10.59 -24.82 41.74
CA SER B 425 -10.22 -23.78 40.78
C SER B 425 -9.00 -24.21 39.96
N LYS B 426 -7.98 -24.73 40.64
CA LYS B 426 -6.76 -25.11 39.92
C LYS B 426 -7.00 -26.33 39.03
N SER B 427 -7.84 -27.27 39.47
CA SER B 427 -8.16 -28.41 38.61
C SER B 427 -8.87 -27.95 37.34
N ILE B 428 -9.82 -27.02 37.49
CA ILE B 428 -10.52 -26.49 36.31
C ILE B 428 -9.54 -25.76 35.39
N GLU B 429 -8.66 -24.96 35.97
CA GLU B 429 -7.67 -24.23 35.16
C GLU B 429 -6.76 -25.17 34.39
N TRP B 430 -6.27 -26.21 35.07
CA TRP B 430 -5.40 -27.17 34.39
C TRP B 430 -6.17 -27.94 33.32
N ASP B 431 -7.43 -28.29 33.59
CA ASP B 431 -8.23 -28.99 32.61
C ASP B 431 -8.41 -28.16 31.35
N TYR B 432 -8.66 -26.85 31.52
CA TYR B 432 -8.76 -25.97 30.35
C TYR B 432 -7.42 -25.83 29.64
N TYR B 433 -6.31 -25.81 30.39
CA TYR B 433 -5.01 -25.64 29.76
C TYR B 433 -4.59 -26.87 28.97
N ARG B 434 -4.88 -28.07 29.47
CA ARG B 434 -4.33 -29.28 28.89
C ARG B 434 -4.93 -29.62 27.53
N THR B 435 -6.11 -29.09 27.20
CA THR B 435 -6.75 -29.41 25.93
C THR B 435 -6.32 -28.50 24.79
N GLN B 436 -5.53 -27.48 25.07
CA GLN B 436 -5.08 -26.56 24.01
C GLN B 436 -3.96 -27.20 23.21
N VAL B 437 -3.96 -26.92 21.90
CA VAL B 437 -2.89 -27.36 21.02
C VAL B 437 -1.93 -26.20 20.86
N SER B 438 -0.70 -26.38 21.35
CA SER B 438 0.27 -25.30 21.38
C SER B 438 0.97 -25.14 20.03
N GLU B 439 1.57 -23.97 19.84
CA GLU B 439 2.36 -23.71 18.64
C GLU B 439 3.62 -24.55 18.59
N TRP B 440 4.16 -24.93 19.75
CA TRP B 440 5.32 -25.82 19.78
C TRP B 440 4.99 -27.17 19.17
N GLU B 441 3.81 -27.71 19.47
CA GLU B 441 3.40 -28.98 18.89
C GLU B 441 3.24 -28.86 17.38
N ARG B 442 2.66 -27.75 16.90
CA ARG B 442 2.49 -27.57 15.48
C ARG B 442 3.82 -27.36 14.76
N ASP B 443 4.81 -26.79 15.45
CA ASP B 443 6.14 -26.67 14.85
C ASP B 443 6.87 -28.01 14.81
N GLN B 444 6.81 -28.76 15.90
CA GLN B 444 7.54 -30.04 15.96
C GLN B 444 6.88 -31.08 15.06
N TYR B 445 5.56 -31.19 15.13
CA TYR B 445 4.79 -32.13 14.34
C TYR B 445 4.13 -31.38 13.18
N MET B 446 3.20 -32.06 12.49
CA MET B 446 2.41 -31.60 11.36
C MET B 446 3.25 -31.58 10.07
N LYS B 447 4.55 -31.82 10.15
CA LYS B 447 5.37 -32.00 8.95
C LYS B 447 6.21 -33.26 9.10
N GLN B 448 6.60 -33.57 10.34
CA GLN B 448 7.31 -34.80 10.62
C GLN B 448 6.36 -35.99 10.73
N TYR B 449 5.11 -35.76 11.10
CA TYR B 449 4.12 -36.82 11.20
C TYR B 449 2.91 -36.52 10.33
N THR C 8 -38.15 19.76 47.79
CA THR C 8 -39.30 20.48 47.25
C THR C 8 -38.89 21.88 46.77
N PHE C 9 -39.48 22.32 45.67
CA PHE C 9 -39.18 23.62 45.10
C PHE C 9 -40.48 24.29 44.67
N THR C 10 -40.44 25.62 44.64
CA THR C 10 -41.56 26.44 44.16
C THR C 10 -41.07 27.32 43.02
N LYS C 11 -41.98 28.13 42.47
CA LYS C 11 -41.62 28.99 41.35
C LYS C 11 -40.54 29.99 41.75
N GLU C 12 -40.65 30.57 42.94
CA GLU C 12 -39.66 31.53 43.40
C GLU C 12 -38.29 30.88 43.54
N ASP C 13 -38.25 29.64 44.04
CA ASP C 13 -36.98 28.93 44.13
C ASP C 13 -36.37 28.71 42.75
N ILE C 14 -37.18 28.35 41.77
CA ILE C 14 -36.68 28.14 40.41
C ILE C 14 -36.13 29.45 39.83
N ARG C 15 -36.85 30.55 40.03
CA ARG C 15 -36.38 31.84 39.54
C ARG C 15 -35.06 32.24 40.21
N LYS C 16 -34.96 32.02 41.52
CA LYS C 16 -33.73 32.34 42.23
C LYS C 16 -32.57 31.48 41.74
N PHE C 17 -32.83 30.19 41.51
CA PHE C 17 -31.77 29.31 41.01
C PHE C 17 -31.32 29.74 39.61
N ALA C 18 -32.27 30.10 38.75
CA ALA C 18 -31.91 30.58 37.42
C ALA C 18 -31.10 31.87 37.49
N GLU C 19 -31.47 32.78 38.38
CA GLU C 19 -30.76 34.06 38.50
C GLU C 19 -29.36 33.91 39.06
N GLU C 20 -29.20 33.16 40.16
CA GLU C 20 -27.88 33.06 40.80
C GLU C 20 -26.93 32.19 40.00
N GLU C 21 -27.42 31.07 39.45
CA GLU C 21 -26.55 30.13 38.74
C GLU C 21 -26.34 30.50 37.27
N ASN C 22 -26.98 31.56 36.79
CA ASN C 22 -26.86 31.98 35.39
C ASN C 22 -27.24 30.87 34.43
N VAL C 23 -28.41 30.28 34.67
CA VAL C 23 -28.94 29.26 33.76
C VAL C 23 -29.38 29.94 32.47
N ARG C 24 -28.88 29.45 31.34
CA ARG C 24 -29.21 30.02 30.04
C ARG C 24 -29.96 29.05 29.13
N TYR C 25 -30.12 27.79 29.55
CA TYR C 25 -30.76 26.79 28.71
C TYR C 25 -31.61 25.89 29.59
N LEU C 26 -32.82 25.56 29.13
CA LEU C 26 -33.73 24.70 29.86
C LEU C 26 -34.09 23.49 29.01
N ARG C 27 -34.10 22.32 29.64
CA ARG C 27 -34.49 21.08 29.00
C ARG C 27 -35.74 20.56 29.68
N LEU C 28 -36.88 20.60 28.98
CA LEU C 28 -38.12 20.01 29.47
C LEU C 28 -38.09 18.54 29.08
N GLN C 29 -37.86 17.68 30.05
CA GLN C 29 -37.55 16.27 29.82
C GLN C 29 -38.76 15.40 30.10
N PHE C 30 -39.00 14.43 29.22
CA PHE C 30 -40.06 13.44 29.38
C PHE C 30 -39.60 12.15 28.72
N THR C 31 -40.50 11.18 28.65
CA THR C 31 -40.17 9.87 28.09
C THR C 31 -41.35 9.35 27.27
N ASP C 32 -41.03 8.46 26.34
CA ASP C 32 -42.03 7.79 25.51
C ASP C 32 -42.23 6.37 26.02
N ILE C 33 -43.08 5.62 25.32
CA ILE C 33 -43.38 4.25 25.72
C ILE C 33 -42.19 3.31 25.55
N LEU C 34 -41.18 3.72 24.78
CA LEU C 34 -39.99 2.91 24.58
C LEU C 34 -38.87 3.24 25.58
N GLY C 35 -39.11 4.15 26.50
CA GLY C 35 -38.12 4.53 27.48
C GLY C 35 -37.08 5.53 27.00
N THR C 36 -37.18 5.99 25.76
CA THR C 36 -36.23 6.97 25.25
C THR C 36 -36.43 8.31 25.96
N ILE C 37 -35.31 8.95 26.31
CA ILE C 37 -35.36 10.25 26.98
C ILE C 37 -35.58 11.32 25.92
N LYS C 38 -36.77 11.92 25.91
CA LYS C 38 -37.10 12.99 25.00
C LYS C 38 -37.06 14.32 25.74
N ASN C 39 -36.85 15.40 25.00
CA ASN C 39 -36.80 16.70 25.64
C ASN C 39 -37.13 17.79 24.64
N VAL C 40 -37.60 18.92 25.17
CA VAL C 40 -37.80 20.16 24.43
C VAL C 40 -36.83 21.19 24.99
N GLU C 41 -36.04 21.79 24.10
CA GLU C 41 -35.06 22.79 24.52
C GLU C 41 -35.69 24.17 24.47
N VAL C 42 -35.30 25.01 25.43
CA VAL C 42 -35.90 26.34 25.55
C VAL C 42 -34.85 27.33 26.08
N PRO C 43 -34.85 28.57 25.59
CA PRO C 43 -34.03 29.60 26.22
C PRO C 43 -34.62 30.04 27.54
N VAL C 44 -33.75 30.47 28.45
CA VAL C 44 -34.18 30.83 29.79
C VAL C 44 -35.18 31.99 29.78
N SER C 45 -35.18 32.79 28.71
CA SER C 45 -36.16 33.87 28.59
C SER C 45 -37.59 33.36 28.51
N GLN C 46 -37.79 32.07 28.21
CA GLN C 46 -39.09 31.45 28.19
C GLN C 46 -39.48 30.86 29.54
N LEU C 47 -38.65 31.06 30.57
CA LEU C 47 -38.84 30.40 31.86
C LEU C 47 -40.25 30.59 32.39
N GLU C 48 -40.74 31.83 32.36
CA GLU C 48 -42.09 32.10 32.87
C GLU C 48 -43.12 31.27 32.13
N LYS C 49 -43.04 31.23 30.80
CA LYS C 49 -43.97 30.41 30.03
C LYS C 49 -43.83 28.94 30.38
N VAL C 50 -42.63 28.51 30.76
CA VAL C 50 -42.44 27.14 31.24
C VAL C 50 -43.20 26.93 32.55
N LEU C 51 -43.12 27.89 33.46
CA LEU C 51 -43.73 27.73 34.77
C LEU C 51 -45.25 27.89 34.74
N ASP C 52 -45.81 28.41 33.65
CA ASP C 52 -47.25 28.57 33.51
C ASP C 52 -47.92 27.36 32.84
N ASN C 53 -47.16 26.29 32.60
CA ASN C 53 -47.67 25.09 31.94
C ASN C 53 -48.26 25.42 30.57
N GLU C 54 -47.58 26.28 29.82
CA GLU C 54 -48.08 26.75 28.54
C GLU C 54 -47.21 26.32 27.36
N MET C 55 -46.16 25.53 27.61
CA MET C 55 -45.32 25.06 26.52
C MET C 55 -46.03 23.95 25.75
N MET C 56 -46.08 24.09 24.43
CA MET C 56 -46.78 23.17 23.56
C MET C 56 -45.79 22.40 22.69
N PHE C 57 -46.14 21.16 22.40
CA PHE C 57 -45.31 20.31 21.55
C PHE C 57 -46.20 19.26 20.89
N ASP C 58 -45.56 18.39 20.11
CA ASP C 58 -46.32 17.41 19.32
C ASP C 58 -47.14 16.49 20.22
N GLY C 59 -46.47 15.72 21.08
CA GLY C 59 -47.19 14.80 21.94
C GLY C 59 -47.35 13.43 21.31
N SER C 60 -47.39 13.38 19.98
CA SER C 60 -47.40 12.08 19.30
C SER C 60 -46.04 11.40 19.36
N SER C 61 -44.98 12.15 19.69
CA SER C 61 -43.67 11.54 19.87
C SER C 61 -43.67 10.51 21.00
N ILE C 62 -44.60 10.63 21.95
CA ILE C 62 -44.73 9.63 23.00
C ILE C 62 -45.01 8.26 22.40
N GLU C 63 -45.69 8.22 21.25
CA GLU C 63 -45.97 6.94 20.61
C GLU C 63 -44.74 6.28 20.04
N GLY C 64 -43.62 6.99 19.94
CA GLY C 64 -42.42 6.38 19.38
C GLY C 64 -42.47 6.37 17.86
N PHE C 65 -42.16 5.22 17.27
CA PHE C 65 -42.09 5.10 15.82
C PHE C 65 -43.40 4.66 15.19
N VAL C 66 -44.47 4.52 15.98
CA VAL C 66 -45.78 4.18 15.44
C VAL C 66 -46.72 5.38 15.44
N ARG C 67 -46.17 6.59 15.58
CA ARG C 67 -46.99 7.78 15.53
C ARG C 67 -47.47 8.04 14.11
N ILE C 68 -48.68 8.58 13.99
CA ILE C 68 -49.29 8.82 12.69
C ILE C 68 -49.52 10.30 12.47
N GLU C 69 -50.34 10.92 13.32
CA GLU C 69 -50.75 12.30 13.15
C GLU C 69 -50.16 13.17 14.24
N GLU C 70 -49.73 14.37 13.86
CA GLU C 70 -49.20 15.33 14.82
C GLU C 70 -50.33 15.88 15.68
N SER C 71 -50.13 15.88 16.99
CA SER C 71 -51.08 16.43 17.94
C SER C 71 -50.50 17.70 18.55
N ASP C 72 -51.25 18.27 19.50
CA ASP C 72 -50.80 19.42 20.26
C ASP C 72 -51.03 19.14 21.74
N MET C 73 -49.96 19.13 22.52
CA MET C 73 -50.06 18.79 23.93
C MET C 73 -49.19 19.73 24.75
N TYR C 74 -49.56 19.90 26.02
CA TYR C 74 -48.90 20.83 26.92
C TYR C 74 -47.95 20.09 27.85
N LEU C 75 -46.88 20.79 28.23
CA LEU C 75 -45.91 20.25 29.19
C LEU C 75 -46.11 20.94 30.53
N HIS C 76 -46.34 20.15 31.58
CA HIS C 76 -46.46 20.66 32.94
C HIS C 76 -45.25 20.21 33.73
N PRO C 77 -44.30 21.09 34.04
CA PRO C 77 -43.10 20.64 34.76
C PRO C 77 -43.40 20.28 36.20
N ASP C 78 -42.56 19.39 36.74
CA ASP C 78 -42.59 19.04 38.16
C ASP C 78 -41.39 19.74 38.80
N LEU C 79 -41.68 20.71 39.66
CA LEU C 79 -40.63 21.57 40.20
C LEU C 79 -39.68 20.82 41.12
N ASP C 80 -40.09 19.69 41.68
CA ASP C 80 -39.22 18.91 42.55
C ASP C 80 -38.10 18.21 41.80
N THR C 81 -38.22 18.07 40.48
CA THR C 81 -37.21 17.41 39.66
C THR C 81 -36.15 18.38 39.15
N TRP C 82 -36.18 19.64 39.58
CA TRP C 82 -35.22 20.62 39.12
C TRP C 82 -33.81 20.22 39.51
N VAL C 83 -32.89 20.29 38.54
CA VAL C 83 -31.48 20.03 38.79
C VAL C 83 -30.68 20.70 37.68
N ILE C 84 -29.47 21.15 38.02
CA ILE C 84 -28.61 21.87 37.10
C ILE C 84 -27.42 20.98 36.76
N PHE C 85 -27.19 20.77 35.47
CA PHE C 85 -26.09 19.92 35.03
C PHE C 85 -24.76 20.62 35.28
N PRO C 86 -23.71 19.86 35.62
CA PRO C 86 -22.42 20.49 35.95
C PRO C 86 -21.59 20.85 34.73
N TRP C 87 -22.21 20.84 33.56
CA TRP C 87 -21.51 21.18 32.33
C TRP C 87 -22.05 22.47 31.71
N GLY C 92 -22.67 29.88 30.02
CA GLY C 92 -23.86 29.59 30.81
C GLY C 92 -24.00 28.14 31.21
N LYS C 93 -25.08 27.82 31.91
CA LYS C 93 -25.35 26.47 32.38
C LYS C 93 -26.65 25.96 31.78
N VAL C 94 -26.85 24.65 31.91
CA VAL C 94 -28.04 23.98 31.42
C VAL C 94 -28.76 23.34 32.61
N ALA C 95 -30.05 23.59 32.72
CA ALA C 95 -30.90 22.99 33.74
C ALA C 95 -32.00 22.18 33.08
N ARG C 96 -32.60 21.29 33.86
CA ARG C 96 -33.64 20.42 33.32
C ARG C 96 -34.83 20.41 34.27
N LEU C 97 -35.99 20.14 33.70
CA LEU C 97 -37.21 19.90 34.46
C LEU C 97 -37.96 18.74 33.81
N ILE C 98 -38.35 17.77 34.61
CA ILE C 98 -39.12 16.63 34.13
C ILE C 98 -40.59 17.03 34.11
N CYS C 99 -41.23 16.89 32.96
CA CYS C 99 -42.57 17.39 32.75
C CYS C 99 -43.53 16.24 32.45
N ASP C 100 -44.75 16.38 32.94
CA ASP C 100 -45.85 15.51 32.56
C ASP C 100 -46.54 16.09 31.33
N VAL C 101 -47.19 15.21 30.57
CA VAL C 101 -47.82 15.58 29.32
C VAL C 101 -49.33 15.68 29.54
N TYR C 102 -49.91 16.82 29.18
CA TYR C 102 -51.33 17.07 29.33
C TYR C 102 -51.98 17.32 27.98
N LYS C 103 -53.22 16.88 27.84
CA LYS C 103 -53.97 17.14 26.62
C LYS C 103 -54.49 18.57 26.62
N THR C 104 -55.12 18.97 25.52
CA THR C 104 -55.65 20.31 25.40
C THR C 104 -56.87 20.56 26.28
N ASP C 105 -57.43 19.51 26.88
CA ASP C 105 -58.59 19.62 27.75
C ASP C 105 -58.20 19.73 29.22
N GLY C 106 -56.92 19.85 29.52
CA GLY C 106 -56.45 19.99 30.88
C GLY C 106 -56.26 18.70 31.65
N THR C 107 -56.53 17.55 31.03
CA THR C 107 -56.33 16.29 31.71
C THR C 107 -55.04 15.61 31.24
N PRO C 108 -54.39 14.85 32.11
CA PRO C 108 -53.13 14.19 31.71
C PRO C 108 -53.34 13.21 30.57
N PHE C 109 -52.34 13.15 29.69
CA PHE C 109 -52.40 12.24 28.55
C PHE C 109 -52.31 10.79 29.04
N GLU C 110 -53.22 9.95 28.55
CA GLU C 110 -53.26 8.57 29.00
C GLU C 110 -52.12 7.73 28.45
N GLY C 111 -51.39 8.22 27.45
CA GLY C 111 -50.27 7.51 26.89
C GLY C 111 -48.93 7.83 27.53
N ASP C 112 -48.91 8.62 28.59
CA ASP C 112 -47.65 8.99 29.24
C ASP C 112 -47.32 7.98 30.33
N PRO C 113 -46.17 7.29 30.25
CA PRO C 113 -45.86 6.28 31.28
C PRO C 113 -45.77 6.84 32.69
N ARG C 114 -45.28 8.07 32.85
CA ARG C 114 -45.16 8.65 34.18
C ARG C 114 -46.54 8.87 34.81
N ALA C 115 -47.49 9.39 34.03
CA ALA C 115 -48.85 9.56 34.52
C ALA C 115 -49.49 8.21 34.81
N ASN C 116 -49.20 7.19 34.00
CA ASN C 116 -49.73 5.86 34.27
C ASN C 116 -49.20 5.30 35.59
N LEU C 117 -47.91 5.48 35.86
CA LEU C 117 -47.36 5.02 37.13
C LEU C 117 -47.95 5.79 38.30
N LYS C 118 -48.17 7.10 38.12
CA LYS C 118 -48.81 7.88 39.17
C LYS C 118 -50.22 7.39 39.44
N ARG C 119 -50.97 7.06 38.39
CA ARG C 119 -52.32 6.52 38.56
C ARG C 119 -52.29 5.17 39.28
N VAL C 120 -51.33 4.32 38.93
CA VAL C 120 -51.22 3.02 39.59
C VAL C 120 -50.89 3.20 41.07
N LEU C 121 -49.99 4.13 41.40
CA LEU C 121 -49.68 4.41 42.80
C LEU C 121 -50.90 4.97 43.53
N LYS C 122 -51.66 5.84 42.87
CA LYS C 122 -52.85 6.40 43.49
C LYS C 122 -53.87 5.31 43.81
N GLU C 123 -54.07 4.37 42.88
CA GLU C 123 -54.98 3.26 43.14
C GLU C 123 -54.42 2.28 44.17
N MET C 124 -53.10 2.20 44.28
CA MET C 124 -52.49 1.40 45.35
C MET C 124 -52.76 2.02 46.71
N GLU C 125 -52.76 3.35 46.79
CA GLU C 125 -52.98 4.03 48.06
C GLU C 125 -54.35 3.74 48.66
N ASP C 126 -55.31 3.27 47.87
CA ASP C 126 -56.61 2.88 48.40
C ASP C 126 -56.57 1.56 49.14
N LEU C 127 -55.50 0.78 49.01
CA LEU C 127 -55.36 -0.48 49.71
C LEU C 127 -54.73 -0.32 51.08
N GLY C 128 -54.41 0.90 51.49
CA GLY C 128 -53.80 1.16 52.78
C GLY C 128 -52.31 1.43 52.74
N PHE C 129 -51.64 1.06 51.66
CA PHE C 129 -50.21 1.30 51.52
C PHE C 129 -49.95 2.73 51.05
N THR C 130 -48.90 3.33 51.59
CA THR C 130 -48.58 4.72 51.30
C THR C 130 -47.42 4.92 50.35
N ASP C 131 -46.39 4.06 50.42
CA ASP C 131 -45.20 4.24 49.60
C ASP C 131 -44.78 2.92 48.99
N PHE C 132 -44.17 3.02 47.81
CA PHE C 132 -43.60 1.87 47.10
C PHE C 132 -42.18 2.27 46.73
N ASN C 133 -41.20 1.78 47.49
CA ASN C 133 -39.82 2.19 47.32
C ASN C 133 -39.08 1.22 46.40
N LEU C 134 -38.26 1.79 45.52
CA LEU C 134 -37.51 1.03 44.52
C LEU C 134 -36.05 1.39 44.58
N GLY C 135 -35.20 0.38 44.60
CA GLY C 135 -33.78 0.52 44.40
C GLY C 135 -33.32 -0.30 43.21
N PRO C 136 -32.85 0.36 42.17
CA PRO C 136 -32.41 -0.36 40.97
C PRO C 136 -30.93 -0.72 41.02
N GLU C 137 -30.57 -1.73 40.23
CA GLU C 137 -29.18 -2.15 40.07
C GLU C 137 -28.84 -2.18 38.58
N PRO C 138 -28.71 -1.01 37.95
CA PRO C 138 -28.46 -0.97 36.50
C PRO C 138 -27.02 -1.30 36.19
N GLU C 139 -26.82 -2.20 35.23
CA GLU C 139 -25.51 -2.56 34.73
C GLU C 139 -25.36 -2.10 33.29
N PHE C 140 -24.16 -1.67 32.93
CA PHE C 140 -23.93 -1.14 31.60
C PHE C 140 -22.55 -1.59 31.11
N PHE C 141 -22.34 -1.46 29.80
CA PHE C 141 -21.08 -1.79 29.17
C PHE C 141 -20.42 -0.53 28.62
N LEU C 142 -19.10 -0.51 28.66
CA LEU C 142 -18.29 0.58 28.11
C LEU C 142 -17.42 0.01 27.00
N PHE C 143 -17.61 0.53 25.79
CA PHE C 143 -16.85 0.12 24.61
C PHE C 143 -15.95 1.25 24.15
N LYS C 144 -14.86 0.88 23.47
CA LYS C 144 -13.93 1.86 22.95
C LYS C 144 -14.45 2.44 21.63
N LEU C 145 -14.11 3.69 21.37
CA LEU C 145 -14.44 4.36 20.13
C LEU C 145 -13.25 4.31 19.17
N ASP C 146 -13.55 4.28 17.88
CA ASP C 146 -12.51 4.25 16.87
C ASP C 146 -12.14 5.68 16.46
N GLU C 147 -11.34 5.81 15.39
CA GLU C 147 -10.91 7.12 14.94
C GLU C 147 -12.09 7.95 14.44
N LYS C 148 -13.02 7.32 13.75
CA LYS C 148 -14.20 8.02 13.22
C LYS C 148 -15.22 8.37 14.30
N GLY C 149 -15.02 7.91 15.52
CA GLY C 149 -15.96 8.18 16.60
C GLY C 149 -17.07 7.19 16.74
N GLU C 150 -17.04 6.09 16.00
CA GLU C 150 -18.06 5.06 16.13
C GLU C 150 -17.68 4.04 17.19
N PRO C 151 -18.66 3.44 17.86
CA PRO C 151 -18.33 2.42 18.86
C PRO C 151 -17.81 1.14 18.21
N THR C 152 -16.78 0.57 18.84
CA THR C 152 -16.21 -0.71 18.43
C THR C 152 -16.70 -1.78 19.40
N LEU C 153 -16.16 -3.00 19.24
CA LEU C 153 -16.51 -4.12 20.10
C LEU C 153 -15.43 -4.41 21.15
N GLU C 154 -14.44 -3.54 21.28
CA GLU C 154 -13.41 -3.70 22.30
C GLU C 154 -13.86 -3.02 23.59
N LEU C 155 -13.62 -3.70 24.71
CA LEU C 155 -14.03 -3.19 26.01
C LEU C 155 -13.02 -2.19 26.55
N ASN C 156 -13.47 -1.37 27.49
CA ASN C 156 -12.61 -0.35 28.07
C ASN C 156 -11.56 -0.93 29.01
N ASP C 157 -11.82 -2.09 29.61
CA ASP C 157 -10.88 -2.72 30.51
C ASP C 157 -11.01 -4.24 30.36
N ASP C 158 -10.36 -4.97 31.27
CA ASP C 158 -10.38 -6.43 31.23
C ASP C 158 -10.58 -7.01 32.63
N GLY C 159 -11.32 -6.31 33.48
CA GLY C 159 -11.52 -6.75 34.85
C GLY C 159 -12.61 -7.79 34.98
N GLY C 160 -12.76 -8.28 36.21
CA GLY C 160 -13.76 -9.27 36.52
C GLY C 160 -14.71 -8.83 37.62
N TYR C 161 -15.35 -9.78 38.28
CA TYR C 161 -16.34 -9.47 39.31
C TYR C 161 -15.67 -8.76 40.48
N PHE C 162 -16.12 -7.54 40.78
CA PHE C 162 -15.63 -6.75 41.90
C PHE C 162 -14.14 -6.45 41.78
N ASP C 163 -13.61 -6.50 40.55
CA ASP C 163 -12.20 -6.20 40.34
C ASP C 163 -11.93 -4.72 40.46
N LEU C 164 -10.67 -4.39 40.77
CA LEU C 164 -10.18 -3.01 40.75
C LEU C 164 -9.45 -2.74 39.44
N ALA C 165 -10.18 -2.90 38.33
CA ALA C 165 -9.58 -2.87 37.00
C ALA C 165 -9.18 -1.45 36.59
N PRO C 166 -10.11 -0.47 36.49
CA PRO C 166 -9.68 0.87 36.12
C PRO C 166 -9.12 1.59 37.34
N THR C 167 -7.84 1.36 37.63
CA THR C 167 -7.36 1.53 38.99
C THR C 167 -7.50 2.96 39.53
N ASP C 168 -6.66 3.89 39.07
CA ASP C 168 -6.84 5.27 39.49
C ASP C 168 -6.53 6.29 38.40
N LEU C 169 -5.71 5.91 37.43
CA LEU C 169 -5.06 6.88 36.55
C LEU C 169 -5.42 6.59 35.09
N GLY C 170 -6.18 7.51 34.49
CA GLY C 170 -6.25 7.65 33.05
C GLY C 170 -7.64 7.69 32.44
N GLU C 171 -8.55 6.81 32.85
CA GLU C 171 -9.96 7.00 32.50
C GLU C 171 -10.86 7.01 33.73
N ASN C 172 -10.87 5.93 34.52
CA ASN C 172 -11.77 5.76 35.67
C ASN C 172 -13.15 6.36 35.42
N CYS C 173 -13.78 5.89 34.33
CA CYS C 173 -15.07 6.46 33.94
C CYS C 173 -16.13 6.20 34.99
N ARG C 174 -16.12 5.03 35.63
CA ARG C 174 -17.09 4.73 36.68
C ARG C 174 -16.96 5.69 37.86
N ARG C 175 -15.72 5.96 38.28
CA ARG C 175 -15.51 6.88 39.39
C ARG C 175 -16.00 8.28 39.05
N ASP C 176 -15.71 8.75 37.83
CA ASP C 176 -16.18 10.08 37.43
C ASP C 176 -17.69 10.13 37.37
N ILE C 177 -18.33 9.06 36.88
CA ILE C 177 -19.79 9.02 36.85
C ILE C 177 -20.36 9.11 38.26
N VAL C 178 -19.78 8.34 39.19
CA VAL C 178 -20.26 8.36 40.57
C VAL C 178 -20.10 9.74 41.18
N LEU C 179 -18.93 10.36 40.98
CA LEU C 179 -18.68 11.67 41.58
C LEU C 179 -19.60 12.73 40.98
N GLU C 180 -19.82 12.69 39.67
CA GLU C 180 -20.71 13.66 39.04
C GLU C 180 -22.15 13.48 39.48
N LEU C 181 -22.58 12.22 39.66
CA LEU C 181 -23.92 11.98 40.18
C LEU C 181 -24.05 12.49 41.61
N GLU C 182 -23.01 12.30 42.42
CA GLU C 182 -23.03 12.81 43.79
C GLU C 182 -23.09 14.34 43.80
N ASP C 183 -22.37 15.00 42.88
CA ASP C 183 -22.42 16.45 42.81
C ASP C 183 -23.80 16.94 42.38
N MET C 184 -24.52 16.17 41.57
CA MET C 184 -25.85 16.55 41.11
C MET C 184 -26.92 16.37 42.16
N GLY C 185 -26.62 15.74 43.28
CA GLY C 185 -27.58 15.51 44.33
C GLY C 185 -28.18 14.13 44.39
N PHE C 186 -27.50 13.12 43.85
CA PHE C 186 -27.98 11.75 43.89
C PHE C 186 -27.50 11.06 45.15
N ASP C 187 -28.10 9.90 45.44
CA ASP C 187 -27.77 9.08 46.60
C ASP C 187 -27.23 7.74 46.09
N ILE C 188 -25.90 7.63 46.03
CA ILE C 188 -25.25 6.43 45.55
C ILE C 188 -24.88 5.54 46.73
N GLU C 189 -25.26 4.27 46.64
CA GLU C 189 -24.93 3.30 47.68
C GLU C 189 -23.51 2.75 47.51
N ALA C 190 -23.23 2.13 46.38
CA ALA C 190 -21.91 1.58 46.09
C ALA C 190 -21.81 1.29 44.59
N SER C 191 -20.58 1.11 44.13
CA SER C 191 -20.32 0.75 42.74
C SER C 191 -19.21 -0.28 42.70
N HIS C 192 -19.22 -1.10 41.65
CA HIS C 192 -18.24 -2.16 41.52
C HIS C 192 -18.13 -2.57 40.06
N HIS C 193 -17.04 -3.26 39.74
CA HIS C 193 -16.89 -3.87 38.42
C HIS C 193 -17.75 -5.13 38.34
N GLU C 194 -18.36 -5.34 37.17
CA GLU C 194 -19.27 -6.46 36.99
C GLU C 194 -18.50 -7.68 36.47
N VAL C 195 -19.21 -8.79 36.27
CA VAL C 195 -18.58 -10.05 35.91
C VAL C 195 -17.88 -9.95 34.56
N ALA C 196 -18.58 -9.47 33.55
CA ALA C 196 -18.02 -9.41 32.22
C ALA C 196 -16.99 -8.28 32.12
N PRO C 197 -15.98 -8.43 31.28
CA PRO C 197 -15.02 -7.33 31.07
C PRO C 197 -15.73 -6.11 30.50
N GLY C 198 -15.31 -4.94 30.97
CA GLY C 198 -15.92 -3.70 30.53
C GLY C 198 -17.33 -3.47 31.02
N GLN C 199 -17.82 -4.27 31.95
CA GLN C 199 -19.16 -4.13 32.49
C GLN C 199 -19.10 -3.52 33.88
N HIS C 200 -20.01 -2.59 34.16
CA HIS C 200 -19.99 -1.83 35.39
C HIS C 200 -21.39 -1.73 35.97
N GLU C 201 -21.45 -1.55 37.28
CA GLU C 201 -22.72 -1.42 38.00
C GLU C 201 -22.61 -0.32 39.04
N ILE C 202 -23.62 0.54 39.10
CA ILE C 202 -23.74 1.57 40.11
C ILE C 202 -25.09 1.41 40.80
N ASP C 203 -25.07 1.35 42.13
CA ASP C 203 -26.28 1.11 42.90
C ASP C 203 -26.75 2.39 43.58
N PHE C 204 -28.07 2.57 43.60
CA PHE C 204 -28.69 3.72 44.25
C PHE C 204 -29.35 3.32 45.56
N LYS C 205 -29.42 4.27 46.47
CA LYS C 205 -30.25 4.10 47.66
C LYS C 205 -31.72 4.13 47.25
N TYR C 206 -32.55 3.45 48.05
CA TYR C 206 -33.96 3.33 47.70
C TYR C 206 -34.65 4.68 47.74
N ALA C 207 -35.64 4.84 46.86
CA ALA C 207 -36.43 6.06 46.78
C ALA C 207 -37.83 5.68 46.35
N ASP C 208 -38.74 6.66 46.42
CA ASP C 208 -40.11 6.42 45.99
C ASP C 208 -40.15 6.15 44.50
N ALA C 209 -41.25 5.54 44.06
CA ALA C 209 -41.34 4.95 42.72
C ALA C 209 -41.05 5.97 41.63
N VAL C 210 -41.76 7.09 41.65
CA VAL C 210 -41.59 8.10 40.60
C VAL C 210 -40.18 8.68 40.65
N THR C 211 -39.69 8.99 41.85
CA THR C 211 -38.34 9.51 41.98
C THR C 211 -37.32 8.48 41.53
N ALA C 212 -37.55 7.20 41.84
CA ALA C 212 -36.63 6.16 41.42
C ALA C 212 -36.55 6.05 39.91
N CYS C 213 -37.69 6.09 39.22
CA CYS C 213 -37.68 6.01 37.77
C CYS C 213 -37.04 7.24 37.14
N ASP C 214 -37.33 8.43 37.69
CA ASP C 214 -36.67 9.64 37.22
C ASP C 214 -35.16 9.56 37.41
N ASN C 215 -34.72 9.01 38.54
CA ASN C 215 -33.30 8.84 38.79
C ASN C 215 -32.69 7.85 37.80
N ILE C 216 -33.43 6.81 37.45
CA ILE C 216 -32.92 5.86 36.45
C ILE C 216 -32.72 6.54 35.11
N GLN C 217 -33.70 7.34 34.68
CA GLN C 217 -33.57 8.05 33.41
C GLN C 217 -32.39 9.02 33.44
N THR C 218 -32.29 9.81 34.52
CA THR C 218 -31.19 10.76 34.63
C THR C 218 -29.84 10.06 34.69
N PHE C 219 -29.78 8.90 35.36
CA PHE C 219 -28.56 8.12 35.43
C PHE C 219 -28.14 7.64 34.05
N LYS C 220 -29.09 7.15 33.25
CA LYS C 220 -28.75 6.73 31.90
C LYS C 220 -28.21 7.91 31.09
N LEU C 221 -28.87 9.07 31.19
CA LEU C 221 -28.40 10.25 30.45
C LEU C 221 -26.99 10.66 30.89
N VAL C 222 -26.76 10.69 32.20
CA VAL C 222 -25.47 11.13 32.72
C VAL C 222 -24.37 10.15 32.35
N VAL C 223 -24.65 8.86 32.41
CA VAL C 223 -23.65 7.85 32.04
C VAL C 223 -23.30 7.98 30.57
N LYS C 224 -24.31 8.15 29.71
CA LYS C 224 -24.03 8.27 28.29
C LYS C 224 -23.26 9.55 27.96
N THR C 225 -23.50 10.63 28.72
CA THR C 225 -22.72 11.85 28.50
C THR C 225 -21.28 11.68 28.95
N ILE C 226 -21.07 11.15 30.17
CA ILE C 226 -19.72 11.07 30.72
C ILE C 226 -18.88 10.07 29.95
N ALA C 227 -19.47 8.96 29.50
CA ALA C 227 -18.70 8.00 28.70
C ALA C 227 -18.23 8.64 27.41
N ARG C 228 -19.07 9.47 26.79
CA ARG C 228 -18.64 10.21 25.61
C ARG C 228 -17.54 11.20 25.96
N LYS C 229 -17.57 11.77 27.16
CA LYS C 229 -16.49 12.66 27.59
C LYS C 229 -15.15 11.93 27.64
N HIS C 230 -15.15 10.64 27.98
CA HIS C 230 -13.93 9.86 28.13
C HIS C 230 -13.58 9.07 26.88
N ASN C 231 -14.09 9.47 25.72
CA ASN C 231 -13.85 8.79 24.45
C ASN C 231 -14.29 7.33 24.52
N LEU C 232 -15.40 7.08 25.20
CA LEU C 232 -15.98 5.76 25.32
C LEU C 232 -17.44 5.81 24.88
N HIS C 233 -18.05 4.64 24.76
CA HIS C 233 -19.46 4.51 24.43
C HIS C 233 -20.13 3.65 25.49
N ALA C 234 -21.13 4.19 26.16
CA ALA C 234 -21.87 3.46 27.17
C ALA C 234 -23.13 2.88 26.57
N THR C 235 -23.36 1.59 26.78
CA THR C 235 -24.55 0.94 26.27
C THR C 235 -25.25 0.18 27.38
N PHE C 236 -26.58 0.29 27.41
CA PHE C 236 -27.43 -0.49 28.29
C PHE C 236 -28.11 -1.64 27.54
N MET C 237 -27.53 -2.06 26.43
CA MET C 237 -28.08 -3.18 25.68
C MET C 237 -28.03 -4.44 26.52
N PRO C 238 -29.13 -5.22 26.59
CA PRO C 238 -29.15 -6.37 27.50
C PRO C 238 -28.05 -7.39 27.25
N LYS C 239 -27.72 -7.67 25.99
CA LYS C 239 -26.73 -8.68 25.64
C LYS C 239 -25.93 -8.21 24.43
N PRO C 240 -24.98 -7.29 24.65
CA PRO C 240 -24.18 -6.81 23.51
C PRO C 240 -23.24 -7.86 22.95
N LEU C 241 -22.73 -8.77 23.77
CA LEU C 241 -21.74 -9.73 23.35
C LEU C 241 -22.19 -11.15 23.68
N PHE C 242 -22.00 -12.06 22.74
CA PHE C 242 -22.29 -13.47 22.97
C PHE C 242 -21.21 -14.10 23.82
N GLY C 243 -21.61 -15.01 24.71
CA GLY C 243 -20.67 -15.77 25.50
C GLY C 243 -20.23 -15.12 26.80
N VAL C 244 -20.68 -13.91 27.09
CA VAL C 244 -20.35 -13.23 28.34
C VAL C 244 -21.66 -12.84 29.02
N ASN C 245 -21.54 -12.34 30.25
CA ASN C 245 -22.70 -11.94 31.02
C ASN C 245 -23.42 -10.77 30.35
N GLY C 246 -24.75 -10.79 30.45
CA GLY C 246 -25.55 -9.66 30.04
C GLY C 246 -25.70 -8.64 31.14
N SER C 247 -26.42 -7.56 30.82
CA SER C 247 -26.67 -6.48 31.76
C SER C 247 -28.10 -6.56 32.26
N GLY C 248 -28.28 -6.54 33.58
CA GLY C 248 -29.58 -6.53 34.20
C GLY C 248 -29.82 -5.24 34.97
N MET C 249 -31.07 -5.05 35.36
CA MET C 249 -31.52 -3.89 36.11
C MET C 249 -32.42 -4.35 37.26
N HIS C 250 -31.91 -5.28 38.07
CA HIS C 250 -32.66 -5.85 39.18
C HIS C 250 -33.33 -4.75 40.00
N PHE C 251 -34.60 -4.98 40.33
CA PHE C 251 -35.45 -4.04 41.06
C PHE C 251 -35.67 -4.56 42.47
N ASN C 252 -35.13 -3.86 43.47
CA ASN C 252 -35.44 -4.18 44.87
C ASN C 252 -36.59 -3.29 45.30
N VAL C 253 -37.75 -3.89 45.56
CA VAL C 253 -38.96 -3.13 45.86
C VAL C 253 -39.41 -3.44 47.27
N SER C 254 -40.05 -2.45 47.89
CA SER C 254 -40.59 -2.61 49.24
C SER C 254 -41.85 -1.78 49.38
N LEU C 255 -42.83 -2.33 50.10
CA LEU C 255 -44.08 -1.65 50.37
C LEU C 255 -44.07 -1.03 51.77
N PHE C 256 -44.70 0.14 51.90
CA PHE C 256 -44.74 0.85 53.16
C PHE C 256 -46.15 1.38 53.37
N LYS C 257 -46.74 1.10 54.54
CA LYS C 257 -47.97 1.76 54.95
C LYS C 257 -47.70 2.51 56.25
N GLY C 258 -47.05 3.66 56.12
CA GLY C 258 -46.90 4.61 57.21
C GLY C 258 -45.68 4.31 58.04
N LYS C 259 -44.57 5.02 57.78
CA LYS C 259 -43.34 4.92 58.57
C LYS C 259 -43.01 3.49 58.99
N GLU C 260 -43.31 2.51 58.16
CA GLU C 260 -43.18 1.11 58.56
C GLU C 260 -43.21 0.21 57.34
N ASN C 261 -42.23 -0.69 57.26
CA ASN C 261 -42.17 -1.63 56.15
C ASN C 261 -43.24 -2.70 56.31
N ALA C 262 -44.09 -2.85 55.29
CA ALA C 262 -45.15 -3.84 55.33
C ALA C 262 -44.66 -5.26 55.09
N PHE C 263 -43.41 -5.44 54.65
CA PHE C 263 -42.86 -6.76 54.40
C PHE C 263 -42.15 -7.34 55.61
N PHE C 264 -41.97 -6.57 56.69
CA PHE C 264 -41.16 -6.99 57.82
C PHE C 264 -42.03 -7.61 58.90
N ASP C 265 -41.64 -8.80 59.35
CA ASP C 265 -42.29 -9.48 60.46
C ASP C 265 -41.31 -9.56 61.63
N PRO C 266 -41.49 -8.74 62.68
CA PRO C 266 -40.50 -8.70 63.76
C PRO C 266 -40.54 -9.91 64.68
N ASN C 267 -41.52 -10.80 64.54
CA ASN C 267 -41.65 -11.96 65.41
C ASN C 267 -41.16 -13.25 64.78
N THR C 268 -41.49 -13.49 63.51
CA THR C 268 -41.07 -14.71 62.84
C THR C 268 -39.56 -14.74 62.63
N GLU C 269 -38.98 -15.93 62.74
CA GLU C 269 -37.55 -16.09 62.53
C GLU C 269 -37.15 -15.71 61.11
N MET C 270 -37.96 -16.12 60.12
CA MET C 270 -37.70 -15.71 58.75
C MET C 270 -37.83 -14.19 58.60
N GLY C 271 -38.79 -13.59 59.30
CA GLY C 271 -38.94 -12.15 59.28
C GLY C 271 -39.69 -11.61 58.09
N LEU C 272 -40.55 -12.41 57.48
CA LEU C 272 -41.34 -11.98 56.32
C LEU C 272 -42.82 -12.01 56.68
N THR C 273 -43.50 -10.91 56.41
CA THR C 273 -44.93 -10.81 56.63
C THR C 273 -45.69 -11.61 55.57
N GLU C 274 -46.90 -12.04 55.93
CA GLU C 274 -47.77 -12.70 54.95
C GLU C 274 -48.04 -11.80 53.75
N THR C 275 -48.02 -10.48 53.96
CA THR C 275 -48.17 -9.56 52.84
C THR C 275 -47.03 -9.73 51.84
N ALA C 276 -45.80 -9.90 52.33
CA ALA C 276 -44.66 -10.13 51.44
C ALA C 276 -44.83 -11.42 50.65
N TYR C 277 -45.31 -12.48 51.31
CA TYR C 277 -45.53 -13.74 50.61
C TYR C 277 -46.61 -13.61 49.55
N GLN C 278 -47.68 -12.88 49.85
CA GLN C 278 -48.72 -12.64 48.85
C GLN C 278 -48.17 -11.82 47.68
N PHE C 279 -47.34 -10.83 47.98
CA PHE C 279 -46.75 -10.00 46.92
C PHE C 279 -45.88 -10.83 46.00
N THR C 280 -45.01 -11.66 46.56
CA THR C 280 -44.14 -12.47 45.70
C THR C 280 -44.93 -13.55 44.97
N ALA C 281 -46.00 -14.08 45.58
CA ALA C 281 -46.86 -15.01 44.88
C ALA C 281 -47.53 -14.35 43.67
N GLY C 282 -47.99 -13.11 43.85
CA GLY C 282 -48.58 -12.39 42.74
C GLY C 282 -47.59 -12.07 41.64
N VAL C 283 -46.37 -11.70 42.01
CA VAL C 283 -45.35 -11.43 41.01
C VAL C 283 -45.00 -12.71 40.24
N LEU C 284 -44.89 -13.84 40.94
CA LEU C 284 -44.61 -15.11 40.28
C LEU C 284 -45.76 -15.52 39.36
N LYS C 285 -46.99 -15.28 39.79
CA LYS C 285 -48.15 -15.70 39.00
C LYS C 285 -48.20 -15.01 37.65
N ASN C 286 -47.93 -13.70 37.62
CA ASN C 286 -48.04 -12.91 36.40
C ASN C 286 -46.68 -12.62 35.76
N ALA C 287 -45.66 -13.42 36.07
CA ALA C 287 -44.33 -13.16 35.54
C ALA C 287 -44.30 -13.25 34.02
N ARG C 288 -44.98 -14.24 33.44
CA ARG C 288 -45.05 -14.35 31.99
C ARG C 288 -45.82 -13.18 31.39
N GLY C 289 -46.75 -12.58 32.14
CA GLY C 289 -47.53 -11.50 31.60
C GLY C 289 -46.73 -10.24 31.31
N PHE C 290 -45.84 -9.85 32.23
CA PHE C 290 -45.09 -8.61 32.10
C PHE C 290 -43.67 -8.83 31.61
N THR C 291 -43.34 -10.02 31.12
CA THR C 291 -41.99 -10.27 30.61
C THR C 291 -41.69 -9.38 29.41
N ALA C 292 -42.67 -9.18 28.53
CA ALA C 292 -42.46 -8.33 27.36
C ALA C 292 -42.16 -6.89 27.76
N VAL C 293 -42.86 -6.36 28.76
CA VAL C 293 -42.61 -4.99 29.20
C VAL C 293 -41.25 -4.87 29.87
N CYS C 294 -40.91 -5.83 30.73
CA CYS C 294 -39.61 -5.79 31.41
C CYS C 294 -38.46 -6.17 30.51
N ASN C 295 -38.73 -6.89 29.41
CA ASN C 295 -37.71 -7.26 28.43
C ASN C 295 -38.24 -6.88 27.06
N PRO C 296 -38.19 -5.59 26.70
CA PRO C 296 -38.87 -5.13 25.49
C PRO C 296 -38.12 -5.31 24.19
N LEU C 297 -36.82 -5.59 24.22
CA LEU C 297 -36.04 -5.71 23.00
C LEU C 297 -35.97 -7.17 22.54
N VAL C 298 -35.70 -7.34 21.25
CA VAL C 298 -35.40 -8.67 20.73
C VAL C 298 -34.14 -9.22 21.37
N ASN C 299 -33.13 -8.37 21.53
CA ASN C 299 -31.87 -8.77 22.16
C ASN C 299 -32.03 -9.16 23.62
N SER C 300 -33.09 -8.67 24.28
CA SER C 300 -33.28 -8.96 25.69
C SER C 300 -33.33 -10.45 25.97
N TYR C 301 -34.01 -11.20 25.11
CA TYR C 301 -34.17 -12.63 25.29
C TYR C 301 -32.92 -13.41 24.92
N LYS C 302 -31.90 -12.75 24.36
CA LYS C 302 -30.58 -13.35 24.29
C LYS C 302 -29.85 -13.30 25.62
N ARG C 303 -30.27 -12.41 26.53
CA ARG C 303 -29.75 -12.44 27.89
C ARG C 303 -30.39 -13.56 28.71
N LEU C 304 -31.66 -13.83 28.47
CA LEU C 304 -32.39 -14.87 29.22
C LEU C 304 -32.01 -16.26 28.72
N VAL C 305 -30.74 -16.59 28.89
CA VAL C 305 -30.22 -17.92 28.57
C VAL C 305 -29.49 -18.45 29.79
N PRO C 306 -29.48 -19.76 30.02
CA PRO C 306 -28.87 -20.28 31.25
C PRO C 306 -27.35 -20.10 31.26
N GLY C 307 -26.82 -19.95 32.48
CA GLY C 307 -25.39 -19.90 32.70
C GLY C 307 -24.81 -18.52 32.96
N TYR C 308 -25.63 -17.47 32.88
CA TYR C 308 -25.14 -16.10 33.05
C TYR C 308 -25.91 -15.35 34.13
N GLU C 309 -26.49 -16.09 35.07
CA GLU C 309 -27.21 -15.59 36.25
C GLU C 309 -28.54 -14.93 35.91
N ALA C 310 -28.88 -14.77 34.64
CA ALA C 310 -30.17 -14.21 34.32
C ALA C 310 -31.26 -15.26 34.57
N PRO C 311 -32.42 -14.84 35.10
CA PRO C 311 -33.48 -15.81 35.36
C PRO C 311 -34.05 -16.37 34.07
N CYS C 312 -34.29 -17.69 34.06
CA CYS C 312 -34.87 -18.36 32.91
C CYS C 312 -36.20 -19.04 33.21
N TYR C 313 -36.53 -19.28 34.47
CA TYR C 313 -37.81 -19.85 34.85
C TYR C 313 -38.36 -19.08 36.04
N ILE C 314 -39.63 -19.34 36.35
CA ILE C 314 -40.38 -18.58 37.34
C ILE C 314 -40.23 -19.29 38.68
N ALA C 315 -39.39 -18.75 39.55
CA ALA C 315 -39.18 -19.31 40.88
C ALA C 315 -38.60 -18.22 41.77
N TRP C 316 -38.70 -18.45 43.09
CA TRP C 316 -38.15 -17.55 44.08
C TRP C 316 -37.29 -18.34 45.06
N SER C 317 -36.27 -17.66 45.61
CA SER C 317 -35.35 -18.29 46.53
C SER C 317 -34.65 -17.23 47.34
N GLY C 318 -34.03 -17.66 48.44
CA GLY C 318 -33.19 -16.77 49.23
C GLY C 318 -31.73 -16.96 48.91
N LYS C 319 -31.39 -18.09 48.28
CA LYS C 319 -30.01 -18.38 47.91
C LYS C 319 -30.05 -19.31 46.70
N ASN C 320 -29.84 -18.74 45.51
CA ASN C 320 -29.83 -19.51 44.28
C ASN C 320 -29.02 -18.74 43.24
N ARG C 321 -28.57 -19.46 42.22
CA ARG C 321 -27.75 -18.83 41.19
C ARG C 321 -28.54 -17.81 40.38
N SER C 322 -29.71 -18.20 39.87
CA SER C 322 -30.53 -17.34 39.02
C SER C 322 -32.01 -17.53 39.34
N PRO C 323 -32.45 -17.06 40.49
CA PRO C 323 -33.89 -17.05 40.78
C PRO C 323 -34.56 -15.81 40.18
N LEU C 324 -35.82 -15.98 39.79
CA LEU C 324 -36.58 -14.84 39.30
C LEU C 324 -36.77 -13.80 40.40
N ILE C 325 -37.08 -14.25 41.62
CA ILE C 325 -37.24 -13.39 42.78
C ILE C 325 -36.25 -13.82 43.84
N ARG C 326 -35.48 -12.85 44.36
CA ARG C 326 -34.55 -13.09 45.45
C ARG C 326 -34.95 -12.24 46.65
N VAL C 327 -34.86 -12.82 47.84
CA VAL C 327 -35.14 -12.13 49.08
C VAL C 327 -33.81 -11.88 49.77
N PRO C 328 -33.31 -10.64 49.80
CA PRO C 328 -32.03 -10.36 50.48
C PRO C 328 -32.14 -10.61 51.98
N SER C 329 -30.99 -10.91 52.58
CA SER C 329 -30.92 -11.24 53.99
C SER C 329 -31.21 -10.05 54.90
N SER C 330 -31.22 -8.83 54.36
CA SER C 330 -31.50 -7.66 55.17
C SER C 330 -32.93 -7.70 55.70
N ARG C 331 -33.12 -7.16 56.90
CA ARG C 331 -34.42 -7.16 57.57
C ARG C 331 -34.64 -5.78 58.17
N GLY C 332 -35.67 -5.66 58.98
CA GLY C 332 -35.98 -4.36 59.58
C GLY C 332 -36.73 -3.49 58.60
N LEU C 333 -36.28 -2.24 58.46
CA LEU C 333 -36.87 -1.31 57.51
C LEU C 333 -36.34 -1.49 56.11
N SER C 334 -35.32 -2.33 55.91
CA SER C 334 -34.69 -2.52 54.61
C SER C 334 -35.07 -3.84 53.95
N THR C 335 -36.03 -4.56 54.51
CA THR C 335 -36.46 -5.81 53.88
C THR C 335 -37.16 -5.49 52.56
N ARG C 336 -36.83 -6.27 51.54
CA ARG C 336 -37.31 -5.98 50.19
C ARG C 336 -37.37 -7.26 49.38
N ILE C 337 -37.98 -7.17 48.21
CA ILE C 337 -38.09 -8.28 47.27
C ILE C 337 -37.43 -7.85 45.97
N GLU C 338 -36.53 -8.69 45.47
CA GLU C 338 -35.74 -8.37 44.29
C GLU C 338 -36.27 -9.12 43.08
N VAL C 339 -36.73 -8.38 42.08
CA VAL C 339 -37.11 -8.96 40.78
C VAL C 339 -35.92 -8.78 39.84
N ARG C 340 -35.43 -9.90 39.32
CA ARG C 340 -34.17 -9.91 38.58
C ARG C 340 -34.34 -10.03 37.07
N SER C 341 -35.57 -10.12 36.57
CA SER C 341 -35.78 -10.27 35.14
C SER C 341 -35.69 -8.94 34.39
N VAL C 342 -35.76 -7.82 35.09
CA VAL C 342 -35.75 -6.52 34.43
C VAL C 342 -34.36 -6.24 33.87
N ASP C 343 -34.32 -5.67 32.67
CA ASP C 343 -33.09 -5.26 32.01
C ASP C 343 -33.05 -3.74 31.86
N PRO C 344 -31.86 -3.16 31.70
CA PRO C 344 -31.76 -1.69 31.65
C PRO C 344 -32.46 -1.06 30.45
N ALA C 345 -32.78 -1.83 29.42
CA ALA C 345 -33.48 -1.27 28.27
C ALA C 345 -34.98 -1.10 28.50
N ALA C 346 -35.51 -1.64 29.58
CA ALA C 346 -36.94 -1.51 29.86
C ALA C 346 -37.28 -0.09 30.30
N ASN C 347 -38.51 0.31 30.03
CA ASN C 347 -39.02 1.59 30.52
C ASN C 347 -39.24 1.47 32.02
N PRO C 348 -38.61 2.30 32.84
CA PRO C 348 -38.74 2.13 34.29
C PRO C 348 -40.16 2.30 34.81
N TYR C 349 -40.89 3.29 34.29
CA TYR C 349 -42.25 3.53 34.76
C TYR C 349 -43.15 2.34 34.46
N MET C 350 -43.11 1.84 33.21
CA MET C 350 -43.99 0.75 32.82
C MET C 350 -43.63 -0.54 33.56
N ALA C 351 -42.34 -0.85 33.68
CA ALA C 351 -41.93 -2.06 34.38
C ALA C 351 -42.31 -1.99 35.86
N LEU C 352 -42.08 -0.84 36.50
CA LEU C 352 -42.46 -0.69 37.90
C LEU C 352 -43.96 -0.79 38.09
N ALA C 353 -44.74 -0.20 37.18
CA ALA C 353 -46.19 -0.30 37.28
C ALA C 353 -46.65 -1.74 37.13
N ALA C 354 -46.06 -2.48 36.18
CA ALA C 354 -46.44 -3.88 35.99
C ALA C 354 -46.10 -4.71 37.23
N ILE C 355 -44.91 -4.51 37.79
CA ILE C 355 -44.52 -5.28 38.96
C ILE C 355 -45.43 -4.95 40.16
N LEU C 356 -45.72 -3.66 40.35
CA LEU C 356 -46.59 -3.27 41.45
C LEU C 356 -48.00 -3.83 41.28
N GLU C 357 -48.52 -3.81 40.05
CA GLU C 357 -49.85 -4.36 39.80
C GLU C 357 -49.89 -5.86 40.04
N ALA C 358 -48.85 -6.58 39.61
CA ALA C 358 -48.80 -8.01 39.89
C ALA C 358 -48.75 -8.29 41.38
N GLY C 359 -47.94 -7.53 42.12
CA GLY C 359 -47.88 -7.71 43.56
C GLY C 359 -49.20 -7.42 44.24
N LEU C 360 -49.87 -6.34 43.84
CA LEU C 360 -51.17 -6.02 44.42
C LEU C 360 -52.23 -7.07 44.06
N ASP C 361 -52.16 -7.61 42.83
CA ASP C 361 -53.07 -8.68 42.45
C ASP C 361 -52.87 -9.90 43.32
N GLY C 362 -51.61 -10.23 43.62
CA GLY C 362 -51.36 -11.30 44.57
C GLY C 362 -51.84 -10.98 45.98
N ILE C 363 -51.73 -9.72 46.37
CA ILE C 363 -52.10 -9.33 47.73
C ILE C 363 -53.60 -9.44 47.94
N LYS C 364 -54.38 -8.87 47.01
CA LYS C 364 -55.83 -8.83 47.21
C LYS C 364 -56.53 -10.13 46.83
N ASN C 365 -55.80 -11.10 46.26
CA ASN C 365 -56.34 -12.42 46.02
C ASN C 365 -55.87 -13.44 47.06
N LYS C 366 -55.00 -13.03 47.98
CA LYS C 366 -54.48 -13.90 49.04
C LYS C 366 -53.89 -15.18 48.46
N LEU C 367 -53.08 -15.03 47.41
CA LEU C 367 -52.44 -16.16 46.78
C LEU C 367 -51.41 -16.79 47.72
N LYS C 368 -51.19 -18.09 47.53
CA LYS C 368 -50.23 -18.85 48.32
C LYS C 368 -48.94 -18.98 47.54
N VAL C 369 -47.85 -18.48 48.12
CA VAL C 369 -46.55 -18.52 47.44
C VAL C 369 -46.07 -19.95 47.34
N PRO C 370 -45.55 -20.38 46.19
CA PRO C 370 -45.01 -21.75 46.09
C PRO C 370 -43.74 -21.91 46.90
N GLU C 371 -43.30 -23.15 47.00
CA GLU C 371 -42.12 -23.46 47.79
C GLU C 371 -40.87 -22.83 47.15
N PRO C 372 -39.99 -22.25 47.94
CA PRO C 372 -38.74 -21.70 47.38
C PRO C 372 -37.86 -22.81 46.83
N VAL C 373 -37.09 -22.45 45.81
CA VAL C 373 -36.19 -23.41 45.18
C VAL C 373 -34.83 -23.36 45.86
N ASN C 374 -34.14 -24.49 45.83
CA ASN C 374 -32.80 -24.58 46.40
C ASN C 374 -31.88 -25.38 45.48
N GLN C 375 -30.73 -25.82 46.00
CA GLN C 375 -29.65 -26.32 45.15
C GLN C 375 -30.07 -27.50 44.29
N ASN C 376 -31.04 -28.30 44.69
CA ASN C 376 -31.39 -29.49 43.90
C ASN C 376 -32.44 -29.18 42.84
N ILE C 377 -32.19 -28.11 42.06
CA ILE C 377 -33.00 -27.77 40.91
C ILE C 377 -32.06 -27.63 39.72
N TYR C 378 -30.77 -27.56 40.02
CA TYR C 378 -29.77 -27.46 38.95
C TYR C 378 -29.75 -28.70 38.09
N GLU C 379 -29.99 -29.87 38.68
CA GLU C 379 -30.08 -31.13 37.94
C GLU C 379 -31.57 -31.43 37.74
N MET C 380 -32.17 -30.73 36.79
CA MET C 380 -33.59 -30.87 36.49
C MET C 380 -33.83 -30.40 35.06
N ASN C 381 -34.44 -31.25 34.24
CA ASN C 381 -34.82 -30.85 32.89
C ASN C 381 -36.09 -30.00 32.96
N ARG C 382 -36.50 -29.49 31.79
CA ARG C 382 -37.70 -28.68 31.74
C ARG C 382 -38.96 -29.49 32.06
N GLU C 383 -38.97 -30.76 31.67
CA GLU C 383 -40.14 -31.61 31.96
C GLU C 383 -40.34 -31.80 33.45
N GLU C 384 -39.27 -32.16 34.17
CA GLU C 384 -39.37 -32.31 35.62
C GLU C 384 -39.66 -30.99 36.30
N ARG C 385 -39.08 -29.90 35.79
CA ARG C 385 -39.34 -28.57 36.36
C ARG C 385 -40.81 -28.20 36.23
N GLU C 386 -41.41 -28.49 35.07
CA GLU C 386 -42.83 -28.22 34.90
C GLU C 386 -43.70 -29.16 35.72
N ALA C 387 -43.25 -30.42 35.89
CA ALA C 387 -43.98 -31.35 36.74
C ALA C 387 -44.03 -30.86 38.18
N VAL C 388 -42.90 -30.33 38.67
CA VAL C 388 -42.87 -29.72 40.00
C VAL C 388 -43.76 -28.49 40.09
N GLY C 389 -43.86 -27.72 39.01
CA GLY C 389 -44.66 -26.52 38.99
C GLY C 389 -43.91 -25.25 38.66
N ILE C 390 -42.71 -25.36 38.09
CA ILE C 390 -41.89 -24.19 37.76
C ILE C 390 -42.09 -23.90 36.28
N GLN C 391 -42.71 -22.77 35.97
CA GLN C 391 -42.91 -22.37 34.59
C GLN C 391 -41.69 -21.64 34.06
N ASP C 392 -41.52 -21.69 32.74
CA ASP C 392 -40.41 -21.04 32.06
C ASP C 392 -40.84 -19.66 31.55
N LEU C 393 -39.92 -18.72 31.61
CA LEU C 393 -40.15 -17.42 31.01
C LEU C 393 -40.19 -17.54 29.49
N PRO C 394 -40.92 -16.67 28.81
CA PRO C 394 -40.91 -16.69 27.34
C PRO C 394 -39.51 -16.51 26.79
N SER C 395 -39.19 -17.29 25.76
CA SER C 395 -37.84 -17.34 25.21
C SER C 395 -37.61 -16.36 24.07
N THR C 396 -38.67 -15.85 23.46
CA THR C 396 -38.55 -14.89 22.37
C THR C 396 -39.53 -13.75 22.59
N LEU C 397 -39.28 -12.63 21.91
CA LEU C 397 -40.19 -11.49 21.99
C LEU C 397 -41.55 -11.83 21.38
N TYR C 398 -41.58 -12.68 20.36
CA TYR C 398 -42.85 -13.10 19.77
C TYR C 398 -43.70 -13.85 20.79
N THR C 399 -43.12 -14.87 21.43
CA THR C 399 -43.86 -15.61 22.44
C THR C 399 -44.13 -14.77 23.68
N ALA C 400 -43.26 -13.81 24.00
CA ALA C 400 -43.53 -12.91 25.11
C ALA C 400 -44.75 -12.03 24.83
N LEU C 401 -44.87 -11.53 23.60
CA LEU C 401 -46.06 -10.79 23.22
C LEU C 401 -47.29 -11.68 23.24
N LYS C 402 -47.14 -12.92 22.80
CA LYS C 402 -48.25 -13.88 22.86
C LYS C 402 -48.73 -14.06 24.30
N ALA C 403 -47.80 -14.21 25.23
CA ALA C 403 -48.16 -14.34 26.65
C ALA C 403 -48.76 -13.05 27.19
N MET C 404 -48.21 -11.90 26.80
CA MET C 404 -48.74 -10.62 27.26
C MET C 404 -50.17 -10.40 26.79
N ARG C 405 -50.51 -10.85 25.59
CA ARG C 405 -51.87 -10.72 25.09
C ARG C 405 -52.88 -11.57 25.86
N GLU C 406 -52.42 -12.51 26.69
CA GLU C 406 -53.30 -13.39 27.44
C GLU C 406 -53.36 -13.03 28.91
N ASN C 407 -52.72 -11.96 29.34
CA ASN C 407 -52.69 -11.55 30.75
C ASN C 407 -53.50 -10.28 30.92
N GLU C 408 -54.40 -10.27 31.91
CA GLU C 408 -55.23 -9.09 32.17
C GLU C 408 -54.55 -8.13 33.13
N VAL C 409 -53.68 -8.63 34.01
CA VAL C 409 -53.03 -7.76 34.99
C VAL C 409 -52.12 -6.75 34.30
N ILE C 410 -51.39 -7.18 33.26
CA ILE C 410 -50.51 -6.26 32.57
C ILE C 410 -51.32 -5.18 31.84
N LYS C 411 -52.46 -5.57 31.25
CA LYS C 411 -53.31 -4.59 30.60
C LYS C 411 -53.86 -3.59 31.61
N LYS C 412 -54.28 -4.06 32.78
CA LYS C 412 -54.76 -3.15 33.82
C LYS C 412 -53.65 -2.21 34.28
N ALA C 413 -52.43 -2.73 34.42
CA ALA C 413 -51.30 -1.92 34.85
C ALA C 413 -50.98 -0.84 33.83
N LEU C 414 -50.97 -1.18 32.54
CA LEU C 414 -50.52 -0.26 31.52
C LEU C 414 -51.60 0.71 31.05
N GLY C 415 -52.87 0.35 31.14
CA GLY C 415 -53.90 1.17 30.53
C GLY C 415 -54.07 0.76 29.08
N ASN C 416 -55.28 0.96 28.53
CA ASN C 416 -55.57 0.45 27.19
C ASN C 416 -54.67 1.09 26.14
N HIS C 417 -54.47 2.41 26.23
CA HIS C 417 -53.69 3.12 25.22
C HIS C 417 -52.25 2.63 25.19
N ILE C 418 -51.60 2.61 26.35
CA ILE C 418 -50.21 2.18 26.41
C ILE C 418 -50.08 0.71 26.03
N TYR C 419 -51.01 -0.12 26.49
CA TYR C 419 -50.99 -1.54 26.17
C TYR C 419 -51.04 -1.76 24.66
N ASN C 420 -52.01 -1.12 24.00
CA ASN C 420 -52.16 -1.30 22.55
C ASN C 420 -50.96 -0.75 21.78
N GLN C 421 -50.48 0.43 22.16
CA GLN C 421 -49.34 1.01 21.44
C GLN C 421 -48.09 0.16 21.62
N PHE C 422 -47.85 -0.34 22.83
CA PHE C 422 -46.69 -1.19 23.07
C PHE C 422 -46.78 -2.47 22.26
N ILE C 423 -47.97 -3.09 22.23
CA ILE C 423 -48.13 -4.33 21.47
C ILE C 423 -47.89 -4.07 19.99
N ASN C 424 -48.45 -2.99 19.45
CA ASN C 424 -48.26 -2.69 18.03
C ASN C 424 -46.78 -2.44 17.71
N SER C 425 -46.11 -1.64 18.56
CA SER C 425 -44.70 -1.33 18.32
C SER C 425 -43.84 -2.59 18.35
N LYS C 426 -44.06 -3.45 19.35
CA LYS C 426 -43.25 -4.65 19.48
C LYS C 426 -43.55 -5.65 18.38
N SER C 427 -44.82 -5.74 17.95
CA SER C 427 -45.15 -6.61 16.83
C SER C 427 -44.46 -6.16 15.56
N ILE C 428 -44.45 -4.84 15.30
CA ILE C 428 -43.76 -4.31 14.13
C ILE C 428 -42.27 -4.59 14.21
N GLU C 429 -41.68 -4.39 15.40
CA GLU C 429 -40.25 -4.63 15.57
C GLU C 429 -39.90 -6.10 15.32
N TRP C 430 -40.69 -7.01 15.89
CA TRP C 430 -40.44 -8.43 15.68
C TRP C 430 -40.63 -8.81 14.22
N ASP C 431 -41.64 -8.23 13.56
CA ASP C 431 -41.86 -8.53 12.15
C ASP C 431 -40.67 -8.11 11.30
N TYR C 432 -40.10 -6.95 11.60
CA TYR C 432 -38.90 -6.53 10.89
C TYR C 432 -37.70 -7.41 11.21
N TYR C 433 -37.60 -7.88 12.46
CA TYR C 433 -36.46 -8.71 12.85
C TYR C 433 -36.51 -10.09 12.21
N ARG C 434 -37.71 -10.68 12.11
CA ARG C 434 -37.83 -12.07 11.71
C ARG C 434 -37.50 -12.30 10.23
N THR C 435 -37.56 -11.28 9.40
CA THR C 435 -37.28 -11.45 7.97
C THR C 435 -35.81 -11.32 7.63
N GLN C 436 -34.96 -10.98 8.58
CA GLN C 436 -33.54 -10.84 8.33
C GLN C 436 -32.86 -12.21 8.25
N VAL C 437 -31.89 -12.32 7.35
CA VAL C 437 -31.09 -13.53 7.23
C VAL C 437 -29.80 -13.30 8.02
N SER C 438 -29.62 -14.06 9.09
CA SER C 438 -28.49 -13.85 9.98
C SER C 438 -27.21 -14.47 9.44
N GLU C 439 -26.08 -13.96 9.92
CA GLU C 439 -24.78 -14.52 9.58
C GLU C 439 -24.62 -15.93 10.11
N TRP C 440 -25.29 -16.26 11.21
CA TRP C 440 -25.26 -17.63 11.73
C TRP C 440 -25.87 -18.60 10.73
N GLU C 441 -26.98 -18.22 10.10
CA GLU C 441 -27.61 -19.07 9.09
C GLU C 441 -26.69 -19.25 7.88
N ARG C 442 -26.03 -18.18 7.45
CA ARG C 442 -25.12 -18.28 6.31
C ARG C 442 -23.89 -19.12 6.65
N ASP C 443 -23.46 -19.12 7.92
CA ASP C 443 -22.36 -19.97 8.33
C ASP C 443 -22.76 -21.44 8.39
N GLN C 444 -23.93 -21.73 8.98
CA GLN C 444 -24.37 -23.11 9.13
C GLN C 444 -24.77 -23.70 7.78
N TYR C 445 -25.55 -22.97 7.00
CA TYR C 445 -26.05 -23.41 5.72
C TYR C 445 -25.23 -22.75 4.61
N MET C 446 -25.69 -22.91 3.36
CA MET C 446 -25.13 -22.42 2.12
C MET C 446 -23.90 -23.25 1.70
N LYS C 447 -23.42 -24.15 2.54
CA LYS C 447 -22.39 -25.09 2.15
C LYS C 447 -22.83 -26.51 2.47
N GLN C 448 -23.59 -26.65 3.56
CA GLN C 448 -24.17 -27.94 3.91
C GLN C 448 -25.47 -28.21 3.17
N TYR C 449 -26.07 -27.19 2.58
CA TYR C 449 -27.31 -27.36 1.82
C TYR C 449 -27.23 -26.63 0.49
N PRO D 1 -21.36 -31.32 26.73
CA PRO D 1 -22.10 -32.38 26.04
C PRO D 1 -21.27 -33.64 25.83
N ILE D 2 -21.92 -34.81 25.92
CA ILE D 2 -21.21 -36.06 25.76
C ILE D 2 -20.66 -36.20 24.35
N ASN D 3 -21.45 -35.85 23.35
CA ASN D 3 -21.03 -35.93 21.94
C ASN D 3 -20.51 -34.58 21.45
N ARG D 4 -19.46 -34.09 22.11
CA ARG D 4 -18.87 -32.80 21.74
C ARG D 4 -18.35 -32.83 20.31
N GLY D 5 -17.69 -33.93 19.92
CA GLY D 5 -17.12 -34.02 18.60
C GLY D 5 -18.13 -33.94 17.46
N ASP D 6 -19.34 -34.47 17.68
CA ASP D 6 -20.39 -34.41 16.66
C ASP D 6 -21.07 -33.04 16.59
N LEU D 7 -20.93 -32.22 17.62
CA LEU D 7 -21.55 -30.90 17.67
C LEU D 7 -20.56 -29.79 17.34
N SER D 8 -19.45 -30.12 16.69
CA SER D 8 -18.42 -29.14 16.39
C SER D 8 -18.90 -28.04 15.44
N ARG D 9 -19.94 -28.30 14.66
CA ARG D 9 -20.46 -27.27 13.77
C ARG D 9 -21.00 -26.09 14.55
N PHE D 10 -21.65 -26.33 15.68
CA PHE D 10 -22.27 -25.28 16.47
C PHE D 10 -21.31 -24.57 17.41
N ILE D 11 -20.16 -25.17 17.69
CA ILE D 11 -19.18 -24.55 18.59
C ILE D 11 -17.93 -24.15 17.82
N PRO E 1 -46.23 -3.72 -1.02
CA PRO E 1 -46.85 -4.26 -2.23
C PRO E 1 -47.07 -5.76 -2.13
N ILE E 2 -48.16 -6.25 -2.74
CA ILE E 2 -48.48 -7.67 -2.68
C ILE E 2 -47.42 -8.50 -3.40
N ASN E 3 -46.99 -8.04 -4.58
CA ASN E 3 -45.95 -8.72 -5.36
C ASN E 3 -44.57 -8.12 -5.08
N ARG E 4 -44.18 -8.17 -3.80
CA ARG E 4 -42.90 -7.62 -3.39
C ARG E 4 -41.75 -8.33 -4.09
N GLY E 5 -41.83 -9.66 -4.20
CA GLY E 5 -40.78 -10.42 -4.84
C GLY E 5 -40.52 -10.07 -6.29
N ASP E 6 -41.57 -9.66 -7.02
CA ASP E 6 -41.41 -9.29 -8.41
C ASP E 6 -40.88 -7.88 -8.61
N LEU E 7 -40.90 -7.05 -7.57
CA LEU E 7 -40.39 -5.69 -7.66
C LEU E 7 -39.03 -5.53 -6.99
N SER E 8 -38.28 -6.62 -6.82
CA SER E 8 -36.99 -6.55 -6.14
C SER E 8 -35.99 -5.69 -6.89
N ARG E 9 -36.17 -5.51 -8.20
CA ARG E 9 -35.22 -4.68 -8.96
C ARG E 9 -35.30 -3.21 -8.53
N PHE E 10 -36.47 -2.76 -8.09
CA PHE E 10 -36.64 -1.37 -7.67
C PHE E 10 -36.31 -1.13 -6.21
N ILE E 11 -36.27 -2.19 -5.39
CA ILE E 11 -36.00 -2.05 -3.97
C ILE E 11 -34.67 -2.71 -3.61
N THR F 8 -36.40 50.16 16.95
CA THR F 8 -36.19 51.28 16.04
C THR F 8 -34.85 51.95 16.29
N PHE F 9 -34.19 52.37 15.21
CA PHE F 9 -32.89 53.03 15.30
C PHE F 9 -32.87 54.22 14.35
N THR F 10 -32.00 55.17 14.66
CA THR F 10 -31.76 56.34 13.82
C THR F 10 -30.27 56.42 13.50
N LYS F 11 -29.89 57.44 12.74
CA LYS F 11 -28.49 57.59 12.33
C LYS F 11 -27.59 57.79 13.55
N GLU F 12 -28.05 58.59 14.52
CA GLU F 12 -27.24 58.83 15.71
C GLU F 12 -27.05 57.54 16.50
N ASP F 13 -28.08 56.70 16.59
CA ASP F 13 -27.93 55.41 17.25
C ASP F 13 -26.91 54.54 16.55
N ILE F 14 -26.92 54.52 15.21
CA ILE F 14 -25.96 53.72 14.47
C ILE F 14 -24.54 54.22 14.70
N ARG F 15 -24.35 55.55 14.67
CA ARG F 15 -23.03 56.10 14.93
C ARG F 15 -22.54 55.77 16.33
N LYS F 16 -23.43 55.87 17.32
CA LYS F 16 -23.06 55.53 18.69
C LYS F 16 -22.69 54.06 18.81
N PHE F 17 -23.47 53.18 18.17
CA PHE F 17 -23.16 51.75 18.22
C PHE F 17 -21.82 51.47 17.57
N ALA F 18 -21.54 52.11 16.44
CA ALA F 18 -20.24 51.92 15.79
C ALA F 18 -19.10 52.42 16.67
N GLU F 19 -19.29 53.55 17.34
CA GLU F 19 -18.23 54.11 18.18
C GLU F 19 -17.97 53.29 19.44
N GLU F 20 -19.02 52.88 20.16
CA GLU F 20 -18.81 52.16 21.42
C GLU F 20 -18.37 50.72 21.19
N GLU F 21 -18.94 50.05 20.20
CA GLU F 21 -18.65 48.64 19.97
C GLU F 21 -17.42 48.41 19.10
N ASN F 22 -16.79 49.48 18.60
CA ASN F 22 -15.62 49.39 17.73
C ASN F 22 -15.90 48.53 16.50
N VAL F 23 -16.98 48.87 15.80
CA VAL F 23 -17.31 48.19 14.56
C VAL F 23 -16.31 48.61 13.49
N ARG F 24 -15.70 47.63 12.83
CA ARG F 24 -14.70 47.89 11.81
C ARG F 24 -15.11 47.41 10.43
N TYR F 25 -16.24 46.70 10.31
CA TYR F 25 -16.66 46.13 9.04
C TYR F 25 -18.18 46.21 8.96
N LEU F 26 -18.70 46.56 7.79
CA LEU F 26 -20.14 46.64 7.57
C LEU F 26 -20.53 45.74 6.40
N ARG F 27 -21.64 45.03 6.58
CA ARG F 27 -22.20 44.17 5.54
C ARG F 27 -23.57 44.72 5.15
N LEU F 28 -23.66 45.27 3.95
CA LEU F 28 -24.93 45.71 3.39
C LEU F 28 -25.58 44.49 2.74
N GLN F 29 -26.58 43.93 3.41
CA GLN F 29 -27.14 42.63 3.06
C GLN F 29 -28.46 42.78 2.32
N PHE F 30 -28.63 41.97 1.28
CA PHE F 30 -29.87 41.92 0.52
C PHE F 30 -30.04 40.50 -0.01
N THR F 31 -31.08 40.28 -0.81
CA THR F 31 -31.36 38.97 -1.35
C THR F 31 -31.74 39.08 -2.81
N ASP F 32 -31.56 37.99 -3.54
CA ASP F 32 -31.96 37.87 -4.94
C ASP F 32 -33.24 37.05 -5.04
N ILE F 33 -33.69 36.83 -6.29
CA ILE F 33 -34.91 36.07 -6.51
C ILE F 33 -34.77 34.60 -6.14
N LEU F 34 -33.55 34.10 -5.99
CA LEU F 34 -33.32 32.72 -5.60
C LEU F 34 -33.18 32.54 -4.10
N GLY F 35 -33.28 33.62 -3.32
CA GLY F 35 -33.16 33.54 -1.88
C GLY F 35 -31.74 33.55 -1.36
N THR F 36 -30.74 33.63 -2.23
CA THR F 36 -29.36 33.67 -1.79
C THR F 36 -29.07 34.97 -1.05
N ILE F 37 -28.35 34.88 0.06
CA ILE F 37 -27.98 36.04 0.84
C ILE F 37 -26.79 36.71 0.17
N LYS F 38 -27.01 37.89 -0.42
CA LYS F 38 -25.96 38.66 -1.04
C LYS F 38 -25.58 39.82 -0.13
N ASN F 39 -24.36 40.30 -0.28
CA ASN F 39 -23.93 41.42 0.56
C ASN F 39 -22.82 42.19 -0.12
N VAL F 40 -22.70 43.45 0.27
CA VAL F 40 -21.59 44.31 -0.11
C VAL F 40 -20.80 44.65 1.15
N GLU F 41 -19.51 44.39 1.12
CA GLU F 41 -18.66 44.65 2.27
C GLU F 41 -18.09 46.06 2.20
N VAL F 42 -18.05 46.73 3.34
CA VAL F 42 -17.59 48.12 3.38
C VAL F 42 -16.80 48.35 4.66
N PRO F 43 -15.77 49.19 4.62
CA PRO F 43 -15.10 49.60 5.86
C PRO F 43 -15.93 50.63 6.60
N VAL F 44 -15.75 50.67 7.93
CA VAL F 44 -16.55 51.55 8.76
C VAL F 44 -16.33 53.01 8.41
N SER F 45 -15.20 53.35 7.78
CA SER F 45 -14.96 54.73 7.35
C SER F 45 -15.94 55.17 6.28
N GLN F 46 -16.65 54.24 5.64
CA GLN F 46 -17.69 54.57 4.67
C GLN F 46 -19.07 54.70 5.30
N LEU F 47 -19.15 54.62 6.63
CA LEU F 47 -20.44 54.55 7.32
C LEU F 47 -21.36 55.69 6.90
N GLU F 48 -20.84 56.92 6.88
CA GLU F 48 -21.67 58.06 6.50
C GLU F 48 -22.23 57.87 5.10
N LYS F 49 -21.39 57.46 4.14
CA LYS F 49 -21.88 57.20 2.80
C LYS F 49 -22.93 56.11 2.78
N VAL F 50 -22.84 55.15 3.69
CA VAL F 50 -23.88 54.13 3.82
C VAL F 50 -25.19 54.78 4.28
N LEU F 51 -25.10 55.69 5.25
CA LEU F 51 -26.31 56.28 5.80
C LEU F 51 -26.95 57.30 4.87
N ASP F 52 -26.24 57.77 3.85
CA ASP F 52 -26.77 58.72 2.89
C ASP F 52 -27.41 58.04 1.69
N ASN F 53 -27.54 56.71 1.71
CA ASN F 53 -28.12 55.94 0.60
C ASN F 53 -27.38 56.22 -0.71
N GLU F 54 -26.04 56.25 -0.64
CA GLU F 54 -25.22 56.57 -1.80
C GLU F 54 -24.34 55.40 -2.23
N MET F 55 -24.46 54.24 -1.59
CA MET F 55 -23.68 53.07 -1.97
C MET F 55 -24.23 52.49 -3.26
N MET F 56 -23.35 52.29 -4.24
CA MET F 56 -23.73 51.79 -5.55
C MET F 56 -23.17 50.38 -5.77
N PHE F 57 -23.93 49.58 -6.51
CA PHE F 57 -23.53 48.23 -6.83
C PHE F 57 -24.19 47.82 -8.15
N ASP F 58 -23.89 46.60 -8.58
CA ASP F 58 -24.35 46.12 -9.89
C ASP F 58 -25.87 46.13 -9.99
N GLY F 59 -26.55 45.53 -9.01
CA GLY F 59 -27.99 45.48 -9.06
C GLY F 59 -28.54 44.36 -9.91
N SER F 60 -27.82 44.01 -10.99
CA SER F 60 -28.23 42.89 -11.82
C SER F 60 -27.98 41.55 -11.13
N SER F 61 -27.18 41.53 -10.07
CA SER F 61 -26.99 40.30 -9.30
C SER F 61 -28.29 39.79 -8.71
N ILE F 62 -29.28 40.67 -8.52
CA ILE F 62 -30.60 40.26 -8.05
C ILE F 62 -31.20 39.23 -9.00
N GLU F 63 -30.87 39.32 -10.30
CA GLU F 63 -31.42 38.37 -11.25
C GLU F 63 -30.84 36.97 -11.09
N GLY F 64 -29.79 36.80 -10.29
CA GLY F 64 -29.22 35.47 -10.12
C GLY F 64 -28.31 35.11 -11.28
N PHE F 65 -28.50 33.90 -11.82
CA PHE F 65 -27.65 33.41 -12.89
C PHE F 65 -28.18 33.72 -14.28
N VAL F 66 -29.28 34.47 -14.39
CA VAL F 66 -29.81 34.87 -15.68
C VAL F 66 -29.54 36.35 -15.96
N ARG F 67 -28.62 36.96 -15.23
CA ARG F 67 -28.24 38.34 -15.48
C ARG F 67 -27.45 38.45 -16.77
N ILE F 68 -27.62 39.57 -17.47
CA ILE F 68 -26.97 39.77 -18.76
C ILE F 68 -26.07 40.99 -18.72
N GLU F 69 -26.65 42.16 -18.45
CA GLU F 69 -25.93 43.42 -18.50
C GLU F 69 -25.78 43.99 -17.10
N GLU F 70 -24.60 44.55 -16.83
CA GLU F 70 -24.34 45.20 -15.55
C GLU F 70 -25.09 46.53 -15.48
N SER F 71 -25.80 46.75 -14.38
CA SER F 71 -26.50 48.00 -14.13
C SER F 71 -25.84 48.74 -12.98
N ASP F 72 -26.44 49.86 -12.60
CA ASP F 72 -25.99 50.63 -11.43
C ASP F 72 -27.20 50.89 -10.55
N MET F 73 -27.14 50.45 -9.31
CA MET F 73 -28.26 50.59 -8.39
C MET F 73 -27.75 50.99 -7.02
N TYR F 74 -28.62 51.64 -6.25
CA TYR F 74 -28.28 52.18 -4.95
C TYR F 74 -28.82 51.29 -3.85
N LEU F 75 -28.11 51.28 -2.71
CA LEU F 75 -28.54 50.53 -1.53
C LEU F 75 -29.05 51.52 -0.49
N HIS F 76 -30.29 51.30 -0.03
CA HIS F 76 -30.88 52.11 1.03
C HIS F 76 -31.03 51.23 2.27
N PRO F 77 -30.19 51.40 3.29
CA PRO F 77 -30.29 50.53 4.47
C PRO F 77 -31.55 50.80 5.27
N ASP F 78 -32.02 49.76 5.96
CA ASP F 78 -33.12 49.87 6.91
C ASP F 78 -32.48 49.84 8.31
N LEU F 79 -32.56 50.97 9.00
CA LEU F 79 -31.83 51.12 10.26
C LEU F 79 -32.37 50.22 11.36
N ASP F 80 -33.62 49.76 11.25
CA ASP F 80 -34.19 48.86 12.25
C ASP F 80 -33.59 47.46 12.19
N THR F 81 -32.93 47.10 11.09
CA THR F 81 -32.33 45.79 10.94
C THR F 81 -30.90 45.73 11.45
N TRP F 82 -30.41 46.81 12.06
CA TRP F 82 -29.03 46.85 12.55
C TRP F 82 -28.81 45.78 13.60
N VAL F 83 -27.70 45.06 13.47
CA VAL F 83 -27.31 44.04 14.44
C VAL F 83 -25.81 43.81 14.28
N ILE F 84 -25.14 43.51 15.39
CA ILE F 84 -23.70 43.29 15.42
C ILE F 84 -23.46 41.81 15.69
N PHE F 85 -22.68 41.18 14.81
CA PHE F 85 -22.38 39.77 14.96
C PHE F 85 -21.44 39.53 16.14
N PRO F 86 -21.57 38.41 16.85
CA PRO F 86 -20.75 38.18 18.05
C PRO F 86 -19.37 37.64 17.72
N TRP F 87 -18.97 37.71 16.46
CA TRP F 87 -17.65 37.23 16.05
C TRP F 87 -16.76 38.37 15.57
N GLY F 92 -11.53 43.87 15.80
CA GLY F 92 -12.76 44.59 15.54
C GLY F 92 -13.97 43.68 15.40
N LYS F 93 -15.13 44.27 15.19
CA LYS F 93 -16.38 43.54 15.06
C LYS F 93 -16.98 43.80 13.68
N VAL F 94 -17.95 42.95 13.33
CA VAL F 94 -18.68 43.04 12.06
C VAL F 94 -20.14 43.31 12.37
N ALA F 95 -20.71 44.31 11.70
CA ALA F 95 -22.11 44.64 11.80
C ALA F 95 -22.74 44.56 10.41
N ARG F 96 -24.07 44.43 10.39
CA ARG F 96 -24.78 44.30 9.13
C ARG F 96 -25.99 45.20 9.12
N LEU F 97 -26.40 45.59 7.92
CA LEU F 97 -27.63 46.33 7.68
C LEU F 97 -28.31 45.74 6.45
N ILE F 98 -29.59 45.43 6.58
CA ILE F 98 -30.38 44.92 5.45
C ILE F 98 -30.84 46.11 4.63
N CYS F 99 -30.54 46.10 3.34
CA CYS F 99 -30.78 47.25 2.48
C CYS F 99 -31.77 46.90 1.38
N ASP F 100 -32.62 47.87 1.05
CA ASP F 100 -33.46 47.78 -0.12
C ASP F 100 -32.71 48.31 -1.34
N VAL F 101 -33.12 47.86 -2.51
CA VAL F 101 -32.43 48.20 -3.75
C VAL F 101 -33.26 49.25 -4.49
N TYR F 102 -32.61 50.34 -4.87
CA TYR F 102 -33.26 51.44 -5.57
C TYR F 102 -32.61 51.67 -6.92
N LYS F 103 -33.40 52.09 -7.89
CA LYS F 103 -32.87 52.42 -9.21
C LYS F 103 -32.22 53.80 -9.17
N THR F 104 -31.66 54.21 -10.30
CA THR F 104 -31.02 55.52 -10.39
C THR F 104 -32.02 56.66 -10.41
N ASP F 105 -33.31 56.38 -10.56
CA ASP F 105 -34.34 57.40 -10.59
C ASP F 105 -35.01 57.61 -9.23
N GLY F 106 -34.47 57.00 -8.18
CA GLY F 106 -35.00 57.17 -6.84
C GLY F 106 -36.15 56.26 -6.48
N THR F 107 -36.59 55.39 -7.39
CA THR F 107 -37.69 54.49 -7.08
C THR F 107 -37.16 53.09 -6.79
N PRO F 108 -37.84 52.34 -5.92
CA PRO F 108 -37.37 50.99 -5.59
C PRO F 108 -37.37 50.08 -6.80
N PHE F 109 -36.39 49.19 -6.86
CA PHE F 109 -36.26 48.26 -7.97
C PHE F 109 -37.40 47.24 -7.92
N GLU F 110 -38.07 47.04 -9.06
CA GLU F 110 -39.21 46.14 -9.11
C GLU F 110 -38.80 44.67 -9.02
N GLY F 111 -37.53 44.35 -9.20
CA GLY F 111 -37.05 43.00 -9.09
C GLY F 111 -36.59 42.58 -7.70
N ASP F 112 -36.76 43.43 -6.70
CA ASP F 112 -36.31 43.14 -5.35
C ASP F 112 -37.43 42.43 -4.59
N PRO F 113 -37.23 41.21 -4.10
CA PRO F 113 -38.31 40.51 -3.39
C PRO F 113 -38.80 41.23 -2.14
N ARG F 114 -37.90 41.90 -1.42
CA ARG F 114 -38.31 42.61 -0.21
C ARG F 114 -39.25 43.76 -0.55
N ALA F 115 -38.92 44.54 -1.58
CA ALA F 115 -39.80 45.62 -2.01
C ALA F 115 -41.13 45.08 -2.52
N ASN F 116 -41.11 43.93 -3.20
CA ASN F 116 -42.35 43.32 -3.66
C ASN F 116 -43.24 42.92 -2.49
N LEU F 117 -42.65 42.33 -1.45
CA LEU F 117 -43.42 41.97 -0.27
C LEU F 117 -43.98 43.21 0.41
N LYS F 118 -43.18 44.28 0.48
CA LYS F 118 -43.67 45.52 1.07
C LYS F 118 -44.84 46.08 0.27
N ARG F 119 -44.76 46.03 -1.06
CA ARG F 119 -45.87 46.49 -1.90
C ARG F 119 -47.12 45.64 -1.67
N VAL F 120 -46.95 44.32 -1.57
CA VAL F 120 -48.10 43.44 -1.33
C VAL F 120 -48.74 43.76 0.02
N LEU F 121 -47.92 43.97 1.05
CA LEU F 121 -48.46 44.34 2.36
C LEU F 121 -49.19 45.68 2.31
N LYS F 122 -48.62 46.65 1.59
CA LYS F 122 -49.26 47.96 1.48
C LYS F 122 -50.62 47.85 0.79
N GLU F 123 -50.70 47.04 -0.27
CA GLU F 123 -51.98 46.84 -0.93
C GLU F 123 -52.95 46.01 -0.08
N MET F 124 -52.43 45.15 0.80
CA MET F 124 -53.28 44.46 1.75
C MET F 124 -53.90 45.44 2.74
N GLU F 125 -53.12 46.44 3.17
CA GLU F 125 -53.58 47.40 4.14
C GLU F 125 -54.82 48.17 3.69
N ASP F 126 -55.08 48.24 2.38
CA ASP F 126 -56.28 48.88 1.88
C ASP F 126 -57.54 48.05 2.13
N LEU F 127 -57.39 46.78 2.51
CA LEU F 127 -58.54 45.94 2.82
C LEU F 127 -58.96 46.00 4.28
N GLY F 128 -58.29 46.83 5.09
CA GLY F 128 -58.62 46.98 6.48
C GLY F 128 -57.68 46.26 7.43
N PHE F 129 -56.89 45.32 6.94
CA PHE F 129 -55.94 44.59 7.77
C PHE F 129 -54.66 45.40 7.96
N THR F 130 -54.09 45.30 9.16
CA THR F 130 -52.90 46.08 9.50
C THR F 130 -51.63 45.26 9.58
N ASP F 131 -51.70 44.01 10.02
CA ASP F 131 -50.50 43.21 10.21
C ASP F 131 -50.71 41.80 9.68
N PHE F 132 -49.61 41.20 9.22
CA PHE F 132 -49.58 39.82 8.76
C PHE F 132 -48.38 39.16 9.43
N ASN F 133 -48.65 38.38 10.47
CA ASN F 133 -47.60 37.80 11.29
C ASN F 133 -47.26 36.39 10.82
N LEU F 134 -45.96 36.09 10.80
CA LEU F 134 -45.45 34.81 10.34
C LEU F 134 -44.55 34.21 11.41
N GLY F 135 -44.79 32.94 11.73
CA GLY F 135 -43.87 32.14 12.49
C GLY F 135 -43.41 30.95 11.67
N PRO F 136 -42.13 30.92 11.32
CA PRO F 136 -41.61 29.81 10.52
C PRO F 136 -41.11 28.66 11.38
N GLU F 137 -41.06 27.48 10.77
CA GLU F 137 -40.53 26.27 11.40
C GLU F 137 -39.47 25.66 10.51
N PRO F 138 -38.31 26.29 10.41
CA PRO F 138 -37.27 25.79 9.48
C PRO F 138 -36.56 24.58 10.06
N GLU F 139 -36.41 23.54 9.25
CA GLU F 139 -35.66 22.35 9.60
C GLU F 139 -34.42 22.26 8.71
N PHE F 140 -33.32 21.79 9.29
CA PHE F 140 -32.07 21.70 8.56
C PHE F 140 -31.35 20.40 8.93
N PHE F 141 -30.38 20.04 8.11
CA PHE F 141 -29.57 18.86 8.33
C PHE F 141 -28.13 19.27 8.64
N LEU F 142 -27.48 18.50 9.51
CA LEU F 142 -26.08 18.69 9.85
C LEU F 142 -25.31 17.44 9.41
N PHE F 143 -24.31 17.66 8.55
CA PHE F 143 -23.48 16.58 8.03
C PHE F 143 -22.05 16.77 8.52
N LYS F 144 -21.32 15.66 8.59
CA LYS F 144 -19.93 15.69 9.00
C LYS F 144 -19.03 16.09 7.82
N LEU F 145 -17.96 16.80 8.14
CA LEU F 145 -16.95 17.18 7.16
C LEU F 145 -15.81 16.16 7.17
N ASP F 146 -15.18 15.99 6.02
CA ASP F 146 -14.06 15.08 5.89
C ASP F 146 -12.75 15.82 6.18
N GLU F 147 -11.62 15.16 5.91
CA GLU F 147 -10.32 15.78 6.17
C GLU F 147 -10.09 16.99 5.27
N LYS F 148 -10.49 16.91 4.01
CA LYS F 148 -10.33 18.01 3.07
C LYS F 148 -11.28 19.17 3.32
N GLY F 149 -12.24 19.00 4.22
CA GLY F 149 -13.21 20.04 4.52
C GLY F 149 -14.47 20.01 3.70
N GLU F 150 -14.68 18.98 2.89
CA GLU F 150 -15.90 18.85 2.11
C GLU F 150 -16.98 18.12 2.91
N PRO F 151 -18.25 18.44 2.68
CA PRO F 151 -19.32 17.73 3.38
C PRO F 151 -19.43 16.28 2.91
N THR F 152 -19.66 15.38 3.86
CA THR F 152 -19.91 13.99 3.58
C THR F 152 -21.40 13.69 3.72
N LEU F 153 -21.76 12.42 3.63
CA LEU F 153 -23.14 11.99 3.80
C LEU F 153 -23.40 11.41 5.19
N GLU F 154 -22.45 11.54 6.10
CA GLU F 154 -22.61 11.07 7.46
C GLU F 154 -23.23 12.15 8.33
N LEU F 155 -24.20 11.77 9.14
CA LEU F 155 -24.91 12.73 9.98
C LEU F 155 -24.12 13.01 11.25
N ASN F 156 -24.46 14.13 11.90
CA ASN F 156 -23.77 14.53 13.12
C ASN F 156 -24.18 13.69 14.32
N ASP F 157 -25.39 13.13 14.31
CA ASP F 157 -25.86 12.30 15.41
C ASP F 157 -26.76 11.20 14.85
N ASP F 158 -27.45 10.49 15.73
CA ASP F 158 -28.32 9.39 15.33
C ASP F 158 -29.63 9.42 16.12
N GLY F 159 -30.09 10.61 16.48
CA GLY F 159 -31.29 10.75 17.27
C GLY F 159 -32.57 10.68 16.44
N GLY F 160 -33.69 10.71 17.14
CA GLY F 160 -34.99 10.66 16.52
C GLY F 160 -35.86 11.84 16.86
N TYR F 161 -37.18 11.67 16.73
CA TYR F 161 -38.11 12.77 16.96
C TYR F 161 -38.09 13.20 18.43
N PHE F 162 -37.73 14.46 18.67
CA PHE F 162 -37.68 15.05 20.01
C PHE F 162 -36.68 14.33 20.91
N ASP F 163 -35.69 13.67 20.32
CA ASP F 163 -34.69 12.98 21.10
C ASP F 163 -33.71 13.96 21.73
N LEU F 164 -33.09 13.52 22.83
CA LEU F 164 -32.00 14.27 23.45
C LEU F 164 -30.66 13.67 23.00
N ALA F 165 -30.43 13.69 21.69
CA ALA F 165 -29.29 13.01 21.09
C ALA F 165 -27.97 13.73 21.36
N PRO F 166 -27.79 15.00 20.92
CA PRO F 166 -26.52 15.68 21.20
C PRO F 166 -26.53 16.19 22.63
N THR F 167 -26.20 15.33 23.58
CA THR F 167 -26.65 15.52 24.96
C THR F 167 -26.16 16.82 25.59
N ASP F 168 -24.88 16.89 25.96
CA ASP F 168 -24.36 18.15 26.46
C ASP F 168 -22.91 18.41 26.08
N LEU F 169 -22.19 17.38 25.65
CA LEU F 169 -20.73 17.40 25.64
C LEU F 169 -20.18 17.09 24.25
N GLY F 170 -19.64 18.11 23.60
CA GLY F 170 -18.69 17.93 22.52
C GLY F 170 -18.97 18.69 21.24
N GLU F 171 -20.21 18.69 20.75
CA GLU F 171 -20.59 19.64 19.72
C GLU F 171 -21.80 20.47 20.11
N ASN F 172 -22.94 19.83 20.39
CA ASN F 172 -24.22 20.49 20.67
C ASN F 172 -24.41 21.75 19.82
N CYS F 173 -24.34 21.55 18.51
CA CYS F 173 -24.41 22.67 17.58
C CYS F 173 -25.75 23.39 17.67
N ARG F 174 -26.84 22.65 17.88
CA ARG F 174 -28.16 23.27 17.99
C ARG F 174 -28.24 24.20 19.19
N ARG F 175 -27.70 23.77 20.34
CA ARG F 175 -27.71 24.62 21.53
C ARG F 175 -26.90 25.89 21.32
N ASP F 176 -25.73 25.75 20.69
CA ASP F 176 -24.90 26.93 20.43
C ASP F 176 -25.60 27.88 19.46
N ILE F 177 -26.27 27.34 18.45
CA ILE F 177 -27.02 28.19 17.52
C ILE F 177 -28.11 28.96 18.26
N VAL F 178 -28.86 28.26 19.12
CA VAL F 178 -29.94 28.91 19.86
C VAL F 178 -29.39 30.00 20.76
N LEU F 179 -28.31 29.71 21.49
CA LEU F 179 -27.75 30.70 22.40
C LEU F 179 -27.19 31.90 21.66
N GLU F 180 -26.51 31.67 20.53
CA GLU F 180 -25.97 32.78 19.75
C GLU F 180 -27.08 33.63 19.16
N LEU F 181 -28.16 33.01 18.70
CA LEU F 181 -29.31 33.78 18.21
C LEU F 181 -29.93 34.60 19.33
N GLU F 182 -30.03 34.02 20.53
CA GLU F 182 -30.56 34.76 21.67
C GLU F 182 -29.67 35.95 22.02
N ASP F 183 -28.35 35.77 21.92
CA ASP F 183 -27.44 36.89 22.19
C ASP F 183 -27.59 37.99 21.14
N MET F 184 -27.89 37.64 19.89
CA MET F 184 -28.04 38.61 18.84
C MET F 184 -29.34 39.39 18.90
N GLY F 185 -30.26 39.00 19.77
CA GLY F 185 -31.54 39.67 19.88
C GLY F 185 -32.71 38.98 19.23
N PHE F 186 -32.63 37.67 19.01
CA PHE F 186 -33.71 36.91 18.41
C PHE F 186 -34.71 36.47 19.48
N ASP F 187 -35.86 36.01 19.02
CA ASP F 187 -36.93 35.51 19.89
C ASP F 187 -37.18 34.05 19.53
N ILE F 188 -36.54 33.15 20.28
CA ILE F 188 -36.66 31.72 20.04
C ILE F 188 -37.75 31.14 20.94
N GLU F 189 -38.66 30.38 20.35
CA GLU F 189 -39.73 29.74 21.11
C GLU F 189 -39.26 28.41 21.71
N ALA F 190 -38.82 27.49 20.86
CA ALA F 190 -38.32 26.19 21.32
C ALA F 190 -37.53 25.55 20.18
N SER F 191 -36.72 24.55 20.54
CA SER F 191 -35.96 23.78 19.58
C SER F 191 -35.99 22.32 19.98
N HIS F 192 -35.84 21.45 18.99
CA HIS F 192 -35.91 20.01 19.23
C HIS F 192 -35.23 19.27 18.10
N HIS F 193 -34.90 18.01 18.35
CA HIS F 193 -34.41 17.13 17.31
C HIS F 193 -35.55 16.69 16.40
N GLU F 194 -35.27 16.58 15.11
CA GLU F 194 -36.29 16.25 14.13
C GLU F 194 -36.34 14.72 13.94
N VAL F 195 -37.24 14.29 13.05
CA VAL F 195 -37.48 12.85 12.88
C VAL F 195 -36.25 12.15 12.35
N ALA F 196 -35.67 12.68 11.27
CA ALA F 196 -34.53 12.04 10.64
C ALA F 196 -33.27 12.25 11.48
N PRO F 197 -32.34 11.30 11.46
CA PRO F 197 -31.07 11.50 12.16
C PRO F 197 -30.32 12.70 11.58
N GLY F 198 -29.70 13.47 12.47
CA GLY F 198 -28.97 14.65 12.04
C GLY F 198 -29.84 15.81 11.61
N GLN F 199 -31.15 15.74 11.81
CA GLN F 199 -32.07 16.80 11.42
C GLN F 199 -32.52 17.56 12.65
N HIS F 200 -32.57 18.88 12.54
CA HIS F 200 -32.85 19.75 13.67
C HIS F 200 -33.84 20.83 13.25
N GLU F 201 -34.59 21.33 14.23
CA GLU F 201 -35.57 22.37 14.02
C GLU F 201 -35.48 23.40 15.14
N ILE F 202 -35.50 24.68 14.78
CA ILE F 202 -35.54 25.79 15.72
C ILE F 202 -36.72 26.67 15.36
N ASP F 203 -37.58 26.93 16.35
CA ASP F 203 -38.82 27.67 16.12
C ASP F 203 -38.70 29.10 16.64
N PHE F 204 -39.25 30.04 15.89
CA PHE F 204 -39.26 31.45 16.28
C PHE F 204 -40.65 31.85 16.74
N LYS F 205 -40.68 32.87 17.61
CA LYS F 205 -41.93 33.53 17.93
C LYS F 205 -42.39 34.36 16.74
N TYR F 206 -43.71 34.55 16.64
CA TYR F 206 -44.27 35.24 15.48
C TYR F 206 -43.81 36.68 15.43
N ALA F 207 -43.60 37.17 14.21
CA ALA F 207 -43.21 38.55 13.96
C ALA F 207 -43.88 39.02 12.69
N ASP F 208 -43.79 40.32 12.43
CA ASP F 208 -44.36 40.87 11.20
C ASP F 208 -43.64 40.31 9.98
N ALA F 209 -44.31 40.42 8.84
CA ALA F 209 -43.89 39.68 7.64
C ALA F 209 -42.45 40.00 7.24
N VAL F 210 -42.14 41.28 7.08
CA VAL F 210 -40.80 41.66 6.64
C VAL F 210 -39.76 41.26 7.68
N THR F 211 -40.07 41.50 8.96
CA THR F 211 -39.16 41.10 10.03
C THR F 211 -38.99 39.59 10.07
N ALA F 212 -40.07 38.85 9.84
CA ALA F 212 -39.98 37.39 9.83
C ALA F 212 -39.08 36.88 8.72
N CYS F 213 -39.22 37.44 7.51
CA CYS F 213 -38.36 37.01 6.41
C CYS F 213 -36.90 37.39 6.65
N ASP F 214 -36.66 38.59 7.18
CA ASP F 214 -35.31 38.99 7.53
C ASP F 214 -34.72 38.05 8.58
N ASN F 215 -35.53 37.66 9.57
CA ASN F 215 -35.07 36.73 10.58
C ASN F 215 -34.76 35.37 9.99
N ILE F 216 -35.54 34.93 9.00
CA ILE F 216 -35.26 33.66 8.34
C ILE F 216 -33.91 33.72 7.63
N GLN F 217 -33.66 34.80 6.90
CA GLN F 217 -32.37 34.94 6.21
C GLN F 217 -31.21 34.97 7.20
N THR F 218 -31.35 35.76 8.26
CA THR F 218 -30.30 35.84 9.27
C THR F 218 -30.09 34.51 9.96
N PHE F 219 -31.18 33.77 10.22
CA PHE F 219 -31.07 32.45 10.84
C PHE F 219 -30.31 31.49 9.95
N LYS F 220 -30.59 31.50 8.64
CA LYS F 220 -29.84 30.64 7.73
C LYS F 220 -28.36 30.98 7.76
N LEU F 221 -28.03 32.28 7.71
CA LEU F 221 -26.63 32.69 7.74
C LEU F 221 -25.96 32.25 9.04
N VAL F 222 -26.63 32.47 10.17
CA VAL F 222 -26.04 32.15 11.47
C VAL F 222 -25.85 30.64 11.62
N VAL F 223 -26.83 29.85 11.18
CA VAL F 223 -26.72 28.40 11.26
C VAL F 223 -25.56 27.92 10.42
N LYS F 224 -25.43 28.43 9.20
CA LYS F 224 -24.35 27.99 8.34
C LYS F 224 -22.98 28.39 8.89
N THR F 225 -22.90 29.54 9.56
CA THR F 225 -21.64 29.94 10.17
C THR F 225 -21.29 29.05 11.37
N ILE F 226 -22.25 28.85 12.28
CA ILE F 226 -21.96 28.12 13.50
C ILE F 226 -21.69 26.64 13.21
N ALA F 227 -22.37 26.06 12.22
CA ALA F 227 -22.07 24.68 11.85
C ALA F 227 -20.64 24.55 11.36
N ARG F 228 -20.18 25.53 10.58
CA ARG F 228 -18.78 25.53 10.15
C ARG F 228 -17.83 25.70 11.33
N LYS F 229 -18.26 26.45 12.36
CA LYS F 229 -17.45 26.53 13.58
C LYS F 229 -17.25 25.17 14.23
N HIS F 230 -18.26 24.30 14.18
CA HIS F 230 -18.21 23.01 14.85
C HIS F 230 -17.73 21.89 13.92
N ASN F 231 -17.04 22.23 12.84
CA ASN F 231 -16.55 21.25 11.87
C ASN F 231 -17.70 20.42 11.28
N LEU F 232 -18.82 21.10 11.03
CA LEU F 232 -20.00 20.48 10.44
C LEU F 232 -20.44 21.29 9.23
N HIS F 233 -21.39 20.74 8.48
CA HIS F 233 -21.97 21.42 7.33
C HIS F 233 -23.48 21.44 7.51
N ALA F 234 -24.06 22.64 7.52
CA ALA F 234 -25.50 22.78 7.65
C ALA F 234 -26.11 22.97 6.27
N THR F 235 -27.15 22.20 5.98
CA THR F 235 -27.83 22.30 4.70
C THR F 235 -29.34 22.42 4.92
N PHE F 236 -29.95 23.32 4.14
CA PHE F 236 -31.39 23.46 4.07
C PHE F 236 -31.97 22.82 2.82
N MET F 237 -31.26 21.84 2.27
CA MET F 237 -31.74 21.12 1.10
C MET F 237 -33.04 20.40 1.45
N PRO F 238 -34.08 20.51 0.62
CA PRO F 238 -35.38 19.89 0.98
C PRO F 238 -35.30 18.39 1.21
N LYS F 239 -34.52 17.67 0.41
CA LYS F 239 -34.41 16.21 0.52
C LYS F 239 -32.99 15.78 0.20
N PRO F 240 -32.08 15.92 1.17
CA PRO F 240 -30.70 15.52 0.91
C PRO F 240 -30.50 14.02 0.86
N LEU F 241 -31.32 13.25 1.56
CA LEU F 241 -31.16 11.80 1.64
C LEU F 241 -32.46 11.11 1.27
N PHE F 242 -32.34 10.05 0.47
CA PHE F 242 -33.49 9.25 0.10
C PHE F 242 -33.86 8.30 1.25
N GLY F 243 -35.16 8.09 1.44
CA GLY F 243 -35.64 7.15 2.42
C GLY F 243 -35.83 7.69 3.82
N VAL F 244 -35.47 8.95 4.07
CA VAL F 244 -35.67 9.58 5.36
C VAL F 244 -36.48 10.85 5.17
N ASN F 245 -36.89 11.44 6.28
CA ASN F 245 -37.70 12.65 6.24
C ASN F 245 -36.93 13.79 5.60
N GLY F 246 -37.65 14.63 4.86
CA GLY F 246 -37.10 15.85 4.33
C GLY F 246 -37.24 17.01 5.30
N SER F 247 -36.76 18.17 4.88
CA SER F 247 -36.81 19.38 5.68
C SER F 247 -37.90 20.31 5.14
N GLY F 248 -38.77 20.79 6.03
CA GLY F 248 -39.79 21.75 5.68
C GLY F 248 -39.60 23.06 6.43
N MET F 249 -40.34 24.06 5.99
CA MET F 249 -40.32 25.40 6.58
C MET F 249 -41.77 25.88 6.76
N HIS F 250 -42.56 25.08 7.45
CA HIS F 250 -43.97 25.38 7.68
C HIS F 250 -44.14 26.83 8.15
N PHE F 251 -45.13 27.50 7.55
CA PHE F 251 -45.42 28.91 7.81
C PHE F 251 -46.72 29.00 8.59
N ASN F 252 -46.64 29.46 9.84
CA ASN F 252 -47.85 29.77 10.62
C ASN F 252 -48.15 31.25 10.44
N VAL F 253 -49.24 31.56 9.76
CA VAL F 253 -49.56 32.95 9.42
C VAL F 253 -50.84 33.34 10.14
N SER F 254 -50.92 34.64 10.45
CA SER F 254 -52.10 35.19 11.12
C SER F 254 -52.33 36.62 10.65
N LEU F 255 -53.59 36.97 10.43
CA LEU F 255 -53.98 38.30 10.02
C LEU F 255 -54.46 39.12 11.22
N PHE F 256 -54.14 40.41 11.22
CA PHE F 256 -54.51 41.30 12.30
C PHE F 256 -55.02 42.61 11.72
N LYS F 257 -56.18 43.07 12.19
CA LYS F 257 -56.63 44.43 11.89
C LYS F 257 -56.83 45.15 13.22
N GLY F 258 -55.73 45.59 13.80
CA GLY F 258 -55.74 46.49 14.94
C GLY F 258 -55.83 45.74 16.25
N LYS F 259 -54.69 45.52 16.91
CA LYS F 259 -54.62 44.89 18.23
C LYS F 259 -55.60 43.72 18.40
N GLU F 260 -55.83 42.96 17.35
CA GLU F 260 -56.88 41.95 17.38
C GLU F 260 -56.68 40.97 16.23
N ASN F 261 -56.69 39.68 16.54
CA ASN F 261 -56.55 38.64 15.53
C ASN F 261 -57.84 38.53 14.73
N ALA F 262 -57.74 38.65 13.41
CA ALA F 262 -58.89 38.57 12.53
C ALA F 262 -59.36 37.15 12.29
N PHE F 263 -58.59 36.14 12.71
CA PHE F 263 -58.98 34.74 12.55
C PHE F 263 -59.72 34.18 13.75
N PHE F 264 -59.78 34.91 14.86
CA PHE F 264 -60.34 34.40 16.09
C PHE F 264 -61.82 34.74 16.20
N ASP F 265 -62.64 33.73 16.47
CA ASP F 265 -64.07 33.90 16.73
C ASP F 265 -64.34 33.55 18.18
N PRO F 266 -64.57 34.54 19.05
CA PRO F 266 -64.73 34.23 20.48
C PRO F 266 -66.07 33.60 20.85
N ASN F 267 -67.01 33.51 19.91
CA ASN F 267 -68.33 32.96 20.19
C ASN F 267 -68.50 31.53 19.70
N THR F 268 -68.01 31.22 18.50
CA THR F 268 -68.15 29.88 17.96
C THR F 268 -67.30 28.89 18.75
N GLU F 269 -67.81 27.66 18.87
CA GLU F 269 -67.07 26.62 19.58
C GLU F 269 -65.76 26.29 18.88
N MET F 270 -65.78 26.21 17.55
CA MET F 270 -64.54 25.99 16.80
C MET F 270 -63.59 27.17 16.96
N GLY F 271 -64.14 28.38 17.03
CA GLY F 271 -63.32 29.55 17.26
C GLY F 271 -62.63 30.11 16.04
N LEU F 272 -63.17 29.87 14.85
CA LEU F 272 -62.60 30.38 13.61
C LEU F 272 -63.57 31.34 12.95
N THR F 273 -63.07 32.52 12.58
CA THR F 273 -63.87 33.52 11.90
C THR F 273 -64.08 33.12 10.44
N GLU F 274 -65.17 33.62 9.85
CA GLU F 274 -65.39 33.42 8.43
C GLU F 274 -64.25 33.95 7.59
N THR F 275 -63.56 34.99 8.09
CA THR F 275 -62.37 35.48 7.40
C THR F 275 -61.30 34.41 7.31
N ALA F 276 -61.09 33.65 8.39
CA ALA F 276 -60.11 32.57 8.36
C ALA F 276 -60.50 31.49 7.36
N TYR F 277 -61.79 31.16 7.30
CA TYR F 277 -62.25 30.16 6.34
C TYR F 277 -62.05 30.65 4.91
N GLN F 278 -62.34 31.92 4.65
CA GLN F 278 -62.09 32.47 3.32
C GLN F 278 -60.59 32.45 2.99
N PHE F 279 -59.75 32.77 3.97
CA PHE F 279 -58.31 32.77 3.74
C PHE F 279 -57.80 31.38 3.39
N THR F 280 -58.21 30.36 4.15
CA THR F 280 -57.75 29.01 3.84
C THR F 280 -58.34 28.50 2.54
N ALA F 281 -59.58 28.89 2.21
CA ALA F 281 -60.15 28.54 0.93
C ALA F 281 -59.34 29.14 -0.22
N GLY F 282 -58.94 30.41 -0.08
CA GLY F 282 -58.11 31.02 -1.10
C GLY F 282 -56.74 30.40 -1.23
N VAL F 283 -56.14 30.02 -0.11
CA VAL F 283 -54.85 29.35 -0.17
C VAL F 283 -54.98 27.98 -0.85
N LEU F 284 -56.05 27.25 -0.54
CA LEU F 284 -56.28 25.96 -1.17
C LEU F 284 -56.56 26.10 -2.66
N LYS F 285 -57.25 27.17 -3.05
CA LYS F 285 -57.63 27.35 -4.45
C LYS F 285 -56.40 27.56 -5.33
N ASN F 286 -55.43 28.33 -4.86
CA ASN F 286 -54.26 28.68 -5.65
C ASN F 286 -53.01 27.93 -5.22
N ALA F 287 -53.18 26.78 -4.55
CA ALA F 287 -52.02 26.02 -4.07
C ALA F 287 -51.14 25.56 -5.21
N ARG F 288 -51.74 25.09 -6.31
CA ARG F 288 -50.95 24.69 -7.47
C ARG F 288 -50.24 25.88 -8.10
N GLY F 289 -50.81 27.08 -7.96
CA GLY F 289 -50.20 28.24 -8.59
C GLY F 289 -48.87 28.62 -7.99
N PHE F 290 -48.76 28.62 -6.66
CA PHE F 290 -47.55 29.07 -5.98
C PHE F 290 -46.67 27.91 -5.52
N THR F 291 -46.94 26.68 -5.96
CA THR F 291 -46.12 25.55 -5.57
C THR F 291 -44.68 25.72 -6.05
N ALA F 292 -44.51 26.22 -7.28
CA ALA F 292 -43.17 26.42 -7.82
C ALA F 292 -42.37 27.42 -6.98
N VAL F 293 -43.00 28.52 -6.55
CA VAL F 293 -42.29 29.50 -5.74
C VAL F 293 -41.96 28.95 -4.36
N CYS F 294 -42.91 28.25 -3.74
CA CYS F 294 -42.67 27.69 -2.41
C CYS F 294 -41.78 26.44 -2.46
N ASN F 295 -41.66 25.80 -3.61
CA ASN F 295 -40.79 24.63 -3.79
C ASN F 295 -39.97 24.88 -5.05
N PRO F 296 -38.93 25.72 -4.97
CA PRO F 296 -38.26 26.19 -6.19
C PRO F 296 -37.18 25.27 -6.75
N LEU F 297 -36.71 24.28 -5.99
CA LEU F 297 -35.64 23.42 -6.46
C LEU F 297 -36.21 22.16 -7.12
N VAL F 298 -35.39 21.53 -7.96
CA VAL F 298 -35.72 20.22 -8.49
C VAL F 298 -35.82 19.21 -7.35
N ASN F 299 -34.90 19.28 -6.39
CA ASN F 299 -34.90 18.38 -5.25
C ASN F 299 -36.12 18.55 -4.37
N SER F 300 -36.76 19.72 -4.40
CA SER F 300 -37.90 19.97 -3.52
C SER F 300 -39.00 18.95 -3.73
N TYR F 301 -39.26 18.58 -4.98
CA TYR F 301 -40.32 17.65 -5.30
C TYR F 301 -39.95 16.21 -5.00
N LYS F 302 -38.70 15.95 -4.61
CA LYS F 302 -38.36 14.67 -4.00
C LYS F 302 -38.78 14.60 -2.54
N ARG F 303 -39.03 15.74 -1.89
CA ARG F 303 -39.62 15.75 -0.57
C ARG F 303 -41.12 15.52 -0.63
N LEU F 304 -41.78 16.03 -1.66
CA LEU F 304 -43.24 15.90 -1.81
C LEU F 304 -43.61 14.50 -2.30
N VAL F 305 -43.26 13.52 -1.48
CA VAL F 305 -43.62 12.12 -1.73
C VAL F 305 -44.31 11.59 -0.48
N PRO F 306 -45.24 10.64 -0.61
CA PRO F 306 -46.00 10.19 0.56
C PRO F 306 -45.14 9.43 1.55
N GLY F 307 -45.53 9.49 2.82
CA GLY F 307 -44.91 8.73 3.88
C GLY F 307 -43.95 9.49 4.76
N TYR F 308 -43.66 10.76 4.46
CA TYR F 308 -42.70 11.53 5.24
C TYR F 308 -43.30 12.82 5.77
N GLU F 309 -44.62 12.85 5.95
CA GLU F 309 -45.40 13.95 6.51
C GLU F 309 -45.45 15.18 5.62
N ALA F 310 -44.76 15.19 4.50
CA ALA F 310 -44.87 16.32 3.59
C ALA F 310 -46.20 16.26 2.84
N PRO F 311 -46.86 17.39 2.61
CA PRO F 311 -48.12 17.37 1.88
C PRO F 311 -47.94 16.94 0.44
N CYS F 312 -48.89 16.15 -0.05
CA CYS F 312 -48.89 15.69 -1.43
C CYS F 312 -50.14 16.07 -2.20
N TYR F 313 -51.23 16.42 -1.53
CA TYR F 313 -52.45 16.86 -2.18
C TYR F 313 -52.99 18.08 -1.44
N ILE F 314 -53.97 18.73 -2.07
CA ILE F 314 -54.47 20.02 -1.61
C ILE F 314 -55.66 19.74 -0.70
N ALA F 315 -55.45 19.86 0.61
CA ALA F 315 -56.50 19.66 1.59
C ALA F 315 -56.11 20.34 2.89
N TRP F 316 -57.10 20.56 3.74
CA TRP F 316 -56.88 21.16 5.05
C TRP F 316 -57.53 20.30 6.12
N SER F 317 -56.95 20.33 7.31
CA SER F 317 -57.46 19.53 8.42
C SER F 317 -56.93 20.11 9.73
N GLY F 318 -57.56 19.69 10.82
CA GLY F 318 -57.10 20.05 12.15
C GLY F 318 -56.26 18.94 12.77
N LYS F 319 -56.42 17.72 12.23
CA LYS F 319 -55.69 16.57 12.75
C LYS F 319 -55.53 15.58 11.59
N ASN F 320 -54.35 15.58 10.97
CA ASN F 320 -54.06 14.67 9.87
C ASN F 320 -52.55 14.50 9.78
N ARG F 321 -52.13 13.42 9.13
CA ARG F 321 -50.70 13.13 9.03
C ARG F 321 -49.97 14.17 8.19
N SER F 322 -50.47 14.44 6.99
CA SER F 322 -49.82 15.37 6.07
C SER F 322 -50.87 16.21 5.34
N PRO F 323 -51.52 17.14 6.05
CA PRO F 323 -52.40 18.09 5.38
C PRO F 323 -51.61 19.27 4.82
N LEU F 324 -52.10 19.81 3.71
CA LEU F 324 -51.48 21.00 3.15
C LEU F 324 -51.63 22.18 4.11
N ILE F 325 -52.80 22.34 4.71
CA ILE F 325 -53.06 23.38 5.69
C ILE F 325 -53.49 22.73 6.99
N ARG F 326 -52.82 23.10 8.08
CA ARG F 326 -53.17 22.64 9.41
C ARG F 326 -53.59 23.84 10.26
N VAL F 327 -54.64 23.66 11.06
CA VAL F 327 -55.11 24.68 11.98
C VAL F 327 -54.74 24.24 13.39
N PRO F 328 -53.76 24.87 14.02
CA PRO F 328 -53.38 24.48 15.38
C PRO F 328 -54.50 24.74 16.37
N SER F 329 -54.50 23.98 17.46
CA SER F 329 -55.53 24.06 18.48
C SER F 329 -55.50 25.37 19.27
N SER F 330 -54.43 26.15 19.15
CA SER F 330 -54.34 27.41 19.87
C SER F 330 -55.41 28.39 19.37
N ARG F 331 -55.90 29.22 20.29
CA ARG F 331 -56.95 30.18 19.98
C ARG F 331 -56.58 31.50 20.64
N GLY F 332 -57.52 32.43 20.65
CA GLY F 332 -57.23 33.75 21.21
C GLY F 332 -56.46 34.59 20.22
N LEU F 333 -55.40 35.24 20.72
CA LEU F 333 -54.54 36.04 19.85
C LEU F 333 -53.51 35.20 19.10
N SER F 334 -53.42 33.91 19.37
CA SER F 334 -52.43 33.04 18.76
C SER F 334 -53.03 32.11 17.71
N THR F 335 -54.29 32.29 17.34
CA THR F 335 -54.88 31.46 16.29
C THR F 335 -54.22 31.78 14.96
N ARG F 336 -53.90 30.74 14.20
CA ARG F 336 -53.13 30.91 12.97
C ARG F 336 -53.43 29.75 12.02
N ILE F 337 -52.98 29.91 10.78
CA ILE F 337 -53.14 28.90 9.74
C ILE F 337 -51.74 28.48 9.29
N GLU F 338 -51.49 27.17 9.27
CA GLU F 338 -50.16 26.65 8.97
C GLU F 338 -50.15 26.07 7.56
N VAL F 339 -49.36 26.68 6.68
CA VAL F 339 -49.09 26.15 5.35
C VAL F 339 -47.82 25.32 5.44
N ARG F 340 -47.92 24.05 5.09
CA ARG F 340 -46.85 23.08 5.32
C ARG F 340 -46.09 22.70 4.06
N SER F 341 -46.42 23.30 2.90
CA SER F 341 -45.74 22.94 1.67
C SER F 341 -44.41 23.66 1.48
N VAL F 342 -44.16 24.73 2.25
CA VAL F 342 -42.94 25.51 2.08
C VAL F 342 -41.74 24.74 2.58
N ASP F 343 -40.66 24.78 1.82
CA ASP F 343 -39.39 24.17 2.19
C ASP F 343 -38.35 25.26 2.46
N PRO F 344 -37.30 24.96 3.23
CA PRO F 344 -36.34 26.01 3.60
C PRO F 344 -35.55 26.60 2.44
N ALA F 345 -35.60 25.98 1.25
CA ALA F 345 -34.89 26.52 0.10
C ALA F 345 -35.64 27.65 -0.59
N ALA F 346 -36.91 27.85 -0.26
CA ALA F 346 -37.70 28.89 -0.90
C ALA F 346 -37.29 30.28 -0.42
N ASN F 347 -37.48 31.26 -1.28
CA ASN F 347 -37.27 32.65 -0.90
C ASN F 347 -38.38 33.07 0.05
N PRO F 348 -38.06 33.50 1.28
CA PRO F 348 -39.13 33.82 2.24
C PRO F 348 -40.05 34.95 1.78
N TYR F 349 -39.48 35.99 1.17
CA TYR F 349 -40.30 37.12 0.74
C TYR F 349 -41.29 36.70 -0.33
N MET F 350 -40.83 35.97 -1.35
CA MET F 350 -41.71 35.59 -2.45
C MET F 350 -42.77 34.60 -1.99
N ALA F 351 -42.39 33.62 -1.17
CA ALA F 351 -43.35 32.64 -0.68
C ALA F 351 -44.40 33.30 0.20
N LEU F 352 -43.98 34.21 1.09
CA LEU F 352 -44.93 34.91 1.94
C LEU F 352 -45.86 35.79 1.10
N ALA F 353 -45.32 36.47 0.10
CA ALA F 353 -46.17 37.30 -0.76
C ALA F 353 -47.19 36.45 -1.51
N ALA F 354 -46.77 35.30 -2.02
CA ALA F 354 -47.70 34.42 -2.73
C ALA F 354 -48.79 33.91 -1.81
N ILE F 355 -48.42 33.48 -0.61
CA ILE F 355 -49.42 32.96 0.33
C ILE F 355 -50.39 34.06 0.73
N LEU F 356 -49.88 35.26 1.03
CA LEU F 356 -50.76 36.37 1.39
C LEU F 356 -51.69 36.74 0.26
N GLU F 357 -51.18 36.76 -0.98
CA GLU F 357 -52.02 37.09 -2.12
C GLU F 357 -53.11 36.05 -2.32
N ALA F 358 -52.78 34.77 -2.18
CA ALA F 358 -53.79 33.73 -2.30
C ALA F 358 -54.86 33.86 -1.21
N GLY F 359 -54.43 34.13 0.02
CA GLY F 359 -55.40 34.32 1.09
C GLY F 359 -56.31 35.51 0.86
N LEU F 360 -55.73 36.63 0.40
CA LEU F 360 -56.54 37.81 0.11
C LEU F 360 -57.48 37.57 -1.06
N ASP F 361 -57.04 36.82 -2.07
CA ASP F 361 -57.91 36.48 -3.18
C ASP F 361 -59.10 35.65 -2.71
N GLY F 362 -58.85 34.72 -1.80
CA GLY F 362 -59.96 33.99 -1.19
C GLY F 362 -60.86 34.88 -0.36
N ILE F 363 -60.28 35.86 0.34
CA ILE F 363 -61.06 36.72 1.22
C ILE F 363 -62.00 37.61 0.42
N LYS F 364 -61.49 38.28 -0.61
CA LYS F 364 -62.31 39.23 -1.34
C LYS F 364 -63.20 38.58 -2.39
N ASN F 365 -63.09 37.28 -2.60
CA ASN F 365 -64.02 36.54 -3.44
C ASN F 365 -65.04 35.76 -2.63
N LYS F 366 -64.92 35.76 -1.30
CA LYS F 366 -65.85 35.06 -0.41
C LYS F 366 -65.99 33.59 -0.80
N LEU F 367 -64.84 32.96 -1.05
CA LEU F 367 -64.84 31.54 -1.41
C LEU F 367 -65.27 30.69 -0.23
N LYS F 368 -65.85 29.53 -0.55
CA LYS F 368 -66.32 28.58 0.45
C LYS F 368 -65.26 27.50 0.64
N VAL F 369 -64.77 27.37 1.87
CA VAL F 369 -63.73 26.38 2.15
C VAL F 369 -64.31 24.98 2.02
N PRO F 370 -63.60 24.03 1.40
CA PRO F 370 -64.11 22.66 1.32
C PRO F 370 -64.06 21.97 2.67
N GLU F 371 -64.67 20.79 2.72
CA GLU F 371 -64.74 20.04 3.96
C GLU F 371 -63.34 19.60 4.39
N PRO F 372 -63.02 19.69 5.68
CA PRO F 372 -61.73 19.21 6.15
C PRO F 372 -61.62 17.70 6.02
N VAL F 373 -60.40 17.23 5.82
CA VAL F 373 -60.15 15.81 5.67
C VAL F 373 -59.89 15.19 7.02
N ASN F 374 -60.27 13.92 7.16
CA ASN F 374 -60.06 13.17 8.40
C ASN F 374 -59.42 11.83 8.11
N GLN F 375 -59.40 10.94 9.11
CA GLN F 375 -58.60 9.73 9.03
C GLN F 375 -58.98 8.83 7.87
N ASN F 376 -60.21 8.89 7.37
CA ASN F 376 -60.61 7.99 6.28
C ASN F 376 -60.31 8.58 4.90
N ILE F 377 -59.08 9.05 4.73
CA ILE F 377 -58.59 9.50 3.43
C ILE F 377 -57.29 8.73 3.15
N TYR F 378 -56.77 8.07 4.18
CA TYR F 378 -55.57 7.25 4.01
C TYR F 378 -55.83 6.09 3.06
N GLU F 379 -57.06 5.56 3.06
CA GLU F 379 -57.47 4.51 2.14
C GLU F 379 -58.25 5.17 1.00
N MET F 380 -57.50 5.75 0.06
CA MET F 380 -58.10 6.42 -1.10
C MET F 380 -57.03 6.56 -2.17
N ASN F 381 -57.34 6.08 -3.38
CA ASN F 381 -56.44 6.29 -4.51
C ASN F 381 -56.59 7.72 -5.04
N ARG F 382 -55.79 8.05 -6.05
CA ARG F 382 -55.85 9.39 -6.63
C ARG F 382 -57.17 9.61 -7.36
N GLU F 383 -57.73 8.56 -7.98
CA GLU F 383 -59.00 8.72 -8.69
C GLU F 383 -60.13 9.07 -7.74
N GLU F 384 -60.26 8.33 -6.64
CA GLU F 384 -61.29 8.64 -5.66
C GLU F 384 -61.05 10.00 -5.00
N ARG F 385 -59.77 10.33 -4.76
CA ARG F 385 -59.44 11.62 -4.16
C ARG F 385 -59.88 12.77 -5.07
N GLU F 386 -59.65 12.64 -6.38
CA GLU F 386 -60.10 13.65 -7.32
C GLU F 386 -61.61 13.66 -7.46
N ALA F 387 -62.25 12.49 -7.37
CA ALA F 387 -63.70 12.44 -7.41
C ALA F 387 -64.32 13.19 -6.24
N VAL F 388 -63.72 13.05 -5.04
CA VAL F 388 -64.15 13.83 -3.89
C VAL F 388 -63.89 15.31 -4.08
N GLY F 389 -62.80 15.67 -4.76
CA GLY F 389 -62.44 17.05 -4.97
C GLY F 389 -61.09 17.46 -4.43
N ILE F 390 -60.23 16.51 -4.10
CA ILE F 390 -58.91 16.79 -3.55
C ILE F 390 -57.92 16.76 -4.70
N GLN F 391 -57.40 17.93 -5.07
CA GLN F 391 -56.41 18.02 -6.13
C GLN F 391 -55.02 17.68 -5.60
N ASP F 392 -54.16 17.26 -6.51
CA ASP F 392 -52.79 16.89 -6.17
C ASP F 392 -51.84 18.04 -6.48
N LEU F 393 -50.82 18.16 -5.63
CA LEU F 393 -49.76 19.13 -5.90
C LEU F 393 -48.92 18.65 -7.07
N PRO F 394 -48.31 19.58 -7.83
CA PRO F 394 -47.43 19.16 -8.92
C PRO F 394 -46.29 18.30 -8.40
N SER F 395 -45.94 17.27 -9.18
CA SER F 395 -44.95 16.29 -8.76
C SER F 395 -43.55 16.60 -9.24
N THR F 396 -43.39 17.48 -10.23
CA THR F 396 -42.08 17.85 -10.73
C THR F 396 -42.02 19.37 -10.90
N LEU F 397 -40.79 19.89 -10.97
CA LEU F 397 -40.61 21.31 -11.18
C LEU F 397 -41.13 21.73 -12.55
N TYR F 398 -41.04 20.84 -13.55
CA TYR F 398 -41.56 21.14 -14.87
C TYR F 398 -43.08 21.35 -14.83
N THR F 399 -43.80 20.40 -14.25
CA THR F 399 -45.24 20.55 -14.12
C THR F 399 -45.62 21.66 -13.16
N ALA F 400 -44.79 21.94 -12.16
CA ALA F 400 -45.05 23.07 -11.27
C ALA F 400 -44.96 24.39 -12.02
N LEU F 401 -43.96 24.54 -12.89
CA LEU F 401 -43.87 25.73 -13.72
C LEU F 401 -45.03 25.81 -14.69
N LYS F 402 -45.45 24.67 -15.24
CA LYS F 402 -46.62 24.63 -16.11
C LYS F 402 -47.85 25.16 -15.38
N ALA F 403 -48.06 24.71 -14.14
CA ALA F 403 -49.18 25.20 -13.35
C ALA F 403 -49.04 26.67 -12.99
N MET F 404 -47.83 27.10 -12.67
CA MET F 404 -47.59 28.50 -12.32
C MET F 404 -47.87 29.43 -13.49
N ARG F 405 -47.58 28.99 -14.72
CA ARG F 405 -47.85 29.80 -15.89
C ARG F 405 -49.34 29.98 -16.16
N GLU F 406 -50.20 29.20 -15.50
CA GLU F 406 -51.64 29.28 -15.71
C GLU F 406 -52.39 29.96 -14.57
N ASN F 407 -51.67 30.49 -13.58
CA ASN F 407 -52.29 31.12 -12.41
C ASN F 407 -52.03 32.63 -12.47
N GLU F 408 -53.10 33.41 -12.27
CA GLU F 408 -52.96 34.87 -12.30
C GLU F 408 -52.61 35.43 -10.93
N VAL F 409 -53.03 34.74 -9.85
CA VAL F 409 -52.76 35.24 -8.51
C VAL F 409 -51.27 35.28 -8.22
N ILE F 410 -50.54 34.24 -8.63
CA ILE F 410 -49.10 34.22 -8.39
C ILE F 410 -48.40 35.33 -9.17
N LYS F 411 -48.84 35.58 -10.41
CA LYS F 411 -48.27 36.67 -11.18
C LYS F 411 -48.54 38.02 -10.52
N LYS F 412 -49.75 38.23 -10.02
CA LYS F 412 -50.07 39.46 -9.32
C LYS F 412 -49.23 39.61 -8.07
N ALA F 413 -49.03 38.51 -7.33
CA ALA F 413 -48.23 38.56 -6.12
C ALA F 413 -46.78 38.90 -6.42
N LEU F 414 -46.21 38.32 -7.46
CA LEU F 414 -44.78 38.47 -7.72
C LEU F 414 -44.44 39.74 -8.49
N GLY F 415 -45.35 40.27 -9.30
CA GLY F 415 -44.99 41.35 -10.19
C GLY F 415 -44.43 40.79 -11.47
N ASN F 416 -44.56 41.53 -12.58
CA ASN F 416 -44.19 41.00 -13.89
C ASN F 416 -42.71 40.67 -13.95
N HIS F 417 -41.85 41.56 -13.44
CA HIS F 417 -40.41 41.36 -13.54
C HIS F 417 -39.98 40.10 -12.79
N ILE F 418 -40.38 39.97 -11.53
CA ILE F 418 -39.99 38.83 -10.72
C ILE F 418 -40.59 37.55 -11.31
N TYR F 419 -41.86 37.62 -11.74
CA TYR F 419 -42.52 36.45 -12.32
C TYR F 419 -41.75 35.93 -13.53
N ASN F 420 -41.43 36.83 -14.47
CA ASN F 420 -40.73 36.41 -15.69
C ASN F 420 -39.33 35.90 -15.38
N GLN F 421 -38.60 36.61 -14.50
CA GLN F 421 -37.24 36.18 -14.19
C GLN F 421 -37.23 34.82 -13.51
N PHE F 422 -38.15 34.60 -12.57
CA PHE F 422 -38.24 33.32 -11.89
C PHE F 422 -38.58 32.20 -12.87
N ILE F 423 -39.53 32.46 -13.77
CA ILE F 423 -39.90 31.42 -14.74
C ILE F 423 -38.72 31.08 -15.65
N ASN F 424 -38.00 32.10 -16.13
CA ASN F 424 -36.85 31.85 -16.99
C ASN F 424 -35.77 31.07 -16.25
N SER F 425 -35.46 31.48 -15.01
CA SER F 425 -34.42 30.80 -14.25
C SER F 425 -34.79 29.34 -14.00
N LYS F 426 -36.03 29.08 -13.60
CA LYS F 426 -36.42 27.71 -13.29
C LYS F 426 -36.53 26.86 -14.54
N SER F 427 -36.96 27.45 -15.66
CA SER F 427 -36.97 26.70 -16.91
C SER F 427 -35.56 26.30 -17.32
N ILE F 428 -34.59 27.22 -17.20
CA ILE F 428 -33.21 26.90 -17.52
C ILE F 428 -32.68 25.80 -16.60
N GLU F 429 -32.98 25.90 -15.31
CA GLU F 429 -32.52 24.91 -14.35
C GLU F 429 -33.09 23.53 -14.67
N TRP F 430 -34.40 23.46 -14.96
CA TRP F 430 -35.00 22.19 -15.32
C TRP F 430 -34.43 21.65 -16.63
N ASP F 431 -34.18 22.52 -17.60
CA ASP F 431 -33.60 22.08 -18.86
C ASP F 431 -32.23 21.45 -18.65
N TYR F 432 -31.41 22.06 -17.79
CA TYR F 432 -30.12 21.46 -17.48
C TYR F 432 -30.27 20.16 -16.71
N TYR F 433 -31.26 20.06 -15.83
CA TYR F 433 -31.42 18.85 -15.04
C TYR F 433 -31.91 17.67 -15.89
N ARG F 434 -32.81 17.94 -16.84
CA ARG F 434 -33.48 16.85 -17.55
C ARG F 434 -32.57 16.09 -18.50
N THR F 435 -31.47 16.69 -18.93
CA THR F 435 -30.57 16.03 -19.87
C THR F 435 -29.54 15.14 -19.20
N GLN F 436 -29.46 15.15 -17.87
CA GLN F 436 -28.50 14.34 -17.17
C GLN F 436 -28.94 12.88 -17.14
N VAL F 437 -27.97 11.97 -17.23
CA VAL F 437 -28.22 10.54 -17.13
C VAL F 437 -27.95 10.14 -15.68
N SER F 438 -28.98 9.73 -14.98
CA SER F 438 -28.87 9.42 -13.56
C SER F 438 -28.29 8.03 -13.35
N GLU F 439 -27.69 7.84 -12.17
CA GLU F 439 -27.16 6.53 -11.79
C GLU F 439 -28.28 5.50 -11.61
N TRP F 440 -29.49 5.95 -11.28
CA TRP F 440 -30.62 5.04 -11.20
C TRP F 440 -30.91 4.41 -12.55
N GLU F 441 -30.84 5.20 -13.62
CA GLU F 441 -31.04 4.68 -14.96
C GLU F 441 -29.96 3.67 -15.33
N ARG F 442 -28.71 3.95 -14.97
CA ARG F 442 -27.63 3.02 -15.28
C ARG F 442 -27.73 1.74 -14.46
N ASP F 443 -28.29 1.82 -13.25
CA ASP F 443 -28.52 0.60 -12.47
C ASP F 443 -29.68 -0.22 -13.03
N GLN F 444 -30.80 0.44 -13.36
CA GLN F 444 -31.96 -0.29 -13.86
C GLN F 444 -31.73 -0.82 -15.27
N TYR F 445 -31.19 0.01 -16.15
CA TYR F 445 -30.90 -0.34 -17.52
C TYR F 445 -29.41 -0.63 -17.67
N MET F 446 -28.95 -0.75 -18.91
CA MET F 446 -27.58 -1.02 -19.34
C MET F 446 -27.21 -2.48 -19.12
N LYS F 447 -28.05 -3.28 -18.47
CA LYS F 447 -27.84 -4.72 -18.41
C LYS F 447 -29.13 -5.43 -18.81
N GLN F 448 -30.27 -4.82 -18.47
CA GLN F 448 -31.56 -5.35 -18.90
C GLN F 448 -31.89 -4.97 -20.33
N TYR F 449 -31.21 -3.98 -20.88
CA TYR F 449 -31.46 -3.55 -22.26
C TYR F 449 -30.14 -3.39 -23.01
N THR G 8 2.03 64.12 2.56
CA THR G 8 3.36 64.64 2.28
C THR G 8 4.30 64.40 3.46
N PHE G 9 5.54 64.03 3.16
CA PHE G 9 6.54 63.77 4.18
C PHE G 9 7.85 64.40 3.78
N THR G 10 8.68 64.71 4.78
CA THR G 10 10.02 65.23 4.58
C THR G 10 11.01 64.30 5.28
N LYS G 11 12.31 64.65 5.18
CA LYS G 11 13.34 63.82 5.79
C LYS G 11 13.17 63.72 7.29
N GLU G 12 12.84 64.84 7.95
CA GLU G 12 12.65 64.83 9.39
C GLU G 12 11.48 63.94 9.79
N ASP G 13 10.41 63.96 9.01
CA ASP G 13 9.28 63.08 9.28
C ASP G 13 9.68 61.61 9.16
N ILE G 14 10.47 61.28 8.15
CA ILE G 14 10.92 59.89 7.99
C ILE G 14 11.80 59.47 9.16
N ARG G 15 12.72 60.34 9.58
CA ARG G 15 13.58 60.01 10.71
C ARG G 15 12.76 59.82 11.98
N LYS G 16 11.77 60.70 12.21
CA LYS G 16 10.92 60.56 13.38
C LYS G 16 10.12 59.26 13.33
N PHE G 17 9.59 58.91 12.15
CA PHE G 17 8.84 57.66 12.03
C PHE G 17 9.73 56.46 12.30
N ALA G 18 10.96 56.48 11.77
CA ALA G 18 11.89 55.39 12.02
C ALA G 18 12.23 55.28 13.51
N GLU G 19 12.43 56.41 14.18
CA GLU G 19 12.78 56.40 15.59
C GLU G 19 11.63 55.95 16.49
N GLU G 20 10.42 56.47 16.28
CA GLU G 20 9.32 56.13 17.17
C GLU G 20 8.79 54.72 16.94
N GLU G 21 8.72 54.29 15.69
CA GLU G 21 8.15 52.99 15.37
C GLU G 21 9.16 51.84 15.42
N ASN G 22 10.43 52.14 15.70
CA ASN G 22 11.48 51.13 15.76
C ASN G 22 11.58 50.34 14.45
N VAL G 23 11.69 51.08 13.35
CA VAL G 23 11.87 50.45 12.04
C VAL G 23 13.29 49.90 11.97
N ARG G 24 13.41 48.61 11.64
CA ARG G 24 14.71 47.96 11.53
C ARG G 24 15.04 47.52 10.11
N TYR G 25 14.11 47.65 9.18
CA TYR G 25 14.31 47.15 7.82
C TYR G 25 13.64 48.10 6.85
N LEU G 26 14.31 48.39 5.73
CA LEU G 26 13.78 49.26 4.70
C LEU G 26 13.74 48.54 3.37
N ARG G 27 12.65 48.72 2.65
CA ARG G 27 12.47 48.15 1.31
C ARG G 27 12.37 49.30 0.32
N LEU G 28 13.37 49.44 -0.54
CA LEU G 28 13.33 50.41 -1.63
C LEU G 28 12.65 49.71 -2.80
N GLN G 29 11.41 50.08 -3.07
CA GLN G 29 10.54 49.35 -3.99
C GLN G 29 10.45 50.07 -5.32
N PHE G 30 10.53 49.31 -6.41
CA PHE G 30 10.35 49.82 -7.76
C PHE G 30 9.72 48.72 -8.60
N THR G 31 9.59 48.97 -9.90
CA THR G 31 8.95 48.03 -10.80
C THR G 31 9.72 47.98 -12.11
N ASP G 32 9.60 46.86 -12.81
CA ASP G 32 10.19 46.67 -14.13
C ASP G 32 9.09 46.78 -15.19
N ILE G 33 9.47 46.56 -16.45
CA ILE G 33 8.53 46.68 -17.55
C ILE G 33 7.48 45.57 -17.54
N LEU G 34 7.71 44.49 -16.80
CA LEU G 34 6.74 43.41 -16.69
C LEU G 34 5.78 43.57 -15.53
N GLY G 35 5.89 44.66 -14.77
CA GLY G 35 5.03 44.90 -13.64
C GLY G 35 5.43 44.19 -12.37
N THR G 36 6.51 43.42 -12.38
CA THR G 36 6.96 42.72 -11.18
C THR G 36 7.45 43.72 -10.15
N ILE G 37 7.08 43.49 -8.90
CA ILE G 37 7.50 44.35 -7.79
C ILE G 37 8.92 43.95 -7.39
N LYS G 38 9.88 44.81 -7.68
CA LYS G 38 11.26 44.60 -7.30
C LYS G 38 11.59 45.48 -6.11
N ASN G 39 12.61 45.08 -5.35
CA ASN G 39 12.99 45.86 -4.19
C ASN G 39 14.44 45.60 -3.83
N VAL G 40 15.03 46.58 -3.16
CA VAL G 40 16.35 46.46 -2.54
C VAL G 40 16.16 46.57 -1.03
N GLU G 41 16.68 45.58 -0.31
CA GLU G 41 16.55 45.56 1.14
C GLU G 41 17.75 46.25 1.78
N VAL G 42 17.48 46.99 2.85
CA VAL G 42 18.52 47.77 3.50
C VAL G 42 18.29 47.79 5.01
N PRO G 43 19.34 47.77 5.82
CA PRO G 43 19.16 47.98 7.26
C PRO G 43 18.93 49.45 7.55
N VAL G 44 18.21 49.71 8.64
CA VAL G 44 17.83 51.08 8.98
C VAL G 44 19.03 51.97 9.21
N SER G 45 20.19 51.38 9.55
CA SER G 45 21.42 52.16 9.70
C SER G 45 21.86 52.82 8.40
N GLN G 46 21.34 52.38 7.26
CA GLN G 46 21.61 53.00 5.97
C GLN G 46 20.62 54.09 5.63
N LEU G 47 19.70 54.43 6.55
CA LEU G 47 18.61 55.35 6.25
C LEU G 47 19.12 56.65 5.66
N GLU G 48 20.15 57.24 6.26
CA GLU G 48 20.67 58.50 5.75
C GLU G 48 21.14 58.35 4.31
N LYS G 49 21.88 57.29 4.02
CA LYS G 49 22.32 57.05 2.64
C LYS G 49 21.13 56.87 1.71
N VAL G 50 20.02 56.31 2.22
CA VAL G 50 18.81 56.22 1.42
C VAL G 50 18.26 57.61 1.13
N LEU G 51 18.27 58.49 2.12
CA LEU G 51 17.67 59.81 1.94
C LEU G 51 18.54 60.74 1.10
N ASP G 52 19.80 60.40 0.88
CA ASP G 52 20.70 61.21 0.07
C ASP G 52 20.68 60.81 -1.40
N ASN G 53 19.79 59.90 -1.80
CA ASN G 53 19.72 59.40 -3.17
C ASN G 53 21.05 58.81 -3.62
N GLU G 54 21.71 58.09 -2.73
CA GLU G 54 23.03 57.52 -3.00
C GLU G 54 23.02 56.01 -3.05
N MET G 55 21.88 55.37 -2.85
CA MET G 55 21.80 53.91 -2.93
C MET G 55 21.91 53.47 -4.39
N MET G 56 22.79 52.51 -4.63
CA MET G 56 23.13 52.07 -5.97
C MET G 56 22.74 50.60 -6.17
N PHE G 57 22.31 50.28 -7.39
CA PHE G 57 21.91 48.92 -7.72
C PHE G 57 22.12 48.71 -9.22
N ASP G 58 21.79 47.51 -9.67
CA ASP G 58 22.05 47.12 -11.06
C ASP G 58 21.32 48.04 -12.03
N GLY G 59 19.99 48.04 -12.00
CA GLY G 59 19.23 48.89 -12.89
C GLY G 59 18.85 48.19 -14.18
N SER G 60 19.63 47.19 -14.58
CA SER G 60 19.25 46.40 -15.77
C SER G 60 18.15 45.41 -15.41
N SER G 61 17.91 45.18 -14.11
CA SER G 61 16.78 44.34 -13.71
C SER G 61 15.45 44.92 -14.20
N ILE G 62 15.40 46.24 -14.45
CA ILE G 62 14.21 46.84 -15.02
C ILE G 62 13.87 46.21 -16.36
N GLU G 63 14.88 45.74 -17.09
CA GLU G 63 14.64 45.11 -18.38
C GLU G 63 13.96 43.75 -18.26
N GLY G 64 13.86 43.20 -17.06
CA GLY G 64 13.21 41.91 -16.91
C GLY G 64 14.15 40.78 -17.29
N PHE G 65 13.68 39.87 -18.14
CA PHE G 65 14.46 38.70 -18.53
C PHE G 65 15.25 38.90 -19.81
N VAL G 66 15.24 40.10 -20.38
CA VAL G 66 16.02 40.40 -21.58
C VAL G 66 17.23 41.27 -21.25
N ARG G 67 17.58 41.37 -19.97
CA ARG G 67 18.77 42.11 -19.59
C ARG G 67 20.02 41.37 -20.04
N ILE G 68 21.05 42.14 -20.40
CA ILE G 68 22.29 41.55 -20.93
C ILE G 68 23.46 41.92 -20.02
N GLU G 69 23.73 43.21 -19.89
CA GLU G 69 24.90 43.69 -19.17
C GLU G 69 24.48 44.37 -17.88
N GLU G 70 25.24 44.14 -16.81
CA GLU G 70 24.99 44.79 -15.54
C GLU G 70 25.32 46.28 -15.65
N SER G 71 24.40 47.13 -15.23
CA SER G 71 24.58 48.57 -15.22
C SER G 71 24.70 49.06 -13.78
N ASP G 72 24.83 50.37 -13.63
CA ASP G 72 24.90 51.02 -12.32
C ASP G 72 23.93 52.17 -12.30
N MET G 73 22.94 52.11 -11.41
CA MET G 73 21.92 53.15 -11.33
C MET G 73 21.63 53.47 -9.87
N TYR G 74 21.07 54.65 -9.64
CA TYR G 74 20.78 55.15 -8.31
C TYR G 74 19.28 55.12 -8.04
N LEU G 75 18.93 54.97 -6.78
CA LEU G 75 17.54 54.98 -6.34
C LEU G 75 17.24 56.29 -5.63
N HIS G 76 16.25 57.02 -6.14
CA HIS G 76 15.79 58.25 -5.50
C HIS G 76 14.42 57.99 -4.89
N PRO G 77 14.30 57.88 -3.57
CA PRO G 77 12.99 57.57 -2.97
C PRO G 77 12.03 58.75 -3.06
N ASP G 78 10.74 58.43 -3.10
CA ASP G 78 9.68 59.41 -3.02
C ASP G 78 9.13 59.36 -1.59
N LEU G 79 9.31 60.44 -0.84
CA LEU G 79 8.99 60.42 0.57
C LEU G 79 7.50 60.35 0.84
N ASP G 80 6.66 60.72 -0.13
CA ASP G 80 5.21 60.66 0.06
C ASP G 80 4.67 59.24 0.05
N THR G 81 5.46 58.27 -0.42
CA THR G 81 5.04 56.88 -0.49
C THR G 81 5.40 56.10 0.76
N TRP G 82 5.93 56.77 1.79
CA TRP G 82 6.33 56.08 3.00
C TRP G 82 5.14 55.40 3.68
N VAL G 83 5.33 54.14 4.06
CA VAL G 83 4.31 53.39 4.80
C VAL G 83 5.01 52.26 5.51
N ILE G 84 4.49 51.88 6.67
CA ILE G 84 5.06 50.84 7.52
C ILE G 84 4.14 49.64 7.50
N PHE G 85 4.69 48.47 7.18
CA PHE G 85 3.91 47.25 7.12
C PHE G 85 3.56 46.78 8.54
N PRO G 86 2.38 46.19 8.73
CA PRO G 86 1.97 45.76 10.07
C PRO G 86 2.51 44.39 10.45
N TRP G 87 3.45 43.87 9.68
CA TRP G 87 4.04 42.56 9.96
C TRP G 87 5.50 42.69 10.39
N GLY G 92 11.26 43.87 15.38
CA GLY G 92 11.14 45.18 14.75
C GLY G 92 10.09 45.23 13.67
N LYS G 93 10.08 46.32 12.90
CA LYS G 93 9.11 46.54 11.85
C LYS G 93 9.82 46.75 10.52
N VAL G 94 9.05 46.63 9.45
CA VAL G 94 9.55 46.81 8.08
C VAL G 94 8.79 47.97 7.45
N ALA G 95 9.53 48.90 6.86
CA ALA G 95 8.97 50.04 6.14
C ALA G 95 9.41 49.98 4.69
N ARG G 96 8.68 50.70 3.84
CA ARG G 96 8.98 50.70 2.41
C ARG G 96 8.99 52.13 1.91
N LEU G 97 9.72 52.34 0.82
CA LEU G 97 9.71 53.58 0.07
C LEU G 97 9.79 53.25 -1.41
N ILE G 98 8.91 53.85 -2.20
CA ILE G 98 8.90 53.66 -3.64
C ILE G 98 9.89 54.64 -4.25
N CYS G 99 10.81 54.12 -5.05
CA CYS G 99 11.92 54.91 -5.56
C CYS G 99 11.89 54.97 -7.08
N ASP G 100 12.32 56.11 -7.62
CA ASP G 100 12.56 56.25 -9.05
C ASP G 100 14.01 55.89 -9.35
N VAL G 101 14.26 55.46 -10.57
CA VAL G 101 15.57 55.00 -10.99
C VAL G 101 16.25 56.11 -11.79
N TYR G 102 17.45 56.47 -11.39
CA TYR G 102 18.21 57.53 -12.05
C TYR G 102 19.52 56.95 -12.58
N LYS G 103 19.97 57.49 -13.72
CA LYS G 103 21.24 57.09 -14.29
C LYS G 103 22.38 57.77 -13.53
N THR G 104 23.61 57.41 -13.90
CA THR G 104 24.78 57.98 -13.25
C THR G 104 24.99 59.45 -13.60
N ASP G 105 24.27 59.98 -14.58
CA ASP G 105 24.40 61.37 -14.99
C ASP G 105 23.35 62.28 -14.35
N GLY G 106 22.62 61.76 -13.37
CA GLY G 106 21.63 62.54 -12.66
C GLY G 106 20.28 62.67 -13.33
N THR G 107 20.08 62.02 -14.48
CA THR G 107 18.79 62.10 -15.15
C THR G 107 18.02 60.80 -14.96
N PRO G 108 16.68 60.88 -14.91
CA PRO G 108 15.88 59.66 -14.72
C PRO G 108 16.08 58.67 -15.86
N PHE G 109 16.08 57.39 -15.51
CA PHE G 109 16.24 56.34 -16.51
C PHE G 109 15.02 56.29 -17.42
N GLU G 110 15.25 56.26 -18.72
CA GLU G 110 14.15 56.27 -19.68
C GLU G 110 13.40 54.94 -19.73
N GLY G 111 13.96 53.87 -19.17
CA GLY G 111 13.31 52.58 -19.13
C GLY G 111 12.46 52.33 -17.91
N ASP G 112 12.30 53.32 -17.03
CA ASP G 112 11.51 53.15 -15.81
C ASP G 112 10.06 53.50 -16.10
N PRO G 113 9.11 52.58 -15.92
CA PRO G 113 7.71 52.90 -16.24
C PRO G 113 7.13 54.06 -15.44
N ARG G 114 7.54 54.20 -14.17
CA ARG G 114 7.01 55.29 -13.35
C ARG G 114 7.45 56.65 -13.90
N ALA G 115 8.72 56.77 -14.28
CA ALA G 115 9.20 58.00 -14.89
C ALA G 115 8.51 58.27 -16.22
N ASN G 116 8.23 57.22 -16.99
CA ASN G 116 7.51 57.39 -18.25
C ASN G 116 6.10 57.93 -18.00
N LEU G 117 5.40 57.38 -17.00
CA LEU G 117 4.07 57.88 -16.68
C LEU G 117 4.14 59.32 -16.20
N LYS G 118 5.15 59.67 -15.42
CA LYS G 118 5.31 61.05 -14.97
C LYS G 118 5.54 61.99 -16.15
N ARG G 119 6.35 61.56 -17.12
CA ARG G 119 6.59 62.37 -18.32
C ARG G 119 5.30 62.54 -19.12
N VAL G 120 4.52 61.47 -19.26
CA VAL G 120 3.26 61.57 -19.99
C VAL G 120 2.31 62.52 -19.29
N LEU G 121 2.23 62.46 -17.96
CA LEU G 121 1.39 63.40 -17.22
C LEU G 121 1.88 64.82 -17.38
N LYS G 122 3.20 65.03 -17.36
CA LYS G 122 3.75 66.37 -17.52
C LYS G 122 3.40 66.95 -18.89
N GLU G 123 3.50 66.13 -19.94
CA GLU G 123 3.12 66.62 -21.27
C GLU G 123 1.61 66.75 -21.43
N MET G 124 0.83 66.01 -20.65
CA MET G 124 -0.62 66.23 -20.61
C MET G 124 -0.94 67.58 -20.00
N GLU G 125 -0.19 67.98 -18.97
CA GLU G 125 -0.43 69.25 -18.29
C GLU G 125 -0.29 70.46 -19.21
N ASP G 126 0.41 70.31 -20.35
CA ASP G 126 0.50 71.40 -21.31
C ASP G 126 -0.78 71.61 -22.10
N LEU G 127 -1.72 70.67 -22.04
CA LEU G 127 -2.99 70.80 -22.73
C LEU G 127 -4.05 71.49 -21.88
N GLY G 128 -3.71 71.93 -20.68
CA GLY G 128 -4.65 72.60 -19.80
C GLY G 128 -5.19 71.73 -18.68
N PHE G 129 -5.08 70.42 -18.79
CA PHE G 129 -5.56 69.52 -17.75
C PHE G 129 -4.53 69.39 -16.63
N THR G 130 -5.02 69.28 -15.40
CA THR G 130 -4.16 69.23 -14.23
C THR G 130 -4.06 67.86 -13.59
N ASP G 131 -5.14 67.07 -13.59
CA ASP G 131 -5.13 65.78 -12.92
C ASP G 131 -5.76 64.72 -13.80
N PHE G 132 -5.28 63.49 -13.63
CA PHE G 132 -5.82 62.31 -14.29
C PHE G 132 -6.07 61.27 -13.20
N ASN G 133 -7.33 61.16 -12.75
CA ASN G 133 -7.67 60.30 -11.64
C ASN G 133 -8.06 58.92 -12.13
N LEU G 134 -7.59 57.90 -11.40
CA LEU G 134 -7.82 56.50 -11.76
C LEU G 134 -8.37 55.75 -10.57
N GLY G 135 -9.44 54.99 -10.80
CA GLY G 135 -9.94 54.02 -9.86
C GLY G 135 -9.96 52.64 -10.49
N PRO G 136 -9.13 51.74 -9.98
CA PRO G 136 -9.07 50.39 -10.54
C PRO G 136 -10.04 49.43 -9.86
N GLU G 137 -10.36 48.36 -10.57
CA GLU G 137 -11.21 47.28 -10.06
C GLU G 137 -10.49 45.95 -10.22
N PRO G 138 -9.45 45.71 -9.42
CA PRO G 138 -8.67 44.47 -9.59
C PRO G 138 -9.41 43.27 -9.01
N GLU G 139 -9.47 42.20 -9.79
CA GLU G 139 -10.04 40.94 -9.36
C GLU G 139 -8.95 39.88 -9.28
N PHE G 140 -9.06 39.00 -8.30
CA PHE G 140 -8.04 37.98 -8.10
C PHE G 140 -8.70 36.67 -7.69
N PHE G 141 -7.93 35.60 -7.76
CA PHE G 141 -8.38 34.26 -7.37
C PHE G 141 -7.61 33.78 -6.15
N LEU G 142 -8.30 33.02 -5.31
CA LEU G 142 -7.69 32.40 -4.14
C LEU G 142 -7.78 30.88 -4.30
N PHE G 143 -6.63 30.22 -4.28
CA PHE G 143 -6.55 28.77 -4.40
C PHE G 143 -6.01 28.17 -3.11
N LYS G 144 -6.36 26.90 -2.90
CA LYS G 144 -5.89 26.19 -1.72
C LYS G 144 -4.48 25.64 -1.94
N LEU G 145 -3.70 25.61 -0.87
CA LEU G 145 -2.36 25.03 -0.88
C LEU G 145 -2.42 23.58 -0.42
N ASP G 146 -1.46 22.78 -0.90
CA ASP G 146 -1.39 21.38 -0.52
C ASP G 146 -0.45 21.22 0.67
N GLU G 147 -0.13 19.97 1.03
CA GLU G 147 0.74 19.71 2.16
C GLU G 147 2.14 20.25 1.92
N LYS G 148 2.66 20.10 0.70
CA LYS G 148 3.97 20.59 0.35
C LYS G 148 4.03 22.11 0.24
N GLY G 149 2.90 22.80 0.27
CA GLY G 149 2.86 24.24 0.16
C GLY G 149 2.70 24.78 -1.25
N GLU G 150 2.51 23.91 -2.24
CA GLU G 150 2.30 24.36 -3.60
C GLU G 150 0.83 24.69 -3.84
N PRO G 151 0.53 25.62 -4.74
CA PRO G 151 -0.88 25.92 -5.03
C PRO G 151 -1.53 24.79 -5.81
N THR G 152 -2.77 24.49 -5.43
CA THR G 152 -3.59 23.51 -6.13
C THR G 152 -4.61 24.25 -7.00
N LEU G 153 -5.53 23.49 -7.60
CA LEU G 153 -6.57 24.05 -8.45
C LEU G 153 -7.93 24.11 -7.75
N GLU G 154 -7.97 23.84 -6.45
CA GLU G 154 -9.21 23.95 -5.68
C GLU G 154 -9.36 25.36 -5.13
N LEU G 155 -10.56 25.90 -5.26
CA LEU G 155 -10.84 27.27 -4.83
C LEU G 155 -11.06 27.32 -3.32
N ASN G 156 -10.93 28.52 -2.76
CA ASN G 156 -11.09 28.71 -1.33
C ASN G 156 -12.55 28.64 -0.89
N ASP G 157 -13.49 28.96 -1.77
CA ASP G 157 -14.90 28.91 -1.44
C ASP G 157 -15.67 28.46 -2.68
N ASP G 158 -17.01 28.57 -2.61
CA ASP G 158 -17.87 28.16 -3.71
C ASP G 158 -18.98 29.18 -3.95
N GLY G 159 -18.74 30.44 -3.63
CA GLY G 159 -19.74 31.46 -3.77
C GLY G 159 -19.86 31.99 -5.19
N GLY G 160 -20.85 32.87 -5.37
CA GLY G 160 -21.10 33.47 -6.66
C GLY G 160 -21.03 34.98 -6.63
N TYR G 161 -21.71 35.63 -7.59
CA TYR G 161 -21.66 37.08 -7.71
C TYR G 161 -22.29 37.74 -6.50
N PHE G 162 -21.49 38.53 -5.77
CA PHE G 162 -21.93 39.28 -4.61
C PHE G 162 -22.43 38.37 -3.48
N ASP G 163 -21.98 37.11 -3.49
CA ASP G 163 -22.39 36.18 -2.46
C ASP G 163 -21.68 36.49 -1.14
N LEU G 164 -22.28 36.04 -0.05
CA LEU G 164 -21.66 36.09 1.27
C LEU G 164 -21.05 34.72 1.60
N ALA G 165 -20.10 34.30 0.76
CA ALA G 165 -19.58 32.94 0.84
C ALA G 165 -18.63 32.74 2.02
N PRO G 166 -17.52 33.49 2.14
CA PRO G 166 -16.66 33.30 3.31
C PRO G 166 -17.22 34.05 4.50
N THR G 167 -18.18 33.45 5.21
CA THR G 167 -19.14 34.22 6.00
C THR G 167 -18.48 35.05 7.09
N ASP G 168 -18.02 34.42 8.18
CA ASP G 168 -17.29 35.18 9.18
C ASP G 168 -16.19 34.39 9.86
N LEU G 169 -16.22 33.06 9.74
CA LEU G 169 -15.48 32.19 10.65
C LEU G 169 -14.52 31.28 9.88
N GLY G 170 -13.24 31.57 9.99
CA GLY G 170 -12.19 30.59 9.73
C GLY G 170 -11.08 31.03 8.79
N GLU G 171 -11.41 31.64 7.66
CA GLU G 171 -10.39 32.33 6.87
C GLU G 171 -10.75 33.79 6.61
N ASN G 172 -11.88 34.05 5.96
CA ASN G 172 -12.31 35.39 5.54
C ASN G 172 -11.13 36.24 5.08
N CYS G 173 -10.40 35.72 4.08
CA CYS G 173 -9.18 36.38 3.63
C CYS G 173 -9.47 37.75 3.06
N ARG G 174 -10.60 37.91 2.35
CA ARG G 174 -10.93 39.21 1.77
C ARG G 174 -11.14 40.26 2.85
N ARG G 175 -11.84 39.90 3.93
CA ARG G 175 -12.06 40.85 5.02
C ARG G 175 -10.74 41.25 5.67
N ASP G 176 -9.85 40.29 5.90
CA ASP G 176 -8.56 40.61 6.49
C ASP G 176 -7.74 41.51 5.57
N ILE G 177 -7.78 41.25 4.26
CA ILE G 177 -7.07 42.11 3.31
C ILE G 177 -7.61 43.53 3.38
N VAL G 178 -8.93 43.67 3.40
CA VAL G 178 -9.53 45.01 3.44
C VAL G 178 -9.14 45.73 4.72
N LEU G 179 -9.21 45.04 5.86
CA LEU G 179 -8.89 45.67 7.13
C LEU G 179 -7.42 46.05 7.21
N GLU G 180 -6.53 45.18 6.72
CA GLU G 180 -5.10 45.50 6.74
C GLU G 180 -4.77 46.67 5.82
N LEU G 181 -5.43 46.74 4.66
CA LEU G 181 -5.23 47.87 3.77
C LEU G 181 -5.73 49.16 4.43
N GLU G 182 -6.87 49.09 5.13
CA GLU G 182 -7.38 50.26 5.83
C GLU G 182 -6.41 50.70 6.92
N ASP G 183 -5.82 49.74 7.63
CA ASP G 183 -4.85 50.09 8.67
C ASP G 183 -3.61 50.75 8.09
N MET G 184 -3.20 50.35 6.89
CA MET G 184 -2.02 50.92 6.25
C MET G 184 -2.26 52.32 5.70
N GLY G 185 -3.50 52.78 5.67
CA GLY G 185 -3.83 54.08 5.15
C GLY G 185 -4.41 54.12 3.75
N PHE G 186 -5.04 53.04 3.31
CA PHE G 186 -5.67 53.01 2.00
C PHE G 186 -7.10 53.51 2.07
N ASP G 187 -7.67 53.77 0.89
CA ASP G 187 -9.05 54.26 0.76
C ASP G 187 -9.83 53.20 -0.01
N ILE G 188 -10.51 52.32 0.71
CA ILE G 188 -11.29 51.24 0.11
C ILE G 188 -12.74 51.72 -0.03
N GLU G 189 -13.29 51.55 -1.24
CA GLU G 189 -14.69 51.89 -1.49
C GLU G 189 -15.63 50.76 -1.07
N ALA G 190 -15.44 49.57 -1.64
CA ALA G 190 -16.26 48.41 -1.30
C ALA G 190 -15.56 47.16 -1.83
N SER G 191 -15.99 46.01 -1.31
CA SER G 191 -15.49 44.72 -1.75
C SER G 191 -16.64 43.73 -1.83
N HIS G 192 -16.50 42.74 -2.71
CA HIS G 192 -17.56 41.76 -2.91
C HIS G 192 -16.97 40.51 -3.52
N HIS G 193 -17.72 39.41 -3.40
CA HIS G 193 -17.37 38.18 -4.08
C HIS G 193 -17.67 38.29 -5.57
N GLU G 194 -16.78 37.75 -6.39
CA GLU G 194 -16.91 37.87 -7.83
C GLU G 194 -17.74 36.71 -8.39
N VAL G 195 -17.92 36.71 -9.71
CA VAL G 195 -18.82 35.73 -10.34
C VAL G 195 -18.29 34.31 -10.16
N ALA G 196 -17.03 34.10 -10.49
CA ALA G 196 -16.47 32.75 -10.42
C ALA G 196 -16.22 32.35 -8.97
N PRO G 197 -16.33 31.06 -8.65
CA PRO G 197 -16.00 30.61 -7.30
C PRO G 197 -14.55 30.92 -6.96
N GLY G 198 -14.31 31.34 -5.73
CA GLY G 198 -12.98 31.69 -5.30
C GLY G 198 -12.42 32.96 -5.87
N GLN G 199 -13.24 33.77 -6.54
CA GLN G 199 -12.81 35.02 -7.14
C GLN G 199 -13.31 36.19 -6.32
N HIS G 200 -12.45 37.18 -6.10
CA HIS G 200 -12.75 38.29 -5.22
C HIS G 200 -12.33 39.60 -5.87
N GLU G 201 -12.99 40.67 -5.46
CA GLU G 201 -12.71 42.01 -5.97
C GLU G 201 -12.73 43.00 -4.83
N ILE G 202 -11.74 43.89 -4.82
CA ILE G 202 -11.68 45.00 -3.87
C ILE G 202 -11.51 46.29 -4.66
N ASP G 203 -12.35 47.28 -4.38
CA ASP G 203 -12.38 48.51 -5.13
C ASP G 203 -11.77 49.65 -4.32
N PHE G 204 -10.97 50.48 -4.98
CA PHE G 204 -10.35 51.65 -4.36
C PHE G 204 -11.09 52.92 -4.76
N LYS G 205 -11.05 53.90 -3.86
CA LYS G 205 -11.47 55.24 -4.22
C LYS G 205 -10.47 55.86 -5.18
N TYR G 206 -10.96 56.78 -6.00
CA TYR G 206 -10.12 57.35 -7.05
C TYR G 206 -8.96 58.14 -6.46
N ALA G 207 -7.84 58.13 -7.18
CA ALA G 207 -6.64 58.86 -6.78
C ALA G 207 -5.90 59.27 -8.04
N ASP G 208 -4.90 60.13 -7.87
CA ASP G 208 -4.11 60.56 -9.01
C ASP G 208 -3.34 59.39 -9.60
N ALA G 209 -2.90 59.57 -10.86
CA ALA G 209 -2.41 58.45 -11.65
C ALA G 209 -1.26 57.71 -10.98
N VAL G 210 -0.22 58.45 -10.59
CA VAL G 210 0.96 57.83 -9.99
C VAL G 210 0.59 57.16 -8.67
N THR G 211 -0.19 57.85 -7.84
CA THR G 211 -0.63 57.26 -6.58
C THR G 211 -1.50 56.04 -6.81
N ALA G 212 -2.35 56.08 -7.83
CA ALA G 212 -3.20 54.93 -8.13
C ALA G 212 -2.38 53.72 -8.54
N CYS G 213 -1.36 53.91 -9.39
CA CYS G 213 -0.53 52.78 -9.80
C CYS G 213 0.29 52.25 -8.63
N ASP G 214 0.83 53.14 -7.78
CA ASP G 214 1.53 52.71 -6.59
C ASP G 214 0.61 51.91 -5.67
N ASN G 215 -0.64 52.36 -5.53
CA ASN G 215 -1.61 51.64 -4.71
C ASN G 215 -1.91 50.28 -5.31
N ILE G 216 -1.97 50.17 -6.62
CA ILE G 216 -2.20 48.87 -7.26
C ILE G 216 -1.06 47.92 -6.94
N GLN G 217 0.18 48.40 -7.06
CA GLN G 217 1.34 47.54 -6.76
C GLN G 217 1.32 47.11 -5.29
N THR G 218 1.09 48.06 -4.39
CA THR G 218 1.05 47.73 -2.97
C THR G 218 -0.10 46.78 -2.65
N PHE G 219 -1.24 46.95 -3.32
CA PHE G 219 -2.37 46.05 -3.12
C PHE G 219 -2.04 44.64 -3.55
N LYS G 220 -1.37 44.49 -4.69
CA LYS G 220 -0.96 43.16 -5.12
C LYS G 220 -0.02 42.52 -4.10
N LEU G 221 0.96 43.29 -3.62
CA LEU G 221 1.89 42.76 -2.62
C LEU G 221 1.16 42.34 -1.34
N VAL G 222 0.26 43.19 -0.86
CA VAL G 222 -0.44 42.93 0.39
C VAL G 222 -1.36 41.73 0.25
N VAL G 223 -2.05 41.61 -0.88
CA VAL G 223 -2.94 40.47 -1.11
C VAL G 223 -2.13 39.18 -1.14
N LYS G 224 -1.01 39.18 -1.86
CA LYS G 224 -0.20 37.98 -1.92
C LYS G 224 0.37 37.60 -0.56
N THR G 225 0.73 38.58 0.26
CA THR G 225 1.22 38.27 1.61
C THR G 225 0.12 37.69 2.49
N ILE G 226 -1.05 38.36 2.52
CA ILE G 226 -2.10 37.94 3.43
C ILE G 226 -2.68 36.59 3.02
N ALA G 227 -2.79 36.32 1.72
CA ALA G 227 -3.25 35.01 1.28
C ALA G 227 -2.32 33.91 1.76
N ARG G 228 -1.01 34.16 1.70
CA ARG G 228 -0.06 33.20 2.25
C ARG G 228 -0.22 33.05 3.75
N LYS G 229 -0.56 34.14 4.45
CA LYS G 229 -0.82 34.05 5.88
C LYS G 229 -1.97 33.09 6.20
N HIS G 230 -2.97 33.01 5.32
CA HIS G 230 -4.14 32.19 5.53
C HIS G 230 -4.05 30.83 4.86
N ASN G 231 -2.83 30.37 4.56
CA ASN G 231 -2.60 29.08 3.89
C ASN G 231 -3.33 29.03 2.54
N LEU G 232 -3.33 30.14 1.82
CA LEU G 232 -3.92 30.24 0.50
C LEU G 232 -2.90 30.81 -0.47
N HIS G 233 -3.25 30.75 -1.75
CA HIS G 233 -2.42 31.33 -2.81
C HIS G 233 -3.27 32.30 -3.61
N ALA G 234 -2.86 33.55 -3.66
CA ALA G 234 -3.56 34.57 -4.42
C ALA G 234 -2.90 34.74 -5.78
N THR G 235 -3.71 34.70 -6.84
CA THR G 235 -3.20 34.86 -8.18
C THR G 235 -3.99 35.92 -8.92
N PHE G 236 -3.28 36.78 -9.65
CA PHE G 236 -3.87 37.75 -10.56
C PHE G 236 -3.81 37.27 -12.01
N MET G 237 -3.77 35.97 -12.22
CA MET G 237 -3.73 35.41 -13.56
C MET G 237 -5.03 35.78 -14.29
N PRO G 238 -4.96 36.28 -15.53
CA PRO G 238 -6.18 36.70 -16.22
C PRO G 238 -7.21 35.59 -16.39
N LYS G 239 -6.77 34.37 -16.66
CA LYS G 239 -7.68 33.23 -16.87
C LYS G 239 -7.02 31.96 -16.33
N PRO G 240 -7.06 31.77 -15.02
CA PRO G 240 -6.44 30.56 -14.45
C PRO G 240 -7.23 29.29 -14.73
N LEU G 241 -8.54 29.38 -14.90
CA LEU G 241 -9.39 28.22 -15.09
C LEU G 241 -10.23 28.38 -16.35
N PHE G 242 -10.33 27.31 -17.12
CA PHE G 242 -11.17 27.30 -18.30
C PHE G 242 -12.63 27.10 -17.91
N GLY G 243 -13.52 27.79 -18.61
CA GLY G 243 -14.95 27.62 -18.42
C GLY G 243 -15.57 28.50 -17.35
N VAL G 244 -14.77 29.29 -16.64
CA VAL G 244 -15.28 30.22 -15.64
C VAL G 244 -14.81 31.62 -15.99
N ASN G 245 -15.33 32.61 -15.26
CA ASN G 245 -14.97 34.00 -15.51
C ASN G 245 -13.49 34.23 -15.23
N GLY G 246 -12.89 35.11 -16.03
CA GLY G 246 -11.54 35.58 -15.79
C GLY G 246 -11.52 36.77 -14.85
N SER G 247 -10.30 37.24 -14.58
CA SER G 247 -10.07 38.38 -13.71
C SER G 247 -9.71 39.59 -14.54
N GLY G 248 -10.40 40.71 -14.29
CA GLY G 248 -10.12 41.96 -14.96
C GLY G 248 -9.65 43.02 -13.98
N MET G 249 -9.16 44.12 -14.55
CA MET G 249 -8.67 45.27 -13.80
C MET G 249 -9.22 46.56 -14.41
N HIS G 250 -10.54 46.61 -14.58
CA HIS G 250 -11.21 47.76 -15.19
C HIS G 250 -10.70 49.07 -14.58
N PHE G 251 -10.42 50.03 -15.47
CA PHE G 251 -9.85 51.32 -15.11
C PHE G 251 -10.91 52.39 -15.31
N ASN G 252 -11.36 53.02 -14.22
CA ASN G 252 -12.24 54.17 -14.30
C ASN G 252 -11.38 55.43 -14.25
N VAL G 253 -11.32 56.15 -15.37
CA VAL G 253 -10.43 57.31 -15.47
C VAL G 253 -11.27 58.57 -15.63
N SER G 254 -10.72 59.67 -15.13
CA SER G 254 -11.38 60.97 -15.23
C SER G 254 -10.33 62.07 -15.37
N LEU G 255 -10.63 63.05 -16.21
CA LEU G 255 -9.75 64.19 -16.42
C LEU G 255 -10.23 65.39 -15.63
N PHE G 256 -9.28 66.17 -15.11
CA PHE G 256 -9.59 67.34 -14.31
C PHE G 256 -8.69 68.48 -14.73
N LYS G 257 -9.27 69.65 -15.00
CA LYS G 257 -8.49 70.87 -15.17
C LYS G 257 -8.97 71.88 -14.14
N GLY G 258 -8.52 71.70 -12.91
CA GLY G 258 -8.68 72.68 -11.85
C GLY G 258 -9.99 72.49 -11.12
N LYS G 259 -9.96 71.80 -9.98
CA LYS G 259 -11.12 71.61 -9.10
C LYS G 259 -12.42 71.37 -9.87
N GLU G 260 -12.35 70.66 -11.00
CA GLU G 260 -13.51 70.53 -11.88
C GLU G 260 -13.30 69.39 -12.84
N ASN G 261 -14.30 68.51 -12.94
CA ASN G 261 -14.23 67.38 -13.86
C ASN G 261 -14.46 67.86 -15.28
N ALA G 262 -13.50 67.59 -16.17
CA ALA G 262 -13.60 68.00 -17.56
C ALA G 262 -14.57 67.13 -18.35
N PHE G 263 -15.03 66.01 -17.81
CA PHE G 263 -15.96 65.14 -18.51
C PHE G 263 -17.42 65.46 -18.20
N PHE G 264 -17.68 66.36 -17.26
CA PHE G 264 -19.03 66.63 -16.79
C PHE G 264 -19.63 67.81 -17.53
N ASP G 265 -20.84 67.62 -18.07
CA ASP G 265 -21.60 68.68 -18.71
C ASP G 265 -22.86 68.94 -17.90
N PRO G 266 -22.91 70.04 -17.13
CA PRO G 266 -24.06 70.25 -16.23
C PRO G 266 -25.34 70.69 -16.95
N ASN G 267 -25.29 70.95 -18.25
CA ASN G 267 -26.46 71.40 -18.99
C ASN G 267 -27.11 70.30 -19.82
N THR G 268 -26.32 69.48 -20.49
CA THR G 268 -26.87 68.42 -21.33
C THR G 268 -27.51 67.34 -20.45
N GLU G 269 -28.61 66.76 -20.96
CA GLU G 269 -29.29 65.71 -20.23
C GLU G 269 -28.39 64.49 -20.04
N MET G 270 -27.64 64.11 -21.09
CA MET G 270 -26.70 63.01 -20.96
C MET G 270 -25.60 63.34 -19.95
N GLY G 271 -25.21 64.61 -19.88
CA GLY G 271 -24.23 65.04 -18.91
C GLY G 271 -22.79 64.74 -19.26
N LEU G 272 -22.48 64.61 -20.55
CA LEU G 272 -21.13 64.34 -20.99
C LEU G 272 -20.63 65.48 -21.85
N THR G 273 -19.43 65.97 -21.53
CA THR G 273 -18.80 67.03 -22.28
C THR G 273 -18.25 66.48 -23.61
N GLU G 274 -18.13 67.37 -24.59
CA GLU G 274 -17.50 66.99 -25.85
C GLU G 274 -16.08 66.49 -25.63
N THR G 275 -15.40 66.97 -24.59
CA THR G 275 -14.08 66.46 -24.25
C THR G 275 -14.14 64.97 -23.92
N ALA G 276 -15.16 64.55 -23.17
CA ALA G 276 -15.31 63.13 -22.85
C ALA G 276 -15.55 62.31 -24.11
N TYR G 277 -16.36 62.82 -25.04
CA TYR G 277 -16.61 62.10 -26.28
C TYR G 277 -15.33 61.98 -27.11
N GLN G 278 -14.54 63.05 -27.17
CA GLN G 278 -13.26 62.98 -27.87
C GLN G 278 -12.32 61.99 -27.21
N PHE G 279 -12.31 61.96 -25.88
CA PHE G 279 -11.44 61.04 -25.16
C PHE G 279 -11.82 59.59 -25.45
N THR G 280 -13.11 59.26 -25.38
CA THR G 280 -13.52 57.89 -25.66
C THR G 280 -13.33 57.54 -27.12
N ALA G 281 -13.51 58.50 -28.03
CA ALA G 281 -13.21 58.24 -29.43
C ALA G 281 -11.75 57.92 -29.65
N GLY G 282 -10.86 58.66 -28.98
CA GLY G 282 -9.44 58.36 -29.09
C GLY G 282 -9.06 57.03 -28.49
N VAL G 283 -9.67 56.66 -27.37
CA VAL G 283 -9.39 55.35 -26.78
C VAL G 283 -9.88 54.24 -27.70
N LEU G 284 -11.06 54.40 -28.29
CA LEU G 284 -11.57 53.40 -29.22
C LEU G 284 -10.71 53.29 -30.47
N LYS G 285 -10.19 54.44 -30.95
CA LYS G 285 -9.40 54.44 -32.18
C LYS G 285 -8.12 53.62 -32.03
N ASN G 286 -7.45 53.75 -30.88
CA ASN G 286 -6.16 53.10 -30.66
C ASN G 286 -6.27 51.88 -29.75
N ALA G 287 -7.46 51.29 -29.63
CA ALA G 287 -7.63 50.14 -28.74
C ALA G 287 -6.77 48.96 -29.16
N ARG G 288 -6.70 48.70 -30.47
CA ARG G 288 -5.84 47.62 -30.95
C ARG G 288 -4.37 47.94 -30.72
N GLY G 289 -4.01 49.22 -30.66
CA GLY G 289 -2.61 49.58 -30.47
C GLY G 289 -2.07 49.20 -29.11
N PHE G 290 -2.84 49.46 -28.04
CA PHE G 290 -2.37 49.23 -26.68
C PHE G 290 -2.91 47.94 -26.08
N THR G 291 -3.51 47.07 -26.88
CA THR G 291 -4.03 45.81 -26.35
C THR G 291 -2.91 44.95 -25.79
N ALA G 292 -1.76 44.93 -26.46
CA ALA G 292 -0.63 44.14 -25.98
C ALA G 292 -0.14 44.62 -24.62
N VAL G 293 -0.09 45.93 -24.41
CA VAL G 293 0.35 46.46 -23.12
C VAL G 293 -0.67 46.17 -22.03
N CYS G 294 -1.96 46.38 -22.31
CA CYS G 294 -2.99 46.12 -21.33
C CYS G 294 -3.24 44.63 -21.12
N ASN G 295 -2.87 43.78 -22.07
CA ASN G 295 -3.01 42.33 -21.97
C ASN G 295 -1.67 41.71 -22.35
N PRO G 296 -0.69 41.74 -21.44
CA PRO G 296 0.68 41.38 -21.81
C PRO G 296 1.00 39.88 -21.78
N LEU G 297 0.15 39.05 -21.21
CA LEU G 297 0.43 37.63 -21.10
C LEU G 297 -0.21 36.87 -22.25
N VAL G 298 0.32 35.66 -22.50
CA VAL G 298 -0.33 34.74 -23.43
C VAL G 298 -1.70 34.34 -22.90
N ASN G 299 -1.78 34.08 -21.58
CA ASN G 299 -3.04 33.69 -20.95
C ASN G 299 -4.08 34.80 -21.01
N SER G 300 -3.66 36.06 -21.14
CA SER G 300 -4.60 37.17 -21.15
C SER G 300 -5.66 37.01 -22.23
N TYR G 301 -5.24 36.55 -23.41
CA TYR G 301 -6.15 36.41 -24.54
C TYR G 301 -7.02 35.18 -24.44
N LYS G 302 -6.79 34.33 -23.43
CA LYS G 302 -7.76 33.31 -23.07
C LYS G 302 -8.90 33.89 -22.25
N ARG G 303 -8.72 35.06 -21.65
CA ARG G 303 -9.83 35.77 -21.02
C ARG G 303 -10.68 36.50 -22.05
N LEU G 304 -10.07 37.02 -23.12
CA LEU G 304 -10.77 37.76 -24.15
C LEU G 304 -11.52 36.81 -25.09
N VAL G 305 -12.46 36.08 -24.50
CA VAL G 305 -13.33 35.17 -25.24
C VAL G 305 -14.78 35.52 -24.89
N PRO G 306 -15.74 35.34 -25.80
CA PRO G 306 -17.11 35.77 -25.52
C PRO G 306 -17.77 34.92 -24.43
N GLY G 307 -18.69 35.54 -23.72
CA GLY G 307 -19.52 34.87 -22.73
C GLY G 307 -19.12 35.07 -21.29
N TYR G 308 -18.01 35.76 -21.02
CA TYR G 308 -17.52 35.93 -19.65
C TYR G 308 -17.35 37.40 -19.31
N GLU G 309 -18.09 38.28 -19.98
CA GLU G 309 -18.14 39.73 -19.77
C GLU G 309 -16.85 40.45 -20.16
N ALA G 310 -15.81 39.74 -20.57
CA ALA G 310 -14.62 40.42 -21.03
C ALA G 310 -14.86 41.00 -22.43
N PRO G 311 -14.37 42.20 -22.71
CA PRO G 311 -14.59 42.78 -24.04
C PRO G 311 -13.86 42.00 -25.12
N CYS G 312 -14.54 41.81 -26.25
CA CYS G 312 -13.96 41.12 -27.39
C CYS G 312 -13.89 41.97 -28.65
N TYR G 313 -14.66 43.05 -28.74
CA TYR G 313 -14.60 43.96 -29.87
C TYR G 313 -14.58 45.39 -29.35
N ILE G 314 -14.29 46.32 -30.25
CA ILE G 314 -14.04 47.72 -29.90
C ILE G 314 -15.37 48.46 -30.03
N ALA G 315 -16.00 48.75 -28.89
CA ALA G 315 -17.24 49.50 -28.87
C ALA G 315 -17.42 50.10 -27.49
N TRP G 316 -18.31 51.08 -27.41
CA TRP G 316 -18.63 51.74 -26.15
C TRP G 316 -20.14 51.78 -25.96
N SER G 317 -20.57 51.75 -24.70
CA SER G 317 -22.00 51.73 -24.39
C SER G 317 -22.18 52.18 -22.94
N GLY G 318 -23.42 52.53 -22.62
CA GLY G 318 -23.78 52.85 -21.26
C GLY G 318 -24.43 51.68 -20.56
N LYS G 319 -24.88 50.70 -21.34
CA LYS G 319 -25.52 49.51 -20.78
C LYS G 319 -25.34 48.37 -21.79
N ASN G 320 -24.37 47.49 -21.53
CA ASN G 320 -24.11 46.35 -22.38
C ASN G 320 -23.40 45.29 -21.55
N ARG G 321 -23.45 44.05 -22.04
CA ARG G 321 -22.85 42.94 -21.30
C ARG G 321 -21.33 43.07 -21.23
N SER G 322 -20.68 43.27 -22.37
CA SER G 322 -19.22 43.36 -22.44
C SER G 322 -18.79 44.44 -23.41
N PRO G 323 -19.00 45.71 -23.04
CA PRO G 323 -18.45 46.79 -23.86
C PRO G 323 -16.99 47.07 -23.51
N LEU G 324 -16.23 47.50 -24.52
CA LEU G 324 -14.85 47.88 -24.25
C LEU G 324 -14.79 49.11 -23.34
N ILE G 325 -15.65 50.08 -23.58
CA ILE G 325 -15.75 51.28 -22.76
C ILE G 325 -17.16 51.38 -22.21
N ARG G 326 -17.26 51.52 -20.89
CA ARG G 326 -18.54 51.72 -20.23
C ARG G 326 -18.55 53.10 -19.55
N VAL G 327 -19.68 53.79 -19.67
CA VAL G 327 -19.88 55.08 -19.02
C VAL G 327 -20.83 54.88 -17.84
N PRO G 328 -20.34 54.93 -16.60
CA PRO G 328 -21.23 54.74 -15.45
C PRO G 328 -22.24 55.87 -15.34
N SER G 329 -23.36 55.57 -14.70
CA SER G 329 -24.45 56.52 -14.55
C SER G 329 -24.12 57.67 -13.62
N SER G 330 -23.04 57.58 -12.85
CA SER G 330 -22.67 58.66 -11.96
C SER G 330 -22.29 59.91 -12.75
N ARG G 331 -22.61 61.07 -12.18
CA ARG G 331 -22.35 62.35 -12.82
C ARG G 331 -21.75 63.29 -11.78
N GLY G 332 -21.66 64.57 -12.14
CA GLY G 332 -21.07 65.53 -11.22
C GLY G 332 -19.55 65.47 -11.26
N LEU G 333 -18.95 65.42 -10.08
CA LEU G 333 -17.49 65.30 -9.99
C LEU G 333 -17.00 63.86 -10.11
N SER G 334 -17.92 62.89 -10.18
CA SER G 334 -17.55 61.48 -10.24
C SER G 334 -17.75 60.88 -11.63
N THR G 335 -18.06 61.68 -12.64
CA THR G 335 -18.21 61.16 -13.98
C THR G 335 -16.86 60.65 -14.49
N ARG G 336 -16.88 59.48 -15.12
CA ARG G 336 -15.64 58.82 -15.52
C ARG G 336 -15.91 57.91 -16.70
N ILE G 337 -14.83 57.44 -17.32
CA ILE G 337 -14.88 56.51 -18.44
C ILE G 337 -14.16 55.23 -18.00
N GLU G 338 -14.83 54.10 -18.19
CA GLU G 338 -14.31 52.82 -17.72
C GLU G 338 -13.79 52.01 -18.90
N VAL G 339 -12.48 51.76 -18.92
CA VAL G 339 -11.87 50.85 -19.89
C VAL G 339 -11.80 49.47 -19.25
N ARG G 340 -12.43 48.49 -19.88
CA ARG G 340 -12.62 47.18 -19.28
C ARG G 340 -11.69 46.11 -19.85
N SER G 341 -10.80 46.45 -20.78
CA SER G 341 -9.92 45.45 -21.36
C SER G 341 -8.69 45.18 -20.51
N VAL G 342 -8.39 46.04 -19.54
CA VAL G 342 -7.19 45.87 -18.72
C VAL G 342 -7.38 44.68 -17.79
N ASP G 343 -6.32 43.88 -17.64
CA ASP G 343 -6.29 42.74 -16.74
C ASP G 343 -5.27 42.98 -15.63
N PRO G 344 -5.41 42.29 -14.49
CA PRO G 344 -4.52 42.58 -13.35
C PRO G 344 -3.05 42.27 -13.60
N ALA G 345 -2.72 41.51 -14.64
CA ALA G 345 -1.33 41.21 -14.94
C ALA G 345 -0.62 42.36 -15.67
N ALA G 346 -1.35 43.34 -16.16
CA ALA G 346 -0.73 44.46 -16.87
C ALA G 346 0.03 45.36 -15.90
N ASN G 347 1.08 45.98 -16.43
CA ASN G 347 1.81 46.98 -15.65
C ASN G 347 0.94 48.22 -15.52
N PRO G 348 0.62 48.67 -14.30
CA PRO G 348 -0.31 49.80 -14.17
C PRO G 348 0.21 51.09 -14.79
N TYR G 349 1.49 51.40 -14.61
CA TYR G 349 2.05 52.62 -15.17
C TYR G 349 1.96 52.63 -16.68
N MET G 350 2.36 51.52 -17.32
CA MET G 350 2.38 51.47 -18.78
C MET G 350 0.98 51.50 -19.36
N ALA G 351 0.06 50.73 -18.77
CA ALA G 351 -1.32 50.72 -19.26
C ALA G 351 -1.98 52.08 -19.08
N LEU G 352 -1.78 52.71 -17.93
CA LEU G 352 -2.35 54.04 -17.70
C LEU G 352 -1.77 55.07 -18.67
N ALA G 353 -0.46 55.01 -18.92
CA ALA G 353 0.15 55.92 -19.87
C ALA G 353 -0.41 55.71 -21.27
N ALA G 354 -0.58 54.45 -21.68
CA ALA G 354 -1.13 54.17 -23.01
C ALA G 354 -2.56 54.70 -23.13
N ILE G 355 -3.39 54.46 -22.12
CA ILE G 355 -4.77 54.92 -22.16
C ILE G 355 -4.84 56.44 -22.19
N LEU G 356 -4.03 57.10 -21.36
CA LEU G 356 -4.01 58.55 -21.34
C LEU G 356 -3.55 59.13 -22.68
N GLU G 357 -2.53 58.51 -23.29
CA GLU G 357 -2.04 59.00 -24.58
C GLU G 357 -3.09 58.81 -25.66
N ALA G 358 -3.80 57.67 -25.66
CA ALA G 358 -4.87 57.48 -26.63
C ALA G 358 -5.98 58.50 -26.46
N GLY G 359 -6.36 58.77 -25.20
CA GLY G 359 -7.39 59.77 -24.95
C GLY G 359 -6.97 61.15 -25.39
N LEU G 360 -5.73 61.53 -25.10
CA LEU G 360 -5.24 62.84 -25.53
C LEU G 360 -5.13 62.93 -27.04
N ASP G 361 -4.74 61.84 -27.70
CA ASP G 361 -4.71 61.82 -29.17
C ASP G 361 -6.11 62.04 -29.73
N GLY G 362 -7.12 61.42 -29.13
CA GLY G 362 -8.49 61.69 -29.54
C GLY G 362 -8.90 63.12 -29.26
N ILE G 363 -8.44 63.69 -28.14
CA ILE G 363 -8.85 65.03 -27.76
C ILE G 363 -8.29 66.07 -28.72
N LYS G 364 -6.98 65.99 -29.02
CA LYS G 364 -6.36 67.03 -29.83
C LYS G 364 -6.57 66.81 -31.33
N ASN G 365 -7.19 65.71 -31.73
CA ASN G 365 -7.60 65.50 -33.11
C ASN G 365 -9.08 65.74 -33.33
N LYS G 366 -9.84 66.01 -32.26
CA LYS G 366 -11.27 66.27 -32.33
C LYS G 366 -12.01 65.14 -33.08
N LEU G 367 -11.67 63.91 -32.72
CA LEU G 367 -12.31 62.76 -33.32
C LEU G 367 -13.78 62.68 -32.92
N LYS G 368 -14.58 62.10 -33.80
CA LYS G 368 -16.01 61.92 -33.58
C LYS G 368 -16.25 60.52 -33.05
N VAL G 369 -16.84 60.42 -31.87
CA VAL G 369 -17.08 59.11 -31.25
C VAL G 369 -18.14 58.36 -32.04
N PRO G 370 -17.95 57.06 -32.30
CA PRO G 370 -18.98 56.30 -33.01
C PRO G 370 -20.22 56.10 -32.15
N GLU G 371 -21.27 55.60 -32.79
CA GLU G 371 -22.53 55.41 -32.10
C GLU G 371 -22.39 54.34 -31.02
N PRO G 372 -22.97 54.55 -29.84
CA PRO G 372 -22.93 53.52 -28.80
C PRO G 372 -23.70 52.28 -29.22
N VAL G 373 -23.25 51.14 -28.72
CA VAL G 373 -23.91 49.88 -29.03
C VAL G 373 -24.97 49.58 -27.98
N ASN G 374 -25.98 48.83 -28.40
CA ASN G 374 -27.06 48.43 -27.50
C ASN G 374 -27.43 46.96 -27.71
N GLN G 375 -28.59 46.55 -27.21
CA GLN G 375 -28.92 45.13 -27.12
C GLN G 375 -28.91 44.42 -28.46
N ASN G 376 -29.13 45.12 -29.56
CA ASN G 376 -29.20 44.43 -30.86
C ASN G 376 -27.82 44.32 -31.52
N ILE G 377 -26.84 43.84 -30.76
CA ILE G 377 -25.53 43.54 -31.28
C ILE G 377 -25.18 42.12 -30.86
N TYR G 378 -25.96 41.57 -29.92
CA TYR G 378 -25.76 40.19 -29.51
C TYR G 378 -26.01 39.22 -30.64
N GLU G 379 -26.97 39.54 -31.53
CA GLU G 379 -27.25 38.75 -32.72
C GLU G 379 -26.56 39.44 -33.89
N MET G 380 -25.25 39.22 -34.01
CA MET G 380 -24.45 39.82 -35.07
C MET G 380 -23.16 39.03 -35.21
N ASN G 381 -22.88 38.55 -36.41
CA ASN G 381 -21.61 37.88 -36.67
C ASN G 381 -20.50 38.92 -36.83
N ARG G 382 -19.27 38.42 -36.99
CA ARG G 382 -18.13 39.32 -37.15
C ARG G 382 -18.21 40.10 -38.46
N GLU G 383 -18.75 39.50 -39.51
CA GLU G 383 -18.86 40.19 -40.79
C GLU G 383 -19.78 41.40 -40.69
N GLU G 384 -20.98 41.22 -40.12
CA GLU G 384 -21.88 42.34 -39.95
C GLU G 384 -21.33 43.36 -38.96
N ARG G 385 -20.65 42.90 -37.91
CA ARG G 385 -20.05 43.80 -36.94
C ARG G 385 -19.00 44.69 -37.60
N GLU G 386 -18.17 44.12 -38.47
CA GLU G 386 -17.18 44.91 -39.20
C GLU G 386 -17.85 45.81 -40.23
N ALA G 387 -18.95 45.36 -40.83
CA ALA G 387 -19.67 46.20 -41.77
C ALA G 387 -20.22 47.45 -41.08
N VAL G 388 -20.75 47.29 -39.87
CA VAL G 388 -21.17 48.45 -39.07
C VAL G 388 -20.00 49.32 -38.66
N GLY G 389 -18.81 48.75 -38.52
CA GLY G 389 -17.64 49.48 -38.11
C GLY G 389 -17.06 49.08 -36.77
N ILE G 390 -17.48 47.96 -36.21
CA ILE G 390 -16.99 47.51 -34.90
C ILE G 390 -15.82 46.57 -35.15
N GLN G 391 -14.62 47.04 -34.82
CA GLN G 391 -13.42 46.22 -34.97
C GLN G 391 -13.27 45.27 -33.80
N ASP G 392 -12.55 44.18 -34.04
CA ASP G 392 -12.29 43.16 -33.03
C ASP G 392 -10.93 43.38 -32.39
N LEU G 393 -10.86 43.10 -31.10
CA LEU G 393 -9.57 43.13 -30.41
C LEU G 393 -8.71 41.96 -30.90
N PRO G 394 -7.38 42.11 -30.86
CA PRO G 394 -6.51 41.00 -31.24
C PRO G 394 -6.77 39.77 -30.37
N SER G 395 -6.77 38.61 -31.01
CA SER G 395 -7.14 37.36 -30.34
C SER G 395 -5.95 36.62 -29.74
N THR G 396 -4.73 36.93 -30.16
CA THR G 396 -3.53 36.30 -29.64
C THR G 396 -2.48 37.35 -29.35
N LEU G 397 -1.52 36.98 -28.50
CA LEU G 397 -0.41 37.89 -28.20
C LEU G 397 0.43 38.17 -29.44
N TYR G 398 0.54 37.19 -30.35
CA TYR G 398 1.27 37.40 -31.60
C TYR G 398 0.63 38.49 -32.44
N THR G 399 -0.68 38.36 -32.69
CA THR G 399 -1.39 39.37 -33.45
C THR G 399 -1.49 40.70 -32.70
N ALA G 400 -1.53 40.66 -31.37
CA ALA G 400 -1.51 41.89 -30.59
C ALA G 400 -0.20 42.64 -30.76
N LEU G 401 0.93 41.91 -30.76
CA LEU G 401 2.22 42.54 -31.03
C LEU G 401 2.27 43.07 -32.46
N LYS G 402 1.70 42.33 -33.40
CA LYS G 402 1.63 42.79 -34.78
C LYS G 402 0.88 44.12 -34.86
N ALA G 403 -0.26 44.22 -34.16
CA ALA G 403 -1.01 45.46 -34.15
C ALA G 403 -0.27 46.58 -33.44
N MET G 404 0.41 46.26 -32.34
CA MET G 404 1.17 47.27 -31.60
C MET G 404 2.30 47.84 -32.44
N ARG G 405 2.95 47.00 -33.26
CA ARG G 405 4.02 47.48 -34.12
C ARG G 405 3.53 48.44 -35.20
N GLU G 406 2.22 48.53 -35.42
CA GLU G 406 1.66 49.40 -36.44
C GLU G 406 0.99 50.65 -35.87
N ASN G 407 1.10 50.88 -34.57
CA ASN G 407 0.48 52.02 -33.91
C ASN G 407 1.55 52.99 -33.42
N GLU G 408 1.37 54.28 -33.74
CA GLU G 408 2.34 55.28 -33.31
C GLU G 408 2.02 55.84 -31.92
N VAL G 409 0.73 55.84 -31.54
CA VAL G 409 0.33 56.40 -30.26
C VAL G 409 0.93 55.59 -29.12
N ILE G 410 0.93 54.27 -29.23
CA ILE G 410 1.49 53.43 -28.16
C ILE G 410 2.99 53.65 -28.05
N LYS G 411 3.69 53.80 -29.18
CA LYS G 411 5.11 54.08 -29.14
C LYS G 411 5.38 55.42 -28.48
N LYS G 412 4.59 56.44 -28.81
CA LYS G 412 4.76 57.75 -28.17
C LYS G 412 4.50 57.66 -26.67
N ALA G 413 3.48 56.90 -26.27
CA ALA G 413 3.17 56.74 -24.85
C ALA G 413 4.29 56.05 -24.10
N LEU G 414 4.88 55.00 -24.69
CA LEU G 414 5.84 54.19 -23.97
C LEU G 414 7.25 54.75 -24.02
N GLY G 415 7.62 55.50 -25.06
CA GLY G 415 9.01 55.87 -25.23
C GLY G 415 9.73 54.77 -25.99
N ASN G 416 10.80 55.13 -26.71
CA ASN G 416 11.45 54.16 -27.58
C ASN G 416 12.05 53.00 -26.80
N HIS G 417 12.69 53.29 -25.67
CA HIS G 417 13.36 52.24 -24.90
C HIS G 417 12.35 51.22 -24.39
N ILE G 418 11.29 51.69 -23.72
CA ILE G 418 10.29 50.78 -23.16
C ILE G 418 9.56 50.05 -24.28
N TYR G 419 9.26 50.74 -25.37
CA TYR G 419 8.57 50.13 -26.50
C TYR G 419 9.38 48.96 -27.06
N ASN G 420 10.67 49.21 -27.35
CA ASN G 420 11.51 48.16 -27.92
C ASN G 420 11.71 47.00 -26.95
N GLN G 421 11.96 47.31 -25.67
CA GLN G 421 12.18 46.24 -24.70
C GLN G 421 10.93 45.39 -24.51
N PHE G 422 9.76 46.02 -24.45
CA PHE G 422 8.51 45.27 -24.31
C PHE G 422 8.27 44.39 -25.52
N ILE G 423 8.51 44.93 -26.72
CA ILE G 423 8.31 44.13 -27.93
C ILE G 423 9.24 42.94 -27.96
N ASN G 424 10.52 43.14 -27.61
CA ASN G 424 11.46 42.03 -27.61
C ASN G 424 11.06 40.97 -26.58
N SER G 425 10.70 41.41 -25.37
CA SER G 425 10.32 40.47 -24.31
C SER G 425 9.11 39.65 -24.71
N LYS G 426 8.08 40.31 -25.25
CA LYS G 426 6.86 39.60 -25.60
C LYS G 426 7.07 38.70 -26.81
N SER G 427 7.91 39.11 -27.76
CA SER G 427 8.23 38.25 -28.89
C SER G 427 8.93 36.98 -28.43
N ILE G 428 9.89 37.12 -27.51
CA ILE G 428 10.59 35.95 -26.97
C ILE G 428 9.61 35.04 -26.23
N GLU G 429 8.73 35.64 -25.42
CA GLU G 429 7.76 34.85 -24.67
C GLU G 429 6.83 34.08 -25.61
N TRP G 430 6.32 34.74 -26.65
CA TRP G 430 5.44 34.06 -27.60
C TRP G 430 6.19 32.98 -28.36
N ASP G 431 7.45 33.24 -28.72
CA ASP G 431 8.23 32.24 -29.43
C ASP G 431 8.43 30.99 -28.58
N TYR G 432 8.69 31.18 -27.28
CA TYR G 432 8.79 30.01 -26.40
C TYR G 432 7.45 29.31 -26.23
N TYR G 433 6.35 30.07 -26.21
CA TYR G 433 5.04 29.46 -26.01
C TYR G 433 4.60 28.63 -27.23
N ARG G 434 4.89 29.13 -28.43
CA ARG G 434 4.33 28.53 -29.64
C ARG G 434 4.91 27.16 -29.96
N THR G 435 6.08 26.83 -29.43
CA THR G 435 6.72 25.56 -29.74
C THR G 435 6.29 24.42 -28.82
N GLN G 436 5.51 24.71 -27.79
CA GLN G 436 5.06 23.68 -26.86
C GLN G 436 3.92 22.88 -27.47
N VAL G 437 3.92 21.58 -27.20
CA VAL G 437 2.84 20.69 -27.62
C VAL G 437 1.87 20.57 -26.45
N SER G 438 0.66 21.08 -26.63
CA SER G 438 -0.31 21.13 -25.55
C SER G 438 -1.01 19.79 -25.38
N GLU G 439 -1.59 19.60 -24.19
CA GLU G 439 -2.37 18.40 -23.91
C GLU G 439 -3.64 18.35 -24.73
N TRP G 440 -4.18 19.51 -25.12
CA TRP G 440 -5.35 19.53 -26.00
C TRP G 440 -5.03 18.90 -27.35
N GLU G 441 -3.86 19.20 -27.91
CA GLU G 441 -3.46 18.59 -29.17
C GLU G 441 -3.28 17.08 -29.03
N ARG G 442 -2.72 16.63 -27.91
CA ARG G 442 -2.54 15.20 -27.69
C ARG G 442 -3.87 14.49 -27.48
N ASP G 443 -4.86 15.17 -26.92
CA ASP G 443 -6.18 14.58 -26.77
C ASP G 443 -6.92 14.52 -28.11
N GLN G 444 -6.87 15.61 -28.88
CA GLN G 444 -7.59 15.64 -30.16
C GLN G 444 -6.94 14.72 -31.18
N TYR G 445 -5.62 14.78 -31.31
CA TYR G 445 -4.87 13.97 -32.25
C TYR G 445 -4.19 12.81 -31.52
N MET G 446 -3.31 12.11 -32.22
CA MET G 446 -2.54 10.95 -31.79
C MET G 446 -3.41 9.69 -31.75
N LYS G 447 -4.72 9.80 -31.94
CA LYS G 447 -5.56 8.61 -32.10
C LYS G 447 -6.41 8.77 -33.35
N GLN G 448 -6.80 10.02 -33.65
CA GLN G 448 -7.49 10.29 -34.89
C GLN G 448 -6.54 10.39 -36.08
N TYR G 449 -5.28 10.72 -35.84
CA TYR G 449 -4.29 10.81 -36.91
C TYR G 449 -3.08 9.94 -36.61
N THR H 8 38.59 47.76 18.96
CA THR H 8 39.73 47.21 19.69
C THR H 8 39.34 46.76 21.09
N PHE H 9 39.93 45.65 21.54
CA PHE H 9 39.63 45.10 22.85
C PHE H 9 40.93 44.68 23.53
N THR H 10 40.91 44.65 24.85
CA THR H 10 42.02 44.17 25.66
C THR H 10 41.52 43.05 26.56
N LYS H 11 42.44 42.50 27.37
CA LYS H 11 42.07 41.39 28.25
C LYS H 11 41.01 41.81 29.25
N GLU H 12 41.13 43.01 29.81
CA GLU H 12 40.14 43.49 30.78
C GLU H 12 38.77 43.62 30.14
N ASP H 13 38.72 44.11 28.89
CA ASP H 13 37.46 44.20 28.18
C ASP H 13 36.82 42.83 27.98
N ILE H 14 37.64 41.83 27.63
CA ILE H 14 37.12 40.47 27.45
C ILE H 14 36.59 39.92 28.76
N ARG H 15 37.31 40.13 29.85
CA ARG H 15 36.85 39.65 31.15
C ARG H 15 35.54 40.34 31.55
N LYS H 16 35.45 41.64 31.32
CA LYS H 16 34.22 42.36 31.64
C LYS H 16 33.05 41.86 30.79
N PHE H 17 33.29 41.63 29.50
CA PHE H 17 32.23 41.12 28.63
C PHE H 17 31.77 39.74 29.07
N ALA H 18 32.72 38.87 29.45
CA ALA H 18 32.34 37.56 29.94
C ALA H 18 31.55 37.64 31.24
N GLU H 19 31.93 38.54 32.13
CA GLU H 19 31.23 38.68 33.41
C GLU H 19 29.83 39.26 33.27
N GLU H 20 29.67 40.34 32.51
CA GLU H 20 28.36 40.98 32.41
C GLU H 20 27.39 40.17 31.56
N GLU H 21 27.86 39.60 30.45
CA GLU H 21 26.99 38.89 29.53
C GLU H 21 26.78 37.43 29.90
N ASN H 22 27.42 36.95 30.96
CA ASN H 22 27.30 35.56 31.41
C ASN H 22 27.67 34.58 30.29
N VAL H 23 28.83 34.81 29.70
CA VAL H 23 29.35 33.90 28.69
C VAL H 23 29.79 32.61 29.39
N ARG H 24 29.29 31.48 28.90
CA ARG H 24 29.61 30.18 29.47
C ARG H 24 30.34 29.25 28.51
N TYR H 25 30.50 29.65 27.26
CA TYR H 25 31.13 28.80 26.25
C TYR H 25 31.97 29.67 25.34
N LEU H 26 33.18 29.20 25.01
CA LEU H 26 34.09 29.91 24.14
C LEU H 26 34.43 29.05 22.93
N ARG H 27 34.44 29.66 21.75
CA ARG H 27 34.82 29.00 20.52
C ARG H 27 36.08 29.68 19.98
N LEU H 28 37.20 28.96 20.03
CA LEU H 28 38.44 29.44 19.42
C LEU H 28 38.40 29.03 17.96
N GLN H 29 38.17 30.00 17.08
CA GLN H 29 37.85 29.75 15.69
C GLN H 29 39.06 30.01 14.80
N PHE H 30 39.28 29.12 13.84
CA PHE H 30 40.33 29.27 12.84
C PHE H 30 39.86 28.59 11.56
N THR H 31 40.76 28.50 10.58
CA THR H 31 40.42 27.93 9.29
C THR H 31 41.58 27.10 8.77
N ASP H 32 41.26 26.16 7.89
CA ASP H 32 42.24 25.32 7.22
C ASP H 32 42.44 25.81 5.80
N ILE H 33 43.28 25.09 5.05
CA ILE H 33 43.56 25.48 3.67
C ILE H 33 42.37 25.29 2.74
N LEU H 34 41.36 24.54 3.16
CA LEU H 34 40.16 24.34 2.37
C LEU H 34 39.06 25.34 2.68
N GLY H 35 39.31 26.28 3.59
CA GLY H 35 38.32 27.28 3.96
C GLY H 35 37.29 26.81 4.98
N THR H 36 37.38 25.58 5.46
CA THR H 36 36.44 25.09 6.44
C THR H 36 36.65 25.81 7.78
N ILE H 37 35.54 26.18 8.42
CA ILE H 37 35.60 26.86 9.71
C ILE H 37 35.83 25.80 10.79
N LYS H 38 37.01 25.80 11.38
CA LYS H 38 37.35 24.90 12.46
C LYS H 38 37.31 25.65 13.79
N ASN H 39 37.12 24.93 14.88
CA ASN H 39 37.06 25.58 16.18
C ASN H 39 37.40 24.58 17.27
N VAL H 40 37.90 25.13 18.38
CA VAL H 40 38.09 24.40 19.63
C VAL H 40 37.13 24.98 20.66
N GLU H 41 36.34 24.11 21.27
CA GLU H 41 35.37 24.54 22.27
C GLU H 41 36.01 24.51 23.66
N VAL H 42 35.63 25.48 24.49
CA VAL H 42 36.24 25.60 25.81
C VAL H 42 35.22 26.14 26.79
N PRO H 43 35.22 25.68 28.04
CA PRO H 43 34.39 26.32 29.06
C PRO H 43 35.00 27.65 29.49
N VAL H 44 34.13 28.56 29.93
CA VAL H 44 34.58 29.91 30.26
C VAL H 44 35.57 29.90 31.42
N SER H 45 35.58 28.85 32.23
CA SER H 45 36.57 28.73 33.31
C SER H 45 37.99 28.64 32.78
N GLN H 46 38.17 28.31 31.50
CA GLN H 46 39.49 28.29 30.87
C GLN H 46 39.87 29.62 30.26
N LEU H 47 39.05 30.66 30.46
CA LEU H 47 39.25 31.94 29.77
C LEU H 47 40.66 32.47 29.95
N GLU H 48 41.16 32.46 31.19
CA GLU H 48 42.51 32.95 31.45
C GLU H 48 43.53 32.20 30.61
N LYS H 49 43.45 30.86 30.60
CA LYS H 49 44.36 30.07 29.78
C LYS H 49 44.21 30.41 28.30
N VAL H 50 43.02 30.80 27.88
CA VAL H 50 42.83 31.26 26.50
C VAL H 50 43.58 32.55 26.27
N LEU H 51 43.52 33.49 27.23
CA LEU H 51 44.14 34.79 27.05
C LEU H 51 45.66 34.74 27.19
N ASP H 52 46.21 33.66 27.72
CA ASP H 52 47.65 33.51 27.87
C ASP H 52 48.30 32.82 26.67
N ASN H 53 47.54 32.56 25.61
CA ASN H 53 48.04 31.88 24.41
C ASN H 53 48.64 30.53 24.76
N GLU H 54 47.95 29.79 25.62
CA GLU H 54 48.44 28.49 26.10
C GLU H 54 47.55 27.33 25.69
N MET H 55 46.50 27.58 24.91
CA MET H 55 45.64 26.49 24.45
C MET H 55 46.36 25.72 23.34
N MET H 56 46.38 24.40 23.48
CA MET H 56 47.06 23.51 22.56
C MET H 56 46.07 22.65 21.81
N PHE H 57 46.40 22.34 20.57
CA PHE H 57 45.57 21.49 19.72
C PHE H 57 46.44 20.81 18.68
N ASP H 58 45.80 20.01 17.83
CA ASP H 58 46.53 19.17 16.89
C ASP H 58 47.36 20.01 15.92
N GLY H 59 46.73 20.98 15.26
CA GLY H 59 47.46 21.81 14.32
C GLY H 59 47.57 21.19 12.95
N SER H 60 47.62 19.85 12.89
CA SER H 60 47.63 19.17 11.60
C SER H 60 46.26 19.22 10.92
N SER H 61 45.21 19.55 11.66
CA SER H 61 43.90 19.72 11.05
C SER H 61 43.89 20.83 10.01
N ILE H 62 44.81 21.78 10.10
CA ILE H 62 44.94 22.82 9.08
C ILE H 62 45.21 22.19 7.72
N GLU H 63 45.88 21.04 7.68
CA GLU H 63 46.16 20.38 6.42
C GLU H 63 44.91 19.81 5.77
N GLY H 64 43.80 19.73 6.48
CA GLY H 64 42.60 19.17 5.87
C GLY H 64 42.64 17.66 5.88
N PHE H 65 42.30 17.05 4.75
CA PHE H 65 42.22 15.60 4.65
C PHE H 65 43.53 14.95 4.20
N VAL H 66 44.60 15.73 4.05
CA VAL H 66 45.90 15.19 3.69
C VAL H 66 46.84 15.18 4.90
N ARG H 67 46.31 15.35 6.10
CA ARG H 67 47.13 15.30 7.30
C ARG H 67 47.61 13.88 7.56
N ILE H 68 48.83 13.77 8.10
CA ILE H 68 49.43 12.46 8.35
C ILE H 68 49.66 12.26 9.84
N GLU H 69 50.49 13.11 10.43
CA GLU H 69 50.92 12.96 11.82
C GLU H 69 50.33 14.07 12.68
N GLU H 70 49.92 13.70 13.89
CA GLU H 70 49.40 14.67 14.85
C GLU H 70 50.55 15.51 15.38
N SER H 71 50.37 16.83 15.37
CA SER H 71 51.33 17.77 15.92
C SER H 71 50.75 18.41 17.18
N ASP H 72 51.49 19.37 17.73
CA ASP H 72 51.05 20.15 18.88
C ASP H 72 51.29 21.62 18.57
N MET H 73 50.22 22.41 18.53
CA MET H 73 50.33 23.82 18.17
C MET H 73 49.47 24.64 19.11
N TYR H 74 49.86 25.91 19.27
CA TYR H 74 49.21 26.82 20.20
C TYR H 74 48.26 27.75 19.46
N LEU H 75 47.21 28.16 20.14
CA LEU H 75 46.24 29.11 19.62
C LEU H 75 46.44 30.46 20.28
N HIS H 76 46.69 31.50 19.48
CA HIS H 76 46.81 32.86 19.97
C HIS H 76 45.60 33.65 19.52
N PRO H 77 44.66 33.99 20.40
CA PRO H 77 43.46 34.70 19.96
C PRO H 77 43.77 36.14 19.58
N ASP H 78 42.93 36.68 18.69
CA ASP H 78 42.95 38.09 18.32
C ASP H 78 41.78 38.74 19.02
N LEU H 79 42.08 39.62 19.99
CA LEU H 79 41.03 40.17 20.84
C LEU H 79 40.07 41.09 20.09
N ASP H 80 40.48 41.64 18.95
CA ASP H 80 39.61 42.50 18.17
C ASP H 80 38.48 41.74 17.49
N THR H 81 38.58 40.42 17.37
CA THR H 81 37.57 39.60 16.73
C THR H 81 36.51 39.11 17.71
N TRP H 82 36.55 39.56 18.96
CA TRP H 82 35.59 39.11 19.94
C TRP H 82 34.17 39.50 19.54
N VAL H 83 33.25 38.54 19.64
CA VAL H 83 31.84 38.80 19.38
C VAL H 83 31.04 37.70 20.07
N ILE H 84 29.84 38.03 20.51
CA ILE H 84 28.97 37.11 21.24
C ILE H 84 27.79 36.76 20.35
N PHE H 85 27.55 35.46 20.18
CA PHE H 85 26.44 35.00 19.36
C PHE H 85 25.12 35.22 20.08
N PRO H 86 24.04 35.53 19.35
CA PRO H 86 22.76 35.82 19.99
C PRO H 86 21.94 34.56 20.27
N TRP H 87 22.55 33.40 20.16
CA TRP H 87 21.85 32.14 20.41
C TRP H 87 22.36 31.47 21.69
N GLY H 92 23.07 30.21 29.38
CA GLY H 92 24.25 30.99 29.09
C GLY H 92 24.40 31.36 27.63
N LYS H 93 25.47 32.05 27.29
CA LYS H 93 25.73 32.51 25.94
C LYS H 93 27.03 31.90 25.42
N VAL H 94 27.22 32.01 24.11
CA VAL H 94 28.41 31.50 23.44
C VAL H 94 29.13 32.68 22.78
N ALA H 95 30.42 32.78 23.02
CA ALA H 95 31.27 33.79 22.41
C ALA H 95 32.36 33.11 21.60
N ARG H 96 32.96 33.88 20.69
CA ARG H 96 33.99 33.33 19.82
C ARG H 96 35.19 34.27 19.79
N LEU H 97 36.35 33.68 19.51
CA LEU H 97 37.56 34.43 19.26
C LEU H 97 38.30 33.77 18.11
N ILE H 98 38.69 34.55 17.12
CA ILE H 98 39.45 34.06 15.98
C ILE H 98 40.92 34.03 16.37
N CYS H 99 41.55 32.87 16.24
CA CYS H 99 42.90 32.66 16.73
C CYS H 99 43.85 32.35 15.58
N ASP H 100 45.07 32.83 15.71
CA ASP H 100 46.17 32.43 14.84
C ASP H 100 46.85 31.20 15.43
N VAL H 101 47.49 30.43 14.55
CA VAL H 101 48.12 29.17 14.93
C VAL H 101 49.62 29.39 15.02
N TYR H 102 50.21 29.03 16.16
CA TYR H 102 51.64 29.19 16.39
C TYR H 102 52.27 27.83 16.65
N LYS H 103 53.52 27.68 16.21
CA LYS H 103 54.27 26.46 16.48
C LYS H 103 54.79 26.47 17.91
N THR H 104 55.41 25.37 18.31
CA THR H 104 55.95 25.26 19.66
C THR H 104 57.18 26.14 19.88
N ASP H 105 57.74 26.72 18.82
CA ASP H 105 58.90 27.59 18.93
C ASP H 105 58.53 29.06 19.00
N GLY H 106 57.23 29.36 19.13
CA GLY H 106 56.78 30.73 19.26
C GLY H 106 56.59 31.48 17.97
N THR H 107 56.84 30.85 16.82
CA THR H 107 56.64 31.51 15.55
C THR H 107 55.35 31.04 14.89
N PRO H 108 54.69 31.91 14.12
CA PRO H 108 53.43 31.52 13.48
C PRO H 108 53.62 30.36 12.52
N PHE H 109 52.63 29.49 12.47
CA PHE H 109 52.66 28.34 11.56
C PHE H 109 52.57 28.81 10.12
N GLU H 110 53.46 28.31 9.28
CA GLU H 110 53.50 28.74 7.88
C GLU H 110 52.35 28.18 7.06
N GLY H 111 51.62 27.20 7.57
CA GLY H 111 50.48 26.63 6.88
C GLY H 111 49.16 27.29 7.19
N ASP H 112 49.15 28.36 7.97
CA ASP H 112 47.90 29.02 8.35
C ASP H 112 47.57 30.10 7.32
N PRO H 113 46.42 30.03 6.64
CA PRO H 113 46.10 31.04 5.63
C PRO H 113 46.02 32.45 6.17
N ARG H 114 45.54 32.64 7.40
CA ARG H 114 45.44 33.97 7.97
C ARG H 114 46.82 34.59 8.16
N ALA H 115 47.76 33.81 8.70
CA ALA H 115 49.13 34.30 8.85
C ALA H 115 49.77 34.57 7.49
N ASN H 116 49.46 33.75 6.48
CA ASN H 116 49.99 33.99 5.14
C ASN H 116 49.47 35.31 4.58
N LEU H 117 48.17 35.59 4.76
CA LEU H 117 47.63 36.86 4.30
C LEU H 117 48.24 38.03 5.04
N LYS H 118 48.46 37.87 6.35
CA LYS H 118 49.11 38.93 7.11
C LYS H 118 50.53 39.18 6.62
N ARG H 119 51.27 38.12 6.29
CA ARG H 119 52.61 38.28 5.74
C ARG H 119 52.58 38.98 4.39
N VAL H 120 51.61 38.62 3.53
CA VAL H 120 51.49 39.28 2.23
C VAL H 120 51.19 40.75 2.41
N LEU H 121 50.29 41.10 3.32
CA LEU H 121 49.99 42.51 3.59
C LEU H 121 51.21 43.24 4.13
N LYS H 122 51.97 42.59 5.01
CA LYS H 122 53.18 43.21 5.55
C LYS H 122 54.18 43.50 4.46
N GLU H 123 54.38 42.56 3.53
CA GLU H 123 55.28 42.81 2.42
C GLU H 123 54.72 43.83 1.42
N MET H 124 53.40 43.94 1.34
CA MET H 124 52.79 45.00 0.53
C MET H 124 53.06 46.37 1.13
N GLU H 125 53.06 46.47 2.46
CA GLU H 125 53.30 47.74 3.13
C GLU H 125 54.67 48.33 2.82
N ASP H 126 55.62 47.53 2.35
CA ASP H 126 56.93 48.04 1.96
C ASP H 126 56.89 48.77 0.63
N LEU H 127 55.82 48.64 -0.14
CA LEU H 127 55.68 49.33 -1.41
C LEU H 127 55.06 50.72 -1.26
N GLY H 128 54.75 51.13 -0.04
CA GLY H 128 54.15 52.43 0.22
C GLY H 128 52.66 52.40 0.49
N PHE H 129 51.97 51.32 0.14
CA PHE H 129 50.54 51.19 0.39
C PHE H 129 50.30 50.75 1.82
N THR H 130 49.25 51.30 2.42
CA THR H 130 48.94 51.04 3.82
C THR H 130 47.77 50.10 4.03
N ASP H 131 46.74 50.14 3.18
CA ASP H 131 45.56 49.33 3.38
C ASP H 131 45.12 48.71 2.06
N PHE H 132 44.50 47.54 2.18
CA PHE H 132 43.91 46.82 1.04
C PHE H 132 42.49 46.46 1.44
N ASN H 133 41.52 47.24 0.98
CA ASN H 133 40.13 47.08 1.40
C ASN H 133 39.39 46.16 0.45
N LEU H 134 38.57 45.28 1.02
CA LEU H 134 37.81 44.28 0.29
C LEU H 134 36.34 44.36 0.65
N GLY H 135 35.49 44.37 -0.36
CA GLY H 135 34.07 44.18 -0.19
C GLY H 135 33.60 42.99 -1.01
N PRO H 136 33.13 41.95 -0.33
CA PRO H 136 32.67 40.75 -1.04
C PRO H 136 31.20 40.81 -1.39
N GLU H 137 30.82 40.01 -2.38
CA GLU H 137 29.43 39.85 -2.79
C GLU H 137 29.08 38.36 -2.80
N PRO H 138 28.97 37.76 -1.61
CA PRO H 138 28.70 36.31 -1.55
C PRO H 138 27.24 36.00 -1.88
N GLU H 139 27.04 35.00 -2.74
CA GLU H 139 25.72 34.51 -3.08
C GLU H 139 25.56 33.08 -2.61
N PHE H 140 24.36 32.73 -2.17
CA PHE H 140 24.11 31.40 -1.64
C PHE H 140 22.73 30.92 -2.08
N PHE H 141 22.52 29.61 -1.94
CA PHE H 141 21.25 29.00 -2.26
C PHE H 141 20.60 28.46 -1.00
N LEU H 142 19.26 28.53 -0.96
CA LEU H 142 18.46 27.99 0.14
C LEU H 142 17.59 26.88 -0.40
N PHE H 143 17.77 25.68 0.13
CA PHE H 143 17.01 24.50 -0.27
C PHE H 143 16.10 24.06 0.88
N LYS H 144 15.02 23.38 0.52
CA LYS H 144 14.08 22.87 1.51
C LYS H 144 14.59 21.55 2.09
N LEU H 145 14.29 21.32 3.36
CA LEU H 145 14.62 20.08 4.04
C LEU H 145 13.41 19.14 4.00
N ASP H 146 13.70 17.85 3.99
CA ASP H 146 12.66 16.83 3.97
C ASP H 146 12.29 16.44 5.40
N GLU H 147 11.48 15.39 5.55
CA GLU H 147 11.06 14.95 6.88
C GLU H 147 12.23 14.45 7.70
N LYS H 148 13.17 13.74 7.08
CA LYS H 148 14.33 13.22 7.77
C LYS H 148 15.36 14.29 8.11
N GLY H 149 15.17 15.52 7.64
CA GLY H 149 16.12 16.59 7.89
C GLY H 149 17.24 16.71 6.88
N GLU H 150 17.18 15.96 5.79
CA GLU H 150 18.20 16.07 4.75
C GLU H 150 17.81 17.12 3.73
N PRO H 151 18.79 17.77 3.11
CA PRO H 151 18.48 18.76 2.08
C PRO H 151 17.93 18.12 0.82
N THR H 152 16.90 18.73 0.25
CA THR H 152 16.33 18.31 -1.02
C THR H 152 16.81 19.26 -2.11
N LEU H 153 16.26 19.10 -3.32
CA LEU H 153 16.61 19.95 -4.45
C LEU H 153 15.54 20.99 -4.75
N GLU H 154 14.56 21.14 -3.87
CA GLU H 154 13.54 22.17 -4.03
C GLU H 154 13.99 23.47 -3.38
N LEU H 155 13.75 24.58 -4.06
CA LEU H 155 14.18 25.88 -3.57
C LEU H 155 13.18 26.44 -2.57
N ASN H 156 13.64 27.38 -1.75
CA ASN H 156 12.80 27.98 -0.73
C ASN H 156 11.75 28.92 -1.32
N ASP H 157 12.01 29.51 -2.48
CA ASP H 157 11.05 30.40 -3.12
C ASP H 157 11.18 30.22 -4.64
N ASP H 158 10.51 31.10 -5.38
CA ASP H 158 10.56 31.06 -6.84
C ASP H 158 10.72 32.47 -7.41
N GLY H 159 11.58 33.28 -6.77
CA GLY H 159 11.77 34.64 -7.19
C GLY H 159 12.81 34.79 -8.29
N GLY H 160 12.95 36.02 -8.75
CA GLY H 160 13.93 36.34 -9.78
C GLY H 160 14.89 37.42 -9.36
N TYR H 161 15.53 38.08 -10.33
CA TYR H 161 16.53 39.10 -10.03
C TYR H 161 15.87 40.28 -9.33
N PHE H 162 16.34 40.59 -8.12
CA PHE H 162 15.86 41.72 -7.32
C PHE H 162 14.37 41.61 -7.01
N ASP H 163 13.83 40.39 -7.04
CA ASP H 163 12.42 40.18 -6.74
C ASP H 163 12.16 40.34 -5.25
N LEU H 164 10.90 40.64 -4.92
CA LEU H 164 10.44 40.65 -3.54
C LEU H 164 9.69 39.35 -3.25
N ALA H 165 10.41 38.23 -3.40
CA ALA H 165 9.80 36.91 -3.35
C ALA H 165 9.41 36.50 -1.93
N PRO H 166 10.35 36.41 -0.96
CA PRO H 166 9.93 36.05 0.39
C PRO H 166 9.39 37.28 1.11
N THR H 167 8.11 37.59 0.88
CA THR H 167 7.63 38.95 1.05
C THR H 167 7.79 39.50 2.47
N ASP H 168 6.97 39.05 3.41
CA ASP H 168 7.16 39.49 4.79
C ASP H 168 6.84 38.42 5.82
N LEU H 169 6.01 37.45 5.45
CA LEU H 169 5.35 36.57 6.43
C LEU H 169 5.69 35.11 6.17
N GLY H 170 6.46 34.53 7.08
CA GLY H 170 6.53 33.09 7.25
C GLY H 170 7.90 32.46 7.29
N GLU H 171 8.81 32.86 6.39
CA GLU H 171 10.21 32.51 6.56
C GLU H 171 11.12 33.74 6.55
N ASN H 172 11.13 34.51 5.47
CA ASN H 172 12.00 35.66 5.26
C ASN H 172 13.40 35.41 5.85
N CYS H 173 14.01 34.32 5.41
CA CYS H 173 15.31 33.93 5.96
C CYS H 173 16.38 34.98 5.71
N ARG H 174 16.36 35.59 4.52
CA ARG H 174 17.35 36.62 4.20
C ARG H 174 17.24 37.81 5.14
N ARG H 175 16.00 38.25 5.43
CA ARG H 175 15.81 39.37 6.33
C ARG H 175 16.31 39.05 7.73
N ASP H 176 16.01 37.83 8.21
CA ASP H 176 16.48 37.44 9.54
C ASP H 176 18.00 37.37 9.59
N ILE H 177 18.63 36.87 8.52
CA ILE H 177 20.08 36.82 8.47
C ILE H 177 20.66 38.23 8.55
N VAL H 178 20.08 39.15 7.78
CA VAL H 178 20.58 40.53 7.76
C VAL H 178 20.43 41.16 9.14
N LEU H 179 19.27 40.97 9.77
CA LEU H 179 19.03 41.58 11.07
C LEU H 179 19.95 40.99 12.13
N GLU H 180 20.16 39.68 12.11
CA GLU H 180 21.04 39.05 13.08
C GLU H 180 22.49 39.48 12.89
N LEU H 181 22.92 39.64 11.62
CA LEU H 181 24.26 40.16 11.37
C LEU H 181 24.40 41.59 11.87
N GLU H 182 23.35 42.40 11.67
CA GLU H 182 23.39 43.77 12.17
C GLU H 182 23.48 43.80 13.69
N ASP H 183 22.74 42.91 14.37
CA ASP H 183 22.80 42.84 15.81
C ASP H 183 24.19 42.41 16.30
N MET H 184 24.91 41.62 15.50
CA MET H 184 26.23 41.14 15.88
C MET H 184 27.33 42.18 15.68
N GLY H 185 27.01 43.32 15.07
CA GLY H 185 27.99 44.35 14.83
C GLY H 185 28.58 44.38 13.44
N PHE H 186 27.88 43.80 12.45
CA PHE H 186 28.35 43.82 11.07
C PHE H 186 27.87 45.09 10.36
N ASP H 187 28.45 45.35 9.19
CA ASP H 187 28.12 46.50 8.37
C ASP H 187 27.57 45.99 7.04
N ILE H 188 26.25 45.93 6.93
CA ILE H 188 25.58 45.45 5.74
C ILE H 188 25.22 46.64 4.86
N GLU H 189 25.56 46.55 3.57
CA GLU H 189 25.22 47.59 2.61
C GLU H 189 23.81 47.42 2.06
N ALA H 190 23.54 46.27 1.45
CA ALA H 190 22.21 45.97 0.90
C ALA H 190 22.11 44.48 0.64
N SER H 191 20.88 44.01 0.47
CA SER H 191 20.62 42.62 0.12
C SER H 191 19.50 42.57 -0.90
N HIS H 192 19.49 41.51 -1.70
CA HIS H 192 18.49 41.37 -2.75
C HIS H 192 18.38 39.91 -3.15
N HIS H 193 17.29 39.59 -3.82
CA HIS H 193 17.13 38.27 -4.42
C HIS H 193 17.98 38.15 -5.68
N GLU H 194 18.57 36.99 -5.88
CA GLU H 194 19.47 36.78 -7.00
C GLU H 194 18.69 36.25 -8.21
N VAL H 195 19.40 36.03 -9.32
CA VAL H 195 18.75 35.68 -10.58
C VAL H 195 18.04 34.33 -10.46
N ALA H 196 18.74 33.32 -9.97
CA ALA H 196 18.17 31.99 -9.89
C ALA H 196 17.14 31.91 -8.75
N PRO H 197 16.12 31.07 -8.89
CA PRO H 197 15.18 30.88 -7.78
C PRO H 197 15.88 30.33 -6.56
N GLY H 198 15.48 30.81 -5.39
CA GLY H 198 16.09 30.38 -4.15
C GLY H 198 17.51 30.86 -3.93
N GLN H 199 17.99 31.79 -4.74
CA GLN H 199 19.35 32.31 -4.62
C GLN H 199 19.30 33.71 -4.03
N HIS H 200 20.21 33.99 -3.11
CA HIS H 200 20.21 35.23 -2.35
C HIS H 200 21.62 35.80 -2.27
N GLU H 201 21.69 37.11 -2.11
CA GLU H 201 22.97 37.82 -1.99
C GLU H 201 22.86 38.87 -0.91
N ILE H 202 23.89 38.95 -0.07
CA ILE H 202 24.01 39.97 0.96
C ILE H 202 25.36 40.65 0.79
N ASP H 203 25.37 41.97 0.73
CA ASP H 203 26.57 42.75 0.46
C ASP H 203 27.06 43.44 1.73
N PHE H 204 28.37 43.45 1.91
CA PHE H 204 29.00 44.11 3.04
C PHE H 204 29.66 45.40 2.61
N LYS H 205 29.76 46.34 3.56
CA LYS H 205 30.60 47.50 3.36
C LYS H 205 32.06 47.09 3.38
N TYR H 206 32.89 47.87 2.69
CA TYR H 206 34.30 47.51 2.56
C TYR H 206 35.00 47.56 3.91
N ALA H 207 35.99 46.67 4.07
CA ALA H 207 36.78 46.61 5.29
C ALA H 207 38.18 46.15 4.91
N ASP H 208 39.10 46.24 5.87
CA ASP H 208 40.46 45.80 5.63
C ASP H 208 40.49 44.29 5.37
N ALA H 209 41.59 43.84 4.76
CA ALA H 209 41.65 42.50 4.19
C ALA H 209 41.36 41.42 5.23
N VAL H 210 42.08 41.45 6.35
CA VAL H 210 41.91 40.41 7.36
C VAL H 210 40.51 40.47 7.96
N THR H 211 40.04 41.68 8.26
CA THR H 211 38.68 41.83 8.78
C THR H 211 37.65 41.37 7.76
N ALA H 212 37.88 41.67 6.48
CA ALA H 212 36.94 41.25 5.45
C ALA H 212 36.84 39.73 5.36
N CYS H 213 37.99 39.04 5.40
CA CYS H 213 37.96 37.58 5.33
C CYS H 213 37.34 36.97 6.58
N ASP H 214 37.63 37.54 7.75
CA ASP H 214 36.98 37.08 8.97
C ASP H 214 35.47 37.28 8.90
N ASN H 215 35.03 38.41 8.34
CA ASN H 215 33.61 38.66 8.18
C ASN H 215 32.98 37.67 7.21
N ILE H 216 33.72 37.30 6.16
CA ILE H 216 33.20 36.30 5.23
C ILE H 216 32.99 34.96 5.93
N GLN H 217 33.98 34.53 6.72
CA GLN H 217 33.84 33.27 7.44
C GLN H 217 32.67 33.32 8.42
N THR H 218 32.58 34.41 9.20
CA THR H 218 31.50 34.54 10.16
C THR H 218 30.14 34.61 9.46
N PHE H 219 30.07 35.26 8.30
CA PHE H 219 28.84 35.32 7.53
C PHE H 219 28.41 33.95 7.07
N LYS H 220 29.36 33.14 6.58
CA LYS H 220 29.00 31.78 6.18
C LYS H 220 28.46 30.99 7.37
N LEU H 221 29.13 31.08 8.52
CA LEU H 221 28.67 30.36 9.71
C LEU H 221 27.27 30.82 10.13
N VAL H 222 27.04 32.14 10.14
CA VAL H 222 25.76 32.68 10.59
C VAL H 222 24.65 32.29 9.63
N VAL H 223 24.92 32.35 8.32
CA VAL H 223 23.91 31.97 7.33
C VAL H 223 23.55 30.50 7.47
N LYS H 224 24.56 29.64 7.64
CA LYS H 224 24.28 28.22 7.78
C LYS H 224 23.51 27.92 9.07
N THR H 225 23.77 28.68 10.14
CA THR H 225 23.00 28.48 11.36
C THR H 225 21.56 28.94 11.21
N ILE H 226 21.35 30.15 10.67
CA ILE H 226 20.00 30.70 10.61
C ILE H 226 19.14 29.93 9.61
N ALA H 227 19.72 29.48 8.50
CA ALA H 227 18.95 28.67 7.56
C ALA H 227 18.47 27.39 8.22
N ARG H 228 19.31 26.76 9.03
CA ARG H 228 18.88 25.59 9.79
C ARG H 228 17.79 25.95 10.80
N LYS H 229 17.85 27.17 11.36
CA LYS H 229 16.78 27.61 12.26
C LYS H 229 15.44 27.69 11.55
N HIS H 230 15.43 28.00 10.25
CA HIS H 230 14.20 28.15 9.48
C HIS H 230 13.84 26.90 8.70
N ASN H 231 14.35 25.73 9.11
CA ASN H 231 14.07 24.46 8.44
C ASN H 231 14.51 24.51 6.97
N LEU H 232 15.61 25.18 6.70
CA LEU H 232 16.19 25.27 5.37
C LEU H 232 17.64 24.82 5.41
N HIS H 233 18.24 24.70 4.23
CA HIS H 233 19.64 24.36 4.11
C HIS H 233 20.31 25.40 3.22
N ALA H 234 21.32 26.06 3.76
CA ALA H 234 22.06 27.07 3.00
C ALA H 234 23.32 26.44 2.43
N THR H 235 23.55 26.64 1.13
CA THR H 235 24.73 26.11 0.48
C THR H 235 25.43 27.22 -0.30
N PHE H 236 26.75 27.23 -0.20
CA PHE H 236 27.61 28.10 -0.99
C PHE H 236 28.28 27.34 -2.13
N MET H 237 27.70 26.23 -2.54
CA MET H 237 28.22 25.45 -3.65
C MET H 237 28.18 26.29 -4.93
N PRO H 238 29.26 26.34 -5.71
CA PRO H 238 29.28 27.24 -6.87
C PRO H 238 28.17 26.98 -7.89
N LYS H 239 27.85 25.72 -8.15
CA LYS H 239 26.84 25.37 -9.15
C LYS H 239 26.03 24.16 -8.65
N PRO H 240 25.09 24.40 -7.74
CA PRO H 240 24.29 23.27 -7.24
C PRO H 240 23.33 22.71 -8.27
N LEU H 241 22.82 23.52 -9.19
CA LEU H 241 21.81 23.09 -10.14
C LEU H 241 22.27 23.41 -11.56
N PHE H 242 22.07 22.46 -12.46
CA PHE H 242 22.35 22.67 -13.87
C PHE H 242 21.27 23.52 -14.51
N GLY H 243 21.67 24.39 -15.43
CA GLY H 243 20.73 25.18 -16.20
C GLY H 243 20.29 26.48 -15.56
N VAL H 244 20.76 26.78 -14.35
CA VAL H 244 20.45 28.04 -13.69
C VAL H 244 21.76 28.72 -13.31
N ASN H 245 21.64 29.96 -12.84
CA ASN H 245 22.82 30.73 -12.46
C ASN H 245 23.54 30.08 -11.28
N GLY H 246 24.86 30.16 -11.30
CA GLY H 246 25.67 29.76 -10.17
C GLY H 246 25.84 30.88 -9.17
N SER H 247 26.55 30.56 -8.09
CA SER H 247 26.83 31.52 -7.02
C SER H 247 28.26 32.00 -7.12
N GLY H 248 28.45 33.32 -7.12
CA GLY H 248 29.76 33.93 -7.12
C GLY H 248 30.01 34.71 -5.83
N MET H 249 31.27 35.09 -5.66
CA MET H 249 31.73 35.86 -4.50
C MET H 249 32.64 36.99 -4.99
N HIS H 250 32.12 37.79 -5.92
CA HIS H 250 32.88 38.90 -6.50
C HIS H 250 33.56 39.72 -5.42
N PHE H 251 34.83 40.04 -5.67
CA PHE H 251 35.68 40.77 -4.73
C PHE H 251 35.91 42.18 -5.27
N ASN H 252 35.39 43.19 -4.59
CA ASN H 252 35.70 44.58 -4.92
C ASN H 252 36.87 45.02 -4.04
N VAL H 253 38.02 45.26 -4.65
CA VAL H 253 39.23 45.56 -3.91
C VAL H 253 39.69 46.96 -4.24
N SER H 254 40.35 47.59 -3.26
CA SER H 254 40.89 48.93 -3.44
C SER H 254 42.16 49.08 -2.61
N LEU H 255 43.14 49.78 -3.17
CA LEU H 255 44.40 50.05 -2.50
C LEU H 255 44.39 51.46 -1.90
N PHE H 256 45.03 51.60 -0.74
CA PHE H 256 45.10 52.88 -0.05
C PHE H 256 46.51 53.08 0.48
N LYS H 257 47.10 54.24 0.17
CA LYS H 257 48.35 54.65 0.83
C LYS H 257 48.07 55.95 1.56
N GLY H 258 47.44 55.85 2.73
CA GLY H 258 47.31 56.94 3.65
C GLY H 258 46.09 57.79 3.36
N LYS H 259 44.98 57.53 4.07
CA LYS H 259 43.76 58.33 3.97
C LYS H 259 43.42 58.75 2.54
N GLU H 260 43.71 57.89 1.56
CA GLU H 260 43.57 58.30 0.16
C GLU H 260 43.59 57.07 -0.73
N ASN H 261 42.61 56.97 -1.62
CA ASN H 261 42.53 55.85 -2.55
C ASN H 261 43.59 55.99 -3.62
N ALA H 262 44.43 54.96 -3.77
CA ALA H 262 45.49 54.97 -4.77
C ALA H 262 44.99 54.73 -6.18
N PHE H 263 43.73 54.30 -6.34
CA PHE H 263 43.17 54.05 -7.66
C PHE H 263 42.45 55.25 -8.25
N PHE H 264 42.30 56.33 -7.49
CA PHE H 264 41.49 57.48 -7.91
C PHE H 264 42.36 58.54 -8.55
N ASP H 265 41.96 58.98 -9.75
CA ASP H 265 42.62 60.08 -10.45
C ASP H 265 41.65 61.25 -10.52
N PRO H 266 41.84 62.31 -9.73
CA PRO H 266 40.86 63.40 -9.70
C PRO H 266 40.89 64.30 -10.92
N ASN H 267 41.85 64.14 -11.83
CA ASN H 267 41.97 64.99 -13.00
C ASN H 267 41.46 64.33 -14.28
N THR H 268 41.83 63.08 -14.52
CA THR H 268 41.37 62.36 -15.70
C THR H 268 39.86 62.11 -15.61
N GLU H 269 39.17 62.29 -16.74
CA GLU H 269 37.72 62.10 -16.75
C GLU H 269 37.36 60.64 -16.52
N MET H 270 38.26 59.71 -16.84
CA MET H 270 38.04 58.32 -16.48
C MET H 270 38.14 58.12 -14.97
N GLY H 271 39.01 58.89 -14.32
CA GLY H 271 39.14 58.80 -12.88
C GLY H 271 39.93 57.62 -12.37
N LEU H 272 40.78 57.03 -13.22
CA LEU H 272 41.59 55.89 -12.85
C LEU H 272 43.07 56.25 -12.91
N THR H 273 43.78 55.98 -11.82
CA THR H 273 45.21 56.22 -11.76
C THR H 273 45.95 55.14 -12.55
N GLU H 274 47.17 55.48 -12.99
CA GLU H 274 48.02 54.49 -13.64
C GLU H 274 48.30 53.30 -12.73
N THR H 275 48.29 53.52 -11.41
CA THR H 275 48.43 52.41 -10.47
C THR H 275 47.30 51.42 -10.63
N ALA H 276 46.06 51.91 -10.80
CA ALA H 276 44.93 51.02 -11.01
C ALA H 276 45.08 50.22 -12.29
N TYR H 277 45.55 50.86 -13.36
CA TYR H 277 45.77 50.16 -14.62
C TYR H 277 46.84 49.08 -14.48
N GLN H 278 47.92 49.39 -13.76
CA GLN H 278 48.95 48.38 -13.51
C GLN H 278 48.40 47.22 -12.68
N PHE H 279 47.58 47.54 -11.68
CA PHE H 279 46.99 46.49 -10.84
C PHE H 279 46.11 45.56 -11.66
N THR H 280 45.23 46.12 -12.49
CA THR H 280 44.36 45.26 -13.27
C THR H 280 45.13 44.51 -14.35
N ALA H 281 46.20 45.11 -14.89
CA ALA H 281 47.05 44.39 -15.82
C ALA H 281 47.71 43.19 -15.15
N GLY H 282 48.19 43.38 -13.92
CA GLY H 282 48.78 42.27 -13.19
C GLY H 282 47.78 41.18 -12.85
N VAL H 283 46.56 41.57 -12.49
CA VAL H 283 45.54 40.57 -12.20
C VAL H 283 45.18 39.79 -13.47
N LEU H 284 45.06 40.48 -14.60
CA LEU H 284 44.77 39.81 -15.86
C LEU H 284 45.91 38.88 -16.27
N LYS H 285 47.15 39.30 -16.04
CA LYS H 285 48.30 38.50 -16.46
C LYS H 285 48.34 37.15 -15.75
N ASN H 286 48.08 37.14 -14.44
CA ASN H 286 48.19 35.93 -13.64
C ASN H 286 46.83 35.30 -13.33
N ALA H 287 45.81 35.62 -14.12
CA ALA H 287 44.47 35.10 -13.85
C ALA H 287 44.43 33.58 -13.92
N ARG H 288 45.10 32.99 -14.92
CA ARG H 288 45.16 31.53 -15.00
C ARG H 288 45.93 30.93 -13.84
N GLY H 289 46.86 31.69 -13.26
CA GLY H 289 47.67 31.16 -12.17
C GLY H 289 46.86 30.88 -10.91
N PHE H 290 45.99 31.82 -10.53
CA PHE H 290 45.25 31.70 -9.28
C PHE H 290 43.81 31.22 -9.47
N THR H 291 43.47 30.71 -10.66
CA THR H 291 42.12 30.22 -10.90
C THR H 291 41.81 29.02 -9.99
N ALA H 292 42.79 28.14 -9.78
CA ALA H 292 42.58 26.99 -8.92
C ALA H 292 42.29 27.40 -7.48
N VAL H 293 43.01 28.41 -6.97
CA VAL H 293 42.77 28.86 -5.60
C VAL H 293 41.41 29.54 -5.48
N CYS H 294 41.06 30.40 -6.44
CA CYS H 294 39.78 31.08 -6.41
C CYS H 294 38.62 30.18 -6.77
N ASN H 295 38.87 29.07 -7.48
CA ASN H 295 37.84 28.09 -7.83
C ASN H 295 38.36 26.72 -7.44
N PRO H 296 38.33 26.38 -6.14
CA PRO H 296 39.00 25.17 -5.68
C PRO H 296 38.24 23.87 -5.84
N LEU H 297 36.94 23.91 -6.10
CA LEU H 297 36.15 22.70 -6.21
C LEU H 297 36.07 22.22 -7.66
N VAL H 298 35.79 20.93 -7.82
CA VAL H 298 35.47 20.39 -9.14
C VAL H 298 34.21 21.04 -9.69
N ASN H 299 33.21 21.21 -8.83
CA ASN H 299 31.95 21.84 -9.23
C ASN H 299 32.12 23.30 -9.64
N SER H 300 33.18 23.96 -9.17
CA SER H 300 33.38 25.38 -9.47
C SER H 300 33.43 25.63 -10.97
N TYR H 301 34.10 24.75 -11.71
CA TYR H 301 34.24 24.92 -13.14
C TYR H 301 32.99 24.55 -13.91
N LYS H 302 31.98 24.00 -13.24
CA LYS H 302 30.65 23.93 -13.83
C LYS H 302 29.92 25.27 -13.78
N ARG H 303 30.35 26.19 -12.91
CA ARG H 303 29.84 27.55 -12.96
C ARG H 303 30.48 28.35 -14.08
N LEU H 304 31.75 28.10 -14.37
CA LEU H 304 32.48 28.83 -15.41
C LEU H 304 32.10 28.32 -16.80
N VAL H 305 30.82 28.49 -17.12
CA VAL H 305 30.29 28.15 -18.43
C VAL H 305 29.57 29.37 -18.98
N PRO H 306 29.54 29.59 -20.29
CA PRO H 306 28.95 30.81 -20.83
C PRO H 306 27.44 30.85 -20.65
N GLY H 307 26.91 32.07 -20.51
CA GLY H 307 25.49 32.30 -20.45
C GLY H 307 24.93 32.59 -19.07
N TYR H 308 25.74 32.50 -18.02
CA TYR H 308 25.25 32.70 -16.66
C TYR H 308 26.04 33.78 -15.93
N GLU H 309 26.62 34.72 -16.67
CA GLU H 309 27.35 35.89 -16.19
C GLU H 309 28.66 35.55 -15.52
N ALA H 310 29.00 34.29 -15.35
CA ALA H 310 30.30 33.95 -14.80
C ALA H 310 31.39 34.18 -15.85
N PRO H 311 32.53 34.72 -15.46
CA PRO H 311 33.60 34.95 -16.44
C PRO H 311 34.15 33.65 -16.99
N CYS H 312 34.39 33.63 -18.30
CA CYS H 312 34.96 32.47 -18.96
C CYS H 312 36.29 32.75 -19.65
N TYR H 313 36.63 34.01 -19.92
CA TYR H 313 37.92 34.37 -20.49
C TYR H 313 38.47 35.56 -19.74
N ILE H 314 39.74 35.87 -20.02
CA ILE H 314 40.49 36.86 -19.27
C ILE H 314 40.36 38.19 -19.99
N ALA H 315 39.52 39.07 -19.46
CA ALA H 315 39.31 40.40 -20.03
C ALA H 315 38.75 41.31 -18.95
N TRP H 316 38.85 42.62 -19.20
CA TRP H 316 38.32 43.62 -18.30
C TRP H 316 37.46 44.61 -19.09
N SER H 317 36.45 45.17 -18.42
CA SER H 317 35.54 46.09 -19.06
C SER H 317 34.84 46.91 -17.99
N GLY H 318 34.23 48.01 -18.43
CA GLY H 318 33.40 48.82 -17.55
C GLY H 318 31.93 48.51 -17.72
N LYS H 319 31.59 47.87 -18.84
CA LYS H 319 30.20 47.50 -19.13
C LYS H 319 30.22 46.27 -20.03
N ASN H 320 30.02 45.10 -19.45
CA ASN H 320 29.98 43.86 -20.20
C ASN H 320 29.17 42.84 -19.42
N ARG H 321 28.72 41.80 -20.12
CA ARG H 321 27.89 40.79 -19.47
C ARG H 321 28.69 39.98 -18.45
N SER H 322 29.85 39.47 -18.85
CA SER H 322 30.67 38.62 -17.98
C SER H 322 32.14 38.92 -18.19
N PRO H 323 32.60 40.08 -17.73
CA PRO H 323 34.04 40.36 -17.73
C PRO H 323 34.71 39.76 -16.50
N LEU H 324 35.97 39.37 -16.66
CA LEU H 324 36.74 38.89 -15.52
C LEU H 324 36.94 40.00 -14.50
N ILE H 325 37.25 41.21 -14.97
CA ILE H 325 37.43 42.37 -14.12
C ILE H 325 36.44 43.44 -14.55
N ARG H 326 35.69 43.97 -13.59
CA ARG H 326 34.75 45.07 -13.84
C ARG H 326 35.17 46.27 -12.99
N VAL H 327 35.08 47.45 -13.59
CA VAL H 327 35.37 48.70 -12.91
C VAL H 327 34.05 49.41 -12.66
N PRO H 328 33.56 49.45 -11.43
CA PRO H 328 32.30 50.15 -11.15
C PRO H 328 32.41 51.64 -11.41
N SER H 329 31.26 52.25 -11.72
CA SER H 329 31.20 53.67 -12.06
C SER H 329 31.51 54.58 -10.88
N SER H 330 31.51 54.05 -9.65
CA SER H 330 31.81 54.88 -8.50
C SER H 330 33.25 55.40 -8.54
N ARG H 331 33.44 56.60 -8.03
CA ARG H 331 34.75 57.25 -8.04
C ARG H 331 34.97 57.87 -6.66
N GLY H 332 36.02 58.69 -6.55
CA GLY H 332 36.34 59.28 -5.27
C GLY H 332 37.09 58.30 -4.39
N LEU H 333 36.66 58.20 -3.13
CA LEU H 333 37.25 57.25 -2.20
C LEU H 333 36.70 55.84 -2.36
N SER H 334 35.67 55.66 -3.19
CA SER H 334 35.04 54.35 -3.36
C SER H 334 35.39 53.69 -4.68
N THR H 335 36.36 54.22 -5.42
CA THR H 335 36.79 53.57 -6.65
C THR H 335 37.47 52.25 -6.34
N ARG H 336 37.13 51.21 -7.09
CA ARG H 336 37.60 49.87 -6.79
C ARG H 336 37.63 49.04 -8.06
N ILE H 337 38.25 47.87 -7.96
CA ILE H 337 38.35 46.92 -9.06
C ILE H 337 37.67 45.63 -8.62
N GLU H 338 36.76 45.13 -9.44
CA GLU H 338 35.97 43.95 -9.10
C GLU H 338 36.49 42.73 -9.85
N VAL H 339 36.94 41.73 -9.10
CA VAL H 339 37.31 40.43 -9.66
C VAL H 339 36.13 39.50 -9.47
N ARG H 340 35.61 38.97 -10.58
CA ARG H 340 34.35 38.24 -10.57
C ARG H 340 34.51 36.73 -10.68
N SER H 341 35.73 36.22 -10.77
CA SER H 341 35.94 34.79 -10.90
C SER H 341 35.84 34.05 -9.57
N VAL H 342 35.94 34.76 -8.45
CA VAL H 342 35.93 34.11 -7.15
C VAL H 342 34.54 33.56 -6.85
N ASP H 343 34.49 32.38 -6.27
CA ASP H 343 33.25 31.73 -5.85
C ASP H 343 33.23 31.59 -4.32
N PRO H 344 32.05 31.45 -3.73
CA PRO H 344 31.96 31.42 -2.26
C PRO H 344 32.64 30.22 -1.62
N ALA H 345 32.96 29.17 -2.38
CA ALA H 345 33.65 28.02 -1.82
C ALA H 345 35.15 28.25 -1.65
N ALA H 346 35.69 29.32 -2.20
CA ALA H 346 37.12 29.59 -2.08
C ALA H 346 37.48 30.04 -0.67
N ASN H 347 38.71 29.76 -0.28
CA ASN H 347 39.23 30.27 0.98
C ASN H 347 39.46 31.77 0.85
N PRO H 348 38.83 32.61 1.67
CA PRO H 348 38.98 34.06 1.48
C PRO H 348 40.41 34.56 1.63
N TYR H 349 41.13 34.05 2.63
CA TYR H 349 42.50 34.50 2.85
C TYR H 349 43.40 34.18 1.67
N MET H 350 43.35 32.94 1.18
CA MET H 350 44.22 32.54 0.08
C MET H 350 43.86 33.26 -1.22
N ALA H 351 42.57 33.39 -1.51
CA ALA H 351 42.14 34.08 -2.73
C ALA H 351 42.53 35.55 -2.67
N LEU H 352 42.32 36.20 -1.54
CA LEU H 352 42.70 37.60 -1.41
C LEU H 352 44.20 37.78 -1.52
N ALA H 353 44.98 36.88 -0.92
CA ALA H 353 46.43 36.97 -1.03
C ALA H 353 46.88 36.79 -2.47
N ALA H 354 46.29 35.85 -3.19
CA ALA H 354 46.64 35.64 -4.59
C ALA H 354 46.32 36.86 -5.44
N ILE H 355 45.13 37.44 -5.24
CA ILE H 355 44.74 38.60 -6.02
C ILE H 355 45.65 39.79 -5.71
N LEU H 356 45.95 40.01 -4.43
CA LEU H 356 46.84 41.10 -4.05
C LEU H 356 48.24 40.91 -4.63
N GLU H 357 48.75 39.67 -4.59
CA GLU H 357 50.08 39.41 -5.14
C GLU H 357 50.11 39.64 -6.64
N ALA H 358 49.06 39.21 -7.35
CA ALA H 358 49.01 39.47 -8.79
C ALA H 358 48.97 40.96 -9.08
N GLY H 359 48.16 41.71 -8.32
CA GLY H 359 48.11 43.16 -8.52
C GLY H 359 49.43 43.83 -8.26
N LEU H 360 50.11 43.43 -7.18
CA LEU H 360 51.42 44.00 -6.87
C LEU H 360 52.46 43.63 -7.92
N ASP H 361 52.39 42.40 -8.44
CA ASP H 361 53.29 41.99 -9.51
C ASP H 361 53.09 42.87 -10.75
N GLY H 362 51.83 43.17 -11.08
CA GLY H 362 51.57 44.10 -12.15
C GLY H 362 52.07 45.50 -11.85
N ILE H 363 51.96 45.92 -10.59
CA ILE H 363 52.34 47.28 -10.22
C ILE H 363 53.85 47.47 -10.34
N LYS H 364 54.64 46.55 -9.77
CA LYS H 364 56.08 46.74 -9.74
C LYS H 364 56.76 46.34 -11.03
N ASN H 365 56.04 45.76 -11.99
CA ASN H 365 56.56 45.50 -13.31
C ASN H 365 56.08 46.53 -14.34
N LYS H 366 55.22 47.47 -13.94
CA LYS H 366 54.70 48.51 -14.81
C LYS H 366 54.10 47.92 -16.09
N LEU H 367 53.29 46.88 -15.91
CA LEU H 367 52.64 46.24 -17.04
C LEU H 367 51.62 47.19 -17.67
N LYS H 368 51.38 46.98 -18.97
CA LYS H 368 50.43 47.77 -19.74
C LYS H 368 49.12 47.00 -19.83
N VAL H 369 48.05 47.60 -19.34
CA VAL H 369 46.74 46.93 -19.35
C VAL H 369 46.25 46.81 -20.79
N PRO H 370 45.70 45.65 -21.20
CA PRO H 370 45.16 45.53 -22.56
C PRO H 370 43.90 46.35 -22.72
N GLU H 371 43.46 46.45 -23.97
CA GLU H 371 42.27 47.24 -24.28
C GLU H 371 41.04 46.62 -23.64
N PRO H 372 40.15 47.42 -23.05
CA PRO H 372 38.92 46.87 -22.50
C PRO H 372 38.02 46.31 -23.59
N VAL H 373 37.25 45.30 -23.22
CA VAL H 373 36.34 44.67 -24.17
C VAL H 373 34.99 45.35 -24.11
N ASN H 374 34.27 45.32 -25.23
CA ASN H 374 32.94 45.90 -25.32
C ASN H 374 32.01 44.98 -26.10
N GLN H 375 30.86 45.49 -26.53
CA GLN H 375 29.77 44.65 -27.01
C GLN H 375 30.15 43.75 -28.18
N ASN H 376 31.12 44.15 -29.01
CA ASN H 376 31.44 43.33 -30.17
C ASN H 376 32.47 42.24 -29.85
N ILE H 377 32.22 41.50 -28.78
CA ILE H 377 33.03 40.34 -28.43
C ILE H 377 32.08 39.16 -28.26
N TYR H 378 30.78 39.46 -28.18
CA TYR H 378 29.78 38.40 -28.07
C TYR H 378 29.76 37.52 -29.31
N GLU H 379 30.00 38.10 -30.49
CA GLU H 379 30.10 37.35 -31.74
C GLU H 379 31.57 37.15 -32.04
N MET H 380 32.18 36.21 -31.34
CA MET H 380 33.61 35.90 -31.50
C MET H 380 33.84 34.47 -31.02
N ASN H 381 34.44 33.65 -31.87
CA ASN H 381 34.84 32.31 -31.46
C ASN H 381 36.11 32.38 -30.63
N ARG H 382 36.53 31.22 -30.10
CA ARG H 382 37.75 31.19 -29.31
C ARG H 382 38.99 31.49 -30.13
N GLU H 383 38.99 31.10 -31.41
CA GLU H 383 40.15 31.35 -32.26
C GLU H 383 40.35 32.85 -32.46
N GLU H 384 39.29 33.58 -32.82
CA GLU H 384 39.39 35.02 -32.98
C GLU H 384 39.70 35.71 -31.66
N ARG H 385 39.13 35.22 -30.56
CA ARG H 385 39.39 35.79 -29.24
C ARG H 385 40.87 35.66 -28.89
N GLU H 386 41.46 34.50 -29.16
CA GLU H 386 42.89 34.31 -28.90
C GLU H 386 43.74 35.12 -29.87
N ALA H 387 43.29 35.28 -31.11
CA ALA H 387 44.02 36.12 -32.06
C ALA H 387 44.07 37.56 -31.59
N VAL H 388 42.95 38.06 -31.04
CA VAL H 388 42.94 39.40 -30.44
C VAL H 388 43.84 39.48 -29.21
N GLY H 389 43.94 38.40 -28.44
CA GLY H 389 44.74 38.39 -27.24
C GLY H 389 43.99 38.07 -25.97
N ILE H 390 42.78 37.53 -26.06
CA ILE H 390 41.97 37.22 -24.89
C ILE H 390 42.17 35.72 -24.59
N GLN H 391 42.79 35.43 -23.46
CA GLN H 391 42.99 34.05 -23.05
C GLN H 391 41.76 33.53 -22.30
N ASP H 392 41.60 32.22 -22.34
CA ASP H 392 40.49 31.55 -21.67
C ASP H 392 40.92 31.06 -20.29
N LEU H 393 39.99 31.13 -19.34
CA LEU H 393 40.23 30.55 -18.03
C LEU H 393 40.26 29.02 -18.14
N PRO H 394 40.99 28.34 -17.26
CA PRO H 394 40.98 26.88 -17.27
C PRO H 394 39.56 26.35 -17.07
N SER H 395 39.23 25.30 -17.82
CA SER H 395 37.88 24.77 -17.85
C SER H 395 37.64 23.63 -16.87
N THR H 396 38.71 23.02 -16.35
CA THR H 396 38.60 21.94 -15.39
C THR H 396 39.58 22.16 -14.26
N LEU H 397 39.34 21.50 -13.13
CA LEU H 397 40.26 21.59 -12.00
C LEU H 397 41.61 20.97 -12.34
N TYR H 398 41.63 19.94 -13.18
CA TYR H 398 42.88 19.34 -13.61
C TYR H 398 43.74 20.34 -14.38
N THR H 399 43.16 20.97 -15.39
CA THR H 399 43.90 21.97 -16.16
C THR H 399 44.18 23.22 -15.33
N ALA H 400 43.32 23.55 -14.37
CA ALA H 400 43.61 24.67 -13.48
C ALA H 400 44.83 24.39 -12.61
N LEU H 401 44.94 23.17 -12.10
CA LEU H 401 46.14 22.79 -11.35
C LEU H 401 47.36 22.79 -12.25
N LYS H 402 47.20 22.34 -13.49
CA LYS H 402 48.31 22.38 -14.45
C LYS H 402 48.79 23.81 -14.65
N ALA H 403 47.86 24.75 -14.81
CA ALA H 403 48.23 26.15 -14.96
C ALA H 403 48.84 26.73 -13.69
N MET H 404 48.31 26.34 -12.53
CA MET H 404 48.84 26.81 -11.26
C MET H 404 50.27 26.35 -11.03
N ARG H 405 50.60 25.13 -11.47
CA ARG H 405 51.96 24.63 -11.34
C ARG H 405 52.96 25.38 -12.21
N GLU H 406 52.50 26.19 -13.16
CA GLU H 406 53.38 26.94 -14.04
C GLU H 406 53.47 28.42 -13.71
N ASN H 407 52.83 28.86 -12.63
CA ASN H 407 52.81 30.26 -12.24
C ASN H 407 53.63 30.44 -10.98
N GLU H 408 54.54 31.43 -11.00
CA GLU H 408 55.38 31.70 -9.83
C GLU H 408 54.71 32.67 -8.86
N VAL H 409 53.84 33.55 -9.37
CA VAL H 409 53.21 34.55 -8.51
C VAL H 409 52.31 33.87 -7.48
N ILE H 410 51.56 32.84 -7.89
CA ILE H 410 50.68 32.16 -6.96
C ILE H 410 51.49 31.43 -5.89
N LYS H 411 52.62 30.83 -6.27
CA LYS H 411 53.49 30.19 -5.29
C LYS H 411 54.04 31.21 -4.30
N LYS H 412 54.46 32.37 -4.79
CA LYS H 412 54.95 33.41 -3.89
C LYS H 412 53.85 33.89 -2.95
N ALA H 413 52.63 34.03 -3.47
CA ALA H 413 51.51 34.49 -2.65
C ALA H 413 51.18 33.47 -1.55
N LEU H 414 51.17 32.19 -1.89
CA LEU H 414 50.72 31.18 -0.95
C LEU H 414 51.80 30.71 0.02
N GLY H 415 53.07 30.79 -0.35
CA GLY H 415 54.11 30.18 0.47
C GLY H 415 54.26 28.73 0.07
N ASN H 416 55.46 28.16 0.28
CA ASN H 416 55.73 26.82 -0.22
C ASN H 416 54.84 25.78 0.44
N HIS H 417 54.65 25.89 1.76
CA HIS H 417 53.87 24.90 2.48
C HIS H 417 52.43 24.86 2.00
N ILE H 418 51.78 26.03 1.97
CA ILE H 418 50.38 26.09 1.55
C ILE H 418 50.25 25.70 0.09
N TYR H 419 51.18 26.15 -0.76
CA TYR H 419 51.14 25.81 -2.18
C TYR H 419 51.19 24.30 -2.38
N ASN H 420 52.15 23.63 -1.73
CA ASN H 420 52.30 22.19 -1.90
C ASN H 420 51.10 21.43 -1.34
N GLN H 421 50.62 21.83 -0.15
CA GLN H 421 49.48 21.13 0.44
C GLN H 421 48.23 21.30 -0.40
N PHE H 422 47.99 22.51 -0.91
CA PHE H 422 46.82 22.74 -1.76
C PHE H 422 46.91 21.92 -3.04
N ILE H 423 48.09 21.87 -3.65
CA ILE H 423 48.24 21.10 -4.89
C ILE H 423 47.99 19.62 -4.62
N ASN H 424 48.56 19.09 -3.53
CA ASN H 424 48.35 17.68 -3.21
C ASN H 424 46.88 17.37 -2.95
N SER H 425 46.22 18.23 -2.16
CA SER H 425 44.81 18.00 -1.84
C SER H 425 43.94 18.03 -3.09
N LYS H 426 44.16 19.02 -3.96
CA LYS H 426 43.34 19.14 -5.15
C LYS H 426 43.63 18.02 -6.14
N SER H 427 44.90 17.59 -6.24
CA SER H 427 45.21 16.45 -7.10
C SER H 427 44.51 15.19 -6.63
N ILE H 428 44.51 14.95 -5.31
CA ILE H 428 43.82 13.78 -4.76
C ILE H 428 42.33 13.87 -5.04
N GLU H 429 41.75 15.07 -4.83
CA GLU H 429 40.31 15.25 -5.08
C GLU H 429 39.96 14.99 -6.54
N TRP H 430 40.74 15.54 -7.46
CA TRP H 430 40.49 15.31 -8.87
C TRP H 430 40.66 13.84 -9.25
N ASP H 431 41.67 13.19 -8.67
CA ASP H 431 41.89 11.77 -8.96
C ASP H 431 40.69 10.94 -8.51
N TYR H 432 40.13 11.26 -7.34
CA TYR H 432 38.93 10.56 -6.91
C TYR H 432 37.73 10.88 -7.79
N TYR H 433 37.64 12.12 -8.27
CA TYR H 433 36.49 12.51 -9.10
C TYR H 433 36.52 11.85 -10.47
N ARG H 434 37.71 11.73 -11.07
CA ARG H 434 37.81 11.31 -12.45
C ARG H 434 37.47 9.84 -12.66
N THR H 435 37.54 9.02 -11.63
CA THR H 435 37.26 7.59 -11.78
C THR H 435 35.78 7.26 -11.65
N GLN H 436 34.94 8.23 -11.31
CA GLN H 436 33.52 7.98 -11.15
C GLN H 436 32.83 7.89 -12.52
N VAL H 437 31.85 6.99 -12.62
CA VAL H 437 31.04 6.87 -13.82
C VAL H 437 29.76 7.67 -13.58
N SER H 438 29.58 8.73 -14.37
CA SER H 438 28.47 9.65 -14.15
C SER H 438 27.18 9.10 -14.76
N GLU H 439 26.06 9.60 -14.24
CA GLU H 439 24.76 9.25 -14.79
C GLU H 439 24.59 9.77 -16.21
N TRP H 440 25.26 10.86 -16.56
CA TRP H 440 25.22 11.36 -17.93
C TRP H 440 25.82 10.35 -18.90
N GLU H 441 26.93 9.72 -18.51
CA GLU H 441 27.53 8.69 -19.36
C GLU H 441 26.61 7.49 -19.51
N ARG H 442 25.95 7.07 -18.43
CA ARG H 442 25.03 5.95 -18.52
C ARG H 442 23.80 6.28 -19.35
N ASP H 443 23.38 7.55 -19.36
CA ASP H 443 22.27 7.95 -20.21
C ASP H 443 22.67 8.01 -21.68
N GLN H 444 23.84 8.57 -21.98
CA GLN H 444 24.27 8.70 -23.37
C GLN H 444 24.67 7.35 -23.96
N TYR H 445 25.44 6.57 -23.21
CA TYR H 445 25.92 5.28 -23.65
C TYR H 445 25.11 4.18 -22.96
N MET H 446 25.56 2.94 -23.11
CA MET H 446 24.99 1.70 -22.61
C MET H 446 23.76 1.28 -23.43
N LYS H 447 23.28 2.11 -24.34
CA LYS H 447 22.24 1.71 -25.28
C LYS H 447 22.67 2.03 -26.69
N GLN H 448 23.44 3.11 -26.84
CA GLN H 448 24.01 3.45 -28.14
C GLN H 448 25.30 2.68 -28.41
N TYR H 449 25.90 2.09 -27.38
CA TYR H 449 27.13 1.32 -27.56
C TYR H 449 27.05 0.00 -26.81
N PRO I 1 21.48 26.17 -31.86
CA PRO I 1 22.17 25.46 -32.94
C PRO I 1 21.29 25.25 -34.16
N ILE I 2 21.89 25.32 -35.35
CA ILE I 2 21.13 25.15 -36.59
C ILE I 2 20.56 23.74 -36.67
N ASN I 3 21.35 22.73 -36.35
CA ASN I 3 20.90 21.34 -36.37
C ASN I 3 20.40 20.88 -35.01
N ARG I 4 19.39 21.60 -34.50
CA ARG I 4 18.83 21.25 -33.19
C ARG I 4 18.24 19.84 -33.20
N GLY I 5 17.58 19.46 -34.29
CA GLY I 5 16.95 18.15 -34.37
C GLY I 5 17.92 16.99 -34.27
N ASP I 6 19.13 17.16 -34.81
CA ASP I 6 20.14 16.10 -34.74
C ASP I 6 20.86 16.04 -33.40
N LEU I 7 20.75 17.09 -32.58
CA LEU I 7 21.39 17.15 -31.28
C LEU I 7 20.43 16.86 -30.13
N SER I 8 19.27 16.25 -30.42
CA SER I 8 18.27 16.01 -29.40
C SER I 8 18.73 15.07 -28.30
N ARG I 9 19.73 14.23 -28.58
CA ARG I 9 20.24 13.34 -27.53
C ARG I 9 20.87 14.12 -26.39
N PHE I 10 21.60 15.19 -26.70
CA PHE I 10 22.27 15.98 -25.69
C PHE I 10 21.34 16.96 -24.97
N ILE I 11 20.18 17.26 -25.54
CA ILE I 11 19.24 18.19 -24.92
C ILE I 11 18.01 17.45 -24.43
N PRO J 1 46.31 -1.42 -4.15
CA PRO J 1 46.92 -2.64 -4.69
C PRO J 1 47.10 -2.57 -6.20
N ILE J 2 48.17 -3.20 -6.70
CA ILE J 2 48.43 -3.18 -8.14
C ILE J 2 47.34 -3.92 -8.90
N ASN J 3 46.92 -5.07 -8.39
CA ASN J 3 45.85 -5.85 -9.02
C ASN J 3 44.49 -5.53 -8.41
N ARG J 4 44.13 -4.24 -8.48
CA ARG J 4 42.84 -3.80 -7.93
C ARG J 4 41.67 -4.48 -8.63
N GLY J 5 41.75 -4.63 -9.95
CA GLY J 5 40.68 -5.26 -10.69
C GLY J 5 40.41 -6.70 -10.32
N ASP J 6 41.46 -7.45 -9.94
CA ASP J 6 41.30 -8.84 -9.57
C ASP J 6 40.79 -9.03 -8.14
N LEU J 7 40.86 -7.99 -7.30
CA LEU J 7 40.39 -8.06 -5.93
C LEU J 7 39.03 -7.39 -5.75
N SER J 8 38.27 -7.23 -6.83
CA SER J 8 36.98 -6.54 -6.74
C SER J 8 35.97 -7.28 -5.88
N ARG J 9 36.14 -8.59 -5.69
CA ARG J 9 35.21 -9.34 -4.85
C ARG J 9 35.31 -8.92 -3.39
N PHE J 10 36.48 -8.46 -2.95
CA PHE J 10 36.67 -8.04 -1.57
C PHE J 10 36.36 -6.57 -1.35
N ILE J 11 36.39 -5.74 -2.40
CA ILE J 11 36.12 -4.33 -2.26
C ILE J 11 34.74 -3.99 -2.83
N PRO K 1 -24.85 24.95 -30.25
CA PRO K 1 -24.69 24.60 -31.66
C PRO K 1 -25.77 23.63 -32.13
N ILE K 2 -26.19 23.76 -33.40
CA ILE K 2 -27.23 22.88 -33.94
C ILE K 2 -26.74 21.44 -33.97
N ASN K 3 -25.52 21.22 -34.46
CA ASN K 3 -24.94 19.88 -34.54
C ASN K 3 -24.08 19.57 -33.33
N ARG K 4 -24.70 19.58 -32.15
CA ARG K 4 -23.98 19.30 -30.92
C ARG K 4 -23.39 17.89 -30.94
N GLY K 5 -24.16 16.92 -31.44
CA GLY K 5 -23.69 15.54 -31.46
C GLY K 5 -22.46 15.32 -32.31
N ASP K 6 -22.31 16.07 -33.41
CA ASP K 6 -21.15 15.93 -34.27
C ASP K 6 -19.92 16.64 -33.73
N LEU K 7 -20.09 17.57 -32.79
CA LEU K 7 -18.97 18.29 -32.19
C LEU K 7 -18.61 17.75 -30.80
N SER K 8 -18.97 16.50 -30.51
CA SER K 8 -18.72 15.94 -29.20
C SER K 8 -17.24 15.80 -28.88
N ARG K 9 -16.38 15.74 -29.89
CA ARG K 9 -14.94 15.64 -29.64
C ARG K 9 -14.41 16.88 -28.94
N PHE K 10 -14.93 18.06 -29.29
CA PHE K 10 -14.46 19.31 -28.72
C PHE K 10 -15.08 19.64 -27.38
N ILE K 11 -16.16 18.96 -26.99
CA ILE K 11 -16.81 19.22 -25.73
C ILE K 11 -16.71 18.01 -24.82
N THR L 8 -5.72 -3.46 -63.90
CA THR L 8 -7.10 -3.27 -64.31
C THR L 8 -7.94 -4.50 -63.99
N PHE L 9 -9.18 -4.27 -63.56
CA PHE L 9 -10.09 -5.36 -63.22
C PHE L 9 -11.46 -5.05 -63.79
N THR L 10 -12.25 -6.10 -63.99
CA THR L 10 -13.63 -5.99 -64.44
C THR L 10 -14.52 -6.74 -63.45
N LYS L 11 -15.82 -6.74 -63.71
CA LYS L 11 -16.77 -7.39 -62.81
C LYS L 11 -16.50 -8.88 -62.72
N GLU L 12 -16.20 -9.52 -63.86
CA GLU L 12 -15.92 -10.95 -63.84
C GLU L 12 -14.67 -11.27 -63.02
N ASP L 13 -13.65 -10.41 -63.11
CA ASP L 13 -12.46 -10.61 -62.29
C ASP L 13 -12.79 -10.50 -60.80
N ILE L 14 -13.63 -9.54 -60.43
CA ILE L 14 -14.01 -9.39 -59.02
C ILE L 14 -14.78 -10.61 -58.54
N ARG L 15 -15.72 -11.10 -59.36
CA ARG L 15 -16.48 -12.29 -58.97
C ARG L 15 -15.56 -13.50 -58.82
N LYS L 16 -14.62 -13.66 -59.75
CA LYS L 16 -13.68 -14.77 -59.65
C LYS L 16 -12.82 -14.67 -58.40
N PHE L 17 -12.34 -13.46 -58.08
CA PHE L 17 -11.53 -13.28 -56.88
C PHE L 17 -12.33 -13.58 -55.63
N ALA L 18 -13.60 -13.15 -55.59
CA ALA L 18 -14.45 -13.47 -54.45
C ALA L 18 -14.68 -14.96 -54.32
N GLU L 19 -14.88 -15.66 -55.44
CA GLU L 19 -15.13 -17.09 -55.41
C GLU L 19 -13.91 -17.92 -55.00
N GLU L 20 -12.74 -17.65 -55.59
CA GLU L 20 -11.57 -18.46 -55.29
C GLU L 20 -10.99 -18.15 -53.92
N GLU L 21 -10.95 -16.89 -53.53
CA GLU L 21 -10.33 -16.49 -52.27
C GLU L 21 -11.27 -16.59 -51.07
N ASN L 22 -12.54 -16.95 -51.30
CA ASN L 22 -13.53 -17.06 -50.23
C ASN L 22 -13.65 -15.75 -49.45
N VAL L 23 -13.86 -14.66 -50.19
CA VAL L 23 -14.09 -13.37 -49.56
C VAL L 23 -15.48 -13.37 -48.93
N ARG L 24 -15.54 -13.00 -47.65
CA ARG L 24 -16.80 -12.98 -46.91
C ARG L 24 -17.18 -11.59 -46.42
N TYR L 25 -16.34 -10.59 -46.64
CA TYR L 25 -16.60 -9.24 -46.14
C TYR L 25 -16.04 -8.24 -47.13
N LEU L 26 -16.80 -7.17 -47.39
CA LEU L 26 -16.39 -6.13 -48.31
C LEU L 26 -16.39 -4.78 -47.59
N ARG L 27 -15.34 -3.99 -47.83
CA ARG L 27 -15.22 -2.65 -47.29
C ARG L 27 -15.26 -1.66 -48.44
N LEU L 28 -16.34 -0.90 -48.54
CA LEU L 28 -16.44 0.17 -49.52
C LEU L 28 -15.81 1.40 -48.88
N GLN L 29 -14.60 1.74 -49.33
CA GLN L 29 -13.75 2.71 -48.66
C GLN L 29 -13.76 4.03 -49.40
N PHE L 30 -13.84 5.12 -48.64
CA PHE L 30 -13.76 6.48 -49.17
C PHE L 30 -13.14 7.36 -48.11
N THR L 31 -13.10 8.66 -48.37
CA THR L 31 -12.48 9.61 -47.45
C THR L 31 -13.32 10.88 -47.38
N ASP L 32 -13.17 11.61 -46.28
CA ASP L 32 -13.82 12.89 -46.06
C ASP L 32 -12.81 14.01 -46.28
N ILE L 33 -13.27 15.24 -46.05
CA ILE L 33 -12.40 16.40 -46.24
C ILE L 33 -11.29 16.47 -45.21
N LEU L 34 -11.39 15.75 -44.11
CA LEU L 34 -10.35 15.72 -43.09
C LEU L 34 -9.33 14.61 -43.30
N GLY L 35 -9.48 13.82 -44.36
CA GLY L 35 -8.56 12.74 -44.64
C GLY L 35 -8.83 11.45 -43.89
N THR L 36 -9.87 11.41 -43.05
CA THR L 36 -10.20 10.20 -42.32
C THR L 36 -10.68 9.12 -43.27
N ILE L 37 -10.21 7.90 -43.05
CA ILE L 37 -10.61 6.76 -43.87
C ILE L 37 -11.96 6.28 -43.39
N LYS L 38 -13.00 6.49 -44.21
CA LYS L 38 -14.34 6.04 -43.90
C LYS L 38 -14.65 4.81 -44.74
N ASN L 39 -15.57 3.98 -44.26
CA ASN L 39 -15.93 2.79 -45.01
C ASN L 39 -17.34 2.34 -44.65
N VAL L 40 -17.94 1.63 -45.59
CA VAL L 40 -19.21 0.94 -45.38
C VAL L 40 -18.95 -0.56 -45.48
N GLU L 41 -19.35 -1.30 -44.45
CA GLU L 41 -19.14 -2.73 -44.42
C GLU L 41 -20.33 -3.46 -45.02
N VAL L 42 -20.04 -4.47 -45.84
CA VAL L 42 -21.10 -5.18 -46.54
C VAL L 42 -20.77 -6.68 -46.57
N PRO L 43 -21.77 -7.55 -46.47
CA PRO L 43 -21.52 -8.98 -46.68
C PRO L 43 -21.35 -9.29 -48.16
N VAL L 44 -20.60 -10.35 -48.44
CA VAL L 44 -20.28 -10.70 -49.82
C VAL L 44 -21.53 -11.01 -50.63
N SER L 45 -22.63 -11.40 -49.96
CA SER L 45 -23.87 -11.63 -50.67
C SER L 45 -24.44 -10.38 -51.31
N GLN L 46 -23.95 -9.20 -50.92
CA GLN L 46 -24.35 -7.94 -51.54
C GLN L 46 -23.44 -7.55 -52.69
N LEU L 47 -22.50 -8.42 -53.07
CA LEU L 47 -21.47 -8.06 -54.04
C LEU L 47 -22.07 -7.52 -55.33
N GLU L 48 -23.09 -8.19 -55.86
CA GLU L 48 -23.72 -7.73 -57.09
C GLU L 48 -24.25 -6.31 -56.94
N LYS L 49 -24.95 -6.04 -55.83
CA LYS L 49 -25.45 -4.69 -55.59
C LYS L 49 -24.32 -3.69 -55.47
N VAL L 50 -23.15 -4.13 -54.98
CA VAL L 50 -21.99 -3.26 -54.97
C VAL L 50 -21.55 -2.94 -56.39
N LEU L 51 -21.53 -3.94 -57.27
CA LEU L 51 -21.05 -3.73 -58.63
C LEU L 51 -22.03 -2.95 -59.50
N ASP L 52 -23.28 -2.83 -59.08
CA ASP L 52 -24.29 -2.09 -59.82
C ASP L 52 -24.36 -0.62 -59.42
N ASN L 53 -23.45 -0.16 -58.54
CA ASN L 53 -23.43 1.22 -58.06
C ASN L 53 -24.75 1.60 -57.42
N GLU L 54 -25.32 0.69 -56.64
CA GLU L 54 -26.62 0.89 -56.01
C GLU L 54 -26.53 0.98 -54.49
N MET L 55 -25.34 0.92 -53.91
CA MET L 55 -25.20 1.01 -52.47
C MET L 55 -25.36 2.45 -52.02
N MET L 56 -26.21 2.67 -51.02
CA MET L 56 -26.55 3.99 -50.54
C MET L 56 -26.03 4.20 -49.13
N PHE L 57 -25.69 5.45 -48.83
CA PHE L 57 -25.20 5.82 -47.51
C PHE L 57 -25.50 7.29 -47.27
N ASP L 58 -25.13 7.78 -46.08
CA ASP L 58 -25.47 9.13 -45.67
C ASP L 58 -24.89 10.17 -46.62
N GLY L 59 -23.59 10.09 -46.90
CA GLY L 59 -22.98 11.05 -47.79
C GLY L 59 -22.59 12.34 -47.09
N SER L 60 -23.36 12.74 -46.09
CA SER L 60 -23.00 13.93 -45.31
C SER L 60 -21.81 13.68 -44.40
N SER L 61 -21.45 12.41 -44.17
CA SER L 61 -20.26 12.11 -43.38
C SER L 61 -19.00 12.67 -44.03
N ILE L 62 -19.03 12.91 -45.34
CA ILE L 62 -17.90 13.55 -46.02
C ILE L 62 -17.60 14.90 -45.41
N GLU L 63 -18.62 15.58 -44.89
CA GLU L 63 -18.40 16.89 -44.27
C GLU L 63 -17.64 16.81 -42.96
N GLY L 64 -17.47 15.61 -42.40
CA GLY L 64 -16.75 15.52 -41.14
C GLY L 64 -17.64 15.88 -39.97
N PHE L 65 -17.14 16.74 -39.08
CA PHE L 65 -17.87 17.10 -37.88
C PHE L 65 -18.75 18.34 -38.05
N VAL L 66 -18.83 18.89 -39.26
CA VAL L 66 -19.68 20.03 -39.53
C VAL L 66 -20.92 19.63 -40.32
N ARG L 67 -21.24 18.33 -40.37
CA ARG L 67 -22.44 17.88 -41.04
C ARG L 67 -23.68 18.26 -40.24
N ILE L 68 -24.77 18.54 -40.95
CA ILE L 68 -26.00 18.99 -40.30
C ILE L 68 -27.13 18.02 -40.61
N GLU L 69 -27.46 17.87 -41.89
CA GLU L 69 -28.59 17.06 -42.31
C GLU L 69 -28.13 15.80 -43.01
N GLU L 70 -28.82 14.69 -42.74
CA GLU L 70 -28.52 13.43 -43.40
C GLU L 70 -29.01 13.48 -44.84
N SER L 71 -28.14 13.08 -45.77
CA SER L 71 -28.48 12.99 -47.18
C SER L 71 -28.50 11.52 -47.60
N ASP L 72 -28.71 11.30 -48.90
CA ASP L 72 -28.64 9.97 -49.49
C ASP L 72 -27.74 10.04 -50.70
N MET L 73 -26.67 9.23 -50.71
CA MET L 73 -25.71 9.27 -51.78
C MET L 73 -25.29 7.85 -52.13
N TYR L 74 -24.86 7.66 -53.38
CA TYR L 74 -24.51 6.35 -53.90
C TYR L 74 -23.00 6.17 -53.93
N LEU L 75 -22.57 4.93 -53.79
CA LEU L 75 -21.16 4.57 -53.87
C LEU L 75 -20.90 3.88 -55.19
N HIS L 76 -19.93 4.40 -55.96
CA HIS L 76 -19.52 3.78 -57.21
C HIS L 76 -18.11 3.25 -57.04
N PRO L 77 -17.91 1.95 -56.92
CA PRO L 77 -16.56 1.42 -56.70
C PRO L 77 -15.68 1.57 -57.92
N ASP L 78 -14.38 1.69 -57.68
CA ASP L 78 -13.37 1.68 -58.73
C ASP L 78 -12.73 0.29 -58.70
N LEU L 79 -12.97 -0.49 -59.75
CA LEU L 79 -12.56 -1.89 -59.75
C LEU L 79 -11.04 -2.06 -59.77
N ASP L 80 -10.31 -1.05 -60.21
CA ASP L 80 -8.85 -1.14 -60.22
C ASP L 80 -8.24 -1.07 -58.82
N THR L 81 -9.00 -0.62 -57.83
CA THR L 81 -8.51 -0.51 -56.46
C THR L 81 -8.75 -1.78 -55.65
N TRP L 82 -9.24 -2.84 -56.28
CA TRP L 82 -9.53 -4.07 -55.56
C TRP L 82 -8.27 -4.65 -54.95
N VAL L 83 -8.37 -5.05 -53.67
CA VAL L 83 -7.27 -5.70 -52.97
C VAL L 83 -7.86 -6.47 -51.80
N ILE L 84 -7.22 -7.58 -51.44
CA ILE L 84 -7.67 -8.45 -50.37
C ILE L 84 -6.68 -8.37 -49.22
N PHE L 85 -7.18 -8.08 -48.03
CA PHE L 85 -6.32 -7.96 -46.86
C PHE L 85 -5.85 -9.34 -46.40
N PRO L 86 -4.64 -9.45 -45.87
CA PRO L 86 -4.11 -10.76 -45.46
C PRO L 86 -4.53 -11.16 -44.06
N TRP L 87 -5.49 -10.45 -43.48
CA TRP L 87 -5.96 -10.77 -42.14
C TRP L 87 -7.39 -11.30 -42.16
N GLY L 92 -12.97 -16.69 -43.13
CA GLY L 92 -13.07 -15.92 -44.34
C GLY L 92 -12.08 -14.78 -44.44
N LYS L 93 -12.10 -14.06 -45.55
CA LYS L 93 -11.19 -12.95 -45.79
C LYS L 93 -11.97 -11.66 -45.97
N VAL L 94 -11.26 -10.55 -45.91
CA VAL L 94 -11.83 -9.21 -46.08
C VAL L 94 -11.18 -8.57 -47.29
N ALA L 95 -12.01 -8.04 -48.18
CA ALA L 95 -11.56 -7.30 -49.35
C ALA L 95 -12.12 -5.89 -49.29
N ARG L 96 -11.49 -4.99 -50.05
CA ARG L 96 -11.92 -3.60 -50.04
C ARG L 96 -11.98 -3.07 -51.47
N LEU L 97 -12.84 -2.08 -51.66
CA LEU L 97 -12.93 -1.34 -52.90
C LEU L 97 -13.06 0.14 -52.58
N ILE L 98 -12.24 0.97 -53.22
CA ILE L 98 -12.29 2.41 -53.03
C ILE L 98 -13.39 2.95 -53.95
N CYS L 99 -14.34 3.67 -53.38
CA CYS L 99 -15.52 4.10 -54.11
C CYS L 99 -15.59 5.62 -54.18
N ASP L 100 -16.06 6.12 -55.32
CA ASP L 100 -16.39 7.52 -55.47
C ASP L 100 -17.84 7.74 -55.01
N VAL L 101 -18.13 8.97 -54.62
CA VAL L 101 -19.44 9.33 -54.07
C VAL L 101 -20.23 10.06 -55.14
N TYR L 102 -21.45 9.61 -55.40
CA TYR L 102 -22.32 10.20 -56.40
C TYR L 102 -23.61 10.66 -55.76
N LYS L 103 -24.16 11.75 -56.28
CA LYS L 103 -25.44 12.26 -55.82
C LYS L 103 -26.58 11.41 -56.40
N THR L 104 -27.81 11.74 -56.00
CA THR L 104 -28.97 11.01 -56.50
C THR L 104 -29.29 11.34 -57.95
N ASP L 105 -28.65 12.35 -58.53
CA ASP L 105 -28.88 12.72 -59.92
C ASP L 105 -27.86 12.13 -60.88
N GLY L 106 -27.03 11.21 -60.40
CA GLY L 106 -26.05 10.55 -61.24
C GLY L 106 -24.75 11.29 -61.43
N THR L 107 -24.59 12.48 -60.84
CA THR L 107 -23.35 13.22 -60.98
C THR L 107 -22.50 13.08 -59.73
N PRO L 108 -21.17 13.11 -59.88
CA PRO L 108 -20.30 12.97 -58.71
C PRO L 108 -20.50 14.11 -57.72
N PHE L 109 -20.38 13.78 -56.44
CA PHE L 109 -20.55 14.76 -55.38
C PHE L 109 -19.39 15.75 -55.41
N GLU L 110 -19.71 17.04 -55.36
CA GLU L 110 -18.68 18.07 -55.44
C GLU L 110 -17.86 18.17 -54.16
N GLY L 111 -18.30 17.58 -53.06
CA GLY L 111 -17.58 17.59 -51.82
C GLY L 111 -16.62 16.43 -51.62
N ASP L 112 -16.45 15.58 -52.62
CA ASP L 112 -15.58 14.41 -52.51
C ASP L 112 -14.17 14.79 -52.94
N PRO L 113 -13.16 14.67 -52.07
CA PRO L 113 -11.80 15.06 -52.48
C PRO L 113 -11.26 14.28 -53.66
N ARG L 114 -11.59 12.99 -53.77
CA ARG L 114 -11.10 12.19 -54.88
C ARG L 114 -11.65 12.69 -56.21
N ALA L 115 -12.95 12.98 -56.25
CA ALA L 115 -13.54 13.54 -57.46
C ALA L 115 -12.96 14.91 -57.79
N ASN L 116 -12.68 15.72 -56.76
CA ASN L 116 -12.06 17.01 -56.99
C ASN L 116 -10.67 16.86 -57.60
N LEU L 117 -9.87 15.91 -57.10
CA LEU L 117 -8.55 15.68 -57.68
C LEU L 117 -8.67 15.19 -59.12
N LYS L 118 -9.65 14.32 -59.39
CA LYS L 118 -9.86 13.84 -60.76
C LYS L 118 -10.23 15.00 -61.68
N ARG L 119 -11.08 15.91 -61.22
CA ARG L 119 -11.44 17.08 -62.01
C ARG L 119 -10.24 17.96 -62.27
N VAL L 120 -9.39 18.17 -61.25
CA VAL L 120 -8.20 18.98 -61.44
C VAL L 120 -7.27 18.35 -62.45
N LEU L 121 -7.08 17.02 -62.38
CA LEU L 121 -6.25 16.33 -63.35
C LEU L 121 -6.83 16.43 -64.76
N LYS L 122 -8.16 16.31 -64.88
CA LYS L 122 -8.79 16.42 -66.19
C LYS L 122 -8.58 17.80 -66.79
N GLU L 123 -8.71 18.85 -65.97
CA GLU L 123 -8.45 20.20 -66.45
C GLU L 123 -6.96 20.44 -66.72
N MET L 124 -6.08 19.72 -66.04
CA MET L 124 -4.65 19.80 -66.36
C MET L 124 -4.37 19.18 -67.73
N GLU L 125 -5.09 18.10 -68.05
CA GLU L 125 -4.87 17.42 -69.33
C GLU L 125 -5.14 18.30 -70.53
N ASP L 126 -5.90 19.39 -70.38
CA ASP L 126 -6.12 20.33 -71.46
C ASP L 126 -4.90 21.20 -71.76
N LEU L 127 -3.91 21.21 -70.87
CA LEU L 127 -2.68 21.98 -71.09
C LEU L 127 -1.61 21.18 -71.82
N GLY L 128 -1.90 19.95 -72.22
CA GLY L 128 -0.96 19.11 -72.93
C GLY L 128 -0.28 18.05 -72.08
N PHE L 129 -0.34 18.16 -70.76
CA PHE L 129 0.25 17.17 -69.88
C PHE L 129 -0.69 16.00 -69.68
N THR L 130 -0.10 14.81 -69.59
CA THR L 130 -0.88 13.58 -69.48
C THR L 130 -0.85 12.94 -68.10
N ASP L 131 0.26 13.04 -67.37
CA ASP L 131 0.38 12.38 -66.08
C ASP L 131 1.03 13.30 -65.07
N PHE L 132 0.64 13.11 -63.81
CA PHE L 132 1.21 13.82 -62.67
C PHE L 132 1.57 12.76 -61.63
N ASN L 133 2.85 12.42 -61.54
CA ASN L 133 3.30 11.34 -60.68
C ASN L 133 3.75 11.86 -59.33
N LEU L 134 3.39 11.13 -58.27
CA LEU L 134 3.69 11.50 -56.90
C LEU L 134 4.38 10.34 -56.20
N GLY L 135 5.49 10.65 -55.55
CA GLY L 135 6.11 9.75 -54.60
C GLY L 135 6.14 10.39 -53.23
N PRO L 136 5.40 9.82 -52.28
CA PRO L 136 5.37 10.38 -50.93
C PRO L 136 6.44 9.79 -50.03
N GLU L 137 6.79 10.54 -48.99
CA GLU L 137 7.74 10.09 -47.98
C GLU L 137 7.11 10.24 -46.60
N PRO L 138 6.14 9.38 -46.27
CA PRO L 138 5.43 9.53 -44.99
C PRO L 138 6.27 9.01 -43.83
N GLU L 139 6.35 9.80 -42.76
CA GLU L 139 7.02 9.41 -41.54
C GLU L 139 5.98 9.29 -40.42
N PHE L 140 6.19 8.30 -39.54
CA PHE L 140 5.24 8.05 -38.47
C PHE L 140 6.00 7.71 -37.19
N PHE L 141 5.29 7.78 -36.08
CA PHE L 141 5.84 7.44 -34.77
C PHE L 141 5.17 6.19 -34.24
N LEU L 142 5.96 5.38 -33.53
CA LEU L 142 5.46 4.19 -32.84
C LEU L 142 5.64 4.37 -31.35
N PHE L 143 4.53 4.30 -30.61
CA PHE L 143 4.53 4.44 -29.16
C PHE L 143 4.11 3.12 -28.51
N LYS L 144 4.56 2.94 -27.28
CA LYS L 144 4.20 1.74 -26.52
C LYS L 144 2.82 1.89 -25.89
N LEU L 145 2.11 0.77 -25.81
CA LEU L 145 0.82 0.71 -25.15
C LEU L 145 0.99 0.28 -23.70
N ASP L 146 0.09 0.74 -22.84
CA ASP L 146 0.12 0.38 -21.44
C ASP L 146 -0.73 -0.87 -21.21
N GLU L 147 -0.95 -1.22 -19.93
CA GLU L 147 -1.74 -2.42 -19.62
C GLU L 147 -3.18 -2.28 -20.07
N LYS L 148 -3.77 -1.09 -19.90
CA LYS L 148 -5.15 -0.86 -20.31
C LYS L 148 -5.33 -0.77 -21.81
N GLY L 149 -4.24 -0.74 -22.57
CA GLY L 149 -4.32 -0.65 -24.02
C GLY L 149 -4.29 0.75 -24.59
N GLU L 150 -4.04 1.76 -23.76
CA GLU L 150 -3.95 3.13 -24.23
C GLU L 150 -2.52 3.46 -24.63
N PRO L 151 -2.33 4.36 -25.60
CA PRO L 151 -0.97 4.75 -25.98
C PRO L 151 -0.30 5.58 -24.90
N THR L 152 0.97 5.31 -24.67
CA THR L 152 1.79 6.08 -23.76
C THR L 152 2.71 7.00 -24.57
N LEU L 153 3.62 7.69 -23.87
CA LEU L 153 4.59 8.57 -24.51
C LEU L 153 5.97 7.92 -24.63
N GLU L 154 6.06 6.62 -24.37
CA GLU L 154 7.31 5.89 -24.51
C GLU L 154 7.44 5.35 -25.94
N LEU L 155 8.61 5.52 -26.52
CA LEU L 155 8.85 5.10 -27.89
C LEU L 155 9.15 3.61 -27.95
N ASN L 156 8.99 3.04 -29.14
CA ASN L 156 9.23 1.61 -29.32
C ASN L 156 10.70 1.26 -29.34
N ASP L 157 11.58 2.19 -29.71
CA ASP L 157 13.01 1.95 -29.74
C ASP L 157 13.73 3.25 -29.37
N ASP L 158 15.05 3.26 -29.56
CA ASP L 158 15.86 4.43 -29.22
C ASP L 158 16.90 4.68 -30.30
N GLY L 159 16.57 4.39 -31.55
CA GLY L 159 17.50 4.55 -32.66
C GLY L 159 17.55 5.97 -33.18
N GLY L 160 18.46 6.18 -34.12
CA GLY L 160 18.64 7.47 -34.74
C GLY L 160 18.48 7.44 -36.25
N TYR L 161 19.06 8.42 -36.93
CA TYR L 161 18.90 8.53 -38.38
C TYR L 161 19.55 7.35 -39.08
N PHE L 162 18.76 6.58 -39.82
CA PHE L 162 19.22 5.43 -40.59
C PHE L 162 19.83 4.35 -39.69
N ASP L 163 19.46 4.34 -38.42
CA ASP L 163 19.96 3.34 -37.49
C ASP L 163 19.33 1.98 -37.76
N LEU L 164 20.05 0.93 -37.36
CA LEU L 164 19.52 -0.43 -37.37
C LEU L 164 19.04 -0.80 -35.96
N ALA L 165 18.10 0.00 -35.45
CA ALA L 165 17.67 -0.12 -34.06
C ALA L 165 16.82 -1.35 -33.81
N PRO L 166 15.65 -1.52 -34.46
CA PRO L 166 14.85 -2.74 -34.21
C PRO L 166 15.44 -3.90 -34.99
N THR L 167 16.47 -4.54 -34.43
CA THR L 167 17.42 -5.28 -35.25
C THR L 167 16.79 -6.43 -36.04
N ASP L 168 16.43 -7.53 -35.38
CA ASP L 168 15.73 -8.58 -36.08
C ASP L 168 14.71 -9.32 -35.23
N LEU L 169 14.78 -9.17 -33.91
CA LEU L 169 14.13 -10.10 -32.99
C LEU L 169 13.20 -9.36 -32.02
N GLY L 170 11.90 -9.56 -32.22
CA GLY L 170 10.92 -9.34 -31.17
C GLY L 170 9.74 -8.47 -31.52
N GLU L 171 9.96 -7.33 -32.19
CA GLU L 171 8.84 -6.62 -32.80
C GLU L 171 9.08 -6.36 -34.29
N ASN L 172 10.15 -5.66 -34.64
CA ASN L 172 10.45 -5.24 -36.01
C ASN L 172 9.19 -4.87 -36.78
N CYS L 173 8.44 -3.92 -36.23
CA CYS L 173 7.16 -3.55 -36.81
C CYS L 173 7.33 -2.97 -38.21
N ARG L 174 8.40 -2.20 -38.44
CA ARG L 174 8.63 -1.62 -39.75
C ARG L 174 8.84 -2.69 -40.81
N ARG L 175 9.63 -3.72 -40.49
CA ARG L 175 9.85 -4.81 -41.44
C ARG L 175 8.57 -5.55 -41.75
N ASP L 176 7.75 -5.82 -40.73
CA ASP L 176 6.48 -6.51 -40.97
C ASP L 176 5.55 -5.65 -41.82
N ILE L 177 5.53 -4.33 -41.58
CA ILE L 177 4.71 -3.45 -42.40
C ILE L 177 5.16 -3.50 -43.86
N VAL L 178 6.47 -3.43 -44.08
CA VAL L 178 6.99 -3.45 -45.45
C VAL L 178 6.64 -4.76 -46.13
N LEU L 179 6.83 -5.89 -45.43
CA LEU L 179 6.55 -7.19 -46.04
C LEU L 179 5.07 -7.36 -46.32
N GLU L 180 4.20 -6.93 -45.40
CA GLU L 180 2.76 -7.04 -45.62
C GLU L 180 2.31 -6.16 -46.78
N LEU L 181 2.87 -4.95 -46.89
CA LEU L 181 2.54 -4.10 -48.03
C LEU L 181 3.01 -4.74 -49.34
N GLU L 182 4.19 -5.36 -49.33
CA GLU L 182 4.67 -6.06 -50.52
C GLU L 182 3.76 -7.22 -50.90
N ASP L 183 3.25 -7.94 -49.90
CA ASP L 183 2.33 -9.03 -50.19
C ASP L 183 1.02 -8.52 -50.76
N MET L 184 0.59 -7.32 -50.38
CA MET L 184 -0.66 -6.76 -50.86
C MET L 184 -0.57 -6.20 -52.27
N GLY L 185 0.63 -6.12 -52.85
CA GLY L 185 0.81 -5.58 -54.17
C GLY L 185 1.34 -4.17 -54.23
N PHE L 186 1.99 -3.69 -53.19
CA PHE L 186 2.55 -2.35 -53.17
C PHE L 186 3.95 -2.34 -53.79
N ASP L 187 4.44 -1.14 -54.07
CA ASP L 187 5.76 -0.93 -54.65
C ASP L 187 6.57 -0.10 -53.66
N ILE L 188 7.36 -0.77 -52.83
CA ILE L 188 8.17 -0.11 -51.81
C ILE L 188 9.57 0.11 -52.36
N GLU L 189 10.07 1.34 -52.24
CA GLU L 189 11.42 1.67 -52.67
C GLU L 189 12.45 1.34 -51.60
N ALA L 190 12.32 1.93 -50.41
CA ALA L 190 13.22 1.65 -49.30
C ALA L 190 12.57 2.14 -48.02
N SER L 191 13.09 1.66 -46.89
CA SER L 191 12.64 2.08 -45.58
C SER L 191 13.84 2.25 -44.68
N HIS L 192 13.70 3.11 -43.67
CA HIS L 192 14.80 3.40 -42.77
C HIS L 192 14.26 3.99 -41.48
N HIS L 193 15.09 3.97 -40.44
CA HIS L 193 14.77 4.65 -39.21
C HIS L 193 14.95 6.15 -39.36
N GLU L 194 14.07 6.93 -38.74
CA GLU L 194 14.09 8.37 -38.88
C GLU L 194 14.96 8.99 -37.78
N VAL L 195 15.05 10.32 -37.79
CA VAL L 195 15.97 11.01 -36.87
C VAL L 195 15.54 10.81 -35.43
N ALA L 196 14.27 11.06 -35.13
CA ALA L 196 13.79 10.96 -33.76
C ALA L 196 13.66 9.49 -33.35
N PRO L 197 13.86 9.20 -32.06
CA PRO L 197 13.64 7.83 -31.59
C PRO L 197 12.19 7.41 -31.79
N GLY L 198 12.00 6.16 -32.20
CA GLY L 198 10.66 5.65 -32.46
C GLY L 198 10.02 6.18 -33.71
N GLN L 199 10.75 6.89 -34.56
CA GLN L 199 10.21 7.45 -35.79
C GLN L 199 10.70 6.64 -36.98
N HIS L 200 9.81 6.36 -37.92
CA HIS L 200 10.10 5.48 -39.04
C HIS L 200 9.56 6.10 -40.32
N GLU L 201 10.19 5.73 -41.43
CA GLU L 201 9.81 6.21 -42.75
C GLU L 201 9.83 5.05 -43.74
N ILE L 202 8.79 4.95 -44.56
CA ILE L 202 8.70 3.98 -45.65
C ILE L 202 8.42 4.74 -46.93
N ASP L 203 9.24 4.50 -47.95
CA ASP L 203 9.15 5.24 -49.21
C ASP L 203 8.52 4.38 -50.29
N PHE L 204 7.67 4.99 -51.11
CA PHE L 204 7.02 4.32 -52.22
C PHE L 204 7.64 4.74 -53.54
N LYS L 205 7.56 3.85 -54.52
CA LYS L 205 7.87 4.21 -55.89
C LYS L 205 6.77 5.13 -56.43
N TYR L 206 7.15 5.98 -57.38
CA TYR L 206 6.22 6.97 -57.90
C TYR L 206 5.06 6.28 -58.63
N ALA L 207 3.87 6.88 -58.50
CA ALA L 207 2.67 6.40 -59.16
C ALA L 207 1.84 7.61 -59.56
N ASP L 208 0.80 7.35 -60.36
CA ASP L 208 -0.08 8.43 -60.77
C ASP L 208 -0.82 9.00 -59.56
N ALA L 209 -1.34 10.22 -59.73
CA ALA L 209 -1.82 11.02 -58.61
C ALA L 209 -2.88 10.30 -57.80
N VAL L 210 -3.94 9.83 -58.46
CA VAL L 210 -5.03 9.17 -57.75
C VAL L 210 -4.54 7.88 -57.10
N THR L 211 -3.75 7.10 -57.83
CA THR L 211 -3.20 5.88 -57.26
C THR L 211 -2.28 6.18 -56.09
N ALA L 212 -1.50 7.26 -56.19
CA ALA L 212 -0.60 7.63 -55.09
C ALA L 212 -1.38 8.00 -53.83
N CYS L 213 -2.45 8.78 -53.97
CA CYS L 213 -3.24 9.14 -52.80
C CYS L 213 -3.95 7.93 -52.21
N ASP L 214 -4.47 7.05 -53.06
CA ASP L 214 -5.08 5.81 -52.58
C ASP L 214 -4.06 4.96 -51.83
N ASN L 215 -2.83 4.89 -52.35
CA ASN L 215 -1.78 4.14 -51.68
C ASN L 215 -1.43 4.77 -50.34
N ILE L 216 -1.45 6.11 -50.26
CA ILE L 216 -1.19 6.76 -48.97
C ILE L 216 -2.25 6.39 -47.95
N GLN L 217 -3.52 6.43 -48.36
CA GLN L 217 -4.60 6.07 -47.44
C GLN L 217 -4.47 4.61 -46.98
N THR L 218 -4.23 3.71 -47.94
CA THR L 218 -4.08 2.30 -47.61
C THR L 218 -2.87 2.06 -46.72
N PHE L 219 -1.78 2.78 -46.96
CA PHE L 219 -0.59 2.67 -46.15
C PHE L 219 -0.86 3.09 -44.71
N LYS L 220 -1.59 4.20 -44.53
CA LYS L 220 -1.95 4.62 -43.18
C LYS L 220 -2.78 3.56 -42.48
N LEU L 221 -3.78 3.00 -43.17
CA LEU L 221 -4.61 1.96 -42.59
C LEU L 221 -3.79 0.74 -42.21
N VAL L 222 -2.91 0.29 -43.11
CA VAL L 222 -2.12 -0.92 -42.87
C VAL L 222 -1.15 -0.70 -41.72
N VAL L 223 -0.52 0.46 -41.67
CA VAL L 223 0.43 0.75 -40.59
C VAL L 223 -0.29 0.76 -39.25
N LYS L 224 -1.47 1.41 -39.19
CA LYS L 224 -2.20 1.44 -37.93
C LYS L 224 -2.69 0.06 -37.51
N THR L 225 -3.03 -0.80 -38.47
CA THR L 225 -3.43 -2.16 -38.12
C THR L 225 -2.25 -2.97 -37.60
N ILE L 226 -1.12 -2.95 -38.32
CA ILE L 226 0.02 -3.79 -37.95
C ILE L 226 0.64 -3.33 -36.65
N ALA L 227 0.70 -2.02 -36.39
CA ALA L 227 1.21 -1.54 -35.11
C ALA L 227 0.36 -2.06 -33.96
N ARG L 228 -0.97 -2.07 -34.14
CA ARG L 228 -1.83 -2.66 -33.12
C ARG L 228 -1.56 -4.16 -32.98
N LYS L 229 -1.24 -4.84 -34.08
CA LYS L 229 -0.90 -6.26 -33.99
C LYS L 229 0.33 -6.49 -33.11
N HIS L 230 1.26 -5.54 -33.09
CA HIS L 230 2.51 -5.68 -32.33
C HIS L 230 2.44 -5.00 -30.97
N ASN L 231 1.24 -4.76 -30.45
CA ASN L 231 1.04 -4.10 -29.15
C ASN L 231 1.69 -2.71 -29.14
N LEU L 232 1.59 -2.00 -30.26
CA LEU L 232 2.11 -0.64 -30.40
C LEU L 232 1.00 0.25 -30.91
N HIS L 233 1.27 1.56 -30.91
CA HIS L 233 0.35 2.55 -31.44
C HIS L 233 1.09 3.39 -32.48
N ALA L 234 0.59 3.40 -33.70
CA ALA L 234 1.18 4.19 -34.77
C ALA L 234 0.43 5.50 -34.90
N THR L 235 1.18 6.61 -34.94
CA THR L 235 0.58 7.92 -35.08
C THR L 235 1.28 8.69 -36.19
N PHE L 236 0.47 9.37 -37.00
CA PHE L 236 0.94 10.30 -38.02
C PHE L 236 0.80 11.75 -37.57
N MET L 237 0.76 11.98 -36.25
CA MET L 237 0.68 13.33 -35.72
C MET L 237 1.91 14.12 -36.14
N PRO L 238 1.75 15.35 -36.65
CA PRO L 238 2.93 16.09 -37.15
C PRO L 238 4.00 16.32 -36.10
N LYS L 239 3.62 16.60 -34.86
CA LYS L 239 4.58 16.89 -33.79
C LYS L 239 4.05 16.32 -32.48
N PRO L 240 4.19 15.01 -32.27
CA PRO L 240 3.69 14.42 -31.02
C PRO L 240 4.54 14.77 -29.81
N LEU L 241 5.83 15.02 -29.99
CA LEU L 241 6.74 15.28 -28.88
C LEU L 241 7.49 16.59 -29.11
N PHE L 242 7.61 17.38 -28.06
CA PHE L 242 8.37 18.62 -28.12
C PHE L 242 9.86 18.31 -28.00
N GLY L 243 10.67 19.07 -28.74
CA GLY L 243 12.11 18.95 -28.66
C GLY L 243 12.74 17.91 -29.56
N VAL L 244 11.94 17.15 -30.31
CA VAL L 244 12.45 16.16 -31.25
C VAL L 244 11.86 16.45 -32.62
N ASN L 245 12.36 15.74 -33.62
CA ASN L 245 11.90 15.94 -34.99
C ASN L 245 10.43 15.58 -35.13
N GLY L 246 9.73 16.33 -35.97
CA GLY L 246 8.38 16.00 -36.35
C GLY L 246 8.34 15.04 -37.53
N SER L 247 7.11 14.71 -37.93
CA SER L 247 6.88 13.82 -39.06
C SER L 247 6.40 14.62 -40.26
N GLY L 248 7.05 14.40 -41.40
CA GLY L 248 6.66 15.01 -42.65
C GLY L 248 6.21 13.99 -43.67
N MET L 249 5.60 14.48 -44.74
CA MET L 249 5.10 13.67 -45.84
C MET L 249 5.53 14.32 -47.16
N HIS L 250 6.83 14.56 -47.30
CA HIS L 250 7.37 15.20 -48.49
C HIS L 250 6.83 14.56 -49.76
N PHE L 251 6.43 15.42 -50.71
CA PHE L 251 5.83 15.01 -51.97
C PHE L 251 6.82 15.25 -53.09
N ASN L 252 7.30 14.18 -53.73
CA ASN L 252 8.11 14.31 -54.93
C ASN L 252 7.17 14.19 -56.13
N VAL L 253 7.00 15.29 -56.85
CA VAL L 253 6.04 15.33 -57.96
C VAL L 253 6.78 15.52 -59.26
N SER L 254 6.20 14.97 -60.33
CA SER L 254 6.77 15.09 -61.66
C SER L 254 5.66 15.15 -62.69
N LEU L 255 5.83 16.01 -63.69
CA LEU L 255 4.87 16.16 -64.78
C LEU L 255 5.33 15.37 -66.00
N PHE L 256 4.37 14.80 -66.72
CA PHE L 256 4.65 14.00 -67.90
C PHE L 256 3.65 14.36 -68.99
N LYS L 257 4.16 14.63 -70.19
CA LYS L 257 3.29 14.73 -71.37
C LYS L 257 3.76 13.71 -72.39
N GLY L 258 3.40 12.46 -72.16
CA GLY L 258 3.55 11.40 -73.13
C GLY L 258 4.91 10.74 -73.02
N LYS L 259 5.00 9.60 -72.32
CA LYS L 259 6.22 8.82 -72.21
C LYS L 259 7.48 9.66 -72.06
N GLU L 260 7.39 10.79 -71.35
CA GLU L 260 8.50 11.75 -71.32
C GLU L 260 8.30 12.72 -70.16
N ASN L 261 9.34 12.88 -69.36
CA ASN L 261 9.29 13.81 -68.23
C ASN L 261 9.40 15.24 -68.74
N ALA L 262 8.41 16.06 -68.41
CA ALA L 262 8.39 17.45 -68.84
C ALA L 262 9.36 18.33 -68.05
N PHE L 263 9.93 17.82 -66.96
CA PHE L 263 10.88 18.60 -66.17
C PHE L 263 12.33 18.38 -66.59
N PHE L 264 12.60 17.42 -67.46
CA PHE L 264 13.96 17.04 -67.81
C PHE L 264 14.43 17.82 -69.03
N ASP L 265 15.61 18.44 -68.91
CA ASP L 265 16.26 19.11 -70.03
C ASP L 265 17.54 18.36 -70.37
N PRO L 266 17.57 17.60 -71.46
CA PRO L 266 18.75 16.77 -71.76
C PRO L 266 19.95 17.55 -72.26
N ASN L 267 19.81 18.85 -72.54
CA ASN L 267 20.91 19.64 -73.07
C ASN L 267 21.57 20.53 -72.03
N THR L 268 20.78 21.16 -71.15
CA THR L 268 21.34 22.02 -70.12
C THR L 268 22.11 21.20 -69.09
N GLU L 269 23.20 21.80 -68.59
CA GLU L 269 24.01 21.12 -67.58
C GLU L 269 23.21 20.87 -66.31
N MET L 270 22.43 21.87 -65.87
CA MET L 270 21.57 21.68 -64.71
C MET L 270 20.51 20.62 -64.98
N GLY L 271 20.02 20.54 -66.21
CA GLY L 271 19.07 19.52 -66.59
C GLY L 271 17.64 19.78 -66.19
N LEU L 272 17.26 21.06 -66.04
CA LEU L 272 15.90 21.42 -65.69
C LEU L 272 15.27 22.24 -66.81
N THR L 273 14.07 21.83 -67.22
CA THR L 273 13.34 22.53 -68.26
C THR L 273 12.75 23.82 -67.70
N GLU L 274 12.50 24.79 -68.59
CA GLU L 274 11.81 26.01 -68.18
C GLU L 274 10.44 25.71 -67.58
N THR L 275 9.81 24.61 -68.01
CA THR L 275 8.55 24.20 -67.40
C THR L 275 8.73 23.90 -65.93
N ALA L 276 9.82 23.22 -65.57
CA ALA L 276 10.08 22.93 -64.16
C ALA L 276 10.28 24.21 -63.35
N TYR L 277 11.01 25.17 -63.93
CA TYR L 277 11.22 26.44 -63.24
C TYR L 277 9.90 27.19 -63.05
N GLN L 278 9.05 27.19 -64.07
CA GLN L 278 7.74 27.81 -63.92
C GLN L 278 6.90 27.10 -62.86
N PHE L 279 6.98 25.77 -62.82
CA PHE L 279 6.21 25.01 -61.83
C PHE L 279 6.66 25.35 -60.41
N THR L 280 7.97 25.37 -60.17
CA THR L 280 8.44 25.68 -58.83
C THR L 280 8.19 27.13 -58.47
N ALA L 281 8.25 28.05 -59.46
CA ALA L 281 7.89 29.43 -59.20
C ALA L 281 6.43 29.55 -58.79
N GLY L 282 5.54 28.82 -59.47
CA GLY L 282 4.14 28.85 -59.09
C GLY L 282 3.86 28.24 -57.73
N VAL L 283 4.58 27.18 -57.38
CA VAL L 283 4.42 26.59 -56.06
C VAL L 283 4.91 27.56 -54.98
N LEU L 284 6.03 28.23 -55.23
CA LEU L 284 6.55 29.20 -54.28
C LEU L 284 5.62 30.40 -54.14
N LYS L 285 4.98 30.81 -55.24
CA LYS L 285 4.13 31.99 -55.21
C LYS L 285 2.91 31.78 -54.32
N ASN L 286 2.31 30.59 -54.38
CA ASN L 286 1.08 30.31 -53.66
C ASN L 286 1.31 29.42 -52.43
N ALA L 287 2.54 29.39 -51.92
CA ALA L 287 2.84 28.53 -50.77
C ALA L 287 2.03 28.91 -49.55
N ARG L 288 1.88 30.21 -49.29
CA ARG L 288 1.05 30.65 -48.17
C ARG L 288 -0.41 30.30 -48.38
N GLY L 289 -0.86 30.22 -49.64
CA GLY L 289 -2.25 29.93 -49.91
C GLY L 289 -2.67 28.54 -49.49
N PHE L 290 -1.87 27.53 -49.79
CA PHE L 290 -2.23 26.14 -49.52
C PHE L 290 -1.57 25.59 -48.27
N THR L 291 -0.96 26.44 -47.44
CA THR L 291 -0.33 25.96 -46.22
C THR L 291 -1.35 25.35 -45.28
N ALA L 292 -2.54 25.96 -45.18
CA ALA L 292 -3.58 25.43 -44.31
C ALA L 292 -4.02 24.03 -44.74
N VAL L 293 -4.17 23.81 -46.05
CA VAL L 293 -4.59 22.50 -46.53
C VAL L 293 -3.49 21.46 -46.31
N CYS L 294 -2.24 21.82 -46.60
CA CYS L 294 -1.13 20.89 -46.42
C CYS L 294 -0.74 20.72 -44.95
N ASN L 295 -1.11 21.65 -44.09
CA ASN L 295 -0.86 21.56 -42.65
C ASN L 295 -2.17 21.87 -41.94
N PRO L 296 -3.10 20.90 -41.90
CA PRO L 296 -4.46 21.19 -41.46
C PRO L 296 -4.69 21.18 -39.95
N LEU L 297 -3.78 20.63 -39.15
CA LEU L 297 -3.98 20.53 -37.72
C LEU L 297 -3.37 21.73 -37.01
N VAL L 298 -3.86 21.97 -35.79
CA VAL L 298 -3.20 22.96 -34.91
C VAL L 298 -1.79 22.50 -34.59
N ASN L 299 -1.62 21.21 -34.33
CA ASN L 299 -0.30 20.67 -34.00
C ASN L 299 0.68 20.77 -35.16
N SER L 300 0.18 20.86 -36.40
CA SER L 300 1.06 20.89 -37.56
C SER L 300 2.06 22.04 -37.47
N TYR L 301 1.59 23.20 -37.02
CA TYR L 301 2.43 24.38 -36.95
C TYR L 301 3.39 24.35 -35.77
N LYS L 302 3.27 23.34 -34.89
CA LYS L 302 4.34 23.06 -33.94
C LYS L 302 5.50 22.32 -34.57
N ARG L 303 5.29 21.68 -35.73
CA ARG L 303 6.39 21.12 -36.49
C ARG L 303 7.13 22.18 -37.27
N LEU L 304 6.42 23.19 -37.76
CA LEU L 304 7.03 24.26 -38.57
C LEU L 304 7.77 25.26 -37.67
N VAL L 305 8.78 24.74 -36.99
CA VAL L 305 9.66 25.55 -36.15
C VAL L 305 11.10 25.27 -36.57
N PRO L 306 12.00 26.23 -36.46
CA PRO L 306 13.37 26.01 -36.95
C PRO L 306 14.13 24.97 -36.13
N GLY L 307 15.06 24.30 -36.80
CA GLY L 307 15.97 23.37 -36.15
C GLY L 307 15.65 21.91 -36.34
N TYR L 308 14.52 21.57 -36.96
CA TYR L 308 14.13 20.17 -37.10
C TYR L 308 13.88 19.81 -38.56
N GLU L 309 14.54 20.52 -39.48
CA GLU L 309 14.53 20.29 -40.92
C GLU L 309 13.19 20.61 -41.58
N ALA L 310 12.18 20.96 -40.82
CA ALA L 310 10.91 21.34 -41.44
C ALA L 310 11.04 22.74 -42.04
N PRO L 311 10.44 22.99 -43.20
CA PRO L 311 10.52 24.32 -43.81
C PRO L 311 9.80 25.36 -42.98
N CYS L 312 10.40 26.55 -42.87
CA CYS L 312 9.80 27.66 -42.16
C CYS L 312 9.60 28.90 -43.01
N TYR L 313 10.28 29.01 -44.14
CA TYR L 313 10.09 30.13 -45.06
C TYR L 313 10.01 29.59 -46.48
N ILE L 314 9.61 30.47 -47.39
CA ILE L 314 9.29 30.10 -48.76
C ILE L 314 10.56 30.29 -49.59
N ALA L 315 11.24 29.19 -49.90
CA ALA L 315 12.44 29.22 -50.72
C ALA L 315 12.67 27.84 -51.33
N TRP L 316 13.49 27.80 -52.36
CA TRP L 316 13.85 26.55 -53.01
C TRP L 316 15.36 26.46 -53.13
N SER L 317 15.87 25.23 -53.11
CA SER L 317 17.30 24.99 -53.18
C SER L 317 17.56 23.56 -53.63
N GLY L 318 18.79 23.31 -54.05
CA GLY L 318 19.21 21.96 -54.39
C GLY L 318 19.97 21.31 -53.23
N LYS L 319 20.47 22.15 -52.32
CA LYS L 319 21.23 21.65 -51.17
C LYS L 319 21.05 22.66 -50.04
N ASN L 320 20.15 22.36 -49.10
CA ASN L 320 19.90 23.21 -47.96
C ASN L 320 19.32 22.37 -46.84
N ARG L 321 19.41 22.87 -45.62
CA ARG L 321 18.93 22.11 -44.47
C ARG L 321 17.40 21.95 -44.50
N SER L 322 16.68 23.05 -44.67
CA SER L 322 15.22 23.02 -44.66
C SER L 322 14.66 23.96 -45.72
N PRO L 323 14.79 23.59 -47.00
CA PRO L 323 14.13 24.35 -48.05
C PRO L 323 12.69 23.90 -48.22
N LEU L 324 11.83 24.85 -48.61
CA LEU L 324 10.45 24.50 -48.90
C LEU L 324 10.38 23.57 -50.11
N ILE L 325 11.16 23.84 -51.14
CA ILE L 325 11.23 23.01 -52.34
C ILE L 325 12.66 22.55 -52.51
N ARG L 326 12.85 21.24 -52.66
CA ARG L 326 14.14 20.65 -52.93
C ARG L 326 14.10 19.96 -54.30
N VAL L 327 15.17 20.12 -55.07
CA VAL L 327 15.31 19.47 -56.36
C VAL L 327 16.34 18.35 -56.20
N PRO L 328 15.93 17.09 -56.20
CA PRO L 328 16.89 15.99 -56.07
C PRO L 328 17.83 15.93 -57.26
N SER L 329 19.02 15.37 -57.02
CA SER L 329 20.06 15.29 -58.04
C SER L 329 19.72 14.32 -59.17
N SER L 330 18.69 13.50 -59.00
CA SER L 330 18.31 12.56 -60.05
C SER L 330 17.81 13.31 -61.28
N ARG L 331 18.09 12.74 -62.46
CA ARG L 331 17.72 13.34 -63.73
C ARG L 331 17.14 12.25 -64.61
N GLY L 332 16.95 12.57 -65.89
CA GLY L 332 16.35 11.61 -66.80
C GLY L 332 14.84 11.57 -66.62
N LEU L 333 14.31 10.35 -66.54
CA LEU L 333 12.88 10.17 -66.32
C LEU L 333 12.49 10.30 -64.86
N SER L 334 13.46 10.43 -63.95
CA SER L 334 13.19 10.49 -62.52
C SER L 334 13.35 11.88 -61.93
N THR L 335 13.55 12.90 -62.78
CA THR L 335 13.65 14.27 -62.27
C THR L 335 12.31 14.70 -61.69
N ARG L 336 12.35 15.34 -60.53
CA ARG L 336 11.13 15.68 -59.81
C ARG L 336 11.39 16.88 -58.91
N ILE L 337 10.30 17.43 -58.37
CA ILE L 337 10.34 18.56 -57.45
C ILE L 337 9.73 18.12 -56.14
N GLU L 338 10.44 18.35 -55.04
CA GLU L 338 10.03 17.87 -53.73
C GLU L 338 9.48 19.04 -52.91
N VAL L 339 8.19 18.98 -52.59
CA VAL L 339 7.56 19.91 -51.66
C VAL L 339 7.61 19.28 -50.27
N ARG L 340 8.24 19.96 -49.33
CA ARG L 340 8.55 19.40 -48.02
C ARG L 340 7.66 19.92 -46.91
N SER L 341 6.68 20.77 -47.21
CA SER L 341 5.82 21.33 -46.17
C SER L 341 4.68 20.40 -45.78
N VAL L 342 4.39 19.38 -46.60
CA VAL L 342 3.26 18.50 -46.33
C VAL L 342 3.57 17.60 -45.14
N ASP L 343 2.59 17.44 -44.26
CA ASP L 343 2.68 16.54 -43.12
C ASP L 343 1.72 15.38 -43.31
N PRO L 344 1.96 14.24 -42.63
CA PRO L 344 1.12 13.06 -42.87
C PRO L 344 -0.33 13.21 -42.44
N ALA L 345 -0.69 14.26 -41.71
CA ALA L 345 -2.07 14.48 -41.31
C ALA L 345 -2.91 15.12 -42.41
N ALA L 346 -2.29 15.63 -43.46
CA ALA L 346 -3.03 16.29 -44.52
C ALA L 346 -3.79 15.28 -45.38
N ASN L 347 -4.89 15.73 -45.96
CA ASN L 347 -5.61 14.92 -46.92
C ASN L 347 -4.79 14.82 -48.20
N PRO L 348 -4.42 13.63 -48.65
CA PRO L 348 -3.56 13.53 -49.84
C PRO L 348 -4.19 14.12 -51.09
N TYR L 349 -5.48 13.88 -51.31
CA TYR L 349 -6.14 14.38 -52.52
C TYR L 349 -6.13 15.89 -52.56
N MET L 350 -6.51 16.54 -51.45
CA MET L 350 -6.60 17.99 -51.43
C MET L 350 -5.23 18.64 -51.53
N ALA L 351 -4.25 18.10 -50.81
CA ALA L 351 -2.89 18.65 -50.88
C ALA L 351 -2.31 18.50 -52.27
N LEU L 352 -2.49 17.33 -52.90
CA LEU L 352 -1.99 17.13 -54.25
C LEU L 352 -2.68 18.06 -55.24
N ALA L 353 -4.00 18.24 -55.10
CA ALA L 353 -4.72 19.15 -55.98
C ALA L 353 -4.23 20.57 -55.82
N ALA L 354 -4.00 21.01 -54.59
CA ALA L 354 -3.51 22.36 -54.35
C ALA L 354 -2.12 22.56 -54.96
N ILE L 355 -1.23 21.59 -54.75
CA ILE L 355 0.13 21.71 -55.29
C ILE L 355 0.09 21.72 -56.82
N LEU L 356 -0.70 20.84 -57.42
CA LEU L 356 -0.80 20.81 -58.88
C LEU L 356 -1.37 22.11 -59.42
N GLU L 357 -2.39 22.66 -58.76
CA GLU L 357 -2.97 23.91 -59.21
C GLU L 357 -1.98 25.06 -59.11
N ALA L 358 -1.21 25.12 -58.02
CA ALA L 358 -0.20 26.16 -57.90
C ALA L 358 0.87 26.02 -58.99
N GLY L 359 1.31 24.79 -59.25
CA GLY L 359 2.29 24.59 -60.31
C GLY L 359 1.76 24.99 -61.68
N LEU L 360 0.51 24.62 -61.98
CA LEU L 360 -0.09 25.00 -63.26
C LEU L 360 -0.29 26.50 -63.35
N ASP L 361 -0.64 27.16 -62.25
CA ASP L 361 -0.77 28.61 -62.25
C ASP L 361 0.57 29.27 -62.56
N GLY L 362 1.64 28.73 -62.00
CA GLY L 362 2.96 29.22 -62.36
C GLY L 362 3.31 28.95 -63.81
N ILE L 363 2.89 27.80 -64.33
CA ILE L 363 3.24 27.42 -65.69
C ILE L 363 2.56 28.32 -66.70
N LYS L 364 1.25 28.54 -66.56
CA LYS L 364 0.52 29.30 -67.56
C LYS L 364 0.64 30.81 -67.37
N ASN L 365 1.29 31.27 -66.31
CA ASN L 365 1.61 32.67 -66.14
C ASN L 365 3.06 32.98 -66.47
N LYS L 366 3.87 31.95 -66.77
CA LYS L 366 5.28 32.12 -67.12
C LYS L 366 6.02 32.91 -66.05
N LEU L 367 5.79 32.54 -64.80
CA LEU L 367 6.45 33.21 -63.68
C LEU L 367 7.95 32.90 -63.69
N LYS L 368 8.72 33.83 -63.14
CA LYS L 368 10.17 33.69 -63.06
C LYS L 368 10.53 33.20 -61.67
N VAL L 369 11.20 32.05 -61.60
CA VAL L 369 11.58 31.47 -60.31
C VAL L 369 12.63 32.34 -59.64
N PRO L 370 12.52 32.60 -58.34
CA PRO L 370 13.57 33.39 -57.66
C PRO L 370 14.85 32.60 -57.53
N GLU L 371 15.90 33.29 -57.09
CA GLU L 371 17.20 32.67 -56.95
C GLU L 371 17.17 31.60 -55.87
N PRO L 372 17.80 30.45 -56.10
CA PRO L 372 17.87 29.42 -55.06
C PRO L 372 18.69 29.89 -53.87
N VAL L 373 18.33 29.40 -52.70
CA VAL L 373 19.05 29.77 -51.49
C VAL L 373 20.20 28.81 -51.25
N ASN L 374 21.28 29.33 -50.67
CA ASN L 374 22.45 28.53 -50.35
C ASN L 374 22.87 28.75 -48.91
N GLN L 375 24.06 28.28 -48.54
CA GLN L 375 24.44 28.16 -47.15
C GLN L 375 24.42 29.49 -46.39
N ASN L 376 24.61 30.62 -47.07
CA ASN L 376 24.66 31.89 -46.34
C ASN L 376 23.29 32.51 -46.18
N ILE L 377 22.34 31.71 -45.69
CA ILE L 377 21.00 32.19 -45.33
C ILE L 377 20.76 31.80 -43.89
N TYR L 378 21.60 30.91 -43.37
CA TYR L 378 21.50 30.51 -41.97
C TYR L 378 21.74 31.69 -41.04
N GLU L 379 22.60 32.63 -41.46
CA GLU L 379 22.86 33.86 -40.71
C GLU L 379 22.03 34.97 -41.35
N MET L 380 20.74 35.01 -41.01
CA MET L 380 19.84 36.04 -41.51
C MET L 380 18.61 36.06 -40.62
N ASN L 381 18.25 37.25 -40.14
CA ASN L 381 17.00 37.42 -39.40
C ASN L 381 15.83 37.47 -40.37
N ARG L 382 14.62 37.57 -39.80
CA ARG L 382 13.43 37.65 -40.65
C ARG L 382 13.38 38.94 -41.45
N GLU L 383 13.89 40.04 -40.89
CA GLU L 383 13.87 41.32 -41.59
C GLU L 383 14.74 41.26 -42.85
N GLU L 384 15.97 40.77 -42.72
CA GLU L 384 16.85 40.64 -43.88
C GLU L 384 16.30 39.62 -44.87
N ARG L 385 15.71 38.54 -44.37
CA ARG L 385 15.12 37.52 -45.25
C ARG L 385 13.99 38.12 -46.08
N GLU L 386 13.14 38.94 -45.46
CA GLU L 386 12.07 39.60 -46.20
C GLU L 386 12.61 40.67 -47.14
N ALA L 387 13.70 41.35 -46.76
CA ALA L 387 14.32 42.33 -47.64
C ALA L 387 14.86 41.66 -48.90
N VAL L 388 15.47 40.49 -48.76
CA VAL L 388 15.89 39.71 -49.92
C VAL L 388 14.71 39.24 -50.75
N GLY L 389 13.59 38.92 -50.12
CA GLY L 389 12.41 38.44 -50.82
C GLY L 389 11.92 37.08 -50.39
N ILE L 390 12.37 36.57 -49.25
CA ILE L 390 11.99 35.25 -48.77
C ILE L 390 10.83 35.45 -47.78
N GLN L 391 9.64 35.04 -48.17
CA GLN L 391 8.49 35.14 -47.31
C GLN L 391 8.46 33.97 -46.33
N ASP L 392 7.78 34.19 -45.21
CA ASP L 392 7.65 33.18 -44.16
C ASP L 392 6.32 32.45 -44.28
N LEU L 393 6.33 31.16 -43.97
CA LEU L 393 5.11 30.39 -43.90
C LEU L 393 4.29 30.84 -42.68
N PRO L 394 2.97 30.71 -42.73
CA PRO L 394 2.16 31.05 -41.56
C PRO L 394 2.56 30.20 -40.36
N SER L 395 2.56 30.84 -39.18
CA SER L 395 3.04 30.20 -37.97
C SER L 395 1.94 29.55 -37.15
N THR L 396 0.68 29.90 -37.39
CA THR L 396 -0.44 29.31 -36.68
C THR L 396 -1.54 28.95 -37.67
N LEU L 397 -2.43 28.05 -37.24
CA LEU L 397 -3.57 27.69 -38.07
C LEU L 397 -4.49 28.87 -38.31
N TYR L 398 -4.60 29.78 -37.34
CA TYR L 398 -5.42 30.97 -37.51
C TYR L 398 -4.88 31.85 -38.65
N THR L 399 -3.59 32.17 -38.60
CA THR L 399 -2.99 32.96 -39.67
C THR L 399 -2.93 32.18 -40.98
N ALA L 400 -2.81 30.86 -40.92
CA ALA L 400 -2.85 30.07 -42.15
C ALA L 400 -4.22 30.16 -42.82
N LEU L 401 -5.30 30.10 -42.03
CA LEU L 401 -6.63 30.28 -42.59
C LEU L 401 -6.81 31.69 -43.11
N LYS L 402 -6.25 32.68 -42.41
CA LYS L 402 -6.29 34.06 -42.90
C LYS L 402 -5.64 34.18 -44.27
N ALA L 403 -4.47 33.56 -44.43
CA ALA L 403 -3.79 33.57 -45.73
C ALA L 403 -4.56 32.79 -46.78
N MET L 404 -5.15 31.66 -46.41
CA MET L 404 -5.93 30.85 -47.35
C MET L 404 -7.15 31.60 -47.85
N ARG L 405 -7.77 32.41 -47.00
CA ARG L 405 -8.94 33.19 -47.42
C ARG L 405 -8.59 34.28 -48.43
N GLU L 406 -7.31 34.58 -48.62
CA GLU L 406 -6.88 35.62 -49.54
C GLU L 406 -6.26 35.09 -50.83
N ASN L 407 -6.27 33.78 -51.03
CA ASN L 407 -5.66 33.15 -52.21
C ASN L 407 -6.76 32.59 -53.10
N GLU L 408 -6.70 32.90 -54.39
CA GLU L 408 -7.69 32.41 -55.34
C GLU L 408 -7.32 31.05 -55.90
N VAL L 409 -6.03 30.74 -55.98
CA VAL L 409 -5.59 29.48 -56.56
C VAL L 409 -6.05 28.30 -55.71
N ILE L 410 -5.97 28.44 -54.38
CA ILE L 410 -6.41 27.35 -53.51
C ILE L 410 -7.92 27.13 -53.63
N LYS L 411 -8.68 28.22 -53.74
CA LYS L 411 -10.12 28.09 -53.93
C LYS L 411 -10.44 27.40 -55.25
N LYS L 412 -9.74 27.76 -56.32
CA LYS L 412 -9.94 27.10 -57.60
C LYS L 412 -9.58 25.62 -57.52
N ALA L 413 -8.50 25.30 -56.82
CA ALA L 413 -8.08 23.90 -56.68
C ALA L 413 -9.11 23.08 -55.91
N LEU L 414 -9.65 23.64 -54.83
CA LEU L 414 -10.52 22.87 -53.96
C LEU L 414 -11.97 22.84 -54.41
N GLY L 415 -12.44 23.84 -55.15
CA GLY L 415 -13.87 23.92 -55.43
C GLY L 415 -14.57 24.65 -54.31
N ASN L 416 -15.70 25.29 -54.61
CA ASN L 416 -16.35 26.14 -53.62
C ASN L 416 -16.82 25.34 -52.41
N HIS L 417 -17.42 24.17 -52.65
CA HIS L 417 -17.96 23.38 -51.55
C HIS L 417 -16.86 22.95 -50.59
N ILE L 418 -15.80 22.33 -51.12
CA ILE L 418 -14.71 21.85 -50.28
C ILE L 418 -14.01 23.03 -49.59
N TYR L 419 -13.80 24.12 -50.33
CA TYR L 419 -13.16 25.29 -49.76
C TYR L 419 -13.93 25.82 -48.54
N ASN L 420 -15.24 26.02 -48.72
CA ASN L 420 -16.04 26.57 -47.62
C ASN L 420 -16.12 25.59 -46.45
N GLN L 421 -16.31 24.30 -46.73
CA GLN L 421 -16.42 23.34 -45.64
C GLN L 421 -15.11 23.24 -44.86
N PHE L 422 -13.98 23.22 -45.56
CA PHE L 422 -12.68 23.18 -44.90
C PHE L 422 -12.46 24.41 -44.04
N ILE L 423 -12.80 25.58 -44.58
CA ILE L 423 -12.60 26.82 -43.81
C ILE L 423 -13.47 26.80 -42.55
N ASN L 424 -14.73 26.39 -42.68
CA ASN L 424 -15.62 26.34 -41.51
C ASN L 424 -15.09 25.35 -40.47
N SER L 425 -14.69 24.16 -40.92
CA SER L 425 -14.21 23.15 -39.98
C SER L 425 -12.97 23.63 -39.25
N LYS L 426 -12.01 24.21 -39.98
CA LYS L 426 -10.78 24.64 -39.34
C LYS L 426 -10.99 25.85 -38.44
N SER L 427 -11.90 26.75 -38.82
CA SER L 427 -12.23 27.86 -37.94
C SER L 427 -12.83 27.37 -36.63
N ILE L 428 -13.74 26.39 -36.71
CA ILE L 428 -14.34 25.84 -35.50
C ILE L 428 -13.27 25.17 -34.64
N GLU L 429 -12.38 24.40 -35.28
CA GLU L 429 -11.31 23.73 -34.53
C GLU L 429 -10.41 24.73 -33.83
N TRP L 430 -10.00 25.78 -34.54
CA TRP L 430 -9.15 26.80 -33.92
C TRP L 430 -9.88 27.52 -32.80
N ASP L 431 -11.18 27.79 -32.98
CA ASP L 431 -11.94 28.45 -31.94
C ASP L 431 -12.00 27.61 -30.67
N TYR L 432 -12.18 26.30 -30.83
CA TYR L 432 -12.15 25.42 -29.65
C TYR L 432 -10.76 25.35 -29.03
N TYR L 433 -9.72 25.38 -29.86
CA TYR L 433 -8.36 25.28 -29.32
C TYR L 433 -7.95 26.54 -28.55
N ARG L 434 -8.34 27.71 -29.05
CA ARG L 434 -7.82 28.97 -28.50
C ARG L 434 -8.33 29.28 -27.11
N THR L 435 -9.46 28.70 -26.70
CA THR L 435 -10.03 28.99 -25.38
C THR L 435 -9.45 28.11 -24.28
N GLN L 436 -8.63 27.13 -24.62
CA GLN L 436 -8.06 26.24 -23.61
C GLN L 436 -6.92 26.93 -22.87
N VAL L 437 -6.77 26.59 -21.60
CA VAL L 437 -5.67 27.08 -20.78
C VAL L 437 -4.64 25.96 -20.68
N SER L 438 -3.47 26.20 -21.24
CA SER L 438 -2.45 25.16 -21.32
C SER L 438 -1.65 25.08 -20.03
N GLU L 439 -0.96 23.94 -19.87
CA GLU L 439 -0.08 23.76 -18.72
C GLU L 439 1.10 24.70 -18.75
N TRP L 440 1.54 25.11 -19.95
CA TRP L 440 2.63 26.08 -20.05
C TRP L 440 2.26 27.40 -19.40
N GLU L 441 1.03 27.86 -19.62
CA GLU L 441 0.58 29.10 -18.99
C GLU L 441 0.52 28.97 -17.48
N ARG L 442 0.04 27.82 -16.97
CA ARG L 442 -0.04 27.63 -15.54
C ARG L 442 1.34 27.50 -14.90
N ASP L 443 2.33 27.05 -15.67
CA ASP L 443 3.70 26.99 -15.15
C ASP L 443 4.37 28.36 -15.17
N GLN L 444 4.25 29.08 -16.28
CA GLN L 444 4.88 30.39 -16.38
C GLN L 444 4.21 31.40 -15.46
N TYR L 445 2.88 31.44 -15.46
CA TYR L 445 2.09 32.32 -14.62
C TYR L 445 1.55 31.55 -13.43
N MET L 446 0.63 32.18 -12.69
CA MET L 446 -0.05 31.68 -11.50
C MET L 446 0.86 31.71 -10.28
N LYS L 447 2.15 32.01 -10.43
CA LYS L 447 3.01 32.26 -9.29
C LYS L 447 3.76 33.56 -9.49
N GLN L 448 4.06 33.90 -10.76
CA GLN L 448 4.67 35.18 -11.07
C GLN L 448 3.66 36.30 -11.16
N TYR L 449 2.37 35.97 -11.26
CA TYR L 449 1.32 36.98 -11.34
C TYR L 449 0.18 36.63 -10.39
N PRO M 1 24.83 -30.26 25.19
CA PRO M 1 24.64 -31.66 24.80
C PRO M 1 25.71 -32.14 23.83
N ILE M 2 26.13 -33.40 23.96
CA ILE M 2 27.15 -33.93 23.07
C ILE M 2 26.65 -33.99 21.63
N ASN M 3 25.42 -34.47 21.44
CA ASN M 3 24.83 -34.54 20.11
C ASN M 3 24.00 -33.30 19.79
N ARG M 4 24.67 -32.13 19.82
CA ARG M 4 23.99 -30.87 19.54
C ARG M 4 23.42 -30.86 18.14
N GLY M 5 24.15 -31.40 17.16
CA GLY M 5 23.69 -31.42 15.79
C GLY M 5 22.43 -32.22 15.57
N ASP M 6 22.25 -33.31 16.29
CA ASP M 6 21.07 -34.16 16.14
C ASP M 6 19.85 -33.61 16.88
N LEU M 7 20.03 -32.64 17.78
CA LEU M 7 18.94 -32.05 18.52
C LEU M 7 18.54 -30.67 18.00
N SER M 8 18.92 -30.35 16.76
CA SER M 8 18.66 -29.03 16.20
C SER M 8 17.17 -28.74 16.06
N ARG M 9 16.33 -29.77 15.99
CA ARG M 9 14.89 -29.53 15.87
C ARG M 9 14.32 -28.87 17.12
N PHE M 10 14.88 -29.18 18.30
CA PHE M 10 14.40 -28.61 19.54
C PHE M 10 15.04 -27.27 19.87
N ILE M 11 16.12 -26.91 19.21
CA ILE M 11 16.80 -25.64 19.48
C ILE M 11 16.69 -24.72 18.27
N THR N 8 -40.18 -21.81 -45.07
CA THR N 8 -41.25 -22.62 -44.51
C THR N 8 -40.74 -24.00 -44.08
N PHE N 9 -41.22 -24.47 -42.94
CA PHE N 9 -40.82 -25.76 -42.40
C PHE N 9 -42.04 -26.50 -41.89
N THR N 10 -41.94 -27.82 -41.86
CA THR N 10 -42.97 -28.69 -41.32
C THR N 10 -42.36 -29.54 -40.21
N LYS N 11 -43.18 -30.40 -39.61
CA LYS N 11 -42.70 -31.24 -38.52
C LYS N 11 -41.60 -32.19 -38.99
N GLU N 12 -41.76 -32.77 -40.18
CA GLU N 12 -40.75 -33.67 -40.70
C GLU N 12 -39.42 -32.95 -40.93
N ASP N 13 -39.48 -31.71 -41.42
CA ASP N 13 -38.26 -30.93 -41.60
C ASP N 13 -37.57 -30.68 -40.26
N ILE N 14 -38.34 -30.37 -39.22
CA ILE N 14 -37.75 -30.13 -37.90
C ILE N 14 -37.12 -31.41 -37.37
N ARG N 15 -37.78 -32.55 -37.52
CA ARG N 15 -37.22 -33.81 -37.06
C ARG N 15 -35.93 -34.13 -37.82
N LYS N 16 -35.92 -33.92 -39.13
CA LYS N 16 -34.72 -34.17 -39.92
C LYS N 16 -33.58 -33.25 -39.50
N PHE N 17 -33.88 -31.97 -39.25
CA PHE N 17 -32.85 -31.04 -38.81
C PHE N 17 -32.29 -31.45 -37.45
N ALA N 18 -33.16 -31.87 -36.53
CA ALA N 18 -32.69 -32.32 -35.23
C ALA N 18 -31.82 -33.57 -35.36
N GLU N 19 -32.19 -34.50 -36.24
CA GLU N 19 -31.43 -35.73 -36.40
C GLU N 19 -30.08 -35.51 -37.06
N GLU N 20 -30.02 -34.74 -38.15
CA GLU N 20 -28.76 -34.56 -38.87
C GLU N 20 -27.79 -33.66 -38.13
N GLU N 21 -28.30 -32.58 -37.52
CA GLU N 21 -27.43 -31.60 -36.87
C GLU N 21 -27.10 -31.96 -35.43
N ASN N 22 -27.66 -33.05 -34.90
CA ASN N 22 -27.42 -33.48 -33.52
C ASN N 22 -27.79 -32.37 -32.53
N VAL N 23 -29.02 -31.86 -32.67
CA VAL N 23 -29.53 -30.87 -31.73
C VAL N 23 -29.83 -31.56 -30.42
N ARG N 24 -29.29 -31.03 -29.32
CA ARG N 24 -29.47 -31.59 -28.00
C ARG N 24 -30.24 -30.67 -27.06
N TYR N 25 -30.53 -29.44 -27.48
CA TYR N 25 -31.16 -28.46 -26.61
C TYR N 25 -32.11 -27.61 -27.44
N LEU N 26 -33.29 -27.33 -26.90
CA LEU N 26 -34.29 -26.52 -27.57
C LEU N 26 -34.67 -25.33 -26.70
N ARG N 27 -34.78 -24.17 -27.32
CA ARG N 27 -35.20 -22.94 -26.66
C ARG N 27 -36.52 -22.50 -27.26
N LEU N 28 -37.59 -22.57 -26.47
CA LEU N 28 -38.89 -22.05 -26.87
C LEU N 28 -38.92 -20.59 -26.48
N GLN N 29 -38.80 -19.71 -27.47
CA GLN N 29 -38.55 -18.29 -27.24
C GLN N 29 -39.83 -17.48 -27.44
N PHE N 30 -40.07 -16.54 -26.54
CA PHE N 30 -41.19 -15.62 -26.62
C PHE N 30 -40.76 -14.29 -26.01
N THR N 31 -41.70 -13.36 -25.91
CA THR N 31 -41.41 -12.03 -25.38
C THR N 31 -42.54 -11.58 -24.49
N ASP N 32 -42.22 -10.68 -23.57
CA ASP N 32 -43.19 -10.05 -22.68
C ASP N 32 -43.49 -8.64 -23.16
N ILE N 33 -44.31 -7.92 -22.40
CA ILE N 33 -44.69 -6.56 -22.78
C ILE N 33 -43.54 -5.57 -22.66
N LEU N 34 -42.46 -5.94 -21.97
CA LEU N 34 -41.30 -5.07 -21.85
C LEU N 34 -40.25 -5.34 -22.90
N GLY N 35 -40.50 -6.27 -23.82
CA GLY N 35 -39.56 -6.59 -24.87
C GLY N 35 -38.45 -7.54 -24.47
N THR N 36 -38.44 -8.00 -23.21
CA THR N 36 -37.41 -8.94 -22.78
C THR N 36 -37.60 -10.29 -23.47
N ILE N 37 -36.48 -10.88 -23.88
CA ILE N 37 -36.51 -12.17 -24.55
C ILE N 37 -36.59 -13.25 -23.47
N LYS N 38 -37.74 -13.91 -23.38
CA LYS N 38 -37.95 -15.00 -22.45
C LYS N 38 -37.88 -16.32 -23.20
N ASN N 39 -37.57 -17.40 -22.48
CA ASN N 39 -37.49 -18.69 -23.13
C ASN N 39 -37.71 -19.80 -22.12
N VAL N 40 -38.15 -20.94 -22.63
CA VAL N 40 -38.24 -22.18 -21.87
C VAL N 40 -37.26 -23.16 -22.49
N GLU N 41 -36.38 -23.72 -21.66
CA GLU N 41 -35.39 -24.67 -22.14
C GLU N 41 -35.93 -26.09 -22.05
N VAL N 42 -35.60 -26.90 -23.05
CA VAL N 42 -36.12 -28.25 -23.13
C VAL N 42 -35.06 -29.18 -23.71
N PRO N 43 -34.98 -30.43 -23.25
CA PRO N 43 -34.12 -31.40 -23.92
C PRO N 43 -34.77 -31.88 -25.21
N VAL N 44 -33.92 -32.28 -26.16
CA VAL N 44 -34.43 -32.67 -27.49
C VAL N 44 -35.36 -33.88 -27.40
N SER N 45 -35.26 -34.67 -26.34
CA SER N 45 -36.18 -35.80 -26.15
C SER N 45 -37.62 -35.35 -25.97
N GLN N 46 -37.84 -34.07 -25.66
CA GLN N 46 -39.18 -33.52 -25.56
C GLN N 46 -39.69 -32.96 -26.88
N LEU N 47 -38.92 -33.13 -27.96
CA LEU N 47 -39.23 -32.48 -29.24
C LEU N 47 -40.66 -32.76 -29.67
N GLU N 48 -41.08 -34.02 -29.62
CA GLU N 48 -42.43 -34.36 -30.03
C GLU N 48 -43.45 -33.60 -29.22
N LYS N 49 -43.28 -33.56 -27.90
CA LYS N 49 -44.20 -32.80 -27.05
C LYS N 49 -44.18 -31.31 -27.42
N VAL N 50 -43.03 -30.81 -27.86
CA VAL N 50 -42.97 -29.43 -28.35
C VAL N 50 -43.82 -29.28 -29.61
N LEU N 51 -43.74 -30.24 -30.52
CA LEU N 51 -44.45 -30.11 -31.79
C LEU N 51 -45.95 -30.33 -31.65
N ASP N 52 -46.41 -30.89 -30.54
CA ASP N 52 -47.84 -31.12 -30.31
C ASP N 52 -48.51 -29.95 -29.61
N ASN N 53 -47.80 -28.83 -29.42
CA ASN N 53 -48.33 -27.65 -28.73
C ASN N 53 -48.81 -28.02 -27.32
N GLU N 54 -48.05 -28.86 -26.64
CA GLU N 54 -48.42 -29.34 -25.31
C GLU N 54 -47.48 -28.85 -24.22
N MET N 55 -46.47 -28.07 -24.56
CA MET N 55 -45.56 -27.54 -23.56
C MET N 55 -46.25 -26.45 -22.76
N MET N 56 -46.16 -26.54 -21.44
CA MET N 56 -46.89 -25.67 -20.52
C MET N 56 -45.92 -24.85 -19.68
N PHE N 57 -46.32 -23.63 -19.36
CA PHE N 57 -45.50 -22.73 -18.56
C PHE N 57 -46.41 -21.73 -17.85
N ASP N 58 -45.78 -20.84 -17.08
CA ASP N 58 -46.52 -19.93 -16.21
C ASP N 58 -47.43 -19.01 -17.02
N GLY N 59 -46.88 -18.34 -18.02
CA GLY N 59 -47.68 -17.44 -18.83
C GLY N 59 -47.86 -16.06 -18.21
N SER N 60 -47.85 -15.98 -16.88
CA SER N 60 -47.95 -14.64 -16.23
C SER N 60 -46.60 -13.91 -16.31
N SER N 61 -45.53 -14.61 -16.70
CA SER N 61 -44.26 -13.92 -16.92
C SER N 61 -44.38 -12.87 -18.03
N ILE N 62 -45.35 -13.04 -18.94
CA ILE N 62 -45.59 -12.04 -19.98
C ILE N 62 -45.91 -10.68 -19.35
N GLU N 63 -46.50 -10.68 -18.16
CA GLU N 63 -46.82 -9.42 -17.50
C GLU N 63 -45.59 -8.68 -17.00
N GLY N 64 -44.42 -9.32 -17.00
CA GLY N 64 -43.23 -8.62 -16.55
C GLY N 64 -43.15 -8.63 -15.03
N PHE N 65 -42.91 -7.45 -14.45
CA PHE N 65 -42.74 -7.33 -13.01
C PHE N 65 -44.03 -6.97 -12.28
N VAL N 66 -45.16 -6.92 -12.98
CA VAL N 66 -46.45 -6.65 -12.35
C VAL N 66 -47.31 -7.91 -12.28
N ARG N 67 -46.70 -9.08 -12.51
CA ARG N 67 -47.43 -10.33 -12.37
C ARG N 67 -47.78 -10.58 -10.91
N ILE N 68 -48.94 -11.20 -10.70
CA ILE N 68 -49.43 -11.45 -9.34
C ILE N 68 -49.58 -12.95 -9.10
N GLU N 69 -50.43 -13.59 -9.88
CA GLU N 69 -50.77 -15.00 -9.68
C GLU N 69 -50.20 -15.84 -10.81
N GLU N 70 -49.70 -17.03 -10.45
CA GLU N 70 -49.19 -17.97 -11.44
C GLU N 70 -50.35 -18.54 -12.25
N SER N 71 -50.22 -18.49 -13.57
CA SER N 71 -51.22 -19.03 -14.47
C SER N 71 -50.66 -20.28 -15.15
N ASP N 72 -51.46 -20.84 -16.07
CA ASP N 72 -51.07 -22.01 -16.83
C ASP N 72 -51.37 -21.74 -18.29
N MET N 73 -50.33 -21.72 -19.14
CA MET N 73 -50.50 -21.42 -20.55
C MET N 73 -49.66 -22.37 -21.38
N TYR N 74 -50.03 -22.52 -22.65
CA TYR N 74 -49.38 -23.43 -23.57
C TYR N 74 -48.55 -22.65 -24.59
N LEU N 75 -47.49 -23.29 -25.07
CA LEU N 75 -46.62 -22.72 -26.09
C LEU N 75 -46.89 -23.41 -27.42
N HIS N 76 -47.24 -22.63 -28.44
CA HIS N 76 -47.43 -23.15 -29.79
C HIS N 76 -46.29 -22.63 -30.66
N PRO N 77 -45.31 -23.47 -31.03
CA PRO N 77 -44.19 -22.96 -31.82
C PRO N 77 -44.60 -22.63 -33.25
N ASP N 78 -43.87 -21.68 -33.84
CA ASP N 78 -43.99 -21.34 -35.24
C ASP N 78 -42.81 -21.99 -35.96
N LEU N 79 -43.10 -22.96 -36.82
CA LEU N 79 -42.05 -23.77 -37.42
C LEU N 79 -41.18 -22.98 -38.40
N ASP N 80 -41.69 -21.87 -38.93
CA ASP N 80 -40.91 -21.07 -39.86
C ASP N 80 -39.78 -20.30 -39.19
N THR N 81 -39.80 -20.18 -37.87
CA THR N 81 -38.78 -19.45 -37.13
C THR N 81 -37.64 -20.35 -36.68
N TRP N 82 -37.62 -21.62 -37.12
CA TRP N 82 -36.58 -22.54 -36.72
C TRP N 82 -35.21 -22.06 -37.19
N VAL N 83 -34.23 -22.09 -36.29
CA VAL N 83 -32.85 -21.74 -36.61
C VAL N 83 -31.96 -22.37 -35.56
N ILE N 84 -30.76 -22.74 -35.96
CA ILE N 84 -29.79 -23.41 -35.09
C ILE N 84 -28.64 -22.46 -34.82
N PHE N 85 -28.34 -22.25 -33.54
CA PHE N 85 -27.27 -21.35 -33.16
C PHE N 85 -25.91 -22.00 -33.44
N PRO N 86 -24.91 -21.21 -33.83
CA PRO N 86 -23.60 -21.79 -34.17
C PRO N 86 -22.70 -21.99 -32.96
N TRP N 87 -23.26 -21.90 -31.77
CA TRP N 87 -22.49 -22.09 -30.54
C TRP N 87 -22.91 -23.37 -29.82
N GLY N 92 -22.92 -30.93 -28.39
CA GLY N 92 -24.11 -30.79 -29.20
C GLY N 92 -24.40 -29.37 -29.62
N LYS N 93 -25.57 -29.14 -30.18
CA LYS N 93 -25.98 -27.83 -30.66
C LYS N 93 -27.27 -27.39 -29.97
N VAL N 94 -27.56 -26.11 -30.07
CA VAL N 94 -28.76 -25.50 -29.50
C VAL N 94 -29.58 -24.91 -30.63
N ALA N 95 -30.87 -25.24 -30.65
CA ALA N 95 -31.81 -24.69 -31.62
C ALA N 95 -32.90 -23.92 -30.88
N ARG N 96 -33.60 -23.06 -31.62
CA ARG N 96 -34.63 -22.23 -31.03
C ARG N 96 -35.88 -22.30 -31.89
N LEU N 97 -37.03 -22.06 -31.26
CA LEU N 97 -38.29 -21.88 -31.93
C LEU N 97 -39.06 -20.77 -31.23
N ILE N 98 -39.58 -19.83 -32.00
CA ILE N 98 -40.38 -18.75 -31.46
C ILE N 98 -41.82 -19.23 -31.35
N CYS N 99 -42.39 -19.09 -30.16
CA CYS N 99 -43.70 -19.67 -29.87
C CYS N 99 -44.70 -18.58 -29.49
N ASP N 100 -45.94 -18.80 -29.89
CA ASP N 100 -47.05 -17.98 -29.43
C ASP N 100 -47.64 -18.59 -28.16
N VAL N 101 -48.25 -17.75 -27.34
CA VAL N 101 -48.79 -18.16 -26.04
C VAL N 101 -50.29 -18.34 -26.18
N TYR N 102 -50.78 -19.50 -25.78
CA TYR N 102 -52.20 -19.82 -25.84
C TYR N 102 -52.74 -20.10 -24.45
N LYS N 103 -54.00 -19.75 -24.23
CA LYS N 103 -54.64 -20.04 -22.96
C LYS N 103 -55.07 -21.51 -22.92
N THR N 104 -55.60 -21.92 -21.77
CA THR N 104 -56.05 -23.30 -21.62
C THR N 104 -57.30 -23.61 -22.41
N ASP N 105 -57.96 -22.60 -22.99
CA ASP N 105 -59.17 -22.80 -23.78
C ASP N 105 -58.89 -22.86 -25.27
N GLY N 106 -57.62 -22.93 -25.66
CA GLY N 106 -57.25 -23.04 -27.05
C GLY N 106 -57.18 -21.74 -27.81
N THR N 107 -57.43 -20.61 -27.16
CA THR N 107 -57.36 -19.33 -27.86
C THR N 107 -56.08 -18.58 -27.48
N PRO N 108 -55.54 -17.79 -28.40
CA PRO N 108 -54.29 -17.06 -28.11
C PRO N 108 -54.47 -16.08 -26.95
N PHE N 109 -53.43 -15.95 -26.13
CA PHE N 109 -53.46 -15.05 -25.00
C PHE N 109 -53.50 -13.60 -25.49
N GLU N 110 -54.42 -12.81 -24.95
CA GLU N 110 -54.57 -11.43 -25.40
C GLU N 110 -53.44 -10.53 -24.92
N GLY N 111 -52.64 -10.97 -23.95
CA GLY N 111 -51.51 -10.21 -23.47
C GLY N 111 -50.20 -10.47 -24.18
N ASP N 112 -50.20 -11.28 -25.24
CA ASP N 112 -48.98 -11.59 -25.97
C ASP N 112 -48.78 -10.56 -27.07
N PRO N 113 -47.66 -9.81 -27.08
CA PRO N 113 -47.48 -8.78 -28.11
C PRO N 113 -47.46 -9.33 -29.53
N ARG N 114 -46.91 -10.53 -29.73
CA ARG N 114 -46.85 -11.10 -31.07
C ARG N 114 -48.26 -11.38 -31.61
N ALA N 115 -49.11 -11.96 -30.77
CA ALA N 115 -50.50 -12.19 -31.17
C ALA N 115 -51.23 -10.88 -31.42
N ASN N 116 -50.94 -9.85 -30.63
CA ASN N 116 -51.55 -8.54 -30.86
C ASN N 116 -51.14 -7.97 -32.22
N LEU N 117 -49.85 -8.08 -32.56
CA LEU N 117 -49.40 -7.60 -33.87
C LEU N 117 -50.04 -8.40 -34.99
N LYS N 118 -50.19 -9.71 -34.80
CA LYS N 118 -50.85 -10.53 -35.81
C LYS N 118 -52.30 -10.12 -36.00
N ARG N 119 -53.00 -9.83 -34.89
CA ARG N 119 -54.38 -9.36 -34.99
C ARG N 119 -54.46 -8.02 -35.70
N VAL N 120 -53.54 -7.10 -35.40
CA VAL N 120 -53.54 -5.80 -36.07
C VAL N 120 -53.29 -5.97 -37.56
N LEU N 121 -52.36 -6.85 -37.95
CA LEU N 121 -52.13 -7.12 -39.36
C LEU N 121 -53.36 -7.73 -40.02
N LYS N 122 -54.03 -8.65 -39.32
CA LYS N 122 -55.23 -9.27 -39.88
C LYS N 122 -56.33 -8.25 -40.12
N GLU N 123 -56.52 -7.32 -39.18
CA GLU N 123 -57.52 -6.29 -39.40
C GLU N 123 -57.07 -5.24 -40.41
N MET N 124 -55.76 -5.07 -40.60
CA MET N 124 -55.26 -4.25 -41.70
C MET N 124 -55.60 -4.88 -43.06
N GLU N 125 -55.51 -6.20 -43.14
CA GLU N 125 -55.79 -6.90 -44.39
C GLU N 125 -57.20 -6.69 -44.90
N ASP N 126 -58.14 -6.28 -44.03
CA ASP N 126 -59.49 -5.98 -44.47
C ASP N 126 -59.60 -4.65 -45.20
N LEU N 127 -58.55 -3.82 -45.17
CA LEU N 127 -58.54 -2.55 -45.88
C LEU N 127 -57.98 -2.67 -47.30
N GLY N 128 -57.63 -3.88 -47.73
CA GLY N 128 -57.10 -4.11 -49.06
C GLY N 128 -55.61 -4.30 -49.11
N PHE N 129 -54.88 -3.92 -48.07
CA PHE N 129 -53.43 -4.09 -48.03
C PHE N 129 -53.08 -5.50 -47.60
N THR N 130 -52.00 -6.03 -48.19
CA THR N 130 -51.59 -7.40 -47.93
C THR N 130 -50.34 -7.52 -47.06
N ASP N 131 -49.38 -6.60 -47.20
CA ASP N 131 -48.13 -6.71 -46.47
C ASP N 131 -47.74 -5.37 -45.87
N PHE N 132 -47.05 -5.44 -44.73
CA PHE N 132 -46.50 -4.27 -44.05
C PHE N 132 -45.03 -4.59 -43.78
N ASN N 133 -44.14 -4.08 -44.64
CA ASN N 133 -42.73 -4.40 -44.56
C ASN N 133 -41.99 -3.41 -43.69
N LEU N 134 -41.08 -3.92 -42.86
CA LEU N 134 -40.32 -3.12 -41.92
C LEU N 134 -38.83 -3.39 -42.07
N GLY N 135 -38.05 -2.32 -42.15
CA GLY N 135 -36.61 -2.38 -42.05
C GLY N 135 -36.13 -1.53 -40.90
N PRO N 136 -35.57 -2.15 -39.87
CA PRO N 136 -35.10 -1.39 -38.70
C PRO N 136 -33.64 -0.99 -38.84
N GLU N 137 -33.28 0.04 -38.08
CA GLU N 137 -31.90 0.53 -38.01
C GLU N 137 -31.46 0.57 -36.55
N PRO N 138 -31.23 -0.58 -35.94
CA PRO N 138 -30.88 -0.61 -34.51
C PRO N 138 -29.43 -0.20 -34.29
N GLU N 139 -29.22 0.70 -33.34
CA GLU N 139 -27.89 1.13 -32.93
C GLU N 139 -27.64 0.68 -31.50
N PHE N 140 -26.39 0.31 -31.22
CA PHE N 140 -26.04 -0.19 -29.90
C PHE N 140 -24.66 0.33 -29.51
N PHE N 141 -24.35 0.20 -28.23
CA PHE N 141 -23.06 0.61 -27.69
C PHE N 141 -22.29 -0.61 -27.18
N LEU N 142 -20.97 -0.56 -27.33
CA LEU N 142 -20.08 -1.60 -26.82
C LEU N 142 -19.17 -0.98 -25.77
N PHE N 143 -19.23 -1.52 -24.56
CA PHE N 143 -18.42 -1.07 -23.44
C PHE N 143 -17.44 -2.16 -23.03
N LYS N 144 -16.34 -1.73 -22.41
CA LYS N 144 -15.33 -2.66 -21.93
C LYS N 144 -15.72 -3.24 -20.58
N LEU N 145 -15.34 -4.49 -20.36
CA LEU N 145 -15.55 -5.17 -19.09
C LEU N 145 -14.30 -5.03 -18.22
N ASP N 146 -14.51 -5.07 -16.91
CA ASP N 146 -13.40 -4.98 -15.97
C ASP N 146 -12.93 -6.38 -15.59
N GLU N 147 -12.04 -6.47 -14.60
CA GLU N 147 -11.51 -7.76 -14.18
C GLU N 147 -12.61 -8.64 -13.59
N LYS N 148 -13.51 -8.05 -12.81
CA LYS N 148 -14.61 -8.80 -12.21
C LYS N 148 -15.69 -9.19 -13.21
N GLY N 149 -15.62 -8.69 -14.45
CA GLY N 149 -16.60 -9.01 -15.45
C GLY N 149 -17.78 -8.07 -15.54
N GLU N 150 -17.77 -6.97 -14.79
CA GLU N 150 -18.86 -6.01 -14.86
C GLU N 150 -18.58 -4.99 -15.96
N PRO N 151 -19.64 -4.44 -16.57
CA PRO N 151 -19.42 -3.41 -17.60
C PRO N 151 -18.91 -2.12 -16.99
N THR N 152 -17.96 -1.50 -17.68
CA THR N 152 -17.43 -0.19 -17.31
C THR N 152 -18.02 0.86 -18.24
N LEU N 153 -17.54 2.10 -18.12
CA LEU N 153 -18.00 3.20 -18.95
C LEU N 153 -17.01 3.55 -20.06
N GLU N 154 -15.98 2.73 -20.26
CA GLU N 154 -15.03 2.94 -21.35
C GLU N 154 -15.52 2.23 -22.61
N LEU N 155 -15.44 2.94 -23.73
CA LEU N 155 -15.92 2.41 -25.00
C LEU N 155 -14.89 1.46 -25.61
N ASN N 156 -15.35 0.63 -26.54
CA ASN N 156 -14.48 -0.34 -27.19
C ASN N 156 -13.54 0.29 -28.20
N ASP N 157 -13.91 1.43 -28.78
CA ASP N 157 -13.06 2.11 -29.74
C ASP N 157 -13.24 3.62 -29.57
N ASP N 158 -12.71 4.39 -30.52
CA ASP N 158 -12.78 5.83 -30.47
C ASP N 158 -13.12 6.42 -31.84
N GLY N 159 -13.82 5.67 -32.68
CA GLY N 159 -14.14 6.11 -34.02
C GLY N 159 -15.33 7.04 -34.06
N GLY N 160 -15.60 7.55 -35.27
CA GLY N 160 -16.70 8.45 -35.49
C GLY N 160 -17.68 7.95 -36.53
N TYR N 161 -18.42 8.88 -37.15
CA TYR N 161 -19.44 8.51 -38.12
C TYR N 161 -18.81 7.85 -39.33
N PHE N 162 -19.21 6.60 -39.59
CA PHE N 162 -18.74 5.84 -40.75
C PHE N 162 -17.23 5.62 -40.73
N ASP N 163 -16.62 5.71 -39.55
CA ASP N 163 -15.18 5.50 -39.43
C ASP N 163 -14.85 4.01 -39.57
N LEU N 164 -13.61 3.75 -39.96
CA LEU N 164 -13.06 2.40 -39.97
C LEU N 164 -12.23 2.17 -38.71
N ALA N 165 -12.89 2.29 -37.56
CA ALA N 165 -12.20 2.28 -36.28
C ALA N 165 -11.72 0.90 -35.86
N PRO N 166 -12.60 -0.12 -35.71
CA PRO N 166 -12.09 -1.45 -35.36
C PRO N 166 -11.57 -2.14 -36.62
N THR N 167 -10.31 -1.84 -36.98
CA THR N 167 -9.90 -1.99 -38.37
C THR N 167 -10.00 -3.41 -38.89
N ASP N 168 -9.10 -4.31 -38.49
CA ASP N 168 -9.26 -5.70 -38.89
C ASP N 168 -8.82 -6.69 -37.83
N LEU N 169 -7.95 -6.28 -36.92
CA LEU N 169 -7.19 -7.21 -36.10
C LEU N 169 -7.44 -6.97 -34.60
N GLY N 170 -8.11 -7.92 -33.97
CA GLY N 170 -8.05 -8.11 -32.54
C GLY N 170 -9.37 -8.23 -31.81
N GLU N 171 -10.36 -7.38 -32.12
CA GLU N 171 -11.72 -7.65 -31.68
C GLU N 171 -12.71 -7.66 -32.84
N ASN N 172 -12.82 -6.57 -33.58
CA ASN N 172 -13.76 -6.38 -34.69
C ASN N 172 -15.10 -7.06 -34.40
N CYS N 173 -15.72 -6.67 -33.29
CA CYS N 173 -16.94 -7.33 -32.85
C CYS N 173 -18.07 -7.15 -33.84
N ARG N 174 -18.16 -5.97 -34.48
CA ARG N 174 -19.23 -5.71 -35.44
C ARG N 174 -19.13 -6.66 -36.63
N ARG N 175 -17.92 -6.88 -37.14
CA ARG N 175 -17.74 -7.79 -38.26
C ARG N 175 -18.14 -9.21 -37.89
N ASP N 176 -17.75 -9.66 -36.70
CA ASP N 176 -18.12 -11.00 -36.27
C ASP N 176 -19.63 -11.13 -36.10
N ILE N 177 -20.28 -10.09 -35.58
CA ILE N 177 -21.74 -10.12 -35.45
C ILE N 177 -22.39 -10.25 -36.83
N VAL N 178 -21.91 -9.45 -37.80
CA VAL N 178 -22.48 -9.49 -39.14
C VAL N 178 -22.28 -10.87 -39.77
N LEU N 179 -21.08 -11.42 -39.64
CA LEU N 179 -20.80 -12.72 -40.25
C LEU N 179 -21.63 -13.83 -39.60
N GLU N 180 -21.76 -13.80 -38.27
CA GLU N 180 -22.55 -14.82 -37.59
C GLU N 180 -24.03 -14.69 -37.94
N LEU N 181 -24.54 -13.47 -38.08
CA LEU N 181 -25.91 -13.29 -38.52
C LEU N 181 -26.10 -13.82 -39.94
N GLU N 182 -25.13 -13.57 -40.82
CA GLU N 182 -25.21 -14.09 -42.19
C GLU N 182 -25.20 -15.62 -42.19
N ASP N 183 -24.39 -16.23 -41.34
CA ASP N 183 -24.35 -17.68 -41.25
C ASP N 183 -25.69 -18.25 -40.77
N MET N 184 -26.36 -17.56 -39.85
CA MET N 184 -27.63 -18.02 -39.32
C MET N 184 -28.78 -17.87 -40.33
N GLY N 185 -28.56 -17.19 -41.45
CA GLY N 185 -29.59 -17.01 -42.43
C GLY N 185 -30.26 -15.65 -42.44
N PHE N 186 -29.60 -14.61 -41.96
CA PHE N 186 -30.16 -13.27 -41.95
C PHE N 186 -29.83 -12.55 -43.25
N ASP N 187 -30.51 -11.43 -43.48
CA ASP N 187 -30.32 -10.59 -44.65
C ASP N 187 -29.81 -9.23 -44.19
N ILE N 188 -28.50 -9.07 -44.19
CA ILE N 188 -27.86 -7.83 -43.76
C ILE N 188 -27.63 -6.94 -44.98
N GLU N 189 -28.06 -5.69 -44.88
CA GLU N 189 -27.84 -4.72 -45.95
C GLU N 189 -26.46 -4.08 -45.86
N ALA N 190 -26.15 -3.44 -44.74
CA ALA N 190 -24.85 -2.81 -44.53
C ALA N 190 -24.69 -2.52 -43.04
N SER N 191 -23.43 -2.28 -42.65
CA SER N 191 -23.11 -1.91 -41.28
C SER N 191 -22.03 -0.83 -41.30
N HIS N 192 -22.03 0.00 -40.25
CA HIS N 192 -21.08 1.09 -40.18
C HIS N 192 -20.93 1.53 -38.73
N HIS N 193 -19.83 2.24 -38.47
CA HIS N 193 -19.63 2.86 -37.17
C HIS N 193 -20.54 4.08 -37.03
N GLU N 194 -21.09 4.26 -35.84
CA GLU N 194 -22.04 5.34 -35.60
C GLU N 194 -21.30 6.60 -35.14
N VAL N 195 -22.07 7.66 -34.88
CA VAL N 195 -21.47 8.96 -34.59
C VAL N 195 -20.68 8.91 -33.30
N ALA N 196 -21.28 8.41 -32.22
CA ALA N 196 -20.62 8.39 -30.93
C ALA N 196 -19.54 7.32 -30.91
N PRO N 197 -18.47 7.53 -30.14
CA PRO N 197 -17.45 6.49 -30.00
C PRO N 197 -18.05 5.23 -29.38
N GLY N 198 -17.62 4.08 -29.88
CA GLY N 198 -18.13 2.82 -29.39
C GLY N 198 -19.55 2.50 -29.77
N GLN N 199 -20.15 3.26 -30.68
CA GLN N 199 -21.52 3.04 -31.12
C GLN N 199 -21.53 2.44 -32.52
N HIS N 200 -22.37 1.44 -32.73
CA HIS N 200 -22.39 0.68 -33.96
C HIS N 200 -23.82 0.50 -34.44
N GLU N 201 -23.97 0.31 -35.74
CA GLU N 201 -25.26 0.11 -36.37
C GLU N 201 -25.17 -0.98 -37.43
N ILE N 202 -26.14 -1.88 -37.43
CA ILE N 202 -26.26 -2.92 -38.44
C ILE N 202 -27.66 -2.84 -39.03
N ASP N 203 -27.76 -2.78 -40.35
CA ASP N 203 -29.02 -2.60 -41.04
C ASP N 203 -29.49 -3.90 -41.69
N PHE N 204 -30.78 -4.17 -41.58
CA PHE N 204 -31.39 -5.35 -42.19
C PHE N 204 -32.14 -4.97 -43.46
N LYS N 205 -32.21 -5.92 -44.38
CA LYS N 205 -33.11 -5.78 -45.50
C LYS N 205 -34.56 -5.92 -45.03
N TYR N 206 -35.47 -5.29 -45.77
CA TYR N 206 -36.86 -5.24 -45.34
C TYR N 206 -37.47 -6.64 -45.32
N ALA N 207 -38.40 -6.84 -44.38
CA ALA N 207 -39.13 -8.09 -44.25
C ALA N 207 -40.51 -7.79 -43.71
N ASP N 208 -41.37 -8.80 -43.73
CA ASP N 208 -42.72 -8.62 -43.21
C ASP N 208 -42.68 -8.35 -41.71
N ALA N 209 -43.78 -7.79 -41.20
CA ALA N 209 -43.79 -7.20 -39.85
C ALA N 209 -43.37 -8.21 -38.78
N VAL N 210 -44.03 -9.37 -38.76
CA VAL N 210 -43.75 -10.36 -37.73
C VAL N 210 -42.32 -10.87 -37.86
N THR N 211 -41.90 -11.17 -39.09
CA THR N 211 -40.54 -11.62 -39.31
C THR N 211 -39.53 -10.54 -38.93
N ALA N 212 -39.85 -9.28 -39.22
CA ALA N 212 -38.94 -8.19 -38.86
C ALA N 212 -38.78 -8.07 -37.35
N CYS N 213 -39.88 -8.17 -36.60
CA CYS N 213 -39.78 -8.09 -35.14
C CYS N 213 -39.03 -9.29 -34.56
N ASP N 214 -39.29 -10.48 -35.10
CA ASP N 214 -38.54 -11.66 -34.67
C ASP N 214 -37.05 -11.49 -34.97
N ASN N 215 -36.72 -10.92 -36.12
CA ASN N 215 -35.33 -10.68 -36.46
C ASN N 215 -34.70 -9.66 -35.52
N ILE N 216 -35.46 -8.66 -35.11
CA ILE N 216 -34.94 -7.68 -34.16
C ILE N 216 -34.61 -8.36 -32.83
N GLN N 217 -35.52 -9.20 -32.34
CA GLN N 217 -35.27 -9.90 -31.09
C GLN N 217 -34.05 -10.81 -31.20
N THR N 218 -33.97 -11.59 -32.27
CA THR N 218 -32.84 -12.48 -32.47
C THR N 218 -31.54 -11.70 -32.63
N PHE N 219 -31.59 -10.54 -33.29
CA PHE N 219 -30.40 -9.70 -33.43
C PHE N 219 -29.92 -9.19 -32.09
N LYS N 220 -30.84 -8.77 -31.22
CA LYS N 220 -30.44 -8.33 -29.89
C LYS N 220 -29.78 -9.47 -29.13
N LEU N 221 -30.38 -10.66 -29.18
CA LEU N 221 -29.79 -11.81 -28.49
C LEU N 221 -28.40 -12.13 -29.03
N VAL N 222 -28.24 -12.15 -30.35
CA VAL N 222 -26.98 -12.52 -30.97
C VAL N 222 -25.91 -11.48 -30.66
N VAL N 223 -26.27 -10.20 -30.70
CA VAL N 223 -25.31 -9.14 -30.39
C VAL N 223 -24.85 -9.26 -28.94
N LYS N 224 -25.78 -9.46 -28.02
CA LYS N 224 -25.40 -9.58 -26.62
C LYS N 224 -24.53 -10.80 -26.37
N THR N 225 -24.78 -11.90 -27.08
CA THR N 225 -23.93 -13.08 -26.93
C THR N 225 -22.53 -12.84 -27.47
N ILE N 226 -22.43 -12.31 -28.70
CA ILE N 226 -21.13 -12.17 -29.34
C ILE N 226 -20.28 -11.11 -28.63
N ALA N 227 -20.90 -10.03 -28.14
CA ALA N 227 -20.14 -9.04 -27.39
C ALA N 227 -19.54 -9.66 -26.14
N ARG N 228 -20.29 -10.53 -25.46
CA ARG N 228 -19.73 -11.25 -24.32
C ARG N 228 -18.61 -12.17 -24.74
N LYS N 229 -18.71 -12.76 -25.94
CA LYS N 229 -17.62 -13.60 -26.44
C LYS N 229 -16.32 -12.81 -26.59
N HIS N 230 -16.41 -11.52 -26.93
CA HIS N 230 -15.25 -10.68 -27.15
C HIS N 230 -14.85 -9.87 -25.93
N ASN N 231 -15.26 -10.30 -24.74
CA ASN N 231 -14.97 -9.59 -23.50
C ASN N 231 -15.49 -8.15 -23.53
N LEU N 232 -16.67 -7.97 -24.12
CA LEU N 232 -17.33 -6.67 -24.20
C LEU N 232 -18.75 -6.80 -23.66
N HIS N 233 -19.39 -5.65 -23.48
CA HIS N 233 -20.79 -5.59 -23.07
C HIS N 233 -21.56 -4.75 -24.07
N ALA N 234 -22.57 -5.35 -24.69
CA ALA N 234 -23.41 -4.65 -25.64
C ALA N 234 -24.67 -4.16 -24.96
N THR N 235 -24.98 -2.88 -25.14
CA THR N 235 -26.17 -2.29 -24.54
C THR N 235 -26.98 -1.57 -25.61
N PHE N 236 -28.30 -1.75 -25.54
CA PHE N 236 -29.25 -1.01 -26.36
C PHE N 236 -29.91 0.11 -25.57
N MET N 237 -29.22 0.62 -24.56
CA MET N 237 -29.74 1.73 -23.76
C MET N 237 -29.89 2.95 -24.65
N PRO N 238 -31.04 3.64 -24.61
CA PRO N 238 -31.23 4.80 -25.49
C PRO N 238 -30.19 5.89 -25.31
N LYS N 239 -29.77 6.16 -24.08
CA LYS N 239 -28.81 7.22 -23.80
C LYS N 239 -27.93 6.80 -22.63
N PRO N 240 -26.94 5.94 -22.89
CA PRO N 240 -26.06 5.49 -21.79
C PRO N 240 -25.10 6.56 -21.31
N LEU N 241 -24.71 7.50 -22.18
CA LEU N 241 -23.73 8.52 -21.84
C LEU N 241 -24.28 9.90 -22.13
N PHE N 242 -24.05 10.83 -21.21
CA PHE N 242 -24.45 12.21 -21.42
C PHE N 242 -23.45 12.91 -22.33
N GLY N 243 -23.96 13.80 -23.19
CA GLY N 243 -23.13 14.61 -24.03
C GLY N 243 -22.73 13.98 -25.36
N VAL N 244 -23.13 12.74 -25.62
CA VAL N 244 -22.86 12.09 -26.89
C VAL N 244 -24.19 11.62 -27.49
N ASN N 245 -24.12 11.15 -28.72
CA ASN N 245 -25.31 10.67 -29.41
C ASN N 245 -25.92 9.48 -28.71
N GLY N 246 -27.25 9.40 -28.73
CA GLY N 246 -27.96 8.23 -28.25
C GLY N 246 -28.14 7.20 -29.35
N SER N 247 -28.78 6.10 -28.99
CA SER N 247 -29.04 5.00 -29.90
C SER N 247 -30.51 5.01 -30.29
N GLY N 248 -30.76 4.94 -31.60
CA GLY N 248 -32.11 4.88 -32.13
C GLY N 248 -32.36 3.57 -32.86
N MET N 249 -33.63 3.34 -33.16
CA MET N 249 -34.09 2.16 -33.89
C MET N 249 -35.08 2.58 -34.98
N HIS N 250 -34.66 3.52 -35.82
CA HIS N 250 -35.49 4.04 -36.89
C HIS N 250 -36.16 2.91 -37.67
N PHE N 251 -37.46 3.08 -37.92
CA PHE N 251 -38.30 2.09 -38.58
C PHE N 251 -38.65 2.59 -39.96
N ASN N 252 -38.17 1.91 -41.01
CA ASN N 252 -38.58 2.20 -42.37
C ASN N 252 -39.72 1.25 -42.73
N VAL N 253 -40.92 1.79 -42.88
CA VAL N 253 -42.11 0.97 -43.11
C VAL N 253 -42.66 1.24 -44.50
N SER N 254 -43.27 0.21 -45.08
CA SER N 254 -43.89 0.33 -46.39
C SER N 254 -45.12 -0.56 -46.46
N LEU N 255 -46.16 -0.06 -47.12
CA LEU N 255 -47.40 -0.80 -47.30
C LEU N 255 -47.45 -1.42 -48.70
N PHE N 256 -48.02 -2.61 -48.78
CA PHE N 256 -48.12 -3.33 -50.05
C PHE N 256 -49.50 -3.93 -50.16
N LYS N 257 -50.18 -3.71 -51.29
CA LYS N 257 -51.40 -4.44 -51.61
C LYS N 257 -51.18 -5.17 -52.93
N GLY N 258 -50.46 -6.28 -52.86
CA GLY N 258 -50.33 -7.22 -53.96
C GLY N 258 -49.18 -6.85 -54.87
N LYS N 259 -48.02 -7.49 -54.69
CA LYS N 259 -46.85 -7.30 -55.55
C LYS N 259 -46.64 -5.85 -55.99
N GLU N 260 -46.95 -4.88 -55.12
CA GLU N 260 -46.93 -3.49 -55.54
C GLU N 260 -46.91 -2.60 -54.30
N ASN N 261 -45.99 -1.64 -54.29
CA ASN N 261 -45.89 -0.70 -53.18
C ASN N 261 -47.01 0.32 -53.26
N ALA N 262 -47.82 0.42 -52.21
CA ALA N 262 -48.92 1.36 -52.17
C ALA N 262 -48.48 2.81 -51.95
N PHE N 263 -47.21 3.03 -51.59
CA PHE N 263 -46.70 4.38 -51.38
C PHE N 263 -46.09 4.99 -52.63
N PHE N 264 -45.96 4.22 -53.72
CA PHE N 264 -45.26 4.67 -54.90
C PHE N 264 -46.24 5.25 -55.92
N ASP N 265 -45.93 6.46 -56.40
CA ASP N 265 -46.71 7.11 -57.47
C ASP N 265 -45.82 7.24 -58.68
N PRO N 266 -46.01 6.41 -59.72
CA PRO N 266 -45.10 6.45 -60.88
C PRO N 266 -45.28 7.65 -61.79
N ASN N 267 -46.31 8.47 -61.58
CA ASN N 267 -46.57 9.62 -62.43
C ASN N 267 -46.10 10.93 -61.82
N THR N 268 -46.40 11.18 -60.55
CA THR N 268 -45.96 12.39 -59.88
C THR N 268 -44.44 12.40 -59.75
N GLU N 269 -43.85 13.58 -59.98
CA GLU N 269 -42.39 13.69 -59.91
C GLU N 269 -41.88 13.50 -58.48
N MET N 270 -42.71 13.78 -57.49
CA MET N 270 -42.34 13.48 -56.11
C MET N 270 -42.36 11.97 -55.87
N GLY N 271 -43.26 11.26 -56.54
CA GLY N 271 -43.31 9.82 -56.43
C GLY N 271 -43.99 9.29 -55.19
N LEU N 272 -44.87 10.07 -54.58
CA LEU N 272 -45.59 9.65 -53.38
C LEU N 272 -47.08 9.62 -53.65
N THR N 273 -47.70 8.49 -53.33
CA THR N 273 -49.14 8.32 -53.47
C THR N 273 -49.87 9.08 -52.36
N GLU N 274 -51.12 9.45 -52.64
CA GLU N 274 -51.95 10.04 -51.60
C GLU N 274 -52.10 9.13 -50.39
N THR N 275 -52.01 7.82 -50.60
CA THR N 275 -52.03 6.88 -49.48
C THR N 275 -50.84 7.11 -48.55
N ALA N 276 -49.66 7.36 -49.12
CA ALA N 276 -48.49 7.65 -48.30
C ALA N 276 -48.67 8.93 -47.51
N TYR N 277 -49.24 9.96 -48.13
CA TYR N 277 -49.49 11.21 -47.42
C TYR N 277 -50.48 11.02 -46.28
N GLN N 278 -51.54 10.24 -46.52
CA GLN N 278 -52.49 9.95 -45.46
C GLN N 278 -51.83 9.17 -44.32
N PHE N 279 -50.96 8.21 -44.68
CA PHE N 279 -50.28 7.42 -43.66
C PHE N 279 -49.38 8.29 -42.79
N THR N 280 -48.58 9.17 -43.41
CA THR N 280 -47.71 10.02 -42.61
C THR N 280 -48.50 11.05 -41.82
N ALA N 281 -49.63 11.53 -42.36
CA ALA N 281 -50.49 12.42 -41.60
C ALA N 281 -51.04 11.73 -40.36
N GLY N 282 -51.46 10.46 -40.50
CA GLY N 282 -51.95 9.72 -39.36
C GLY N 282 -50.87 9.44 -38.33
N VAL N 283 -49.65 9.15 -38.79
CA VAL N 283 -48.56 8.93 -37.85
C VAL N 283 -48.23 10.21 -37.10
N LEU N 284 -48.22 11.35 -37.81
CA LEU N 284 -47.95 12.63 -37.15
C LEU N 284 -49.06 13.00 -36.17
N LYS N 285 -50.31 12.68 -36.51
CA LYS N 285 -51.44 13.04 -35.66
C LYS N 285 -51.36 12.36 -34.30
N ASN N 286 -50.99 11.07 -34.28
CA ASN N 286 -50.98 10.28 -33.06
C ASN N 286 -49.57 10.06 -32.52
N ALA N 287 -48.61 10.90 -32.89
CA ALA N 287 -47.24 10.72 -32.44
C ALA N 287 -47.12 10.81 -30.93
N ARG N 288 -47.82 11.78 -30.32
CA ARG N 288 -47.81 11.88 -28.86
C ARG N 288 -48.48 10.68 -28.22
N GLY N 289 -49.42 10.04 -28.91
CA GLY N 289 -50.12 8.91 -28.33
C GLY N 289 -49.23 7.70 -28.10
N PHE N 290 -48.39 7.36 -29.08
CA PHE N 290 -47.57 6.16 -28.99
C PHE N 290 -46.12 6.44 -28.60
N THR N 291 -45.83 7.66 -28.14
CA THR N 291 -44.46 7.98 -27.72
C THR N 291 -44.03 7.11 -26.55
N ALA N 292 -44.94 6.86 -25.60
CA ALA N 292 -44.60 6.03 -24.46
C ALA N 292 -44.24 4.61 -24.87
N VAL N 293 -44.97 4.05 -25.84
CA VAL N 293 -44.66 2.69 -26.29
C VAL N 293 -43.34 2.65 -27.05
N CYS N 294 -43.11 3.61 -27.94
CA CYS N 294 -41.88 3.65 -28.70
C CYS N 294 -40.68 4.09 -27.86
N ASN N 295 -40.92 4.79 -26.76
CA ASN N 295 -39.86 5.22 -25.84
C ASN N 295 -40.27 4.82 -24.43
N PRO N 296 -40.14 3.54 -24.08
CA PRO N 296 -40.72 3.04 -22.83
C PRO N 296 -39.89 3.25 -21.57
N LEU N 297 -38.62 3.60 -21.69
CA LEU N 297 -37.76 3.77 -20.53
C LEU N 297 -37.74 5.22 -20.07
N VAL N 298 -37.35 5.41 -18.80
CA VAL N 298 -37.09 6.75 -18.30
C VAL N 298 -35.91 7.36 -19.04
N ASN N 299 -34.87 6.57 -19.28
CA ASN N 299 -33.69 7.04 -19.99
C ASN N 299 -33.98 7.42 -21.44
N SER N 300 -35.05 6.87 -22.02
CA SER N 300 -35.36 7.15 -23.42
C SER N 300 -35.51 8.65 -23.67
N TYR N 301 -36.15 9.36 -22.75
CA TYR N 301 -36.40 10.78 -22.90
C TYR N 301 -35.16 11.62 -22.61
N LYS N 302 -34.08 11.01 -22.14
CA LYS N 302 -32.79 11.67 -22.15
C LYS N 302 -32.15 11.65 -23.53
N ARG N 303 -32.59 10.76 -24.42
CA ARG N 303 -32.17 10.81 -25.81
C ARG N 303 -32.94 11.88 -26.59
N LEU N 304 -34.21 12.10 -26.25
CA LEU N 304 -35.05 13.06 -26.94
C LEU N 304 -34.73 14.49 -26.48
N VAL N 305 -33.49 14.89 -26.73
CA VAL N 305 -33.01 16.23 -26.44
C VAL N 305 -32.39 16.80 -27.72
N PRO N 306 -32.46 18.11 -27.94
CA PRO N 306 -31.96 18.67 -29.20
C PRO N 306 -30.45 18.56 -29.33
N GLY N 307 -30.00 18.46 -30.57
CA GLY N 307 -28.58 18.49 -30.90
C GLY N 307 -27.95 17.14 -31.20
N TYR N 308 -28.69 16.04 -31.05
CA TYR N 308 -28.13 14.70 -31.25
C TYR N 308 -28.92 13.92 -32.29
N GLU N 309 -29.60 14.61 -33.20
CA GLU N 309 -30.37 14.08 -34.31
C GLU N 309 -31.62 13.32 -33.90
N ALA N 310 -31.88 13.16 -32.61
CA ALA N 310 -33.11 12.53 -32.19
C ALA N 310 -34.28 13.51 -32.36
N PRO N 311 -35.43 13.04 -32.82
CA PRO N 311 -36.56 13.96 -33.00
C PRO N 311 -37.07 14.49 -31.67
N CYS N 312 -37.38 15.78 -31.66
CA CYS N 312 -37.92 16.43 -30.46
C CYS N 312 -39.30 17.04 -30.66
N TYR N 313 -39.72 17.27 -31.91
CA TYR N 313 -41.05 17.77 -32.19
C TYR N 313 -41.65 16.98 -33.35
N ILE N 314 -42.94 17.16 -33.56
CA ILE N 314 -43.71 16.35 -34.50
C ILE N 314 -43.71 17.07 -35.84
N ALA N 315 -42.90 16.58 -36.77
CA ALA N 315 -42.83 17.13 -38.12
C ALA N 315 -42.25 16.09 -39.06
N TRP N 316 -42.45 16.31 -40.35
CA TRP N 316 -41.92 15.43 -41.38
C TRP N 316 -41.19 16.25 -42.43
N SER N 317 -40.18 15.64 -43.04
CA SER N 317 -39.36 16.33 -44.02
C SER N 317 -38.65 15.30 -44.88
N GLY N 318 -38.14 15.76 -46.02
CA GLY N 318 -37.32 14.92 -46.87
C GLY N 318 -35.84 15.17 -46.64
N LYS N 319 -35.52 16.30 -46.02
CA LYS N 319 -34.13 16.66 -45.74
C LYS N 319 -34.13 17.60 -44.52
N ASN N 320 -33.80 17.05 -43.36
CA ASN N 320 -33.74 17.82 -42.12
C ASN N 320 -32.82 17.10 -41.15
N ARG N 321 -32.34 17.83 -40.16
CA ARG N 321 -31.40 17.24 -39.20
C ARG N 321 -32.08 16.18 -38.34
N SER N 322 -33.23 16.52 -37.74
CA SER N 322 -33.94 15.61 -36.84
C SER N 322 -35.44 15.71 -37.07
N PRO N 323 -35.93 15.21 -38.20
CA PRO N 323 -37.37 15.13 -38.39
C PRO N 323 -37.94 13.86 -37.75
N LEU N 324 -39.19 13.97 -37.28
CA LEU N 324 -39.85 12.78 -36.74
C LEU N 324 -40.07 11.74 -37.83
N ILE N 325 -40.49 12.18 -39.01
CA ILE N 325 -40.68 11.30 -40.16
C ILE N 325 -39.79 11.79 -41.30
N ARG N 326 -38.99 10.88 -41.85
CA ARG N 326 -38.15 11.17 -43.00
C ARG N 326 -38.60 10.29 -44.17
N VAL N 327 -38.62 10.88 -45.36
CA VAL N 327 -38.95 10.17 -46.59
C VAL N 327 -37.66 9.99 -47.38
N PRO N 328 -37.10 8.78 -47.45
CA PRO N 328 -35.87 8.58 -48.22
C PRO N 328 -36.10 8.81 -49.70
N SER N 329 -35.01 9.19 -50.39
CA SER N 329 -35.06 9.50 -51.80
C SER N 329 -35.34 8.29 -52.68
N SER N 330 -35.25 7.08 -52.14
CA SER N 330 -35.52 5.88 -52.93
C SER N 330 -36.99 5.84 -53.35
N ARG N 331 -37.22 5.30 -54.53
CA ARG N 331 -38.56 5.21 -55.11
C ARG N 331 -38.75 3.82 -55.69
N GLY N 332 -39.84 3.64 -56.44
CA GLY N 332 -40.11 2.33 -57.00
C GLY N 332 -40.74 1.42 -55.97
N LEU N 333 -40.21 0.20 -55.89
CA LEU N 333 -40.69 -0.76 -54.89
C LEU N 333 -40.06 -0.56 -53.52
N SER N 334 -39.10 0.34 -53.39
CA SER N 334 -38.39 0.56 -52.14
C SER N 334 -38.81 1.86 -51.45
N THR N 335 -39.85 2.54 -51.93
CA THR N 335 -40.31 3.75 -51.27
C THR N 335 -40.89 3.40 -49.90
N ARG N 336 -40.53 4.20 -48.89
CA ARG N 336 -40.89 3.88 -47.53
C ARG N 336 -40.95 5.17 -46.71
N ILE N 337 -41.51 5.05 -45.50
CA ILE N 337 -41.61 6.14 -44.56
C ILE N 337 -40.83 5.76 -43.32
N GLU N 338 -39.93 6.64 -42.88
CA GLU N 338 -39.03 6.35 -41.76
C GLU N 338 -39.50 7.10 -40.52
N VAL N 339 -39.91 6.35 -39.49
CA VAL N 339 -40.20 6.91 -38.19
C VAL N 339 -38.94 6.81 -37.35
N ARG N 340 -38.46 7.95 -36.86
CA ARG N 340 -37.16 8.03 -36.22
C ARG N 340 -37.22 8.15 -34.71
N SER N 341 -38.42 8.15 -34.11
CA SER N 341 -38.53 8.28 -32.67
C SER N 341 -38.32 6.97 -31.93
N VAL N 342 -38.39 5.84 -32.62
CA VAL N 342 -38.25 4.55 -31.96
C VAL N 342 -36.82 4.34 -31.49
N ASP N 343 -36.66 3.82 -30.28
CA ASP N 343 -35.38 3.48 -29.71
C ASP N 343 -35.25 1.98 -29.55
N PRO N 344 -34.02 1.45 -29.47
CA PRO N 344 -33.85 -0.01 -29.43
C PRO N 344 -34.44 -0.68 -28.19
N ALA N 345 -34.77 0.07 -27.16
CA ALA N 345 -35.36 -0.52 -25.96
C ALA N 345 -36.85 -0.80 -26.11
N ALA N 346 -37.49 -0.28 -27.15
CA ALA N 346 -38.92 -0.49 -27.33
C ALA N 346 -39.20 -1.93 -27.76
N ASN N 347 -40.36 -2.41 -27.38
CA ASN N 347 -40.82 -3.73 -27.84
C ASN N 347 -41.17 -3.62 -29.33
N PRO N 348 -40.52 -4.40 -30.21
CA PRO N 348 -40.77 -4.23 -31.64
C PRO N 348 -42.22 -4.49 -32.04
N TYR N 349 -42.86 -5.51 -31.45
CA TYR N 349 -44.23 -5.82 -31.82
C TYR N 349 -45.17 -4.69 -31.45
N MET N 350 -45.08 -4.19 -30.22
CA MET N 350 -45.99 -3.14 -29.77
C MET N 350 -45.76 -1.85 -30.54
N ALA N 351 -44.50 -1.46 -30.75
CA ALA N 351 -44.20 -0.24 -31.49
C ALA N 351 -44.68 -0.33 -32.93
N LEU N 352 -44.43 -1.48 -33.58
CA LEU N 352 -44.89 -1.64 -34.96
C LEU N 352 -46.40 -1.63 -35.04
N ALA N 353 -47.09 -2.26 -34.09
CA ALA N 353 -48.55 -2.24 -34.08
C ALA N 353 -49.07 -0.83 -33.89
N ALA N 354 -48.45 -0.06 -32.99
CA ALA N 354 -48.90 1.32 -32.78
C ALA N 354 -48.69 2.17 -34.02
N ILE N 355 -47.54 2.03 -34.68
CA ILE N 355 -47.27 2.81 -35.88
C ILE N 355 -48.24 2.43 -36.99
N LEU N 356 -48.47 1.13 -37.17
CA LEU N 356 -49.40 0.69 -38.22
C LEU N 356 -50.81 1.18 -37.93
N GLU N 357 -51.24 1.14 -36.68
CA GLU N 357 -52.59 1.60 -36.34
C GLU N 357 -52.72 3.10 -36.58
N ALA N 358 -51.70 3.88 -36.22
CA ALA N 358 -51.75 5.32 -36.49
C ALA N 358 -51.80 5.60 -37.98
N GLY N 359 -51.00 4.88 -38.78
CA GLY N 359 -51.05 5.06 -40.22
C GLY N 359 -52.40 4.70 -40.82
N LEU N 360 -52.98 3.59 -40.37
CA LEU N 360 -54.30 3.20 -40.86
C LEU N 360 -55.37 4.19 -40.43
N ASP N 361 -55.27 4.73 -39.22
CA ASP N 361 -56.21 5.76 -38.77
C ASP N 361 -56.12 6.99 -39.66
N GLY N 362 -54.91 7.38 -40.03
CA GLY N 362 -54.76 8.46 -40.99
C GLY N 362 -55.32 8.11 -42.35
N ILE N 363 -55.16 6.86 -42.78
CA ILE N 363 -55.60 6.45 -44.11
C ILE N 363 -57.12 6.47 -44.21
N LYS N 364 -57.81 5.87 -43.24
CA LYS N 364 -59.26 5.76 -43.34
C LYS N 364 -59.99 7.01 -42.90
N ASN N 365 -59.29 8.03 -42.40
CA ASN N 365 -59.88 9.33 -42.11
C ASN N 365 -59.54 10.36 -43.18
N LYS N 366 -58.70 10.01 -44.16
CA LYS N 366 -58.31 10.89 -45.25
C LYS N 366 -57.75 12.21 -44.71
N LEU N 367 -56.87 12.10 -43.72
CA LEU N 367 -56.26 13.28 -43.13
C LEU N 367 -55.32 13.95 -44.13
N LYS N 368 -55.16 15.26 -43.98
CA LYS N 368 -54.29 16.07 -44.83
C LYS N 368 -52.96 16.26 -44.13
N VAL N 369 -51.88 15.82 -44.78
CA VAL N 369 -50.55 15.92 -44.18
C VAL N 369 -50.14 17.38 -44.10
N PRO N 370 -49.55 17.83 -42.98
CA PRO N 370 -49.09 19.22 -42.90
C PRO N 370 -47.88 19.45 -43.80
N GLU N 371 -47.54 20.73 -43.94
CA GLU N 371 -46.43 21.10 -44.81
C GLU N 371 -45.12 20.55 -44.26
N PRO N 372 -44.25 20.01 -45.11
CA PRO N 372 -42.95 19.54 -44.65
C PRO N 372 -42.09 20.69 -44.15
N VAL N 373 -41.24 20.40 -43.18
CA VAL N 373 -40.36 21.40 -42.62
C VAL N 373 -39.04 21.40 -43.39
N ASN N 374 -38.36 22.55 -43.37
CA ASN N 374 -37.06 22.68 -44.01
C ASN N 374 -36.13 23.54 -43.16
N GLN N 375 -35.06 24.06 -43.76
CA GLN N 375 -33.96 24.63 -43.00
C GLN N 375 -34.38 25.81 -42.13
N ASN N 376 -35.48 26.50 -42.45
CA ASN N 376 -35.86 27.66 -41.65
C ASN N 376 -36.76 27.28 -40.47
N ILE N 377 -36.33 26.27 -39.71
CA ILE N 377 -37.00 25.87 -38.48
C ILE N 377 -35.96 25.76 -37.39
N TYR N 378 -34.69 25.76 -37.79
CA TYR N 378 -33.60 25.72 -36.82
C TYR N 378 -33.57 26.98 -35.96
N GLU N 379 -34.06 28.09 -36.50
CA GLU N 379 -34.19 29.33 -35.75
C GLU N 379 -35.68 29.54 -35.50
N MET N 380 -36.17 28.92 -34.42
CA MET N 380 -37.59 28.99 -34.05
C MET N 380 -37.72 28.52 -32.61
N ASN N 381 -38.33 29.32 -31.76
CA ASN N 381 -38.61 28.91 -30.40
C ASN N 381 -39.84 28.00 -30.38
N ARG N 382 -40.14 27.46 -29.19
CA ARG N 382 -41.30 26.59 -29.07
C ARG N 382 -42.60 27.33 -29.32
N GLU N 383 -42.66 28.61 -28.95
CA GLU N 383 -43.89 29.38 -29.15
C GLU N 383 -44.20 29.54 -30.63
N GLU N 384 -43.20 29.96 -31.43
CA GLU N 384 -43.41 30.07 -32.87
C GLU N 384 -43.67 28.72 -33.51
N ARG N 385 -42.98 27.67 -33.03
CA ARG N 385 -43.20 26.33 -33.57
C ARG N 385 -44.63 25.88 -33.34
N GLU N 386 -45.18 26.13 -32.16
CA GLU N 386 -46.56 25.79 -31.89
C GLU N 386 -47.52 26.68 -32.67
N ALA N 387 -47.15 27.94 -32.88
CA ALA N 387 -47.99 28.83 -33.69
C ALA N 387 -48.11 28.32 -35.12
N VAL N 388 -47.00 27.85 -35.69
CA VAL N 388 -47.04 27.21 -37.00
C VAL N 388 -47.85 25.92 -36.98
N GLY N 389 -47.88 25.22 -35.86
CA GLY N 389 -48.58 23.96 -35.74
C GLY N 389 -47.71 22.76 -35.47
N ILE N 390 -46.45 22.96 -35.09
CA ILE N 390 -45.54 21.85 -34.82
C ILE N 390 -45.60 21.55 -33.33
N GLN N 391 -46.19 20.41 -32.99
CA GLN N 391 -46.28 19.99 -31.60
C GLN N 391 -44.98 19.34 -31.15
N ASP N 392 -44.74 19.37 -29.85
CA ASP N 392 -43.55 18.78 -29.24
C ASP N 392 -43.86 17.40 -28.71
N LEU N 393 -42.89 16.51 -28.83
CA LEU N 393 -43.00 15.19 -28.21
C LEU N 393 -42.94 15.33 -26.69
N PRO N 394 -43.57 14.41 -25.96
CA PRO N 394 -43.47 14.45 -24.50
C PRO N 394 -42.02 14.35 -24.04
N SER N 395 -41.69 15.14 -23.03
CA SER N 395 -40.32 15.27 -22.57
C SER N 395 -39.96 14.30 -21.45
N THR N 396 -40.94 13.73 -20.76
CA THR N 396 -40.71 12.78 -19.69
C THR N 396 -41.64 11.59 -19.85
N LEU N 397 -41.28 10.47 -19.21
CA LEU N 397 -42.13 9.30 -19.23
C LEU N 397 -43.46 9.56 -18.54
N TYR N 398 -43.47 10.42 -17.51
CA TYR N 398 -44.71 10.78 -16.83
C TYR N 398 -45.68 11.48 -17.79
N THR N 399 -45.19 12.53 -18.47
CA THR N 399 -46.04 13.23 -19.42
C THR N 399 -46.35 12.37 -20.65
N ALA N 400 -45.46 11.45 -21.02
CA ALA N 400 -45.75 10.53 -22.11
C ALA N 400 -46.89 9.59 -21.75
N LEU N 401 -46.91 9.08 -20.51
CA LEU N 401 -48.03 8.27 -20.05
C LEU N 401 -49.31 9.10 -19.99
N LYS N 402 -49.19 10.35 -19.55
CA LYS N 402 -50.35 11.25 -19.55
C LYS N 402 -50.93 11.40 -20.95
N ALA N 403 -50.06 11.60 -21.95
CA ALA N 403 -50.53 11.71 -23.32
C ALA N 403 -51.10 10.40 -23.85
N MET N 404 -50.48 9.27 -23.49
CA MET N 404 -50.97 7.97 -23.93
C MET N 404 -52.35 7.68 -23.37
N ARG N 405 -52.62 8.10 -22.13
CA ARG N 405 -53.93 7.88 -21.54
C ARG N 405 -55.03 8.69 -22.23
N GLU N 406 -54.68 9.65 -23.07
CA GLU N 406 -55.65 10.49 -23.76
C GLU N 406 -55.79 10.14 -25.24
N ASN N 407 -55.16 9.07 -25.71
CA ASN N 407 -55.20 8.67 -27.10
C ASN N 407 -55.95 7.36 -27.25
N GLU N 408 -56.91 7.32 -28.18
CA GLU N 408 -57.68 6.10 -28.40
C GLU N 408 -57.01 5.16 -29.40
N VAL N 409 -56.22 5.71 -30.33
CA VAL N 409 -55.59 4.89 -31.35
C VAL N 409 -54.59 3.92 -30.72
N ILE N 410 -53.82 4.39 -29.74
CA ILE N 410 -52.84 3.52 -29.09
C ILE N 410 -53.54 2.42 -28.31
N LYS N 411 -54.66 2.73 -27.66
CA LYS N 411 -55.42 1.72 -26.95
C LYS N 411 -55.96 0.67 -27.92
N LYS N 412 -56.49 1.11 -29.07
CA LYS N 412 -56.99 0.18 -30.07
C LYS N 412 -55.86 -0.70 -30.60
N ALA N 413 -54.68 -0.11 -30.82
CA ALA N 413 -53.54 -0.87 -31.32
C ALA N 413 -53.10 -1.93 -30.31
N LEU N 414 -53.04 -1.57 -29.03
CA LEU N 414 -52.47 -2.48 -28.04
C LEU N 414 -53.46 -3.50 -27.51
N GLY N 415 -54.75 -3.20 -27.51
CA GLY N 415 -55.69 -4.08 -26.84
C GLY N 415 -55.79 -3.68 -25.37
N ASN N 416 -56.93 -3.95 -24.74
CA ASN N 416 -57.16 -3.46 -23.39
C ASN N 416 -56.17 -4.06 -22.40
N HIS N 417 -55.90 -5.37 -22.50
CA HIS N 417 -55.01 -6.03 -21.55
C HIS N 417 -53.61 -5.45 -21.61
N ILE N 418 -53.03 -5.40 -22.82
CA ILE N 418 -51.67 -4.89 -22.97
C ILE N 418 -51.62 -3.42 -22.60
N TYR N 419 -52.63 -2.64 -22.99
CA TYR N 419 -52.67 -1.22 -22.66
C TYR N 419 -52.62 -1.00 -21.15
N ASN N 420 -53.51 -1.69 -20.42
CA ASN N 420 -53.57 -1.52 -18.97
C ASN N 420 -52.29 -2.00 -18.30
N GLN N 421 -51.76 -3.16 -18.72
CA GLN N 421 -50.56 -3.68 -18.09
C GLN N 421 -49.36 -2.76 -18.34
N PHE N 422 -49.23 -2.24 -19.56
CA PHE N 422 -48.13 -1.33 -19.87
C PHE N 422 -48.25 -0.06 -19.05
N ILE N 423 -49.47 0.49 -18.94
CA ILE N 423 -49.64 1.72 -18.16
C ILE N 423 -49.28 1.48 -16.70
N ASN N 424 -49.74 0.37 -16.12
CA ASN N 424 -49.42 0.08 -14.72
C ASN N 424 -47.92 -0.09 -14.53
N SER N 425 -47.26 -0.85 -15.41
CA SER N 425 -45.83 -1.09 -15.28
C SER N 425 -45.05 0.22 -15.36
N LYS N 426 -45.38 1.06 -16.34
CA LYS N 426 -44.64 2.30 -16.52
C LYS N 426 -44.93 3.29 -15.40
N SER N 427 -46.17 3.31 -14.88
CA SER N 427 -46.46 4.16 -13.74
C SER N 427 -45.65 3.75 -12.52
N ILE N 428 -45.56 2.44 -12.26
CA ILE N 428 -44.76 1.95 -11.14
C ILE N 428 -43.30 2.32 -11.33
N GLU N 429 -42.78 2.13 -12.55
CA GLU N 429 -41.38 2.46 -12.83
C GLU N 429 -41.10 3.94 -12.61
N TRP N 430 -41.98 4.82 -13.11
CA TRP N 430 -41.79 6.25 -12.91
C TRP N 430 -41.90 6.62 -11.44
N ASP N 431 -42.83 5.99 -10.72
CA ASP N 431 -42.97 6.28 -9.29
C ASP N 431 -41.71 5.91 -8.53
N TYR N 432 -41.10 4.78 -8.87
CA TYR N 432 -39.83 4.43 -8.23
C TYR N 432 -38.71 5.37 -8.64
N TYR N 433 -38.71 5.83 -9.89
CA TYR N 433 -37.64 6.71 -10.35
C TYR N 433 -37.71 8.09 -9.71
N ARG N 434 -38.93 8.63 -9.53
CA ARG N 434 -39.08 10.02 -9.12
C ARG N 434 -38.66 10.28 -7.69
N THR N 435 -38.60 9.26 -6.84
CA THR N 435 -38.27 9.46 -5.44
C THR N 435 -36.77 9.39 -5.17
N GLN N 436 -35.96 9.09 -6.18
CA GLN N 436 -34.51 9.02 -6.00
C GLN N 436 -33.89 10.40 -5.98
N VAL N 437 -32.85 10.56 -5.17
CA VAL N 437 -32.09 11.80 -5.12
C VAL N 437 -30.84 11.60 -5.98
N SER N 438 -30.73 12.38 -7.05
CA SER N 438 -29.66 12.20 -8.01
C SER N 438 -28.39 12.92 -7.55
N GLU N 439 -27.27 12.55 -8.17
CA GLU N 439 -26.00 13.22 -7.91
C GLU N 439 -26.01 14.66 -8.41
N TRP N 440 -26.77 14.94 -9.47
CA TRP N 440 -26.88 16.31 -9.97
C TRP N 440 -27.49 17.23 -8.92
N GLU N 441 -28.52 16.76 -8.21
CA GLU N 441 -29.13 17.57 -7.16
C GLU N 441 -28.14 17.82 -6.03
N ARG N 442 -27.37 16.80 -5.65
CA ARG N 442 -26.40 16.97 -4.57
C ARG N 442 -25.25 17.87 -4.98
N ASP N 443 -24.93 17.94 -6.28
CA ASP N 443 -23.90 18.86 -6.74
C ASP N 443 -24.41 20.29 -6.82
N GLN N 444 -25.60 20.49 -7.39
CA GLN N 444 -26.14 21.84 -7.52
C GLN N 444 -26.52 22.43 -6.16
N TYR N 445 -27.18 21.64 -5.33
CA TYR N 445 -27.59 22.04 -4.00
C TYR N 445 -26.64 21.42 -2.98
N MET N 446 -27.02 21.50 -1.71
CA MET N 446 -26.31 20.98 -0.53
C MET N 446 -25.11 21.86 -0.17
N LYS N 447 -24.75 22.85 -0.98
CA LYS N 447 -23.75 23.83 -0.59
C LYS N 447 -24.29 25.22 -0.88
N GLN N 448 -25.13 25.34 -1.90
CA GLN N 448 -25.80 26.61 -2.20
C GLN N 448 -27.02 26.82 -1.33
N TYR N 449 -27.63 25.76 -0.82
CA TYR N 449 -28.80 25.87 0.04
C TYR N 449 -28.56 25.14 1.36
N THR O 8 -34.70 -52.07 -14.62
CA THR O 8 -34.37 -53.16 -13.70
C THR O 8 -33.01 -53.78 -14.03
N PHE O 9 -32.27 -54.15 -12.99
CA PHE O 9 -30.95 -54.74 -13.16
C PHE O 9 -30.80 -55.92 -12.22
N THR O 10 -29.92 -56.84 -12.59
CA THR O 10 -29.57 -57.99 -11.77
C THR O 10 -28.06 -57.98 -11.54
N LYS O 11 -27.58 -58.98 -10.79
CA LYS O 11 -26.15 -59.06 -10.49
C LYS O 11 -25.32 -59.21 -11.76
N GLU O 12 -25.78 -60.04 -12.69
CA GLU O 12 -25.05 -60.23 -13.94
C GLU O 12 -24.96 -58.94 -14.73
N ASP O 13 -26.05 -58.17 -14.76
CA ASP O 13 -26.03 -56.88 -15.43
C ASP O 13 -25.01 -55.93 -14.80
N ILE O 14 -24.95 -55.91 -13.47
CA ILE O 14 -23.98 -55.05 -12.79
C ILE O 14 -22.56 -55.48 -13.11
N ARG O 15 -22.29 -56.79 -13.10
CA ARG O 15 -20.96 -57.28 -13.43
C ARG O 15 -20.58 -56.93 -14.87
N LYS O 16 -21.52 -57.09 -15.79
CA LYS O 16 -21.26 -56.74 -17.19
C LYS O 16 -20.99 -55.24 -17.34
N PHE O 17 -21.77 -54.41 -16.65
CA PHE O 17 -21.55 -52.96 -16.72
C PHE O 17 -20.20 -52.58 -16.16
N ALA O 18 -19.80 -53.20 -15.04
CA ALA O 18 -18.48 -52.93 -14.48
C ALA O 18 -17.37 -53.37 -15.42
N GLU O 19 -17.53 -54.52 -16.07
CA GLU O 19 -16.51 -55.02 -16.98
C GLU O 19 -16.37 -54.20 -18.25
N GLU O 20 -17.48 -53.86 -18.91
CA GLU O 20 -17.40 -53.14 -20.18
C GLU O 20 -17.02 -51.68 -19.98
N GLU O 21 -17.56 -51.03 -18.96
CA GLU O 21 -17.33 -49.60 -18.76
C GLU O 21 -16.07 -49.31 -17.95
N ASN O 22 -15.36 -50.34 -17.50
CA ASN O 22 -14.13 -50.17 -16.72
C ASN O 22 -14.38 -49.33 -15.47
N VAL O 23 -15.41 -49.72 -14.71
CA VAL O 23 -15.69 -49.06 -13.44
C VAL O 23 -14.61 -49.45 -12.44
N ARG O 24 -13.97 -48.46 -11.83
CA ARG O 24 -12.91 -48.70 -10.86
C ARG O 24 -13.25 -48.22 -9.46
N TYR O 25 -14.38 -47.54 -9.27
CA TYR O 25 -14.74 -46.98 -7.99
C TYR O 25 -16.25 -47.12 -7.79
N LEU O 26 -16.67 -47.51 -6.59
CA LEU O 26 -18.07 -47.68 -6.27
C LEU O 26 -18.44 -46.79 -5.09
N ARG O 27 -19.59 -46.14 -5.19
CA ARG O 27 -20.12 -45.31 -4.12
C ARG O 27 -21.43 -45.92 -3.65
N LEU O 28 -21.42 -46.47 -2.43
CA LEU O 28 -22.64 -46.97 -1.80
C LEU O 28 -23.30 -45.78 -1.12
N GLN O 29 -24.39 -45.28 -1.71
CA GLN O 29 -24.99 -44.02 -1.34
C GLN O 29 -26.24 -44.23 -0.50
N PHE O 30 -26.37 -43.43 0.55
CA PHE O 30 -27.56 -43.44 1.41
C PHE O 30 -27.75 -42.02 1.95
N THR O 31 -28.70 -41.88 2.87
CA THR O 31 -29.03 -40.57 3.42
C THR O 31 -29.32 -40.70 4.91
N ASP O 32 -29.15 -39.59 5.62
CA ASP O 32 -29.45 -39.50 7.04
C ASP O 32 -30.77 -38.76 7.22
N ILE O 33 -31.15 -38.56 8.48
CA ILE O 33 -32.40 -37.87 8.79
C ILE O 33 -32.38 -36.39 8.41
N LEU O 34 -31.19 -35.83 8.18
CA LEU O 34 -31.07 -34.43 7.78
C LEU O 34 -31.04 -34.25 6.26
N GLY O 35 -31.15 -35.33 5.50
CA GLY O 35 -31.14 -35.25 4.06
C GLY O 35 -29.75 -35.18 3.44
N THR O 36 -28.70 -35.22 4.24
CA THR O 36 -27.35 -35.18 3.70
C THR O 36 -27.04 -36.47 2.94
N ILE O 37 -26.39 -36.33 1.79
CA ILE O 37 -26.02 -37.48 0.98
C ILE O 37 -24.76 -38.09 1.56
N LYS O 38 -24.87 -39.27 2.16
CA LYS O 38 -23.74 -39.99 2.71
C LYS O 38 -23.37 -41.13 1.77
N ASN O 39 -22.12 -41.56 1.86
CA ASN O 39 -21.69 -42.65 0.99
C ASN O 39 -20.49 -43.36 1.60
N VAL O 40 -20.33 -44.61 1.21
CA VAL O 40 -19.15 -45.42 1.50
C VAL O 40 -18.44 -45.71 0.19
N GLU O 41 -17.16 -45.39 0.12
CA GLU O 41 -16.39 -45.61 -1.09
C GLU O 41 -15.74 -46.99 -1.06
N VAL O 42 -15.67 -47.63 -2.22
CA VAL O 42 -15.16 -48.99 -2.29
C VAL O 42 -14.43 -49.20 -3.62
N PRO O 43 -13.34 -49.95 -3.64
CA PRO O 43 -12.74 -50.34 -4.92
C PRO O 43 -13.58 -51.42 -5.59
N VAL O 44 -13.51 -51.44 -6.93
CA VAL O 44 -14.34 -52.36 -7.70
C VAL O 44 -14.03 -53.82 -7.38
N SER O 45 -12.82 -54.09 -6.85
CA SER O 45 -12.48 -55.45 -6.44
C SER O 45 -13.36 -55.96 -5.31
N GLN O 46 -14.06 -55.08 -4.60
CA GLN O 46 -15.00 -55.45 -3.56
C GLN O 46 -16.42 -55.66 -4.09
N LEU O 47 -16.60 -55.57 -5.41
CA LEU O 47 -17.94 -55.58 -6.01
C LEU O 47 -18.76 -56.76 -5.53
N GLU O 48 -18.17 -57.96 -5.55
CA GLU O 48 -18.88 -59.15 -5.10
C GLU O 48 -19.38 -58.99 -3.67
N LYS O 49 -18.50 -58.53 -2.77
CA LYS O 49 -18.92 -58.31 -1.39
C LYS O 49 -20.02 -57.27 -1.31
N VAL O 50 -20.02 -56.30 -2.23
CA VAL O 50 -21.12 -55.34 -2.29
C VAL O 50 -22.41 -56.03 -2.66
N LEU O 51 -22.37 -56.95 -3.64
CA LEU O 51 -23.58 -57.59 -4.12
C LEU O 51 -24.10 -58.65 -3.15
N ASP O 52 -23.31 -59.07 -2.17
CA ASP O 52 -23.73 -60.05 -1.19
C ASP O 52 -24.34 -59.42 0.06
N ASN O 53 -24.54 -58.10 0.05
CA ASN O 53 -25.09 -57.37 1.20
C ASN O 53 -24.25 -57.59 2.45
N GLU O 54 -22.92 -57.55 2.29
CA GLU O 54 -22.00 -57.83 3.38
C GLU O 54 -21.16 -56.63 3.77
N MET O 55 -21.34 -55.48 3.12
CA MET O 55 -20.57 -54.29 3.49
C MET O 55 -21.09 -53.73 4.80
N MET O 56 -20.18 -53.48 5.73
CA MET O 56 -20.49 -53.00 7.07
C MET O 56 -19.99 -51.58 7.25
N PHE O 57 -20.74 -50.82 8.04
CA PHE O 57 -20.37 -49.44 8.35
C PHE O 57 -20.98 -49.06 9.69
N ASP O 58 -20.75 -47.81 10.09
CA ASP O 58 -21.17 -47.35 11.41
C ASP O 58 -22.69 -47.46 11.59
N GLY O 59 -23.45 -46.75 10.77
CA GLY O 59 -24.89 -46.78 10.90
C GLY O 59 -25.42 -45.71 11.84
N SER O 60 -24.62 -45.32 12.82
CA SER O 60 -24.98 -44.20 13.68
C SER O 60 -24.89 -42.87 12.95
N SER O 61 -24.18 -42.83 11.82
CA SER O 61 -24.12 -41.62 11.01
C SER O 61 -25.49 -41.21 10.51
N ILE O 62 -26.44 -42.16 10.40
CA ILE O 62 -27.80 -41.82 10.04
C ILE O 62 -28.39 -40.84 11.03
N GLU O 63 -27.98 -40.90 12.30
CA GLU O 63 -28.49 -39.99 13.30
C GLU O 63 -28.01 -38.55 13.09
N GLY O 64 -27.03 -38.33 12.23
CA GLY O 64 -26.55 -36.98 12.03
C GLY O 64 -25.59 -36.57 13.13
N PHE O 65 -25.80 -35.37 13.69
CA PHE O 65 -24.91 -34.82 14.69
C PHE O 65 -25.34 -35.16 16.11
N VAL O 66 -26.39 -35.96 16.29
CA VAL O 66 -26.82 -36.38 17.61
C VAL O 66 -26.44 -37.83 17.89
N ARG O 67 -25.55 -38.40 17.07
CA ARG O 67 -25.10 -39.76 17.30
C ARG O 67 -24.23 -39.85 18.54
N ILE O 68 -24.32 -40.97 19.25
CA ILE O 68 -23.59 -41.14 20.49
C ILE O 68 -22.60 -42.29 20.37
N GLU O 69 -23.11 -43.50 20.12
CA GLU O 69 -22.29 -44.70 20.12
C GLU O 69 -22.20 -45.27 18.70
N GLU O 70 -21.02 -45.76 18.36
CA GLU O 70 -20.81 -46.39 17.06
C GLU O 70 -21.49 -47.76 17.04
N SER O 71 -22.25 -48.02 15.98
CA SER O 71 -22.91 -49.30 15.78
C SER O 71 -22.26 -50.01 14.59
N ASP O 72 -22.83 -51.16 14.23
CA ASP O 72 -22.41 -51.92 13.06
C ASP O 72 -23.65 -52.27 12.26
N MET O 73 -23.72 -51.81 11.02
CA MET O 73 -24.90 -52.03 10.20
C MET O 73 -24.45 -52.40 8.78
N TYR O 74 -25.33 -53.12 8.08
CA TYR O 74 -25.04 -53.63 6.76
C TYR O 74 -25.71 -52.77 5.70
N LEU O 75 -25.07 -52.71 4.53
CA LEU O 75 -25.62 -51.99 3.38
C LEU O 75 -26.13 -52.99 2.36
N HIS O 76 -27.42 -52.87 2.01
CA HIS O 76 -28.02 -53.71 0.98
C HIS O 76 -28.31 -52.84 -0.23
N PRO O 77 -27.55 -52.96 -1.32
CA PRO O 77 -27.78 -52.09 -2.47
C PRO O 77 -29.08 -52.43 -3.20
N ASP O 78 -29.64 -51.42 -3.86
CA ASP O 78 -30.79 -51.59 -4.75
C ASP O 78 -30.25 -51.52 -6.17
N LEU O 79 -30.32 -52.66 -6.87
CA LEU O 79 -29.68 -52.76 -8.18
C LEU O 79 -30.34 -51.88 -9.24
N ASP O 80 -31.60 -51.50 -9.03
CA ASP O 80 -32.28 -50.63 -9.99
C ASP O 80 -31.75 -49.20 -9.99
N THR O 81 -31.03 -48.80 -8.95
CA THR O 81 -30.50 -47.46 -8.83
C THR O 81 -29.10 -47.33 -9.44
N TRP O 82 -28.60 -48.37 -10.08
CA TRP O 82 -27.27 -48.33 -10.67
C TRP O 82 -27.18 -47.26 -11.74
N VAL O 83 -26.11 -46.46 -11.67
CA VAL O 83 -25.85 -45.45 -12.69
C VAL O 83 -24.36 -45.11 -12.61
N ILE O 84 -23.78 -44.75 -13.75
CA ILE O 84 -22.35 -44.45 -13.86
C ILE O 84 -22.20 -42.96 -14.12
N PHE O 85 -21.38 -42.31 -13.30
CA PHE O 85 -21.14 -40.88 -13.44
C PHE O 85 -20.27 -40.61 -14.66
N PRO O 86 -20.49 -39.49 -15.36
CA PRO O 86 -19.70 -39.21 -16.57
C PRO O 86 -18.38 -38.52 -16.29
N TRP O 87 -17.97 -38.50 -15.03
CA TRP O 87 -16.70 -37.87 -14.65
C TRP O 87 -15.68 -38.91 -14.21
N GLY O 92 -10.21 -44.47 -15.05
CA GLY O 92 -11.40 -45.24 -14.76
C GLY O 92 -12.64 -44.40 -14.52
N LYS O 93 -13.76 -45.05 -14.22
CA LYS O 93 -15.03 -44.38 -13.99
C LYS O 93 -15.52 -44.66 -12.58
N VAL O 94 -16.51 -43.89 -12.17
CA VAL O 94 -17.12 -44.02 -10.85
C VAL O 94 -18.60 -44.35 -11.04
N ALA O 95 -19.06 -45.38 -10.35
CA ALA O 95 -20.46 -45.79 -10.35
C ALA O 95 -21.01 -45.70 -8.94
N ARG O 96 -22.34 -45.66 -8.84
CA ARG O 96 -22.99 -45.54 -7.54
C ARG O 96 -24.11 -46.56 -7.43
N LEU O 97 -24.41 -46.93 -6.19
CA LEU O 97 -25.56 -47.75 -5.87
C LEU O 97 -26.19 -47.20 -4.60
N ILE O 98 -27.49 -46.98 -4.63
CA ILE O 98 -28.23 -46.51 -3.47
C ILE O 98 -28.58 -47.71 -2.61
N CYS O 99 -28.19 -47.69 -1.35
CA CYS O 99 -28.32 -48.84 -0.47
C CYS O 99 -29.25 -48.53 0.69
N ASP O 100 -30.00 -49.55 1.10
CA ASP O 100 -30.77 -49.51 2.33
C ASP O 100 -29.90 -50.00 3.48
N VAL O 101 -30.23 -49.56 4.69
CA VAL O 101 -29.45 -49.88 5.88
C VAL O 101 -30.18 -50.96 6.66
N TYR O 102 -29.47 -52.04 6.97
CA TYR O 102 -30.02 -53.17 7.71
C TYR O 102 -29.26 -53.36 9.01
N LYS O 103 -29.97 -53.79 10.04
CA LYS O 103 -29.34 -54.10 11.32
C LYS O 103 -28.65 -55.46 11.24
N THR O 104 -27.95 -55.82 12.31
CA THR O 104 -27.25 -57.10 12.35
C THR O 104 -28.19 -58.29 12.45
N ASP O 105 -29.48 -58.07 12.70
CA ASP O 105 -30.46 -59.14 12.79
C ASP O 105 -31.19 -59.39 11.49
N GLY O 106 -30.75 -58.74 10.41
CA GLY O 106 -31.35 -58.94 9.10
C GLY O 106 -32.58 -58.11 8.81
N THR O 107 -33.02 -57.27 9.74
CA THR O 107 -34.17 -56.43 9.51
C THR O 107 -33.75 -55.00 9.20
N PRO O 108 -34.52 -54.29 8.37
CA PRO O 108 -34.14 -52.91 8.03
C PRO O 108 -34.11 -52.01 9.25
N PHE O 109 -33.15 -51.09 9.25
CA PHE O 109 -33.02 -50.13 10.35
C PHE O 109 -34.20 -49.18 10.36
N GLU O 110 -34.81 -49.00 11.53
CA GLU O 110 -35.99 -48.16 11.64
C GLU O 110 -35.68 -46.68 11.54
N GLY O 111 -34.41 -46.29 11.63
CA GLY O 111 -34.02 -44.91 11.50
C GLY O 111 -33.67 -44.47 10.09
N ASP O 112 -33.85 -45.33 9.09
CA ASP O 112 -33.51 -45.00 7.72
C ASP O 112 -34.71 -44.37 7.03
N PRO O 113 -34.61 -43.13 6.53
CA PRO O 113 -35.78 -42.50 5.90
C PRO O 113 -36.29 -43.25 4.69
N ARG O 114 -35.42 -43.87 3.90
CA ARG O 114 -35.86 -44.60 2.72
C ARG O 114 -36.72 -45.81 3.11
N ALA O 115 -36.28 -46.56 4.12
CA ALA O 115 -37.08 -47.68 4.61
C ALA O 115 -38.39 -47.20 5.21
N ASN O 116 -38.38 -46.05 5.88
CA ASN O 116 -39.62 -45.50 6.42
C ASN O 116 -40.61 -45.15 5.31
N LEU O 117 -40.12 -44.53 4.23
CA LEU O 117 -40.99 -44.22 3.11
C LEU O 117 -41.52 -45.49 2.45
N LYS O 118 -40.68 -46.51 2.34
CA LYS O 118 -41.13 -47.78 1.79
C LYS O 118 -42.22 -48.41 2.66
N ARG O 119 -42.06 -48.33 3.98
CA ARG O 119 -43.09 -48.85 4.89
C ARG O 119 -44.39 -48.07 4.75
N VAL O 120 -44.30 -46.74 4.63
CA VAL O 120 -45.50 -45.93 4.46
C VAL O 120 -46.21 -46.28 3.15
N LEU O 121 -45.45 -46.47 2.07
CA LEU O 121 -46.05 -46.87 0.81
C LEU O 121 -46.69 -48.26 0.92
N LYS O 122 -46.03 -49.18 1.62
CA LYS O 122 -46.59 -50.52 1.79
C LYS O 122 -47.92 -50.47 2.55
N GLU O 123 -47.99 -49.65 3.60
CA GLU O 123 -49.24 -49.51 4.32
C GLU O 123 -50.29 -48.74 3.52
N MET O 124 -49.86 -47.87 2.60
CA MET O 124 -50.79 -47.22 1.69
C MET O 124 -51.41 -48.23 0.73
N GLU O 125 -50.62 -49.21 0.29
CA GLU O 125 -51.10 -50.21 -0.66
C GLU O 125 -52.25 -51.03 -0.11
N ASP O 126 -52.44 -51.08 1.20
CA ASP O 126 -53.59 -51.77 1.79
C ASP O 126 -54.89 -51.01 1.62
N LEU O 127 -54.84 -49.74 1.25
CA LEU O 127 -56.04 -48.94 1.02
C LEU O 127 -56.56 -49.06 -0.41
N GLY O 128 -55.91 -49.85 -1.25
CA GLY O 128 -56.32 -50.02 -2.64
C GLY O 128 -55.49 -49.26 -3.65
N PHE O 129 -54.73 -48.26 -3.21
CA PHE O 129 -53.89 -47.49 -4.11
C PHE O 129 -52.58 -48.22 -4.36
N THR O 130 -52.10 -48.14 -5.59
CA THR O 130 -50.90 -48.87 -6.01
C THR O 130 -49.66 -47.98 -6.15
N ASP O 131 -49.82 -46.74 -6.60
CA ASP O 131 -48.67 -45.89 -6.84
C ASP O 131 -48.93 -44.49 -6.31
N PHE O 132 -47.84 -43.83 -5.90
CA PHE O 132 -47.87 -42.44 -5.44
C PHE O 132 -46.77 -41.71 -6.22
N ASN O 133 -47.16 -40.99 -7.27
CA ASN O 133 -46.20 -40.36 -8.16
C ASN O 133 -45.90 -38.93 -7.71
N LEU O 134 -44.62 -38.56 -7.78
CA LEU O 134 -44.14 -37.26 -7.33
C LEU O 134 -43.33 -36.61 -8.44
N GLY O 135 -43.62 -35.34 -8.71
CA GLY O 135 -42.80 -34.50 -9.53
C GLY O 135 -42.36 -33.27 -8.75
N PRO O 136 -41.06 -33.15 -8.51
CA PRO O 136 -40.55 -32.01 -7.75
C PRO O 136 -40.19 -30.84 -8.64
N GLU O 137 -40.16 -29.66 -8.03
CA GLU O 137 -39.73 -28.42 -8.69
C GLU O 137 -38.65 -27.76 -7.85
N PRO O 138 -37.45 -28.34 -7.84
CA PRO O 138 -36.37 -27.80 -6.99
C PRO O 138 -35.76 -26.54 -7.61
N GLU O 139 -35.62 -25.50 -6.80
CA GLU O 139 -34.97 -24.27 -7.19
C GLU O 139 -33.68 -24.09 -6.40
N PHE O 140 -32.66 -23.54 -7.05
CA PHE O 140 -31.36 -23.38 -6.42
C PHE O 140 -30.75 -22.06 -6.84
N PHE O 141 -29.73 -21.64 -6.09
CA PHE O 141 -29.00 -20.43 -6.37
C PHE O 141 -27.57 -20.75 -6.77
N LEU O 142 -27.01 -19.94 -7.67
CA LEU O 142 -25.63 -20.06 -8.11
C LEU O 142 -24.89 -18.78 -7.73
N PHE O 143 -23.86 -18.93 -6.91
CA PHE O 143 -23.04 -17.81 -6.45
C PHE O 143 -21.64 -17.92 -7.03
N LYS O 144 -20.97 -16.78 -7.16
CA LYS O 144 -19.62 -16.74 -7.67
C LYS O 144 -18.62 -17.10 -6.57
N LEU O 145 -17.52 -17.73 -6.97
CA LEU O 145 -16.43 -18.05 -6.07
C LEU O 145 -15.34 -16.99 -6.15
N ASP O 146 -14.64 -16.79 -5.04
CA ASP O 146 -13.56 -15.82 -4.99
C ASP O 146 -12.24 -16.49 -5.36
N GLU O 147 -11.13 -15.77 -5.16
CA GLU O 147 -9.82 -16.32 -5.50
C GLU O 147 -9.47 -17.52 -4.62
N LYS O 148 -9.82 -17.46 -3.34
CA LYS O 148 -9.53 -18.55 -2.41
C LYS O 148 -10.44 -19.75 -2.61
N GLY O 149 -11.44 -19.65 -3.47
CA GLY O 149 -12.37 -20.74 -3.70
C GLY O 149 -13.56 -20.78 -2.79
N GLU O 150 -13.76 -19.75 -1.98
CA GLU O 150 -14.93 -19.70 -1.10
C GLU O 150 -16.10 -19.02 -1.81
N PRO O 151 -17.33 -19.40 -1.47
CA PRO O 151 -18.49 -18.75 -2.09
C PRO O 151 -18.65 -17.32 -1.62
N THR O 152 -18.97 -16.43 -2.56
CA THR O 152 -19.28 -15.05 -2.26
C THR O 152 -20.79 -14.85 -2.33
N LEU O 153 -21.23 -13.59 -2.22
CA LEU O 153 -22.65 -13.26 -2.27
C LEU O 153 -23.05 -12.66 -3.62
N GLU O 154 -22.17 -12.70 -4.61
CA GLU O 154 -22.49 -12.24 -5.94
C GLU O 154 -23.09 -13.37 -6.77
N LEU O 155 -24.14 -13.06 -7.52
CA LEU O 155 -24.84 -14.06 -8.31
C LEU O 155 -24.13 -14.29 -9.63
N ASN O 156 -24.40 -15.45 -10.24
CA ASN O 156 -23.77 -15.81 -11.50
C ASN O 156 -24.30 -15.00 -12.67
N ASP O 157 -25.54 -14.51 -12.60
CA ASP O 157 -26.11 -13.69 -13.66
C ASP O 157 -27.02 -12.65 -13.02
N ASP O 158 -27.78 -11.94 -13.86
CA ASP O 158 -28.71 -10.93 -13.39
C ASP O 158 -30.04 -11.04 -14.13
N GLY O 159 -30.51 -12.27 -14.34
CA GLY O 159 -31.74 -12.50 -15.06
C GLY O 159 -32.97 -12.42 -14.20
N GLY O 160 -34.12 -12.54 -14.85
CA GLY O 160 -35.40 -12.53 -14.16
C GLY O 160 -36.22 -13.76 -14.43
N TYR O 161 -37.54 -13.67 -14.22
CA TYR O 161 -38.42 -14.82 -14.38
C TYR O 161 -38.45 -15.24 -15.85
N PHE O 162 -38.06 -16.49 -16.11
CA PHE O 162 -38.08 -17.08 -17.45
C PHE O 162 -37.17 -16.32 -18.41
N ASP O 163 -36.18 -15.60 -17.89
CA ASP O 163 -35.26 -14.85 -18.72
C ASP O 163 -34.29 -15.79 -19.43
N LEU O 164 -33.74 -15.31 -20.54
CA LEU O 164 -32.66 -16.00 -21.24
C LEU O 164 -31.33 -15.34 -20.87
N ALA O 165 -31.02 -15.36 -19.57
CA ALA O 165 -29.89 -14.63 -19.04
C ALA O 165 -28.54 -15.28 -19.40
N PRO O 166 -28.26 -16.54 -19.00
CA PRO O 166 -26.99 -17.14 -19.40
C PRO O 166 -27.09 -17.64 -20.83
N THR O 167 -26.88 -16.74 -21.80
CA THR O 167 -27.44 -16.94 -23.13
C THR O 167 -26.96 -18.20 -23.83
N ASP O 168 -25.72 -18.23 -24.30
CA ASP O 168 -25.21 -19.48 -24.86
C ASP O 168 -23.73 -19.71 -24.60
N LEU O 169 -22.98 -18.63 -24.35
CA LEU O 169 -21.53 -18.68 -24.43
C LEU O 169 -20.90 -18.28 -23.10
N GLY O 170 -20.25 -19.25 -22.45
CA GLY O 170 -19.25 -18.98 -21.44
C GLY O 170 -19.41 -19.71 -20.12
N GLU O 171 -20.62 -19.76 -19.57
CA GLU O 171 -20.88 -20.69 -18.46
C GLU O 171 -22.06 -21.62 -18.75
N ASN O 172 -23.25 -21.07 -19.00
CA ASN O 172 -24.50 -21.82 -19.18
C ASN O 172 -24.54 -23.06 -18.28
N CYS O 173 -24.39 -22.82 -16.98
CA CYS O 173 -24.33 -23.92 -16.03
C CYS O 173 -25.63 -24.73 -16.01
N ARG O 174 -26.77 -24.05 -16.12
CA ARG O 174 -28.05 -24.75 -16.13
C ARG O 174 -28.17 -25.69 -17.33
N ARG O 175 -27.73 -25.24 -18.51
CA ARG O 175 -27.79 -26.09 -19.68
C ARG O 175 -26.89 -27.31 -19.53
N ASP O 176 -25.68 -27.11 -18.99
CA ASP O 176 -24.78 -28.24 -18.79
C ASP O 176 -25.35 -29.23 -17.78
N ILE O 177 -25.98 -28.71 -16.71
CA ILE O 177 -26.60 -29.59 -15.73
C ILE O 177 -27.69 -30.43 -16.39
N VAL O 178 -28.54 -29.79 -17.19
CA VAL O 178 -29.63 -30.49 -17.85
C VAL O 178 -29.08 -31.56 -18.79
N LEU O 179 -28.07 -31.21 -19.58
CA LEU O 179 -27.52 -32.16 -20.54
C LEU O 179 -26.85 -33.33 -19.83
N GLU O 180 -26.12 -33.07 -18.75
CA GLU O 180 -25.47 -34.14 -18.01
C GLU O 180 -26.49 -35.06 -17.33
N LEU O 181 -27.58 -34.48 -16.82
CA LEU O 181 -28.64 -35.30 -16.25
C LEU O 181 -29.30 -36.16 -17.32
N GLU O 182 -29.50 -35.59 -18.52
CA GLU O 182 -30.07 -36.37 -19.61
C GLU O 182 -29.14 -37.51 -20.01
N ASP O 183 -27.83 -37.27 -20.04
CA ASP O 183 -26.88 -38.33 -20.35
C ASP O 183 -26.89 -39.42 -19.30
N MET O 184 -27.16 -39.09 -18.05
CA MET O 184 -27.19 -40.05 -16.97
C MET O 184 -28.44 -40.92 -16.96
N GLY O 185 -29.43 -40.59 -17.77
CA GLY O 185 -30.66 -41.35 -17.83
C GLY O 185 -31.82 -40.75 -17.06
N PHE O 186 -31.82 -39.44 -16.83
CA PHE O 186 -32.92 -38.77 -16.15
C PHE O 186 -33.98 -38.33 -17.16
N ASP O 187 -35.13 -37.94 -16.63
CA ASP O 187 -36.27 -37.48 -17.43
C ASP O 187 -36.56 -36.03 -17.05
N ILE O 188 -36.04 -35.10 -17.82
CA ILE O 188 -36.21 -33.67 -17.57
C ILE O 188 -37.38 -33.16 -18.39
N GLU O 189 -38.30 -32.44 -17.75
CA GLU O 189 -39.43 -31.84 -18.43
C GLU O 189 -39.06 -30.50 -19.06
N ALA O 190 -38.61 -29.55 -18.26
CA ALA O 190 -38.21 -28.24 -18.73
C ALA O 190 -37.38 -27.55 -17.65
N SER O 191 -36.68 -26.50 -18.06
CA SER O 191 -35.89 -25.69 -17.16
C SER O 191 -36.04 -24.23 -17.54
N HIS O 192 -35.87 -23.34 -16.56
CA HIS O 192 -36.03 -21.92 -16.81
C HIS O 192 -35.30 -21.13 -15.72
N HIS O 193 -35.07 -19.86 -16.00
CA HIS O 193 -34.54 -18.95 -15.00
C HIS O 193 -35.64 -18.56 -14.01
N GLU O 194 -35.28 -18.45 -12.75
CA GLU O 194 -36.24 -18.17 -11.70
C GLU O 194 -36.35 -16.66 -11.48
N VAL O 195 -37.22 -16.26 -10.56
CA VAL O 195 -37.53 -14.84 -10.37
C VAL O 195 -36.30 -14.08 -9.89
N ALA O 196 -35.63 -14.58 -8.86
CA ALA O 196 -34.49 -13.89 -8.31
C ALA O 196 -33.27 -14.02 -9.23
N PRO O 197 -32.40 -13.03 -9.25
CA PRO O 197 -31.16 -13.16 -10.04
C PRO O 197 -30.32 -14.32 -9.54
N GLY O 198 -29.70 -15.03 -10.47
CA GLY O 198 -28.90 -16.18 -10.12
C GLY O 198 -29.66 -17.38 -9.62
N GLN O 199 -30.98 -17.38 -9.73
CA GLN O 199 -31.81 -18.48 -9.28
C GLN O 199 -32.31 -19.29 -10.47
N HIS O 200 -32.28 -20.60 -10.35
CA HIS O 200 -32.60 -21.49 -11.45
C HIS O 200 -33.50 -22.62 -10.97
N GLU O 201 -34.27 -23.17 -11.91
CA GLU O 201 -35.19 -24.26 -11.63
C GLU O 201 -35.13 -25.28 -12.75
N ILE O 202 -35.06 -26.56 -12.38
CA ILE O 202 -35.11 -27.67 -13.32
C ILE O 202 -36.21 -28.61 -12.88
N ASP O 203 -37.10 -28.96 -13.82
CA ASP O 203 -38.28 -29.76 -13.51
C ASP O 203 -38.12 -31.17 -14.04
N PHE O 204 -38.56 -32.15 -13.26
CA PHE O 204 -38.52 -33.55 -13.66
C PHE O 204 -39.90 -34.05 -14.03
N LYS O 205 -39.93 -35.05 -14.90
CA LYS O 205 -41.16 -35.79 -15.13
C LYS O 205 -41.51 -36.61 -13.91
N TYR O 206 -42.80 -36.88 -13.73
CA TYR O 206 -43.25 -37.58 -12.54
C TYR O 206 -42.71 -39.00 -12.51
N ALA O 207 -42.47 -39.49 -11.29
CA ALA O 207 -41.98 -40.85 -11.08
C ALA O 207 -42.52 -41.34 -9.75
N ASP O 208 -42.35 -42.63 -9.49
CA ASP O 208 -42.79 -43.20 -8.24
C ASP O 208 -42.02 -42.60 -7.07
N ALA O 209 -42.59 -42.74 -5.88
CA ALA O 209 -42.12 -41.97 -4.71
C ALA O 209 -40.64 -42.21 -4.43
N VAL O 210 -40.25 -43.48 -4.30
CA VAL O 210 -38.87 -43.79 -3.96
C VAL O 210 -37.93 -43.34 -5.07
N THR O 211 -38.30 -43.60 -6.32
CA THR O 211 -37.49 -43.15 -7.45
C THR O 211 -37.41 -41.63 -7.49
N ALA O 212 -38.52 -40.95 -7.20
CA ALA O 212 -38.52 -39.49 -7.20
C ALA O 212 -37.57 -38.93 -6.16
N CYS O 213 -37.58 -39.49 -4.94
CA CYS O 213 -36.69 -39.00 -3.91
C CYS O 213 -35.23 -39.31 -4.22
N ASP O 214 -34.96 -40.50 -4.77
CA ASP O 214 -33.61 -40.82 -5.22
C ASP O 214 -33.14 -39.86 -6.30
N ASN O 215 -34.04 -39.51 -7.23
CA ASN O 215 -33.70 -38.57 -8.27
C ASN O 215 -33.43 -37.18 -7.70
N ILE O 216 -34.17 -36.80 -6.66
CA ILE O 216 -33.90 -35.51 -6.02
C ILE O 216 -32.52 -35.49 -5.41
N GLN O 217 -32.16 -36.55 -4.69
CA GLN O 217 -30.83 -36.62 -4.09
C GLN O 217 -29.73 -36.58 -5.15
N THR O 218 -29.89 -37.39 -6.20
CA THR O 218 -28.90 -37.43 -7.27
C THR O 218 -28.82 -36.09 -7.98
N PHE O 219 -29.95 -35.40 -8.16
CA PHE O 219 -29.96 -34.09 -8.78
C PHE O 219 -29.20 -33.08 -7.95
N LYS O 220 -29.39 -33.10 -6.62
CA LYS O 220 -28.63 -32.20 -5.77
C LYS O 220 -27.14 -32.46 -5.89
N LEU O 221 -26.74 -33.74 -5.86
CA LEU O 221 -25.32 -34.08 -5.98
C LEU O 221 -24.75 -33.62 -7.32
N VAL O 222 -25.48 -33.86 -8.41
CA VAL O 222 -25.00 -33.53 -9.75
C VAL O 222 -24.90 -32.02 -9.91
N VAL O 223 -25.89 -31.27 -9.40
CA VAL O 223 -25.85 -29.81 -9.50
C VAL O 223 -24.66 -29.27 -8.72
N LYS O 224 -24.43 -29.78 -7.51
CA LYS O 224 -23.32 -29.29 -6.72
C LYS O 224 -21.98 -29.62 -7.36
N THR O 225 -21.88 -30.77 -8.05
CA THR O 225 -20.65 -31.09 -8.75
C THR O 225 -20.42 -30.18 -9.96
N ILE O 226 -21.46 -30.02 -10.79
CA ILE O 226 -21.29 -29.27 -12.04
C ILE O 226 -21.06 -27.80 -11.76
N ALA O 227 -21.74 -27.23 -10.74
CA ALA O 227 -21.49 -25.84 -10.38
C ALA O 227 -20.04 -25.63 -9.97
N ARG O 228 -19.48 -26.58 -9.23
CA ARG O 228 -18.06 -26.51 -8.89
C ARG O 228 -17.20 -26.61 -10.15
N LYS O 229 -17.63 -27.41 -11.13
CA LYS O 229 -16.88 -27.50 -12.38
C LYS O 229 -16.82 -26.15 -13.10
N HIS O 230 -17.85 -25.31 -12.95
CA HIS O 230 -17.92 -24.02 -13.63
C HIS O 230 -17.47 -22.87 -12.74
N ASN O 231 -16.67 -23.15 -11.70
CA ASN O 231 -16.18 -22.12 -10.79
C ASN O 231 -17.34 -21.37 -10.12
N LEU O 232 -18.41 -22.09 -9.81
CA LEU O 232 -19.56 -21.53 -9.13
C LEU O 232 -19.86 -22.36 -7.89
N HIS O 233 -20.79 -21.87 -7.07
CA HIS O 233 -21.25 -22.58 -5.89
C HIS O 233 -22.77 -22.67 -5.96
N ALA O 234 -23.28 -23.89 -5.93
CA ALA O 234 -24.72 -24.12 -5.96
C ALA O 234 -25.22 -24.34 -4.55
N THR O 235 -26.28 -23.61 -4.17
CA THR O 235 -26.86 -23.74 -2.86
C THR O 235 -28.36 -23.96 -2.97
N PHE O 236 -28.87 -24.89 -2.16
CA PHE O 236 -30.29 -25.12 -2.00
C PHE O 236 -30.83 -24.51 -0.71
N MET O 237 -30.13 -23.52 -0.17
CA MET O 237 -30.57 -22.84 1.03
C MET O 237 -31.91 -22.15 0.77
N PRO O 238 -32.90 -22.30 1.65
CA PRO O 238 -34.24 -21.74 1.35
C PRO O 238 -34.25 -20.24 1.12
N LYS O 239 -33.46 -19.48 1.87
CA LYS O 239 -33.46 -18.02 1.77
C LYS O 239 -32.04 -17.50 1.96
N PRO O 240 -31.19 -17.63 0.94
CA PRO O 240 -29.81 -17.14 1.08
C PRO O 240 -29.71 -15.63 1.16
N LEU O 241 -30.61 -14.89 0.52
CA LEU O 241 -30.52 -13.45 0.45
C LEU O 241 -31.82 -12.81 0.91
N PHE O 242 -31.71 -11.77 1.72
CA PHE O 242 -32.86 -11.01 2.15
C PHE O 242 -33.36 -10.10 1.03
N GLY O 243 -34.68 -9.96 0.93
CA GLY O 243 -35.28 -9.05 -0.01
C GLY O 243 -35.51 -9.60 -1.40
N VAL O 244 -35.13 -10.84 -1.67
CA VAL O 244 -35.38 -11.49 -2.95
C VAL O 244 -36.13 -12.80 -2.70
N ASN O 245 -36.56 -13.42 -3.79
CA ASN O 245 -37.31 -14.66 -3.70
C ASN O 245 -36.44 -15.77 -3.11
N GLY O 246 -37.07 -16.62 -2.31
CA GLY O 246 -36.43 -17.82 -1.83
C GLY O 246 -36.57 -18.97 -2.80
N SER O 247 -35.99 -20.11 -2.41
CA SER O 247 -36.02 -21.32 -3.23
C SER O 247 -37.00 -22.31 -2.62
N GLY O 248 -37.92 -22.82 -3.44
CA GLY O 248 -38.86 -23.83 -3.03
C GLY O 248 -38.65 -25.13 -3.78
N MET O 249 -39.31 -26.17 -3.30
CA MET O 249 -39.25 -27.51 -3.89
C MET O 249 -40.68 -28.08 -3.97
N HIS O 250 -41.56 -27.32 -4.61
CA HIS O 250 -42.97 -27.71 -4.74
C HIS O 250 -43.09 -29.15 -5.20
N PHE O 251 -43.98 -29.88 -4.54
CA PHE O 251 -44.22 -31.31 -4.78
C PHE O 251 -45.56 -31.47 -5.48
N ASN O 252 -45.54 -31.93 -6.73
CA ASN O 252 -46.78 -32.30 -7.43
C ASN O 252 -46.99 -33.79 -7.24
N VAL O 253 -48.02 -34.17 -6.50
CA VAL O 253 -48.25 -35.56 -6.14
C VAL O 253 -49.56 -36.02 -6.76
N SER O 254 -49.60 -37.33 -7.06
CA SER O 254 -50.81 -37.93 -7.62
C SER O 254 -50.91 -39.38 -7.14
N LEU O 255 -52.13 -39.81 -6.85
CA LEU O 255 -52.41 -41.17 -6.43
C LEU O 255 -52.92 -42.00 -7.60
N PHE O 256 -52.54 -43.28 -7.62
CA PHE O 256 -52.93 -44.19 -8.67
C PHE O 256 -53.33 -45.52 -8.08
N LYS O 257 -54.51 -46.02 -8.43
CA LYS O 257 -54.88 -47.41 -8.11
C LYS O 257 -55.14 -48.14 -9.42
N GLY O 258 -54.05 -48.53 -10.08
CA GLY O 258 -54.09 -49.42 -11.21
C GLY O 258 -54.30 -48.68 -12.51
N LYS O 259 -53.22 -48.40 -13.24
CA LYS O 259 -53.27 -47.78 -14.57
C LYS O 259 -54.31 -46.67 -14.69
N GLU O 260 -54.51 -45.91 -13.61
CA GLU O 260 -55.61 -44.94 -13.59
C GLU O 260 -55.41 -43.96 -12.45
N ASN O 261 -55.50 -42.67 -12.75
CA ASN O 261 -55.34 -41.63 -11.74
C ASN O 261 -56.58 -41.59 -10.86
N ALA O 262 -56.37 -41.71 -9.55
CA ALA O 262 -57.47 -41.70 -8.59
C ALA O 262 -58.01 -40.29 -8.33
N PHE O 263 -57.30 -39.24 -8.78
CA PHE O 263 -57.75 -37.88 -8.59
C PHE O 263 -58.59 -37.35 -9.75
N PHE O 264 -58.73 -38.11 -10.83
CA PHE O 264 -59.38 -37.63 -12.04
C PHE O 264 -60.85 -38.03 -12.06
N ASP O 265 -61.72 -37.06 -12.28
CA ASP O 265 -63.16 -37.30 -12.45
C ASP O 265 -63.54 -36.97 -13.89
N PRO O 266 -63.79 -37.96 -14.74
CA PRO O 266 -64.05 -37.67 -16.16
C PRO O 266 -65.42 -37.09 -16.43
N ASN O 267 -66.31 -37.01 -15.44
CA ASN O 267 -67.66 -36.49 -15.64
C ASN O 267 -67.84 -35.07 -15.14
N THR O 268 -67.35 -34.77 -13.94
CA THR O 268 -67.46 -33.42 -13.40
C THR O 268 -66.60 -32.45 -14.21
N GLU O 269 -67.15 -31.26 -14.46
CA GLU O 269 -66.42 -30.27 -15.25
C GLU O 269 -65.18 -29.77 -14.51
N MET O 270 -65.18 -29.84 -13.17
CA MET O 270 -63.96 -29.56 -12.43
C MET O 270 -62.91 -30.64 -12.65
N GLY O 271 -63.35 -31.88 -12.82
CA GLY O 271 -62.43 -32.97 -13.08
C GLY O 271 -61.70 -33.49 -11.87
N LEU O 272 -62.22 -33.27 -10.67
CA LEU O 272 -61.59 -33.71 -9.44
C LEU O 272 -62.49 -34.71 -8.73
N THR O 273 -61.92 -35.87 -8.40
CA THR O 273 -62.63 -36.90 -7.67
C THR O 273 -62.77 -36.49 -6.20
N GLU O 274 -63.78 -37.05 -5.54
CA GLU O 274 -63.93 -36.85 -4.09
C GLU O 274 -62.71 -37.33 -3.33
N THR O 275 -62.00 -38.32 -3.87
CA THR O 275 -60.74 -38.76 -3.25
C THR O 275 -59.73 -37.63 -3.23
N ALA O 276 -59.63 -36.86 -4.32
CA ALA O 276 -58.71 -35.73 -4.36
C ALA O 276 -59.09 -34.68 -3.33
N TYR O 277 -60.39 -34.41 -3.18
CA TYR O 277 -60.84 -33.44 -2.18
C TYR O 277 -60.51 -33.92 -0.77
N GLN O 278 -60.71 -35.21 -0.49
CA GLN O 278 -60.34 -35.75 0.82
C GLN O 278 -58.83 -35.65 1.05
N PHE O 279 -58.05 -35.93 0.02
CA PHE O 279 -56.59 -35.85 0.14
C PHE O 279 -56.14 -34.43 0.47
N THR O 280 -56.66 -33.45 -0.26
CA THR O 280 -56.25 -32.07 0.02
C THR O 280 -56.79 -31.58 1.36
N ALA O 281 -57.97 -32.05 1.77
CA ALA O 281 -58.47 -31.73 3.09
C ALA O 281 -57.56 -32.27 4.18
N GLY O 282 -57.09 -33.51 4.01
CA GLY O 282 -56.16 -34.08 4.96
C GLY O 282 -54.82 -33.37 5.00
N VAL O 283 -54.31 -32.97 3.84
CA VAL O 283 -53.06 -32.23 3.81
C VAL O 283 -53.23 -30.87 4.49
N LEU O 284 -54.35 -30.19 4.25
CA LEU O 284 -54.60 -28.91 4.90
C LEU O 284 -54.75 -29.07 6.41
N LYS O 285 -55.40 -30.15 6.85
CA LYS O 285 -55.65 -30.35 8.27
C LYS O 285 -54.35 -30.49 9.05
N ASN O 286 -53.39 -31.25 8.52
CA ASN O 286 -52.15 -31.54 9.22
C ASN O 286 -50.97 -30.71 8.71
N ALA O 287 -51.25 -29.58 8.06
CA ALA O 287 -50.17 -28.77 7.49
C ALA O 287 -49.23 -28.26 8.57
N ARG O 288 -49.78 -27.80 9.70
CA ARG O 288 -48.93 -27.35 10.80
C ARG O 288 -48.12 -28.50 11.40
N GLY O 289 -48.64 -29.73 11.29
CA GLY O 289 -47.94 -30.86 11.87
C GLY O 289 -46.61 -31.17 11.19
N PHE O 290 -46.59 -31.15 9.86
CA PHE O 290 -45.40 -31.53 9.11
C PHE O 290 -44.61 -30.33 8.59
N THR O 291 -44.91 -29.13 9.08
CA THR O 291 -44.17 -27.95 8.62
C THR O 291 -42.69 -28.05 9.02
N ALA O 292 -42.41 -28.57 10.22
CA ALA O 292 -41.02 -28.71 10.65
C ALA O 292 -40.24 -29.67 9.77
N VAL O 293 -40.86 -30.78 9.36
CA VAL O 293 -40.17 -31.74 8.50
C VAL O 293 -39.95 -31.15 7.11
N CYS O 294 -40.97 -30.50 6.55
CA CYS O 294 -40.84 -29.90 5.23
C CYS O 294 -40.00 -28.64 5.23
N ASN O 295 -39.86 -27.98 6.37
CA ASN O 295 -39.02 -26.78 6.51
C ASN O 295 -38.12 -26.99 7.72
N PRO O 296 -37.06 -27.80 7.57
CA PRO O 296 -36.27 -28.20 8.73
C PRO O 296 -35.22 -27.23 9.21
N LEU O 297 -34.86 -26.21 8.43
CA LEU O 297 -33.82 -25.28 8.81
C LEU O 297 -34.41 -24.06 9.51
N VAL O 298 -33.57 -23.39 10.30
CA VAL O 298 -33.94 -22.09 10.85
C VAL O 298 -34.17 -21.08 9.73
N ASN O 299 -33.31 -21.11 8.72
CA ASN O 299 -33.43 -20.20 7.58
C ASN O 299 -34.70 -20.44 6.77
N SER O 300 -35.27 -21.65 6.85
CA SER O 300 -36.45 -21.98 6.04
C SER O 300 -37.59 -21.01 6.33
N TYR O 301 -37.79 -20.66 7.59
CA TYR O 301 -38.88 -19.78 7.97
C TYR O 301 -38.61 -18.32 7.65
N LYS O 302 -37.40 -17.99 7.20
CA LYS O 302 -37.17 -16.71 6.56
C LYS O 302 -37.68 -16.66 5.13
N ARG O 303 -37.89 -17.83 4.51
CA ARG O 303 -38.58 -17.86 3.22
C ARG O 303 -40.08 -17.71 3.38
N LEU O 304 -40.64 -18.24 4.46
CA LEU O 304 -42.09 -18.18 4.70
C LEU O 304 -42.49 -16.80 5.21
N VAL O 305 -42.27 -15.80 4.36
CA VAL O 305 -42.67 -14.43 4.64
C VAL O 305 -43.49 -13.93 3.44
N PRO O 306 -44.46 -13.04 3.66
CA PRO O 306 -45.33 -12.64 2.55
C PRO O 306 -44.59 -11.81 1.51
N GLY O 307 -45.05 -11.93 0.27
CA GLY O 307 -44.56 -11.14 -0.84
C GLY O 307 -43.63 -11.84 -1.79
N TYR O 308 -43.24 -13.09 -1.51
CA TYR O 308 -42.29 -13.80 -2.35
C TYR O 308 -42.84 -15.14 -2.82
N GLU O 309 -44.16 -15.24 -2.90
CA GLU O 309 -44.92 -16.40 -3.41
C GLU O 309 -44.82 -17.63 -2.51
N ALA O 310 -44.06 -17.58 -1.43
CA ALA O 310 -44.05 -18.71 -0.52
C ALA O 310 -45.33 -18.72 0.31
N PRO O 311 -45.90 -19.90 0.56
CA PRO O 311 -47.14 -19.94 1.36
C PRO O 311 -46.90 -19.54 2.80
N CYS O 312 -47.82 -18.74 3.33
CA CYS O 312 -47.75 -18.29 4.71
C CYS O 312 -48.93 -18.73 5.56
N TYR O 313 -50.04 -19.13 4.95
CA TYR O 313 -51.19 -19.63 5.68
C TYR O 313 -51.71 -20.88 4.98
N ILE O 314 -52.62 -21.59 5.66
CA ILE O 314 -53.09 -22.89 5.22
C ILE O 314 -54.35 -22.67 4.39
N ALA O 315 -54.21 -22.78 3.08
CA ALA O 315 -55.34 -22.63 2.16
C ALA O 315 -54.99 -23.30 0.85
N TRP O 316 -56.02 -23.56 0.06
CA TRP O 316 -55.86 -24.16 -1.26
C TRP O 316 -56.64 -23.33 -2.29
N SER O 317 -56.13 -23.34 -3.52
CA SER O 317 -56.75 -22.57 -4.59
C SER O 317 -56.29 -23.12 -5.93
N GLY O 318 -57.01 -22.74 -6.98
CA GLY O 318 -56.62 -23.07 -8.33
C GLY O 318 -55.90 -21.92 -9.00
N LYS O 319 -56.07 -20.72 -8.46
CA LYS O 319 -55.42 -19.52 -9.00
C LYS O 319 -55.24 -18.53 -7.86
N ASN O 320 -54.02 -18.47 -7.32
CA ASN O 320 -53.70 -17.55 -6.24
C ASN O 320 -52.20 -17.29 -6.26
N ARG O 321 -51.80 -16.20 -5.61
CA ARG O 321 -50.38 -15.84 -5.61
C ARG O 321 -49.55 -16.84 -4.81
N SER O 322 -49.97 -17.15 -3.59
CA SER O 322 -49.22 -18.04 -2.70
C SER O 322 -50.17 -18.93 -1.91
N PRO O 323 -50.81 -19.88 -2.58
CA PRO O 323 -51.60 -20.88 -1.85
C PRO O 323 -50.71 -22.02 -1.35
N LEU O 324 -51.10 -22.59 -0.21
CA LEU O 324 -50.39 -23.75 0.30
C LEU O 324 -50.53 -24.93 -0.65
N ILE O 325 -51.73 -25.15 -1.17
CA ILE O 325 -52.01 -26.21 -2.13
C ILE O 325 -52.55 -25.58 -3.41
N ARG O 326 -51.95 -25.94 -4.54
CA ARG O 326 -52.41 -25.48 -5.85
C ARG O 326 -52.82 -26.70 -6.68
N VAL O 327 -53.92 -26.56 -7.41
CA VAL O 327 -54.40 -27.60 -8.30
C VAL O 327 -54.13 -27.14 -9.73
N PRO O 328 -53.16 -27.72 -10.42
CA PRO O 328 -52.89 -27.31 -11.81
C PRO O 328 -54.06 -27.63 -12.73
N SER O 329 -54.16 -26.86 -13.81
CA SER O 329 -55.26 -27.00 -14.75
C SER O 329 -55.21 -28.30 -15.54
N SER O 330 -54.10 -29.02 -15.52
CA SER O 330 -54.00 -30.28 -16.25
C SER O 330 -54.97 -31.30 -15.68
N ARG O 331 -55.49 -32.15 -16.55
CA ARG O 331 -56.47 -33.16 -16.18
C ARG O 331 -56.08 -34.47 -16.86
N GLY O 332 -56.97 -35.45 -16.80
CA GLY O 332 -56.66 -36.74 -17.39
C GLY O 332 -55.78 -37.56 -16.46
N LEU O 333 -54.74 -38.14 -17.02
CA LEU O 333 -53.79 -38.92 -16.23
C LEU O 333 -52.76 -38.05 -15.54
N SER O 334 -52.73 -36.74 -15.82
CA SER O 334 -51.74 -35.83 -15.26
C SER O 334 -52.31 -34.93 -14.18
N THR O 335 -53.53 -35.17 -13.72
CA THR O 335 -54.09 -34.38 -12.64
C THR O 335 -53.33 -34.65 -11.35
N ARG O 336 -53.01 -33.59 -10.62
CA ARG O 336 -52.16 -33.72 -9.44
C ARG O 336 -52.47 -32.59 -8.47
N ILE O 337 -51.91 -32.72 -7.27
CA ILE O 337 -52.05 -31.72 -6.22
C ILE O 337 -50.66 -31.23 -5.86
N GLU O 338 -50.48 -29.91 -5.85
CA GLU O 338 -49.17 -29.31 -5.62
C GLU O 338 -49.09 -28.75 -4.20
N VAL O 339 -48.17 -29.28 -3.42
CA VAL O 339 -47.85 -28.74 -2.09
C VAL O 339 -46.64 -27.85 -2.24
N ARG O 340 -46.79 -26.58 -1.88
CA ARG O 340 -45.78 -25.56 -2.17
C ARG O 340 -44.96 -25.15 -0.96
N SER O 341 -45.21 -25.72 0.21
CA SER O 341 -44.46 -25.33 1.40
C SER O 341 -43.09 -26.00 1.48
N VAL O 342 -42.87 -27.07 0.72
CA VAL O 342 -41.62 -27.80 0.81
C VAL O 342 -40.49 -26.97 0.22
N ASP O 343 -39.34 -27.01 0.87
CA ASP O 343 -38.12 -26.33 0.42
C ASP O 343 -37.05 -27.35 0.06
N PRO O 344 -36.07 -26.98 -0.76
CA PRO O 344 -35.07 -27.96 -1.21
C PRO O 344 -34.19 -28.51 -0.10
N ALA O 345 -34.14 -27.86 1.06
CA ALA O 345 -33.34 -28.37 2.18
C ALA O 345 -34.01 -29.51 2.92
N ALA O 346 -35.29 -29.78 2.66
CA ALA O 346 -35.99 -30.85 3.35
C ALA O 346 -35.53 -32.21 2.86
N ASN O 347 -35.61 -33.20 3.74
CA ASN O 347 -35.35 -34.58 3.35
C ASN O 347 -36.49 -35.07 2.47
N PRO O 348 -36.23 -35.50 1.24
CA PRO O 348 -37.33 -35.87 0.35
C PRO O 348 -38.16 -37.04 0.87
N TYR O 349 -37.51 -38.08 1.41
CA TYR O 349 -38.24 -39.24 1.90
C TYR O 349 -39.18 -38.87 3.04
N MET O 350 -38.67 -38.12 4.02
CA MET O 350 -39.47 -37.78 5.19
C MET O 350 -40.62 -36.84 4.81
N ALA O 351 -40.34 -35.83 3.98
CA ALA O 351 -41.39 -34.91 3.57
C ALA O 351 -42.47 -35.62 2.75
N LEU O 352 -42.06 -36.48 1.82
CA LEU O 352 -43.03 -37.24 1.03
C LEU O 352 -43.86 -38.16 1.91
N ALA O 353 -43.23 -38.83 2.88
CA ALA O 353 -43.96 -39.70 3.78
C ALA O 353 -44.97 -38.90 4.60
N ALA O 354 -44.57 -37.73 5.09
CA ALA O 354 -45.50 -36.91 5.87
C ALA O 354 -46.68 -36.45 5.03
N ILE O 355 -46.42 -36.01 3.80
CA ILE O 355 -47.50 -35.54 2.94
C ILE O 355 -48.44 -36.70 2.61
N LEU O 356 -47.88 -37.87 2.28
CA LEU O 356 -48.72 -39.02 1.95
C LEU O 356 -49.56 -39.45 3.15
N GLU O 357 -48.97 -39.44 4.35
CA GLU O 357 -49.71 -39.82 5.54
C GLU O 357 -50.83 -38.83 5.84
N ALA O 358 -50.58 -37.53 5.67
CA ALA O 358 -51.64 -36.54 5.86
C ALA O 358 -52.77 -36.75 4.85
N GLY O 359 -52.42 -36.99 3.59
CA GLY O 359 -53.44 -37.24 2.58
C GLY O 359 -54.26 -38.48 2.87
N LEU O 360 -53.61 -39.57 3.28
CA LEU O 360 -54.33 -40.78 3.62
C LEU O 360 -55.20 -40.59 4.87
N ASP O 361 -54.72 -39.81 5.84
CA ASP O 361 -55.54 -39.51 7.01
C ASP O 361 -56.79 -38.75 6.61
N GLY O 362 -56.66 -37.81 5.68
CA GLY O 362 -57.84 -37.15 5.16
C GLY O 362 -58.76 -38.09 4.39
N ILE O 363 -58.17 -39.03 3.67
CA ILE O 363 -58.96 -39.94 2.84
C ILE O 363 -59.79 -40.89 3.71
N LYS O 364 -59.17 -41.51 4.70
CA LYS O 364 -59.89 -42.51 5.49
C LYS O 364 -60.76 -41.91 6.58
N ASN O 365 -60.69 -40.59 6.79
CA ASN O 365 -61.60 -39.91 7.69
C ASN O 365 -62.72 -39.17 6.94
N LYS O 366 -62.69 -39.19 5.62
CA LYS O 366 -63.70 -38.54 4.78
C LYS O 366 -63.89 -37.07 5.18
N LEU O 367 -62.77 -36.37 5.35
CA LEU O 367 -62.80 -34.97 5.70
C LEU O 367 -63.37 -34.14 4.55
N LYS O 368 -63.98 -33.01 4.91
CA LYS O 368 -64.58 -32.09 3.96
C LYS O 368 -63.59 -30.95 3.70
N VAL O 369 -63.19 -30.79 2.45
CA VAL O 369 -62.22 -29.75 2.09
C VAL O 369 -62.87 -28.38 2.27
N PRO O 370 -62.17 -27.41 2.85
CA PRO O 370 -62.73 -26.06 2.98
C PRO O 370 -62.82 -25.37 1.63
N GLU O 371 -63.49 -24.23 1.63
CA GLU O 371 -63.69 -23.48 0.39
C GLU O 371 -62.35 -22.96 -0.14
N PRO O 372 -62.12 -23.06 -1.44
CA PRO O 372 -60.89 -22.50 -2.01
C PRO O 372 -60.85 -20.99 -1.87
N VAL O 373 -59.64 -20.46 -1.75
CA VAL O 373 -59.46 -19.03 -1.61
C VAL O 373 -59.28 -18.39 -2.99
N ASN O 374 -59.69 -17.14 -3.10
CA ASN O 374 -59.54 -16.39 -4.35
C ASN O 374 -59.06 -14.97 -4.07
N GLN O 375 -59.18 -14.08 -5.05
CA GLN O 375 -58.49 -12.80 -5.01
C GLN O 375 -58.83 -11.95 -3.79
N ASN O 376 -60.02 -12.09 -3.22
CA ASN O 376 -60.38 -11.22 -2.10
C ASN O 376 -59.93 -11.80 -0.75
N ILE O 377 -58.65 -12.18 -0.69
CA ILE O 377 -58.02 -12.61 0.56
C ILE O 377 -56.77 -11.78 0.74
N TYR O 378 -56.36 -11.09 -0.32
CA TYR O 378 -55.18 -10.23 -0.25
C TYR O 378 -55.41 -9.07 0.72
N GLU O 379 -56.64 -8.56 0.79
CA GLU O 379 -57.00 -7.51 1.74
C GLU O 379 -57.70 -8.18 2.92
N MET O 380 -56.90 -8.79 3.78
CA MET O 380 -57.41 -9.49 4.97
C MET O 380 -56.29 -9.57 5.99
N ASN O 381 -56.56 -9.11 7.21
CA ASN O 381 -55.62 -9.27 8.29
C ASN O 381 -55.67 -10.69 8.83
N ARG O 382 -54.77 -11.00 9.77
CA ARG O 382 -54.75 -12.33 10.35
C ARG O 382 -56.00 -12.62 11.17
N GLU O 383 -56.57 -11.61 11.82
CA GLU O 383 -57.77 -11.81 12.61
C GLU O 383 -58.94 -12.23 11.74
N GLU O 384 -59.18 -11.51 10.64
CA GLU O 384 -60.25 -11.89 9.72
C GLU O 384 -59.97 -13.22 9.05
N ARG O 385 -58.70 -13.48 8.73
CA ARG O 385 -58.34 -14.77 8.11
C ARG O 385 -58.66 -15.93 9.05
N GLU O 386 -58.34 -15.77 10.34
CA GLU O 386 -58.66 -16.81 11.31
C GLU O 386 -60.16 -16.91 11.56
N ALA O 387 -60.87 -15.78 11.51
CA ALA O 387 -62.33 -15.81 11.65
C ALA O 387 -62.96 -16.60 10.51
N VAL O 388 -62.46 -16.42 9.29
CA VAL O 388 -62.93 -17.23 8.16
C VAL O 388 -62.56 -18.70 8.34
N GLY O 389 -61.43 -19.00 8.95
CA GLY O 389 -60.99 -20.37 9.13
C GLY O 389 -59.65 -20.70 8.51
N ILE O 390 -58.85 -19.71 8.15
CA ILE O 390 -57.56 -19.93 7.52
C ILE O 390 -56.49 -19.83 8.62
N GLN O 391 -55.84 -20.95 8.91
CA GLN O 391 -54.78 -20.97 9.90
C GLN O 391 -53.45 -20.57 9.27
N ASP O 392 -52.57 -20.05 10.11
CA ASP O 392 -51.24 -19.63 9.69
C ASP O 392 -50.23 -20.74 9.92
N LEU O 393 -49.26 -20.85 9.01
CA LEU O 393 -48.16 -21.76 9.20
C LEU O 393 -47.26 -21.26 10.34
N PRO O 394 -46.58 -22.15 11.04
CA PRO O 394 -45.64 -21.71 12.08
C PRO O 394 -44.58 -20.79 11.49
N SER O 395 -44.26 -19.73 12.24
CA SER O 395 -43.36 -18.69 11.77
C SER O 395 -41.91 -18.92 12.14
N THR O 396 -41.64 -19.78 13.11
CA THR O 396 -40.27 -20.08 13.53
C THR O 396 -40.11 -21.59 13.68
N LEU O 397 -38.85 -22.04 13.67
CA LEU O 397 -38.58 -23.46 13.88
C LEU O 397 -38.97 -23.90 15.29
N TYR O 398 -38.86 -23.01 16.27
CA TYR O 398 -39.28 -23.33 17.63
C TYR O 398 -40.78 -23.62 17.68
N THR O 399 -41.59 -22.71 17.15
CA THR O 399 -43.03 -22.93 17.13
C THR O 399 -43.41 -24.07 16.19
N ALA O 400 -42.65 -24.30 15.12
CA ALA O 400 -42.91 -25.44 14.26
C ALA O 400 -42.70 -26.76 14.99
N LEU O 401 -41.63 -26.84 15.79
CA LEU O 401 -41.42 -28.03 16.62
C LEU O 401 -42.52 -28.17 17.66
N LYS O 402 -42.95 -27.05 18.23
CA LYS O 402 -44.07 -27.08 19.18
C LYS O 402 -45.32 -27.67 18.53
N ALA O 403 -45.62 -27.24 17.31
CA ALA O 403 -46.78 -27.77 16.60
C ALA O 403 -46.58 -29.24 16.21
N MET O 404 -45.37 -29.61 15.82
CA MET O 404 -45.07 -30.99 15.46
C MET O 404 -45.24 -31.93 16.64
N ARG O 405 -44.88 -31.47 17.85
CA ARG O 405 -45.06 -32.29 19.05
C ARG O 405 -46.52 -32.53 19.40
N GLU O 406 -47.45 -31.80 18.79
CA GLU O 406 -48.87 -31.94 19.08
C GLU O 406 -49.64 -32.67 17.98
N ASN O 407 -48.96 -33.16 16.95
CA ASN O 407 -49.59 -33.83 15.83
C ASN O 407 -49.25 -35.31 15.87
N GLU O 408 -50.27 -36.16 15.76
CA GLU O 408 -50.06 -37.61 15.77
C GLU O 408 -49.77 -38.16 14.38
N VAL O 409 -50.29 -37.50 13.33
CA VAL O 409 -50.09 -37.99 11.98
C VAL O 409 -48.62 -37.95 11.58
N ILE O 410 -47.92 -36.88 11.96
CA ILE O 410 -46.51 -36.78 11.62
C ILE O 410 -45.70 -37.85 12.35
N LYS O 411 -46.04 -38.13 13.61
CA LYS O 411 -45.37 -39.18 14.34
C LYS O 411 -45.61 -40.54 13.69
N LYS O 412 -46.86 -40.80 13.28
CA LYS O 412 -47.15 -42.06 12.59
C LYS O 412 -46.38 -42.17 11.28
N ALA O 413 -46.29 -41.07 10.54
CA ALA O 413 -45.57 -41.07 9.27
C ALA O 413 -44.08 -41.35 9.47
N LEU O 414 -43.47 -40.72 10.48
CA LEU O 414 -42.04 -40.80 10.64
C LEU O 414 -41.57 -42.05 11.38
N GLY O 415 -42.41 -42.62 12.25
CA GLY O 415 -41.94 -43.68 13.11
C GLY O 415 -41.32 -43.08 14.36
N ASN O 416 -41.34 -43.83 15.47
CA ASN O 416 -40.92 -43.26 16.74
C ASN O 416 -39.45 -42.85 16.72
N HIS O 417 -38.59 -43.70 16.16
CA HIS O 417 -37.17 -43.43 16.15
C HIS O 417 -36.85 -42.15 15.38
N ILE O 418 -37.33 -42.06 14.15
CA ILE O 418 -37.05 -40.89 13.32
C ILE O 418 -37.67 -39.64 13.94
N TYR O 419 -38.90 -39.77 14.45
CA TYR O 419 -39.58 -38.64 15.08
C TYR O 419 -38.77 -38.08 16.23
N ASN O 420 -38.33 -38.96 17.14
CA ASN O 420 -37.58 -38.52 18.31
C ASN O 420 -36.23 -37.93 17.92
N GLN O 421 -35.52 -38.58 17.00
CA GLN O 421 -34.21 -38.08 16.60
C GLN O 421 -34.33 -36.73 15.91
N PHE O 422 -35.32 -36.56 15.04
CA PHE O 422 -35.51 -35.28 14.37
C PHE O 422 -35.85 -34.18 15.38
N ILE O 423 -36.72 -34.49 16.34
CA ILE O 423 -37.08 -33.48 17.34
C ILE O 423 -35.86 -33.08 18.15
N ASN O 424 -35.06 -34.06 18.58
CA ASN O 424 -33.86 -33.74 19.36
C ASN O 424 -32.89 -32.90 18.56
N SER O 425 -32.64 -33.30 17.31
CA SER O 425 -31.69 -32.56 16.47
C SER O 425 -32.14 -31.12 16.25
N LYS O 426 -33.42 -30.93 15.93
CA LYS O 426 -33.92 -29.59 15.66
C LYS O 426 -33.98 -28.75 16.93
N SER O 427 -34.29 -29.35 18.08
CA SER O 427 -34.25 -28.61 19.33
C SER O 427 -32.84 -28.14 19.65
N ILE O 428 -31.84 -29.01 19.44
CA ILE O 428 -30.45 -28.61 19.68
C ILE O 428 -30.05 -27.49 18.73
N GLU O 429 -30.44 -27.60 17.45
CA GLU O 429 -30.10 -26.58 16.47
C GLU O 429 -30.73 -25.24 16.84
N TRP O 430 -32.00 -25.24 17.22
CA TRP O 430 -32.66 -23.99 17.62
C TRP O 430 -32.03 -23.42 18.88
N ASP O 431 -31.68 -24.28 19.83
CA ASP O 431 -31.04 -23.80 21.05
C ASP O 431 -29.72 -23.11 20.76
N TYR O 432 -28.93 -23.67 19.84
CA TYR O 432 -27.69 -23.02 19.45
C TYR O 432 -27.96 -21.72 18.70
N TYR O 433 -29.02 -21.68 17.88
CA TYR O 433 -29.31 -20.48 17.11
C TYR O 433 -29.79 -19.33 17.98
N ARG O 434 -30.60 -19.62 19.00
CA ARG O 434 -31.27 -18.57 19.76
C ARG O 434 -30.32 -17.77 20.65
N THR O 435 -29.16 -18.31 20.99
CA THR O 435 -28.23 -17.61 21.87
C THR O 435 -27.30 -16.67 21.12
N GLN O 436 -27.34 -16.65 19.79
CA GLN O 436 -26.47 -15.78 19.02
C GLN O 436 -27.00 -14.35 19.00
N VAL O 437 -26.09 -13.39 19.03
CA VAL O 437 -26.43 -11.98 18.92
C VAL O 437 -26.23 -11.57 17.47
N SER O 438 -27.33 -11.21 16.80
CA SER O 438 -27.29 -10.93 15.37
C SER O 438 -26.79 -9.51 15.12
N GLU O 439 -26.34 -9.29 13.88
CA GLU O 439 -25.92 -7.96 13.45
C GLU O 439 -27.08 -6.99 13.42
N TRP O 440 -28.29 -7.48 13.15
CA TRP O 440 -29.48 -6.62 13.18
C TRP O 440 -29.69 -6.04 14.57
N GLU O 441 -29.52 -6.84 15.62
CA GLU O 441 -29.66 -6.34 16.98
C GLU O 441 -28.61 -5.28 17.30
N ARG O 442 -27.36 -5.50 16.86
CA ARG O 442 -26.31 -4.53 17.10
C ARG O 442 -26.54 -3.24 16.31
N ASP O 443 -27.20 -3.33 15.16
CA ASP O 443 -27.52 -2.13 14.40
C ASP O 443 -28.67 -1.36 15.03
N GLN O 444 -29.72 -2.06 15.46
CA GLN O 444 -30.87 -1.38 16.04
C GLN O 444 -30.55 -0.84 17.42
N TYR O 445 -29.91 -1.63 18.26
CA TYR O 445 -29.56 -1.26 19.62
C TYR O 445 -28.07 -0.90 19.68
N MET O 446 -27.57 -0.72 20.89
CA MET O 446 -26.20 -0.35 21.27
C MET O 446 -25.95 1.13 21.00
N LYS O 447 -26.85 1.85 20.35
CA LYS O 447 -26.76 3.30 20.24
C LYS O 447 -28.05 3.94 20.70
N GLN O 448 -29.17 3.24 20.45
CA GLN O 448 -30.46 3.70 20.95
C GLN O 448 -30.69 3.30 22.40
N TYR O 449 -29.92 2.36 22.92
CA TYR O 449 -30.05 1.92 24.31
C TYR O 449 -28.69 1.82 24.98
N PRO P 1 -46.17 1.18 4.25
CA PRO P 1 -46.71 1.71 5.51
C PRO P 1 -47.03 3.20 5.43
N ILE P 2 -48.08 3.63 6.13
CA ILE P 2 -48.48 5.03 6.09
C ILE P 2 -47.41 5.91 6.71
N ASN P 3 -46.86 5.49 7.86
CA ASN P 3 -45.81 6.25 8.54
C ASN P 3 -44.43 5.75 8.15
N ARG P 4 -44.12 5.83 6.86
CA ARG P 4 -42.83 5.37 6.36
C ARG P 4 -41.69 6.16 6.99
N GLY P 5 -41.86 7.48 7.14
CA GLY P 5 -40.83 8.32 7.71
C GLY P 5 -40.45 7.96 9.13
N ASP P 6 -41.41 7.54 9.95
CA ASP P 6 -41.13 7.15 11.32
C ASP P 6 -40.52 5.75 11.43
N LEU P 7 -40.59 4.94 10.38
CA LEU P 7 -40.07 3.59 10.39
C LEU P 7 -38.75 3.47 9.63
N SER P 8 -38.06 4.60 9.40
CA SER P 8 -36.83 4.58 8.62
C SER P 8 -35.72 3.78 9.28
N ARG P 9 -35.77 3.59 10.59
CA ARG P 9 -34.75 2.80 11.26
C ARG P 9 -34.79 1.35 10.82
N PHE P 10 -35.98 0.80 10.59
CA PHE P 10 -36.11 -0.60 10.18
C PHE P 10 -35.89 -0.80 8.69
N ILE P 11 -35.89 0.26 7.89
CA ILE P 11 -35.67 0.14 6.45
C ILE P 11 -34.39 0.85 6.06
N PRO Q 1 -21.37 -26.13 31.80
CA PRO Q 1 -21.19 -25.84 33.22
C PRO Q 1 -22.24 -24.89 33.77
N ILE Q 2 -22.54 -25.02 35.07
CA ILE Q 2 -23.56 -24.18 35.68
C ILE Q 2 -23.14 -22.72 35.67
N ASN Q 3 -21.90 -22.45 36.06
CA ASN Q 3 -21.38 -21.08 36.11
C ASN Q 3 -20.62 -20.72 34.83
N ARG Q 4 -21.32 -20.83 33.70
CA ARG Q 4 -20.69 -20.52 32.41
C ARG Q 4 -20.25 -19.06 32.36
N GLY Q 5 -21.06 -18.15 32.89
CA GLY Q 5 -20.71 -16.75 32.90
C GLY Q 5 -19.45 -16.42 33.66
N ASP Q 6 -19.18 -17.14 34.76
CA ASP Q 6 -17.97 -16.93 35.53
C ASP Q 6 -16.75 -17.60 34.92
N LEU Q 7 -16.94 -18.53 33.98
CA LEU Q 7 -15.85 -19.22 33.33
C LEU Q 7 -15.56 -18.69 31.93
N SER Q 8 -16.02 -17.48 31.63
CA SER Q 8 -15.87 -16.93 30.28
C SER Q 8 -14.42 -16.69 29.91
N ARG Q 9 -13.52 -16.54 30.89
CA ARG Q 9 -12.12 -16.32 30.57
C ARG Q 9 -11.49 -17.53 29.90
N PHE Q 10 -12.00 -18.73 30.20
CA PHE Q 10 -11.46 -19.96 29.62
C PHE Q 10 -12.14 -20.35 28.31
N ILE Q 11 -13.36 -19.88 28.07
CA ILE Q 11 -14.07 -20.21 26.85
C ILE Q 11 -14.05 -19.03 25.88
N THR R 8 5.27 -63.96 -2.76
CA THR R 8 6.65 -64.38 -2.59
C THR R 8 7.48 -64.09 -3.83
N PHE R 9 8.72 -63.67 -3.61
CA PHE R 9 9.63 -63.35 -4.71
C PHE R 9 11.01 -63.91 -4.40
N THR R 10 11.78 -64.14 -5.45
CA THR R 10 13.16 -64.59 -5.35
C THR R 10 14.05 -63.61 -6.12
N LYS R 11 15.36 -63.89 -6.11
CA LYS R 11 16.31 -63.00 -6.78
C LYS R 11 16.02 -62.93 -8.27
N GLU R 12 15.71 -64.06 -8.90
CA GLU R 12 15.41 -64.07 -10.33
C GLU R 12 14.18 -63.24 -10.64
N ASP R 13 13.16 -63.32 -9.80
CA ASP R 13 11.98 -62.49 -9.99
C ASP R 13 12.31 -61.01 -9.90
N ILE R 14 13.16 -60.63 -8.95
CA ILE R 14 13.56 -59.23 -8.81
C ILE R 14 14.32 -58.76 -10.03
N ARG R 15 15.26 -59.59 -10.53
CA ARG R 15 16.00 -59.21 -11.72
C ARG R 15 15.09 -59.08 -12.93
N LYS R 16 14.13 -59.99 -13.08
CA LYS R 16 13.19 -59.91 -14.19
C LYS R 16 12.33 -58.65 -14.09
N PHE R 17 11.86 -58.32 -12.88
CA PHE R 17 11.06 -57.12 -12.70
C PHE R 17 11.87 -55.86 -13.03
N ALA R 18 13.14 -55.83 -12.60
CA ALA R 18 13.99 -54.69 -12.93
C ALA R 18 14.21 -54.59 -14.44
N GLU R 19 14.41 -55.71 -15.12
CA GLU R 19 14.66 -55.69 -16.56
C GLU R 19 13.43 -55.29 -17.37
N GLU R 20 12.26 -55.87 -17.10
CA GLU R 20 11.09 -55.58 -17.91
C GLU R 20 10.52 -54.20 -17.62
N GLU R 21 10.49 -53.80 -16.35
CA GLU R 21 9.87 -52.54 -15.97
C GLU R 21 10.80 -51.35 -16.08
N ASN R 22 12.07 -51.57 -16.45
CA ASN R 22 13.07 -50.51 -16.58
C ASN R 22 13.21 -49.72 -15.27
N VAL R 23 13.43 -50.44 -14.19
CA VAL R 23 13.67 -49.81 -12.89
C VAL R 23 15.06 -49.18 -12.92
N ARG R 24 15.14 -47.90 -12.56
CA ARG R 24 16.40 -47.17 -12.57
C ARG R 24 16.79 -46.66 -11.19
N TYR R 25 15.96 -46.86 -10.17
CA TYR R 25 16.23 -46.35 -8.84
C TYR R 25 15.69 -47.33 -7.82
N LEU R 26 16.43 -47.57 -6.75
CA LEU R 26 16.03 -48.48 -5.68
C LEU R 26 16.03 -47.74 -4.35
N ARG R 27 15.00 -47.97 -3.56
CA ARG R 27 14.89 -47.41 -2.22
C ARG R 27 14.92 -48.56 -1.21
N LEU R 28 16.01 -48.66 -0.46
CA LEU R 28 16.11 -49.63 0.63
C LEU R 28 15.48 -48.96 1.86
N GLN R 29 14.28 -49.40 2.20
CA GLN R 29 13.44 -48.71 3.17
C GLN R 29 13.45 -49.44 4.51
N PHE R 30 13.55 -48.66 5.59
CA PHE R 30 13.48 -49.19 6.94
C PHE R 30 12.85 -48.12 7.83
N THR R 31 12.80 -48.39 9.13
CA THR R 31 12.20 -47.46 10.08
C THR R 31 13.06 -47.37 11.33
N ASP R 32 12.90 -46.26 12.04
CA ASP R 32 13.58 -46.03 13.31
C ASP R 32 12.59 -46.22 14.45
N ILE R 33 13.06 -45.98 15.68
CA ILE R 33 12.21 -46.15 16.85
C ILE R 33 11.10 -45.11 16.93
N LEU R 34 11.19 -44.02 16.17
CA LEU R 34 10.17 -43.00 16.15
C LEU R 34 9.14 -43.21 15.04
N GLY R 35 9.28 -44.28 14.26
CA GLY R 35 8.35 -44.56 13.18
C GLY R 35 8.61 -43.82 11.89
N THR R 36 9.65 -42.99 11.84
CA THR R 36 9.97 -42.27 10.61
C THR R 36 10.46 -43.24 9.54
N ILE R 37 9.98 -43.03 8.32
CA ILE R 37 10.36 -43.86 7.18
C ILE R 37 11.72 -43.40 6.69
N LYS R 38 12.75 -44.21 6.91
CA LYS R 38 14.09 -43.93 6.44
C LYS R 38 14.39 -44.78 5.23
N ASN R 39 15.31 -44.32 4.40
CA ASN R 39 15.66 -45.08 3.21
C ASN R 39 17.06 -44.74 2.75
N VAL R 40 17.67 -45.69 2.04
CA VAL R 40 18.92 -45.50 1.33
C VAL R 40 18.64 -45.61 -0.16
N GLU R 41 19.05 -44.59 -0.91
CA GLU R 41 18.82 -44.58 -2.36
C GLU R 41 20.01 -45.20 -3.07
N VAL R 42 19.71 -46.01 -4.09
CA VAL R 42 20.76 -46.73 -4.81
C VAL R 42 20.42 -46.76 -6.29
N PRO R 43 21.41 -46.69 -7.18
CA PRO R 43 21.14 -46.92 -8.60
C PRO R 43 20.96 -48.40 -8.89
N VAL R 44 20.20 -48.69 -9.95
CA VAL R 44 19.87 -50.07 -10.27
C VAL R 44 21.12 -50.89 -10.58
N SER R 45 22.22 -50.24 -10.98
CA SER R 45 23.47 -50.95 -11.22
C SER R 45 24.03 -51.58 -9.96
N GLN R 46 23.55 -51.18 -8.79
CA GLN R 46 23.95 -51.79 -7.52
C GLN R 46 23.04 -52.93 -7.11
N LEU R 47 22.09 -53.31 -7.97
CA LEU R 47 21.06 -54.27 -7.60
C LEU R 47 21.66 -55.55 -7.04
N GLU R 48 22.66 -56.11 -7.71
CA GLU R 48 23.28 -57.33 -7.23
C GLU R 48 23.83 -57.15 -5.82
N LYS R 49 24.54 -56.05 -5.57
CA LYS R 49 25.05 -55.78 -4.24
C LYS R 49 23.92 -55.67 -3.23
N VAL R 50 22.75 -55.17 -3.66
CA VAL R 50 21.59 -55.14 -2.77
C VAL R 50 21.15 -56.56 -2.45
N LEU R 51 21.13 -57.45 -3.44
CA LEU R 51 20.63 -58.80 -3.22
C LEU R 51 21.62 -59.67 -2.44
N ASP R 52 22.87 -59.25 -2.32
CA ASP R 52 23.88 -60.00 -1.57
C ASP R 52 23.96 -59.57 -0.12
N ASN R 53 23.05 -58.69 0.34
CA ASN R 53 23.05 -58.20 1.72
C ASN R 53 24.38 -57.56 2.08
N GLU R 54 24.92 -56.76 1.16
CA GLU R 54 26.22 -56.14 1.35
C GLU R 54 26.16 -54.63 1.43
N MET R 55 24.96 -54.04 1.36
CA MET R 55 24.83 -52.59 1.44
C MET R 55 25.02 -52.14 2.88
N MET R 56 25.89 -51.15 3.07
CA MET R 56 26.27 -50.66 4.38
C MET R 56 25.74 -49.25 4.59
N PHE R 57 25.40 -48.94 5.84
CA PHE R 57 24.91 -47.62 6.21
C PHE R 57 25.22 -47.37 7.67
N ASP R 58 24.87 -46.16 8.13
CA ASP R 58 25.23 -45.72 9.48
C ASP R 58 24.63 -46.64 10.54
N GLY R 59 23.33 -46.87 10.48
CA GLY R 59 22.69 -47.72 11.46
C GLY R 59 22.33 -46.99 12.74
N SER R 60 23.12 -45.97 13.10
CA SER R 60 22.78 -45.17 14.27
C SER R 60 21.57 -44.28 14.01
N SER R 61 21.20 -44.08 12.76
CA SER R 61 19.98 -43.32 12.45
C SER R 61 18.74 -43.98 13.02
N ILE R 62 18.79 -45.29 13.28
CA ILE R 62 17.68 -45.97 13.93
C ILE R 62 17.39 -45.35 15.30
N GLU R 63 18.42 -44.83 15.96
CA GLU R 63 18.21 -44.20 17.26
C GLU R 63 17.46 -42.88 17.17
N GLY R 64 17.29 -42.32 15.97
CA GLY R 64 16.58 -41.05 15.86
C GLY R 64 17.50 -39.90 16.22
N PHE R 65 17.01 -38.99 17.05
CA PHE R 65 17.74 -37.78 17.40
C PHE R 65 18.62 -37.95 18.64
N VAL R 66 18.70 -39.15 19.20
CA VAL R 66 19.56 -39.41 20.34
C VAL R 66 20.79 -40.23 19.93
N ARG R 67 21.08 -40.29 18.64
CA ARG R 67 22.28 -40.98 18.18
C ARG R 67 23.52 -40.18 18.53
N ILE R 68 24.60 -40.90 18.81
CA ILE R 68 25.84 -40.25 19.25
C ILE R 68 26.97 -40.58 18.29
N GLU R 69 27.29 -41.86 18.14
CA GLU R 69 28.43 -42.30 17.34
C GLU R 69 27.95 -43.02 16.08
N GLU R 70 28.62 -42.75 14.97
CA GLU R 70 28.31 -43.42 13.72
C GLU R 70 28.74 -44.88 13.79
N SER R 71 27.85 -45.77 13.38
CA SER R 71 28.12 -47.21 13.34
C SER R 71 28.18 -47.67 11.88
N ASP R 72 28.32 -48.98 11.70
CA ASP R 72 28.30 -49.60 10.39
C ASP R 72 27.41 -50.82 10.44
N MET R 73 26.30 -50.74 9.70
CA MET R 73 25.33 -51.86 9.70
C MET R 73 24.99 -52.25 8.27
N TYR R 74 24.56 -53.49 8.06
CA TYR R 74 24.20 -54.01 6.76
C TYR R 74 22.69 -54.04 6.60
N LEU R 75 22.25 -53.88 5.36
CA LEU R 75 20.82 -53.96 5.02
C LEU R 75 20.55 -55.29 4.35
N HIS R 76 19.59 -56.04 4.89
CA HIS R 76 19.16 -57.30 4.30
C HIS R 76 17.74 -57.12 3.78
N PRO R 77 17.53 -57.01 2.47
CA PRO R 77 16.18 -56.79 1.96
C PRO R 77 15.29 -58.01 2.13
N ASP R 78 13.98 -57.75 2.25
CA ASP R 78 12.97 -58.80 2.26
C ASP R 78 12.32 -58.78 0.88
N LEU R 79 12.55 -59.84 0.11
CA LEU R 79 12.14 -59.85 -1.29
C LEU R 79 10.62 -59.86 -1.46
N ASP R 80 9.87 -60.28 -0.44
CA ASP R 80 8.42 -60.28 -0.53
C ASP R 80 7.83 -58.88 -0.47
N THR R 81 8.60 -57.88 -0.03
CA THR R 81 8.14 -56.51 0.08
C THR R 81 8.37 -55.71 -1.20
N TRP R 82 8.85 -56.36 -2.25
CA TRP R 82 9.14 -55.66 -3.51
C TRP R 82 7.88 -55.04 -4.08
N VAL R 83 7.98 -53.78 -4.50
CA VAL R 83 6.88 -53.08 -5.15
C VAL R 83 7.48 -51.92 -5.94
N ILE R 84 6.83 -51.57 -7.04
CA ILE R 84 7.28 -50.51 -7.93
C ILE R 84 6.29 -49.36 -7.86
N PHE R 85 6.80 -48.17 -7.58
CA PHE R 85 5.95 -46.98 -7.46
C PHE R 85 5.48 -46.54 -8.85
N PRO R 86 4.26 -46.01 -8.95
CA PRO R 86 3.74 -45.62 -10.27
C PRO R 86 4.16 -44.21 -10.68
N TRP R 87 5.12 -43.63 -9.98
CA TRP R 87 5.59 -42.29 -10.31
C TRP R 87 7.01 -42.32 -10.86
N GLY R 92 12.55 -43.39 -16.29
CA GLY R 92 12.67 -44.60 -15.51
C GLY R 92 11.67 -44.68 -14.36
N LYS R 93 11.70 -45.78 -13.63
CA LYS R 93 10.79 -46.01 -12.51
C LYS R 93 11.60 -46.18 -11.22
N VAL R 94 10.88 -46.11 -10.11
CA VAL R 94 11.46 -46.26 -8.77
C VAL R 94 10.81 -47.46 -8.11
N ALA R 95 11.63 -48.36 -7.57
CA ALA R 95 11.17 -49.50 -6.81
C ALA R 95 11.75 -49.44 -5.41
N ARG R 96 11.13 -50.18 -4.49
CA ARG R 96 11.56 -50.16 -3.11
C ARG R 96 11.62 -51.58 -2.57
N LEU R 97 12.47 -51.76 -1.57
CA LEU R 97 12.57 -53.01 -0.82
C LEU R 97 12.72 -52.66 0.66
N ILE R 98 11.91 -53.29 1.49
CA ILE R 98 11.98 -53.09 2.94
C ILE R 98 13.06 -54.00 3.48
N CYS R 99 14.02 -53.43 4.20
CA CYS R 99 15.20 -54.16 4.64
C CYS R 99 15.28 -54.21 6.15
N ASP R 100 15.79 -55.33 6.65
CA ASP R 100 16.13 -55.45 8.06
C ASP R 100 17.58 -55.03 8.27
N VAL R 101 17.87 -54.58 9.49
CA VAL R 101 19.19 -54.07 9.84
C VAL R 101 19.97 -55.16 10.56
N TYR R 102 21.18 -55.44 10.09
CA TYR R 102 22.04 -56.45 10.68
C TYR R 102 23.34 -55.82 11.13
N LYS R 103 23.89 -56.33 12.23
CA LYS R 103 25.17 -55.86 12.72
C LYS R 103 26.30 -56.47 11.87
N THR R 104 27.53 -56.07 12.20
CA THR R 104 28.68 -56.59 11.47
C THR R 104 28.99 -58.04 11.81
N ASP R 105 28.35 -58.61 12.83
CA ASP R 105 28.57 -59.98 13.23
C ASP R 105 27.53 -60.93 12.64
N GLY R 106 26.71 -60.45 11.72
CA GLY R 106 25.72 -61.29 11.07
C GLY R 106 24.41 -61.47 11.82
N THR R 107 24.27 -60.86 13.00
CA THR R 107 23.03 -60.98 13.75
C THR R 107 22.18 -59.73 13.61
N PRO R 108 20.86 -59.87 13.65
CA PRO R 108 19.99 -58.69 13.50
C PRO R 108 20.20 -57.69 14.62
N PHE R 109 20.10 -56.41 14.28
CA PHE R 109 20.28 -55.34 15.25
C PHE R 109 19.12 -55.35 16.24
N GLU R 110 19.45 -55.30 17.54
CA GLU R 110 18.43 -55.35 18.57
C GLU R 110 17.62 -54.07 18.67
N GLY R 111 18.07 -52.98 18.06
CA GLY R 111 17.35 -51.73 18.06
C GLY R 111 16.38 -51.54 16.90
N ASP R 112 16.21 -52.55 16.06
CA ASP R 112 15.32 -52.44 14.90
C ASP R 112 13.91 -52.86 15.30
N PRO R 113 12.91 -51.98 15.17
CA PRO R 113 11.55 -52.38 15.58
C PRO R 113 10.99 -53.57 14.81
N ARG R 114 11.32 -53.69 13.52
CA ARG R 114 10.82 -54.81 12.73
C ARG R 114 11.36 -56.13 13.25
N ALA R 115 12.66 -56.19 13.53
CA ALA R 115 13.24 -57.39 14.10
C ALA R 115 12.68 -57.69 15.48
N ASN R 116 12.40 -56.66 16.27
CA ASN R 116 11.79 -56.87 17.58
C ASN R 116 10.40 -57.48 17.45
N LEU R 117 9.61 -56.99 16.50
CA LEU R 117 8.27 -57.56 16.27
C LEU R 117 8.39 -59.00 15.79
N LYS R 118 9.35 -59.28 14.92
CA LYS R 118 9.55 -60.66 14.46
C LYS R 118 9.93 -61.57 15.63
N ARG R 119 10.78 -61.10 16.53
CA ARG R 119 11.15 -61.89 17.71
C ARG R 119 9.94 -62.13 18.60
N VAL R 120 9.11 -61.11 18.81
CA VAL R 120 7.92 -61.27 19.62
C VAL R 120 6.97 -62.28 19.00
N LEU R 121 6.78 -62.22 17.68
CA LEU R 121 5.93 -63.20 17.00
C LEU R 121 6.51 -64.61 17.11
N LYS R 122 7.83 -64.74 16.98
CA LYS R 122 8.46 -66.05 17.10
C LYS R 122 8.25 -66.64 18.49
N GLU R 123 8.39 -65.82 19.53
CA GLU R 123 8.14 -66.30 20.88
C GLU R 123 6.66 -66.54 21.14
N MET R 124 5.77 -65.85 20.42
CA MET R 124 4.35 -66.15 20.51
C MET R 124 4.04 -67.51 19.89
N GLU R 125 4.75 -67.87 18.83
CA GLU R 125 4.52 -69.14 18.16
C GLU R 125 4.79 -70.34 19.07
N ASP R 126 5.54 -70.17 20.15
CA ASP R 126 5.76 -71.25 21.09
C ASP R 126 4.56 -71.53 21.97
N LEU R 127 3.57 -70.64 21.99
CA LEU R 127 2.35 -70.84 22.76
C LEU R 127 1.27 -71.59 21.99
N GLY R 128 1.55 -71.99 20.75
CA GLY R 128 0.60 -72.71 19.93
C GLY R 128 -0.07 -71.87 18.86
N PHE R 129 -0.01 -70.56 18.96
CA PHE R 129 -0.61 -69.68 17.97
C PHE R 129 0.32 -69.50 16.78
N THR R 130 -0.27 -69.42 15.59
CA THR R 130 0.50 -69.33 14.36
C THR R 130 0.48 -67.96 13.70
N ASP R 131 -0.62 -67.22 13.80
CA ASP R 131 -0.74 -65.95 13.12
C ASP R 131 -1.38 -64.91 14.04
N PHE R 132 -0.99 -63.65 13.82
CA PHE R 132 -1.55 -62.50 14.53
C PHE R 132 -1.90 -61.47 13.47
N ASN R 133 -3.18 -61.37 13.12
CA ASN R 133 -3.63 -60.53 12.04
C ASN R 133 -4.07 -59.16 12.56
N LEU R 134 -3.70 -58.12 11.81
CA LEU R 134 -3.99 -56.74 12.17
C LEU R 134 -4.69 -56.05 11.01
N GLY R 135 -5.79 -55.38 11.31
CA GLY R 135 -6.41 -54.44 10.40
C GLY R 135 -6.43 -53.06 11.03
N PRO R 136 -5.68 -52.13 10.45
CA PRO R 136 -5.64 -50.77 11.00
C PRO R 136 -6.71 -49.87 10.39
N GLU R 137 -7.04 -48.82 11.14
CA GLU R 137 -7.99 -47.81 10.69
C GLU R 137 -7.35 -46.43 10.81
N PRO R 138 -6.39 -46.12 9.95
CA PRO R 138 -5.67 -44.84 10.07
C PRO R 138 -6.49 -43.68 9.54
N GLU R 139 -6.57 -42.61 10.32
CA GLU R 139 -7.23 -41.38 9.93
C GLU R 139 -6.19 -40.27 9.78
N PHE R 140 -6.40 -39.41 8.79
CA PHE R 140 -5.45 -38.35 8.52
C PHE R 140 -6.20 -37.06 8.17
N PHE R 141 -5.48 -35.96 8.23
CA PHE R 141 -6.02 -34.65 7.87
C PHE R 141 -5.36 -34.13 6.61
N LEU R 142 -6.14 -33.41 5.80
CA LEU R 142 -5.65 -32.76 4.60
C LEU R 142 -5.82 -31.26 4.76
N PHE R 143 -4.70 -30.53 4.67
CA PHE R 143 -4.69 -29.08 4.80
C PHE R 143 -4.28 -28.45 3.47
N LYS R 144 -4.72 -27.21 3.27
CA LYS R 144 -4.38 -26.46 2.07
C LYS R 144 -3.00 -25.84 2.20
N LEU R 145 -2.29 -25.79 1.08
CA LEU R 145 -0.99 -25.13 1.01
C LEU R 145 -1.15 -23.69 0.57
N ASP R 146 -0.22 -22.84 0.99
CA ASP R 146 -0.25 -21.43 0.61
C ASP R 146 0.60 -21.22 -0.64
N GLU R 147 0.82 -19.96 -1.02
CA GLU R 147 1.59 -19.66 -2.21
C GLU R 147 3.04 -20.12 -2.08
N LYS R 148 3.63 -19.94 -0.89
CA LYS R 148 5.00 -20.34 -0.65
C LYS R 148 5.18 -21.85 -0.55
N GLY R 149 4.09 -22.61 -0.50
CA GLY R 149 4.16 -24.05 -0.40
C GLY R 149 4.13 -24.60 1.00
N GLU R 150 3.89 -23.77 2.01
CA GLU R 150 3.79 -24.23 3.39
C GLU R 150 2.37 -24.61 3.73
N PRO R 151 2.17 -25.58 4.62
CA PRO R 151 0.81 -25.93 5.03
C PRO R 151 0.16 -24.83 5.84
N THR R 152 -1.13 -24.60 5.59
CA THR R 152 -1.93 -23.68 6.35
C THR R 152 -2.84 -24.46 7.30
N LEU R 153 -3.75 -23.75 7.98
CA LEU R 153 -4.70 -24.37 8.87
C LEU R 153 -6.08 -24.50 8.24
N GLU R 154 -6.19 -24.24 6.94
CA GLU R 154 -7.45 -24.40 6.23
C GLU R 154 -7.59 -25.82 5.70
N LEU R 155 -8.76 -26.40 5.88
CA LEU R 155 -9.00 -27.77 5.48
C LEU R 155 -9.32 -27.84 3.99
N ASN R 156 -9.17 -29.05 3.43
CA ASN R 156 -9.41 -29.24 2.00
C ASN R 156 -10.89 -29.25 1.66
N ASP R 157 -11.76 -29.61 2.60
CA ASP R 157 -13.20 -29.62 2.37
C ASP R 157 -13.90 -29.24 3.67
N ASP R 158 -15.23 -29.41 3.69
CA ASP R 158 -16.03 -29.06 4.85
C ASP R 158 -17.08 -30.14 5.14
N GLY R 159 -16.75 -31.40 4.84
CA GLY R 159 -17.68 -32.49 5.03
C GLY R 159 -17.73 -32.99 6.46
N GLY R 160 -18.65 -33.93 6.69
CA GLY R 160 -18.82 -34.54 7.99
C GLY R 160 -18.66 -36.04 7.98
N TYR R 161 -19.25 -36.71 8.96
CA TYR R 161 -19.10 -38.16 9.09
C TYR R 161 -19.77 -38.86 7.92
N PHE R 162 -18.98 -39.62 7.16
CA PHE R 162 -19.45 -40.39 6.01
C PHE R 162 -20.07 -39.50 4.94
N ASP R 163 -19.68 -38.23 4.91
CA ASP R 163 -20.20 -37.32 3.90
C ASP R 163 -19.57 -37.60 2.54
N LEU R 164 -20.29 -37.22 1.50
CA LEU R 164 -19.77 -37.25 0.13
C LEU R 164 -19.30 -35.85 -0.27
N ALA R 165 -18.33 -35.34 0.49
CA ALA R 165 -17.91 -33.95 0.36
C ALA R 165 -17.05 -33.71 -0.88
N PRO R 166 -15.89 -34.38 -1.05
CA PRO R 166 -15.12 -34.16 -2.27
C PRO R 166 -15.71 -34.96 -3.41
N THR R 167 -16.75 -34.41 -4.05
CA THR R 167 -17.72 -35.24 -4.75
C THR R 167 -17.13 -36.06 -5.89
N ASP R 168 -16.79 -35.43 -7.00
CA ASP R 168 -16.13 -36.17 -8.07
C ASP R 168 -15.09 -35.36 -8.82
N LEU R 169 -15.22 -34.04 -8.79
CA LEU R 169 -14.56 -33.17 -9.76
C LEU R 169 -13.64 -32.17 -9.06
N GLY R 170 -12.34 -32.36 -9.23
CA GLY R 170 -11.36 -31.31 -9.03
C GLY R 170 -10.17 -31.64 -8.15
N GLU R 171 -10.38 -32.29 -7.00
CA GLU R 171 -9.27 -32.87 -6.27
C GLU R 171 -9.47 -34.36 -5.98
N ASN R 172 -10.54 -34.73 -5.27
CA ASN R 172 -10.81 -36.09 -4.82
C ASN R 172 -9.52 -36.83 -4.43
N CYS R 173 -8.79 -36.23 -3.51
CA CYS R 173 -7.49 -36.79 -3.12
C CYS R 173 -7.65 -38.18 -2.51
N ARG R 174 -8.71 -38.39 -1.72
CA ARG R 174 -8.93 -39.70 -1.12
C ARG R 174 -9.15 -40.78 -2.18
N ARG R 175 -9.94 -40.47 -3.21
CA ARG R 175 -10.18 -41.42 -4.28
C ARG R 175 -8.90 -41.76 -5.03
N ASP R 176 -8.08 -40.74 -5.32
CA ASP R 176 -6.81 -40.99 -6.00
C ASP R 176 -5.88 -41.83 -5.14
N ILE R 177 -5.85 -41.58 -3.84
CA ILE R 177 -5.03 -42.38 -2.94
C ILE R 177 -5.48 -43.85 -2.97
N VAL R 178 -6.79 -44.07 -2.89
CA VAL R 178 -7.32 -45.43 -2.89
C VAL R 178 -6.98 -46.13 -4.20
N LEU R 179 -7.17 -45.44 -5.32
CA LEU R 179 -6.91 -46.06 -6.62
C LEU R 179 -5.42 -46.36 -6.81
N GLU R 180 -4.56 -45.44 -6.38
CA GLU R 180 -3.12 -45.67 -6.50
C GLU R 180 -2.66 -46.82 -5.61
N LEU R 181 -3.22 -46.91 -4.40
CA LEU R 181 -2.90 -48.05 -3.54
C LEU R 181 -3.37 -49.36 -4.16
N GLU R 182 -4.56 -49.35 -4.77
CA GLU R 182 -5.05 -50.55 -5.44
C GLU R 182 -4.16 -50.95 -6.60
N ASP R 183 -3.66 -49.97 -7.35
CA ASP R 183 -2.74 -50.28 -8.44
C ASP R 183 -1.42 -50.85 -7.94
N MET R 184 -0.98 -50.45 -6.75
CA MET R 184 0.28 -50.93 -6.20
C MET R 184 0.18 -52.34 -5.62
N GLY R 185 -1.02 -52.89 -5.52
CA GLY R 185 -1.21 -54.22 -4.98
C GLY R 185 -1.72 -54.26 -3.56
N PHE R 186 -2.37 -53.21 -3.08
CA PHE R 186 -2.92 -53.17 -1.73
C PHE R 186 -4.31 -53.78 -1.71
N ASP R 187 -4.81 -54.05 -0.50
CA ASP R 187 -6.14 -54.61 -0.28
C ASP R 187 -6.93 -53.61 0.55
N ILE R 188 -7.72 -52.79 -0.12
CA ILE R 188 -8.52 -51.76 0.53
C ILE R 188 -9.92 -52.29 0.77
N GLU R 189 -10.41 -52.15 2.00
CA GLU R 189 -11.76 -52.58 2.34
C GLU R 189 -12.79 -51.50 1.99
N ALA R 190 -12.64 -50.31 2.56
CA ALA R 190 -13.53 -49.19 2.30
C ALA R 190 -12.87 -47.90 2.77
N SER R 191 -13.39 -46.78 2.28
CA SER R 191 -12.92 -45.47 2.68
C SER R 191 -14.12 -44.55 2.84
N HIS R 192 -13.97 -43.54 3.70
CA HIS R 192 -15.06 -42.62 3.98
C HIS R 192 -14.51 -41.33 4.55
N HIS R 193 -15.33 -40.29 4.52
CA HIS R 193 -15.00 -39.05 5.19
C HIS R 193 -15.17 -39.19 6.70
N GLU R 194 -14.29 -38.57 7.46
CA GLU R 194 -14.30 -38.69 8.90
C GLU R 194 -15.15 -37.57 9.51
N VAL R 195 -15.24 -37.57 10.84
CA VAL R 195 -16.14 -36.64 11.54
C VAL R 195 -15.71 -35.20 11.31
N ALA R 196 -14.43 -34.90 11.55
CA ALA R 196 -13.95 -33.54 11.43
C ALA R 196 -13.82 -33.14 9.96
N PRO R 197 -14.01 -31.86 9.65
CA PRO R 197 -13.80 -31.41 8.27
C PRO R 197 -12.35 -31.63 7.85
N GLY R 198 -12.18 -32.05 6.60
CA GLY R 198 -10.84 -32.32 6.09
C GLY R 198 -10.20 -33.57 6.62
N GLN R 199 -10.93 -34.41 7.35
CA GLN R 199 -10.40 -35.64 7.92
C GLN R 199 -10.91 -36.83 7.13
N HIS R 200 -10.02 -37.78 6.85
CA HIS R 200 -10.32 -38.90 5.99
C HIS R 200 -9.79 -40.18 6.61
N GLU R 201 -10.43 -41.30 6.26
CA GLU R 201 -10.05 -42.62 6.75
C GLU R 201 -10.09 -43.62 5.61
N ILE R 202 -9.05 -44.44 5.51
CA ILE R 202 -8.98 -45.54 4.56
C ILE R 202 -8.70 -46.82 5.32
N ASP R 203 -9.52 -47.84 5.11
CA ASP R 203 -9.44 -49.08 5.85
C ASP R 203 -8.83 -50.18 5.00
N PHE R 204 -7.97 -50.99 5.61
CA PHE R 204 -7.34 -52.13 4.95
C PHE R 204 -7.98 -53.43 5.40
N LYS R 205 -7.91 -54.42 4.53
CA LYS R 205 -8.24 -55.78 4.94
C LYS R 205 -7.13 -56.33 5.84
N TYR R 206 -7.50 -57.26 6.69
CA TYR R 206 -6.56 -57.79 7.68
C TYR R 206 -5.41 -58.52 6.99
N ALA R 207 -4.22 -58.39 7.58
CA ALA R 207 -3.02 -59.06 7.09
C ALA R 207 -2.18 -59.46 8.29
N ASP R 208 -1.16 -60.27 8.04
CA ASP R 208 -0.26 -60.67 9.12
C ASP R 208 0.49 -59.46 9.66
N ALA R 209 1.01 -59.63 10.88
CA ALA R 209 1.50 -58.49 11.67
C ALA R 209 2.57 -57.69 10.93
N VAL R 210 3.62 -58.37 10.46
CA VAL R 210 4.71 -57.68 9.79
C VAL R 210 4.22 -57.03 8.50
N THR R 211 3.41 -57.77 7.72
CA THR R 211 2.85 -57.21 6.51
C THR R 211 1.95 -56.03 6.80
N ALA R 212 1.17 -56.10 7.88
CA ALA R 212 0.29 -55.01 8.24
C ALA R 212 1.07 -53.74 8.59
N CYS R 213 2.15 -53.89 9.37
CA CYS R 213 2.95 -52.71 9.72
C CYS R 213 3.65 -52.14 8.49
N ASP R 214 4.17 -53.01 7.61
CA ASP R 214 4.77 -52.53 6.38
C ASP R 214 3.75 -51.79 5.52
N ASN R 215 2.52 -52.31 5.47
CA ASN R 215 1.46 -51.64 4.71
C ASN R 215 1.12 -50.29 5.33
N ILE R 216 1.16 -50.19 6.66
CA ILE R 216 0.91 -48.90 7.31
C ILE R 216 1.97 -47.88 6.91
N GLN R 217 3.24 -48.30 6.94
CA GLN R 217 4.32 -47.39 6.57
C GLN R 217 4.19 -46.96 5.11
N THR R 218 3.94 -47.92 4.22
CA THR R 218 3.78 -47.60 2.81
C THR R 218 2.58 -46.71 2.57
N PHE R 219 1.49 -46.94 3.30
CA PHE R 219 0.30 -46.10 3.18
C PHE R 219 0.59 -44.67 3.59
N LYS R 220 1.32 -44.48 4.69
CA LYS R 220 1.69 -43.13 5.09
C LYS R 220 2.52 -42.45 4.02
N LEU R 221 3.51 -43.16 3.46
CA LEU R 221 4.34 -42.58 2.42
C LEU R 221 3.51 -42.22 1.19
N VAL R 222 2.62 -43.11 0.76
CA VAL R 222 1.83 -42.89 -0.44
C VAL R 222 0.86 -41.74 -0.24
N VAL R 223 0.23 -41.66 0.94
CA VAL R 223 -0.69 -40.56 1.22
C VAL R 223 0.04 -39.24 1.20
N LYS R 224 1.21 -39.17 1.83
CA LYS R 224 1.96 -37.92 1.86
C LYS R 224 2.44 -37.52 0.47
N THR R 225 2.76 -38.49 -0.39
CA THR R 225 3.15 -38.15 -1.75
C THR R 225 1.97 -37.65 -2.56
N ILE R 226 0.84 -38.35 -2.52
CA ILE R 226 -0.30 -37.99 -3.36
C ILE R 226 -0.91 -36.67 -2.90
N ALA R 227 -0.94 -36.41 -1.60
CA ALA R 227 -1.45 -35.13 -1.13
C ALA R 227 -0.60 -33.98 -1.67
N ARG R 228 0.72 -34.15 -1.69
CA ARG R 228 1.58 -33.14 -2.31
C ARG R 228 1.31 -33.02 -3.81
N LYS R 229 0.96 -34.13 -4.46
CA LYS R 229 0.61 -34.06 -5.88
C LYS R 229 -0.61 -33.18 -6.11
N HIS R 230 -1.54 -33.12 -5.15
CA HIS R 230 -2.77 -32.37 -5.28
C HIS R 230 -2.70 -31.00 -4.61
N ASN R 231 -1.49 -30.47 -4.39
CA ASN R 231 -1.30 -29.17 -3.74
C ASN R 231 -1.93 -29.15 -2.35
N LEU R 232 -1.82 -30.27 -1.63
CA LEU R 232 -2.33 -30.39 -0.28
C LEU R 232 -1.22 -30.91 0.62
N HIS R 233 -1.47 -30.88 1.93
CA HIS R 233 -0.54 -31.41 2.92
C HIS R 233 -1.29 -32.42 3.77
N ALA R 234 -0.78 -33.66 3.79
CA ALA R 234 -1.38 -34.71 4.60
C ALA R 234 -0.63 -34.83 5.91
N THR R 235 -1.37 -34.85 7.01
CA THR R 235 -0.76 -34.98 8.32
C THR R 235 -1.46 -36.07 9.11
N PHE R 236 -0.65 -36.89 9.80
CA PHE R 236 -1.13 -37.89 10.74
C PHE R 236 -0.98 -37.43 12.18
N MET R 237 -0.94 -36.12 12.40
CA MET R 237 -0.86 -35.57 13.74
C MET R 237 -2.08 -35.98 14.55
N PRO R 238 -1.92 -36.48 15.77
CA PRO R 238 -3.08 -36.95 16.53
C PRO R 238 -4.15 -35.90 16.76
N LYS R 239 -3.75 -34.65 17.02
CA LYS R 239 -4.70 -33.56 17.29
C LYS R 239 -4.17 -32.27 16.71
N PRO R 240 -4.31 -32.07 15.40
CA PRO R 240 -3.81 -30.82 14.80
C PRO R 240 -4.64 -29.61 15.14
N LEU R 241 -5.93 -29.78 15.41
CA LEU R 241 -6.83 -28.66 15.65
C LEU R 241 -7.57 -28.87 16.96
N PHE R 242 -7.67 -27.81 17.76
CA PHE R 242 -8.43 -27.85 18.99
C PHE R 242 -9.93 -27.73 18.69
N GLY R 243 -10.73 -28.45 19.46
CA GLY R 243 -12.17 -28.36 19.35
C GLY R 243 -12.82 -29.27 18.33
N VAL R 244 -12.03 -30.02 17.56
CA VAL R 244 -12.55 -30.97 16.60
C VAL R 244 -11.97 -32.34 16.91
N ASN R 245 -12.50 -33.35 16.21
CA ASN R 245 -12.04 -34.72 16.42
C ASN R 245 -10.58 -34.87 16.04
N GLY R 246 -9.88 -35.72 16.79
CA GLY R 246 -8.53 -36.09 16.45
C GLY R 246 -8.50 -37.30 15.52
N SER R 247 -7.28 -37.71 15.18
CA SER R 247 -7.06 -38.85 14.30
C SER R 247 -6.57 -40.05 15.12
N GLY R 248 -7.22 -41.19 14.93
CA GLY R 248 -6.83 -42.42 15.55
C GLY R 248 -6.40 -43.46 14.52
N MET R 249 -5.79 -44.52 15.03
CA MET R 249 -5.32 -45.64 14.21
C MET R 249 -5.75 -46.96 14.88
N HIS R 250 -7.04 -47.08 15.15
CA HIS R 250 -7.60 -48.26 15.80
C HIS R 250 -7.07 -49.54 15.17
N PHE R 251 -6.67 -50.48 16.04
CA PHE R 251 -6.06 -51.75 15.64
C PHE R 251 -7.07 -52.86 15.90
N ASN R 252 -7.55 -53.51 14.84
CA ASN R 252 -8.38 -54.71 14.98
C ASN R 252 -7.45 -55.92 14.87
N VAL R 253 -7.27 -56.63 15.98
CA VAL R 253 -6.32 -57.74 16.03
C VAL R 253 -7.07 -59.03 16.23
N SER R 254 -6.50 -60.11 15.70
CA SER R 254 -7.08 -61.44 15.83
C SER R 254 -5.97 -62.48 15.90
N LEU R 255 -6.14 -63.47 16.77
CA LEU R 255 -5.20 -64.56 16.93
C LEU R 255 -5.66 -65.79 16.15
N PHE R 256 -4.71 -66.51 15.59
CA PHE R 256 -5.02 -67.70 14.80
C PHE R 256 -4.02 -68.80 15.16
N LYS R 257 -4.52 -70.00 15.45
CA LYS R 257 -3.67 -71.18 15.57
C LYS R 257 -4.15 -72.20 14.55
N GLY R 258 -3.79 -71.99 13.29
CA GLY R 258 -3.96 -72.97 12.24
C GLY R 258 -5.33 -72.86 11.60
N LYS R 259 -5.41 -72.17 10.46
CA LYS R 259 -6.64 -72.06 9.67
C LYS R 259 -7.90 -71.90 10.53
N GLU R 260 -7.80 -71.18 11.65
CA GLU R 260 -8.89 -71.13 12.60
C GLU R 260 -8.69 -69.97 13.56
N ASN R 261 -9.71 -69.14 13.73
CA ASN R 261 -9.65 -68.01 14.64
C ASN R 261 -9.76 -68.50 16.08
N ALA R 262 -8.75 -68.17 16.89
CA ALA R 262 -8.74 -68.58 18.29
C ALA R 262 -9.69 -67.78 19.17
N PHE R 263 -10.25 -66.69 18.65
CA PHE R 263 -11.20 -65.88 19.42
C PHE R 263 -12.65 -66.29 19.21
N PHE R 264 -12.93 -67.18 18.26
CA PHE R 264 -14.30 -67.52 17.89
C PHE R 264 -14.77 -68.73 18.69
N ASP R 265 -15.95 -68.59 19.31
CA ASP R 265 -16.59 -69.70 20.01
C ASP R 265 -17.89 -70.03 19.27
N PRO R 266 -17.93 -71.13 18.51
CA PRO R 266 -19.12 -71.44 17.70
C PRO R 266 -20.32 -71.92 18.50
N ASN R 267 -20.16 -72.20 19.79
CA ASN R 267 -21.25 -72.72 20.61
C ASN R 267 -21.92 -71.66 21.48
N THR R 268 -21.13 -70.77 22.08
CA THR R 268 -21.69 -69.74 22.93
C THR R 268 -22.46 -68.71 22.11
N GLU R 269 -23.54 -68.19 22.71
CA GLU R 269 -24.33 -67.17 22.03
C GLU R 269 -23.53 -65.91 21.77
N MET R 270 -22.73 -65.49 22.75
CA MET R 270 -21.86 -64.33 22.54
C MET R 270 -20.80 -64.62 21.47
N GLY R 271 -20.32 -65.86 21.43
CA GLY R 271 -19.38 -66.25 20.39
C GLY R 271 -17.94 -65.85 20.65
N LEU R 272 -17.56 -65.69 21.91
CA LEU R 272 -16.19 -65.34 22.27
C LEU R 272 -15.57 -66.45 23.09
N THR R 273 -14.37 -66.86 22.68
CA THR R 273 -13.64 -67.90 23.39
C THR R 273 -13.04 -67.32 24.67
N GLU R 274 -12.80 -68.21 25.64
CA GLU R 274 -12.11 -67.79 26.86
C GLU R 274 -10.73 -67.21 26.55
N THR R 275 -10.10 -67.66 25.46
CA THR R 275 -8.84 -67.07 25.03
C THR R 275 -9.01 -65.59 24.70
N ALA R 276 -10.10 -65.23 24.03
CA ALA R 276 -10.35 -63.82 23.71
C ALA R 276 -10.54 -63.01 25.00
N TYR R 277 -11.26 -63.56 25.96
CA TYR R 277 -11.46 -62.86 27.23
C TYR R 277 -10.15 -62.67 27.96
N GLN R 278 -9.29 -63.70 27.97
CA GLN R 278 -7.98 -63.55 28.58
C GLN R 278 -7.14 -62.50 27.86
N PHE R 279 -7.22 -62.48 26.53
CA PHE R 279 -6.45 -61.51 25.75
C PHE R 279 -6.89 -60.08 26.08
N THR R 280 -8.20 -59.83 26.10
CA THR R 280 -8.66 -58.48 26.40
C THR R 280 -8.39 -58.11 27.85
N ALA R 281 -8.46 -59.07 28.77
CA ALA R 281 -8.09 -58.81 30.15
C ALA R 281 -6.62 -58.40 30.26
N GLY R 282 -5.74 -59.09 29.54
CA GLY R 282 -4.34 -58.73 29.54
C GLY R 282 -4.07 -57.38 28.92
N VAL R 283 -4.78 -57.04 27.85
CA VAL R 283 -4.62 -55.72 27.25
C VAL R 283 -5.09 -54.63 28.21
N LEU R 284 -6.21 -54.87 28.90
CA LEU R 284 -6.71 -53.89 29.86
C LEU R 284 -5.77 -53.75 31.05
N LYS R 285 -5.14 -54.85 31.46
CA LYS R 285 -4.28 -54.82 32.64
C LYS R 285 -3.06 -53.94 32.41
N ASN R 286 -2.46 -54.02 31.22
CA ASN R 286 -1.23 -53.30 30.92
C ASN R 286 -1.46 -52.09 30.02
N ALA R 287 -2.69 -51.56 29.99
CA ALA R 287 -2.99 -50.43 29.12
C ALA R 287 -2.17 -49.20 29.48
N ARG R 288 -2.01 -48.93 30.78
CA ARG R 288 -1.17 -47.82 31.20
C ARG R 288 0.29 -48.04 30.84
N GLY R 289 0.72 -49.30 30.77
CA GLY R 289 2.12 -49.58 30.48
C GLY R 289 2.54 -49.18 29.08
N PHE R 290 1.72 -49.49 28.08
CA PHE R 290 2.07 -49.24 26.68
C PHE R 290 1.42 -47.99 26.12
N THR R 291 0.81 -47.15 26.97
CA THR R 291 0.19 -45.93 26.48
C THR R 291 1.22 -45.00 25.85
N ALA R 292 2.41 -44.90 26.45
CA ALA R 292 3.45 -44.03 25.90
C ALA R 292 3.88 -44.50 24.51
N VAL R 293 4.03 -45.81 24.30
CA VAL R 293 4.42 -46.31 22.99
C VAL R 293 3.32 -46.08 21.96
N CYS R 294 2.08 -46.37 22.33
CA CYS R 294 0.96 -46.19 21.41
C CYS R 294 0.58 -44.72 21.22
N ASN R 295 0.97 -43.85 22.14
CA ASN R 295 0.72 -42.41 22.04
C ASN R 295 2.04 -41.70 22.32
N PRO R 296 2.95 -41.68 21.36
CA PRO R 296 4.33 -41.24 21.63
C PRO R 296 4.57 -39.74 21.59
N LEU R 297 3.66 -38.94 21.04
CA LEU R 297 3.87 -37.51 20.93
C LEU R 297 3.26 -36.78 22.13
N VAL R 298 3.76 -35.57 22.35
CA VAL R 298 3.12 -34.67 23.33
C VAL R 298 1.71 -34.35 22.88
N ASN R 299 1.53 -34.09 21.58
CA ASN R 299 0.21 -33.76 21.05
C ASN R 299 -0.77 -34.92 21.17
N SER R 300 -0.28 -36.16 21.27
CA SER R 300 -1.17 -37.31 21.32
C SER R 300 -2.15 -37.20 22.47
N TYR R 301 -1.69 -36.75 23.62
CA TYR R 301 -2.51 -36.65 24.81
C TYR R 301 -3.46 -35.47 24.77
N LYS R 302 -3.35 -34.60 23.75
CA LYS R 302 -4.41 -33.64 23.47
C LYS R 302 -5.58 -34.27 22.74
N ARG R 303 -5.38 -35.44 22.12
CA ARG R 303 -6.49 -36.20 21.57
C ARG R 303 -7.24 -36.97 22.65
N LEU R 304 -6.52 -37.46 23.66
CA LEU R 304 -7.13 -38.24 24.74
C LEU R 304 -7.85 -37.33 25.73
N VAL R 305 -8.86 -36.63 25.22
CA VAL R 305 -9.72 -35.78 26.03
C VAL R 305 -11.16 -36.20 25.75
N PRO R 306 -12.07 -36.07 26.72
CA PRO R 306 -13.44 -36.56 26.51
C PRO R 306 -14.19 -35.74 25.48
N GLY R 307 -15.13 -36.41 24.82
CA GLY R 307 -16.04 -35.76 23.89
C GLY R 307 -15.73 -35.97 22.42
N TYR R 308 -14.62 -36.61 22.08
CA TYR R 308 -14.23 -36.78 20.68
C TYR R 308 -14.01 -38.25 20.33
N GLU R 309 -14.67 -39.15 21.05
CA GLU R 309 -14.69 -40.60 20.84
C GLU R 309 -13.35 -41.26 21.15
N ALA R 310 -12.31 -40.50 21.49
CA ALA R 310 -11.06 -41.14 21.88
C ALA R 310 -11.17 -41.71 23.28
N PRO R 311 -10.59 -42.87 23.54
CA PRO R 311 -10.66 -43.45 24.89
C PRO R 311 -9.92 -42.60 25.90
N CYS R 312 -10.51 -42.50 27.10
CA CYS R 312 -9.90 -41.77 28.20
C CYS R 312 -9.69 -42.61 29.45
N TYR R 313 -10.37 -43.75 29.58
CA TYR R 313 -10.18 -44.65 30.70
C TYR R 313 -10.13 -46.08 30.19
N ILE R 314 -9.72 -46.98 31.07
CA ILE R 314 -9.42 -48.37 30.70
C ILE R 314 -10.68 -49.18 30.92
N ALA R 315 -11.37 -49.50 29.83
CA ALA R 315 -12.58 -50.31 29.89
C ALA R 315 -12.82 -50.91 28.51
N TRP R 316 -13.67 -51.95 28.48
CA TRP R 316 -14.04 -52.61 27.25
C TRP R 316 -15.55 -52.72 27.16
N SER R 317 -16.07 -52.70 25.93
CA SER R 317 -17.51 -52.78 25.72
C SER R 317 -17.76 -53.24 24.29
N GLY R 318 -19.00 -53.66 24.05
CA GLY R 318 -19.43 -54.00 22.71
C GLY R 318 -20.18 -52.86 22.06
N LYS R 319 -20.68 -51.93 22.88
CA LYS R 319 -21.43 -50.78 22.37
C LYS R 319 -21.23 -49.63 23.37
N ASN R 320 -20.33 -48.72 23.04
CA ASN R 320 -20.07 -47.56 23.89
C ASN R 320 -19.48 -46.46 23.01
N ARG R 321 -19.56 -45.22 23.51
CA ARG R 321 -19.07 -44.09 22.73
C ARG R 321 -17.56 -44.13 22.56
N SER R 322 -16.82 -44.29 23.66
CA SER R 322 -15.36 -44.29 23.62
C SER R 322 -14.80 -45.34 24.57
N PRO R 323 -14.95 -46.63 24.22
CA PRO R 323 -14.29 -47.68 24.99
C PRO R 323 -12.85 -47.87 24.53
N LEU R 324 -12.00 -48.25 25.48
CA LEU R 324 -10.62 -48.55 25.12
C LEU R 324 -10.55 -49.77 24.21
N ILE R 325 -11.34 -50.79 24.49
CA ILE R 325 -11.43 -52.00 23.68
C ILE R 325 -12.86 -52.17 23.22
N ARG R 326 -13.05 -52.33 21.92
CA ARG R 326 -14.36 -52.60 21.34
C ARG R 326 -14.33 -53.98 20.66
N VAL R 327 -15.40 -54.73 20.84
CA VAL R 327 -15.56 -56.03 20.21
C VAL R 327 -16.59 -55.88 19.09
N PRO R 328 -16.19 -55.90 17.83
CA PRO R 328 -17.16 -55.77 16.74
C PRO R 328 -18.11 -56.96 16.69
N SER R 329 -19.29 -56.71 16.14
CA SER R 329 -20.34 -57.72 16.07
C SER R 329 -20.02 -58.87 15.11
N SER R 330 -18.99 -58.72 14.29
CA SER R 330 -18.62 -59.78 13.35
C SER R 330 -18.13 -61.02 14.11
N ARG R 331 -18.41 -62.18 13.56
CA ARG R 331 -18.05 -63.45 14.18
C ARG R 331 -17.48 -64.36 13.10
N GLY R 332 -17.30 -65.63 13.43
CA GLY R 332 -16.71 -66.55 12.46
C GLY R 332 -15.21 -66.39 12.42
N LEU R 333 -14.67 -66.33 11.20
CA LEU R 333 -13.24 -66.11 11.01
C LEU R 333 -12.84 -64.64 11.12
N SER R 334 -13.80 -63.73 11.24
CA SER R 334 -13.53 -62.31 11.28
C SER R 334 -13.69 -61.70 12.68
N THR R 335 -13.88 -62.54 13.70
CA THR R 335 -13.97 -62.01 15.06
C THR R 335 -12.62 -61.43 15.48
N ARG R 336 -12.65 -60.27 16.11
CA ARG R 336 -11.42 -59.55 16.43
C ARG R 336 -11.67 -58.63 17.62
N ILE R 337 -10.57 -58.10 18.16
CA ILE R 337 -10.60 -57.18 19.28
C ILE R 337 -9.98 -55.86 18.82
N GLU R 338 -10.69 -54.76 19.04
CA GLU R 338 -10.26 -53.45 18.54
C GLU R 338 -9.70 -52.63 19.70
N VAL R 339 -8.42 -52.31 19.63
CA VAL R 339 -7.77 -51.38 20.54
C VAL R 339 -7.81 -50.00 19.90
N ARG R 340 -8.43 -49.05 20.58
CA ARG R 340 -8.74 -47.74 20.00
C ARG R 340 -7.84 -46.63 20.50
N SER R 341 -6.86 -46.92 21.35
CA SER R 341 -5.99 -45.89 21.89
C SER R 341 -4.85 -45.51 20.95
N VAL R 342 -4.57 -46.35 19.94
CA VAL R 342 -3.45 -46.09 19.05
C VAL R 342 -3.75 -44.92 18.13
N ASP R 343 -2.77 -44.05 17.96
CA ASP R 343 -2.86 -42.91 17.04
C ASP R 343 -1.90 -43.12 15.87
N PRO R 344 -2.14 -42.45 14.73
CA PRO R 344 -1.32 -42.72 13.54
C PRO R 344 0.14 -42.30 13.68
N ALA R 345 0.50 -41.55 14.73
CA ALA R 345 1.89 -41.16 14.92
C ALA R 345 2.73 -42.25 15.58
N ALA R 346 2.11 -43.30 16.10
CA ALA R 346 2.85 -44.35 16.78
C ALA R 346 3.59 -45.23 15.77
N ASN R 347 4.69 -45.81 16.22
CA ASN R 347 5.41 -46.79 15.41
C ASN R 347 4.58 -48.07 15.34
N PRO R 348 4.19 -48.53 14.14
CA PRO R 348 3.32 -49.71 14.07
C PRO R 348 3.94 -50.96 14.67
N TYR R 349 5.23 -51.19 14.42
CA TYR R 349 5.88 -52.40 14.94
C TYR R 349 5.89 -52.41 16.46
N MET R 350 6.29 -51.30 17.08
CA MET R 350 6.38 -51.24 18.53
C MET R 350 5.01 -51.34 19.18
N ALA R 351 4.02 -50.63 18.64
CA ALA R 351 2.67 -50.69 19.20
C ALA R 351 2.07 -52.09 19.07
N LEU R 352 2.25 -52.72 17.91
CA LEU R 352 1.74 -54.07 17.73
C LEU R 352 2.44 -55.05 18.67
N ALA R 353 3.75 -54.91 18.83
CA ALA R 353 4.48 -55.79 19.75
C ALA R 353 3.99 -55.61 21.18
N ALA R 354 3.77 -54.37 21.59
CA ALA R 354 3.29 -54.11 22.95
C ALA R 354 1.90 -54.70 23.17
N ILE R 355 1.01 -54.51 22.20
CA ILE R 355 -0.35 -55.04 22.33
C ILE R 355 -0.33 -56.57 22.37
N LEU R 356 0.46 -57.19 21.49
CA LEU R 356 0.54 -58.64 21.47
C LEU R 356 1.12 -59.18 22.78
N GLU R 357 2.15 -58.51 23.31
CA GLU R 357 2.74 -58.95 24.56
C GLU R 357 1.75 -58.83 25.71
N ALA R 358 0.99 -57.74 25.76
CA ALA R 358 -0.02 -57.60 26.81
C ALA R 358 -1.08 -58.69 26.69
N GLY R 359 -1.53 -58.97 25.47
CA GLY R 359 -2.51 -60.02 25.29
C GLY R 359 -2.00 -61.38 25.69
N LEU R 360 -0.76 -61.69 25.32
CA LEU R 360 -0.17 -62.97 25.71
C LEU R 360 0.05 -63.06 27.22
N ASP R 361 0.42 -61.95 27.86
CA ASP R 361 0.55 -61.93 29.32
C ASP R 361 -0.79 -62.22 29.98
N GLY R 362 -1.86 -61.65 29.44
CA GLY R 362 -3.18 -62.00 29.95
C GLY R 362 -3.54 -63.45 29.70
N ILE R 363 -3.13 -63.99 28.54
CA ILE R 363 -3.50 -65.36 28.18
C ILE R 363 -2.81 -66.37 29.10
N LYS R 364 -1.50 -66.22 29.29
CA LYS R 364 -0.77 -67.22 30.07
C LYS R 364 -0.88 -67.02 31.57
N ASN R 365 -1.52 -65.94 32.03
CA ASN R 365 -1.84 -65.76 33.43
C ASN R 365 -3.29 -66.07 33.75
N LYS R 366 -4.10 -66.38 32.73
CA LYS R 366 -5.51 -66.72 32.91
C LYS R 366 -6.25 -65.64 33.70
N LEU R 367 -6.00 -64.38 33.31
CA LEU R 367 -6.66 -63.26 33.97
C LEU R 367 -8.15 -63.26 33.67
N LYS R 368 -8.92 -62.70 34.60
CA LYS R 368 -10.37 -62.61 34.47
C LYS R 368 -10.72 -61.22 33.96
N VAL R 369 -11.40 -61.15 32.83
CA VAL R 369 -11.77 -59.87 32.23
C VAL R 369 -12.81 -59.19 33.09
N PRO R 370 -12.70 -57.88 33.35
CA PRO R 370 -13.73 -57.19 34.14
C PRO R 370 -15.03 -57.06 33.35
N GLU R 371 -16.06 -56.61 34.05
CA GLU R 371 -17.37 -56.47 33.45
C GLU R 371 -17.33 -55.39 32.36
N PRO R 372 -17.98 -55.63 31.22
CA PRO R 372 -18.03 -54.60 30.18
C PRO R 372 -18.86 -53.41 30.64
N VAL R 373 -18.52 -52.24 30.13
CA VAL R 373 -19.22 -51.02 30.48
C VAL R 373 -20.38 -50.81 29.52
N ASN R 374 -21.39 -50.08 29.99
CA ASN R 374 -22.58 -49.81 29.21
C ASN R 374 -22.98 -48.33 29.34
N GLN R 375 -24.20 -48.00 28.91
CA GLN R 375 -24.60 -46.60 28.82
C GLN R 375 -24.58 -45.88 30.15
N ASN R 376 -24.70 -46.60 31.28
CA ASN R 376 -24.74 -45.93 32.58
C ASN R 376 -23.35 -45.74 33.17
N ILE R 377 -22.43 -45.24 32.36
CA ILE R 377 -21.10 -44.85 32.83
C ILE R 377 -20.87 -43.41 32.41
N TYR R 378 -21.73 -42.90 31.53
CA TYR R 378 -21.63 -41.51 31.11
C TYR R 378 -21.87 -40.56 32.26
N GLU R 379 -22.66 -40.98 33.25
CA GLU R 379 -22.89 -40.21 34.47
C GLU R 379 -22.06 -40.84 35.58
N MET R 380 -20.79 -40.47 35.63
CA MET R 380 -19.87 -40.96 36.66
C MET R 380 -18.65 -40.07 36.68
N ASN R 381 -18.28 -39.59 37.86
CA ASN R 381 -17.04 -38.86 38.03
C ASN R 381 -15.86 -39.84 38.07
N ARG R 382 -14.65 -39.29 38.15
CA ARG R 382 -13.47 -40.14 38.21
C ARG R 382 -13.40 -40.93 39.52
N GLU R 383 -13.90 -40.35 40.62
CA GLU R 383 -13.87 -41.06 41.90
C GLU R 383 -14.75 -42.30 41.86
N GLU R 384 -15.99 -42.17 41.37
CA GLU R 384 -16.87 -43.32 41.26
C GLU R 384 -16.34 -44.32 40.24
N ARG R 385 -15.75 -43.84 39.15
CA ARG R 385 -15.17 -44.72 38.15
C ARG R 385 -14.05 -45.57 38.74
N GLU R 386 -13.18 -44.94 39.55
CA GLU R 386 -12.11 -45.69 40.21
C GLU R 386 -12.66 -46.61 41.28
N ALA R 387 -13.74 -46.20 41.97
CA ALA R 387 -14.36 -47.08 42.96
C ALA R 387 -14.90 -48.34 42.31
N VAL R 388 -15.53 -48.21 41.14
CA VAL R 388 -15.96 -49.37 40.36
C VAL R 388 -14.79 -50.22 39.89
N GLY R 389 -13.65 -49.59 39.58
CA GLY R 389 -12.50 -50.30 39.09
C GLY R 389 -12.01 -49.90 37.72
N ILE R 390 -12.46 -48.76 37.21
CA ILE R 390 -12.08 -48.29 35.87
C ILE R 390 -10.92 -47.31 36.06
N GLN R 391 -9.73 -47.73 35.65
CA GLN R 391 -8.57 -46.85 35.72
C GLN R 391 -8.54 -45.89 34.55
N ASP R 392 -7.85 -44.77 34.75
CA ASP R 392 -7.72 -43.74 33.73
C ASP R 392 -6.39 -43.87 32.99
N LEU R 393 -6.43 -43.57 31.70
CA LEU R 393 -5.20 -43.51 30.93
C LEU R 393 -4.38 -42.30 31.35
N PRO R 394 -3.05 -42.36 31.21
CA PRO R 394 -2.23 -41.19 31.53
C PRO R 394 -2.63 -40.00 30.67
N SER R 395 -2.62 -38.82 31.30
CA SER R 395 -3.09 -37.61 30.65
C SER R 395 -1.99 -36.80 29.98
N THR R 396 -0.73 -37.05 30.32
CA THR R 396 0.39 -36.35 29.72
C THR R 396 1.48 -37.35 29.36
N LEU R 397 2.37 -36.94 28.45
CA LEU R 397 3.49 -37.78 28.09
C LEU R 397 4.42 -38.01 29.27
N TYR R 398 4.55 -37.04 30.16
CA TYR R 398 5.37 -37.20 31.35
C TYR R 398 4.84 -38.31 32.24
N THR R 399 3.54 -38.25 32.58
CA THR R 399 2.95 -39.31 33.38
C THR R 399 2.87 -40.63 32.63
N ALA R 400 2.75 -40.59 31.30
CA ALA R 400 2.77 -41.83 30.52
C ALA R 400 4.13 -42.50 30.61
N LEU R 401 5.22 -41.72 30.53
CA LEU R 401 6.55 -42.29 30.72
C LEU R 401 6.73 -42.80 32.13
N LYS R 402 6.19 -42.08 33.12
CA LYS R 402 6.23 -42.55 34.50
C LYS R 402 5.57 -43.92 34.64
N ALA R 403 4.40 -44.08 34.03
CA ALA R 403 3.70 -45.36 34.06
C ALA R 403 4.47 -46.44 33.29
N MET R 404 5.06 -46.08 32.15
CA MET R 404 5.80 -47.05 31.35
C MET R 404 7.02 -47.55 32.09
N ARG R 405 7.67 -46.70 32.88
CA ARG R 405 8.83 -47.11 33.66
C ARG R 405 8.49 -48.10 34.76
N GLU R 406 7.21 -48.28 35.08
CA GLU R 406 6.78 -49.18 36.14
C GLU R 406 6.16 -50.46 35.62
N ASN R 407 6.14 -50.69 34.31
CA ASN R 407 5.53 -51.86 33.71
C ASN R 407 6.63 -52.77 33.14
N GLU R 408 6.55 -54.06 33.46
CA GLU R 408 7.54 -55.01 32.99
C GLU R 408 7.16 -55.59 31.63
N VAL R 409 5.86 -55.67 31.33
CA VAL R 409 5.41 -56.26 30.08
C VAL R 409 5.87 -55.42 28.89
N ILE R 410 5.80 -54.09 29.01
CA ILE R 410 6.23 -53.24 27.92
C ILE R 410 7.73 -53.36 27.68
N LYS R 411 8.51 -53.46 28.77
CA LYS R 411 9.95 -53.67 28.63
C LYS R 411 10.25 -55.00 27.95
N LYS R 412 9.55 -56.06 28.33
CA LYS R 412 9.73 -57.35 27.69
C LYS R 412 9.38 -57.29 26.22
N ALA R 413 8.29 -56.59 25.88
CA ALA R 413 7.87 -56.46 24.49
C ALA R 413 8.90 -55.71 23.66
N LEU R 414 9.45 -54.62 24.20
CA LEU R 414 10.32 -53.76 23.41
C LEU R 414 11.76 -54.23 23.37
N GLY R 415 12.24 -54.96 24.38
CA GLY R 415 13.65 -55.25 24.46
C GLY R 415 14.37 -54.13 25.16
N ASN R 416 15.50 -54.43 25.81
CA ASN R 416 16.16 -53.43 26.65
C ASN R 416 16.63 -52.23 25.83
N HIS R 417 17.23 -52.48 24.66
CA HIS R 417 17.78 -51.40 23.85
C HIS R 417 16.67 -50.44 23.41
N ILE R 418 15.62 -50.97 22.81
CA ILE R 418 14.52 -50.12 22.32
C ILE R 418 13.84 -49.42 23.48
N TYR R 419 13.63 -50.14 24.59
CA TYR R 419 12.99 -49.55 25.77
C TYR R 419 13.77 -48.35 26.27
N ASN R 420 15.08 -48.52 26.47
CA ASN R 420 15.90 -47.43 27.00
C ASN R 420 15.98 -46.27 26.01
N GLN R 421 16.16 -46.56 24.72
CA GLN R 421 16.27 -45.48 23.74
C GLN R 421 14.97 -44.70 23.64
N PHE R 422 13.83 -45.39 23.64
CA PHE R 422 12.55 -44.72 23.59
C PHE R 422 12.33 -43.84 24.83
N ILE R 423 12.67 -44.37 26.00
CA ILE R 423 12.49 -43.58 27.23
C ILE R 423 13.36 -42.33 27.19
N ASN R 424 14.62 -42.47 26.77
CA ASN R 424 15.51 -41.32 26.71
C ASN R 424 14.99 -40.28 25.71
N SER R 425 14.58 -40.74 24.52
CA SER R 425 14.10 -39.81 23.50
C SER R 425 12.86 -39.06 23.99
N LYS R 426 11.90 -39.77 24.57
CA LYS R 426 10.68 -39.13 25.01
C LYS R 426 10.90 -38.22 26.21
N SER R 427 11.82 -38.59 27.11
CA SER R 427 12.16 -37.70 28.21
C SER R 427 12.77 -36.40 27.70
N ILE R 428 13.67 -36.50 26.71
CA ILE R 428 14.27 -35.29 26.14
C ILE R 428 13.20 -34.44 25.47
N GLU R 429 12.30 -35.07 24.73
CA GLU R 429 11.24 -34.34 24.03
C GLU R 429 10.34 -33.61 25.04
N TRP R 430 9.94 -34.30 26.11
CA TRP R 430 9.11 -33.67 27.12
C TRP R 430 9.85 -32.55 27.82
N ASP R 431 11.14 -32.74 28.09
CA ASP R 431 11.93 -31.69 28.73
C ASP R 431 11.98 -30.44 27.87
N TYR R 432 12.14 -30.60 26.56
CA TYR R 432 12.12 -29.44 25.67
C TYR R 432 10.73 -28.82 25.60
N TYR R 433 9.68 -29.63 25.65
CA TYR R 433 8.33 -29.08 25.56
C TYR R 433 7.94 -28.30 26.81
N ARG R 434 8.33 -28.80 27.99
CA ARG R 434 7.82 -28.24 29.24
C ARG R 434 8.34 -26.84 29.54
N THR R 435 9.46 -26.43 28.93
CA THR R 435 10.04 -25.13 29.21
C THR R 435 9.48 -24.03 28.33
N GLN R 436 8.64 -24.36 27.35
CA GLN R 436 8.08 -23.36 26.46
C GLN R 436 6.95 -22.61 27.13
N VAL R 437 6.81 -21.33 26.78
CA VAL R 437 5.71 -20.50 27.27
C VAL R 437 4.68 -20.41 26.16
N SER R 438 3.49 -20.97 26.40
CA SER R 438 2.47 -21.05 25.38
C SER R 438 1.67 -19.75 25.28
N GLU R 439 0.98 -19.59 24.16
CA GLU R 439 0.11 -18.44 23.96
C GLU R 439 -1.07 -18.46 24.93
N TRP R 440 -1.51 -19.64 25.35
CA TRP R 440 -2.59 -19.73 26.32
C TRP R 440 -2.21 -19.08 27.63
N GLU R 441 -0.97 -19.30 28.09
CA GLU R 441 -0.50 -18.66 29.32
C GLU R 441 -0.44 -17.15 29.17
N ARG R 442 0.03 -16.66 28.02
CA ARG R 442 0.12 -15.22 27.80
C ARG R 442 -1.25 -14.58 27.67
N ASP R 443 -2.26 -15.35 27.26
CA ASP R 443 -3.62 -14.81 27.20
C ASP R 443 -4.29 -14.81 28.57
N GLN R 444 -4.18 -15.93 29.30
CA GLN R 444 -4.80 -16.01 30.62
C GLN R 444 -4.11 -15.08 31.61
N TYR R 445 -2.78 -15.09 31.62
CA TYR R 445 -1.98 -14.25 32.49
C TYR R 445 -1.43 -13.07 31.69
N MET R 446 -0.50 -12.33 32.29
CA MET R 446 0.19 -11.16 31.77
C MET R 446 -0.72 -9.92 31.80
N LYS R 447 -2.00 -10.06 32.13
CA LYS R 447 -2.86 -8.91 32.37
C LYS R 447 -3.59 -9.10 33.69
N GLN R 448 -3.91 -10.35 34.03
CA GLN R 448 -4.51 -10.66 35.31
C GLN R 448 -3.49 -10.73 36.43
N TYR R 449 -2.21 -10.85 36.10
CA TYR R 449 -1.16 -10.91 37.12
C TYR R 449 -0.01 -9.98 36.75
N THR S 8 39.74 -45.58 -21.57
CA THR S 8 40.81 -45.04 -22.38
C THR S 8 40.30 -44.63 -23.76
N PHE S 9 40.77 -43.50 -24.25
CA PHE S 9 40.36 -42.97 -25.55
C PHE S 9 41.58 -42.47 -26.30
N THR S 10 41.48 -42.47 -27.63
CA THR S 10 42.50 -41.93 -28.51
C THR S 10 41.88 -40.85 -29.37
N LYS S 11 42.72 -40.25 -30.24
CA LYS S 11 42.23 -39.16 -31.10
C LYS S 11 41.13 -39.64 -32.02
N GLU S 12 41.27 -40.84 -32.59
CA GLU S 12 40.25 -41.37 -33.48
C GLU S 12 38.93 -41.58 -32.75
N ASP S 13 38.99 -42.07 -31.50
CA ASP S 13 37.78 -42.22 -30.72
C ASP S 13 37.10 -40.88 -30.47
N ILE S 14 37.87 -39.84 -30.17
CA ILE S 14 37.30 -38.52 -29.94
C ILE S 14 36.65 -37.99 -31.22
N ARG S 15 37.32 -38.16 -32.36
CA ARG S 15 36.74 -37.70 -33.63
C ARG S 15 35.45 -38.45 -33.94
N LYS S 16 35.44 -39.77 -33.72
CA LYS S 16 34.23 -40.56 -33.95
C LYS S 16 33.10 -40.13 -33.03
N PHE S 17 33.41 -39.87 -31.76
CA PHE S 17 32.39 -39.41 -30.82
C PHE S 17 31.82 -38.05 -31.24
N ALA S 18 32.70 -37.14 -31.67
CA ALA S 18 32.23 -35.84 -32.13
C ALA S 18 31.35 -35.96 -33.37
N GLU S 19 31.72 -36.86 -34.29
CA GLU S 19 30.94 -37.05 -35.52
C GLU S 19 29.59 -37.70 -35.27
N GLU S 20 29.53 -38.77 -34.49
CA GLU S 20 28.28 -39.48 -34.29
C GLU S 20 27.32 -38.72 -33.39
N GLU S 21 27.83 -38.09 -32.33
CA GLU S 21 26.98 -37.43 -31.35
C GLU S 21 26.65 -35.99 -31.72
N ASN S 22 27.20 -35.48 -32.83
CA ASN S 22 26.97 -34.10 -33.27
C ASN S 22 27.37 -33.10 -32.18
N VAL S 23 28.59 -33.25 -31.68
CA VAL S 23 29.12 -32.30 -30.70
C VAL S 23 29.43 -30.99 -31.41
N ARG S 24 28.89 -29.89 -30.88
CA ARG S 24 29.09 -28.57 -31.48
C ARG S 24 29.87 -27.62 -30.56
N TYR S 25 30.15 -28.03 -29.33
CA TYR S 25 30.79 -27.15 -28.36
C TYR S 25 31.75 -27.98 -27.51
N LEU S 26 32.93 -27.44 -27.24
CA LEU S 26 33.94 -28.10 -26.43
C LEU S 26 34.32 -27.22 -25.26
N ARG S 27 34.44 -27.83 -24.08
CA ARG S 27 34.87 -27.15 -22.87
C ARG S 27 36.20 -27.76 -22.43
N LEU S 28 37.27 -26.98 -22.53
CA LEU S 28 38.57 -27.38 -22.02
C LEU S 28 38.61 -26.97 -20.55
N GLN S 29 38.49 -27.96 -19.66
CA GLN S 29 38.25 -27.71 -18.24
C GLN S 29 39.53 -27.91 -17.43
N PHE S 30 39.78 -26.99 -16.51
CA PHE S 30 40.91 -27.09 -15.59
C PHE S 30 40.50 -26.45 -14.27
N THR S 31 41.44 -26.35 -13.35
CA THR S 31 41.17 -25.81 -12.03
C THR S 31 42.31 -24.91 -11.58
N ASP S 32 42.00 -23.99 -10.69
CA ASP S 32 42.99 -23.10 -10.08
C ASP S 32 43.28 -23.57 -8.66
N ILE S 33 44.13 -22.81 -7.96
CA ILE S 33 44.51 -23.16 -6.60
C ILE S 33 43.37 -23.03 -5.61
N LEU S 34 42.30 -22.32 -5.97
CA LEU S 34 41.14 -22.19 -5.10
C LEU S 34 40.08 -23.24 -5.35
N GLY S 35 40.33 -24.17 -6.27
CA GLY S 35 39.37 -25.21 -6.58
C GLY S 35 38.25 -24.82 -7.53
N THR S 36 38.24 -23.57 -7.99
CA THR S 36 37.21 -23.14 -8.92
C THR S 36 37.38 -23.84 -10.27
N ILE S 37 36.26 -24.27 -10.84
CA ILE S 37 36.27 -24.94 -12.14
C ILE S 37 36.35 -23.88 -13.23
N LYS S 38 37.49 -23.81 -13.90
CA LYS S 38 37.71 -22.88 -15.01
C LYS S 38 37.62 -23.65 -16.31
N ASN S 39 37.31 -22.93 -17.39
CA ASN S 39 37.20 -23.60 -18.68
C ASN S 39 37.42 -22.59 -19.80
N VAL S 40 37.86 -23.12 -20.93
CA VAL S 40 37.94 -22.38 -22.19
C VAL S 40 36.95 -23.00 -23.16
N GLU S 41 36.08 -22.17 -23.72
CA GLU S 41 35.07 -22.65 -24.65
C GLU S 41 35.60 -22.59 -26.08
N VAL S 42 35.26 -23.59 -26.88
CA VAL S 42 35.77 -23.69 -28.23
C VAL S 42 34.71 -24.29 -29.15
N PRO S 43 34.61 -23.84 -30.40
CA PRO S 43 33.74 -24.53 -31.36
C PRO S 43 34.39 -25.82 -31.83
N VAL S 44 33.54 -26.77 -32.22
CA VAL S 44 34.03 -28.09 -32.59
C VAL S 44 34.94 -28.04 -33.80
N SER S 45 34.85 -26.98 -34.61
CA SER S 45 35.76 -26.82 -35.74
C SER S 45 37.20 -26.64 -35.31
N GLN S 46 37.45 -26.32 -34.04
CA GLN S 46 38.79 -26.22 -33.49
C GLN S 46 39.29 -27.53 -32.92
N LEU S 47 38.51 -28.61 -33.08
CA LEU S 47 38.82 -29.88 -32.41
C LEU S 47 40.25 -30.33 -32.69
N GLU S 48 40.66 -30.28 -33.96
CA GLU S 48 42.00 -30.71 -34.30
C GLU S 48 43.05 -29.90 -33.55
N LYS S 49 42.88 -28.58 -33.52
CA LYS S 49 43.81 -27.74 -32.77
C LYS S 49 43.80 -28.08 -31.29
N VAL S 50 42.65 -28.51 -30.77
CA VAL S 50 42.59 -28.99 -29.39
C VAL S 50 43.43 -30.25 -29.22
N LEU S 51 43.34 -31.17 -30.18
CA LEU S 51 44.04 -32.44 -30.05
C LEU S 51 45.54 -32.33 -30.27
N ASP S 52 46.01 -31.23 -30.85
CA ASP S 52 47.43 -31.01 -31.09
C ASP S 52 48.11 -30.30 -29.93
N ASN S 53 47.41 -30.08 -28.82
CA ASN S 53 47.96 -29.38 -27.65
C ASN S 53 48.45 -27.99 -28.04
N GLU S 54 47.69 -27.30 -28.90
CA GLU S 54 48.08 -26.00 -29.41
C GLU S 54 47.16 -24.88 -28.93
N MET S 55 46.15 -25.19 -28.12
CA MET S 55 45.26 -24.17 -27.60
C MET S 55 45.97 -23.37 -26.53
N MET S 56 45.90 -22.04 -26.64
CA MET S 56 46.64 -21.13 -25.77
C MET S 56 45.67 -20.27 -24.98
N PHE S 57 46.07 -19.96 -23.74
CA PHE S 57 45.24 -19.14 -22.86
C PHE S 57 46.16 -18.42 -21.88
N ASP S 58 45.55 -17.63 -21.00
CA ASP S 58 46.31 -16.79 -20.08
C ASP S 58 47.22 -17.63 -19.18
N GLY S 59 46.63 -18.49 -18.36
CA GLY S 59 47.43 -19.32 -17.47
C GLY S 59 47.65 -18.70 -16.11
N SER S 60 47.64 -17.36 -16.05
CA SER S 60 47.74 -16.69 -14.73
C SER S 60 46.41 -16.77 -13.99
N SER S 61 45.32 -17.14 -14.68
CA SER S 61 44.07 -17.38 -14.00
C SER S 61 44.18 -18.48 -12.95
N ILE S 62 45.14 -19.39 -13.12
CA ILE S 62 45.38 -20.42 -12.12
C ILE S 62 45.72 -19.80 -10.77
N GLU S 63 46.33 -18.61 -10.78
CA GLU S 63 46.66 -17.95 -9.52
C GLU S 63 45.44 -17.43 -8.79
N GLY S 64 44.27 -17.42 -9.41
CA GLY S 64 43.09 -16.94 -8.73
C GLY S 64 43.03 -15.42 -8.75
N PHE S 65 42.79 -14.82 -7.59
CA PHE S 65 42.64 -13.38 -7.49
C PHE S 65 43.94 -12.65 -7.15
N VAL S 66 45.06 -13.36 -7.09
CA VAL S 66 46.35 -12.74 -6.82
C VAL S 66 47.20 -12.70 -8.09
N ARG S 67 46.59 -12.91 -9.25
CA ARG S 67 47.33 -12.81 -10.51
C ARG S 67 47.71 -11.36 -10.78
N ILE S 68 48.89 -11.18 -11.37
CA ILE S 68 49.40 -9.84 -11.64
C ILE S 68 49.51 -9.61 -13.14
N GLU S 69 50.32 -10.41 -13.82
CA GLU S 69 50.62 -10.21 -15.23
C GLU S 69 50.03 -11.35 -16.05
N GLU S 70 49.54 -11.00 -17.24
CA GLU S 70 49.02 -12.00 -18.16
C GLU S 70 50.18 -12.81 -18.74
N SER S 71 50.05 -14.13 -18.69
CA SER S 71 51.03 -15.04 -19.25
C SER S 71 50.44 -15.74 -20.47
N ASP S 72 51.21 -16.67 -21.03
CA ASP S 72 50.76 -17.47 -22.16
C ASP S 72 51.09 -18.93 -21.87
N MET S 73 50.06 -19.77 -21.82
CA MET S 73 50.25 -21.19 -21.53
C MET S 73 49.37 -22.02 -22.45
N TYR S 74 49.75 -23.27 -22.62
CA TYR S 74 49.06 -24.19 -23.51
C TYR S 74 48.24 -25.20 -22.71
N LEU S 75 47.17 -25.67 -23.34
CA LEU S 75 46.30 -26.68 -22.74
C LEU S 75 46.54 -28.01 -23.42
N HIS S 76 46.90 -29.02 -22.63
CA HIS S 76 47.08 -30.38 -23.13
C HIS S 76 45.93 -31.24 -22.59
N PRO S 77 44.95 -31.61 -23.40
CA PRO S 77 43.82 -32.38 -22.88
C PRO S 77 44.22 -33.81 -22.54
N ASP S 78 43.49 -34.39 -21.59
CA ASP S 78 43.60 -35.80 -21.24
C ASP S 78 42.42 -36.50 -21.86
N LEU S 79 42.69 -37.39 -22.83
CA LEU S 79 41.62 -37.98 -23.62
C LEU S 79 40.75 -38.94 -22.82
N ASP S 80 41.27 -39.48 -21.71
CA ASP S 80 40.48 -40.39 -20.89
C ASP S 80 39.38 -39.69 -20.12
N THR S 81 39.42 -38.36 -20.01
CA THR S 81 38.40 -37.60 -19.29
C THR S 81 37.25 -37.16 -20.18
N TRP S 82 37.23 -37.61 -21.43
CA TRP S 82 36.18 -37.22 -22.36
C TRP S 82 34.82 -37.67 -21.87
N VAL S 83 33.84 -36.77 -21.90
CA VAL S 83 32.46 -37.08 -21.54
C VAL S 83 31.58 -36.03 -22.17
N ILE S 84 30.37 -36.43 -22.54
CA ILE S 84 29.41 -35.56 -23.22
C ILE S 84 28.26 -35.27 -22.25
N PHE S 85 27.98 -33.98 -22.05
CA PHE S 85 26.91 -33.59 -21.15
C PHE S 85 25.54 -33.88 -21.77
N PRO S 86 24.55 -34.26 -20.97
CA PRO S 86 23.23 -34.59 -21.53
C PRO S 86 22.34 -33.39 -21.75
N TRP S 87 22.91 -32.19 -21.67
CA TRP S 87 22.14 -30.97 -21.88
C TRP S 87 22.55 -30.26 -23.16
N GLY S 92 22.52 -28.91 -30.77
CA GLY S 92 23.73 -29.73 -30.62
C GLY S 92 24.01 -30.13 -29.19
N LYS S 93 25.18 -30.70 -28.97
CA LYS S 93 25.60 -31.16 -27.65
C LYS S 93 26.89 -30.47 -27.23
N VAL S 94 27.19 -30.56 -25.94
CA VAL S 94 28.39 -29.99 -25.36
C VAL S 94 29.22 -31.11 -24.75
N ALA S 95 30.50 -31.14 -25.09
CA ALA S 95 31.44 -32.11 -24.54
C ALA S 95 32.54 -31.37 -23.78
N ARG S 96 33.23 -32.11 -22.92
CA ARG S 96 34.28 -31.51 -22.11
C ARG S 96 35.52 -32.39 -22.17
N LEU S 97 36.67 -31.75 -21.94
CA LEU S 97 37.94 -32.44 -21.76
C LEU S 97 38.72 -31.73 -20.67
N ILE S 98 39.24 -32.49 -19.73
CA ILE S 98 40.05 -31.94 -18.65
C ILE S 98 41.48 -31.85 -19.14
N CYS S 99 42.08 -30.67 -19.03
CA CYS S 99 43.37 -30.38 -19.61
C CYS S 99 44.38 -30.01 -18.54
N ASP S 100 45.63 -30.41 -18.77
CA ASP S 100 46.75 -29.95 -17.96
C ASP S 100 47.34 -28.70 -18.60
N VAL S 101 47.96 -27.87 -17.76
CA VAL S 101 48.50 -26.59 -18.19
C VAL S 101 50.00 -26.73 -18.38
N TYR S 102 50.49 -26.35 -19.56
CA TYR S 102 51.91 -26.44 -19.90
C TYR S 102 52.45 -25.05 -20.19
N LYS S 103 53.71 -24.83 -19.83
CA LYS S 103 54.38 -23.58 -20.14
C LYS S 103 54.79 -23.56 -21.61
N THR S 104 55.33 -22.42 -22.04
CA THR S 104 55.76 -22.28 -23.43
C THR S 104 57.01 -23.10 -23.74
N ASP S 105 57.67 -23.66 -22.74
CA ASP S 105 58.87 -24.47 -22.93
C ASP S 105 58.57 -25.96 -22.97
N GLY S 106 57.30 -26.33 -23.02
CA GLY S 106 56.91 -27.73 -23.11
C GLY S 106 56.85 -28.47 -21.80
N THR S 107 57.13 -27.82 -20.67
CA THR S 107 57.06 -28.49 -19.39
C THR S 107 55.79 -28.11 -18.65
N PRO S 108 55.25 -29.01 -17.83
CA PRO S 108 54.01 -28.69 -17.11
C PRO S 108 54.21 -27.54 -16.15
N PHE S 109 53.17 -26.71 -16.02
CA PHE S 109 53.21 -25.56 -15.13
C PHE S 109 53.24 -26.04 -13.68
N GLU S 110 54.17 -25.49 -12.90
CA GLU S 110 54.34 -25.90 -11.51
C GLU S 110 53.21 -25.40 -10.62
N GLY S 111 52.41 -24.44 -11.07
CA GLY S 111 51.29 -23.94 -10.31
C GLY S 111 49.98 -24.65 -10.54
N ASP S 112 49.97 -25.71 -11.35
CA ASP S 112 48.73 -26.45 -11.62
C ASP S 112 48.54 -27.53 -10.58
N PRO S 113 47.43 -27.52 -9.82
CA PRO S 113 47.25 -28.54 -8.78
C PRO S 113 47.21 -29.97 -9.30
N ARG S 114 46.65 -30.18 -10.49
CA ARG S 114 46.59 -31.52 -11.06
C ARG S 114 47.98 -32.08 -11.34
N ALA S 115 48.84 -31.25 -11.94
CA ALA S 115 50.22 -31.67 -12.17
C ALA S 115 50.96 -31.91 -10.86
N ASN S 116 50.68 -31.10 -9.85
CA ASN S 116 51.31 -31.33 -8.54
C ASN S 116 50.89 -32.66 -7.96
N LEU S 117 49.60 -33.00 -8.04
CA LEU S 117 49.14 -34.29 -7.55
C LEU S 117 49.76 -35.43 -8.33
N LYS S 118 49.90 -35.27 -9.65
CA LYS S 118 50.54 -36.30 -10.46
C LYS S 118 52.00 -36.48 -10.05
N ARG S 119 52.70 -35.38 -9.78
CA ARG S 119 54.09 -35.47 -9.33
C ARG S 119 54.19 -36.18 -7.98
N VAL S 120 53.27 -35.86 -7.06
CA VAL S 120 53.27 -36.51 -5.75
C VAL S 120 53.02 -38.01 -5.91
N LEU S 121 52.08 -38.39 -6.77
CA LEU S 121 51.83 -39.81 -7.01
C LEU S 121 53.05 -40.49 -7.62
N LYS S 122 53.72 -39.81 -8.57
CA LYS S 122 54.90 -40.39 -9.18
C LYS S 122 56.01 -40.62 -8.17
N GLU S 123 56.22 -39.66 -7.27
CA GLU S 123 57.24 -39.86 -6.24
C GLU S 123 56.81 -40.87 -5.18
N MET S 124 55.50 -41.04 -4.98
CA MET S 124 55.02 -42.13 -4.13
C MET S 124 55.34 -43.48 -4.75
N GLU S 125 55.22 -43.59 -6.07
CA GLU S 125 55.47 -44.86 -6.75
C GLU S 125 56.88 -45.39 -6.55
N ASP S 126 57.83 -44.52 -6.19
CA ASP S 126 59.19 -44.97 -5.88
C ASP S 126 59.28 -45.71 -4.56
N LEU S 127 58.25 -45.63 -3.72
CA LEU S 127 58.24 -46.33 -2.44
C LEU S 127 57.66 -47.73 -2.54
N GLY S 128 57.30 -48.18 -3.74
CA GLY S 128 56.74 -49.50 -3.95
C GLY S 128 55.25 -49.55 -4.13
N PHE S 129 54.53 -48.49 -3.75
CA PHE S 129 53.09 -48.44 -3.90
C PHE S 129 52.72 -48.03 -5.32
N THR S 130 51.64 -48.62 -5.83
CA THR S 130 51.22 -48.38 -7.21
C THR S 130 49.96 -47.52 -7.33
N ASP S 131 49.03 -47.62 -6.39
CA ASP S 131 47.77 -46.89 -6.51
C ASP S 131 47.39 -46.27 -5.18
N PHE S 132 46.72 -45.13 -5.26
CA PHE S 132 46.18 -44.43 -4.09
C PHE S 132 44.71 -44.15 -4.40
N ASN S 133 43.82 -44.99 -3.87
CA ASN S 133 42.40 -44.91 -4.19
C ASN S 133 41.68 -44.02 -3.19
N LEU S 134 40.78 -43.19 -3.71
CA LEU S 134 40.03 -42.22 -2.90
C LEU S 134 38.54 -42.37 -3.17
N GLY S 135 37.76 -42.43 -2.09
CA GLY S 135 36.33 -42.32 -2.16
C GLY S 135 35.85 -41.16 -1.31
N PRO S 136 35.30 -40.13 -1.95
CA PRO S 136 34.83 -38.96 -1.20
C PRO S 136 33.38 -39.09 -0.77
N GLU S 137 33.03 -38.31 0.25
CA GLU S 137 31.65 -38.23 0.75
C GLU S 137 31.23 -36.76 0.78
N PRO S 138 30.99 -36.16 -0.38
CA PRO S 138 30.65 -34.73 -0.42
C PRO S 138 29.20 -34.50 0.00
N GLU S 139 29.00 -33.55 0.89
CA GLU S 139 27.68 -33.12 1.33
C GLU S 139 27.44 -31.68 0.87
N PHE S 140 26.19 -31.40 0.50
CA PHE S 140 25.85 -30.09 -0.01
C PHE S 140 24.48 -29.68 0.51
N PHE S 141 24.18 -28.39 0.37
CA PHE S 141 22.89 -27.84 0.77
C PHE S 141 22.12 -27.35 -0.45
N LEU S 142 20.80 -27.48 -0.39
CA LEU S 142 19.90 -26.98 -1.42
C LEU S 142 19.01 -25.90 -0.81
N PHE S 143 19.07 -24.71 -1.38
CA PHE S 143 18.27 -23.57 -0.93
C PHE S 143 17.28 -23.17 -2.01
N LYS S 144 16.20 -22.54 -1.58
CA LYS S 144 15.19 -22.06 -2.51
C LYS S 144 15.58 -20.71 -3.11
N LEU S 145 15.19 -20.51 -4.36
CA LEU S 145 15.41 -19.25 -5.05
C LEU S 145 14.17 -18.37 -4.92
N ASP S 146 14.38 -17.06 -4.98
CA ASP S 146 13.29 -16.11 -4.89
C ASP S 146 12.82 -15.73 -6.30
N GLU S 147 11.94 -14.73 -6.39
CA GLU S 147 11.41 -14.31 -7.69
C GLU S 147 12.52 -13.75 -8.58
N LYS S 148 13.44 -12.97 -8.01
CA LYS S 148 14.55 -12.40 -8.76
C LYS S 148 15.59 -13.44 -9.14
N GLY S 149 15.51 -14.66 -8.62
CA GLY S 149 16.47 -15.70 -8.92
C GLY S 149 17.65 -15.78 -7.99
N GLU S 150 17.68 -14.98 -6.92
CA GLU S 150 18.76 -15.05 -5.96
C GLU S 150 18.49 -16.14 -4.92
N PRO S 151 19.53 -16.77 -4.39
CA PRO S 151 19.32 -17.79 -3.35
C PRO S 151 18.83 -17.16 -2.04
N THR S 152 17.86 -17.82 -1.42
CA THR S 152 17.36 -17.43 -0.13
C THR S 152 17.93 -18.35 0.95
N LEU S 153 17.45 -18.22 2.18
CA LEU S 153 17.91 -19.04 3.29
C LEU S 153 16.92 -20.13 3.66
N GLU S 154 15.89 -20.33 2.85
CA GLU S 154 14.93 -21.41 3.08
C GLU S 154 15.39 -22.68 2.39
N LEU S 155 15.31 -23.80 3.10
CA LEU S 155 15.78 -25.08 2.59
C LEU S 155 14.74 -25.70 1.65
N ASN S 156 15.20 -26.63 0.82
CA ASN S 156 14.32 -27.28 -0.14
C ASN S 156 13.37 -28.28 0.53
N ASP S 157 13.75 -28.85 1.66
CA ASP S 157 12.89 -29.80 2.37
C ASP S 157 13.09 -29.62 3.87
N ASP S 158 12.55 -30.55 4.65
CA ASP S 158 12.64 -30.48 6.10
C ASP S 158 12.96 -31.85 6.71
N GLY S 159 13.65 -32.70 5.94
CA GLY S 159 13.96 -34.03 6.41
C GLY S 159 15.17 -34.08 7.33
N GLY S 160 15.42 -35.28 7.85
CA GLY S 160 16.53 -35.50 8.74
C GLY S 160 17.50 -36.55 8.25
N TYR S 161 18.23 -37.18 9.18
CA TYR S 161 19.26 -38.15 8.81
C TYR S 161 18.61 -39.37 8.18
N PHE S 162 18.99 -39.65 6.92
CA PHE S 162 18.51 -40.81 6.17
C PHE S 162 17.00 -40.78 5.97
N ASP S 163 16.40 -39.60 6.04
CA ASP S 163 14.96 -39.48 5.85
C ASP S 163 14.60 -39.62 4.37
N LEU S 164 13.36 -39.99 4.13
CA LEU S 164 12.79 -40.02 2.78
C LEU S 164 11.98 -38.74 2.53
N ALA S 165 12.66 -37.60 2.66
CA ALA S 165 12.00 -36.30 2.64
C ALA S 165 11.50 -35.91 1.24
N PRO S 166 12.37 -35.79 0.22
CA PRO S 166 11.84 -35.48 -1.12
C PRO S 166 11.30 -36.74 -1.76
N THR S 167 10.04 -37.08 -1.45
CA THR S 167 9.60 -38.46 -1.56
C THR S 167 9.69 -39.02 -2.97
N ASP S 168 8.79 -38.62 -3.86
CA ASP S 168 8.92 -39.07 -5.25
C ASP S 168 8.50 -38.02 -6.27
N LEU S 169 7.66 -37.08 -5.87
CA LEU S 169 6.92 -36.24 -6.81
C LEU S 169 7.20 -34.77 -6.58
N GLY S 170 7.86 -34.15 -7.56
CA GLY S 170 7.82 -32.71 -7.73
C GLY S 170 9.15 -32.00 -7.89
N GLU S 171 10.15 -32.33 -7.07
CA GLU S 171 11.52 -31.92 -7.39
C GLU S 171 12.49 -33.09 -7.41
N ASN S 172 12.62 -33.83 -6.31
CA ASN S 172 13.59 -34.91 -6.13
C ASN S 172 14.91 -34.61 -6.83
N CYS S 173 15.50 -33.48 -6.44
CA CYS S 173 16.73 -33.04 -7.09
C CYS S 173 17.86 -34.03 -6.89
N ARG S 174 17.95 -34.64 -5.70
CA ARG S 174 19.00 -35.62 -5.44
C ARG S 174 18.87 -36.83 -6.37
N ARG S 175 17.65 -37.32 -6.57
CA ARG S 175 17.45 -38.46 -7.47
C ARG S 175 17.84 -38.11 -8.90
N ASP S 176 17.47 -36.92 -9.37
CA ASP S 176 17.83 -36.50 -10.72
C ASP S 176 19.34 -36.36 -10.86
N ILE S 177 20.01 -35.83 -9.83
CA ILE S 177 21.47 -35.72 -9.88
C ILE S 177 22.09 -37.10 -9.99
N VAL S 178 21.61 -38.05 -9.18
CA VAL S 178 22.18 -39.40 -9.20
C VAL S 178 21.96 -40.05 -10.56
N LEU S 179 20.75 -39.91 -11.11
CA LEU S 179 20.46 -40.53 -12.41
C LEU S 179 21.28 -39.90 -13.53
N GLU S 180 21.44 -38.58 -13.51
CA GLU S 180 22.23 -37.91 -14.54
C GLU S 180 23.70 -38.29 -14.43
N LEU S 181 24.22 -38.41 -13.21
CA LEU S 181 25.59 -38.86 -13.04
C LEU S 181 25.77 -40.28 -13.55
N GLU S 182 24.78 -41.15 -13.29
CA GLU S 182 24.85 -42.52 -13.79
C GLU S 182 24.84 -42.55 -15.31
N ASP S 183 24.02 -41.69 -15.93
CA ASP S 183 23.98 -41.63 -17.38
C ASP S 183 25.31 -41.16 -17.96
N MET S 184 25.99 -40.24 -17.29
CA MET S 184 27.27 -39.74 -17.75
C MET S 184 28.41 -40.74 -17.61
N GLY S 185 28.19 -41.84 -16.90
CA GLY S 185 29.20 -42.84 -16.70
C GLY S 185 29.89 -42.83 -15.35
N PHE S 186 29.24 -42.33 -14.32
CA PHE S 186 29.81 -42.31 -12.98
C PHE S 186 29.46 -43.60 -12.23
N ASP S 187 30.15 -43.82 -11.12
CA ASP S 187 29.95 -44.99 -10.27
C ASP S 187 29.46 -44.50 -8.91
N ILE S 188 28.14 -44.51 -8.74
CA ILE S 188 27.52 -44.06 -7.50
C ILE S 188 27.30 -45.24 -6.59
N GLU S 189 27.74 -45.14 -5.34
CA GLU S 189 27.53 -46.19 -4.35
C GLU S 189 26.15 -46.09 -3.71
N ALA S 190 25.84 -44.96 -3.09
CA ALA S 190 24.54 -44.74 -2.46
C ALA S 190 24.39 -43.25 -2.18
N SER S 191 23.14 -42.84 -1.94
CA SER S 191 22.82 -41.46 -1.59
C SER S 191 21.77 -41.47 -0.50
N HIS S 192 21.76 -40.41 0.30
CA HIS S 192 20.83 -40.31 1.41
C HIS S 192 20.68 -38.86 1.83
N HIS S 193 19.59 -38.59 2.54
CA HIS S 193 19.41 -37.27 3.15
C HIS S 193 20.31 -37.12 4.36
N GLU S 194 20.89 -35.94 4.52
CA GLU S 194 21.85 -35.69 5.58
C GLU S 194 21.12 -35.22 6.85
N VAL S 195 21.90 -34.94 7.90
CA VAL S 195 21.31 -34.64 9.21
C VAL S 195 20.52 -33.33 9.16
N ALA S 196 21.14 -32.28 8.62
CA ALA S 196 20.49 -30.99 8.60
C ALA S 196 19.39 -30.97 7.54
N PRO S 197 18.32 -30.19 7.76
CA PRO S 197 17.30 -30.04 6.72
C PRO S 197 17.89 -29.44 5.45
N GLY S 198 17.46 -29.95 4.31
CA GLY S 198 17.95 -29.47 3.04
C GLY S 198 19.37 -29.88 2.71
N GLN S 199 19.97 -30.78 3.48
CA GLN S 199 21.34 -31.24 3.26
C GLN S 199 21.32 -32.63 2.67
N HIS S 200 22.18 -32.87 1.68
CA HIS S 200 22.18 -34.11 0.93
C HIS S 200 23.62 -34.60 0.74
N GLU S 201 23.75 -35.91 0.57
CA GLU S 201 25.05 -36.55 0.37
C GLU S 201 24.92 -37.61 -0.71
N ILE S 202 25.89 -37.63 -1.63
CA ILE S 202 26.00 -38.65 -2.65
C ILE S 202 27.40 -39.24 -2.58
N ASP S 203 27.49 -40.57 -2.51
CA ASP S 203 28.74 -41.26 -2.32
C ASP S 203 29.19 -41.92 -3.62
N PHE S 204 30.49 -41.84 -3.90
CA PHE S 204 31.08 -42.47 -5.07
C PHE S 204 31.82 -43.73 -4.68
N LYS S 205 31.89 -44.67 -5.63
CA LYS S 205 32.78 -45.80 -5.48
C LYS S 205 34.23 -45.34 -5.63
N TYR S 206 35.13 -46.08 -5.00
CA TYR S 206 36.53 -45.66 -4.97
C TYR S 206 37.14 -45.66 -6.37
N ALA S 207 38.07 -44.73 -6.58
CA ALA S 207 38.78 -44.60 -7.84
C ALA S 207 40.17 -44.08 -7.56
N ASP S 208 41.02 -44.11 -8.57
CA ASP S 208 42.38 -43.60 -8.41
C ASP S 208 42.35 -42.09 -8.16
N ALA S 209 43.45 -41.58 -7.62
CA ALA S 209 43.48 -40.24 -7.04
C ALA S 209 43.07 -39.17 -8.06
N VAL S 210 43.72 -39.16 -9.22
CA VAL S 210 43.43 -38.15 -10.22
C VAL S 210 42.01 -38.27 -10.72
N THR S 211 41.57 -39.50 -11.00
CA THR S 211 40.20 -39.72 -11.44
C THR S 211 39.21 -39.32 -10.36
N ALA S 212 39.53 -39.60 -9.10
CA ALA S 212 38.64 -39.22 -8.01
C ALA S 212 38.49 -37.71 -7.91
N CYS S 213 39.59 -36.96 -8.01
CA CYS S 213 39.49 -35.50 -7.95
C CYS S 213 38.74 -34.94 -9.16
N ASP S 214 38.99 -35.49 -10.35
CA ASP S 214 38.23 -35.07 -11.52
C ASP S 214 36.75 -35.34 -11.34
N ASN S 215 36.41 -36.50 -10.76
CA ASN S 215 35.02 -36.83 -10.51
C ASN S 215 34.40 -35.87 -9.50
N ILE S 216 35.18 -35.44 -8.49
CA ILE S 216 34.67 -34.48 -7.53
C ILE S 216 34.34 -33.16 -8.21
N GLN S 217 35.25 -32.69 -9.07
CA GLN S 217 35.01 -31.44 -9.78
C GLN S 217 33.78 -31.55 -10.69
N THR S 218 33.69 -32.64 -11.45
CA THR S 218 32.54 -32.84 -12.33
C THR S 218 31.25 -32.97 -11.53
N PHE S 219 31.30 -33.62 -10.37
CA PHE S 219 30.13 -33.74 -9.52
C PHE S 219 29.66 -32.39 -9.03
N LYS S 220 30.59 -31.53 -8.61
CA LYS S 220 30.20 -30.19 -8.19
C LYS S 220 29.53 -29.43 -9.33
N LEU S 221 30.12 -29.51 -10.54
CA LEU S 221 29.53 -28.82 -11.68
C LEU S 221 28.13 -29.35 -11.99
N VAL S 222 27.97 -30.67 -11.99
CA VAL S 222 26.70 -31.29 -12.34
C VAL S 222 25.64 -30.96 -11.30
N VAL S 223 26.00 -30.99 -10.02
CA VAL S 223 25.06 -30.66 -8.96
C VAL S 223 24.60 -29.22 -9.09
N LYS S 224 25.55 -28.30 -9.31
CA LYS S 224 25.17 -26.90 -9.44
C LYS S 224 24.29 -26.66 -10.66
N THR S 225 24.53 -27.39 -11.76
CA THR S 225 23.68 -27.24 -12.93
C THR S 225 22.27 -27.78 -12.67
N ILE S 226 22.16 -28.99 -12.13
CA ILE S 226 20.86 -29.63 -11.96
C ILE S 226 20.03 -28.91 -10.92
N ALA S 227 20.65 -28.42 -9.84
CA ALA S 227 19.91 -27.65 -8.85
C ALA S 227 19.31 -26.40 -9.47
N ARG S 228 20.07 -25.73 -10.35
CA ARG S 228 19.53 -24.59 -11.07
C ARG S 228 18.38 -25.01 -11.99
N LYS S 229 18.47 -26.21 -12.57
CA LYS S 229 17.37 -26.69 -13.40
C LYS S 229 16.07 -26.83 -12.60
N HIS S 230 16.16 -27.16 -11.31
CA HIS S 230 14.99 -27.37 -10.47
C HIS S 230 14.62 -26.12 -9.66
N ASN S 231 15.04 -24.94 -10.11
CA ASN S 231 14.76 -23.69 -9.41
C ASN S 231 15.29 -23.71 -7.98
N LEU S 232 16.46 -24.30 -7.80
CA LEU S 232 17.13 -24.38 -6.51
C LEU S 232 18.56 -23.86 -6.65
N HIS S 233 19.21 -23.68 -5.51
CA HIS S 233 20.61 -23.27 -5.46
C HIS S 233 21.38 -24.27 -4.62
N ALA S 234 22.38 -24.90 -5.22
CA ALA S 234 23.22 -25.86 -4.52
C ALA S 234 24.48 -25.17 -4.04
N THR S 235 24.80 -25.34 -2.75
CA THR S 235 25.99 -24.75 -2.18
C THR S 235 26.80 -25.81 -1.45
N PHE S 236 28.12 -25.75 -1.65
CA PHE S 236 29.07 -26.57 -0.90
C PHE S 236 29.75 -25.77 0.20
N MET S 237 29.08 -24.73 0.70
CA MET S 237 29.61 -23.94 1.78
C MET S 237 29.76 -24.80 3.03
N PRO S 238 30.90 -24.76 3.72
CA PRO S 238 31.09 -25.65 4.88
C PRO S 238 30.06 -25.45 5.98
N LYS S 239 29.66 -24.21 6.25
CA LYS S 239 28.69 -23.90 7.30
C LYS S 239 27.82 -22.75 6.86
N PRO S 240 26.83 -23.01 6.00
CA PRO S 240 25.95 -21.92 5.55
C PRO S 240 25.00 -21.42 6.62
N LEU S 241 24.62 -22.26 7.57
CA LEU S 241 23.66 -21.89 8.60
C LEU S 241 24.21 -22.18 9.99
N PHE S 242 24.00 -21.25 10.91
CA PHE S 242 24.40 -21.44 12.29
C PHE S 242 23.40 -22.34 13.00
N GLY S 243 23.91 -23.19 13.89
CA GLY S 243 23.07 -24.02 14.71
C GLY S 243 22.66 -25.35 14.11
N VAL S 244 23.05 -25.63 12.87
CA VAL S 244 22.77 -26.91 12.23
C VAL S 244 24.08 -27.52 11.77
N ASN S 245 24.01 -28.76 11.30
CA ASN S 245 25.19 -29.46 10.84
C ASN S 245 25.80 -28.77 9.62
N GLY S 246 27.13 -28.80 9.55
CA GLY S 246 27.84 -28.35 8.38
C GLY S 246 28.01 -29.46 7.35
N SER S 247 28.64 -29.11 6.24
CA SER S 247 28.88 -30.03 5.15
C SER S 247 30.34 -30.45 5.15
N GLY S 248 30.59 -31.75 5.10
CA GLY S 248 31.93 -32.29 5.02
C GLY S 248 32.17 -33.03 3.71
N MET S 249 33.44 -33.36 3.49
CA MET S 249 33.89 -34.10 2.32
C MET S 249 34.87 -35.19 2.73
N HIS S 250 34.44 -36.01 3.69
CA HIS S 250 35.28 -37.09 4.22
C HIS S 250 35.93 -37.88 3.10
N PHE S 251 37.23 -38.14 3.25
CA PHE S 251 38.07 -38.82 2.27
C PHE S 251 38.41 -40.20 2.78
N ASN S 252 37.92 -41.25 2.12
CA ASN S 252 38.33 -42.61 2.42
C ASN S 252 39.45 -42.97 1.47
N VAL S 253 40.66 -43.14 2.00
CA VAL S 253 41.84 -43.39 1.17
C VAL S 253 42.37 -44.78 1.45
N SER S 254 42.98 -45.37 0.43
CA SER S 254 43.58 -46.69 0.57
C SER S 254 44.81 -46.78 -0.34
N LEU S 255 45.85 -47.44 0.16
CA LEU S 255 47.08 -47.64 -0.59
C LEU S 255 47.11 -49.04 -1.18
N PHE S 256 47.68 -49.15 -2.38
CA PHE S 256 47.77 -50.42 -3.09
C PHE S 256 49.15 -50.55 -3.70
N LYS S 257 49.81 -51.69 -3.47
CA LYS S 257 51.03 -52.03 -4.21
C LYS S 257 50.79 -53.36 -4.92
N GLY S 258 50.05 -53.30 -6.02
CA GLY S 258 49.92 -54.39 -6.95
C GLY S 258 48.77 -55.29 -6.56
N LYS S 259 47.60 -55.12 -7.18
CA LYS S 259 46.43 -55.97 -6.98
C LYS S 259 46.23 -56.39 -5.53
N GLU S 260 46.53 -55.52 -4.58
CA GLU S 260 46.54 -55.91 -3.17
C GLU S 260 46.54 -54.67 -2.30
N ASN S 261 45.62 -54.63 -1.34
CA ASN S 261 45.53 -53.50 -0.41
C ASN S 261 46.67 -53.59 0.61
N ALA S 262 47.47 -52.54 0.69
CA ALA S 262 48.58 -52.49 1.63
C ALA S 262 48.15 -52.26 3.07
N PHE S 263 46.89 -51.89 3.29
CA PHE S 263 46.39 -51.66 4.65
C PHE S 263 45.77 -52.90 5.28
N PHE S 264 45.62 -53.99 4.52
CA PHE S 264 44.92 -55.17 4.99
C PHE S 264 45.90 -56.18 5.57
N ASP S 265 45.61 -56.65 6.78
CA ASP S 265 46.39 -57.71 7.43
C ASP S 265 45.48 -58.93 7.60
N PRO S 266 45.64 -59.96 6.76
CA PRO S 266 44.71 -61.10 6.83
C PRO S 266 44.90 -62.01 8.03
N ASN S 267 45.96 -61.82 8.82
CA ASN S 267 46.23 -62.67 9.97
C ASN S 267 45.81 -62.05 11.29
N THR S 268 46.06 -60.76 11.48
CA THR S 268 45.70 -60.09 12.72
C THR S 268 44.18 -59.98 12.84
N GLU S 269 43.69 -60.14 14.07
CA GLU S 269 42.25 -60.03 14.31
C GLU S 269 41.73 -58.64 13.97
N MET S 270 42.48 -57.60 14.34
CA MET S 270 42.09 -56.24 13.96
C MET S 270 42.11 -56.08 12.44
N GLY S 271 43.05 -56.72 11.77
CA GLY S 271 43.10 -56.69 10.32
C GLY S 271 43.74 -55.47 9.72
N LEU S 272 44.62 -54.80 10.48
CA LEU S 272 45.30 -53.61 9.99
C LEU S 272 46.81 -53.88 9.93
N THR S 273 47.40 -53.57 8.79
CA THR S 273 48.84 -53.71 8.60
C THR S 273 49.58 -52.60 9.33
N GLU S 274 50.85 -52.87 9.68
CA GLU S 274 51.69 -51.84 10.27
C GLU S 274 51.83 -50.64 9.34
N THR S 275 51.74 -50.87 8.03
CA THR S 275 51.75 -49.76 7.08
C THR S 275 50.58 -48.82 7.32
N ALA S 276 49.39 -49.38 7.57
CA ALA S 276 48.23 -48.55 7.86
C ALA S 276 48.43 -47.74 9.13
N TYR S 277 49.00 -48.36 10.16
CA TYR S 277 49.26 -47.64 11.41
C TYR S 277 50.25 -46.51 11.20
N GLN S 278 51.31 -46.75 10.42
CA GLN S 278 52.27 -45.70 10.11
C GLN S 278 51.61 -44.58 9.31
N PHE S 279 50.73 -44.94 8.37
CA PHE S 279 50.04 -43.93 7.57
C PHE S 279 49.16 -43.04 8.44
N THR S 280 48.36 -43.64 9.32
CA THR S 280 47.50 -42.83 10.17
C THR S 280 48.31 -42.03 11.19
N ALA S 281 49.43 -42.57 11.67
CA ALA S 281 50.31 -41.81 12.55
C ALA S 281 50.86 -40.58 11.83
N GLY S 282 51.27 -40.74 10.57
CA GLY S 282 51.76 -39.60 9.81
C GLY S 282 50.69 -38.57 9.53
N VAL S 283 49.46 -39.02 9.24
CA VAL S 283 48.36 -38.08 9.02
C VAL S 283 48.06 -37.31 10.31
N LEU S 284 48.06 -38.01 11.46
CA LEU S 284 47.81 -37.34 12.73
C LEU S 284 48.92 -36.37 13.07
N LYS S 285 50.17 -36.71 12.75
CA LYS S 285 51.30 -35.87 13.09
C LYS S 285 51.22 -34.52 12.39
N ASN S 286 50.85 -34.51 11.11
CA ASN S 286 50.84 -33.29 10.31
C ASN S 286 49.44 -32.74 10.09
N ALA S 287 48.48 -33.10 10.96
CA ALA S 287 47.11 -32.65 10.77
C ALA S 287 47.00 -31.13 10.85
N ARG S 288 47.72 -30.51 11.80
CA ARG S 288 47.71 -29.07 11.89
C ARG S 288 48.38 -28.42 10.68
N GLY S 289 49.30 -29.14 10.04
CA GLY S 289 50.00 -28.57 8.89
C GLY S 289 49.10 -28.34 7.69
N PHE S 290 48.25 -29.32 7.37
CA PHE S 290 47.42 -29.25 6.17
C PHE S 290 45.99 -28.84 6.46
N THR S 291 45.70 -28.36 7.67
CA THR S 291 44.34 -27.94 7.99
C THR S 291 43.90 -26.77 7.12
N ALA S 292 44.82 -25.83 6.85
CA ALA S 292 44.49 -24.69 6.01
C ALA S 292 44.12 -25.12 4.60
N VAL S 293 44.84 -26.09 4.04
CA VAL S 293 44.52 -26.54 2.68
C VAL S 293 43.21 -27.30 2.66
N CYS S 294 42.98 -28.18 3.64
CA CYS S 294 41.74 -28.94 3.69
C CYS S 294 40.55 -28.10 4.13
N ASN S 295 40.79 -26.98 4.81
CA ASN S 295 39.73 -26.06 5.24
C ASN S 295 40.15 -24.65 4.82
N PRO S 296 40.00 -24.32 3.54
CA PRO S 296 40.59 -23.08 3.02
C PRO S 296 39.77 -21.82 3.23
N LEU S 297 38.49 -21.91 3.59
CA LEU S 297 37.65 -20.74 3.75
C LEU S 297 37.65 -20.26 5.20
N VAL S 298 37.28 -19.00 5.37
CA VAL S 298 37.03 -18.48 6.71
C VAL S 298 35.84 -19.20 7.34
N ASN S 299 34.80 -19.44 6.55
CA ASN S 299 33.61 -20.13 7.04
C ASN S 299 33.89 -21.57 7.43
N SER S 300 34.96 -22.18 6.89
CA SER S 300 35.26 -23.58 7.18
C SER S 300 35.42 -23.81 8.67
N TYR S 301 36.07 -22.89 9.37
CA TYR S 301 36.33 -23.03 10.79
C TYR S 301 35.11 -22.72 11.64
N LYS S 302 34.03 -22.25 11.02
CA LYS S 302 32.73 -22.24 11.70
C LYS S 302 32.09 -23.62 11.70
N ARG S 303 32.51 -24.52 10.82
CA ARG S 303 32.08 -25.91 10.89
C ARG S 303 32.85 -26.67 11.97
N LEU S 304 34.13 -26.35 12.16
CA LEU S 304 34.97 -27.04 13.13
C LEU S 304 34.67 -26.55 14.55
N VAL S 305 33.41 -26.78 14.96
CA VAL S 305 32.97 -26.47 16.31
C VAL S 305 32.33 -27.73 16.89
N PRO S 306 32.41 -27.94 18.21
CA PRO S 306 31.91 -29.20 18.78
C PRO S 306 30.39 -29.32 18.69
N GLY S 307 29.93 -30.56 18.59
CA GLY S 307 28.51 -30.87 18.63
C GLY S 307 27.87 -31.19 17.31
N TYR S 308 28.59 -31.09 16.19
CA TYR S 308 28.02 -31.31 14.87
C TYR S 308 28.79 -32.37 14.10
N GLU S 309 29.47 -33.28 14.80
CA GLU S 309 30.22 -34.42 14.27
C GLU S 309 31.47 -34.01 13.51
N ALA S 310 31.73 -32.72 13.33
CA ALA S 310 32.97 -32.32 12.68
C ALA S 310 34.13 -32.47 13.66
N PRO S 311 35.29 -32.93 13.19
CA PRO S 311 36.44 -33.10 14.09
C PRO S 311 36.93 -31.76 14.61
N CYS S 312 37.28 -31.74 15.89
CA CYS S 312 37.82 -30.55 16.52
C CYS S 312 39.22 -30.74 17.10
N TYR S 313 39.63 -31.98 17.36
CA TYR S 313 40.97 -32.26 17.85
C TYR S 313 41.55 -33.42 17.06
N ILE S 314 42.84 -33.66 17.25
CA ILE S 314 43.60 -34.61 16.46
C ILE S 314 43.59 -35.94 17.19
N ALA S 315 42.77 -36.88 16.70
CA ALA S 315 42.69 -38.21 17.28
C ALA S 315 42.12 -39.16 16.24
N TRP S 316 42.29 -40.45 16.48
CA TRP S 316 41.76 -41.49 15.61
C TRP S 316 41.02 -42.53 16.45
N SER S 317 40.00 -43.14 15.84
CA SER S 317 39.17 -44.10 16.54
C SER S 317 38.45 -44.97 15.52
N GLY S 318 37.94 -46.09 16.00
CA GLY S 318 37.10 -46.95 15.18
C GLY S 318 35.64 -46.71 15.44
N LYS S 319 35.32 -46.07 16.58
CA LYS S 319 33.95 -45.77 16.94
C LYS S 319 33.96 -44.56 17.86
N ASN S 320 33.64 -43.40 17.30
CA ASN S 320 33.59 -42.16 18.06
C ASN S 320 32.67 -41.19 17.33
N ARG S 321 32.20 -40.18 18.07
CA ARG S 321 31.27 -39.22 17.47
C ARG S 321 31.95 -38.37 16.41
N SER S 322 33.09 -37.78 16.74
CA SER S 322 33.80 -36.89 15.81
C SER S 322 35.30 -37.13 15.90
N PRO S 323 35.78 -38.26 15.41
CA PRO S 323 37.23 -38.46 15.31
C PRO S 323 37.78 -37.84 14.04
N LEU S 324 39.03 -37.38 14.12
CA LEU S 324 39.70 -36.86 12.94
C LEU S 324 39.90 -37.96 11.90
N ILE S 325 40.30 -39.15 12.35
CA ILE S 325 40.49 -40.30 11.48
C ILE S 325 39.60 -41.42 11.99
N ARG S 326 38.79 -41.98 11.09
CA ARG S 326 37.95 -43.12 11.39
C ARG S 326 38.37 -44.31 10.54
N VAL S 327 38.40 -45.49 11.14
CA VAL S 327 38.72 -46.72 10.43
C VAL S 327 37.42 -47.51 10.27
N PRO S 328 36.85 -47.60 9.08
CA PRO S 328 35.61 -48.35 8.89
C PRO S 328 35.82 -49.84 9.14
N SER S 329 34.74 -50.51 9.53
CA SER S 329 34.78 -51.92 9.86
C SER S 329 35.05 -52.82 8.66
N SER S 330 34.95 -52.29 7.44
CA SER S 330 35.21 -53.10 6.25
C SER S 330 36.67 -53.53 6.21
N ARG S 331 36.90 -54.72 5.67
CA ARG S 331 38.24 -55.30 5.58
C ARG S 331 38.41 -55.90 4.20
N GLY S 332 39.48 -56.67 4.01
CA GLY S 332 39.74 -57.25 2.71
C GLY S 332 40.37 -56.23 1.78
N LEU S 333 39.85 -56.16 0.56
CA LEU S 333 40.34 -55.18 -0.41
C LEU S 333 39.72 -53.80 -0.22
N SER S 334 38.76 -53.65 0.69
CA SER S 334 38.06 -52.39 0.89
C SER S 334 38.49 -51.69 2.18
N THR S 335 39.52 -52.18 2.86
CA THR S 335 40.00 -51.50 4.06
C THR S 335 40.58 -50.14 3.69
N ARG S 336 40.23 -49.12 4.48
CA ARG S 336 40.60 -47.76 4.14
C ARG S 336 40.68 -46.93 5.42
N ILE S 337 41.24 -45.74 5.28
CA ILE S 337 41.36 -44.77 6.38
C ILE S 337 40.59 -43.53 5.98
N GLU S 338 39.70 -43.07 6.86
CA GLU S 338 38.81 -41.96 6.56
C GLU S 338 39.29 -40.71 7.30
N VAL S 339 39.69 -39.70 6.53
CA VAL S 339 40.00 -38.38 7.08
C VAL S 339 38.75 -37.53 6.98
N ARG S 340 38.28 -37.03 8.11
CA ARG S 340 36.99 -36.39 8.19
C ARG S 340 37.06 -34.86 8.30
N SER S 341 38.26 -34.29 8.28
CA SER S 341 38.38 -32.83 8.40
C SER S 341 38.17 -32.11 7.09
N VAL S 342 38.22 -32.82 5.95
CA VAL S 342 38.09 -32.18 4.65
C VAL S 342 36.65 -31.70 4.46
N ASP S 343 36.51 -30.50 3.91
CA ASP S 343 35.21 -29.92 3.58
C ASP S 343 35.07 -29.77 2.07
N PRO S 344 33.84 -29.68 1.55
CA PRO S 344 33.66 -29.65 0.08
C PRO S 344 34.25 -28.43 -0.60
N ALA S 345 34.58 -27.38 0.14
CA ALA S 345 35.18 -26.20 -0.47
C ALA S 345 36.67 -26.35 -0.75
N ALA S 346 37.31 -27.40 -0.22
CA ALA S 346 38.73 -27.60 -0.45
C ALA S 346 39.00 -28.04 -1.88
N ASN S 347 40.17 -27.69 -2.38
CA ASN S 347 40.62 -28.17 -3.67
C ASN S 347 40.95 -29.65 -3.55
N PRO S 348 40.30 -30.53 -4.33
CA PRO S 348 40.55 -31.97 -4.15
C PRO S 348 41.98 -32.37 -4.40
N TYR S 349 42.61 -31.81 -5.44
CA TYR S 349 43.98 -32.18 -5.76
C TYR S 349 44.94 -31.82 -4.65
N MET S 350 44.87 -30.58 -4.16
CA MET S 350 45.79 -30.13 -3.13
C MET S 350 45.57 -30.87 -1.81
N ALA S 351 44.30 -31.07 -1.42
CA ALA S 351 44.01 -31.78 -0.19
C ALA S 351 44.47 -33.22 -0.26
N LEU S 352 44.21 -33.89 -1.39
CA LEU S 352 44.65 -35.28 -1.54
C LEU S 352 46.17 -35.37 -1.54
N ALA S 353 46.85 -34.44 -2.19
CA ALA S 353 48.31 -34.43 -2.18
C ALA S 353 48.85 -34.24 -0.77
N ALA S 354 48.26 -33.32 0.00
CA ALA S 354 48.70 -33.10 1.36
C ALA S 354 48.50 -34.33 2.22
N ILE S 355 47.33 -34.98 2.10
CA ILE S 355 47.06 -36.17 2.90
C ILE S 355 48.02 -37.29 2.52
N LEU S 356 48.24 -37.49 1.23
CA LEU S 356 49.16 -38.54 0.79
C LEU S 356 50.57 -38.27 1.27
N GLU S 357 51.02 -37.02 1.21
CA GLU S 357 52.36 -36.68 1.66
C GLU S 357 52.51 -36.90 3.16
N ALA S 358 51.49 -36.53 3.95
CA ALA S 358 51.55 -36.78 5.38
C ALA S 358 51.60 -38.29 5.68
N GLY S 359 50.79 -39.07 4.98
CA GLY S 359 50.82 -40.51 5.17
C GLY S 359 52.16 -41.12 4.82
N LEU S 360 52.74 -40.69 3.69
CA LEU S 360 54.05 -41.19 3.30
C LEU S 360 55.14 -40.76 4.27
N ASP S 361 55.05 -39.54 4.80
CA ASP S 361 56.00 -39.09 5.81
C ASP S 361 55.92 -39.97 7.06
N GLY S 362 54.70 -40.34 7.46
CA GLY S 362 54.56 -41.28 8.56
C GLY S 362 55.10 -42.65 8.22
N ILE S 363 54.93 -43.07 6.97
CA ILE S 363 55.35 -44.43 6.57
C ILE S 363 56.87 -44.53 6.59
N LYS S 364 57.57 -43.58 5.97
CA LYS S 364 59.02 -43.69 5.84
C LYS S 364 59.77 -43.25 7.09
N ASN S 365 59.07 -42.72 8.09
CA ASN S 365 59.67 -42.43 9.39
C ASN S 365 59.34 -43.48 10.44
N LYS S 366 58.49 -44.47 10.10
CA LYS S 366 58.10 -45.54 11.01
C LYS S 366 57.55 -44.99 12.32
N LEU S 367 56.69 -43.98 12.20
CA LEU S 367 56.08 -43.38 13.38
C LEU S 367 55.13 -44.37 14.07
N LYS S 368 54.99 -44.20 15.38
CA LYS S 368 54.12 -45.04 16.19
C LYS S 368 52.80 -44.32 16.39
N VAL S 369 51.71 -44.97 15.97
CA VAL S 369 50.38 -44.36 16.07
C VAL S 369 49.98 -44.26 17.53
N PRO S 370 49.41 -43.15 17.98
CA PRO S 370 48.96 -43.04 19.37
C PRO S 370 47.75 -43.93 19.62
N GLU S 371 47.42 -44.06 20.90
CA GLU S 371 46.31 -44.91 21.29
C GLU S 371 44.99 -44.35 20.75
N PRO S 372 44.12 -45.21 20.21
CA PRO S 372 42.82 -44.73 19.75
C PRO S 372 41.97 -44.21 20.89
N VAL S 373 41.14 -43.22 20.58
CA VAL S 373 40.28 -42.63 21.59
C VAL S 373 38.93 -43.35 21.58
N ASN S 374 38.29 -43.38 22.74
CA ASN S 374 36.96 -43.95 22.87
C ASN S 374 36.12 -43.14 23.85
N GLN S 375 35.05 -43.74 24.38
CA GLN S 375 33.95 -42.98 24.97
C GLN S 375 34.36 -42.05 26.10
N ASN S 376 35.44 -42.36 26.84
CA ASN S 376 35.78 -41.50 27.97
C ASN S 376 36.69 -40.35 27.52
N ILE S 377 36.26 -39.63 26.50
CA ILE S 377 36.95 -38.43 26.05
C ILE S 377 35.90 -37.34 25.92
N TYR S 378 34.63 -37.73 25.95
CA TYR S 378 33.55 -36.75 25.90
C TYR S 378 33.54 -35.87 27.15
N GLU S 379 34.04 -36.39 28.27
CA GLU S 379 34.19 -35.62 29.50
C GLU S 379 35.68 -35.37 29.71
N MET S 380 36.19 -34.33 29.05
CA MET S 380 37.60 -33.96 29.11
C MET S 380 37.74 -32.53 28.63
N ASN S 381 38.37 -31.68 29.43
CA ASN S 381 38.66 -30.33 28.99
C ASN S 381 39.87 -30.33 28.06
N ARG S 382 40.20 -29.16 27.53
CA ARG S 382 41.35 -29.05 26.65
C ARG S 382 42.66 -29.30 27.38
N GLU S 383 42.72 -28.94 28.67
CA GLU S 383 43.95 -29.15 29.44
C GLU S 383 44.24 -30.64 29.60
N GLU S 384 43.25 -31.41 30.02
CA GLU S 384 43.45 -32.86 30.15
C GLU S 384 43.68 -33.51 28.79
N ARG S 385 42.99 -33.03 27.75
CA ARG S 385 43.19 -33.57 26.41
C ARG S 385 44.63 -33.37 25.94
N GLU S 386 45.18 -32.17 26.20
CA GLU S 386 46.57 -31.92 25.83
C GLU S 386 47.52 -32.71 26.72
N ALA S 387 47.16 -32.92 27.99
CA ALA S 387 48.01 -33.73 28.87
C ALA S 387 48.12 -35.16 28.37
N VAL S 388 46.99 -35.73 27.92
CA VAL S 388 47.02 -37.05 27.29
C VAL S 388 47.80 -37.05 25.98
N GLY S 389 47.85 -35.92 25.29
CA GLY S 389 48.54 -35.83 24.02
C GLY S 389 47.66 -35.56 22.82
N ILE S 390 46.41 -35.17 23.03
CA ILE S 390 45.48 -34.90 21.94
C ILE S 390 45.55 -33.42 21.62
N GLN S 391 46.12 -33.09 20.46
CA GLN S 391 46.23 -31.71 20.03
C GLN S 391 44.92 -31.26 19.38
N ASP S 392 44.70 -29.95 19.39
CA ASP S 392 43.52 -29.33 18.81
C ASP S 392 43.82 -28.81 17.41
N LEU S 393 42.83 -28.93 16.53
CA LEU S 393 42.94 -28.34 15.22
C LEU S 393 42.89 -26.81 15.32
N PRO S 394 43.52 -26.11 14.39
CA PRO S 394 43.43 -24.64 14.41
C PRO S 394 41.99 -24.17 14.33
N SER S 395 41.67 -23.14 15.12
CA SER S 395 40.30 -22.68 15.24
C SER S 395 39.94 -21.56 14.27
N THR S 396 40.93 -20.89 13.69
CA THR S 396 40.69 -19.82 12.72
C THR S 396 41.62 -20.01 11.52
N LEU S 397 41.24 -19.36 10.42
CA LEU S 397 42.09 -19.40 9.23
C LEU S 397 43.43 -18.72 9.47
N TYR S 398 43.44 -17.69 10.32
CA TYR S 398 44.70 -17.02 10.66
C TYR S 398 45.66 -17.97 11.36
N THR S 399 45.18 -18.63 12.42
CA THR S 399 46.02 -19.61 13.12
C THR S 399 46.31 -20.83 12.26
N ALA S 400 45.40 -21.20 11.37
CA ALA S 400 45.68 -22.29 10.45
C ALA S 400 46.83 -21.95 9.50
N LEU S 401 46.85 -20.71 8.99
CA LEU S 401 47.98 -20.28 8.17
C LEU S 401 49.26 -20.22 8.98
N LYS S 402 49.15 -19.77 10.24
CA LYS S 402 50.31 -19.77 11.13
C LYS S 402 50.89 -21.18 11.28
N ALA S 403 50.02 -22.16 11.47
CA ALA S 403 50.46 -23.55 11.59
C ALA S 403 51.01 -24.09 10.27
N MET S 404 50.39 -23.71 9.15
CA MET S 404 50.88 -24.14 7.85
C MET S 404 52.28 -23.62 7.56
N ARG S 405 52.56 -22.38 7.98
CA ARG S 405 53.89 -21.81 7.76
C ARG S 405 54.97 -22.51 8.57
N GLU S 406 54.62 -23.35 9.54
CA GLU S 406 55.58 -24.04 10.38
C GLU S 406 55.70 -25.53 10.04
N ASN S 407 55.07 -26.00 8.97
CA ASN S 407 55.09 -27.41 8.59
C ASN S 407 55.84 -27.56 7.28
N GLU S 408 56.78 -28.51 7.25
CA GLU S 408 57.56 -28.75 6.03
C GLU S 408 56.87 -29.75 5.10
N VAL S 409 56.07 -30.66 5.66
CA VAL S 409 55.42 -31.68 4.85
C VAL S 409 54.42 -31.05 3.89
N ILE S 410 53.66 -30.06 4.36
CA ILE S 410 52.68 -29.41 3.50
C ILE S 410 53.37 -28.66 2.37
N LYS S 411 54.50 -28.00 2.68
CA LYS S 411 55.27 -27.31 1.64
C LYS S 411 55.79 -28.30 0.61
N LYS S 412 56.31 -29.44 1.06
CA LYS S 412 56.79 -30.45 0.13
C LYS S 412 55.65 -30.99 -0.73
N ALA S 413 54.47 -31.19 -0.13
CA ALA S 413 53.33 -31.68 -0.88
C ALA S 413 52.87 -30.69 -1.94
N LEU S 414 52.83 -29.40 -1.59
CA LEU S 414 52.27 -28.42 -2.50
C LEU S 414 53.25 -27.91 -3.55
N GLY S 415 54.56 -27.93 -3.27
CA GLY S 415 55.49 -27.25 -4.15
C GLY S 415 55.60 -25.80 -3.77
N ASN S 416 56.74 -25.18 -4.06
CA ASN S 416 56.99 -23.82 -3.58
C ASN S 416 55.99 -22.83 -4.18
N HIS S 417 55.72 -22.94 -5.48
CA HIS S 417 54.84 -21.99 -6.16
C HIS S 417 53.44 -22.04 -5.56
N ILE S 418 52.85 -23.24 -5.49
CA ILE S 418 51.50 -23.37 -4.98
C ILE S 418 51.44 -22.99 -3.50
N TYR S 419 52.46 -23.39 -2.73
CA TYR S 419 52.51 -23.05 -1.32
C TYR S 419 52.48 -21.54 -1.11
N ASN S 420 53.37 -20.82 -1.80
CA ASN S 420 53.44 -19.36 -1.64
C ASN S 420 52.16 -18.69 -2.13
N GLN S 421 51.64 -19.11 -3.27
CA GLN S 421 50.44 -18.47 -3.80
C GLN S 421 49.24 -18.71 -2.88
N PHE S 422 49.09 -19.91 -2.36
CA PHE S 422 48.00 -20.21 -1.44
C PHE S 422 48.12 -19.38 -0.17
N ILE S 423 49.34 -19.28 0.37
CA ILE S 423 49.53 -18.49 1.59
C ILE S 423 49.19 -17.03 1.34
N ASN S 424 49.64 -16.47 0.22
CA ASN S 424 49.35 -15.07 -0.08
C ASN S 424 47.84 -14.85 -0.25
N SER S 425 47.18 -15.74 -0.99
CA SER S 425 45.75 -15.59 -1.23
C SER S 425 44.97 -15.67 0.08
N LYS S 426 45.29 -16.64 0.93
CA LYS S 426 44.55 -16.79 2.18
C LYS S 426 44.86 -15.66 3.16
N SER S 427 46.10 -15.16 3.16
CA SER S 427 46.41 -14.01 4.01
C SER S 427 45.62 -12.79 3.58
N ILE S 428 45.52 -12.55 2.27
CA ILE S 428 44.72 -11.42 1.78
C ILE S 428 43.25 -11.60 2.16
N GLU S 429 42.73 -12.82 1.98
CA GLU S 429 41.33 -13.08 2.32
C GLU S 429 41.05 -12.84 3.80
N TRP S 430 41.93 -13.33 4.67
CA TRP S 430 41.75 -13.12 6.10
C TRP S 430 41.88 -11.65 6.46
N ASP S 431 42.81 -10.94 5.81
CA ASP S 431 42.98 -9.51 6.08
C ASP S 431 41.71 -8.74 5.72
N TYR S 432 41.10 -9.09 4.60
CA TYR S 432 39.83 -8.45 4.24
C TYR S 432 38.71 -8.84 5.20
N TYR S 433 38.71 -10.08 5.68
CA TYR S 433 37.64 -10.52 6.58
C TYR S 433 37.73 -9.87 7.95
N ARG S 434 38.95 -9.69 8.46
CA ARG S 434 39.12 -9.28 9.86
C ARG S 434 38.71 -7.83 10.10
N THR S 435 38.65 -7.00 9.07
CA THR S 435 38.31 -5.59 9.25
C THR S 435 36.81 -5.32 9.19
N GLN S 436 36.00 -6.33 8.90
CA GLN S 436 34.56 -6.15 8.83
C GLN S 436 33.96 -6.10 10.23
N VAL S 437 32.92 -5.29 10.38
CA VAL S 437 32.17 -5.20 11.63
C VAL S 437 30.92 -6.05 11.46
N SER S 438 30.81 -7.12 12.25
CA SER S 438 29.73 -8.07 12.09
C SER S 438 28.48 -7.60 12.82
N GLU S 439 27.35 -8.23 12.46
CA GLU S 439 26.08 -7.94 13.14
C GLU S 439 26.09 -8.43 14.58
N TRP S 440 26.85 -9.49 14.87
CA TRP S 440 26.96 -9.97 16.25
C TRP S 440 27.58 -8.92 17.14
N GLU S 441 28.61 -8.22 16.66
CA GLU S 441 29.23 -7.16 17.44
C GLU S 441 28.27 -6.01 17.68
N ARG S 442 27.49 -5.64 16.65
CA ARG S 442 26.53 -4.55 16.81
C ARG S 442 25.38 -4.95 17.73
N ASP S 443 25.08 -6.24 17.83
CA ASP S 443 24.03 -6.68 18.73
C ASP S 443 24.53 -6.76 20.17
N GLN S 444 25.71 -7.33 20.39
CA GLN S 444 26.24 -7.43 21.74
C GLN S 444 26.63 -6.07 22.30
N TYR S 445 27.30 -5.25 21.50
CA TYR S 445 27.72 -3.92 21.88
C TYR S 445 26.79 -2.89 21.25
N MET S 446 27.18 -1.62 21.34
CA MET S 446 26.49 -0.43 20.83
C MET S 446 25.31 -0.06 21.72
N LYS S 447 24.94 -0.89 22.70
CA LYS S 447 23.94 -0.49 23.69
C LYS S 447 24.49 -0.78 25.08
N GLN S 448 25.31 -1.82 25.20
CA GLN S 448 25.99 -2.11 26.45
C GLN S 448 27.21 -1.23 26.65
N TYR S 449 27.79 -0.71 25.58
CA TYR S 449 28.96 0.16 25.68
C TYR S 449 28.73 1.46 24.93
N THR T 8 34.25 -15.43 -52.13
CA THR T 8 33.92 -14.53 -53.23
C THR T 8 32.56 -14.85 -53.83
N PHE T 9 31.82 -13.82 -54.21
CA PHE T 9 30.49 -13.98 -54.79
C PHE T 9 30.34 -13.05 -55.98
N THR T 10 29.45 -13.43 -56.89
CA THR T 10 29.10 -12.62 -58.05
C THR T 10 27.60 -12.38 -58.04
N LYS T 11 27.11 -11.64 -59.04
CA LYS T 11 25.69 -11.32 -59.11
C LYS T 11 24.85 -12.59 -59.25
N GLU T 12 25.29 -13.54 -60.07
CA GLU T 12 24.56 -14.78 -60.24
C GLU T 12 24.48 -15.56 -58.94
N ASP T 13 25.57 -15.58 -58.17
CA ASP T 13 25.54 -16.25 -56.87
C ASP T 13 24.54 -15.59 -55.94
N ILE T 14 24.48 -14.26 -55.93
CA ILE T 14 23.53 -13.56 -55.07
C ILE T 14 22.10 -13.88 -55.49
N ARG T 15 21.83 -13.88 -56.80
CA ARG T 15 20.48 -14.21 -57.26
C ARG T 15 20.10 -15.64 -56.89
N LYS T 16 21.04 -16.58 -57.05
CA LYS T 16 20.76 -17.96 -56.68
C LYS T 16 20.51 -18.09 -55.19
N PHE T 17 21.30 -17.40 -54.36
CA PHE T 17 21.08 -17.46 -52.92
C PHE T 17 19.73 -16.88 -52.54
N ALA T 18 19.34 -15.77 -53.16
CA ALA T 18 18.03 -15.18 -52.89
C ALA T 18 16.91 -16.13 -53.31
N GLU T 19 17.06 -16.80 -54.45
CA GLU T 19 16.02 -17.69 -54.93
C GLU T 19 15.88 -18.96 -54.09
N GLU T 20 16.98 -19.62 -53.77
CA GLU T 20 16.90 -20.88 -53.02
C GLU T 20 16.53 -20.66 -51.56
N GLU T 21 17.08 -19.63 -50.94
CA GLU T 21 16.87 -19.40 -49.52
C GLU T 21 15.61 -18.60 -49.22
N ASN T 22 14.88 -18.15 -50.24
CA ASN T 22 13.65 -17.37 -50.07
C ASN T 22 13.91 -16.11 -49.23
N VAL T 23 14.93 -15.35 -49.65
CA VAL T 23 15.21 -14.07 -49.00
C VAL T 23 14.13 -13.08 -49.40
N ARG T 24 13.50 -12.45 -48.41
CA ARG T 24 12.45 -11.47 -48.65
C ARG T 24 12.84 -10.07 -48.20
N TYR T 25 13.97 -9.90 -47.53
CA TYR T 25 14.36 -8.61 -46.98
C TYR T 25 15.86 -8.44 -47.14
N LEU T 26 16.29 -7.24 -47.54
CA LEU T 26 17.70 -6.93 -47.72
C LEU T 26 18.09 -5.74 -46.85
N ARG T 27 19.23 -5.84 -46.21
CA ARG T 27 19.79 -4.77 -45.39
C ARG T 27 21.09 -4.31 -46.03
N LEU T 28 21.09 -3.09 -46.58
CA LEU T 28 22.31 -2.48 -47.09
C LEU T 28 22.98 -1.79 -45.91
N GLN T 29 24.07 -2.38 -45.42
CA GLN T 29 24.68 -2.00 -44.16
C GLN T 29 25.93 -1.17 -44.39
N PHE T 30 26.08 -0.11 -43.61
CA PHE T 30 27.27 0.73 -43.63
C PHE T 30 27.48 1.29 -42.23
N THR T 31 28.44 2.20 -42.10
CA THR T 31 28.77 2.77 -40.80
C THR T 31 29.08 4.26 -40.95
N ASP T 32 28.92 4.98 -39.85
CA ASP T 32 29.23 6.40 -39.77
C ASP T 32 30.55 6.58 -39.04
N ILE T 33 30.94 7.85 -38.85
CA ILE T 33 32.20 8.15 -38.18
C ILE T 33 32.18 7.79 -36.69
N LEU T 34 31.00 7.57 -36.12
CA LEU T 34 30.88 7.18 -34.72
C LEU T 34 30.84 5.68 -34.52
N GLY T 35 30.95 4.89 -35.59
CA GLY T 35 30.92 3.45 -35.50
C GLY T 35 29.54 2.84 -35.41
N THR T 36 28.48 3.65 -35.45
CA THR T 36 27.13 3.12 -35.40
C THR T 36 26.81 2.35 -36.68
N ILE T 37 26.16 1.20 -36.52
CA ILE T 37 25.78 0.38 -37.66
C ILE T 37 24.51 0.97 -38.26
N LYS T 38 24.62 1.55 -39.45
CA LYS T 38 23.49 2.10 -40.17
C LYS T 38 23.10 1.15 -41.30
N ASN T 39 21.85 1.24 -41.72
CA ASN T 39 21.41 0.37 -42.80
C ASN T 39 20.21 0.98 -43.51
N VAL T 40 20.03 0.57 -44.76
CA VAL T 40 18.85 0.87 -45.56
C VAL T 40 18.14 -0.45 -45.83
N GLU T 41 16.85 -0.50 -45.50
CA GLU T 41 16.07 -1.71 -45.71
C GLU T 41 15.42 -1.69 -47.08
N VAL T 42 15.33 -2.86 -47.70
CA VAL T 42 14.81 -2.95 -49.06
C VAL T 42 14.08 -4.26 -49.24
N PRO T 43 12.98 -4.29 -49.99
CA PRO T 43 12.37 -5.57 -50.36
C PRO T 43 13.19 -6.26 -51.44
N VAL T 44 13.12 -7.59 -51.45
CA VAL T 44 13.94 -8.38 -52.36
C VAL T 44 13.61 -8.07 -53.82
N SER T 45 12.42 -7.55 -54.09
CA SER T 45 12.07 -7.16 -55.45
C SER T 45 12.95 -6.03 -55.99
N GLN T 46 13.66 -5.32 -55.12
CA GLN T 46 14.60 -4.28 -55.50
C GLN T 46 16.01 -4.83 -55.72
N LEU T 47 16.19 -6.15 -55.61
CA LEU T 47 17.52 -6.75 -55.63
C LEU T 47 18.34 -6.29 -56.83
N GLU T 48 17.73 -6.31 -58.02
CA GLU T 48 18.46 -5.89 -59.22
C GLU T 48 18.96 -4.46 -59.08
N LYS T 49 18.09 -3.56 -58.62
CA LYS T 49 18.51 -2.18 -58.41
C LYS T 49 19.62 -2.08 -57.38
N VAL T 50 19.63 -2.99 -56.40
CA VAL T 50 20.73 -3.06 -55.45
C VAL T 50 22.02 -3.44 -56.15
N LEU T 51 21.96 -4.43 -57.05
CA LEU T 51 23.17 -4.92 -57.70
C LEU T 51 23.69 -3.97 -58.77
N ASP T 52 22.90 -2.99 -59.19
CA ASP T 52 23.31 -2.02 -60.19
C ASP T 52 23.94 -0.77 -59.57
N ASN T 53 24.15 -0.77 -58.25
CA ASN T 53 24.71 0.38 -57.54
C ASN T 53 23.88 1.64 -57.77
N GLU T 54 22.55 1.49 -57.72
CA GLU T 54 21.63 2.59 -58.01
C GLU T 54 20.80 2.99 -56.81
N MET T 55 20.98 2.35 -55.66
CA MET T 55 20.23 2.73 -54.47
C MET T 55 20.76 4.05 -53.92
N MET T 56 19.84 4.98 -53.67
CA MET T 56 20.18 6.32 -53.22
C MET T 56 19.69 6.55 -51.79
N PHE T 57 20.45 7.33 -51.04
CA PHE T 57 20.09 7.66 -49.66
C PHE T 57 20.72 8.99 -49.31
N ASP T 58 20.50 9.42 -48.06
CA ASP T 58 20.94 10.73 -47.62
C ASP T 58 22.45 10.89 -47.74
N GLY T 59 23.21 10.08 -47.02
CA GLY T 59 24.65 10.19 -47.07
C GLY T 59 25.20 11.14 -46.02
N SER T 60 24.39 12.13 -45.63
CA SER T 60 24.78 13.00 -44.51
C SER T 60 24.68 12.29 -43.17
N SER T 61 23.96 11.16 -43.12
CA SER T 61 23.91 10.37 -41.90
C SER T 61 25.29 9.87 -41.48
N ILE T 62 26.22 9.74 -42.44
CA ILE T 62 27.59 9.38 -42.11
C ILE T 62 28.20 10.38 -41.14
N GLU T 63 27.77 11.65 -41.22
CA GLU T 63 28.30 12.66 -40.32
C GLU T 63 27.82 12.47 -38.88
N GLY T 64 26.84 11.62 -38.64
CA GLY T 64 26.37 11.43 -37.28
C GLY T 64 25.42 12.54 -36.88
N PHE T 65 25.63 13.09 -35.69
CA PHE T 65 24.75 14.12 -35.14
C PHE T 65 25.19 15.54 -35.50
N VAL T 66 26.23 15.70 -36.31
CA VAL T 66 26.67 17.02 -36.74
C VAL T 66 26.29 17.27 -38.20
N ARG T 67 25.39 16.46 -38.75
CA ARG T 67 24.93 16.68 -40.12
C ARG T 67 24.06 17.92 -40.20
N ILE T 68 24.16 18.62 -41.34
CA ILE T 68 23.45 19.87 -41.53
C ILE T 68 22.44 19.74 -42.67
N GLU T 69 22.94 19.47 -43.88
CA GLU T 69 22.11 19.46 -45.07
C GLU T 69 22.00 18.04 -45.63
N GLU T 70 20.82 17.70 -46.10
CA GLU T 70 20.59 16.40 -46.72
C GLU T 70 21.28 16.34 -48.07
N SER T 71 22.03 15.28 -48.31
CA SER T 71 22.69 15.05 -49.59
C SER T 71 22.04 13.87 -50.30
N ASP T 72 22.59 13.52 -51.46
CA ASP T 72 22.16 12.34 -52.20
C ASP T 72 23.38 11.53 -52.56
N MET T 73 23.43 10.29 -52.10
CA MET T 73 24.61 9.45 -52.32
C MET T 73 24.15 8.04 -52.66
N TYR T 74 25.02 7.32 -53.38
CA TYR T 74 24.72 5.98 -53.88
C TYR T 74 25.39 4.93 -53.00
N LEU T 75 24.74 3.77 -52.92
CA LEU T 75 25.29 2.63 -52.19
C LEU T 75 25.79 1.59 -53.18
N HIS T 76 27.06 1.24 -53.07
CA HIS T 76 27.66 0.19 -53.90
C HIS T 76 27.95 -1.02 -53.02
N PRO T 77 27.18 -2.10 -53.13
CA PRO T 77 27.41 -3.24 -52.25
C PRO T 77 28.69 -3.99 -52.58
N ASP T 78 29.27 -4.64 -51.57
CA ASP T 78 30.40 -5.53 -51.73
C ASP T 78 29.87 -6.95 -51.65
N LEU T 79 29.92 -7.67 -52.78
CA LEU T 79 29.27 -8.97 -52.86
C LEU T 79 29.94 -10.02 -51.98
N ASP T 80 31.20 -9.82 -51.60
CA ASP T 80 31.88 -10.77 -50.73
C ASP T 80 31.36 -10.75 -49.30
N THR T 81 30.66 -9.69 -48.90
CA THR T 81 30.13 -9.56 -47.55
C THR T 81 28.73 -10.15 -47.41
N TRP T 82 28.22 -10.80 -48.46
CA TRP T 82 26.89 -11.38 -48.40
C TRP T 82 26.79 -12.44 -47.31
N VAL T 83 25.73 -12.36 -46.51
CA VAL T 83 25.47 -13.36 -45.49
C VAL T 83 23.98 -13.28 -45.15
N ILE T 84 23.40 -14.42 -44.78
CA ILE T 84 21.98 -14.51 -44.48
C ILE T 84 21.83 -14.77 -42.98
N PHE T 85 21.03 -13.94 -42.32
CA PHE T 85 20.82 -14.09 -40.89
C PHE T 85 19.98 -15.32 -40.60
N PRO T 86 20.24 -16.00 -39.48
CA PRO T 86 19.51 -17.25 -39.19
C PRO T 86 18.14 -17.02 -38.57
N TRP T 87 17.65 -15.79 -38.63
CA TRP T 87 16.35 -15.47 -38.07
C TRP T 87 15.36 -15.05 -39.16
N GLY T 92 9.84 -15.63 -44.26
CA GLY T 92 11.01 -15.38 -45.06
C GLY T 92 12.26 -15.12 -44.25
N LYS T 93 13.37 -14.86 -44.94
CA LYS T 93 14.66 -14.62 -44.30
C LYS T 93 15.14 -13.22 -44.61
N VAL T 94 16.15 -12.78 -43.84
CA VAL T 94 16.76 -11.47 -44.01
C VAL T 94 18.23 -11.66 -44.35
N ALA T 95 18.69 -10.99 -45.39
CA ALA T 95 20.08 -11.00 -45.80
C ALA T 95 20.64 -9.59 -45.73
N ARG T 96 21.97 -9.50 -45.71
CA ARG T 96 22.62 -8.21 -45.60
C ARG T 96 23.74 -8.11 -46.62
N LEU T 97 24.04 -6.88 -47.02
CA LEU T 97 25.19 -6.57 -47.85
C LEU T 97 25.83 -5.30 -47.32
N ILE T 98 27.14 -5.34 -47.10
CA ILE T 98 27.89 -4.18 -46.65
C ILE T 98 28.24 -3.34 -47.87
N CYS T 99 27.85 -2.07 -47.85
CA CYS T 99 27.98 -1.21 -49.01
C CYS T 99 28.93 -0.05 -48.73
N ASP T 100 29.67 0.34 -49.75
CA ASP T 100 30.44 1.57 -49.73
C ASP T 100 29.58 2.72 -50.24
N VAL T 101 29.93 3.93 -49.81
CA VAL T 101 29.16 5.12 -50.13
C VAL T 101 29.87 5.89 -51.22
N TYR T 102 29.16 6.19 -52.31
CA TYR T 102 29.71 6.91 -53.45
C TYR T 102 28.96 8.22 -53.65
N LYS T 103 29.67 9.24 -54.10
CA LYS T 103 29.04 10.51 -54.42
C LYS T 103 28.35 10.42 -55.77
N THR T 104 27.66 11.49 -56.14
CA THR T 104 26.94 11.53 -57.40
C THR T 104 27.87 11.60 -58.61
N ASP T 105 29.16 11.85 -58.40
CA ASP T 105 30.14 11.93 -59.47
C ASP T 105 30.87 10.61 -59.72
N GLY T 106 30.42 9.54 -59.06
CA GLY T 106 31.01 8.23 -59.25
C GLY T 106 32.25 7.94 -58.42
N THR T 107 32.69 8.88 -57.60
CA THR T 107 33.86 8.64 -56.77
C THR T 107 33.44 8.35 -55.33
N PRO T 108 34.20 7.54 -54.61
CA PRO T 108 33.84 7.21 -53.23
C PRO T 108 33.82 8.44 -52.34
N PHE T 109 32.88 8.45 -51.40
CA PHE T 109 32.75 9.56 -50.46
C PHE T 109 33.94 9.57 -49.52
N GLU T 110 34.56 10.75 -49.36
CA GLU T 110 35.74 10.86 -48.53
C GLU T 110 35.44 10.77 -47.04
N GLY T 111 34.18 10.88 -46.64
CA GLY T 111 33.79 10.76 -45.26
C GLY T 111 33.43 9.36 -44.81
N ASP T 112 33.60 8.36 -45.65
CA ASP T 112 33.25 6.98 -45.30
C ASP T 112 34.45 6.30 -44.67
N PRO T 113 34.36 5.81 -43.43
CA PRO T 113 35.53 5.18 -42.80
C PRO T 113 36.03 3.96 -43.54
N ARG T 114 35.14 3.17 -44.14
CA ARG T 114 35.57 1.98 -44.86
C ARG T 114 36.43 2.35 -46.08
N ALA T 115 35.99 3.35 -46.84
CA ALA T 115 36.78 3.82 -47.97
C ALA T 115 38.11 4.41 -47.51
N ASN T 116 38.11 5.11 -46.36
CA ASN T 116 39.36 5.64 -45.83
C ASN T 116 40.34 4.53 -45.47
N LEU T 117 39.85 3.46 -44.84
CA LEU T 117 40.72 2.34 -44.52
C LEU T 117 41.23 1.67 -45.78
N LYS T 118 40.38 1.55 -46.81
CA LYS T 118 40.82 0.98 -48.07
C LYS T 118 41.91 1.83 -48.71
N ARG T 119 41.76 3.15 -48.65
CA ARG T 119 42.79 4.05 -49.18
C ARG T 119 44.10 3.91 -48.41
N VAL T 120 44.01 3.81 -47.08
CA VAL T 120 45.21 3.63 -46.28
C VAL T 120 45.91 2.32 -46.62
N LEU T 121 45.15 1.25 -46.79
CA LEU T 121 45.74 -0.03 -47.18
C LEU T 121 46.37 0.06 -48.57
N LYS T 122 45.71 0.76 -49.50
CA LYS T 122 46.26 0.91 -50.84
C LYS T 122 47.59 1.66 -50.81
N GLU T 123 47.67 2.72 -50.01
CA GLU T 123 48.93 3.43 -49.88
C GLU T 123 49.98 2.63 -49.11
N MET T 124 49.55 1.74 -48.23
CA MET T 124 50.49 0.82 -47.57
C MET T 124 51.09 -0.15 -48.57
N GLU T 125 50.29 -0.61 -49.54
CA GLU T 125 50.76 -1.56 -50.53
C GLU T 125 51.92 -1.03 -51.37
N ASP T 126 52.10 0.28 -51.42
CA ASP T 126 53.25 0.85 -52.14
C ASP T 126 54.56 0.69 -51.39
N LEU T 127 54.51 0.33 -50.10
CA LEU T 127 55.72 0.10 -49.31
C LEU T 127 56.22 -1.33 -49.42
N GLY T 128 55.56 -2.19 -50.20
CA GLY T 128 55.97 -3.56 -50.36
C GLY T 128 55.14 -4.57 -49.58
N PHE T 129 54.39 -4.11 -48.59
CA PHE T 129 53.54 -5.00 -47.79
C PHE T 129 52.22 -5.25 -48.52
N THR T 130 51.74 -6.48 -48.42
CA THR T 130 50.53 -6.89 -49.12
C THR T 130 49.30 -7.01 -48.25
N ASP T 131 49.45 -7.47 -47.00
CA ASP T 131 48.31 -7.69 -46.13
C ASP T 131 48.58 -7.14 -44.74
N PHE T 132 47.50 -6.71 -44.09
CA PHE T 132 47.54 -6.24 -42.70
C PHE T 132 46.45 -7.00 -41.97
N ASN T 133 46.84 -8.02 -41.21
CA ASN T 133 45.88 -8.91 -40.56
C ASN T 133 45.59 -8.45 -39.14
N LEU T 134 44.31 -8.50 -38.77
CA LEU T 134 43.84 -8.05 -37.46
C LEU T 134 43.03 -9.13 -36.79
N GLY T 135 43.33 -9.40 -35.53
CA GLY T 135 42.50 -10.20 -34.67
C GLY T 135 42.07 -9.41 -33.45
N PRO T 136 40.78 -9.16 -33.32
CA PRO T 136 40.28 -8.38 -32.19
C PRO T 136 39.91 -9.26 -31.00
N GLU T 137 39.91 -8.62 -29.82
CA GLU T 137 39.48 -9.27 -28.58
C GLU T 137 38.40 -8.42 -27.92
N PRO T 138 37.19 -8.40 -28.49
CA PRO T 138 36.13 -7.54 -27.95
C PRO T 138 35.53 -8.14 -26.69
N GLU T 139 35.40 -7.32 -25.66
CA GLU T 139 34.75 -7.70 -24.41
C GLU T 139 33.47 -6.90 -24.24
N PHE T 140 32.45 -7.53 -23.67
CA PHE T 140 31.16 -6.89 -23.52
C PHE T 140 30.55 -7.29 -22.18
N PHE T 141 29.54 -6.53 -21.77
CA PHE T 141 28.81 -6.79 -20.54
C PHE T 141 27.37 -7.19 -20.85
N LEU T 142 26.82 -8.07 -20.03
CA LEU T 142 25.43 -8.51 -20.14
C LEU T 142 24.71 -8.11 -18.86
N PHE T 143 23.70 -7.26 -19.00
CA PHE T 143 22.88 -6.79 -17.89
C PHE T 143 21.48 -7.37 -17.99
N LYS T 144 20.82 -7.48 -16.84
CA LYS T 144 19.46 -7.98 -16.80
C LYS T 144 18.47 -6.88 -17.15
N LEU T 145 17.36 -7.28 -17.76
CA LEU T 145 16.27 -6.38 -18.09
C LEU T 145 15.19 -6.44 -17.02
N ASP T 146 14.50 -5.32 -16.83
CA ASP T 146 13.42 -5.26 -15.85
C ASP T 146 12.10 -5.62 -16.51
N GLU T 147 10.99 -5.41 -15.79
CA GLU T 147 9.67 -5.75 -16.32
C GLU T 147 9.32 -4.89 -17.52
N LYS T 148 9.68 -3.60 -17.48
CA LYS T 148 9.39 -2.68 -18.58
C LYS T 148 10.29 -2.90 -19.79
N GLY T 149 11.29 -3.77 -19.69
CA GLY T 149 12.20 -4.01 -20.78
C GLY T 149 13.40 -3.10 -20.84
N GLU T 150 13.61 -2.29 -19.82
CA GLU T 150 14.78 -1.41 -19.78
C GLU T 150 15.96 -2.14 -19.11
N PRO T 151 17.18 -1.80 -19.49
CA PRO T 151 18.35 -2.42 -18.85
C PRO T 151 18.52 -1.93 -17.41
N THR T 152 18.84 -2.87 -16.53
CA THR T 152 19.16 -2.56 -15.14
C THR T 152 20.67 -2.63 -14.96
N LEU T 153 21.12 -2.51 -13.70
CA LEU T 153 22.54 -2.57 -13.38
C LEU T 153 22.94 -3.92 -12.77
N GLU T 154 22.05 -4.90 -12.80
CA GLU T 154 22.37 -6.23 -12.32
C GLU T 154 22.95 -7.08 -13.45
N LEU T 155 24.00 -7.83 -13.13
CA LEU T 155 24.68 -8.63 -14.14
C LEU T 155 23.96 -9.95 -14.34
N ASN T 156 24.24 -10.58 -15.49
CA ASN T 156 23.59 -11.84 -15.83
C ASN T 156 24.12 -13.01 -15.01
N ASP T 157 25.35 -12.93 -14.54
CA ASP T 157 25.92 -13.98 -13.71
C ASP T 157 26.85 -13.34 -12.68
N ASP T 158 27.61 -14.18 -11.97
CA ASP T 158 28.54 -13.70 -10.96
C ASP T 158 29.88 -14.45 -11.08
N GLY T 159 30.33 -14.68 -12.31
CA GLY T 159 31.55 -15.42 -12.54
C GLY T 159 32.79 -14.55 -12.48
N GLY T 160 33.94 -15.22 -12.60
CA GLY T 160 35.22 -14.54 -12.60
C GLY T 160 36.04 -14.82 -13.84
N TYR T 161 37.35 -14.62 -13.75
CA TYR T 161 38.23 -14.81 -14.90
C TYR T 161 38.24 -16.27 -15.31
N PHE T 162 37.85 -16.55 -16.56
CA PHE T 162 37.85 -17.90 -17.13
C PHE T 162 36.94 -18.85 -16.36
N ASP T 163 35.96 -18.31 -15.63
CA ASP T 163 35.05 -19.12 -14.87
C ASP T 163 34.05 -19.83 -15.80
N LEU T 164 33.51 -20.94 -15.30
CA LEU T 164 32.42 -21.65 -15.97
C LEU T 164 31.08 -21.25 -15.32
N ALA T 165 30.80 -19.95 -15.34
CA ALA T 165 29.66 -19.41 -14.60
C ALA T 165 28.32 -19.77 -15.24
N PRO T 166 28.04 -19.37 -16.50
CA PRO T 166 26.76 -19.76 -17.10
C PRO T 166 26.84 -21.20 -17.58
N THR T 167 26.63 -22.16 -16.67
CA THR T 167 27.17 -23.50 -16.85
C THR T 167 26.68 -24.20 -18.12
N ASP T 168 25.43 -24.65 -18.13
CA ASP T 168 24.91 -25.23 -19.37
C ASP T 168 23.43 -24.93 -19.59
N LEU T 169 22.69 -24.66 -18.52
CA LEU T 169 21.23 -24.73 -18.55
C LEU T 169 20.61 -23.38 -18.17
N GLY T 170 19.96 -22.76 -19.14
CA GLY T 170 18.94 -21.75 -18.89
C GLY T 170 19.08 -20.44 -19.62
N GLU T 171 20.27 -19.85 -19.69
CA GLU T 171 20.52 -18.77 -20.65
C GLU T 171 21.71 -19.05 -21.55
N ASN T 172 22.90 -19.26 -20.98
CA ASN T 172 24.15 -19.49 -21.71
C ASN T 172 24.22 -18.63 -22.97
N CYS T 173 24.09 -17.32 -22.78
CA CYS T 173 24.05 -16.42 -23.92
C CYS T 173 25.33 -16.43 -24.72
N ARG T 174 26.48 -16.56 -24.05
CA ARG T 174 27.76 -16.58 -24.75
C ARG T 174 27.85 -17.78 -25.68
N ARG T 175 27.43 -18.95 -25.22
CA ARG T 175 27.47 -20.15 -26.04
C ARG T 175 26.56 -20.01 -27.26
N ASP T 176 25.37 -19.46 -27.06
CA ASP T 176 24.46 -19.27 -28.19
C ASP T 176 25.02 -18.27 -29.20
N ILE T 177 25.67 -17.20 -28.70
CA ILE T 177 26.29 -16.24 -29.60
C ILE T 177 27.38 -16.91 -30.43
N VAL T 178 28.22 -17.72 -29.77
CA VAL T 178 29.30 -18.38 -30.49
C VAL T 178 28.75 -19.33 -31.54
N LEU T 179 27.72 -20.12 -31.17
CA LEU T 179 27.16 -21.08 -32.12
C LEU T 179 26.48 -20.38 -33.29
N GLU T 180 25.77 -19.28 -33.03
CA GLU T 180 25.13 -18.54 -34.11
C GLU T 180 26.15 -17.90 -35.04
N LEU T 181 27.24 -17.38 -34.48
CA LEU T 181 28.30 -16.83 -35.31
C LEU T 181 28.95 -17.92 -36.16
N GLU T 182 29.14 -19.11 -35.58
CA GLU T 182 29.69 -20.22 -36.34
C GLU T 182 28.76 -20.62 -37.48
N ASP T 183 27.45 -20.62 -37.23
CA ASP T 183 26.49 -20.96 -38.27
C ASP T 183 26.49 -19.91 -39.39
N MET T 184 26.79 -18.66 -39.05
CA MET T 184 26.81 -17.59 -40.04
C MET T 184 28.06 -17.61 -40.91
N GLY T 185 29.05 -18.43 -40.59
CA GLY T 185 30.28 -18.50 -41.34
C GLY T 185 31.44 -17.73 -40.76
N PHE T 186 31.45 -17.49 -39.45
CA PHE T 186 32.56 -16.81 -38.80
C PHE T 186 33.61 -17.81 -38.35
N ASP T 187 34.78 -17.29 -37.99
CA ASP T 187 35.91 -18.10 -37.52
C ASP T 187 36.20 -17.70 -36.08
N ILE T 188 35.68 -18.46 -35.13
CA ILE T 188 35.86 -18.19 -33.71
C ILE T 188 37.03 -19.01 -33.20
N GLU T 189 37.94 -18.37 -32.49
CA GLU T 189 39.09 -19.05 -31.89
C GLU T 189 38.73 -19.66 -30.54
N ALA T 190 38.29 -18.84 -29.60
CA ALA T 190 37.89 -19.30 -28.28
C ALA T 190 37.07 -18.21 -27.60
N SER T 191 36.37 -18.61 -26.54
CA SER T 191 35.60 -17.68 -25.73
C SER T 191 35.76 -18.05 -24.27
N HIS T 192 35.60 -17.07 -23.40
CA HIS T 192 35.77 -17.29 -21.96
C HIS T 192 35.05 -16.20 -21.19
N HIS T 193 34.83 -16.46 -19.91
CA HIS T 193 34.31 -15.45 -19.01
C HIS T 193 35.42 -14.47 -18.64
N GLU T 194 35.06 -13.19 -18.54
CA GLU T 194 36.04 -12.15 -18.26
C GLU T 194 36.15 -11.92 -16.76
N VAL T 195 37.04 -10.99 -16.38
CA VAL T 195 37.35 -10.77 -14.97
C VAL T 195 36.13 -10.29 -14.21
N ALA T 196 35.47 -9.26 -14.72
CA ALA T 196 34.34 -8.69 -14.02
C ALA T 196 33.11 -9.61 -14.14
N PRO T 197 32.24 -9.61 -13.14
CA PRO T 197 31.00 -10.39 -13.25
C PRO T 197 30.16 -9.90 -14.41
N GLY T 198 29.53 -10.83 -15.11
CA GLY T 198 28.72 -10.50 -16.26
C GLY T 198 29.47 -10.01 -17.47
N GLN T 199 30.80 -10.13 -17.48
CA GLN T 199 31.62 -9.70 -18.59
C GLN T 199 32.11 -10.91 -19.38
N HIS T 200 32.08 -10.79 -20.70
CA HIS T 200 32.37 -11.91 -21.58
C HIS T 200 33.27 -11.45 -22.72
N GLU T 201 34.03 -12.39 -23.26
CA GLU T 201 34.95 -12.13 -24.36
C GLU T 201 34.87 -13.27 -25.37
N ILE T 202 34.79 -12.92 -26.65
CA ILE T 202 34.83 -13.87 -27.75
C ILE T 202 35.94 -13.45 -28.69
N ASP T 203 36.82 -14.39 -29.03
CA ASP T 203 38.00 -14.11 -29.84
C ASP T 203 37.82 -14.65 -31.26
N PHE T 204 38.26 -13.88 -32.24
CA PHE T 204 38.20 -14.27 -33.63
C PHE T 204 39.58 -14.67 -34.14
N LYS T 205 39.59 -15.56 -35.14
CA LYS T 205 40.82 -15.82 -35.87
C LYS T 205 41.16 -14.61 -36.73
N TYR T 206 42.45 -14.43 -37.00
CA TYR T 206 42.90 -13.25 -37.72
C TYR T 206 42.36 -13.24 -39.14
N ALA T 207 42.12 -12.02 -39.63
CA ALA T 207 41.62 -11.82 -40.99
C ALA T 207 42.18 -10.50 -41.50
N ASP T 208 41.99 -10.26 -42.80
CA ASP T 208 42.45 -9.02 -43.39
C ASP T 208 41.67 -7.84 -42.80
N ALA T 209 42.25 -6.64 -42.94
CA ALA T 209 41.81 -5.47 -42.20
C ALA T 209 40.33 -5.17 -42.43
N VAL T 210 39.92 -5.06 -43.69
CA VAL T 210 38.54 -4.72 -44.00
C VAL T 210 37.60 -5.82 -43.52
N THR T 211 37.96 -7.07 -43.77
CA THR T 211 37.15 -8.19 -43.31
C THR T 211 37.08 -8.21 -41.79
N ALA T 212 38.19 -7.91 -41.12
CA ALA T 212 38.19 -7.91 -39.66
C ALA T 212 37.26 -6.85 -39.11
N CYS T 213 37.28 -5.64 -39.68
CA CYS T 213 36.40 -4.59 -39.19
C CYS T 213 34.93 -4.90 -39.49
N ASP T 214 34.65 -5.46 -40.67
CA ASP T 214 33.30 -5.90 -40.98
C ASP T 214 32.83 -6.97 -40.00
N ASN T 215 33.72 -7.90 -39.65
CA ASN T 215 33.39 -8.93 -38.69
C ASN T 215 33.12 -8.33 -37.32
N ILE T 216 33.88 -7.30 -36.94
CA ILE T 216 33.62 -6.64 -35.66
C ILE T 216 32.24 -6.02 -35.64
N GLN T 217 31.88 -5.31 -36.71
CA GLN T 217 30.55 -4.71 -36.77
C GLN T 217 29.45 -5.75 -36.72
N THR T 218 29.59 -6.82 -37.52
CA THR T 218 28.59 -7.88 -37.52
C THR T 218 28.51 -8.58 -36.17
N PHE T 219 29.65 -8.76 -35.50
CA PHE T 219 29.67 -9.36 -34.18
C PHE T 219 28.92 -8.51 -33.18
N LYS T 220 29.12 -7.19 -33.22
CA LYS T 220 28.38 -6.32 -32.32
C LYS T 220 26.88 -6.43 -32.57
N LEU T 221 26.48 -6.42 -33.85
CA LEU T 221 25.05 -6.53 -34.18
C LEU T 221 24.48 -7.86 -33.68
N VAL T 222 25.20 -8.96 -33.93
CA VAL T 222 24.70 -10.28 -33.57
C VAL T 222 24.62 -10.44 -32.06
N VAL T 223 25.61 -9.92 -31.34
CA VAL T 223 25.59 -10.00 -29.88
C VAL T 223 24.41 -9.22 -29.33
N LYS T 224 24.18 -8.01 -29.85
CA LYS T 224 23.08 -7.20 -29.35
C LYS T 224 21.73 -7.84 -29.68
N THR T 225 21.62 -8.54 -30.81
CA THR T 225 20.37 -9.24 -31.12
C THR T 225 20.16 -10.43 -30.19
N ILE T 226 21.17 -11.28 -30.04
CA ILE T 226 21.02 -12.51 -29.26
C ILE T 226 20.81 -12.20 -27.79
N ALA T 227 21.47 -11.18 -27.25
CA ALA T 227 21.24 -10.80 -25.87
C ALA T 227 19.79 -10.39 -25.65
N ARG T 228 19.22 -9.64 -26.59
CA ARG T 228 17.81 -9.31 -26.50
C ARG T 228 16.94 -10.55 -26.61
N LYS T 229 17.38 -11.55 -27.37
CA LYS T 229 16.63 -12.80 -27.43
C LYS T 229 16.55 -13.48 -26.07
N HIS T 230 17.59 -13.35 -25.24
CA HIS T 230 17.66 -14.01 -23.95
C HIS T 230 17.22 -13.11 -22.80
N ASN T 231 16.43 -12.08 -23.09
CA ASN T 231 15.96 -11.12 -22.08
C ASN T 231 17.12 -10.46 -21.35
N LEU T 232 18.19 -10.17 -22.09
CA LEU T 232 19.36 -9.50 -21.55
C LEU T 232 19.66 -8.27 -22.40
N HIS T 233 20.59 -7.46 -21.92
CA HIS T 233 21.06 -6.28 -22.64
C HIS T 233 22.57 -6.37 -22.75
N ALA T 234 23.09 -6.35 -23.98
CA ALA T 234 24.52 -6.40 -24.21
C ALA T 234 25.03 -4.99 -24.45
N THR T 235 26.09 -4.61 -23.74
CA THR T 235 26.68 -3.30 -23.89
C THR T 235 28.19 -3.43 -24.11
N PHE T 236 28.69 -2.63 -25.05
CA PHE T 236 30.11 -2.48 -25.29
C PHE T 236 30.66 -1.19 -24.70
N MET T 237 29.96 -0.64 -23.72
CA MET T 237 30.42 0.57 -23.05
C MET T 237 31.75 0.32 -22.36
N PRO T 238 32.76 1.18 -22.54
CA PRO T 238 34.09 0.89 -21.99
C PRO T 238 34.11 0.67 -20.49
N LYS T 239 33.34 1.43 -19.72
CA LYS T 239 33.35 1.34 -18.26
C LYS T 239 31.93 1.55 -17.74
N PRO T 240 31.07 0.53 -17.85
CA PRO T 240 29.70 0.69 -17.35
C PRO T 240 29.61 0.79 -15.84
N LEU T 241 30.50 0.15 -15.10
CA LEU T 241 30.43 0.10 -13.65
C LEU T 241 31.74 0.56 -13.03
N PHE T 242 31.63 1.37 -12.00
CA PHE T 242 32.80 1.81 -11.25
C PHE T 242 33.30 0.69 -10.34
N GLY T 243 34.61 0.59 -10.20
CA GLY T 243 35.21 -0.36 -9.29
C GLY T 243 35.43 -1.75 -9.82
N VAL T 244 35.04 -2.02 -11.06
CA VAL T 244 35.28 -3.32 -11.69
C VAL T 244 36.02 -3.08 -13.01
N ASN T 245 36.44 -4.19 -13.62
CA ASN T 245 37.17 -4.10 -14.87
C ASN T 245 36.31 -3.52 -15.98
N GLY T 246 36.94 -2.74 -16.85
CA GLY T 246 36.29 -2.26 -18.05
C GLY T 246 36.42 -3.25 -19.19
N SER T 247 35.83 -2.88 -20.32
CA SER T 247 35.85 -3.70 -21.53
C SER T 247 36.82 -3.11 -22.53
N GLY T 248 37.73 -3.94 -23.03
CA GLY T 248 38.68 -3.56 -24.05
C GLY T 248 38.45 -4.33 -25.35
N MET T 249 39.11 -3.86 -26.39
CA MET T 249 39.04 -4.46 -27.73
C MET T 249 40.46 -4.56 -28.30
N HIS T 250 41.35 -5.19 -27.54
CA HIS T 250 42.75 -5.34 -27.94
C HIS T 250 42.86 -5.82 -29.38
N PHE T 251 43.75 -5.17 -30.12
CA PHE T 251 43.97 -5.42 -31.54
C PHE T 251 45.31 -6.14 -31.71
N ASN T 252 45.28 -7.39 -32.15
CA ASN T 252 46.51 -8.10 -32.52
C ASN T 252 46.71 -7.93 -34.02
N VAL T 253 47.75 -7.20 -34.41
CA VAL T 253 47.97 -6.86 -35.80
C VAL T 253 49.27 -7.49 -36.27
N SER T 254 49.30 -7.81 -37.57
CA SER T 254 50.50 -8.38 -38.18
C SER T 254 50.59 -7.92 -39.63
N LEU T 255 51.82 -7.65 -40.07
CA LEU T 255 52.09 -7.24 -41.43
C LEU T 255 52.59 -8.42 -42.27
N PHE T 256 52.19 -8.46 -43.54
CA PHE T 256 52.57 -9.53 -44.43
C PHE T 256 52.96 -8.94 -45.78
N LYS T 257 54.14 -9.31 -46.28
CA LYS T 257 54.50 -9.01 -47.67
C LYS T 257 54.74 -10.33 -48.39
N GLY T 258 53.65 -10.98 -48.76
CA GLY T 258 53.68 -12.12 -49.65
C GLY T 258 53.89 -13.42 -48.89
N LYS T 259 52.80 -14.14 -48.60
CA LYS T 259 52.85 -15.46 -47.96
C LYS T 259 53.89 -15.56 -46.86
N GLU T 260 54.12 -14.48 -46.11
CA GLU T 260 55.23 -14.44 -45.16
C GLU T 260 55.02 -13.30 -44.18
N ASN T 261 55.13 -13.59 -42.88
CA ASN T 261 54.98 -12.58 -41.86
C ASN T 261 56.22 -11.69 -41.83
N ALA T 262 56.02 -10.39 -41.98
CA ALA T 262 57.13 -9.44 -41.97
C ALA T 262 57.68 -9.17 -40.57
N PHE T 263 56.97 -9.61 -39.52
CA PHE T 263 57.43 -9.40 -38.15
C PHE T 263 58.28 -10.54 -37.63
N PHE T 264 58.39 -11.65 -38.36
CA PHE T 264 59.05 -12.85 -37.87
C PHE T 264 60.50 -12.88 -38.29
N ASP T 265 61.39 -13.11 -37.33
CA ASP T 265 62.81 -13.29 -37.57
C ASP T 265 63.19 -14.72 -37.22
N PRO T 266 63.41 -15.59 -38.21
CA PRO T 266 63.68 -17.00 -37.91
C PRO T 266 65.06 -17.28 -37.34
N ASN T 267 65.95 -16.30 -37.29
CA ASN T 267 67.31 -16.50 -36.81
C ASN T 267 67.52 -15.98 -35.39
N THR T 268 66.99 -14.80 -35.07
CA THR T 268 67.18 -14.23 -33.75
C THR T 268 66.41 -15.04 -32.71
N GLU T 269 67.00 -15.15 -31.51
CA GLU T 269 66.35 -15.86 -30.41
C GLU T 269 65.03 -15.19 -30.03
N MET T 270 65.01 -13.86 -29.98
CA MET T 270 63.75 -13.16 -29.73
C MET T 270 62.75 -13.42 -30.84
N GLY T 271 63.21 -13.51 -32.08
CA GLY T 271 62.33 -13.82 -33.19
C GLY T 271 61.54 -12.64 -33.72
N LEU T 272 62.02 -11.41 -33.53
CA LEU T 272 61.34 -10.23 -34.01
C LEU T 272 62.22 -9.52 -35.03
N THR T 273 61.63 -9.21 -36.18
CA THR T 273 62.33 -8.48 -37.24
C THR T 273 62.48 -7.01 -36.85
N GLU T 274 63.50 -6.37 -37.42
CA GLU T 274 63.65 -4.93 -37.23
C GLU T 274 62.42 -4.16 -37.71
N THR T 275 61.71 -4.71 -38.69
CA THR T 275 60.47 -4.09 -39.12
C THR T 275 59.44 -4.04 -37.99
N ALA T 276 59.35 -5.12 -37.21
CA ALA T 276 58.44 -5.15 -36.07
C ALA T 276 58.84 -4.11 -35.04
N TYR T 277 60.14 -3.97 -34.78
CA TYR T 277 60.59 -2.96 -33.82
C TYR T 277 60.27 -1.54 -34.31
N GLN T 278 60.46 -1.30 -35.60
CA GLN T 278 60.10 0.02 -36.15
C GLN T 278 58.60 0.26 -36.05
N PHE T 279 57.80 -0.78 -36.31
CA PHE T 279 56.34 -0.64 -36.22
C PHE T 279 55.91 -0.29 -34.81
N THR T 280 56.43 -1.01 -33.81
CA THR T 280 56.03 -0.72 -32.44
C THR T 280 56.58 0.62 -31.97
N ALA T 281 57.76 1.02 -32.45
CA ALA T 281 58.28 2.35 -32.14
C ALA T 281 57.36 3.43 -32.70
N GLY T 282 56.88 3.25 -33.93
CA GLY T 282 55.96 4.21 -34.51
C GLY T 282 54.63 4.26 -33.79
N VAL T 283 54.11 3.11 -33.37
CA VAL T 283 52.86 3.09 -32.61
C VAL T 283 53.05 3.79 -31.27
N LEU T 284 54.17 3.55 -30.59
CA LEU T 284 54.43 4.21 -29.31
C LEU T 284 54.59 5.72 -29.50
N LYS T 285 55.24 6.14 -30.60
CA LYS T 285 55.50 7.55 -30.81
C LYS T 285 54.20 8.35 -30.95
N ASN T 286 53.23 7.81 -31.70
CA ASN T 286 51.99 8.52 -31.99
C ASN T 286 50.82 8.03 -31.14
N ALA T 287 51.10 7.38 -30.01
CA ALA T 287 50.02 6.83 -29.19
C ALA T 287 49.10 7.93 -28.67
N ARG T 288 49.65 9.05 -28.23
CA ARG T 288 48.81 10.17 -27.79
C ARG T 288 48.00 10.75 -28.94
N GLY T 289 48.51 10.63 -30.17
CA GLY T 289 47.81 11.21 -31.31
C GLY T 289 46.47 10.53 -31.59
N PHE T 290 46.45 9.20 -31.57
CA PHE T 290 45.25 8.45 -31.93
C PHE T 290 44.46 7.95 -30.72
N THR T 291 44.76 8.45 -29.52
CA THR T 291 44.03 8.02 -28.34
C THR T 291 42.55 8.42 -28.44
N ALA T 292 42.28 9.61 -28.96
CA ALA T 292 40.90 10.05 -29.10
C ALA T 292 40.10 9.16 -30.04
N VAL T 293 40.71 8.74 -31.16
CA VAL T 293 40.01 7.87 -32.10
C VAL T 293 39.79 6.49 -31.49
N CYS T 294 40.81 5.93 -30.85
CA CYS T 294 40.67 4.62 -30.23
C CYS T 294 39.84 4.64 -28.96
N ASN T 295 39.70 5.80 -28.32
CA ASN T 295 38.88 5.95 -27.11
C ASN T 295 37.99 7.16 -27.33
N PRO T 296 36.92 7.01 -28.13
CA PRO T 296 36.13 8.17 -28.54
C PRO T 296 35.09 8.67 -27.56
N LEU T 297 34.74 7.90 -26.54
CA LEU T 297 33.71 8.30 -25.60
C LEU T 297 34.31 9.01 -24.39
N VAL T 298 33.48 9.81 -23.72
CA VAL T 298 33.86 10.37 -22.44
C VAL T 298 34.09 9.27 -21.42
N ASN T 299 33.22 8.26 -21.43
CA ASN T 299 33.35 7.13 -20.50
C ASN T 299 34.61 6.31 -20.75
N SER T 300 35.17 6.37 -21.96
CA SER T 300 36.33 5.57 -22.28
C SER T 300 37.49 5.84 -21.33
N TYR T 301 37.69 7.11 -20.98
CA TYR T 301 38.80 7.49 -20.12
C TYR T 301 38.53 7.19 -18.66
N LYS T 302 37.32 6.74 -18.32
CA LYS T 302 37.09 6.13 -17.03
C LYS T 302 37.60 4.70 -16.98
N ARG T 303 37.79 4.05 -18.13
CA ARG T 303 38.47 2.77 -18.16
C ARG T 303 39.98 2.92 -18.01
N LEU T 304 40.55 3.98 -18.56
CA LEU T 304 41.99 4.21 -18.51
C LEU T 304 42.41 4.74 -17.14
N VAL T 305 42.18 3.90 -16.13
CA VAL T 305 42.60 4.19 -14.76
C VAL T 305 43.42 3.00 -14.26
N PRO T 306 44.39 3.22 -13.38
CA PRO T 306 45.26 2.11 -12.97
C PRO T 306 44.52 1.07 -12.13
N GLY T 307 44.97 -0.17 -12.23
CA GLY T 307 44.48 -1.25 -11.42
C GLY T 307 43.53 -2.21 -12.11
N TYR T 308 43.14 -1.94 -13.36
CA TYR T 308 42.18 -2.78 -14.05
C TYR T 308 42.72 -3.27 -15.39
N GLU T 309 44.04 -3.37 -15.50
CA GLU T 309 44.78 -3.90 -16.65
C GLU T 309 44.69 -3.01 -17.89
N ALA T 310 43.93 -1.93 -17.85
CA ALA T 310 43.92 -1.03 -19.00
C ALA T 310 45.21 -0.21 -19.02
N PRO T 311 45.77 0.03 -20.20
CA PRO T 311 47.01 0.81 -20.28
C PRO T 311 46.79 2.26 -19.88
N CYS T 312 47.71 2.80 -19.09
CA CYS T 312 47.64 4.19 -18.67
C CYS T 312 48.83 5.03 -19.12
N TYR T 313 49.94 4.40 -19.50
CA TYR T 313 51.08 5.12 -20.04
C TYR T 313 51.60 4.40 -21.28
N ILE T 314 52.51 5.05 -21.99
CA ILE T 314 52.97 4.61 -23.29
C ILE T 314 54.23 3.77 -23.07
N ALA T 315 54.07 2.45 -23.17
CA ALA T 315 55.20 1.54 -23.02
C ALA T 315 54.84 0.21 -23.66
N TRP T 316 55.87 -0.59 -23.93
CA TRP T 316 55.69 -1.91 -24.51
C TRP T 316 56.46 -2.93 -23.68
N SER T 317 55.95 -4.17 -23.67
CA SER T 317 56.56 -5.23 -22.88
C SER T 317 56.09 -6.56 -23.42
N GLY T 318 56.82 -7.61 -23.04
CA GLY T 318 56.41 -8.97 -23.35
C GLY T 318 55.69 -9.63 -22.18
N LYS T 319 55.87 -9.06 -20.99
CA LYS T 319 55.23 -9.59 -19.78
C LYS T 319 55.06 -8.43 -18.80
N ASN T 320 53.85 -7.89 -18.75
CA ASN T 320 53.54 -6.79 -17.83
C ASN T 320 52.04 -6.81 -17.57
N ARG T 321 51.65 -6.14 -16.48
CA ARG T 321 50.23 -6.12 -16.10
C ARG T 321 49.40 -5.33 -17.11
N SER T 322 49.83 -4.11 -17.44
CA SER T 322 49.08 -3.24 -18.33
C SER T 322 50.03 -2.46 -19.23
N PRO T 323 50.66 -3.14 -20.19
CA PRO T 323 51.44 -2.43 -21.20
C PRO T 323 50.55 -1.93 -22.33
N LEU T 324 50.95 -0.80 -22.92
CA LEU T 324 50.23 -0.30 -24.08
C LEU T 324 50.35 -1.27 -25.25
N ILE T 325 51.55 -1.80 -25.47
CA ILE T 325 51.81 -2.77 -26.53
C ILE T 325 52.35 -4.05 -25.88
N ARG T 326 51.74 -5.18 -26.23
CA ARG T 326 52.20 -6.48 -25.76
C ARG T 326 52.59 -7.33 -26.97
N VAL T 327 53.70 -8.06 -26.84
CA VAL T 327 54.17 -8.97 -27.87
C VAL T 327 53.88 -10.39 -27.38
N PRO T 328 52.90 -11.09 -27.95
CA PRO T 328 52.62 -12.46 -27.53
C PRO T 328 53.78 -13.40 -27.84
N SER T 329 53.87 -14.47 -27.05
CA SER T 329 54.97 -15.42 -27.18
C SER T 329 54.91 -16.23 -28.48
N SER T 330 53.79 -16.21 -29.19
CA SER T 330 53.69 -16.95 -30.44
C SER T 330 54.65 -16.39 -31.48
N ARG T 331 55.16 -17.28 -32.33
CA ARG T 331 56.13 -16.93 -33.34
C ARG T 331 55.72 -17.62 -34.64
N GLY T 332 56.62 -17.58 -35.63
CA GLY T 332 56.29 -18.18 -36.92
C GLY T 332 55.42 -17.25 -37.74
N LEU T 333 54.36 -17.81 -38.32
CA LEU T 333 53.41 -17.02 -39.09
C LEU T 333 52.38 -16.31 -38.21
N SER T 334 52.37 -16.59 -36.91
CA SER T 334 51.39 -16.00 -36.00
C SER T 334 51.98 -14.92 -35.11
N THR T 335 53.20 -14.47 -35.37
CA THR T 335 53.77 -13.39 -34.59
C THR T 335 53.01 -12.10 -34.87
N ARG T 336 52.71 -11.35 -33.82
CA ARG T 336 51.87 -10.17 -33.95
C ARG T 336 52.19 -9.19 -32.84
N ILE T 337 51.64 -7.98 -32.97
CA ILE T 337 51.79 -6.92 -31.99
C ILE T 337 50.41 -6.55 -31.49
N GLU T 338 50.24 -6.52 -30.18
CA GLU T 338 48.94 -6.27 -29.57
C GLU T 338 48.87 -4.85 -29.03
N VAL T 339 47.95 -4.07 -29.56
CA VAL T 339 47.64 -2.73 -29.03
C VAL T 339 46.43 -2.86 -28.12
N ARG T 340 46.58 -2.49 -26.85
CA ARG T 340 45.59 -2.76 -25.83
C ARG T 340 44.78 -1.55 -25.43
N SER T 341 45.03 -0.38 -26.02
CA SER T 341 44.30 0.82 -25.64
C SER T 341 42.92 0.91 -26.31
N VAL T 342 42.69 0.14 -27.36
CA VAL T 342 41.43 0.22 -28.09
C VAL T 342 40.30 -0.35 -27.23
N ASP T 343 39.14 0.30 -27.28
CA ASP T 343 37.94 -0.13 -26.59
C ASP T 343 36.86 -0.49 -27.60
N PRO T 344 35.88 -1.32 -27.21
CA PRO T 344 34.87 -1.77 -28.18
C PRO T 344 34.00 -0.65 -28.73
N ALA T 345 33.96 0.52 -28.10
CA ALA T 345 33.16 1.62 -28.61
C ALA T 345 33.83 2.36 -29.76
N ALA T 346 35.10 2.09 -30.04
CA ALA T 346 35.81 2.76 -31.12
C ALA T 346 35.33 2.26 -32.47
N ASN T 347 35.41 3.13 -33.48
CA ASN T 347 35.13 2.72 -34.85
C ASN T 347 36.27 1.83 -35.33
N PRO T 348 36.00 0.60 -35.75
CA PRO T 348 37.10 -0.30 -36.13
C PRO T 348 37.92 0.20 -37.30
N TYR T 349 37.26 0.74 -38.33
CA TYR T 349 37.98 1.21 -39.51
C TYR T 349 38.93 2.35 -39.16
N MET T 350 38.44 3.35 -38.43
CA MET T 350 39.27 4.51 -38.10
C MET T 350 40.41 4.13 -37.16
N ALA T 351 40.13 3.31 -36.16
CA ALA T 351 41.18 2.90 -35.22
C ALA T 351 42.24 2.06 -35.93
N LEU T 352 41.82 1.13 -36.78
CA LEU T 352 42.79 0.33 -37.52
C LEU T 352 43.61 1.18 -38.47
N ALA T 353 42.98 2.15 -39.14
CA ALA T 353 43.72 3.04 -40.03
C ALA T 353 44.74 3.86 -39.26
N ALA T 354 44.35 4.37 -38.08
CA ALA T 354 45.29 5.15 -37.27
C ALA T 354 46.46 4.30 -36.82
N ILE T 355 46.20 3.09 -36.35
CA ILE T 355 47.28 2.22 -35.90
C ILE T 355 48.21 1.86 -37.05
N LEU T 356 47.65 1.53 -38.20
CA LEU T 356 48.47 1.19 -39.36
C LEU T 356 49.31 2.37 -39.81
N GLU T 357 48.73 3.57 -39.81
CA GLU T 357 49.48 4.76 -40.20
C GLU T 357 50.61 5.05 -39.23
N ALA T 358 50.36 4.91 -37.92
CA ALA T 358 51.44 5.11 -36.95
C ALA T 358 52.55 4.08 -37.15
N GLY T 359 52.19 2.82 -37.38
CA GLY T 359 53.20 1.81 -37.62
C GLY T 359 54.02 2.07 -38.86
N LEU T 360 53.36 2.48 -39.95
CA LEU T 360 54.08 2.80 -41.18
C LEU T 360 54.96 4.04 -41.00
N ASP T 361 54.49 5.03 -40.24
CA ASP T 361 55.31 6.19 -39.95
C ASP T 361 56.57 5.79 -39.19
N GLY T 362 56.44 4.88 -38.24
CA GLY T 362 57.63 4.35 -37.57
C GLY T 362 58.53 3.58 -38.51
N ILE T 363 57.93 2.84 -39.45
CA ILE T 363 58.71 1.99 -40.35
C ILE T 363 59.55 2.85 -41.31
N LYS T 364 58.93 3.84 -41.95
CA LYS T 364 59.65 4.61 -42.96
C LYS T 364 60.52 5.70 -42.37
N ASN T 365 60.46 5.93 -41.06
CA ASN T 365 61.38 6.84 -40.39
C ASN T 365 62.50 6.08 -39.66
N LYS T 366 62.45 4.75 -39.66
CA LYS T 366 63.47 3.92 -39.01
C LYS T 366 63.67 4.32 -37.55
N LEU T 367 62.55 4.51 -36.85
CA LEU T 367 62.60 4.89 -35.44
C LEU T 367 63.17 3.75 -34.60
N LYS T 368 63.78 4.13 -33.49
CA LYS T 368 64.38 3.17 -32.55
C LYS T 368 63.41 2.94 -31.41
N VAL T 369 63.00 1.68 -31.24
CA VAL T 369 62.03 1.35 -30.18
C VAL T 369 62.68 1.54 -28.83
N PRO T 370 62.00 2.14 -27.85
CA PRO T 370 62.57 2.27 -26.51
C PRO T 370 62.66 0.93 -25.80
N GLU T 371 63.33 0.93 -24.66
CA GLU T 371 63.53 -0.29 -23.91
C GLU T 371 62.20 -0.81 -23.38
N PRO T 372 61.95 -2.11 -23.45
CA PRO T 372 60.72 -2.67 -22.88
C PRO T 372 60.70 -2.52 -21.37
N VAL T 373 59.49 -2.39 -20.82
CA VAL T 373 59.33 -2.23 -19.39
C VAL T 373 59.14 -3.61 -18.75
N ASN T 374 59.54 -3.70 -17.49
CA ASN T 374 59.39 -4.95 -16.73
C ASN T 374 58.90 -4.64 -15.31
N GLN T 375 59.01 -5.62 -14.41
CA GLN T 375 58.33 -5.54 -13.13
C GLN T 375 58.71 -4.32 -12.29
N ASN T 376 59.90 -3.76 -12.48
CA ASN T 376 60.31 -2.64 -11.64
C ASN T 376 59.84 -1.30 -12.22
N ILE T 377 58.56 -1.22 -12.56
CA ILE T 377 57.94 0.02 -13.00
C ILE T 377 56.68 0.22 -12.16
N TYR T 378 56.27 -0.83 -11.46
CA TYR T 378 55.11 -0.74 -10.58
C TYR T 378 55.36 0.24 -9.44
N GLU T 379 56.59 0.30 -8.95
CA GLU T 379 56.98 1.27 -7.92
C GLU T 379 57.68 2.43 -8.60
N MET T 380 56.88 3.31 -9.23
CA MET T 380 57.38 4.47 -9.94
C MET T 380 56.26 5.50 -10.02
N ASN T 381 56.54 6.73 -9.57
CA ASN T 381 55.59 7.80 -9.73
C ASN T 381 55.63 8.33 -11.17
N ARG T 382 54.73 9.27 -11.46
CA ARG T 382 54.69 9.84 -12.80
C ARG T 382 55.95 10.64 -13.11
N GLU T 383 56.53 11.30 -12.11
CA GLU T 383 57.73 12.10 -12.33
C GLU T 383 58.90 11.21 -12.76
N GLU T 384 59.14 10.11 -12.02
CA GLU T 384 60.21 9.20 -12.38
C GLU T 384 59.92 8.51 -13.71
N ARG T 385 58.65 8.18 -13.97
CA ARG T 385 58.28 7.57 -15.24
C ARG T 385 58.59 8.49 -16.41
N GLU T 386 58.29 9.78 -16.27
CA GLU T 386 58.60 10.74 -17.32
C GLU T 386 60.10 10.97 -17.43
N ALA T 387 60.82 10.93 -16.31
CA ALA T 387 62.27 11.06 -16.34
C ALA T 387 62.90 9.92 -17.12
N VAL T 388 62.40 8.70 -16.93
CA VAL T 388 62.85 7.57 -17.73
C VAL T 388 62.49 7.71 -19.20
N GLY T 389 61.35 8.33 -19.50
CA GLY T 389 60.91 8.49 -20.87
C GLY T 389 59.56 7.88 -21.19
N ILE T 390 58.77 7.54 -20.18
CA ILE T 390 57.47 6.91 -20.39
C ILE T 390 56.41 8.02 -20.30
N GLN T 391 55.75 8.30 -21.42
CA GLN T 391 54.71 9.30 -21.44
C GLN T 391 53.37 8.68 -21.03
N ASP T 392 52.49 9.53 -20.51
CA ASP T 392 51.17 9.12 -20.08
C ASP T 392 50.15 9.35 -21.18
N LEU T 393 49.18 8.45 -21.27
CA LEU T 393 48.07 8.64 -22.18
C LEU T 393 47.18 9.78 -21.68
N PRO T 394 46.50 10.48 -22.58
CA PRO T 394 45.57 11.53 -22.14
C PRO T 394 44.51 10.97 -21.22
N SER T 395 44.20 11.72 -20.16
CA SER T 395 43.31 11.27 -19.11
C SER T 395 41.85 11.64 -19.33
N THR T 396 41.59 12.61 -20.20
CA THR T 396 40.22 13.03 -20.50
C THR T 396 40.06 13.17 -22.00
N LEU T 397 38.79 13.16 -22.45
CA LEU T 397 38.51 13.36 -23.87
C LEU T 397 38.91 14.76 -24.33
N TYR T 398 38.81 15.75 -23.45
CA TYR T 398 39.24 17.11 -23.79
C TYR T 398 40.73 17.14 -24.09
N THR T 399 41.55 16.61 -23.18
CA THR T 399 42.99 16.57 -23.41
C THR T 399 43.36 15.63 -24.54
N ALA T 400 42.58 14.56 -24.75
CA ALA T 400 42.83 13.68 -25.89
C ALA T 400 42.61 14.40 -27.21
N LEU T 401 41.55 15.21 -27.30
CA LEU T 401 41.34 16.02 -28.48
C LEU T 401 42.44 17.06 -28.64
N LYS T 402 42.89 17.64 -27.54
CA LYS T 402 44.01 18.58 -27.59
C LYS T 402 45.25 17.91 -28.18
N ALA T 403 45.55 16.70 -27.73
CA ALA T 403 46.69 15.97 -28.26
C ALA T 403 46.48 15.57 -29.72
N MET T 404 45.27 15.18 -30.09
CA MET T 404 44.96 14.81 -31.46
C MET T 404 45.13 15.99 -32.41
N ARG T 405 44.79 17.20 -31.97
CA ARG T 405 44.96 18.38 -32.80
C ARG T 405 46.42 18.72 -33.05
N GLU T 406 47.36 18.12 -32.32
CA GLU T 406 48.77 18.40 -32.47
C GLU T 406 49.53 17.29 -33.19
N ASN T 407 48.85 16.25 -33.66
CA ASN T 407 49.47 15.12 -34.34
C ASN T 407 49.11 15.15 -35.81
N GLU T 408 50.12 15.01 -36.67
CA GLU T 408 49.88 15.01 -38.11
C GLU T 408 49.60 13.61 -38.65
N VAL T 409 50.12 12.58 -37.98
CA VAL T 409 49.91 11.21 -38.46
C VAL T 409 48.44 10.83 -38.40
N ILE T 410 47.74 11.23 -37.33
CA ILE T 410 46.33 10.89 -37.22
C ILE T 410 45.52 11.62 -38.29
N LYS T 411 45.87 12.87 -38.58
CA LYS T 411 45.20 13.59 -39.65
C LYS T 411 45.43 12.93 -41.00
N LYS T 412 46.67 12.50 -41.27
CA LYS T 412 46.95 11.80 -42.52
C LYS T 412 46.18 10.50 -42.60
N ALA T 413 46.08 9.77 -41.49
CA ALA T 413 45.36 8.51 -41.47
C ALA T 413 43.87 8.71 -41.74
N LEU T 414 43.27 9.73 -41.12
CA LEU T 414 41.83 9.90 -41.19
C LEU T 414 41.36 10.63 -42.45
N GLY T 415 42.20 11.49 -43.03
CA GLY T 415 41.73 12.34 -44.10
C GLY T 415 41.13 13.60 -43.51
N ASN T 416 41.14 14.70 -44.27
CA ASN T 416 40.73 15.98 -43.71
C ASN T 416 39.27 15.97 -43.30
N HIS T 417 38.40 15.41 -44.14
CA HIS T 417 36.98 15.41 -43.85
C HIS T 417 36.67 14.66 -42.57
N ILE T 418 37.14 13.42 -42.47
CA ILE T 418 36.86 12.62 -41.28
C ILE T 418 37.50 13.24 -40.05
N TYR T 419 38.73 13.74 -40.18
CA TYR T 419 39.42 14.38 -39.07
C TYR T 419 38.61 15.54 -38.52
N ASN T 420 38.18 16.45 -39.40
CA ASN T 420 37.44 17.63 -38.97
C ASN T 420 36.09 17.25 -38.37
N GLN T 421 35.37 16.32 -39.01
CA GLN T 421 34.06 15.94 -38.49
C GLN T 421 34.18 15.27 -37.13
N PHE T 422 35.17 14.39 -36.96
CA PHE T 422 35.37 13.73 -35.67
C PHE T 422 35.72 14.75 -34.60
N ILE T 423 36.59 15.70 -34.91
CA ILE T 423 36.97 16.71 -33.92
C ILE T 423 35.75 17.54 -33.52
N ASN T 424 34.95 17.96 -34.50
CA ASN T 424 33.77 18.76 -34.19
C ASN T 424 32.78 17.97 -33.33
N SER T 425 32.53 16.71 -33.70
CA SER T 425 31.58 15.89 -32.95
C SER T 425 32.04 15.69 -31.51
N LYS T 426 33.32 15.36 -31.33
CA LYS T 426 33.82 15.10 -29.99
C LYS T 426 33.88 16.37 -29.16
N SER T 427 34.21 17.51 -29.78
CA SER T 427 34.18 18.78 -29.06
C SER T 427 32.78 19.11 -28.58
N ILE T 428 31.77 18.90 -29.44
CA ILE T 428 30.39 19.14 -29.04
C ILE T 428 29.99 18.22 -27.90
N GLU T 429 30.37 16.94 -28.00
CA GLU T 429 30.03 15.96 -26.97
C GLU T 429 30.66 16.35 -25.62
N TRP T 430 31.94 16.71 -25.65
CA TRP T 430 32.61 17.12 -24.41
C TRP T 430 31.99 18.39 -23.85
N ASP T 431 31.63 19.33 -24.71
CA ASP T 431 31.02 20.58 -24.25
C ASP T 431 29.70 20.29 -23.55
N TYR T 432 28.90 19.37 -24.09
CA TYR T 432 27.67 18.99 -23.42
C TYR T 432 27.93 18.26 -22.12
N TYR T 433 28.99 17.44 -22.07
CA TYR T 433 29.28 16.68 -20.86
C TYR T 433 29.77 17.56 -19.72
N ARG T 434 30.59 18.57 -20.04
CA ARG T 434 31.27 19.34 -19.00
C ARG T 434 30.33 20.24 -18.21
N THR T 435 29.17 20.58 -18.74
CA THR T 435 28.25 21.48 -18.04
C THR T 435 27.32 20.75 -17.08
N GLN T 436 27.36 19.42 -17.05
CA GLN T 436 26.48 18.67 -16.17
C GLN T 436 27.03 18.65 -14.75
N VAL T 437 26.12 18.70 -13.78
CA VAL T 437 26.47 18.61 -12.37
C VAL T 437 26.27 17.16 -11.94
N SER T 438 27.36 16.49 -11.58
CA SER T 438 27.32 15.07 -11.28
C SER T 438 26.82 14.83 -9.85
N GLU T 439 26.36 13.60 -9.61
CA GLU T 439 25.95 13.18 -8.29
C GLU T 439 27.13 13.16 -7.31
N TRP T 440 28.33 12.88 -7.81
CA TRP T 440 29.52 12.91 -6.96
C TRP T 440 29.75 14.29 -6.39
N GLU T 441 29.57 15.34 -7.21
CA GLU T 441 29.73 16.70 -6.72
C GLU T 441 28.68 17.04 -5.66
N ARG T 442 27.43 16.61 -5.87
CA ARG T 442 26.39 16.87 -4.89
C ARG T 442 26.62 16.10 -3.60
N ASP T 443 27.27 14.94 -3.68
CA ASP T 443 27.59 14.19 -2.47
C ASP T 443 28.76 14.83 -1.72
N GLN T 444 29.80 15.23 -2.43
CA GLN T 444 30.97 15.81 -1.76
C GLN T 444 30.66 17.21 -1.23
N TYR T 445 30.02 18.04 -2.04
CA TYR T 445 29.67 19.41 -1.67
C TYR T 445 28.19 19.49 -1.31
N MET T 446 27.69 20.71 -1.14
CA MET T 446 26.33 21.09 -0.77
C MET T 446 26.08 20.84 0.73
N LYS T 447 27.00 20.19 1.44
CA LYS T 447 26.90 20.10 2.89
C LYS T 447 28.21 20.55 3.52
N GLN T 448 29.32 20.30 2.83
CA GLN T 448 30.61 20.80 3.26
C GLN T 448 30.85 22.24 2.85
N TYR T 449 30.07 22.75 1.90
CA TYR T 449 30.22 24.12 1.44
C TYR T 449 28.86 24.81 1.35
N PRO U 1 46.20 3.80 1.01
CA PRO U 1 46.78 5.06 1.49
C PRO U 1 47.10 5.03 2.98
N ILE U 2 48.17 5.72 3.37
CA ILE U 2 48.57 5.73 4.78
C ILE U 2 47.51 6.41 5.63
N ASN U 3 47.00 7.55 5.17
CA ASN U 3 45.96 8.28 5.90
C ASN U 3 44.56 7.91 5.41
N ARG U 4 44.23 6.63 5.52
CA ARG U 4 42.92 6.15 5.07
C ARG U 4 41.80 6.82 5.85
N GLY U 5 41.99 6.99 7.17
CA GLY U 5 40.96 7.58 8.00
C GLY U 5 40.59 9.01 7.62
N ASP U 6 41.56 9.79 7.16
CA ASP U 6 41.30 11.17 6.75
C ASP U 6 40.69 11.27 5.36
N LEU U 7 40.74 10.19 4.57
CA LEU U 7 40.20 10.18 3.22
C LEU U 7 38.86 9.45 3.13
N SER U 8 38.18 9.26 4.27
CA SER U 8 36.94 8.51 4.29
C SER U 8 35.83 9.18 3.48
N ARG U 9 35.92 10.49 3.24
CA ARG U 9 34.91 11.16 2.44
C ARG U 9 34.91 10.66 1.01
N PHE U 10 36.09 10.39 0.45
CA PHE U 10 36.19 9.94 -0.93
C PHE U 10 35.94 8.45 -1.10
N ILE U 11 35.96 7.68 -0.02
CA ILE U 11 35.73 6.24 -0.10
C ILE U 11 34.42 5.86 0.58
N PRO V 1 21.21 31.35 -26.72
CA PRO V 1 21.06 32.77 -26.41
C PRO V 1 22.19 33.29 -25.52
N ILE V 2 22.56 34.56 -25.71
CA ILE V 2 23.64 35.14 -24.93
C ILE V 2 23.26 35.22 -23.45
N ASN V 3 22.04 35.63 -23.17
CA ASN V 3 21.54 35.73 -21.79
C ASN V 3 20.80 34.46 -21.37
N ARG V 4 21.50 33.33 -21.45
CA ARG V 4 20.90 32.04 -21.12
C ARG V 4 20.44 32.00 -19.66
N GLY V 5 21.25 32.57 -18.75
CA GLY V 5 20.89 32.57 -17.35
C GLY V 5 19.62 33.34 -17.04
N ASP V 6 19.36 34.43 -17.78
CA ASP V 6 18.16 35.23 -17.55
C ASP V 6 16.92 34.63 -18.18
N LEU V 7 17.06 33.67 -19.09
CA LEU V 7 15.94 33.03 -19.75
C LEU V 7 15.64 31.64 -19.18
N SER V 8 16.13 31.35 -17.98
CA SER V 8 15.98 30.02 -17.40
C SER V 8 14.52 29.66 -17.13
N ARG V 9 13.63 30.65 -16.99
CA ARG V 9 12.23 30.34 -16.74
C ARG V 9 11.58 29.67 -17.95
N PHE V 10 12.07 29.95 -19.16
CA PHE V 10 11.51 29.36 -20.36
C PHE V 10 12.16 28.04 -20.74
N ILE V 11 13.35 27.75 -20.23
CA ILE V 11 14.03 26.50 -20.54
C ILE V 11 14.07 25.59 -19.32
N PRO W 1 24.91 -24.95 30.33
CA PRO W 1 25.68 -24.17 31.30
C PRO W 1 24.93 -23.98 32.63
N ILE W 2 25.67 -23.96 33.73
CA ILE W 2 25.04 -23.79 35.04
C ILE W 2 24.37 -22.43 35.15
N ASN W 3 25.07 -21.38 34.71
CA ASN W 3 24.53 -20.02 34.77
C ASN W 3 23.85 -19.64 33.45
N ARG W 4 22.84 -20.42 33.08
CA ARG W 4 22.11 -20.16 31.84
C ARG W 4 21.44 -18.79 31.86
N GLY W 5 20.86 -18.41 33.00
CA GLY W 5 20.20 -17.13 33.12
C GLY W 5 21.12 -15.94 32.95
N ASP W 6 22.37 -16.05 33.38
CA ASP W 6 23.32 -14.95 33.26
C ASP W 6 23.95 -14.86 31.88
N LEU W 7 23.84 -15.90 31.05
CA LEU W 7 24.39 -15.90 29.70
C LEU W 7 23.32 -15.68 28.64
N SER W 8 22.18 -15.10 29.02
CA SER W 8 21.08 -14.91 28.09
C SER W 8 21.43 -13.96 26.95
N ARG W 9 22.40 -13.07 27.14
CA ARG W 9 22.79 -12.16 26.07
C ARG W 9 23.37 -12.90 24.88
N PHE W 10 24.07 -14.01 25.13
CA PHE W 10 24.70 -14.77 24.06
C PHE W 10 23.78 -15.80 23.43
N ILE W 11 22.68 -16.15 24.08
CA ILE W 11 21.75 -17.14 23.55
C ILE W 11 20.43 -16.48 23.17
N PRO X 1 -24.92 30.20 -25.16
CA PRO X 1 -25.63 31.20 -24.36
C PRO X 1 -24.85 32.50 -24.21
N ILE X 2 -25.55 33.64 -24.22
CA ILE X 2 -24.89 34.93 -24.11
C ILE X 2 -24.21 35.07 -22.76
N ASN X 3 -24.90 34.68 -21.68
CA ASN X 3 -24.34 34.75 -20.33
C ASN X 3 -23.70 33.42 -19.94
N ARG X 4 -22.70 33.00 -20.72
CA ARG X 4 -22.00 31.74 -20.45
C ARG X 4 -21.32 31.77 -19.08
N GLY X 5 -20.73 32.90 -18.72
CA GLY X 5 -20.05 33.02 -17.44
C GLY X 5 -20.95 32.87 -16.24
N ASP X 6 -22.20 33.32 -16.34
CA ASP X 6 -23.14 33.24 -15.22
C ASP X 6 -23.78 31.86 -15.08
N LEU X 7 -23.70 31.02 -16.11
CA LEU X 7 -24.26 29.67 -16.07
C LEU X 7 -23.21 28.61 -15.85
N SER X 8 -22.05 28.97 -15.30
CA SER X 8 -20.96 28.02 -15.11
C SER X 8 -21.32 26.91 -14.14
N ARG X 9 -22.29 27.13 -13.25
CA ARG X 9 -22.68 26.07 -12.31
C ARG X 9 -23.29 24.87 -13.04
N PHE X 10 -23.98 25.11 -14.16
CA PHE X 10 -24.62 24.05 -14.89
C PHE X 10 -23.72 23.39 -15.92
N ILE X 11 -22.62 24.03 -16.30
CA ILE X 11 -21.70 23.47 -17.28
C ILE X 11 -20.37 23.10 -16.63
#